data_8X9W
#
_entry.id   8X9W
#
_cell.length_a   1.00
_cell.length_b   1.00
_cell.length_c   1.00
_cell.angle_alpha   90.00
_cell.angle_beta   90.00
_cell.angle_gamma   90.00
#
_symmetry.space_group_name_H-M   'P 1'
#
loop_
_entity.id
_entity.type
_entity.pdbx_description
1 polymer 'Major capsid protein'
2 polymer 'coiled-coil domain of portal'
3 polymer Tri2A
4 polymer Tri2B
5 polymer Tri1
6 polymer CVC1
7 polymer 'Capsid vertex component 2'
8 polymer 'Large tegument protein deneddylase'
#
loop_
_entity_poly.entity_id
_entity_poly.type
_entity_poly.pdbx_seq_one_letter_code
_entity_poly.pdbx_strand_id
1 'polypeptide(L)'
;AAAAAATESDRIAGIFNIPAGIIPTGNVLSTIEVCAHRCIFDFFKQIRSDDNSLYSAQFDILLGTYCNTLNFVRFLELGL
SVACICTKFPELAYVRDGVIQFEVQQPMIARDGPHPVDQPVHNYMVKRIHKRSLSAAFAIASEALSLLSNTYVDGTEIDS
SLRIRAIQQMARNLRTVLDSFERGTADQLLGVLLEKAPPLSLLSPINKFQPEGHLNRVARAALLSDLKRRVCADMFFMTR
HAREPRLISAYLSDMVSCTQPSVMVSRITHTNTRGRQVDGVLVTTATLKRQLLQGILQIDDTAADVPVTYGEMVLNGANL
VTALVMGKAVRSLDDVGRHLLDITDPNTLNIPSIPPQSNSDSTTAGLPVNARVPADLVIVGDKLVFLEALERRVYQATRV
AYPLIGNIDITFIMPMGVFQANSMDRYTRHAGDFSTVSEQDPRQFPPQGIFFYNKDGILTQLTLRDAMGTICHSSLLDVE
ATLVALRQQHLDRQCYFGVYVAEGTEDTLDVQMGRFMETWADMMPHHPHWVNEHLTILQFIAPSNPRLRFELNPAFDFFV
APGDVDLPGPQRPPEAMPTVNATLRIINGNIPVPLCPISFRDCRGTQLGLGRHTMTPATIKAVKDTFEDRAYPTIFYMLE
AVIHGNERNFCALLRLLTQCIRGYWEQSHRVAFVNNFHMLMYITTYLGNGELPEVCINIYRDLLQHVRALRQTITDFTIQ
GEGHNGETSEALNNILTDDTFIAPILWDCDALIYRDEAARDRLPAIRVSGRNGYQALHFVDMAGHNFQRRDNVLIHGRPV
RGDTGQAIPITPHHDREWGILSKIYYYIVIPAFSRGSCCTMGVRYDRLYPALQAVIVPEIPADEEAPTTPEDPRHPLHAH
QLVPNSLNVYFHNAHLTVDGDALLTLQELMGDMAERTTAILVSSAPDAGAATATTRNMRIYDGALYHGLIMMAYQAYDET
IATGTFFYPVPVNPLFACPEHLASLRGMTNARRVLAKMVPPIPPFLGANHHATIRQPVAYHVTHSKSDFNTLTYSLLGGY
FKFTPISLTHQLRTGFHPGIAFTVVRQDRFATEQLLYAERASESYFVGQIQVHHHDAIGGVNFTLTQPRAHVDLGVGYTA
VCATAALRCPLTDMGNTAQNLFFSRGGVPMLHDNVTESLRRITASGGRLNPTEPLPIFGGLRPATSAGIARGQASVCEFV
AMPVSTDLQYFRTACNPRGRASGMLYMGDRDADIEAIMFDHTQSDVAYTDRATLNPWASQKHSYGDRLYNGTYNLTGASP
IYSPCFKFFTPAEVNTNCNTLDRLLMEAKAVASQSSTDTEYQFKRPPGSTEMTQDPCGLFQEAYPPLCSSDAAMLRTAHA
GETGADEVHLAQYLIRDASPLRGCLPL
;
A,C
2 'polypeptide(L)'
;(UNK)(UNK)(UNK)(UNK)(UNK)(UNK)(UNK)(UNK)(UNK)(UNK)(UNK)(UNK)(UNK)(UNK)(UNK)(UNK)
(UNK)(UNK)(UNK)(UNK)(UNK)(UNK)(UNK)(UNK)(UNK)(UNK)(UNK)(UNK)(UNK)(UNK)(UNK)(UNK)
(UNK)(UNK)(UNK)(UNK)(UNK)(UNK)(UNK)(UNK)(UNK)(UNK)(UNK)(UNK)(UNK)(UNK)(UNK)(UNK)
(UNK)(UNK)(UNK)(UNK)(UNK)(UNK)(UNK)(UNK)(UNK)(UNK)(UNK)(UNK)(UNK)(UNK)(UNK)(UNK)
(UNK)(UNK)(UNK)(UNK)(UNK)(UNK)(UNK)(UNK)(UNK)(UNK)(UNK)(UNK)(UNK)(UNK)(UNK)(UNK)
(UNK)(UNK)(UNK)(UNK)(UNK)(UNK)(UNK)
;
B,H,I,J,K,L,Q,R,S,T
3 'polypeptide(L)'
;AMPFEIEVLLPGELSPAETSALQKCEGKIITFSTLRHRASLVDIALSSYYINGAPPDTLSLLEAYRMRFAAVITRVIPGK
LLAHAIGVGTPTPGLFIQNTSPVDLCNGDYICLLPPVFGSADSIRLDSVGLEIVFPLTIPQTLMREIIAKVVARAVEDLN
PDPDLNVLYYNGARLSLVADVQQLASDAAIRTLVLNLMFSINEGCLLILALIPRLLALGYVNALLQMQSVTREAAQLIHP
EAPMLMRRLPIYETISSWISTSSRLGDTLGTRAILRVCVFDGPSTVHPGDRTAVIQV
;
F
4 'polypeptide(L)'
;AMPFEIEVLLPGEISPAETSALQKCEGKIITFSTLRHRASLVDIALSSYYINGAPPDTLSLLEAYRMRFAAVITRVIPGK
LLAHAIGVGTPTPGLFIQNTSPVDLCNGDYICLLPPVFGSADEIRLDSVGLEIVFPLTIPQTLMREIIAKVVARAVERTA
AGRTPGELPGADVICYNGRRYELETNLQHRDGSDAAIRTLVLNLMFSINEGTTLILTLITRLLVQGAHDGYVNLLIQTAN
CVRETGQPMPRIQDGHRRFPIYEAISSWISTSSRLGDTLGTRAILRVCVFDGPSTVHPGDRTAVIQV
;
O
5 'polypeptide(L)'
;TTQLIQQVSLTDFFRPDIEHAGSTVLILRHPTDLPHLARHRAPPGRQTERLAEAWGQLLEASESGCARAYVTSLSFIAAC
RAEEYTDKQAAEANRTAIVSAYGCSRMGARLIRFSECLRAMVQCHVFPHRFISFFGSLLEYTIQDNLCNITAVAKGPQEA
ARTDKTSTRRVTANIPACVFWDVDKDLHLSADGLKHVFLVFVYTQRRQREGVRLHLALSQLNEQCFGRGIGFLLGARICM
YAAYTLIGTIPSESVRYTRRMERFGGYNVPTIWLEGVVWGGTNTWNECY
;
X
6 'polypeptide(L)'
;MNAHLANEVQYDLGHPSSLVHVIISSECLAAAGIPLAALMRANFQVEIQTRAHATGDCTPWCTAFAAYVPADAVGELLAP
VVPAHPGLLPRASSAGGLFVSLPVVCDAQGVYDPYAVAALRLAWGSGASCARVILFSYDELVPPNTRYAADSTRIMRVCR
HLCRYVALLGAAAPPAAKEAAAHLSMGLPPISPEEQLTAPGGDTTAAQDVSIAQENEEILALVQRRSLVEWLDRGWEALA
GGDRPDWLWSRRSISVVLRHHYGTKQRFVVVSYENSVAWGGRRARPPLLSSALATALTEACAAERVVRPHQLSPAGQAEL
LLRFPALEVPLRHPRPVLPPFDIAAEVAFTARIHLACLRALGQAIRAALQGGPRISQRLRYDFGPDQRAWLGEVTRRFPI
LLENLMRAVEGTAPDAFFHTAYALAVLAHLGGRVVPLGDDLPARFADSDGHYVFDYYSTSGDTLRLNNRPIAVAMDEQSK
CRFMEAPRRVCEQYLPGESYAYLCLGFNRRLCGIVVFPGGFAFTINIAAYLSLSDPVARAAVLRFCRKVS
;
k
7 'polypeptide(L)'
;MDPYCPFDALDVWEHRRFIVADSRNFITPEFPRDFWMSPVFNLPRETAAEQVVVLQAQRTAAAAALENAAMQAAELPVDI
ERRLRPIERNVHEI
;
l,m
8 'polypeptide(L)' QRTGRSALAVLIRACYRLQQQLQRTRRALLHHSDAVLTSLHHVRMLL n,o
#
# COMPACT_ATOMS: atom_id res chain seq x y z
N THR A 7 69.50 -86.67 14.35
CA THR A 7 68.87 -85.55 13.66
C THR A 7 69.75 -84.31 13.77
N GLU A 8 69.88 -83.79 14.98
CA GLU A 8 70.76 -82.66 15.23
C GLU A 8 72.19 -82.96 14.80
N SER A 9 72.57 -84.24 14.79
CA SER A 9 73.86 -84.63 14.24
C SER A 9 74.00 -84.16 12.81
N ASP A 10 72.91 -84.20 12.05
CA ASP A 10 72.96 -83.80 10.65
C ASP A 10 73.33 -82.33 10.51
N ARG A 11 72.60 -81.45 11.20
CA ARG A 11 72.92 -80.03 11.11
C ARG A 11 74.28 -79.73 11.72
N ILE A 12 74.68 -80.48 12.72
CA ILE A 12 76.02 -80.31 13.27
C ILE A 12 77.07 -80.60 12.21
N ALA A 13 76.90 -81.71 11.49
CA ALA A 13 77.86 -82.08 10.46
C ALA A 13 77.86 -81.08 9.31
N GLY A 14 76.68 -80.58 8.94
CA GLY A 14 76.59 -79.71 7.79
C GLY A 14 77.44 -78.46 7.95
N ILE A 15 77.32 -77.80 9.10
CA ILE A 15 78.17 -76.65 9.38
C ILE A 15 79.58 -77.13 9.68
N PHE A 16 80.58 -76.38 9.20
CA PHE A 16 81.97 -76.78 9.33
C PHE A 16 82.17 -78.22 8.84
N ASN A 17 82.03 -78.37 7.53
CA ASN A 17 82.16 -79.67 6.87
C ASN A 17 83.42 -80.41 7.30
N ILE A 18 83.44 -81.73 7.08
CA ILE A 18 84.49 -82.63 7.53
C ILE A 18 85.86 -82.04 7.21
N PRO A 19 86.93 -82.41 7.96
CA PRO A 19 88.11 -81.53 8.05
C PRO A 19 88.64 -81.01 6.72
N ALA A 20 88.51 -81.80 5.66
CA ALA A 20 88.85 -81.42 4.30
C ALA A 20 90.30 -80.95 4.16
N GLY A 21 91.22 -81.52 4.95
CA GLY A 21 92.62 -81.19 4.78
C GLY A 21 93.09 -79.92 5.46
N ILE A 22 92.26 -79.29 6.29
CA ILE A 22 92.73 -78.13 7.04
C ILE A 22 93.81 -78.58 8.01
N ILE A 23 94.80 -77.72 8.22
CA ILE A 23 95.88 -78.08 9.13
C ILE A 23 95.30 -78.26 10.54
N PRO A 24 95.66 -79.33 11.26
CA PRO A 24 95.06 -79.57 12.57
C PRO A 24 95.39 -78.46 13.56
N THR A 25 94.45 -78.21 14.47
CA THR A 25 94.67 -77.21 15.50
C THR A 25 95.78 -77.62 16.46
N GLY A 26 96.06 -78.91 16.56
CA GLY A 26 97.09 -79.40 17.45
C GLY A 26 97.34 -80.87 17.22
N ASN A 27 98.46 -81.34 17.74
CA ASN A 27 98.82 -82.75 17.60
C ASN A 27 97.88 -83.62 18.43
N VAL A 28 97.55 -84.77 17.89
CA VAL A 28 96.66 -85.71 18.54
C VAL A 28 97.48 -86.64 19.43
N LEU A 29 97.05 -86.79 20.68
CA LEU A 29 97.81 -87.53 21.68
C LEU A 29 96.95 -88.62 22.30
N SER A 30 97.60 -89.51 23.04
CA SER A 30 96.93 -90.54 23.84
C SER A 30 96.04 -91.42 22.95
N THR A 31 96.72 -92.15 22.06
CA THR A 31 96.04 -92.94 21.03
C THR A 31 95.24 -94.06 21.69
N ILE A 32 93.92 -93.89 21.74
CA ILE A 32 93.03 -94.88 22.34
C ILE A 32 91.93 -95.20 21.33
N GLU A 33 91.54 -96.47 21.30
CA GLU A 33 90.48 -96.92 20.40
C GLU A 33 89.18 -96.26 20.82
N VAL A 34 88.73 -95.28 20.04
CA VAL A 34 87.55 -94.51 20.38
C VAL A 34 86.28 -95.36 20.32
N CYS A 35 86.33 -96.49 19.61
CA CYS A 35 85.13 -97.29 19.41
C CYS A 35 84.50 -97.71 20.73
N ALA A 36 85.29 -97.76 21.81
CA ALA A 36 84.69 -97.99 23.11
C ALA A 36 83.82 -96.80 23.53
N HIS A 37 84.32 -95.59 23.34
CA HIS A 37 83.64 -94.39 23.84
C HIS A 37 82.78 -93.74 22.77
N ARG A 38 81.85 -94.51 22.21
CA ARG A 38 80.88 -93.91 21.30
C ARG A 38 79.78 -93.16 22.02
N CYS A 39 79.59 -93.40 23.31
CA CYS A 39 78.61 -92.65 24.09
C CYS A 39 79.01 -91.20 24.26
N ILE A 40 80.25 -90.85 23.93
CA ILE A 40 80.72 -89.48 24.00
C ILE A 40 80.56 -88.84 22.63
N PHE A 41 80.72 -87.52 22.60
CA PHE A 41 80.61 -86.74 21.39
C PHE A 41 79.21 -86.79 20.81
N ASP A 42 79.03 -86.19 19.66
CA ASP A 42 77.73 -86.08 19.02
C ASP A 42 77.77 -86.53 17.58
N PHE A 43 78.88 -86.29 16.90
CA PHE A 43 79.10 -86.66 15.51
C PHE A 43 80.18 -87.71 15.49
N PHE A 44 79.83 -88.93 15.11
CA PHE A 44 80.78 -90.03 15.19
C PHE A 44 80.67 -90.88 13.93
N LYS A 45 81.75 -90.94 13.16
CA LYS A 45 81.81 -91.76 11.97
C LYS A 45 83.15 -92.45 11.91
N GLN A 46 83.16 -93.70 11.46
CA GLN A 46 84.38 -94.47 11.30
C GLN A 46 84.43 -95.05 9.90
N ILE A 47 85.62 -95.04 9.32
CA ILE A 47 85.86 -95.52 7.97
C ILE A 47 86.98 -96.54 8.02
N ARG A 48 86.75 -97.68 7.37
CA ARG A 48 87.76 -98.74 7.37
C ARG A 48 88.98 -98.33 6.56
N SER A 49 88.79 -98.05 5.27
CA SER A 49 89.89 -97.65 4.41
C SER A 49 89.72 -96.24 3.87
N ASP A 50 88.64 -95.98 3.14
CA ASP A 50 88.43 -94.67 2.51
C ASP A 50 87.03 -94.66 1.92
N ASP A 51 86.47 -93.46 1.82
CA ASP A 51 85.11 -93.28 1.33
C ASP A 51 85.10 -92.14 0.32
N ASN A 52 84.39 -92.34 -0.78
CA ASN A 52 84.19 -91.25 -1.72
C ASN A 52 83.37 -90.13 -1.12
N SER A 53 82.64 -90.39 -0.03
CA SER A 53 81.95 -89.33 0.70
C SER A 53 82.91 -88.30 1.24
N LEU A 54 84.19 -88.65 1.39
CA LEU A 54 85.19 -87.66 1.74
C LEU A 54 85.37 -86.62 0.65
N TYR A 55 84.83 -86.87 -0.54
CA TYR A 55 85.04 -86.03 -1.71
C TYR A 55 83.70 -85.38 -2.07
N SER A 56 83.42 -84.24 -1.45
CA SER A 56 82.18 -83.52 -1.69
C SER A 56 82.49 -82.06 -1.97
N ALA A 57 81.74 -81.47 -2.90
CA ALA A 57 82.02 -80.09 -3.27
C ALA A 57 80.78 -79.24 -3.53
N GLN A 58 79.58 -79.69 -3.20
CA GLN A 58 78.38 -78.90 -3.49
C GLN A 58 78.40 -77.65 -2.65
N PHE A 59 78.13 -76.50 -3.29
CA PHE A 59 78.12 -75.23 -2.60
C PHE A 59 77.42 -74.21 -3.47
N ASP A 60 77.07 -73.07 -2.87
CA ASP A 60 76.48 -71.95 -3.58
C ASP A 60 77.15 -70.67 -3.10
N ILE A 61 77.23 -69.68 -4.00
CA ILE A 61 77.90 -68.42 -3.70
C ILE A 61 76.99 -67.27 -4.08
N LEU A 62 77.21 -66.14 -3.42
CA LEU A 62 76.49 -64.91 -3.74
C LEU A 62 77.14 -64.23 -4.94
N LEU A 63 76.30 -63.69 -5.81
CA LEU A 63 76.79 -63.12 -7.06
C LEU A 63 76.95 -61.61 -7.02
N GLY A 64 76.60 -60.97 -5.91
CA GLY A 64 76.70 -59.52 -5.82
C GLY A 64 75.35 -58.87 -5.98
N THR A 65 75.20 -57.67 -5.43
CA THR A 65 73.93 -56.95 -5.49
C THR A 65 74.23 -55.47 -5.70
N TYR A 66 73.27 -54.77 -6.30
CA TYR A 66 73.37 -53.35 -6.56
C TYR A 66 72.31 -52.63 -5.75
N CYS A 67 72.63 -51.40 -5.35
CA CYS A 67 71.74 -50.57 -4.57
C CYS A 67 71.27 -49.39 -5.40
N ASN A 68 70.07 -48.92 -5.09
CA ASN A 68 69.46 -47.82 -5.82
C ASN A 68 69.76 -46.50 -5.13
N THR A 69 70.27 -45.54 -5.89
CA THR A 69 70.47 -44.19 -5.39
C THR A 69 69.23 -43.36 -5.70
N LEU A 70 68.90 -42.44 -4.81
CA LEU A 70 67.74 -41.57 -5.01
C LEU A 70 68.15 -40.36 -5.84
N ASN A 71 67.46 -40.14 -6.95
CA ASN A 71 67.71 -38.96 -7.77
C ASN A 71 67.18 -37.74 -7.05
N PHE A 72 68.09 -36.91 -6.55
CA PHE A 72 67.70 -35.78 -5.73
C PHE A 72 67.00 -34.73 -6.57
N VAL A 73 66.15 -33.94 -5.92
CA VAL A 73 65.45 -32.84 -6.56
C VAL A 73 65.91 -31.54 -5.92
N ARG A 74 66.47 -30.66 -6.74
CA ARG A 74 66.81 -29.32 -6.30
C ARG A 74 65.71 -28.38 -6.77
N PHE A 75 65.10 -27.69 -5.80
CA PHE A 75 63.83 -27.01 -6.06
C PHE A 75 63.93 -25.99 -7.18
N LEU A 76 64.96 -25.13 -7.13
CA LEU A 76 65.01 -24.01 -8.04
C LEU A 76 65.22 -24.42 -9.49
N GLU A 77 65.56 -25.68 -9.73
CA GLU A 77 65.84 -26.16 -11.08
C GLU A 77 64.67 -26.90 -11.70
N LEU A 78 63.50 -26.82 -11.09
CA LEU A 78 62.29 -27.30 -11.73
C LEU A 78 61.53 -26.13 -12.35
N GLY A 79 60.53 -26.44 -13.16
CA GLY A 79 59.78 -25.41 -13.83
C GLY A 79 59.10 -24.45 -12.86
N LEU A 80 58.54 -24.97 -11.78
CA LEU A 80 57.78 -24.16 -10.84
C LEU A 80 58.62 -23.11 -10.13
N SER A 81 59.93 -23.11 -10.33
CA SER A 81 60.79 -22.21 -9.57
C SER A 81 60.43 -20.76 -9.83
N VAL A 82 60.40 -20.35 -11.09
CA VAL A 82 60.10 -18.96 -11.40
C VAL A 82 58.68 -18.60 -11.04
N ALA A 83 57.76 -19.56 -11.07
CA ALA A 83 56.39 -19.26 -10.69
C ALA A 83 56.29 -18.84 -9.24
N CYS A 84 57.23 -19.28 -8.41
CA CYS A 84 57.18 -19.02 -6.98
C CYS A 84 58.36 -18.19 -6.54
N ILE A 85 58.08 -17.15 -5.78
CA ILE A 85 59.12 -16.36 -5.14
C ILE A 85 59.25 -16.86 -3.70
N CYS A 86 60.28 -17.67 -3.48
CA CYS A 86 60.54 -18.27 -2.18
C CYS A 86 61.43 -17.32 -1.39
N THR A 87 60.95 -16.88 -0.24
CA THR A 87 61.57 -15.82 0.52
C THR A 87 61.92 -16.30 1.91
N LYS A 88 63.19 -16.12 2.30
CA LYS A 88 63.67 -16.57 3.60
C LYS A 88 63.07 -15.72 4.72
N PHE A 89 62.52 -16.41 5.73
CA PHE A 89 62.21 -15.76 6.99
C PHE A 89 61.96 -16.80 8.07
N PRO A 90 63.01 -17.36 8.66
CA PRO A 90 62.82 -18.47 9.62
C PRO A 90 61.85 -18.15 10.74
N GLU A 91 61.88 -16.95 11.28
CA GLU A 91 61.03 -16.60 12.42
C GLU A 91 59.60 -16.39 11.93
N LEU A 92 58.79 -17.42 12.10
CA LEU A 92 57.37 -17.33 11.80
C LEU A 92 56.47 -17.96 12.86
N ALA A 93 57.01 -18.73 13.80
CA ALA A 93 56.17 -19.32 14.82
C ALA A 93 55.54 -18.28 15.73
N TYR A 94 56.22 -17.16 15.98
CA TYR A 94 55.70 -16.12 16.83
C TYR A 94 54.84 -15.12 16.06
N VAL A 95 54.52 -15.43 14.81
CA VAL A 95 53.68 -14.58 13.97
C VAL A 95 52.25 -15.02 14.13
N ARG A 96 51.38 -14.10 14.56
CA ARG A 96 49.96 -14.42 14.63
C ARG A 96 49.31 -14.25 13.26
N ASP A 97 49.29 -13.03 12.74
CA ASP A 97 48.54 -12.70 11.53
C ASP A 97 49.29 -11.59 10.79
N GLY A 98 49.83 -11.93 9.61
CA GLY A 98 50.45 -10.93 8.77
C GLY A 98 49.53 -10.47 7.65
N VAL A 99 49.74 -9.22 7.23
CA VAL A 99 48.91 -8.60 6.20
C VAL A 99 49.82 -7.83 5.26
N ILE A 100 49.39 -7.71 4.00
CA ILE A 100 50.17 -7.04 2.96
C ILE A 100 49.45 -5.77 2.53
N GLN A 101 50.21 -4.85 1.93
CA GLN A 101 49.73 -3.52 1.55
C GLN A 101 50.04 -3.23 0.08
N PHE A 102 49.00 -3.05 -0.73
CA PHE A 102 49.15 -2.51 -2.07
C PHE A 102 48.31 -1.25 -2.21
N GLU A 103 48.89 -0.23 -2.85
CA GLU A 103 48.16 0.96 -3.26
C GLU A 103 48.13 0.91 -4.78
N VAL A 104 46.92 0.92 -5.35
CA VAL A 104 46.77 0.87 -6.80
C VAL A 104 46.03 2.13 -7.25
N GLN A 105 46.58 2.77 -8.27
CA GLN A 105 45.97 3.92 -8.89
C GLN A 105 45.38 3.54 -10.24
N GLN A 106 44.32 4.23 -10.64
CA GLN A 106 43.57 3.89 -11.84
C GLN A 106 43.60 5.07 -12.79
N PRO A 107 44.09 4.89 -14.02
CA PRO A 107 44.09 6.01 -14.97
C PRO A 107 42.66 6.38 -15.37
N MET A 108 42.50 7.65 -15.70
CA MET A 108 41.22 8.20 -16.14
C MET A 108 41.41 8.98 -17.43
N ILE A 109 40.31 9.52 -17.94
CA ILE A 109 40.30 10.28 -19.18
C ILE A 109 39.71 11.65 -18.91
N ALA A 110 40.41 12.69 -19.33
CA ALA A 110 39.83 14.02 -19.33
C ALA A 110 38.70 14.05 -20.34
N ARG A 111 37.52 14.48 -19.91
CA ARG A 111 36.34 14.44 -20.76
C ARG A 111 35.60 15.77 -20.67
N ASP A 112 34.50 15.85 -21.41
CA ASP A 112 33.73 17.08 -21.51
C ASP A 112 32.28 16.71 -21.79
N GLY A 113 31.49 17.68 -22.24
CA GLY A 113 30.11 17.46 -22.55
C GLY A 113 29.22 17.61 -21.33
N PRO A 114 27.99 17.10 -21.43
CA PRO A 114 27.02 17.23 -20.33
C PRO A 114 27.25 16.25 -19.18
N HIS A 115 28.52 16.09 -18.79
CA HIS A 115 28.89 15.25 -17.67
C HIS A 115 29.79 16.04 -16.73
N PRO A 116 29.50 16.04 -15.43
CA PRO A 116 30.44 16.67 -14.48
C PRO A 116 31.75 15.90 -14.46
N VAL A 117 32.80 16.61 -14.05
CA VAL A 117 34.12 15.98 -13.96
C VAL A 117 34.09 14.83 -12.97
N ASP A 118 34.86 13.79 -13.27
CA ASP A 118 34.99 12.63 -12.41
C ASP A 118 36.29 12.69 -11.63
N GLN A 119 36.31 12.07 -10.46
CA GLN A 119 37.46 12.16 -9.59
C GLN A 119 38.36 10.93 -9.77
N PRO A 120 39.67 11.12 -9.84
CA PRO A 120 40.58 9.97 -9.83
C PRO A 120 40.45 9.17 -8.54
N VAL A 121 40.67 7.86 -8.67
CA VAL A 121 40.33 6.91 -7.63
C VAL A 121 41.57 6.13 -7.20
N HIS A 122 41.79 6.08 -5.89
CA HIS A 122 42.77 5.20 -5.26
C HIS A 122 42.06 3.92 -4.89
N ASN A 123 42.82 2.83 -4.72
CA ASN A 123 42.30 1.64 -4.07
C ASN A 123 43.41 1.06 -3.21
N TYR A 124 43.08 0.75 -1.97
CA TYR A 124 44.05 0.26 -0.98
C TYR A 124 43.63 -1.14 -0.57
N MET A 125 44.15 -2.15 -1.26
CA MET A 125 43.86 -3.54 -0.96
C MET A 125 44.88 -4.13 0.01
N VAL A 126 44.38 -4.94 0.92
CA VAL A 126 45.19 -5.67 1.88
C VAL A 126 44.71 -7.11 1.92
N LYS A 127 45.66 -8.03 1.95
CA LYS A 127 45.38 -9.46 2.10
C LYS A 127 46.13 -9.96 3.32
N ARG A 128 45.45 -10.76 4.13
CA ARG A 128 46.08 -11.35 5.30
C ARG A 128 46.90 -12.57 4.88
N ILE A 129 48.03 -12.74 5.55
CA ILE A 129 48.94 -13.83 5.22
C ILE A 129 48.39 -15.15 5.74
N HIS A 130 48.33 -16.15 4.87
CA HIS A 130 47.85 -17.46 5.24
C HIS A 130 49.03 -18.37 5.58
N LYS A 131 48.97 -18.96 6.77
CA LYS A 131 50.04 -19.79 7.33
C LYS A 131 49.66 -21.25 7.20
N ARG A 132 50.65 -22.10 6.90
CA ARG A 132 50.46 -23.53 6.77
C ARG A 132 51.77 -24.22 7.13
N SER A 133 51.73 -25.55 7.14
CA SER A 133 52.93 -26.33 7.44
C SER A 133 52.74 -27.75 6.92
N LEU A 134 53.87 -28.45 6.77
CA LEU A 134 53.87 -29.86 6.43
C LEU A 134 54.95 -30.59 7.21
N SER A 135 54.77 -31.89 7.39
CA SER A 135 55.69 -32.71 8.14
C SER A 135 55.71 -34.12 7.55
N ALA A 136 56.71 -34.89 7.92
CA ALA A 136 56.89 -36.24 7.38
C ALA A 136 57.39 -37.17 8.48
N ALA A 137 57.23 -38.46 8.24
CA ALA A 137 57.56 -39.50 9.21
C ALA A 137 59.00 -39.98 9.03
N PHE A 138 59.66 -40.24 10.17
CA PHE A 138 61.06 -40.68 10.15
C PHE A 138 61.35 -41.38 11.47
N ALA A 139 61.50 -42.70 11.41
CA ALA A 139 61.65 -43.53 12.60
C ALA A 139 63.04 -44.14 12.68
N ILE A 140 63.52 -44.32 13.91
CA ILE A 140 64.83 -44.91 14.18
C ILE A 140 64.66 -46.04 15.18
N ALA A 141 65.31 -47.17 14.91
CA ALA A 141 65.17 -48.34 15.76
C ALA A 141 65.98 -48.21 17.05
N SER A 142 65.65 -49.05 18.03
CA SER A 142 66.25 -48.95 19.36
C SER A 142 67.72 -49.33 19.35
N GLU A 143 68.06 -50.38 18.62
CA GLU A 143 69.43 -50.88 18.62
C GLU A 143 70.39 -49.83 18.10
N ALA A 144 69.92 -48.96 17.22
CA ALA A 144 70.75 -47.84 16.79
C ALA A 144 71.11 -46.95 17.97
N LEU A 145 70.14 -46.65 18.82
CA LEU A 145 70.45 -45.90 20.05
C LEU A 145 71.43 -46.69 20.90
N SER A 146 71.24 -48.00 20.99
CA SER A 146 72.15 -48.82 21.77
C SER A 146 73.58 -48.68 21.26
N LEU A 147 73.75 -48.67 19.95
CA LEU A 147 75.09 -48.53 19.37
C LEU A 147 75.63 -47.13 19.48
N LEU A 148 74.76 -46.12 19.51
CA LEU A 148 75.23 -44.76 19.69
C LEU A 148 75.69 -44.49 21.12
N SER A 149 75.52 -45.45 22.02
CA SER A 149 75.92 -45.33 23.42
C SER A 149 77.30 -45.90 23.67
N ASN A 150 78.21 -45.82 22.69
CA ASN A 150 79.59 -46.20 22.92
C ASN A 150 80.21 -45.36 24.02
N THR A 151 80.13 -44.03 23.88
CA THR A 151 80.73 -43.09 24.84
C THR A 151 82.19 -43.43 25.10
N TYR A 152 82.92 -43.76 24.04
CA TYR A 152 84.36 -44.04 24.10
C TYR A 152 84.66 -45.22 25.05
N VAL A 153 83.79 -46.22 25.02
CA VAL A 153 84.00 -47.43 25.81
C VAL A 153 84.16 -48.68 24.97
N ASP A 154 83.63 -48.73 23.77
CA ASP A 154 83.67 -49.91 22.93
C ASP A 154 84.88 -49.83 22.00
N GLY A 155 84.91 -50.71 21.00
CA GLY A 155 86.05 -50.79 20.12
C GLY A 155 86.44 -52.21 19.74
N THR A 156 85.58 -53.17 20.05
CA THR A 156 85.80 -54.52 19.55
C THR A 156 85.63 -54.56 18.04
N GLU A 157 86.22 -55.58 17.43
CA GLU A 157 86.25 -55.67 15.97
C GLU A 157 84.84 -55.76 15.39
N ILE A 158 83.96 -56.52 16.03
CA ILE A 158 82.63 -56.75 15.46
C ILE A 158 81.79 -55.47 15.49
N ASP A 159 81.75 -54.79 16.64
CA ASP A 159 80.82 -53.68 16.84
C ASP A 159 81.09 -52.48 15.94
N SER A 160 82.33 -52.30 15.49
CA SER A 160 82.61 -51.21 14.56
C SER A 160 81.76 -51.35 13.32
N SER A 161 81.66 -52.57 12.79
CA SER A 161 80.86 -52.80 11.59
C SER A 161 79.40 -52.49 11.84
N LEU A 162 78.86 -52.91 12.98
CA LEU A 162 77.46 -52.64 13.28
C LEU A 162 77.20 -51.15 13.39
N ARG A 163 78.09 -50.44 14.08
CA ARG A 163 77.92 -48.99 14.22
C ARG A 163 77.98 -48.32 12.87
N ILE A 164 78.88 -48.78 12.00
CA ILE A 164 78.99 -48.21 10.66
C ILE A 164 77.69 -48.44 9.89
N ARG A 165 77.14 -49.65 9.99
CA ARG A 165 75.86 -49.91 9.32
C ARG A 165 74.78 -48.98 9.85
N ALA A 166 74.73 -48.81 11.17
CA ALA A 166 73.71 -47.97 11.78
C ALA A 166 73.83 -46.53 11.28
N ILE A 167 75.06 -46.02 11.19
CA ILE A 167 75.22 -44.64 10.77
C ILE A 167 74.91 -44.48 9.28
N GLN A 168 75.20 -45.47 8.43
CA GLN A 168 74.71 -45.37 7.06
C GLN A 168 73.20 -45.32 7.03
N GLN A 169 72.55 -46.15 7.83
CA GLN A 169 71.09 -46.06 7.87
C GLN A 169 70.64 -44.68 8.30
N MET A 170 71.28 -44.12 9.32
CA MET A 170 70.87 -42.81 9.82
C MET A 170 71.00 -41.77 8.71
N ALA A 171 72.18 -41.71 8.08
CA ALA A 171 72.43 -40.69 7.08
C ALA A 171 71.51 -40.86 5.87
N ARG A 172 71.32 -42.09 5.42
CA ARG A 172 70.49 -42.32 4.26
C ARG A 172 69.05 -41.90 4.53
N ASN A 173 68.50 -42.34 5.67
CA ASN A 173 67.14 -41.96 6.00
C ASN A 173 67.01 -40.45 6.14
N LEU A 174 67.97 -39.81 6.80
CA LEU A 174 67.88 -38.37 6.99
C LEU A 174 67.93 -37.63 5.67
N ARG A 175 68.82 -38.03 4.78
CA ARG A 175 68.94 -37.34 3.51
C ARG A 175 67.68 -37.52 2.68
N THR A 176 67.13 -38.74 2.69
CA THR A 176 65.88 -38.97 1.98
C THR A 176 64.74 -38.13 2.55
N VAL A 177 64.63 -38.09 3.88
CA VAL A 177 63.49 -37.39 4.47
C VAL A 177 63.62 -35.89 4.23
N LEU A 178 64.83 -35.35 4.27
CA LEU A 178 65.00 -33.94 3.93
C LEU A 178 64.66 -33.69 2.47
N ASP A 179 65.08 -34.59 1.57
CA ASP A 179 64.73 -34.44 0.17
C ASP A 179 63.22 -34.47 -0.03
N SER A 180 62.51 -35.22 0.82
CA SER A 180 61.05 -35.31 0.67
C SER A 180 60.39 -33.96 0.87
N PHE A 181 60.95 -33.12 1.74
CA PHE A 181 60.38 -31.78 1.91
C PHE A 181 60.59 -30.92 0.68
N GLU A 182 61.77 -30.96 0.07
CA GLU A 182 61.95 -30.24 -1.17
C GLU A 182 61.02 -30.77 -2.26
N ARG A 183 60.73 -32.07 -2.22
CA ARG A 183 59.77 -32.64 -3.16
C ARG A 183 58.38 -32.06 -2.91
N GLY A 184 57.92 -32.10 -1.67
CA GLY A 184 56.58 -31.67 -1.34
C GLY A 184 56.37 -30.17 -1.37
N THR A 185 57.44 -29.39 -1.42
CA THR A 185 57.28 -27.96 -1.61
C THR A 185 56.57 -27.69 -2.92
N ALA A 186 57.00 -28.38 -3.98
CA ALA A 186 56.28 -28.28 -5.25
C ALA A 186 54.84 -28.75 -5.09
N ASP A 187 54.62 -29.78 -4.28
CA ASP A 187 53.25 -30.24 -4.08
C ASP A 187 52.38 -29.15 -3.47
N GLN A 188 52.91 -28.47 -2.46
CA GLN A 188 52.16 -27.39 -1.84
C GLN A 188 51.90 -26.26 -2.84
N LEU A 189 52.90 -25.94 -3.66
CA LEU A 189 52.70 -24.88 -4.64
C LEU A 189 51.61 -25.26 -5.64
N LEU A 190 51.64 -26.50 -6.12
CA LEU A 190 50.58 -26.96 -7.00
C LEU A 190 49.22 -26.90 -6.30
N GLY A 191 49.18 -27.31 -5.03
CA GLY A 191 47.91 -27.27 -4.32
C GLY A 191 47.33 -25.87 -4.26
N VAL A 192 48.12 -24.91 -3.77
CA VAL A 192 47.62 -23.55 -3.65
C VAL A 192 47.29 -22.98 -5.02
N LEU A 193 48.12 -23.28 -6.02
CA LEU A 193 47.96 -22.67 -7.32
C LEU A 193 46.71 -23.18 -8.02
N LEU A 194 46.49 -24.49 -8.01
CA LEU A 194 45.25 -25.03 -8.54
C LEU A 194 44.05 -24.52 -7.75
N GLU A 195 44.18 -24.43 -6.43
CA GLU A 195 43.07 -23.91 -5.65
C GLU A 195 42.75 -22.47 -6.01
N LYS A 196 43.73 -21.72 -6.51
CA LYS A 196 43.53 -20.31 -6.82
C LYS A 196 43.04 -20.07 -8.25
N ALA A 197 43.44 -20.89 -9.21
CA ALA A 197 43.24 -20.56 -10.62
C ALA A 197 41.80 -20.76 -11.05
N PRO A 198 41.11 -19.74 -11.54
CA PRO A 198 39.78 -19.94 -12.10
C PRO A 198 39.85 -20.62 -13.44
N PRO A 199 38.76 -21.23 -13.89
CA PRO A 199 38.77 -21.91 -15.20
C PRO A 199 38.92 -20.93 -16.34
N LEU A 200 39.55 -21.40 -17.42
CA LEU A 200 39.69 -20.59 -18.62
C LEU A 200 38.34 -20.32 -19.27
N SER A 201 37.51 -21.36 -19.38
CA SER A 201 36.31 -21.28 -20.20
C SER A 201 35.40 -20.15 -19.76
N LEU A 202 35.48 -19.74 -18.49
CA LEU A 202 34.74 -18.57 -18.05
C LEU A 202 35.55 -17.29 -18.14
N LEU A 203 36.83 -17.34 -17.75
CA LEU A 203 37.61 -16.11 -17.63
C LEU A 203 37.83 -15.47 -19.00
N SER A 204 38.08 -16.28 -20.02
CA SER A 204 38.45 -15.72 -21.32
C SER A 204 37.41 -14.75 -21.87
N PRO A 205 36.13 -15.10 -21.96
CA PRO A 205 35.16 -14.13 -22.48
C PRO A 205 34.97 -12.92 -21.58
N ILE A 206 35.30 -13.03 -20.29
CA ILE A 206 35.04 -11.92 -19.39
C ILE A 206 35.82 -10.68 -19.78
N ASN A 207 37.13 -10.83 -19.99
CA ASN A 207 37.94 -9.67 -20.31
C ASN A 207 37.61 -9.08 -21.67
N LYS A 208 36.90 -9.81 -22.51
CA LYS A 208 36.50 -9.31 -23.82
C LYS A 208 35.15 -8.58 -23.75
N PHE A 209 34.14 -9.21 -23.17
CA PHE A 209 32.82 -8.64 -23.25
C PHE A 209 32.51 -7.65 -22.13
N GLN A 210 33.28 -7.67 -21.04
CA GLN A 210 33.08 -6.69 -19.98
C GLN A 210 33.91 -5.47 -20.29
N PRO A 211 33.31 -4.34 -20.62
CA PRO A 211 34.10 -3.14 -20.90
C PRO A 211 34.84 -2.65 -19.67
N GLU A 212 34.10 -2.36 -18.59
CA GLU A 212 34.71 -1.91 -17.36
C GLU A 212 34.15 -2.56 -16.10
N GLY A 213 32.94 -3.11 -16.13
CA GLY A 213 32.26 -3.57 -14.95
C GLY A 213 30.96 -2.82 -14.72
N HIS A 214 30.22 -3.29 -13.73
CA HIS A 214 28.92 -2.72 -13.39
C HIS A 214 27.99 -2.70 -14.60
N LEU A 215 28.08 -3.74 -15.41
CA LEU A 215 27.20 -3.85 -16.57
C LEU A 215 25.76 -4.03 -16.08
N ASN A 216 24.83 -3.41 -16.79
CA ASN A 216 23.43 -3.42 -16.36
C ASN A 216 22.86 -4.83 -16.47
N ARG A 217 21.58 -4.94 -16.14
CA ARG A 217 20.93 -6.25 -16.12
C ARG A 217 21.04 -6.94 -17.47
N VAL A 218 20.74 -6.21 -18.55
CA VAL A 218 20.67 -6.84 -19.86
C VAL A 218 22.05 -7.29 -20.31
N ALA A 219 23.07 -6.48 -20.08
CA ALA A 219 24.41 -6.88 -20.46
C ALA A 219 24.86 -8.11 -19.68
N ARG A 220 24.53 -8.16 -18.40
CA ARG A 220 24.88 -9.33 -17.60
C ARG A 220 24.17 -10.57 -18.11
N ALA A 221 22.90 -10.43 -18.50
CA ALA A 221 22.17 -11.57 -19.04
C ALA A 221 22.81 -12.07 -20.34
N ALA A 222 23.15 -11.14 -21.23
CA ALA A 222 23.79 -11.53 -22.48
C ALA A 222 25.11 -12.22 -22.22
N LEU A 223 25.90 -11.68 -21.30
CA LEU A 223 27.17 -12.30 -20.95
C LEU A 223 26.96 -13.69 -20.37
N LEU A 224 25.95 -13.85 -19.52
CA LEU A 224 25.69 -15.14 -18.93
C LEU A 224 25.34 -16.17 -19.98
N SER A 225 24.51 -15.78 -20.95
CA SER A 225 24.19 -16.70 -22.05
C SER A 225 25.44 -17.04 -22.86
N ASP A 226 26.30 -16.04 -23.07
CA ASP A 226 27.51 -16.30 -23.82
C ASP A 226 28.39 -17.32 -23.11
N LEU A 227 28.54 -17.17 -21.78
CA LEU A 227 29.28 -18.18 -21.02
C LEU A 227 28.61 -19.54 -21.08
N LYS A 228 27.27 -19.58 -21.02
CA LYS A 228 26.57 -20.83 -21.24
C LYS A 228 27.11 -21.53 -22.48
N ARG A 229 27.00 -20.85 -23.62
CA ARG A 229 27.37 -21.47 -24.89
C ARG A 229 28.85 -21.81 -24.92
N ARG A 230 29.69 -20.91 -24.42
CA ARG A 230 31.13 -21.12 -24.47
C ARG A 230 31.53 -22.37 -23.70
N VAL A 231 31.00 -22.54 -22.49
CA VAL A 231 31.34 -23.72 -21.72
C VAL A 231 30.77 -24.97 -22.38
N CYS A 232 29.51 -24.90 -22.83
CA CYS A 232 28.88 -26.07 -23.41
C CYS A 232 29.65 -26.56 -24.63
N ALA A 233 30.35 -25.66 -25.31
CA ALA A 233 31.13 -26.08 -26.47
C ALA A 233 32.56 -26.47 -26.10
N ASP A 234 33.32 -25.54 -25.53
CA ASP A 234 34.77 -25.66 -25.38
C ASP A 234 35.13 -26.02 -23.95
N MET A 235 34.99 -27.31 -23.61
CA MET A 235 35.34 -27.74 -22.27
C MET A 235 36.30 -28.93 -22.28
N PHE A 236 36.07 -29.97 -23.10
CA PHE A 236 37.13 -30.91 -23.48
C PHE A 236 37.60 -30.67 -24.92
N PHE A 237 38.22 -29.53 -25.13
CA PHE A 237 38.38 -29.02 -26.49
C PHE A 237 39.58 -29.64 -27.19
N MET A 238 40.66 -29.92 -26.47
CA MET A 238 41.81 -30.53 -27.11
C MET A 238 41.49 -31.93 -27.65
N THR A 239 40.92 -32.79 -26.80
CA THR A 239 40.74 -34.18 -27.20
C THR A 239 39.86 -34.29 -28.44
N ARG A 240 38.76 -33.54 -28.45
CA ARG A 240 37.88 -33.56 -29.61
C ARG A 240 38.55 -32.93 -30.83
N HIS A 241 39.23 -31.81 -30.64
CA HIS A 241 39.92 -31.12 -31.72
C HIS A 241 41.42 -31.38 -31.71
N ALA A 242 41.84 -32.64 -31.82
CA ALA A 242 43.26 -32.94 -31.84
C ALA A 242 43.82 -33.01 -33.25
N ARG A 243 42.97 -33.28 -34.24
CA ARG A 243 43.45 -33.51 -35.60
C ARG A 243 43.87 -32.25 -36.32
N GLU A 244 43.43 -31.07 -35.86
CA GLU A 244 43.66 -29.81 -36.57
C GLU A 244 44.56 -28.92 -35.72
N PRO A 245 45.87 -28.93 -35.98
CA PRO A 245 46.83 -28.36 -35.02
C PRO A 245 46.74 -26.87 -34.79
N ARG A 246 46.31 -26.08 -35.78
CA ARG A 246 46.52 -24.64 -35.70
C ARG A 246 45.73 -24.01 -34.56
N LEU A 247 44.49 -24.44 -34.36
CA LEU A 247 43.64 -23.79 -33.36
C LEU A 247 44.17 -23.97 -31.95
N ILE A 248 44.85 -25.07 -31.66
CA ILE A 248 45.40 -25.26 -30.33
C ILE A 248 46.39 -24.15 -30.01
N SER A 249 47.36 -23.94 -30.91
CA SER A 249 48.25 -22.80 -30.77
C SER A 249 47.46 -21.51 -30.69
N ALA A 250 46.40 -21.41 -31.49
CA ALA A 250 45.62 -20.18 -31.55
C ALA A 250 45.08 -19.80 -30.17
N TYR A 251 44.53 -20.75 -29.43
CA TYR A 251 43.91 -20.32 -28.18
C TYR A 251 44.83 -20.47 -26.98
N LEU A 252 45.91 -21.26 -27.08
CA LEU A 252 46.98 -21.10 -26.10
C LEU A 252 47.52 -19.67 -26.12
N SER A 253 47.70 -19.11 -27.31
CA SER A 253 48.06 -17.70 -27.39
C SER A 253 47.03 -16.84 -26.68
N ASP A 254 45.76 -17.21 -26.74
CA ASP A 254 44.73 -16.45 -26.03
C ASP A 254 44.91 -16.56 -24.53
N MET A 255 45.01 -17.78 -24.02
CA MET A 255 45.00 -17.96 -22.57
C MET A 255 46.21 -17.28 -21.95
N VAL A 256 47.38 -17.42 -22.57
CA VAL A 256 48.57 -16.80 -21.98
C VAL A 256 48.43 -15.29 -21.98
N SER A 257 47.97 -14.72 -23.10
CA SER A 257 47.69 -13.28 -23.15
C SER A 257 46.22 -13.01 -22.86
N CYS A 258 45.71 -13.60 -21.79
CA CYS A 258 44.35 -13.31 -21.35
C CYS A 258 44.26 -13.22 -19.83
N THR A 259 45.39 -13.20 -19.13
CA THR A 259 45.40 -13.29 -17.68
C THR A 259 46.17 -12.17 -17.01
N GLN A 260 46.44 -11.06 -17.71
CA GLN A 260 47.24 -9.90 -17.29
C GLN A 260 48.57 -10.34 -16.69
N PRO A 261 49.44 -9.42 -16.30
CA PRO A 261 50.59 -9.78 -15.48
C PRO A 261 50.26 -9.58 -14.00
N SER A 262 51.29 -9.77 -13.17
CA SER A 262 51.29 -9.35 -11.78
C SER A 262 52.38 -8.28 -11.61
N VAL A 263 52.72 -7.99 -10.35
CA VAL A 263 53.77 -7.01 -10.08
C VAL A 263 55.03 -7.36 -10.88
N MET A 264 55.70 -6.32 -11.38
CA MET A 264 56.81 -6.48 -12.33
C MET A 264 58.18 -6.45 -11.65
N VAL A 265 58.30 -7.01 -10.46
CA VAL A 265 59.61 -7.10 -9.81
C VAL A 265 60.55 -7.98 -10.63
N SER A 266 61.75 -7.49 -10.85
CA SER A 266 62.83 -8.30 -11.44
C SER A 266 64.15 -7.65 -11.12
N ARG A 267 64.94 -8.29 -10.25
CA ARG A 267 66.34 -7.94 -10.05
C ARG A 267 67.26 -9.07 -10.48
N ILE A 268 67.00 -10.29 -10.00
CA ILE A 268 67.58 -11.51 -10.54
C ILE A 268 66.44 -12.50 -10.78
N THR A 269 66.37 -13.04 -11.98
CA THR A 269 65.27 -13.94 -12.31
C THR A 269 65.68 -14.85 -13.46
N HIS A 270 64.90 -15.90 -13.63
CA HIS A 270 65.15 -16.87 -14.69
C HIS A 270 65.06 -16.21 -16.05
N THR A 271 65.91 -16.66 -16.97
CA THR A 271 65.99 -15.99 -18.26
C THR A 271 66.56 -16.94 -19.31
N ASN A 272 66.42 -16.51 -20.57
CA ASN A 272 66.87 -17.28 -21.72
C ASN A 272 68.39 -17.22 -21.84
N THR A 273 68.94 -18.16 -22.60
CA THR A 273 70.33 -18.06 -23.00
C THR A 273 70.57 -16.80 -23.82
N ARG A 274 69.64 -16.48 -24.71
CA ARG A 274 69.70 -15.20 -25.41
C ARG A 274 69.59 -14.04 -24.43
N GLY A 275 69.04 -14.30 -23.25
CA GLY A 275 68.97 -13.30 -22.21
C GLY A 275 67.55 -12.83 -21.98
N ARG A 276 66.62 -13.32 -22.78
CA ARG A 276 65.23 -12.90 -22.64
C ARG A 276 64.66 -13.34 -21.31
N GLN A 277 63.88 -12.48 -20.69
CA GLN A 277 63.31 -12.73 -19.38
C GLN A 277 62.11 -13.66 -19.51
N VAL A 278 62.19 -14.82 -18.86
CA VAL A 278 61.07 -15.76 -18.87
C VAL A 278 60.01 -15.16 -17.97
N ASP A 279 58.75 -15.52 -18.21
CA ASP A 279 57.64 -14.85 -17.54
C ASP A 279 56.57 -15.78 -17.01
N GLY A 280 56.63 -17.08 -17.24
CA GLY A 280 55.58 -17.92 -16.73
C GLY A 280 55.86 -19.39 -16.96
N VAL A 281 54.99 -20.21 -16.38
CA VAL A 281 55.14 -21.66 -16.39
C VAL A 281 53.80 -22.31 -16.68
N LEU A 282 53.87 -23.36 -17.50
CA LEU A 282 52.68 -24.11 -17.89
C LEU A 282 52.97 -25.59 -17.63
N VAL A 283 52.13 -26.20 -16.80
CA VAL A 283 52.32 -27.58 -16.37
C VAL A 283 51.38 -28.48 -17.12
N THR A 284 51.84 -29.70 -17.42
CA THR A 284 51.07 -30.66 -18.20
C THR A 284 51.25 -32.03 -17.56
N THR A 285 50.96 -33.07 -18.31
CA THR A 285 51.38 -34.42 -17.99
C THR A 285 52.17 -34.97 -19.16
N ALA A 286 52.65 -36.21 -19.00
CA ALA A 286 53.54 -36.80 -20.00
C ALA A 286 52.87 -36.86 -21.36
N THR A 287 51.62 -37.33 -21.41
CA THR A 287 50.90 -37.35 -22.67
C THR A 287 50.73 -35.95 -23.23
N LEU A 288 50.31 -35.02 -22.37
CA LEU A 288 50.14 -33.65 -22.83
C LEU A 288 51.46 -33.09 -23.33
N LYS A 289 52.54 -33.36 -22.59
CA LYS A 289 53.87 -32.96 -23.02
C LYS A 289 54.16 -33.47 -24.43
N ARG A 290 53.99 -34.76 -24.65
CA ARG A 290 54.40 -35.34 -25.93
C ARG A 290 53.56 -34.78 -27.07
N GLN A 291 52.25 -34.66 -26.88
CA GLN A 291 51.44 -34.24 -28.03
C GLN A 291 51.63 -32.75 -28.30
N LEU A 292 51.87 -31.95 -27.25
CA LEU A 292 52.15 -30.54 -27.47
C LEU A 292 53.49 -30.34 -28.15
N LEU A 293 54.49 -31.12 -27.76
CA LEU A 293 55.82 -30.92 -28.30
C LEU A 293 56.06 -31.65 -29.60
N GLN A 294 55.11 -32.50 -30.02
CA GLN A 294 55.24 -33.17 -31.31
C GLN A 294 55.39 -32.16 -32.44
N GLY A 295 54.31 -31.46 -32.77
CA GLY A 295 54.36 -30.49 -33.85
C GLY A 295 53.54 -29.24 -33.58
N ILE A 296 52.94 -29.16 -32.39
CA ILE A 296 52.02 -28.07 -32.10
C ILE A 296 52.80 -26.78 -31.85
N LEU A 297 53.74 -26.81 -30.92
CA LEU A 297 54.54 -25.64 -30.59
C LEU A 297 55.92 -25.74 -31.22
N GLN A 298 56.76 -24.75 -30.90
CA GLN A 298 58.15 -24.72 -31.31
C GLN A 298 59.03 -24.30 -30.15
N ILE A 299 60.24 -24.85 -30.11
CA ILE A 299 61.15 -24.59 -29.00
C ILE A 299 62.07 -23.42 -29.35
N ASP A 300 62.20 -22.49 -28.42
CA ASP A 300 63.17 -21.42 -28.56
C ASP A 300 64.53 -21.77 -27.94
N ASP A 301 64.51 -22.46 -26.81
CA ASP A 301 65.73 -22.77 -26.09
C ASP A 301 65.56 -24.09 -25.36
N THR A 302 66.67 -24.81 -25.21
CA THR A 302 66.68 -26.14 -24.60
C THR A 302 67.14 -26.13 -23.15
N ALA A 303 67.60 -25.00 -22.63
CA ALA A 303 68.01 -24.88 -21.25
C ALA A 303 67.81 -23.44 -20.81
N ALA A 304 67.79 -23.22 -19.51
CA ALA A 304 67.46 -21.91 -18.98
C ALA A 304 68.48 -21.47 -17.94
N ASP A 305 68.62 -20.16 -17.82
CA ASP A 305 69.42 -19.55 -16.76
C ASP A 305 68.56 -19.37 -15.53
N VAL A 306 69.04 -19.88 -14.40
CA VAL A 306 68.22 -19.95 -13.19
C VAL A 306 68.95 -19.35 -11.99
N PRO A 307 68.29 -18.53 -11.19
CA PRO A 307 68.87 -18.12 -9.91
C PRO A 307 69.01 -19.30 -8.96
N VAL A 308 70.08 -19.28 -8.19
CA VAL A 308 70.41 -20.36 -7.27
C VAL A 308 70.31 -19.93 -5.82
N THR A 309 70.35 -18.63 -5.54
CA THR A 309 70.30 -18.12 -4.18
C THR A 309 68.96 -17.43 -3.95
N TYR A 310 68.71 -17.09 -2.70
CA TYR A 310 67.46 -16.45 -2.30
C TYR A 310 67.56 -15.87 -0.90
N VAL A 314 73.06 -21.34 3.51
CA VAL A 314 72.81 -22.71 3.93
C VAL A 314 73.38 -22.97 5.32
N LEU A 315 73.86 -21.89 5.96
CA LEU A 315 74.38 -22.01 7.31
C LEU A 315 73.27 -22.37 8.30
N ASN A 316 72.10 -21.77 8.15
CA ASN A 316 71.00 -21.99 9.10
C ASN A 316 70.40 -23.39 8.99
N GLY A 317 70.42 -24.00 7.81
CA GLY A 317 69.90 -25.34 7.66
C GLY A 317 70.71 -26.43 8.33
N ALA A 318 71.97 -26.14 8.65
CA ALA A 318 72.82 -27.09 9.36
C ALA A 318 72.49 -27.17 10.85
N ASN A 319 71.73 -26.20 11.37
CA ASN A 319 71.36 -26.24 12.78
C ASN A 319 70.42 -27.40 13.07
N LEU A 320 69.67 -27.87 12.07
CA LEU A 320 68.79 -29.01 12.28
C LEU A 320 69.58 -30.28 12.59
N VAL A 321 70.65 -30.54 11.85
CA VAL A 321 71.45 -31.73 12.10
C VAL A 321 72.16 -31.66 13.46
N THR A 322 72.72 -30.50 13.81
CA THR A 322 73.37 -30.33 15.10
C THR A 322 72.41 -30.39 16.26
N ALA A 323 71.17 -29.94 16.09
CA ALA A 323 70.16 -30.04 17.13
C ALA A 323 69.41 -31.35 17.10
N LEU A 324 69.67 -32.21 16.12
CA LEU A 324 68.95 -33.47 16.02
C LEU A 324 69.39 -34.44 17.10
N VAL A 325 70.67 -34.85 17.06
CA VAL A 325 71.17 -35.80 18.05
C VAL A 325 71.32 -35.17 19.42
N MET A 326 71.30 -33.83 19.50
CA MET A 326 71.49 -33.17 20.79
C MET A 326 70.39 -33.53 21.77
N GLY A 327 69.14 -33.60 21.30
CA GLY A 327 68.04 -33.97 22.17
C GLY A 327 67.92 -35.45 22.44
N LYS A 328 68.66 -36.28 21.72
CA LYS A 328 68.54 -37.73 21.85
C LYS A 328 69.65 -38.34 22.69
N ALA A 329 70.89 -38.14 22.27
CA ALA A 329 72.03 -38.81 22.89
C ALA A 329 73.26 -37.91 22.76
N VAL A 330 74.44 -38.51 22.90
CA VAL A 330 75.70 -37.76 22.88
C VAL A 330 76.27 -37.73 21.48
N ARG A 331 75.43 -38.05 20.48
CA ARG A 331 75.86 -38.08 19.09
C ARG A 331 75.89 -36.70 18.44
N SER A 332 75.72 -35.63 19.22
CA SER A 332 75.72 -34.29 18.65
C SER A 332 77.05 -33.96 18.00
N LEU A 333 78.15 -34.30 18.69
CA LEU A 333 79.48 -34.12 18.10
C LEU A 333 79.73 -35.08 16.95
N ASP A 334 78.90 -36.11 16.78
CA ASP A 334 79.05 -37.04 15.68
C ASP A 334 78.01 -36.87 14.60
N ASP A 335 76.87 -36.24 14.91
CA ASP A 335 75.79 -36.12 13.93
C ASP A 335 76.25 -35.32 12.71
N VAL A 336 76.97 -34.22 12.93
CA VAL A 336 77.49 -33.44 11.82
C VAL A 336 78.86 -33.93 11.37
N GLY A 337 79.61 -34.59 12.26
CA GLY A 337 80.88 -35.16 11.84
C GLY A 337 80.75 -36.31 10.86
N VAL A 369 73.88 -14.56 -9.13
CA VAL A 369 74.52 -15.80 -9.56
C VAL A 369 73.49 -16.78 -10.12
N ASN A 370 73.74 -17.23 -11.34
CA ASN A 370 72.82 -18.10 -12.06
C ASN A 370 73.52 -19.38 -12.47
N ALA A 371 72.70 -20.34 -12.91
CA ALA A 371 73.20 -21.62 -13.39
C ALA A 371 72.49 -21.99 -14.68
N ARG A 372 73.16 -22.78 -15.51
CA ARG A 372 72.57 -23.32 -16.72
C ARG A 372 71.98 -24.69 -16.38
N VAL A 373 70.67 -24.82 -16.52
CA VAL A 373 69.99 -26.07 -16.21
C VAL A 373 69.11 -26.45 -17.39
N PRO A 374 69.15 -27.69 -17.85
CA PRO A 374 68.30 -28.11 -18.96
C PRO A 374 66.83 -28.03 -18.57
N ALA A 375 66.04 -27.35 -19.39
CA ALA A 375 64.62 -27.20 -19.14
C ALA A 375 63.93 -26.88 -20.47
N ASP A 376 62.62 -27.06 -20.48
CA ASP A 376 61.85 -26.86 -21.70
C ASP A 376 61.28 -25.45 -21.75
N LEU A 377 61.64 -24.71 -22.80
CA LEU A 377 61.19 -23.35 -23.00
C LEU A 377 60.49 -23.25 -24.34
N VAL A 378 59.38 -22.54 -24.38
CA VAL A 378 58.57 -22.47 -25.59
C VAL A 378 58.00 -21.06 -25.73
N ILE A 379 57.68 -20.70 -26.97
CA ILE A 379 57.04 -19.44 -27.29
C ILE A 379 55.61 -19.73 -27.70
N VAL A 380 54.67 -19.09 -27.04
CA VAL A 380 53.26 -19.18 -27.38
C VAL A 380 52.76 -17.78 -27.70
N GLY A 381 52.04 -17.66 -28.80
CA GLY A 381 51.61 -16.36 -29.25
C GLY A 381 52.80 -15.47 -29.53
N ASP A 382 53.05 -14.53 -28.63
CA ASP A 382 54.18 -13.63 -28.72
C ASP A 382 54.91 -13.55 -27.39
N LYS A 383 54.95 -14.65 -26.65
CA LYS A 383 55.47 -14.60 -25.29
C LYS A 383 56.19 -15.91 -24.98
N LEU A 384 57.04 -15.87 -23.96
CA LEU A 384 57.85 -17.01 -23.55
C LEU A 384 57.22 -17.69 -22.34
N VAL A 385 57.45 -18.99 -22.20
CA VAL A 385 56.94 -19.73 -21.05
C VAL A 385 57.69 -21.04 -20.93
N PHE A 386 57.98 -21.43 -19.69
CA PHE A 386 58.38 -22.80 -19.41
C PHE A 386 57.20 -23.72 -19.63
N LEU A 387 57.47 -24.91 -20.17
CA LEU A 387 56.43 -25.90 -20.41
C LEU A 387 56.93 -27.23 -19.88
N GLU A 388 56.41 -27.67 -18.75
CA GLU A 388 56.92 -28.85 -18.06
C GLU A 388 55.81 -29.81 -17.70
N ALA A 389 56.19 -31.07 -17.59
CA ALA A 389 55.32 -32.20 -17.29
C ALA A 389 55.93 -33.02 -16.17
N LEU A 390 56.26 -32.35 -15.07
CA LEU A 390 57.05 -32.99 -14.02
C LEU A 390 56.31 -34.20 -13.46
N GLU A 391 56.79 -35.38 -13.86
CA GLU A 391 56.25 -36.66 -13.43
C GLU A 391 57.31 -37.68 -13.10
N ARG A 392 58.50 -37.57 -13.67
CA ARG A 392 59.63 -38.43 -13.34
C ARG A 392 60.46 -37.85 -12.21
N ARG A 393 60.68 -36.53 -12.25
CA ARG A 393 61.45 -35.89 -11.20
C ARG A 393 60.77 -36.05 -9.86
N VAL A 394 59.44 -35.94 -9.84
CA VAL A 394 58.66 -36.02 -8.61
C VAL A 394 57.40 -36.81 -8.91
N TYR A 395 56.71 -37.19 -7.83
CA TYR A 395 55.47 -37.95 -7.86
C TYR A 395 55.63 -39.35 -8.42
N GLN A 396 56.84 -39.74 -8.81
CA GLN A 396 57.09 -41.05 -9.38
C GLN A 396 57.44 -42.03 -8.28
N ALA A 397 56.82 -43.21 -8.34
CA ALA A 397 57.08 -44.28 -7.38
C ALA A 397 56.90 -43.80 -5.94
N THR A 398 55.83 -43.04 -5.72
CA THR A 398 55.48 -42.58 -4.39
C THR A 398 54.01 -42.84 -4.15
N ARG A 399 53.66 -43.02 -2.87
CA ARG A 399 52.28 -43.35 -2.54
C ARG A 399 51.31 -42.20 -2.83
N VAL A 400 51.81 -40.98 -2.97
CA VAL A 400 50.90 -39.86 -3.21
C VAL A 400 50.56 -39.79 -4.69
N ALA A 401 49.28 -39.53 -4.99
CA ALA A 401 48.84 -39.41 -6.36
C ALA A 401 49.13 -38.00 -6.88
N TYR A 402 49.26 -37.91 -8.19
CA TYR A 402 49.56 -36.64 -8.82
C TYR A 402 48.29 -35.84 -9.09
N PRO A 403 48.26 -34.56 -8.76
CA PRO A 403 47.09 -33.72 -9.04
C PRO A 403 46.94 -33.45 -10.52
N LEU A 404 45.96 -32.62 -10.88
CA LEU A 404 45.64 -32.23 -12.25
C LEU A 404 44.96 -33.35 -13.02
N ILE A 405 44.64 -34.46 -12.36
CA ILE A 405 43.86 -35.54 -12.96
C ILE A 405 42.54 -35.58 -12.19
N GLY A 406 42.07 -34.42 -11.78
CA GLY A 406 40.81 -34.30 -11.05
C GLY A 406 39.61 -34.89 -11.77
N ASN A 407 38.44 -34.72 -11.18
CA ASN A 407 37.22 -35.34 -11.68
C ASN A 407 36.19 -34.28 -12.05
N ILE A 408 35.36 -34.61 -13.03
CA ILE A 408 34.33 -33.69 -13.51
C ILE A 408 32.98 -34.38 -13.43
N ASP A 409 32.01 -33.67 -12.87
CA ASP A 409 30.65 -34.18 -12.72
C ASP A 409 29.79 -33.69 -13.87
N ILE A 410 28.95 -34.58 -14.41
CA ILE A 410 28.06 -34.25 -15.51
C ILE A 410 26.66 -34.71 -15.15
N THR A 411 25.69 -33.81 -15.28
CA THR A 411 24.30 -34.10 -14.98
C THR A 411 23.59 -34.37 -16.30
N PHE A 412 23.28 -35.64 -16.55
CA PHE A 412 22.52 -36.00 -17.74
C PHE A 412 21.04 -35.97 -17.43
N ILE A 413 20.29 -35.36 -18.35
CA ILE A 413 18.84 -35.27 -18.26
C ILE A 413 18.25 -36.11 -19.36
N MET A 414 17.11 -36.76 -19.09
CA MET A 414 16.70 -37.73 -20.07
C MET A 414 15.19 -37.93 -20.01
N PRO A 415 14.46 -37.60 -21.08
CA PRO A 415 13.05 -37.97 -21.15
C PRO A 415 12.90 -39.45 -21.45
N MET A 416 11.88 -40.07 -20.87
CA MET A 416 11.77 -41.52 -20.92
C MET A 416 10.42 -42.02 -21.43
N GLY A 417 9.32 -41.41 -21.02
CA GLY A 417 8.02 -41.94 -21.40
C GLY A 417 7.08 -40.90 -21.98
N VAL A 418 7.65 -39.91 -22.65
CA VAL A 418 6.90 -38.76 -23.13
C VAL A 418 6.09 -39.13 -24.36
N PHE A 419 5.21 -38.22 -24.77
CA PHE A 419 4.41 -38.39 -25.97
C PHE A 419 4.10 -37.04 -26.57
N GLN A 420 4.24 -36.93 -27.89
CA GLN A 420 3.91 -35.70 -28.59
C GLN A 420 2.40 -35.66 -28.81
N ALA A 421 1.74 -34.66 -28.22
CA ALA A 421 0.29 -34.60 -28.29
C ALA A 421 -0.17 -34.24 -29.69
N ASN A 422 0.44 -33.21 -30.28
CA ASN A 422 -0.06 -32.68 -31.53
C ASN A 422 0.13 -33.68 -32.66
N SER A 423 -0.98 -34.05 -33.31
CA SER A 423 -0.90 -34.90 -34.50
C SER A 423 -0.23 -34.17 -35.65
N MET A 424 -0.25 -32.83 -35.64
CA MET A 424 0.48 -32.06 -36.62
C MET A 424 1.98 -32.34 -36.50
N ASP A 425 2.44 -32.67 -35.30
CA ASP A 425 3.83 -33.05 -35.04
C ASP A 425 4.04 -34.56 -35.27
N ARG A 426 2.96 -35.30 -35.49
CA ARG A 426 3.06 -36.75 -35.73
C ARG A 426 3.13 -37.00 -37.23
N TYR A 427 4.18 -36.45 -37.83
CA TYR A 427 4.42 -36.51 -39.27
C TYR A 427 5.53 -37.51 -39.56
N THR A 428 5.47 -38.13 -40.73
CA THR A 428 6.53 -39.02 -41.16
C THR A 428 7.50 -38.28 -42.08
N ARG A 429 8.79 -38.55 -41.90
CA ARG A 429 9.78 -38.00 -42.82
C ARG A 429 9.58 -38.56 -44.23
N HIS A 430 9.29 -39.85 -44.34
CA HIS A 430 8.96 -40.48 -45.61
C HIS A 430 7.94 -41.57 -45.34
N ALA A 431 7.24 -41.97 -46.40
CA ALA A 431 6.15 -42.93 -46.27
C ALA A 431 6.63 -44.27 -45.74
N GLY A 432 7.48 -44.95 -46.51
CA GLY A 432 7.93 -46.27 -46.12
C GLY A 432 9.25 -46.29 -45.39
N ASP A 433 9.29 -45.70 -44.19
CA ASP A 433 10.54 -45.69 -43.44
C ASP A 433 10.71 -46.98 -42.65
N PHE A 434 9.87 -47.18 -41.61
CA PHE A 434 9.91 -48.37 -40.75
C PHE A 434 8.50 -48.96 -40.71
N SER A 435 8.27 -49.94 -41.57
CA SER A 435 6.98 -50.61 -41.67
C SER A 435 7.14 -52.09 -41.33
N THR A 436 6.00 -52.75 -41.12
CA THR A 436 5.96 -54.17 -40.79
C THR A 436 5.01 -54.89 -41.75
N VAL A 437 4.74 -56.16 -41.44
CA VAL A 437 3.83 -56.96 -42.25
C VAL A 437 2.40 -56.96 -41.73
N SER A 438 2.19 -56.58 -40.47
CA SER A 438 0.85 -56.51 -39.91
C SER A 438 0.12 -55.28 -40.45
N GLU A 439 -1.22 -55.36 -40.42
CA GLU A 439 -2.03 -54.27 -40.96
C GLU A 439 -1.81 -52.97 -40.18
N GLN A 440 -1.72 -53.07 -38.85
CA GLN A 440 -1.60 -51.89 -38.02
C GLN A 440 -0.15 -51.69 -37.60
N ASP A 441 0.34 -50.47 -37.73
CA ASP A 441 1.69 -50.13 -37.33
C ASP A 441 1.84 -50.22 -35.81
N PRO A 442 2.76 -51.00 -35.30
CA PRO A 442 3.03 -50.94 -33.85
C PRO A 442 3.97 -49.80 -33.52
N ARG A 443 3.71 -48.63 -34.10
CA ARG A 443 4.48 -47.44 -33.80
C ARG A 443 3.61 -46.23 -33.48
N GLN A 444 2.32 -46.28 -33.82
CA GLN A 444 1.40 -45.26 -33.35
C GLN A 444 1.32 -45.24 -31.83
N PHE A 445 1.57 -46.37 -31.19
CA PHE A 445 1.43 -46.46 -29.76
C PHE A 445 2.47 -45.60 -29.06
N PRO A 446 2.15 -45.04 -27.90
CA PRO A 446 3.13 -44.24 -27.18
C PRO A 446 4.30 -45.10 -26.75
N PRO A 447 5.49 -44.52 -26.65
CA PRO A 447 6.65 -45.31 -26.23
C PRO A 447 6.51 -45.74 -24.78
N GLN A 448 7.05 -46.92 -24.48
CA GLN A 448 7.01 -47.46 -23.13
C GLN A 448 8.40 -47.52 -22.50
N GLY A 449 9.43 -47.10 -23.22
CA GLY A 449 10.77 -47.16 -22.68
C GLY A 449 11.71 -46.35 -23.55
N ILE A 450 12.97 -46.33 -23.14
CA ILE A 450 14.01 -45.61 -23.85
C ILE A 450 15.27 -46.46 -23.90
N PHE A 451 16.12 -46.18 -24.88
CA PHE A 451 17.34 -46.92 -25.15
C PHE A 451 18.50 -45.95 -25.11
N PHE A 452 19.65 -46.40 -24.62
CA PHE A 452 20.84 -45.54 -24.69
C PHE A 452 22.11 -46.37 -24.51
N TYR A 453 23.23 -45.79 -24.88
CA TYR A 453 24.51 -46.48 -24.87
C TYR A 453 25.18 -46.39 -23.50
N ASN A 454 25.71 -47.53 -23.05
CA ASN A 454 26.37 -47.59 -21.75
C ASN A 454 27.82 -47.12 -21.83
N LYS A 455 28.57 -47.39 -20.78
CA LYS A 455 29.97 -46.97 -20.72
C LYS A 455 30.73 -47.38 -21.96
N ASP A 456 30.50 -48.59 -22.44
CA ASP A 456 31.16 -49.07 -23.65
C ASP A 456 30.21 -49.05 -24.85
N GLY A 457 29.15 -48.26 -24.78
CA GLY A 457 28.31 -48.01 -25.93
C GLY A 457 27.37 -49.14 -26.33
N ILE A 458 27.01 -50.02 -25.41
CA ILE A 458 26.08 -51.10 -25.69
C ILE A 458 24.69 -50.62 -25.31
N LEU A 459 23.73 -50.82 -26.21
CA LEU A 459 22.37 -50.36 -26.01
C LEU A 459 21.77 -50.96 -24.74
N THR A 460 21.06 -50.11 -23.97
CA THR A 460 20.44 -50.51 -22.73
C THR A 460 19.07 -49.88 -22.61
N GLN A 461 18.34 -50.35 -21.60
CA GLN A 461 16.91 -50.22 -21.45
C GLN A 461 16.55 -49.42 -20.21
N LEU A 462 15.63 -48.47 -20.39
CA LEU A 462 14.94 -47.85 -19.26
C LEU A 462 13.46 -47.99 -19.50
N THR A 463 12.75 -48.63 -18.60
CA THR A 463 11.32 -48.81 -18.75
C THR A 463 10.59 -48.39 -17.50
N LEU A 464 9.26 -48.37 -17.59
CA LEU A 464 8.45 -47.94 -16.46
C LEU A 464 8.61 -48.88 -15.28
N ARG A 465 8.92 -50.14 -15.52
CA ARG A 465 9.17 -51.05 -14.41
C ARG A 465 10.32 -50.54 -13.55
N ASP A 466 11.29 -49.88 -14.17
CA ASP A 466 12.35 -49.24 -13.40
C ASP A 466 11.78 -48.13 -12.53
N ALA A 467 10.85 -47.35 -13.07
CA ALA A 467 10.21 -46.30 -12.28
C ALA A 467 9.41 -46.86 -11.11
N MET A 468 8.90 -48.08 -11.24
CA MET A 468 8.10 -48.68 -10.18
C MET A 468 8.85 -48.69 -8.86
N GLY A 469 10.18 -48.78 -8.90
CA GLY A 469 10.96 -48.81 -7.67
C GLY A 469 10.89 -47.54 -6.86
N THR A 470 10.37 -46.46 -7.41
CA THR A 470 10.21 -45.23 -6.66
C THR A 470 8.80 -44.66 -6.71
N ILE A 471 8.10 -44.80 -7.83
CA ILE A 471 6.78 -44.20 -7.94
C ILE A 471 5.72 -45.00 -7.21
N CYS A 472 6.00 -46.25 -6.87
CA CYS A 472 5.03 -47.05 -6.17
C CYS A 472 5.10 -46.88 -4.66
N HIS A 473 6.05 -46.09 -4.17
CA HIS A 473 6.23 -45.94 -2.73
C HIS A 473 5.08 -45.19 -2.11
N SER A 474 4.97 -45.32 -0.77
CA SER A 474 4.00 -44.60 0.03
C SER A 474 4.17 -43.10 -0.05
N SER A 475 5.34 -42.60 -0.41
CA SER A 475 5.59 -41.17 -0.37
C SER A 475 4.63 -40.37 -1.23
N LEU A 476 4.02 -41.02 -2.23
CA LEU A 476 3.06 -40.33 -3.09
C LEU A 476 1.86 -39.82 -2.33
N LEU A 477 1.62 -40.30 -1.11
CA LEU A 477 0.46 -39.91 -0.33
C LEU A 477 0.86 -39.18 0.94
N ASP A 478 1.74 -38.19 0.81
CA ASP A 478 2.19 -37.43 1.96
C ASP A 478 1.77 -35.97 1.85
N VAL A 479 0.53 -35.73 1.42
CA VAL A 479 0.07 -34.37 1.15
C VAL A 479 -0.29 -33.61 2.41
N GLU A 480 -0.11 -34.21 3.59
CA GLU A 480 -0.55 -33.56 4.83
C GLU A 480 0.11 -32.21 5.00
N ALA A 481 1.45 -32.18 4.96
CA ALA A 481 2.16 -30.92 5.08
C ALA A 481 1.81 -29.97 3.95
N THR A 482 1.48 -30.52 2.78
CA THR A 482 1.03 -29.67 1.69
C THR A 482 -0.26 -28.96 2.03
N LEU A 483 -1.24 -29.69 2.60
CA LEU A 483 -2.44 -29.02 3.07
C LEU A 483 -2.13 -27.99 4.14
N VAL A 484 -1.20 -28.32 5.04
CA VAL A 484 -0.81 -27.38 6.08
C VAL A 484 -0.32 -26.08 5.45
N ALA A 485 0.59 -26.18 4.50
CA ALA A 485 1.15 -24.98 3.87
C ALA A 485 0.08 -24.23 3.09
N LEU A 486 -0.72 -24.95 2.31
CA LEU A 486 -1.72 -24.28 1.47
C LEU A 486 -2.84 -23.66 2.26
N ARG A 487 -3.02 -24.03 3.53
CA ARG A 487 -4.10 -23.40 4.28
C ARG A 487 -3.77 -21.98 4.72
N GLN A 488 -2.52 -21.53 4.55
CA GLN A 488 -2.08 -20.25 5.11
C GLN A 488 -1.94 -19.16 4.06
N GLN A 489 -2.74 -19.18 3.00
CA GLN A 489 -2.67 -18.14 1.99
C GLN A 489 -4.01 -17.42 1.87
N HIS A 490 -3.94 -16.21 1.33
CA HIS A 490 -5.12 -15.37 1.16
C HIS A 490 -6.06 -16.07 0.18
N LEU A 491 -7.16 -16.58 0.70
CA LEU A 491 -8.09 -17.37 -0.09
C LEU A 491 -9.42 -16.64 -0.17
N ASP A 492 -9.96 -16.54 -1.38
CA ASP A 492 -11.20 -15.84 -1.65
C ASP A 492 -12.35 -16.83 -1.82
N ARG A 493 -13.57 -16.33 -1.60
CA ARG A 493 -14.74 -17.20 -1.63
C ARG A 493 -15.03 -17.64 -3.05
N GLN A 494 -15.75 -18.74 -3.18
CA GLN A 494 -16.18 -19.25 -4.47
C GLN A 494 -17.49 -19.99 -4.28
N CYS A 495 -18.17 -20.25 -5.39
CA CYS A 495 -19.38 -21.05 -5.34
C CYS A 495 -19.03 -22.46 -4.88
N TYR A 496 -19.94 -23.06 -4.12
CA TYR A 496 -19.74 -24.38 -3.56
C TYR A 496 -20.51 -25.46 -4.31
N PHE A 497 -20.88 -25.19 -5.56
CA PHE A 497 -21.67 -26.15 -6.32
C PHE A 497 -20.95 -27.49 -6.48
N GLY A 498 -19.63 -27.47 -6.49
CA GLY A 498 -18.86 -28.68 -6.73
C GLY A 498 -18.19 -29.31 -5.53
N VAL A 499 -18.47 -28.86 -4.31
CA VAL A 499 -17.78 -29.41 -3.15
C VAL A 499 -18.77 -29.81 -2.07
N TYR A 500 -19.98 -29.26 -2.12
CA TYR A 500 -20.96 -29.46 -1.06
C TYR A 500 -21.82 -30.67 -1.36
N VAL A 501 -22.07 -31.47 -0.33
CA VAL A 501 -22.91 -32.65 -0.45
C VAL A 501 -24.00 -32.58 0.62
N ALA A 502 -25.24 -32.76 0.20
CA ALA A 502 -26.39 -32.69 1.09
C ALA A 502 -26.98 -34.08 1.29
N GLU A 503 -28.10 -34.13 2.00
CA GLU A 503 -28.78 -35.37 2.33
C GLU A 503 -30.23 -35.33 1.84
N GLY A 504 -30.79 -36.51 1.63
CA GLY A 504 -32.17 -36.62 1.18
C GLY A 504 -33.14 -35.96 2.13
N THR A 505 -34.13 -35.25 1.59
CA THR A 505 -35.07 -34.48 2.39
C THR A 505 -36.44 -35.15 2.44
N GLU A 506 -36.46 -36.47 2.28
CA GLU A 506 -37.67 -37.27 2.46
C GLU A 506 -38.80 -36.78 1.56
N ASP A 507 -38.57 -36.87 0.25
CA ASP A 507 -39.51 -36.35 -0.73
C ASP A 507 -39.53 -37.27 -1.94
N THR A 508 -40.22 -36.82 -2.99
CA THR A 508 -40.34 -37.55 -4.24
C THR A 508 -39.34 -37.06 -5.30
N LEU A 509 -38.34 -36.26 -4.88
CA LEU A 509 -37.28 -35.79 -5.75
C LEU A 509 -37.82 -34.79 -6.78
N ASP A 510 -39.14 -34.65 -6.86
CA ASP A 510 -39.73 -33.64 -7.72
C ASP A 510 -39.55 -32.26 -7.11
N VAL A 511 -40.06 -32.08 -5.89
CA VAL A 511 -39.85 -30.84 -5.17
C VAL A 511 -38.37 -30.64 -4.88
N GLN A 512 -37.64 -31.73 -4.64
CA GLN A 512 -36.24 -31.61 -4.26
C GLN A 512 -35.43 -30.97 -5.38
N MET A 513 -35.51 -31.55 -6.58
CA MET A 513 -34.73 -31.02 -7.68
C MET A 513 -35.24 -29.67 -8.13
N GLY A 514 -36.55 -29.46 -8.08
CA GLY A 514 -37.08 -28.16 -8.46
C GLY A 514 -36.56 -27.06 -7.56
N ARG A 515 -36.63 -27.29 -6.24
CA ARG A 515 -36.13 -26.32 -5.29
C ARG A 515 -34.64 -26.09 -5.48
N PHE A 516 -33.90 -27.18 -5.70
CA PHE A 516 -32.48 -27.06 -6.02
C PHE A 516 -32.29 -26.24 -7.29
N MET A 517 -33.25 -26.32 -8.21
CA MET A 517 -33.12 -25.58 -9.45
C MET A 517 -33.18 -24.09 -9.20
N GLU A 518 -34.19 -23.61 -8.46
CA GLU A 518 -34.18 -22.15 -8.25
C GLU A 518 -33.05 -21.76 -7.31
N THR A 519 -32.64 -22.67 -6.42
CA THR A 519 -31.52 -22.37 -5.55
C THR A 519 -30.25 -22.17 -6.36
N TRP A 520 -30.05 -22.98 -7.38
CA TRP A 520 -28.90 -22.88 -8.26
C TRP A 520 -28.95 -21.65 -9.15
N ALA A 521 -30.11 -20.99 -9.24
CA ALA A 521 -30.19 -19.79 -10.06
C ALA A 521 -29.31 -18.68 -9.52
N ASP A 522 -29.33 -18.46 -8.21
CA ASP A 522 -28.53 -17.40 -7.60
C ASP A 522 -27.32 -17.93 -6.85
N MET A 523 -27.15 -19.26 -6.79
CA MET A 523 -26.01 -19.84 -6.11
C MET A 523 -24.71 -19.60 -6.85
N MET A 524 -24.77 -19.21 -8.11
CA MET A 524 -23.57 -19.04 -8.91
C MET A 524 -23.18 -17.57 -8.91
N PRO A 525 -22.17 -17.15 -8.14
CA PRO A 525 -21.76 -15.75 -8.14
C PRO A 525 -20.71 -15.41 -9.19
N HIS A 526 -20.11 -16.40 -9.84
CA HIS A 526 -19.04 -16.16 -10.77
C HIS A 526 -18.88 -17.40 -11.65
N HIS A 527 -17.89 -17.38 -12.52
CA HIS A 527 -17.63 -18.53 -13.39
C HIS A 527 -16.96 -19.64 -12.60
N PRO A 528 -17.52 -20.84 -12.53
CA PRO A 528 -16.86 -21.92 -11.80
C PRO A 528 -15.50 -22.24 -12.40
N HIS A 529 -14.56 -22.58 -11.53
CA HIS A 529 -13.19 -22.81 -11.96
C HIS A 529 -13.04 -24.05 -12.82
N TRP A 530 -13.90 -25.06 -12.62
CA TRP A 530 -13.74 -26.35 -13.27
C TRP A 530 -14.57 -26.45 -14.54
N VAL A 531 -14.75 -25.33 -15.25
CA VAL A 531 -15.53 -25.33 -16.48
C VAL A 531 -14.66 -25.23 -17.72
N ASN A 532 -13.55 -24.51 -17.66
CA ASN A 532 -12.68 -24.32 -18.82
C ASN A 532 -11.69 -25.47 -18.89
N GLU A 533 -12.19 -26.64 -19.28
CA GLU A 533 -11.33 -27.76 -19.60
C GLU A 533 -11.01 -27.83 -21.08
N HIS A 534 -11.74 -27.07 -21.90
CA HIS A 534 -11.45 -26.90 -23.31
C HIS A 534 -10.11 -26.21 -23.56
N LEU A 535 -9.54 -25.58 -22.56
CA LEU A 535 -8.26 -24.93 -22.72
C LEU A 535 -7.16 -25.95 -23.04
N THR A 536 -6.25 -25.56 -23.93
CA THR A 536 -5.13 -26.41 -24.26
C THR A 536 -4.00 -26.22 -23.25
N ILE A 537 -2.89 -26.91 -23.51
CA ILE A 537 -1.77 -26.93 -22.56
C ILE A 537 -1.23 -25.53 -22.32
N LEU A 538 -1.16 -24.71 -23.37
CA LEU A 538 -0.36 -23.49 -23.30
C LEU A 538 -0.95 -22.48 -22.33
N GLN A 539 -2.13 -21.95 -22.63
CA GLN A 539 -2.72 -20.99 -21.72
C GLN A 539 -2.96 -21.61 -20.35
N PHE A 540 -3.14 -22.93 -20.29
CA PHE A 540 -3.25 -23.59 -19.00
C PHE A 540 -2.00 -23.40 -18.17
N ILE A 541 -0.83 -23.70 -18.73
CA ILE A 541 0.39 -23.53 -17.98
C ILE A 541 0.82 -22.07 -17.95
N ALA A 542 0.07 -21.20 -18.61
CA ALA A 542 0.36 -19.78 -18.52
C ALA A 542 0.13 -19.28 -17.10
N PRO A 543 0.94 -18.35 -16.60
CA PRO A 543 0.79 -17.90 -15.22
C PRO A 543 -0.54 -17.25 -14.91
N SER A 544 -1.31 -16.86 -15.93
CA SER A 544 -2.59 -16.22 -15.68
C SER A 544 -3.58 -17.17 -15.00
N ASN A 545 -3.55 -18.45 -15.33
CA ASN A 545 -4.50 -19.38 -14.73
C ASN A 545 -4.16 -19.57 -13.26
N PRO A 546 -5.07 -19.24 -12.35
CA PRO A 546 -4.82 -19.54 -10.94
C PRO A 546 -4.70 -21.01 -10.64
N ARG A 547 -5.38 -21.87 -11.41
CA ARG A 547 -5.52 -23.26 -11.02
C ARG A 547 -4.15 -23.92 -10.80
N LEU A 548 -3.10 -23.35 -11.38
CA LEU A 548 -1.78 -23.94 -11.27
C LEU A 548 -1.31 -24.01 -9.82
N ARG A 549 -1.53 -22.94 -9.06
CA ARG A 549 -1.09 -22.98 -7.67
C ARG A 549 -1.90 -23.98 -6.86
N PHE A 550 -2.98 -24.50 -7.42
CA PHE A 550 -3.72 -25.61 -6.82
C PHE A 550 -3.52 -26.92 -7.57
N GLU A 551 -2.56 -26.98 -8.49
CA GLU A 551 -2.18 -28.23 -9.14
C GLU A 551 -0.80 -28.60 -8.61
N LEU A 552 -0.73 -29.65 -7.80
CA LEU A 552 0.48 -29.91 -7.04
C LEU A 552 0.93 -31.36 -7.13
N ASN A 553 -0.03 -32.26 -7.31
CA ASN A 553 0.23 -33.69 -7.19
C ASN A 553 -0.59 -34.44 -8.22
N PRO A 554 0.05 -35.28 -9.04
CA PRO A 554 -0.72 -36.08 -10.01
C PRO A 554 -1.71 -37.02 -9.36
N ALA A 555 -1.60 -37.27 -8.05
CA ALA A 555 -2.47 -38.23 -7.39
C ALA A 555 -3.70 -37.60 -6.77
N PHE A 556 -3.83 -36.28 -6.79
CA PHE A 556 -4.93 -35.62 -6.09
C PHE A 556 -5.32 -34.35 -6.83
N ASP A 557 -6.52 -33.87 -6.52
CA ASP A 557 -6.94 -32.54 -6.92
C ASP A 557 -7.10 -31.69 -5.68
N PHE A 558 -6.77 -30.40 -5.81
CA PHE A 558 -6.91 -29.46 -4.71
C PHE A 558 -7.97 -28.43 -5.09
N PHE A 559 -8.69 -27.94 -4.09
CA PHE A 559 -9.86 -27.11 -4.34
C PHE A 559 -10.22 -26.39 -3.04
N VAL A 560 -11.21 -25.51 -3.13
CA VAL A 560 -11.68 -24.71 -2.01
C VAL A 560 -13.02 -25.27 -1.55
N ALA A 561 -13.16 -25.46 -0.25
CA ALA A 561 -14.34 -26.08 0.34
C ALA A 561 -14.69 -25.37 1.63
N PRO A 562 -15.93 -25.48 2.08
CA PRO A 562 -16.29 -24.91 3.39
C PRO A 562 -15.48 -25.55 4.50
N GLY A 563 -15.12 -24.74 5.48
CA GLY A 563 -14.45 -25.24 6.67
C GLY A 563 -15.44 -25.56 7.76
N ASP A 564 -15.00 -26.41 8.69
CA ASP A 564 -15.78 -26.76 9.88
C ASP A 564 -17.15 -27.35 9.50
N VAL A 565 -17.18 -28.13 8.42
CA VAL A 565 -18.41 -28.74 7.96
C VAL A 565 -18.17 -30.22 7.72
N ASP A 566 -18.98 -31.06 8.34
CA ASP A 566 -18.94 -32.48 8.09
C ASP A 566 -19.66 -32.80 6.79
N LEU A 567 -19.15 -33.75 6.06
CA LEU A 567 -19.83 -34.13 4.82
C LEU A 567 -20.37 -35.55 4.94
N PRO A 568 -21.65 -35.78 4.60
CA PRO A 568 -22.58 -34.81 4.02
C PRO A 568 -23.07 -33.79 5.04
N GLY A 569 -23.47 -32.62 4.57
CA GLY A 569 -23.89 -31.57 5.46
C GLY A 569 -25.31 -31.12 5.20
N PRO A 570 -25.82 -30.24 6.06
CA PRO A 570 -27.18 -29.74 5.87
C PRO A 570 -27.31 -29.02 4.55
N GLN A 571 -28.47 -29.18 3.92
CA GLN A 571 -28.62 -28.76 2.54
C GLN A 571 -28.36 -27.26 2.38
N ARG A 572 -28.86 -26.45 3.30
CA ARG A 572 -28.52 -25.04 3.27
C ARG A 572 -27.03 -24.94 3.54
N PRO A 573 -26.24 -24.37 2.63
CA PRO A 573 -24.80 -24.29 2.85
C PRO A 573 -24.48 -23.24 3.91
N PRO A 574 -23.97 -23.66 5.06
CA PRO A 574 -23.73 -22.71 6.13
C PRO A 574 -22.60 -21.76 5.79
N GLU A 575 -22.64 -20.59 6.40
CA GLU A 575 -21.51 -19.68 6.30
C GLU A 575 -20.31 -20.30 7.00
N ALA A 576 -19.16 -20.27 6.32
CA ALA A 576 -17.93 -20.79 6.90
C ALA A 576 -16.75 -20.12 6.20
N MET A 577 -15.64 -20.10 6.89
CA MET A 577 -14.41 -19.57 6.31
C MET A 577 -13.93 -20.56 5.27
N PRO A 578 -13.80 -20.16 4.01
CA PRO A 578 -13.44 -21.13 2.96
C PRO A 578 -12.00 -21.59 3.11
N THR A 579 -11.82 -22.90 3.29
CA THR A 579 -10.51 -23.50 3.43
C THR A 579 -10.19 -24.29 2.16
N VAL A 580 -9.04 -24.96 2.17
CA VAL A 580 -8.57 -25.75 1.05
C VAL A 580 -8.63 -27.22 1.43
N ASN A 581 -9.13 -28.04 0.51
CA ASN A 581 -9.16 -29.48 0.69
C ASN A 581 -8.76 -30.16 -0.61
N ALA A 582 -8.65 -31.49 -0.53
CA ALA A 582 -8.16 -32.30 -1.63
C ALA A 582 -9.03 -33.52 -1.80
N THR A 583 -8.99 -34.07 -3.01
CA THR A 583 -9.72 -35.29 -3.35
C THR A 583 -8.79 -36.21 -4.11
N LEU A 584 -9.10 -37.51 -4.06
CA LEU A 584 -8.28 -38.52 -4.68
C LEU A 584 -8.55 -38.64 -6.17
N ARG A 585 -7.49 -38.75 -6.94
CA ARG A 585 -7.57 -39.06 -8.37
C ARG A 585 -7.54 -40.57 -8.50
N ILE A 586 -8.69 -41.21 -8.27
CA ILE A 586 -8.74 -42.66 -8.32
C ILE A 586 -8.40 -43.15 -9.72
N ILE A 587 -9.12 -42.67 -10.70
CA ILE A 587 -8.90 -43.05 -12.09
C ILE A 587 -7.86 -42.13 -12.69
N ASN A 588 -6.97 -42.68 -13.53
CA ASN A 588 -5.99 -41.84 -14.20
C ASN A 588 -6.67 -40.73 -14.99
N GLY A 589 -7.86 -41.00 -15.51
CA GLY A 589 -8.63 -39.99 -16.20
C GLY A 589 -9.08 -38.84 -15.34
N ASN A 590 -8.99 -38.98 -14.01
CA ASN A 590 -9.32 -37.84 -13.15
C ASN A 590 -8.37 -36.67 -13.36
N ILE A 591 -7.23 -36.89 -13.99
CA ILE A 591 -6.36 -35.76 -14.35
C ILE A 591 -7.10 -34.86 -15.34
N PRO A 592 -6.99 -33.54 -15.24
CA PRO A 592 -7.58 -32.68 -16.25
C PRO A 592 -6.97 -32.92 -17.62
N VAL A 593 -7.79 -32.76 -18.64
CA VAL A 593 -7.43 -33.08 -20.03
C VAL A 593 -6.25 -32.27 -20.57
N PRO A 594 -5.93 -31.06 -20.08
CA PRO A 594 -4.71 -30.42 -20.60
C PRO A 594 -3.47 -31.26 -20.41
N LEU A 595 -3.41 -32.03 -19.34
CA LEU A 595 -2.26 -32.89 -19.09
C LEU A 595 -2.42 -34.28 -19.71
N CYS A 596 -3.62 -34.67 -20.09
CA CYS A 596 -3.87 -35.94 -20.76
C CYS A 596 -4.55 -35.64 -22.09
N PRO A 597 -3.79 -35.51 -23.16
CA PRO A 597 -4.39 -35.16 -24.45
C PRO A 597 -5.37 -36.22 -24.92
N ILE A 598 -6.38 -35.74 -25.64
CA ILE A 598 -7.38 -36.63 -26.21
C ILE A 598 -6.71 -37.58 -27.19
N SER A 599 -5.80 -37.06 -28.00
CA SER A 599 -5.06 -37.90 -28.94
C SER A 599 -4.32 -39.01 -28.20
N PHE A 600 -3.74 -38.68 -27.04
CA PHE A 600 -3.10 -39.70 -26.22
C PHE A 600 -4.09 -40.78 -25.83
N ARG A 601 -5.27 -40.38 -25.38
CA ARG A 601 -6.26 -41.36 -24.97
C ARG A 601 -6.67 -42.26 -26.13
N ASP A 602 -6.88 -41.66 -27.30
CA ASP A 602 -7.24 -42.45 -28.46
C ASP A 602 -6.13 -43.43 -28.83
N CYS A 603 -4.88 -42.98 -28.81
CA CYS A 603 -3.80 -43.85 -29.21
C CYS A 603 -3.60 -44.99 -28.22
N ARG A 604 -3.68 -44.69 -26.92
CA ARG A 604 -3.52 -45.75 -25.93
C ARG A 604 -4.66 -46.74 -26.01
N GLY A 605 -5.88 -46.26 -26.27
CA GLY A 605 -6.97 -47.19 -26.52
C GLY A 605 -6.73 -48.04 -27.74
N THR A 606 -6.20 -47.43 -28.80
CA THR A 606 -5.91 -48.18 -30.02
C THR A 606 -4.93 -49.31 -29.73
N GLN A 607 -3.89 -49.01 -28.95
CA GLN A 607 -2.98 -50.07 -28.53
C GLN A 607 -3.71 -51.14 -27.72
N LEU A 608 -4.58 -50.70 -26.81
CA LEU A 608 -5.32 -51.67 -26.01
C LEU A 608 -6.24 -52.51 -26.88
N GLY A 609 -6.91 -51.88 -27.83
CA GLY A 609 -7.76 -52.64 -28.73
C GLY A 609 -7.01 -53.11 -29.96
N LEU A 610 -5.83 -53.67 -29.75
CA LEU A 610 -5.01 -54.07 -30.89
C LEU A 610 -5.57 -55.31 -31.58
N GLY A 611 -5.63 -56.42 -30.87
CA GLY A 611 -6.06 -57.66 -31.48
C GLY A 611 -7.43 -58.10 -31.03
N ARG A 612 -8.13 -57.22 -30.32
CA ARG A 612 -9.38 -57.61 -29.69
C ARG A 612 -10.56 -57.38 -30.63
N HIS A 613 -11.73 -57.85 -30.21
CA HIS A 613 -12.89 -57.86 -31.09
C HIS A 613 -13.43 -56.45 -31.30
N THR A 614 -14.07 -56.25 -32.46
CA THR A 614 -14.78 -55.02 -32.79
C THR A 614 -16.14 -55.37 -33.40
N MET A 615 -17.06 -54.43 -33.35
CA MET A 615 -18.40 -54.62 -33.88
C MET A 615 -18.40 -54.44 -35.39
N THR A 616 -19.31 -55.14 -36.06
CA THR A 616 -19.47 -54.98 -37.49
C THR A 616 -20.12 -53.62 -37.81
N PRO A 617 -19.90 -53.11 -39.02
CA PRO A 617 -20.55 -51.85 -39.38
C PRO A 617 -22.07 -51.90 -39.26
N ALA A 618 -22.68 -53.06 -39.51
CA ALA A 618 -24.13 -53.15 -39.39
C ALA A 618 -24.59 -52.82 -37.97
N THR A 619 -23.97 -53.44 -36.98
CA THR A 619 -24.33 -53.19 -35.59
C THR A 619 -24.13 -51.73 -35.22
N ILE A 620 -22.99 -51.17 -35.62
CA ILE A 620 -22.67 -49.81 -35.18
C ILE A 620 -23.61 -48.80 -35.83
N LYS A 621 -23.93 -48.99 -37.11
CA LYS A 621 -24.86 -48.07 -37.74
C LYS A 621 -26.27 -48.24 -37.17
N ALA A 622 -26.62 -49.47 -36.78
CA ALA A 622 -27.92 -49.69 -36.17
C ALA A 622 -28.01 -48.97 -34.83
N VAL A 623 -26.98 -49.08 -34.00
CA VAL A 623 -27.03 -48.45 -32.70
C VAL A 623 -27.03 -46.93 -32.84
N LYS A 624 -26.31 -46.42 -33.84
CA LYS A 624 -26.47 -45.01 -34.17
C LYS A 624 -27.92 -44.70 -34.48
N ASP A 625 -28.43 -45.24 -35.60
CA ASP A 625 -29.80 -44.94 -36.00
C ASP A 625 -30.76 -44.99 -34.83
N THR A 626 -30.50 -45.87 -33.86
CA THR A 626 -31.32 -45.88 -32.65
C THR A 626 -31.12 -44.62 -31.82
N PHE A 627 -29.85 -44.29 -31.50
CA PHE A 627 -29.67 -43.30 -30.44
C PHE A 627 -30.00 -41.88 -30.87
N GLU A 628 -29.57 -41.44 -32.06
CA GLU A 628 -29.95 -40.12 -32.53
C GLU A 628 -31.31 -40.11 -33.23
N ASP A 629 -32.17 -41.07 -32.92
CA ASP A 629 -33.56 -41.02 -33.34
C ASP A 629 -34.39 -40.42 -32.21
N ARG A 630 -34.80 -39.17 -32.36
CA ARG A 630 -35.63 -38.53 -31.35
C ARG A 630 -37.04 -39.08 -31.32
N ALA A 631 -37.45 -39.84 -32.33
CA ALA A 631 -38.81 -40.36 -32.44
C ALA A 631 -38.97 -41.72 -31.77
N TYR A 632 -38.13 -42.03 -30.78
CA TYR A 632 -38.26 -43.28 -30.05
C TYR A 632 -39.58 -43.26 -29.28
N PRO A 633 -40.47 -44.21 -29.53
CA PRO A 633 -41.78 -44.19 -28.85
C PRO A 633 -41.64 -44.39 -27.36
N THR A 634 -42.38 -43.58 -26.60
CA THR A 634 -42.23 -43.56 -25.16
C THR A 634 -42.82 -44.78 -24.47
N ILE A 635 -43.70 -45.50 -25.15
CA ILE A 635 -44.34 -46.65 -24.52
C ILE A 635 -43.30 -47.71 -24.17
N PHE A 636 -42.20 -47.73 -24.93
CA PHE A 636 -41.11 -48.62 -24.60
C PHE A 636 -40.50 -48.25 -23.25
N TYR A 637 -40.31 -46.95 -23.01
CA TYR A 637 -39.89 -46.51 -21.68
C TYR A 637 -40.92 -46.89 -20.64
N MET A 638 -42.20 -46.76 -20.99
CA MET A 638 -43.27 -47.10 -20.05
C MET A 638 -43.16 -48.55 -19.60
N LEU A 639 -43.07 -49.48 -20.56
CA LEU A 639 -43.00 -50.89 -20.21
C LEU A 639 -41.70 -51.21 -19.49
N GLU A 640 -40.60 -50.56 -19.88
CA GLU A 640 -39.36 -50.76 -19.15
C GLU A 640 -39.51 -50.37 -17.70
N ALA A 641 -40.14 -49.23 -17.45
CA ALA A 641 -40.34 -48.78 -16.06
C ALA A 641 -41.23 -49.75 -15.30
N VAL A 642 -42.32 -50.19 -15.92
CA VAL A 642 -43.27 -51.02 -15.19
C VAL A 642 -42.67 -52.39 -14.88
N ILE A 643 -41.90 -52.94 -15.80
CA ILE A 643 -41.26 -54.22 -15.49
C ILE A 643 -40.07 -54.02 -14.58
N HIS A 644 -39.46 -52.83 -14.62
CA HIS A 644 -38.35 -52.43 -13.77
C HIS A 644 -37.34 -53.57 -13.58
N GLY A 645 -37.04 -54.29 -14.65
CA GLY A 645 -36.02 -55.31 -14.63
C GLY A 645 -36.31 -56.49 -13.71
N ASN A 646 -37.54 -56.99 -13.75
CA ASN A 646 -37.89 -58.23 -13.07
C ASN A 646 -37.89 -59.36 -14.07
N GLU A 647 -37.09 -60.39 -13.80
CA GLU A 647 -37.02 -61.53 -14.70
C GLU A 647 -38.38 -62.19 -14.86
N ARG A 648 -39.14 -62.27 -13.76
CA ARG A 648 -40.50 -62.80 -13.85
C ARG A 648 -41.35 -61.96 -14.79
N ASN A 649 -41.25 -60.63 -14.67
CA ASN A 649 -42.01 -59.76 -15.55
C ASN A 649 -41.64 -60.01 -17.00
N PHE A 650 -40.34 -60.11 -17.28
CA PHE A 650 -39.91 -60.36 -18.64
C PHE A 650 -40.44 -61.70 -19.15
N CYS A 651 -40.34 -62.74 -18.34
CA CYS A 651 -40.83 -64.04 -18.74
C CYS A 651 -42.34 -64.07 -18.90
N ALA A 652 -43.04 -63.09 -18.33
CA ALA A 652 -44.49 -63.06 -18.41
C ALA A 652 -45.00 -62.39 -19.68
N LEU A 653 -44.15 -61.73 -20.46
CA LEU A 653 -44.61 -60.94 -21.58
C LEU A 653 -43.87 -61.29 -22.87
N LEU A 654 -43.74 -62.59 -23.15
CA LEU A 654 -42.99 -63.00 -24.33
C LEU A 654 -43.61 -62.48 -25.61
N ARG A 655 -44.91 -62.74 -25.81
CA ARG A 655 -45.54 -62.49 -27.10
C ARG A 655 -45.54 -61.01 -27.45
N LEU A 656 -45.98 -60.17 -26.51
CA LEU A 656 -46.03 -58.75 -26.81
C LEU A 656 -44.65 -58.20 -27.09
N LEU A 657 -43.66 -58.58 -26.28
CA LEU A 657 -42.32 -58.05 -26.48
C LEU A 657 -41.76 -58.46 -27.82
N THR A 658 -41.91 -59.73 -28.21
CA THR A 658 -41.35 -60.17 -29.47
C THR A 658 -42.05 -59.49 -30.64
N GLN A 659 -43.38 -59.36 -30.58
CA GLN A 659 -44.09 -58.71 -31.66
C GLN A 659 -43.74 -57.23 -31.73
N CYS A 660 -43.56 -56.59 -30.58
CA CYS A 660 -43.21 -55.18 -30.54
C CYS A 660 -41.84 -54.94 -31.16
N ILE A 661 -40.83 -55.69 -30.71
CA ILE A 661 -39.50 -55.49 -31.26
C ILE A 661 -39.48 -55.83 -32.74
N ARG A 662 -40.22 -56.86 -33.14
CA ARG A 662 -40.35 -57.16 -34.55
C ARG A 662 -40.86 -55.95 -35.31
N GLY A 663 -42.10 -55.55 -35.07
CA GLY A 663 -42.69 -54.45 -35.81
C GLY A 663 -41.85 -53.19 -35.76
N TYR A 664 -41.13 -52.98 -34.64
CA TYR A 664 -40.28 -51.80 -34.55
C TYR A 664 -39.08 -51.92 -35.46
N TRP A 665 -38.56 -53.13 -35.65
CA TRP A 665 -37.38 -53.27 -36.49
C TRP A 665 -37.76 -53.34 -37.97
N GLU A 666 -38.75 -54.16 -38.32
CA GLU A 666 -39.09 -54.23 -39.75
C GLU A 666 -39.99 -53.05 -40.12
N GLN A 667 -39.59 -51.87 -39.68
CA GLN A 667 -40.11 -50.61 -40.20
C GLN A 667 -39.04 -49.56 -40.43
N SER A 668 -37.92 -49.60 -39.71
CA SER A 668 -36.81 -48.70 -39.96
C SER A 668 -35.46 -49.39 -39.78
N HIS A 669 -35.43 -50.70 -39.52
CA HIS A 669 -34.21 -51.42 -39.21
C HIS A 669 -33.49 -50.78 -38.04
N ARG A 670 -34.27 -50.34 -37.06
CA ARG A 670 -33.76 -49.70 -35.86
C ARG A 670 -34.00 -50.64 -34.69
N VAL A 671 -32.96 -50.84 -33.88
CA VAL A 671 -33.11 -51.64 -32.68
C VAL A 671 -33.60 -50.77 -31.53
N ALA A 672 -34.16 -51.40 -30.51
CA ALA A 672 -34.77 -50.69 -29.40
C ALA A 672 -34.31 -51.32 -28.08
N PHE A 673 -34.79 -50.75 -26.97
CA PHE A 673 -34.54 -51.26 -25.62
C PHE A 673 -33.07 -51.19 -25.22
N VAL A 674 -32.28 -50.48 -26.00
CA VAL A 674 -30.83 -50.56 -25.90
C VAL A 674 -30.33 -50.06 -24.56
N ASN A 675 -30.99 -49.02 -24.01
CA ASN A 675 -30.51 -48.40 -22.78
C ASN A 675 -30.53 -49.35 -21.60
N ASN A 676 -31.55 -50.20 -21.52
CA ASN A 676 -31.69 -51.03 -20.33
C ASN A 676 -30.56 -52.04 -20.27
N PHE A 677 -30.16 -52.41 -19.05
CA PHE A 677 -29.24 -53.51 -18.90
C PHE A 677 -29.99 -54.81 -18.70
N HIS A 678 -31.05 -54.79 -17.90
CA HIS A 678 -31.81 -56.00 -17.60
C HIS A 678 -32.99 -56.19 -18.55
N MET A 679 -32.84 -56.00 -19.86
CA MET A 679 -33.77 -56.64 -20.78
C MET A 679 -33.09 -57.27 -21.98
N LEU A 680 -32.07 -56.62 -22.54
CA LEU A 680 -31.49 -57.12 -23.78
C LEU A 680 -30.87 -58.49 -23.58
N MET A 681 -30.15 -58.67 -22.48
CA MET A 681 -29.62 -59.98 -22.16
C MET A 681 -30.73 -60.94 -21.78
N TYR A 682 -31.84 -60.43 -21.26
CA TYR A 682 -33.00 -61.30 -21.06
C TYR A 682 -33.49 -61.82 -22.40
N ILE A 683 -33.53 -60.95 -23.40
CA ILE A 683 -33.88 -61.35 -24.75
C ILE A 683 -32.94 -62.44 -25.23
N THR A 684 -31.64 -62.20 -25.08
CA THR A 684 -30.65 -63.17 -25.52
C THR A 684 -30.83 -64.51 -24.82
N THR A 685 -31.08 -64.47 -23.52
CA THR A 685 -31.25 -65.69 -22.75
C THR A 685 -32.49 -66.45 -23.19
N TYR A 686 -33.57 -65.74 -23.46
CA TYR A 686 -34.85 -66.36 -23.75
C TYR A 686 -35.20 -66.29 -25.23
N LEU A 687 -35.05 -65.13 -25.84
CA LEU A 687 -35.51 -64.93 -27.22
C LEU A 687 -34.40 -65.33 -28.18
N GLY A 688 -34.03 -66.61 -28.12
CA GLY A 688 -32.95 -67.11 -28.94
C GLY A 688 -33.29 -68.36 -29.71
N ASN A 689 -34.53 -68.84 -29.58
CA ASN A 689 -34.93 -70.04 -30.32
C ASN A 689 -34.90 -69.79 -31.83
N GLY A 690 -35.11 -68.56 -32.25
CA GLY A 690 -35.07 -68.24 -33.66
C GLY A 690 -36.30 -67.50 -34.14
N GLU A 691 -37.18 -67.15 -33.21
CA GLU A 691 -38.42 -66.47 -33.56
C GLU A 691 -38.16 -65.05 -34.07
N LEU A 692 -37.19 -64.37 -33.47
CA LEU A 692 -36.83 -63.04 -33.94
C LEU A 692 -36.06 -63.11 -35.24
N PRO A 693 -36.04 -62.02 -36.01
CA PRO A 693 -35.12 -61.96 -37.15
C PRO A 693 -33.68 -62.12 -36.68
N GLU A 694 -32.90 -62.83 -37.48
CA GLU A 694 -31.54 -63.17 -37.09
C GLU A 694 -30.68 -61.93 -36.92
N VAL A 695 -31.04 -60.84 -37.60
CA VAL A 695 -30.18 -59.65 -37.59
C VAL A 695 -30.14 -59.02 -36.21
N CYS A 696 -31.31 -58.83 -35.59
CA CYS A 696 -31.36 -58.17 -34.28
C CYS A 696 -30.66 -59.01 -33.21
N ILE A 697 -30.97 -60.30 -33.17
CA ILE A 697 -30.35 -61.17 -32.18
C ILE A 697 -28.85 -61.26 -32.41
N ASN A 698 -28.43 -61.25 -33.68
CA ASN A 698 -27.01 -61.23 -33.97
C ASN A 698 -26.37 -59.95 -33.48
N ILE A 699 -27.06 -58.81 -33.63
CA ILE A 699 -26.56 -57.55 -33.12
C ILE A 699 -26.36 -57.63 -31.61
N TYR A 700 -27.38 -58.14 -30.91
CA TYR A 700 -27.29 -58.28 -29.47
C TYR A 700 -26.15 -59.19 -29.07
N ARG A 701 -26.01 -60.33 -29.76
CA ARG A 701 -24.93 -61.26 -29.43
C ARG A 701 -23.58 -60.60 -29.62
N ASP A 702 -23.40 -59.91 -30.75
CA ASP A 702 -22.14 -59.24 -31.02
C ASP A 702 -21.80 -58.25 -29.92
N LEU A 703 -22.76 -57.40 -29.57
CA LEU A 703 -22.47 -56.38 -28.56
C LEU A 703 -22.19 -57.01 -27.20
N LEU A 704 -22.94 -58.05 -26.83
CA LEU A 704 -22.73 -58.62 -25.50
C LEU A 704 -21.39 -59.32 -25.40
N GLN A 705 -21.00 -60.06 -26.44
CA GLN A 705 -19.70 -60.71 -26.39
C GLN A 705 -18.58 -59.69 -26.50
N HIS A 706 -18.84 -58.56 -27.14
CA HIS A 706 -17.87 -57.48 -27.09
C HIS A 706 -17.68 -56.97 -25.68
N VAL A 707 -18.77 -56.79 -24.94
CA VAL A 707 -18.67 -56.40 -23.54
C VAL A 707 -17.90 -57.46 -22.76
N ARG A 708 -18.19 -58.72 -23.05
CA ARG A 708 -17.48 -59.83 -22.40
C ARG A 708 -15.99 -59.75 -22.68
N ALA A 709 -15.63 -59.44 -23.93
CA ALA A 709 -14.21 -59.31 -24.29
C ALA A 709 -13.57 -58.12 -23.60
N LEU A 710 -14.33 -57.05 -23.38
CA LEU A 710 -13.80 -55.94 -22.57
C LEU A 710 -13.48 -56.41 -21.16
N ARG A 711 -14.39 -57.20 -20.59
CA ARG A 711 -14.12 -57.78 -19.28
C ARG A 711 -12.88 -58.66 -19.31
N GLN A 712 -12.73 -59.45 -20.37
CA GLN A 712 -11.55 -60.30 -20.52
C GLN A 712 -10.28 -59.46 -20.62
N THR A 713 -10.36 -58.33 -21.32
CA THR A 713 -9.24 -57.43 -21.41
C THR A 713 -8.84 -56.92 -20.04
N ILE A 714 -9.81 -56.50 -19.24
CA ILE A 714 -9.52 -56.05 -17.90
C ILE A 714 -8.86 -57.17 -17.10
N THR A 715 -9.32 -58.39 -17.30
CA THR A 715 -8.69 -59.53 -16.64
C THR A 715 -7.24 -59.69 -17.07
N ASP A 716 -6.97 -59.52 -18.36
CA ASP A 716 -5.65 -59.82 -18.89
C ASP A 716 -4.59 -58.89 -18.35
N PHE A 717 -4.83 -57.59 -18.40
CA PHE A 717 -3.79 -56.62 -18.04
C PHE A 717 -3.65 -56.43 -16.54
N THR A 718 -4.16 -57.36 -15.75
CA THR A 718 -3.85 -57.41 -14.33
C THR A 718 -3.31 -58.78 -13.98
N ILE A 719 -2.64 -58.86 -12.84
CA ILE A 719 -2.04 -60.10 -12.38
C ILE A 719 -2.96 -60.73 -11.33
N GLN A 720 -3.14 -62.04 -11.42
CA GLN A 720 -4.02 -62.74 -10.50
C GLN A 720 -3.24 -63.26 -9.30
N GLY A 721 -3.88 -63.27 -8.15
CA GLY A 721 -3.32 -63.85 -6.95
C GLY A 721 -2.82 -62.89 -5.91
N GLU A 722 -3.21 -61.61 -5.97
CA GLU A 722 -2.66 -60.58 -5.09
C GLU A 722 -3.81 -59.96 -4.33
N GLY A 723 -4.13 -60.52 -3.17
CA GLY A 723 -5.22 -60.05 -2.34
C GLY A 723 -4.70 -59.47 -1.05
N HIS A 724 -5.41 -58.48 -0.53
CA HIS A 724 -5.07 -57.87 0.75
C HIS A 724 -6.34 -57.42 1.45
N ASN A 725 -6.44 -57.75 2.74
CA ASN A 725 -7.57 -57.34 3.55
C ASN A 725 -8.90 -57.83 2.98
N GLY A 726 -8.84 -58.95 2.25
CA GLY A 726 -10.02 -59.55 1.67
C GLY A 726 -10.48 -58.95 0.36
N GLU A 727 -9.61 -58.29 -0.39
CA GLU A 727 -9.97 -57.66 -1.66
C GLU A 727 -9.26 -58.36 -2.79
N THR A 728 -9.99 -58.69 -3.85
CA THR A 728 -9.41 -59.38 -4.98
C THR A 728 -8.60 -58.44 -5.85
N SER A 729 -7.59 -58.99 -6.52
CA SER A 729 -6.72 -58.20 -7.37
C SER A 729 -7.51 -57.51 -8.47
N GLU A 730 -8.48 -58.22 -9.04
CA GLU A 730 -9.37 -57.62 -10.03
C GLU A 730 -9.95 -56.31 -9.51
N ALA A 731 -10.44 -56.33 -8.27
CA ALA A 731 -11.02 -55.12 -7.71
C ALA A 731 -9.96 -54.09 -7.35
N LEU A 732 -8.76 -54.56 -7.00
CA LEU A 732 -7.71 -53.63 -6.57
C LEU A 732 -7.10 -52.89 -7.75
N ASN A 733 -7.22 -53.44 -8.97
CA ASN A 733 -6.65 -52.77 -10.12
C ASN A 733 -7.64 -51.80 -10.76
N ASN A 734 -8.80 -52.29 -11.16
CA ASN A 734 -9.78 -51.50 -11.87
C ASN A 734 -10.89 -51.07 -10.91
N ILE A 735 -11.74 -50.14 -11.37
CA ILE A 735 -12.86 -49.69 -10.56
C ILE A 735 -14.12 -50.40 -11.04
N LEU A 736 -14.15 -50.82 -12.30
CA LEU A 736 -15.31 -51.53 -12.81
C LEU A 736 -15.49 -52.89 -12.17
N THR A 737 -14.44 -53.45 -11.58
CA THR A 737 -14.51 -54.75 -10.95
C THR A 737 -14.64 -54.66 -9.44
N ASP A 738 -14.42 -53.48 -8.87
CA ASP A 738 -14.62 -53.27 -7.44
C ASP A 738 -16.12 -53.18 -7.19
N ASP A 739 -16.62 -54.05 -6.31
CA ASP A 739 -18.03 -54.00 -5.97
C ASP A 739 -18.39 -52.77 -5.15
N THR A 740 -17.39 -52.04 -4.64
CA THR A 740 -17.68 -50.81 -3.92
C THR A 740 -18.36 -49.79 -4.84
N PHE A 741 -17.76 -49.54 -6.00
CA PHE A 741 -18.35 -48.62 -6.95
C PHE A 741 -19.62 -49.24 -7.53
N ILE A 742 -20.63 -48.41 -7.73
CA ILE A 742 -21.94 -48.88 -8.15
C ILE A 742 -22.31 -48.26 -9.49
N ALA A 743 -23.28 -48.86 -10.15
CA ALA A 743 -23.81 -48.34 -11.39
C ALA A 743 -24.67 -47.11 -11.12
N PRO A 744 -24.86 -46.26 -12.12
CA PRO A 744 -25.76 -45.11 -11.94
C PRO A 744 -27.20 -45.53 -11.66
N ILE A 745 -27.65 -46.65 -12.20
CA ILE A 745 -29.04 -47.09 -12.07
C ILE A 745 -29.06 -48.46 -11.41
N LEU A 746 -29.84 -48.58 -10.34
CA LEU A 746 -30.02 -49.84 -9.65
C LEU A 746 -31.50 -50.11 -9.46
N TRP A 747 -31.92 -51.34 -9.72
CA TRP A 747 -33.32 -51.71 -9.61
C TRP A 747 -33.60 -52.78 -8.58
N ASP A 748 -32.63 -53.64 -8.28
CA ASP A 748 -32.73 -54.57 -7.16
C ASP A 748 -31.53 -54.39 -6.25
N CYS A 749 -31.76 -54.51 -4.95
CA CYS A 749 -30.77 -54.15 -3.96
C CYS A 749 -29.57 -55.09 -3.93
N ASP A 750 -29.50 -56.08 -4.82
CA ASP A 750 -28.43 -57.06 -4.78
C ASP A 750 -27.07 -56.40 -4.94
N ALA A 751 -26.99 -55.38 -5.80
CA ALA A 751 -25.73 -54.65 -5.94
C ALA A 751 -25.33 -54.00 -4.62
N LEU A 752 -26.30 -53.43 -3.91
CA LEU A 752 -26.02 -52.89 -2.59
C LEU A 752 -25.57 -53.98 -1.64
N ILE A 753 -26.16 -55.18 -1.75
CA ILE A 753 -25.74 -56.28 -0.90
C ILE A 753 -24.28 -56.63 -1.17
N TYR A 754 -23.90 -56.69 -2.44
CA TYR A 754 -22.51 -56.96 -2.78
C TYR A 754 -21.60 -55.85 -2.25
N ARG A 755 -22.05 -54.60 -2.38
CA ARG A 755 -21.21 -53.48 -1.94
C ARG A 755 -20.98 -53.54 -0.44
N ASP A 756 -22.03 -53.73 0.34
CA ASP A 756 -21.87 -53.71 1.78
C ASP A 756 -21.45 -55.06 2.35
N GLU A 757 -21.26 -56.07 1.51
CA GLU A 757 -20.51 -57.23 1.95
C GLU A 757 -19.07 -57.18 1.50
N ALA A 758 -18.74 -56.30 0.56
CA ALA A 758 -17.42 -56.34 -0.06
C ALA A 758 -16.36 -55.61 0.75
N ALA A 759 -16.58 -54.33 1.07
CA ALA A 759 -15.50 -53.48 1.55
C ALA A 759 -14.98 -53.95 2.89
N ARG A 760 -15.82 -53.91 3.92
CA ARG A 760 -15.57 -54.52 5.22
C ARG A 760 -14.45 -53.83 5.98
N ASP A 761 -13.77 -52.91 5.32
CA ASP A 761 -12.76 -52.06 5.91
C ASP A 761 -13.00 -50.60 5.57
N ARG A 762 -13.40 -50.31 4.33
CA ARG A 762 -13.82 -48.97 3.96
C ARG A 762 -15.07 -48.67 4.78
N LEU A 763 -15.08 -47.56 5.49
CA LEU A 763 -16.24 -47.24 6.30
C LEU A 763 -17.38 -46.80 5.39
N PRO A 764 -18.44 -47.60 5.28
CA PRO A 764 -19.52 -47.25 4.36
C PRO A 764 -20.61 -46.46 5.04
N ALA A 765 -21.32 -45.63 4.27
CA ALA A 765 -22.45 -44.87 4.80
C ALA A 765 -23.42 -44.64 3.66
N ILE A 766 -24.68 -45.04 3.87
CA ILE A 766 -25.69 -44.99 2.83
C ILE A 766 -26.82 -44.11 3.31
N ARG A 767 -27.19 -43.12 2.50
CA ARG A 767 -28.28 -42.22 2.81
C ARG A 767 -29.37 -42.42 1.76
N VAL A 768 -30.58 -42.69 2.22
CA VAL A 768 -31.73 -42.90 1.36
C VAL A 768 -32.85 -42.01 1.88
N SER A 769 -33.01 -40.84 1.25
CA SER A 769 -33.93 -39.81 1.70
C SER A 769 -33.69 -39.51 3.18
N GLY A 770 -32.47 -39.09 3.47
CA GLY A 770 -32.15 -38.73 4.83
C GLY A 770 -31.67 -39.94 5.59
N ARG A 771 -32.58 -40.57 6.33
CA ARG A 771 -32.21 -41.58 7.31
C ARG A 771 -31.50 -42.78 6.70
N ASN A 772 -30.50 -43.25 7.42
CA ASN A 772 -29.64 -44.33 6.98
C ASN A 772 -30.40 -45.63 6.81
N GLY A 773 -29.79 -46.56 6.08
CA GLY A 773 -30.24 -47.93 6.04
C GLY A 773 -31.48 -48.12 5.19
N TYR A 774 -31.64 -49.34 4.72
CA TYR A 774 -32.77 -49.74 3.91
C TYR A 774 -33.45 -50.96 4.51
N GLN A 775 -34.59 -51.33 3.94
CA GLN A 775 -35.37 -52.43 4.46
C GLN A 775 -35.67 -53.45 3.37
N ALA A 776 -35.88 -52.98 2.15
CA ALA A 776 -35.91 -53.84 0.96
C ALA A 776 -36.96 -54.95 1.08
N LEU A 777 -38.21 -54.52 1.12
CA LEU A 777 -39.33 -55.45 1.11
C LEU A 777 -39.77 -55.70 -0.32
N HIS A 778 -39.85 -56.98 -0.69
CA HIS A 778 -39.99 -57.40 -2.08
C HIS A 778 -41.41 -57.86 -2.36
N PHE A 779 -41.71 -57.98 -3.65
CA PHE A 779 -42.96 -58.55 -4.16
C PHE A 779 -44.17 -57.81 -3.59
N VAL A 780 -44.24 -56.54 -3.95
CA VAL A 780 -45.31 -55.64 -3.52
C VAL A 780 -46.51 -55.84 -4.43
N ASP A 781 -47.70 -55.83 -3.86
CA ASP A 781 -48.92 -56.14 -4.56
C ASP A 781 -49.80 -54.91 -4.72
N MET A 782 -50.98 -55.12 -5.29
CA MET A 782 -51.98 -54.05 -5.37
C MET A 782 -52.41 -53.59 -3.98
N ALA A 783 -52.67 -54.53 -3.07
CA ALA A 783 -53.21 -54.15 -1.77
C ALA A 783 -52.20 -53.37 -0.93
N GLY A 784 -50.92 -53.38 -1.31
CA GLY A 784 -49.95 -52.61 -0.58
C GLY A 784 -49.15 -51.66 -1.45
N HIS A 785 -49.78 -51.08 -2.47
CA HIS A 785 -49.04 -50.22 -3.39
C HIS A 785 -48.45 -49.02 -2.66
N ASN A 786 -49.31 -48.16 -2.12
CA ASN A 786 -48.88 -46.96 -1.41
C ASN A 786 -47.88 -46.16 -2.23
N PHE A 787 -48.35 -45.66 -3.37
CA PHE A 787 -47.49 -44.86 -4.24
C PHE A 787 -46.92 -43.66 -3.50
N GLN A 788 -47.69 -43.10 -2.58
CA GLN A 788 -47.22 -41.96 -1.78
C GLN A 788 -46.66 -42.47 -0.47
N ARG A 789 -45.63 -43.31 -0.58
CA ARG A 789 -44.96 -43.92 0.57
C ARG A 789 -43.63 -43.23 0.77
N ARG A 790 -43.35 -42.79 1.99
CA ARG A 790 -42.16 -41.99 2.26
C ARG A 790 -41.05 -42.79 2.93
N ASP A 791 -41.32 -44.01 3.36
CA ASP A 791 -40.35 -44.81 4.08
C ASP A 791 -39.15 -45.14 3.19
N ASN A 792 -38.14 -45.79 3.76
CA ASN A 792 -36.91 -46.13 3.04
C ASN A 792 -36.89 -47.59 2.61
N VAL A 793 -38.05 -48.19 2.32
CA VAL A 793 -38.12 -49.57 1.87
C VAL A 793 -37.64 -49.64 0.42
N LEU A 794 -37.20 -50.82 0.00
CA LEU A 794 -36.75 -51.03 -1.37
C LEU A 794 -37.54 -52.16 -2.02
N ILE A 795 -37.65 -52.10 -3.34
CA ILE A 795 -38.41 -53.09 -4.10
C ILE A 795 -37.41 -54.04 -4.75
N HIS A 796 -37.27 -55.23 -4.20
CA HIS A 796 -36.23 -56.13 -4.68
C HIS A 796 -36.72 -57.03 -5.81
N GLY A 797 -38.02 -57.26 -5.90
CA GLY A 797 -38.60 -58.07 -6.96
C GLY A 797 -38.93 -59.48 -6.49
N ARG A 798 -39.52 -60.24 -7.41
CA ARG A 798 -39.91 -61.60 -7.11
C ARG A 798 -38.91 -62.57 -7.70
N PRO A 799 -38.15 -63.29 -6.88
CA PRO A 799 -37.26 -64.32 -7.43
C PRO A 799 -38.05 -65.42 -8.11
N VAL A 800 -37.52 -65.88 -9.25
CA VAL A 800 -38.24 -66.88 -10.05
C VAL A 800 -38.22 -68.21 -9.32
N ARG A 801 -37.07 -68.59 -8.78
CA ARG A 801 -36.92 -69.87 -8.08
C ARG A 801 -36.71 -69.62 -6.58
N GLY A 802 -37.82 -69.54 -5.86
CA GLY A 802 -37.73 -69.35 -4.43
C GLY A 802 -39.10 -69.12 -3.82
N ASP A 803 -39.10 -68.86 -2.52
CA ASP A 803 -40.30 -68.54 -1.77
C ASP A 803 -40.18 -67.14 -1.20
N THR A 804 -41.22 -66.33 -1.40
CA THR A 804 -41.20 -64.95 -0.92
C THR A 804 -41.10 -64.90 0.60
N GLY A 805 -42.14 -65.35 1.28
CA GLY A 805 -42.18 -65.28 2.72
C GLY A 805 -42.18 -63.84 3.22
N GLN A 806 -42.05 -63.71 4.53
CA GLN A 806 -41.92 -62.39 5.11
C GLN A 806 -40.65 -62.22 5.93
N ALA A 807 -40.31 -63.20 6.75
CA ALA A 807 -39.08 -63.16 7.53
C ALA A 807 -37.91 -63.76 6.78
N ILE A 808 -38.13 -64.26 5.57
CA ILE A 808 -37.01 -64.78 4.78
C ILE A 808 -36.06 -63.64 4.47
N PRO A 809 -34.76 -63.77 4.75
CA PRO A 809 -33.83 -62.71 4.41
C PRO A 809 -33.76 -62.50 2.91
N ILE A 810 -33.48 -61.25 2.51
CA ILE A 810 -33.39 -60.94 1.09
C ILE A 810 -32.29 -61.77 0.44
N THR A 811 -32.52 -62.14 -0.81
CA THR A 811 -31.57 -62.93 -1.57
C THR A 811 -31.26 -62.21 -2.88
N PRO A 812 -29.98 -62.04 -3.23
CA PRO A 812 -29.66 -61.40 -4.50
C PRO A 812 -30.24 -62.17 -5.68
N HIS A 813 -30.72 -61.42 -6.67
CA HIS A 813 -31.35 -62.06 -7.82
C HIS A 813 -30.33 -62.61 -8.81
N HIS A 814 -29.06 -62.25 -8.69
CA HIS A 814 -28.06 -62.67 -9.66
C HIS A 814 -26.72 -62.86 -8.97
N ASP A 815 -25.72 -63.21 -9.77
CA ASP A 815 -24.39 -63.54 -9.28
C ASP A 815 -23.55 -62.28 -9.12
N ARG A 816 -22.28 -62.48 -8.78
CA ARG A 816 -21.38 -61.35 -8.52
C ARG A 816 -21.07 -60.57 -9.79
N GLU A 817 -20.70 -61.26 -10.87
CA GLU A 817 -20.25 -60.55 -12.06
C GLU A 817 -21.40 -59.98 -12.88
N TRP A 818 -22.65 -60.30 -12.55
CA TRP A 818 -23.76 -59.59 -13.14
C TRP A 818 -23.60 -58.08 -12.95
N GLY A 819 -23.24 -57.67 -11.73
CA GLY A 819 -22.99 -56.27 -11.46
C GLY A 819 -21.80 -55.73 -12.23
N ILE A 820 -20.77 -56.56 -12.40
CA ILE A 820 -19.61 -56.12 -13.17
C ILE A 820 -20.00 -55.81 -14.60
N LEU A 821 -20.77 -56.71 -15.21
CA LEU A 821 -21.27 -56.46 -16.56
C LEU A 821 -22.15 -55.22 -16.60
N SER A 822 -23.01 -55.05 -15.60
CA SER A 822 -23.85 -53.86 -15.55
C SER A 822 -22.99 -52.59 -15.55
N LYS A 823 -22.00 -52.55 -14.67
CA LYS A 823 -21.19 -51.35 -14.54
C LYS A 823 -20.41 -51.08 -15.81
N ILE A 824 -19.79 -52.11 -16.39
CA ILE A 824 -19.01 -51.90 -17.59
C ILE A 824 -19.91 -51.44 -18.73
N TYR A 825 -21.08 -52.05 -18.86
CA TYR A 825 -21.99 -51.68 -19.94
C TYR A 825 -22.40 -50.22 -19.80
N TYR A 826 -22.91 -49.85 -18.61
CA TYR A 826 -23.34 -48.47 -18.39
C TYR A 826 -22.21 -47.48 -18.61
N TYR A 827 -21.05 -47.73 -18.04
CA TYR A 827 -19.98 -46.75 -18.07
C TYR A 827 -19.16 -46.80 -19.34
N ILE A 828 -19.46 -47.71 -20.26
CA ILE A 828 -18.71 -47.72 -21.50
C ILE A 828 -19.62 -47.48 -22.69
N VAL A 829 -20.55 -48.39 -22.95
CA VAL A 829 -21.18 -48.39 -24.27
C VAL A 829 -22.11 -47.19 -24.43
N ILE A 830 -22.85 -46.83 -23.38
CA ILE A 830 -23.74 -45.67 -23.47
C ILE A 830 -22.96 -44.39 -23.69
N PRO A 831 -21.92 -44.06 -22.91
CA PRO A 831 -21.09 -42.91 -23.28
C PRO A 831 -20.42 -43.11 -24.63
N ALA A 832 -20.18 -44.35 -25.02
CA ALA A 832 -19.52 -44.62 -26.29
C ALA A 832 -20.33 -44.16 -27.47
N PHE A 833 -21.65 -44.06 -27.35
CA PHE A 833 -22.49 -43.74 -28.48
C PHE A 833 -23.29 -42.46 -28.28
N SER A 834 -23.86 -42.25 -27.10
CA SER A 834 -24.60 -41.03 -26.85
C SER A 834 -23.72 -39.79 -26.96
N ARG A 835 -22.43 -39.94 -26.69
CA ARG A 835 -21.52 -38.80 -26.62
C ARG A 835 -22.05 -37.77 -25.63
N GLY A 836 -22.58 -38.25 -24.52
CA GLY A 836 -23.09 -37.38 -23.47
C GLY A 836 -24.40 -36.72 -23.79
N SER A 837 -25.05 -37.12 -24.88
CA SER A 837 -26.33 -36.53 -25.25
C SER A 837 -27.48 -37.06 -24.42
N CYS A 838 -27.42 -38.31 -23.99
CA CYS A 838 -28.50 -38.91 -23.24
C CYS A 838 -28.53 -38.39 -21.81
N CYS A 839 -29.53 -38.84 -21.07
CA CYS A 839 -29.75 -38.37 -19.71
C CYS A 839 -30.53 -39.40 -18.94
N THR A 840 -30.43 -39.34 -17.61
CA THR A 840 -31.20 -40.19 -16.72
C THR A 840 -32.18 -39.35 -15.93
N MET A 841 -33.25 -39.98 -15.47
CA MET A 841 -34.35 -39.26 -14.86
C MET A 841 -35.25 -40.24 -14.14
N GLY A 842 -36.22 -39.69 -13.39
CA GLY A 842 -37.18 -40.48 -12.66
C GLY A 842 -38.56 -40.44 -13.29
N VAL A 843 -39.45 -41.26 -12.72
CA VAL A 843 -40.80 -41.43 -13.22
C VAL A 843 -41.78 -41.12 -12.10
N ARG A 844 -43.07 -41.22 -12.41
CA ARG A 844 -44.15 -40.99 -11.45
C ARG A 844 -45.19 -42.10 -11.62
N TYR A 845 -45.04 -43.17 -10.84
CA TYR A 845 -45.98 -44.28 -10.96
C TYR A 845 -47.39 -43.88 -10.54
N ASP A 846 -47.50 -42.91 -9.64
CA ASP A 846 -48.81 -42.46 -9.20
C ASP A 846 -49.67 -41.99 -10.36
N ARG A 847 -49.05 -41.37 -11.37
CA ARG A 847 -49.75 -41.00 -12.59
C ARG A 847 -49.52 -41.99 -13.72
N LEU A 848 -48.42 -42.75 -13.67
CA LEU A 848 -48.14 -43.71 -14.73
C LEU A 848 -49.10 -44.89 -14.67
N TYR A 849 -49.14 -45.59 -13.53
CA TYR A 849 -49.96 -46.80 -13.41
C TYR A 849 -51.40 -46.58 -13.82
N PRO A 850 -52.09 -45.51 -13.40
CA PRO A 850 -53.49 -45.34 -13.83
C PRO A 850 -53.67 -45.29 -15.33
N ALA A 851 -52.69 -44.80 -16.07
CA ALA A 851 -52.81 -44.78 -17.52
C ALA A 851 -52.63 -46.16 -18.14
N LEU A 852 -52.23 -47.15 -17.36
CA LEU A 852 -51.89 -48.46 -17.89
C LEU A 852 -53.08 -49.40 -17.97
N GLN A 853 -54.20 -49.07 -17.34
CA GLN A 853 -55.32 -50.00 -17.31
C GLN A 853 -56.22 -49.91 -18.53
N ALA A 854 -56.02 -48.91 -19.38
CA ALA A 854 -56.89 -48.72 -20.53
C ALA A 854 -56.63 -49.82 -21.55
N VAL A 855 -57.46 -50.86 -21.52
CA VAL A 855 -57.36 -51.98 -22.46
C VAL A 855 -58.69 -52.11 -23.17
N ILE A 856 -58.63 -52.16 -24.51
CA ILE A 856 -59.84 -52.12 -25.31
C ILE A 856 -59.98 -53.44 -26.05
N VAL A 857 -59.51 -54.52 -25.42
CA VAL A 857 -59.63 -55.83 -26.08
C VAL A 857 -61.10 -56.19 -26.22
N PRO A 858 -61.55 -56.63 -27.39
CA PRO A 858 -62.95 -57.03 -27.54
C PRO A 858 -63.18 -58.45 -27.04
N GLU A 859 -64.36 -58.68 -26.51
CA GLU A 859 -64.76 -60.03 -26.10
C GLU A 859 -64.97 -60.82 -27.37
N ILE A 860 -63.91 -61.52 -27.77
CA ILE A 860 -63.97 -62.27 -29.04
C ILE A 860 -65.00 -63.37 -28.92
N PRO A 861 -65.81 -63.62 -29.95
CA PRO A 861 -66.70 -64.78 -29.93
C PRO A 861 -65.90 -66.07 -29.80
N ALA A 862 -66.47 -67.02 -29.07
CA ALA A 862 -65.76 -68.25 -28.75
C ALA A 862 -65.52 -69.08 -30.00
N ASP A 863 -64.38 -69.77 -30.01
CA ASP A 863 -64.00 -70.69 -31.08
C ASP A 863 -64.05 -70.03 -32.45
N GLU A 864 -63.56 -68.80 -32.53
CA GLU A 864 -63.33 -68.13 -33.80
C GLU A 864 -61.88 -67.65 -33.82
N GLU A 865 -61.29 -67.63 -35.01
CA GLU A 865 -59.89 -67.26 -35.12
C GLU A 865 -59.69 -65.79 -34.78
N ALA A 866 -58.63 -65.50 -34.04
CA ALA A 866 -58.38 -64.14 -33.58
C ALA A 866 -57.94 -63.26 -34.75
N PRO A 867 -58.52 -62.07 -34.91
CA PRO A 867 -58.06 -61.18 -35.99
C PRO A 867 -56.61 -60.76 -35.78
N THR A 868 -55.90 -60.64 -36.90
CA THR A 868 -54.48 -60.31 -36.89
C THR A 868 -54.17 -58.98 -37.58
N THR A 869 -54.71 -58.78 -38.78
CA THR A 869 -54.53 -57.53 -39.49
C THR A 869 -55.31 -56.41 -38.82
N PRO A 870 -54.79 -55.18 -38.81
CA PRO A 870 -55.49 -54.09 -38.13
C PRO A 870 -56.73 -53.59 -38.85
N GLU A 871 -56.95 -54.00 -40.11
CA GLU A 871 -58.08 -53.49 -40.88
C GLU A 871 -59.42 -54.02 -40.39
N ASP A 872 -59.42 -55.11 -39.65
CA ASP A 872 -60.68 -55.64 -39.15
C ASP A 872 -61.13 -54.87 -37.91
N PRO A 873 -62.36 -54.37 -37.87
CA PRO A 873 -62.85 -53.71 -36.66
C PRO A 873 -62.70 -54.56 -35.41
N ARG A 874 -62.81 -55.88 -35.53
CA ARG A 874 -62.55 -56.76 -34.40
C ARG A 874 -61.12 -56.67 -33.90
N HIS A 875 -60.19 -56.26 -34.75
CA HIS A 875 -58.80 -56.16 -34.34
C HIS A 875 -58.63 -55.03 -33.33
N PRO A 876 -57.77 -55.20 -32.32
CA PRO A 876 -57.58 -54.13 -31.33
C PRO A 876 -57.07 -52.82 -31.93
N LEU A 877 -56.25 -52.89 -32.97
CA LEU A 877 -55.66 -51.68 -33.54
C LEU A 877 -56.64 -50.91 -34.42
N HIS A 878 -57.77 -51.51 -34.78
CA HIS A 878 -58.69 -50.85 -35.70
C HIS A 878 -59.35 -49.64 -35.04
N ALA A 879 -59.76 -48.69 -35.90
CA ALA A 879 -60.31 -47.43 -35.43
C ALA A 879 -61.60 -47.63 -34.64
N HIS A 880 -62.46 -48.57 -35.05
CA HIS A 880 -63.69 -48.81 -34.33
C HIS A 880 -63.42 -49.25 -32.89
N GLN A 881 -62.22 -49.79 -32.65
CA GLN A 881 -61.77 -50.06 -31.29
C GLN A 881 -60.73 -49.06 -30.81
N LEU A 882 -60.71 -47.86 -31.38
CA LEU A 882 -59.77 -46.81 -31.00
C LEU A 882 -60.57 -45.74 -30.25
N VAL A 883 -60.22 -45.52 -28.99
CA VAL A 883 -60.94 -44.59 -28.13
C VAL A 883 -59.95 -43.62 -27.49
N PRO A 884 -60.30 -42.35 -27.36
CA PRO A 884 -59.38 -41.37 -26.75
C PRO A 884 -59.01 -41.74 -25.32
N ASN A 885 -57.81 -41.34 -24.93
CA ASN A 885 -57.27 -41.60 -23.59
C ASN A 885 -57.21 -43.10 -23.31
N SER A 886 -56.44 -43.81 -24.12
CA SER A 886 -56.34 -45.26 -23.98
C SER A 886 -54.98 -45.72 -24.48
N LEU A 887 -54.59 -46.92 -24.06
CA LEU A 887 -53.30 -47.46 -24.46
C LEU A 887 -53.25 -47.76 -25.95
N ASN A 888 -54.40 -48.08 -26.55
CA ASN A 888 -54.43 -48.40 -27.98
C ASN A 888 -53.94 -47.23 -28.82
N VAL A 889 -54.38 -46.02 -28.49
CA VAL A 889 -53.91 -44.86 -29.25
C VAL A 889 -52.44 -44.60 -28.95
N TYR A 890 -51.99 -44.92 -27.74
CA TYR A 890 -50.57 -44.80 -27.43
C TYR A 890 -49.74 -45.66 -28.37
N PHE A 891 -50.18 -46.89 -28.60
CA PHE A 891 -49.48 -47.75 -29.55
C PHE A 891 -49.63 -47.23 -30.97
N HIS A 892 -50.85 -46.86 -31.37
CA HIS A 892 -51.10 -46.42 -32.73
C HIS A 892 -50.30 -45.18 -33.08
N ASN A 893 -49.92 -44.38 -32.09
CA ASN A 893 -48.99 -43.29 -32.36
C ASN A 893 -47.67 -43.83 -32.91
N ALA A 894 -47.19 -44.94 -32.35
CA ALA A 894 -45.99 -45.57 -32.87
C ALA A 894 -46.27 -46.46 -34.08
N HIS A 895 -47.54 -46.64 -34.45
CA HIS A 895 -47.93 -47.43 -35.61
C HIS A 895 -47.44 -48.87 -35.47
N LEU A 896 -47.78 -49.49 -34.35
CA LEU A 896 -47.38 -50.86 -34.06
C LEU A 896 -48.58 -51.77 -33.97
N THR A 897 -48.47 -52.93 -34.62
CA THR A 897 -49.55 -53.91 -34.68
C THR A 897 -49.41 -54.88 -33.51
N VAL A 898 -50.47 -55.01 -32.72
CA VAL A 898 -50.48 -55.88 -31.56
C VAL A 898 -51.78 -56.67 -31.53
N ASP A 899 -51.76 -57.77 -30.80
CA ASP A 899 -52.88 -58.70 -30.75
C ASP A 899 -53.57 -58.62 -29.39
N GLY A 900 -54.83 -59.06 -29.37
CA GLY A 900 -55.65 -58.91 -28.18
C GLY A 900 -55.10 -59.68 -26.99
N ASP A 901 -54.59 -60.89 -27.21
CA ASP A 901 -54.06 -61.68 -26.11
C ASP A 901 -52.84 -61.01 -25.48
N ALA A 902 -51.98 -60.42 -26.31
CA ALA A 902 -50.83 -59.70 -25.77
C ALA A 902 -51.27 -58.56 -24.88
N LEU A 903 -52.29 -57.81 -25.32
CA LEU A 903 -52.80 -56.73 -24.49
C LEU A 903 -53.45 -57.25 -23.22
N LEU A 904 -54.11 -58.40 -23.31
CA LEU A 904 -54.67 -59.02 -22.12
C LEU A 904 -53.58 -59.43 -21.14
N THR A 905 -52.39 -59.75 -21.65
CA THR A 905 -51.30 -60.18 -20.79
C THR A 905 -50.97 -59.13 -19.73
N LEU A 906 -51.28 -57.87 -19.99
CA LEU A 906 -51.04 -56.84 -18.99
C LEU A 906 -51.82 -57.10 -17.72
N GLN A 907 -52.99 -57.74 -17.80
CA GLN A 907 -53.74 -58.02 -16.58
C GLN A 907 -52.95 -58.91 -15.64
N GLU A 908 -52.18 -59.86 -16.19
CA GLU A 908 -51.21 -60.61 -15.40
C GLU A 908 -50.00 -59.77 -15.05
N LEU A 909 -49.63 -58.84 -15.92
CA LEU A 909 -48.47 -58.00 -15.66
C LEU A 909 -48.64 -57.18 -14.38
N MET A 910 -49.85 -56.65 -14.16
CA MET A 910 -50.05 -55.84 -12.95
C MET A 910 -50.00 -56.64 -11.66
N GLY A 911 -49.53 -57.89 -11.68
CA GLY A 911 -49.35 -58.62 -10.44
C GLY A 911 -48.43 -57.91 -9.46
N ASP A 912 -47.35 -57.31 -9.97
CA ASP A 912 -46.36 -56.65 -9.13
C ASP A 912 -46.20 -55.19 -9.54
N MET A 913 -46.09 -54.32 -8.55
CA MET A 913 -45.99 -52.89 -8.73
C MET A 913 -44.57 -52.41 -8.51
N ALA A 914 -44.30 -51.19 -8.97
CA ALA A 914 -43.04 -50.52 -8.72
C ALA A 914 -43.36 -49.23 -7.98
N GLU A 915 -42.69 -49.00 -6.85
CA GLU A 915 -43.24 -48.12 -5.82
C GLU A 915 -43.01 -46.63 -6.13
N ARG A 916 -41.75 -46.17 -6.11
CA ARG A 916 -41.40 -44.85 -6.61
C ARG A 916 -39.88 -44.69 -6.62
N THR A 917 -39.42 -43.92 -7.61
CA THR A 917 -38.01 -43.67 -7.81
C THR A 917 -37.43 -42.94 -6.60
N THR A 918 -36.16 -43.18 -6.34
CA THR A 918 -35.52 -42.58 -5.18
C THR A 918 -34.05 -42.37 -5.45
N ALA A 919 -33.43 -41.57 -4.59
CA ALA A 919 -32.02 -41.24 -4.67
C ALA A 919 -31.25 -41.99 -3.59
N ILE A 920 -30.12 -42.60 -3.97
CA ILE A 920 -29.29 -43.38 -3.07
C ILE A 920 -27.91 -42.76 -3.06
N LEU A 921 -27.40 -42.44 -1.87
CA LEU A 921 -26.06 -41.88 -1.73
C LEU A 921 -25.20 -42.87 -0.98
N VAL A 922 -24.08 -43.27 -1.57
CA VAL A 922 -23.15 -44.21 -0.97
C VAL A 922 -21.81 -43.52 -0.79
N SER A 923 -21.26 -43.61 0.43
CA SER A 923 -19.96 -43.04 0.73
C SER A 923 -19.02 -44.16 1.12
N SER A 924 -17.74 -43.96 0.85
CA SER A 924 -16.75 -44.99 1.16
C SER A 924 -15.40 -44.33 1.37
N ALA A 925 -14.57 -45.04 1.98
CA ALA A 925 -13.19 -44.64 2.12
C ALA A 925 -12.37 -45.23 0.97
N PRO A 926 -11.22 -44.64 0.65
CA PRO A 926 -10.32 -45.28 -0.31
C PRO A 926 -9.91 -46.65 0.20
N ASP A 927 -9.73 -47.59 -0.72
CA ASP A 927 -9.36 -48.95 -0.32
C ASP A 927 -7.96 -48.95 0.28
N ALA A 928 -7.55 -50.13 0.76
CA ALA A 928 -6.23 -50.26 1.34
C ALA A 928 -5.13 -49.88 0.36
N GLY A 929 -5.41 -49.94 -0.94
CA GLY A 929 -4.43 -49.53 -1.92
C GLY A 929 -3.99 -48.10 -1.75
N ALA A 930 -4.83 -47.28 -1.14
CA ALA A 930 -4.46 -45.90 -0.85
C ALA A 930 -4.81 -45.52 0.59
N ALA A 931 -4.92 -46.51 1.46
CA ALA A 931 -5.32 -46.25 2.84
C ALA A 931 -4.12 -45.79 3.65
N THR A 932 -4.25 -44.62 4.26
CA THR A 932 -3.21 -44.11 5.12
C THR A 932 -3.81 -43.31 6.26
N ALA A 933 -2.97 -42.87 7.20
CA ALA A 933 -3.48 -42.21 8.40
C ALA A 933 -4.15 -40.88 8.11
N THR A 934 -3.88 -40.27 6.95
CA THR A 934 -4.45 -38.97 6.64
C THR A 934 -5.59 -39.00 5.65
N THR A 935 -5.86 -40.14 5.01
CA THR A 935 -6.91 -40.19 4.02
C THR A 935 -8.16 -40.93 4.48
N ARG A 936 -8.23 -41.32 5.75
CA ARG A 936 -9.42 -42.01 6.22
C ARG A 936 -10.65 -41.12 6.13
N ASN A 937 -10.57 -39.93 6.68
CA ASN A 937 -11.63 -38.95 6.50
C ASN A 937 -11.74 -38.52 5.04
N MET A 938 -10.64 -38.61 4.30
CA MET A 938 -10.58 -38.23 2.89
C MET A 938 -11.34 -39.31 2.12
N ARG A 939 -12.65 -39.15 2.03
CA ARG A 939 -13.51 -40.20 1.49
C ARG A 939 -14.02 -39.83 0.11
N ILE A 940 -14.88 -40.69 -0.41
CA ILE A 940 -15.52 -40.52 -1.71
C ILE A 940 -17.01 -40.75 -1.54
N TYR A 941 -17.81 -40.07 -2.36
CA TYR A 941 -19.26 -40.19 -2.34
C TYR A 941 -19.76 -40.39 -3.75
N ASP A 942 -20.94 -41.01 -3.88
CA ASP A 942 -21.55 -41.20 -5.18
C ASP A 942 -23.06 -41.30 -5.01
N GLY A 943 -23.79 -40.73 -5.97
CA GLY A 943 -25.23 -40.80 -5.98
C GLY A 943 -25.75 -41.59 -7.18
N ALA A 944 -26.87 -42.26 -6.95
CA ALA A 944 -27.44 -43.13 -7.96
C ALA A 944 -28.95 -43.15 -7.84
N LEU A 945 -29.60 -43.57 -8.90
CA LEU A 945 -31.05 -43.62 -8.95
C LEU A 945 -31.52 -45.06 -8.76
N TYR A 946 -32.49 -45.23 -7.86
CA TYR A 946 -33.18 -46.51 -7.74
C TYR A 946 -34.48 -46.41 -8.53
N HIS A 947 -34.69 -47.39 -9.41
CA HIS A 947 -35.85 -47.41 -10.30
C HIS A 947 -35.88 -46.19 -11.23
N GLY A 948 -34.71 -45.65 -11.55
CA GLY A 948 -34.61 -44.59 -12.54
C GLY A 948 -34.55 -45.15 -13.95
N LEU A 949 -34.46 -44.24 -14.93
CA LEU A 949 -34.41 -44.66 -16.32
C LEU A 949 -33.74 -43.61 -17.18
N ILE A 950 -33.12 -44.06 -18.26
CA ILE A 950 -32.35 -43.22 -19.18
C ILE A 950 -33.08 -43.17 -20.51
N MET A 951 -33.29 -41.98 -21.06
CA MET A 951 -33.81 -41.88 -22.42
C MET A 951 -32.75 -41.33 -23.35
N MET A 952 -32.93 -41.61 -24.63
CA MET A 952 -31.89 -41.42 -25.63
C MET A 952 -31.58 -39.94 -25.85
N ALA A 953 -32.55 -39.22 -26.37
CA ALA A 953 -32.32 -37.86 -26.83
C ALA A 953 -33.51 -37.02 -26.42
N TYR A 954 -33.24 -35.86 -25.84
CA TYR A 954 -34.33 -35.05 -25.32
C TYR A 954 -35.21 -34.55 -26.45
N GLN A 955 -36.52 -34.63 -26.23
CA GLN A 955 -37.51 -34.15 -27.18
C GLN A 955 -38.51 -33.29 -26.44
N ALA A 956 -38.90 -32.18 -27.07
CA ALA A 956 -39.80 -31.22 -26.43
C ALA A 956 -40.88 -30.68 -27.36
N TYR A 957 -41.02 -31.22 -28.57
CA TYR A 957 -41.85 -30.59 -29.59
C TYR A 957 -42.99 -31.49 -30.06
N ASP A 958 -43.53 -32.33 -29.20
CA ASP A 958 -44.59 -33.27 -29.56
C ASP A 958 -45.90 -32.90 -28.87
N GLU A 959 -46.98 -32.77 -29.65
CA GLU A 959 -48.29 -32.47 -29.09
C GLU A 959 -48.98 -33.71 -28.54
N THR A 960 -48.58 -34.91 -29.01
CA THR A 960 -49.28 -36.12 -28.58
C THR A 960 -49.22 -36.26 -27.07
N ILE A 961 -48.06 -36.01 -26.48
CA ILE A 961 -47.87 -36.11 -25.04
C ILE A 961 -47.34 -34.77 -24.54
N ALA A 962 -47.96 -34.25 -23.49
CA ALA A 962 -47.51 -32.99 -22.93
C ALA A 962 -46.17 -33.17 -22.22
N THR A 963 -45.52 -32.05 -21.95
CA THR A 963 -44.20 -32.08 -21.32
C THR A 963 -44.32 -32.52 -19.86
N GLY A 964 -43.36 -33.33 -19.42
CA GLY A 964 -43.28 -33.72 -18.02
C GLY A 964 -44.49 -34.48 -17.52
N THR A 965 -45.12 -35.28 -18.39
CA THR A 965 -46.30 -36.01 -17.97
C THR A 965 -45.94 -37.24 -17.13
N PHE A 966 -44.83 -37.90 -17.45
CA PHE A 966 -44.48 -39.14 -16.78
C PHE A 966 -43.10 -39.14 -16.16
N PHE A 967 -42.20 -38.27 -16.62
CA PHE A 967 -40.80 -38.36 -16.27
C PHE A 967 -40.30 -37.00 -15.80
N TYR A 968 -39.40 -37.01 -14.83
CA TYR A 968 -38.80 -35.77 -14.39
C TYR A 968 -37.27 -35.89 -14.46
N PRO A 969 -36.63 -34.97 -15.18
CA PRO A 969 -35.19 -35.12 -15.49
C PRO A 969 -34.35 -34.97 -14.23
N VAL A 970 -33.80 -36.09 -13.76
CA VAL A 970 -32.88 -36.10 -12.64
C VAL A 970 -31.60 -36.84 -13.04
N PRO A 971 -30.65 -36.14 -13.66
CA PRO A 971 -29.36 -36.77 -13.96
C PRO A 971 -28.41 -36.60 -12.78
N VAL A 972 -27.73 -37.68 -12.44
CA VAL A 972 -26.60 -37.58 -11.51
C VAL A 972 -25.37 -38.24 -12.12
N ASN A 973 -24.65 -37.47 -12.93
CA ASN A 973 -23.37 -37.86 -13.49
C ASN A 973 -22.79 -36.67 -14.25
N PRO A 974 -21.52 -36.35 -14.08
CA PRO A 974 -20.86 -35.49 -15.07
C PRO A 974 -20.93 -36.08 -16.46
N LEU A 975 -20.89 -37.40 -16.57
CA LEU A 975 -21.04 -38.05 -17.87
C LEU A 975 -22.42 -37.81 -18.46
N PHE A 976 -23.46 -37.99 -17.66
CA PHE A 976 -24.82 -37.96 -18.17
C PHE A 976 -25.44 -36.57 -18.10
N ALA A 977 -24.62 -35.53 -18.13
CA ALA A 977 -25.15 -34.17 -18.16
C ALA A 977 -26.04 -33.99 -19.38
N CYS A 978 -27.23 -33.45 -19.15
CA CYS A 978 -28.26 -33.34 -20.18
C CYS A 978 -28.88 -31.95 -20.12
N PRO A 979 -28.11 -30.91 -20.47
CA PRO A 979 -28.66 -29.54 -20.38
C PRO A 979 -29.91 -29.36 -21.22
N GLU A 980 -30.01 -30.12 -22.31
CA GLU A 980 -31.20 -30.09 -23.14
C GLU A 980 -32.41 -30.67 -22.43
N HIS A 981 -32.26 -31.79 -21.71
CA HIS A 981 -33.39 -32.44 -21.08
C HIS A 981 -34.04 -31.56 -20.01
N LEU A 982 -33.32 -30.56 -19.49
CA LEU A 982 -33.81 -29.75 -18.40
C LEU A 982 -35.06 -28.97 -18.77
N ALA A 983 -35.38 -28.85 -20.06
CA ALA A 983 -36.62 -28.19 -20.45
C ALA A 983 -37.85 -28.95 -19.99
N SER A 984 -37.74 -30.25 -19.69
CA SER A 984 -38.88 -30.97 -19.16
C SER A 984 -39.23 -30.54 -17.74
N LEU A 985 -38.29 -29.98 -17.00
CA LEU A 985 -38.56 -29.60 -15.62
C LEU A 985 -39.62 -28.51 -15.54
N ARG A 986 -40.52 -28.66 -14.57
CA ARG A 986 -41.54 -27.65 -14.34
C ARG A 986 -40.89 -26.34 -13.87
N GLY A 987 -41.53 -25.24 -14.21
CA GLY A 987 -41.00 -23.93 -13.88
C GLY A 987 -39.68 -23.66 -14.58
N MET A 988 -39.57 -24.12 -15.82
CA MET A 988 -38.35 -23.97 -16.60
C MET A 988 -38.22 -22.52 -17.04
N THR A 989 -37.10 -21.91 -16.70
CA THR A 989 -36.85 -20.51 -17.02
C THR A 989 -35.74 -20.42 -18.06
N ASN A 990 -35.41 -19.19 -18.43
CA ASN A 990 -34.35 -18.98 -19.43
C ASN A 990 -32.98 -18.95 -18.78
N ALA A 991 -32.88 -18.32 -17.61
CA ALA A 991 -31.59 -18.21 -16.94
C ALA A 991 -31.03 -19.58 -16.58
N ARG A 992 -31.88 -20.47 -16.06
CA ARG A 992 -31.43 -21.82 -15.72
C ARG A 992 -30.87 -22.52 -16.95
N ARG A 993 -31.57 -22.39 -18.09
CA ARG A 993 -31.13 -23.10 -19.28
C ARG A 993 -29.83 -22.53 -19.82
N VAL A 994 -29.74 -21.21 -19.92
CA VAL A 994 -28.53 -20.62 -20.48
C VAL A 994 -27.33 -20.88 -19.58
N LEU A 995 -27.51 -20.87 -18.27
CA LEU A 995 -26.38 -21.15 -17.39
C LEU A 995 -26.06 -22.64 -17.36
N ALA A 996 -27.04 -23.49 -17.66
CA ALA A 996 -26.83 -24.93 -17.61
C ALA A 996 -25.98 -25.45 -18.76
N LYS A 997 -25.89 -24.70 -19.87
CA LYS A 997 -25.06 -25.14 -20.98
C LYS A 997 -23.59 -25.26 -20.56
N MET A 998 -23.17 -24.45 -19.60
CA MET A 998 -21.78 -24.40 -19.19
C MET A 998 -21.49 -25.05 -17.84
N VAL A 999 -22.52 -25.55 -17.16
CA VAL A 999 -22.33 -26.35 -15.95
C VAL A 999 -23.36 -27.47 -15.91
N PRO A 1000 -22.96 -28.70 -15.62
CA PRO A 1000 -23.93 -29.77 -15.38
C PRO A 1000 -24.57 -29.63 -14.01
N PRO A 1001 -25.88 -29.46 -13.95
CA PRO A 1001 -26.56 -29.30 -12.66
C PRO A 1001 -26.74 -30.63 -11.96
N ILE A 1002 -25.98 -30.84 -10.89
CA ILE A 1002 -26.11 -32.02 -10.03
C ILE A 1002 -26.38 -31.51 -8.62
N PRO A 1003 -27.50 -31.87 -8.01
CA PRO A 1003 -27.79 -31.42 -6.65
C PRO A 1003 -26.75 -31.93 -5.68
N PRO A 1004 -26.43 -31.14 -4.65
CA PRO A 1004 -25.42 -31.58 -3.66
C PRO A 1004 -25.79 -32.87 -2.97
N PHE A 1005 -27.07 -33.14 -2.75
CA PHE A 1005 -27.44 -34.39 -2.11
C PHE A 1005 -27.24 -35.59 -3.02
N LEU A 1006 -26.88 -35.37 -4.28
CA LEU A 1006 -26.56 -36.47 -5.19
C LEU A 1006 -25.08 -36.58 -5.49
N GLY A 1007 -24.25 -35.68 -4.96
CA GLY A 1007 -22.82 -35.84 -5.09
C GLY A 1007 -22.10 -34.70 -5.78
N ALA A 1008 -21.21 -34.05 -5.04
CA ALA A 1008 -20.34 -33.04 -5.62
C ALA A 1008 -19.32 -33.69 -6.54
N ASN A 1009 -18.96 -32.96 -7.61
CA ASN A 1009 -18.08 -33.54 -8.61
C ASN A 1009 -16.72 -33.88 -8.03
N HIS A 1010 -16.16 -32.99 -7.21
CA HIS A 1010 -14.81 -33.18 -6.72
C HIS A 1010 -14.70 -34.44 -5.86
N HIS A 1011 -15.71 -34.72 -5.05
CA HIS A 1011 -15.68 -35.87 -4.16
C HIS A 1011 -16.20 -37.14 -4.82
N ALA A 1012 -16.52 -37.09 -6.11
CA ALA A 1012 -17.06 -38.26 -6.78
C ALA A 1012 -15.99 -38.94 -7.63
N THR A 1013 -16.35 -40.08 -8.21
CA THR A 1013 -15.40 -40.82 -9.04
C THR A 1013 -15.24 -40.19 -10.40
N ILE A 1014 -16.30 -40.18 -11.19
CA ILE A 1014 -16.24 -39.60 -12.53
C ILE A 1014 -16.14 -38.09 -12.39
N ARG A 1015 -15.12 -37.51 -13.01
CA ARG A 1015 -14.94 -36.07 -12.96
C ARG A 1015 -15.21 -35.46 -14.33
N GLN A 1016 -15.18 -34.13 -14.37
CA GLN A 1016 -15.49 -33.43 -15.62
C GLN A 1016 -14.54 -33.79 -16.76
N PRO A 1017 -13.23 -33.86 -16.59
CA PRO A 1017 -12.34 -34.04 -17.76
C PRO A 1017 -12.64 -35.29 -18.57
N VAL A 1018 -12.97 -36.41 -17.92
CA VAL A 1018 -13.27 -37.60 -18.69
C VAL A 1018 -14.54 -37.41 -19.48
N ALA A 1019 -15.50 -36.69 -18.91
CA ALA A 1019 -16.71 -36.35 -19.66
C ALA A 1019 -16.36 -35.50 -20.87
N TYR A 1020 -15.49 -34.52 -20.69
CA TYR A 1020 -15.03 -33.72 -21.83
C TYR A 1020 -14.43 -34.61 -22.91
N HIS A 1021 -13.59 -35.56 -22.49
CA HIS A 1021 -12.93 -36.45 -23.45
C HIS A 1021 -13.95 -37.26 -24.23
N VAL A 1022 -14.88 -37.90 -23.53
CA VAL A 1022 -15.84 -38.74 -24.22
C VAL A 1022 -16.78 -37.91 -25.10
N THR A 1023 -17.04 -36.65 -24.74
CA THR A 1023 -17.92 -35.83 -25.54
C THR A 1023 -17.22 -35.12 -26.69
N HIS A 1024 -15.89 -35.04 -26.68
CA HIS A 1024 -15.21 -34.21 -27.66
C HIS A 1024 -14.18 -34.98 -28.47
N SER A 1025 -14.04 -36.28 -28.26
CA SER A 1025 -13.16 -37.09 -29.07
C SER A 1025 -13.95 -37.65 -30.24
N LYS A 1026 -13.66 -37.18 -31.44
CA LYS A 1026 -14.37 -37.62 -32.64
C LYS A 1026 -13.37 -38.35 -33.51
N SER A 1027 -13.16 -39.63 -33.20
CA SER A 1027 -12.28 -40.48 -34.01
C SER A 1027 -13.01 -41.70 -34.54
N ASP A 1028 -13.62 -42.48 -33.66
CA ASP A 1028 -14.31 -43.72 -34.00
C ASP A 1028 -15.20 -44.06 -32.82
N PHE A 1029 -15.62 -45.32 -32.74
CA PHE A 1029 -16.37 -45.80 -31.58
C PHE A 1029 -15.66 -46.92 -30.84
N ASN A 1030 -15.19 -47.93 -31.57
CA ASN A 1030 -14.44 -49.02 -30.91
C ASN A 1030 -13.20 -48.46 -30.23
N THR A 1031 -12.49 -47.59 -30.92
CA THR A 1031 -11.33 -46.94 -30.33
C THR A 1031 -11.71 -46.17 -29.08
N LEU A 1032 -12.84 -45.46 -29.11
CA LEU A 1032 -13.27 -44.71 -27.94
C LEU A 1032 -13.64 -45.64 -26.79
N THR A 1033 -14.33 -46.74 -27.11
CA THR A 1033 -14.63 -47.72 -26.08
C THR A 1033 -13.36 -48.17 -25.39
N TYR A 1034 -12.37 -48.58 -26.18
CA TYR A 1034 -11.13 -49.06 -25.59
C TYR A 1034 -10.40 -47.97 -24.82
N SER A 1035 -10.42 -46.74 -25.34
CA SER A 1035 -9.75 -45.64 -24.66
C SER A 1035 -10.36 -45.40 -23.29
N LEU A 1036 -11.69 -45.33 -23.24
CA LEU A 1036 -12.36 -45.15 -21.96
C LEU A 1036 -12.06 -46.31 -21.03
N LEU A 1037 -12.09 -47.53 -21.55
CA LEU A 1037 -11.85 -48.70 -20.72
C LEU A 1037 -10.46 -48.63 -20.11
N GLY A 1038 -9.47 -48.29 -20.92
CA GLY A 1038 -8.13 -48.10 -20.42
C GLY A 1038 -8.03 -46.98 -19.42
N GLY A 1039 -8.83 -45.94 -19.57
CA GLY A 1039 -8.86 -44.88 -18.58
C GLY A 1039 -9.19 -45.43 -17.23
N TYR A 1040 -10.16 -46.34 -17.17
CA TYR A 1040 -10.71 -46.81 -15.90
C TYR A 1040 -9.76 -47.79 -15.22
N PHE A 1041 -8.57 -47.28 -14.88
CA PHE A 1041 -7.66 -47.96 -13.97
C PHE A 1041 -7.43 -47.09 -12.74
N LYS A 1042 -7.52 -47.73 -11.58
CA LYS A 1042 -7.26 -47.03 -10.33
C LYS A 1042 -5.81 -46.63 -10.25
N PHE A 1043 -5.57 -45.42 -9.74
CA PHE A 1043 -4.25 -44.81 -9.79
C PHE A 1043 -3.44 -45.09 -8.52
N THR A 1044 -3.96 -45.89 -7.60
CA THR A 1044 -3.30 -46.16 -6.34
C THR A 1044 -1.98 -46.88 -6.58
N PRO A 1045 -1.04 -46.76 -5.63
CA PRO A 1045 0.31 -47.30 -5.87
C PRO A 1045 0.32 -48.78 -6.20
N ILE A 1046 -0.50 -49.59 -5.54
CA ILE A 1046 -0.47 -51.02 -5.84
C ILE A 1046 -1.00 -51.28 -7.24
N SER A 1047 -2.13 -50.65 -7.60
CA SER A 1047 -2.66 -50.82 -8.94
C SER A 1047 -1.65 -50.31 -9.96
N LEU A 1048 -1.06 -49.16 -9.67
CA LEU A 1048 0.02 -48.64 -10.50
C LEU A 1048 1.08 -49.68 -10.73
N THR A 1049 1.49 -50.39 -9.67
CA THR A 1049 2.49 -51.43 -9.82
C THR A 1049 1.97 -52.54 -10.71
N HIS A 1050 0.69 -52.85 -10.60
CA HIS A 1050 0.10 -53.85 -11.48
C HIS A 1050 0.27 -53.45 -12.95
N GLN A 1051 -0.13 -52.23 -13.32
CA GLN A 1051 0.06 -51.84 -14.71
C GLN A 1051 1.54 -51.83 -15.09
N LEU A 1052 2.39 -51.33 -14.20
CA LEU A 1052 3.80 -51.19 -14.56
C LEU A 1052 4.45 -52.54 -14.82
N ARG A 1053 4.18 -53.55 -14.00
CA ARG A 1053 4.73 -54.86 -14.27
C ARG A 1053 3.87 -55.66 -15.23
N THR A 1054 2.76 -55.10 -15.68
CA THR A 1054 1.98 -55.74 -16.73
C THR A 1054 2.56 -55.43 -18.10
N GLY A 1055 2.87 -54.16 -18.35
CA GLY A 1055 3.33 -53.72 -19.66
C GLY A 1055 2.47 -52.58 -20.14
N PHE A 1056 1.41 -52.30 -19.40
CA PHE A 1056 0.49 -51.23 -19.75
C PHE A 1056 1.12 -49.87 -19.46
N HIS A 1057 0.65 -48.85 -20.18
CA HIS A 1057 1.11 -47.48 -19.98
C HIS A 1057 0.05 -46.66 -19.28
N PRO A 1058 0.21 -46.34 -18.00
CA PRO A 1058 -0.66 -45.35 -17.38
C PRO A 1058 -0.34 -43.96 -17.93
N GLY A 1059 -1.34 -43.09 -17.85
CA GLY A 1059 -1.20 -41.76 -18.40
C GLY A 1059 -0.29 -40.85 -17.60
N ILE A 1060 0.97 -41.27 -17.41
CA ILE A 1060 1.94 -40.48 -16.69
C ILE A 1060 3.31 -40.76 -17.29
N ALA A 1061 4.20 -39.77 -17.20
CA ALA A 1061 5.53 -39.87 -17.77
C ALA A 1061 6.55 -39.35 -16.76
N PHE A 1062 7.81 -39.64 -17.03
CA PHE A 1062 8.89 -39.27 -16.12
C PHE A 1062 10.05 -38.65 -16.87
N THR A 1063 10.72 -37.73 -16.21
CA THR A 1063 12.04 -37.26 -16.59
C THR A 1063 13.04 -37.85 -15.61
N VAL A 1064 14.16 -38.34 -16.13
CA VAL A 1064 15.13 -39.05 -15.31
C VAL A 1064 16.44 -38.28 -15.36
N VAL A 1065 17.20 -38.38 -14.28
CA VAL A 1065 18.45 -37.64 -14.14
C VAL A 1065 19.54 -38.63 -13.75
N ARG A 1066 20.76 -38.35 -14.16
CA ARG A 1066 21.87 -39.22 -13.78
C ARG A 1066 23.14 -38.39 -13.65
N GLN A 1067 23.78 -38.48 -12.50
CA GLN A 1067 25.04 -37.81 -12.25
C GLN A 1067 26.19 -38.78 -12.50
N ASP A 1068 27.05 -38.45 -13.45
CA ASP A 1068 28.15 -39.32 -13.82
C ASP A 1068 29.47 -38.56 -13.81
N ARG A 1069 30.53 -39.25 -13.41
CA ARG A 1069 31.82 -38.63 -13.21
C ARG A 1069 32.73 -38.91 -14.40
N PHE A 1070 33.82 -38.14 -14.46
CA PHE A 1070 34.75 -38.28 -15.58
C PHE A 1070 36.16 -37.97 -15.09
N ALA A 1071 37.11 -38.80 -15.52
CA ALA A 1071 38.51 -38.66 -15.14
C ALA A 1071 39.21 -37.87 -16.23
N THR A 1072 39.70 -36.69 -15.87
CA THR A 1072 40.23 -35.73 -16.81
C THR A 1072 41.70 -35.43 -16.56
N GLU A 1073 42.25 -34.59 -17.43
CA GLU A 1073 43.49 -33.88 -17.18
C GLU A 1073 43.21 -32.38 -17.24
N GLN A 1074 43.94 -31.61 -16.45
CA GLN A 1074 43.78 -30.16 -16.43
C GLN A 1074 45.10 -29.47 -16.77
N LEU A 1075 44.97 -28.30 -17.41
CA LEU A 1075 46.10 -27.47 -17.83
C LEU A 1075 46.08 -26.14 -17.08
N LEU A 1076 47.26 -25.63 -16.76
CA LEU A 1076 47.37 -24.45 -15.93
C LEU A 1076 48.56 -23.59 -16.36
N TYR A 1077 48.36 -22.28 -16.32
CA TYR A 1077 49.43 -21.29 -16.45
C TYR A 1077 49.30 -20.28 -15.32
N ALA A 1078 50.44 -19.76 -14.85
CA ALA A 1078 50.40 -18.96 -13.62
C ALA A 1078 51.33 -17.76 -13.60
N GLU A 1079 51.63 -17.13 -14.74
CA GLU A 1079 52.44 -15.91 -14.77
C GLU A 1079 53.79 -16.14 -14.10
N ARG A 1080 54.49 -15.06 -13.75
CA ARG A 1080 55.79 -15.22 -13.11
C ARG A 1080 55.74 -15.16 -11.59
N ALA A 1081 55.40 -13.99 -11.05
CA ALA A 1081 55.46 -13.76 -9.61
C ALA A 1081 54.06 -13.85 -9.00
N SER A 1082 53.44 -15.01 -9.19
CA SER A 1082 52.05 -15.18 -8.78
C SER A 1082 51.88 -15.43 -7.29
N GLU A 1083 52.90 -15.96 -6.60
CA GLU A 1083 52.72 -16.34 -5.21
C GLU A 1083 53.97 -16.00 -4.41
N SER A 1084 53.78 -15.22 -3.36
CA SER A 1084 54.84 -14.93 -2.40
C SER A 1084 54.85 -16.07 -1.38
N TYR A 1085 56.03 -16.65 -1.16
CA TYR A 1085 56.10 -17.90 -0.42
C TYR A 1085 57.14 -17.75 0.69
N PHE A 1086 56.66 -17.39 1.87
CA PHE A 1086 57.51 -17.24 3.06
C PHE A 1086 57.94 -18.62 3.54
N VAL A 1087 59.24 -18.81 3.70
CA VAL A 1087 59.76 -20.02 4.31
C VAL A 1087 60.24 -19.70 5.73
N GLY A 1088 59.79 -20.50 6.69
CA GLY A 1088 60.21 -20.38 8.06
C GLY A 1088 61.39 -21.28 8.37
N GLN A 1089 61.46 -21.72 9.62
CA GLN A 1089 62.55 -22.56 10.12
C GLN A 1089 62.03 -23.94 10.47
N ILE A 1090 62.65 -24.96 9.89
CA ILE A 1090 62.35 -26.34 10.29
C ILE A 1090 62.70 -26.52 11.76
N GLN A 1091 61.93 -27.37 12.43
CA GLN A 1091 62.24 -27.75 13.80
C GLN A 1091 61.95 -29.23 13.96
N VAL A 1092 62.63 -29.86 14.91
CA VAL A 1092 62.51 -31.28 15.14
C VAL A 1092 61.66 -31.52 16.38
N HIS A 1093 60.89 -32.59 16.36
CA HIS A 1093 60.03 -32.98 17.45
C HIS A 1093 60.48 -34.32 17.99
N HIS A 1094 60.78 -34.37 19.28
CA HIS A 1094 61.32 -35.56 19.92
C HIS A 1094 60.15 -36.35 20.50
N HIS A 1095 59.70 -37.36 19.76
CA HIS A 1095 58.60 -38.21 20.19
C HIS A 1095 59.08 -39.65 20.27
N ASP A 1096 58.56 -40.40 21.23
CA ASP A 1096 58.95 -41.79 21.38
C ASP A 1096 58.15 -42.69 20.44
N ALA A 1097 58.85 -43.59 19.77
CA ALA A 1097 58.24 -44.61 18.94
C ALA A 1097 58.22 -45.94 19.70
N ILE A 1098 57.49 -46.91 19.15
CA ILE A 1098 57.30 -48.17 19.85
C ILE A 1098 58.60 -48.96 19.89
N GLY A 1099 59.23 -49.15 18.74
CA GLY A 1099 60.47 -49.90 18.68
C GLY A 1099 61.67 -48.98 18.66
N GLY A 1100 61.41 -47.69 18.58
CA GLY A 1100 62.46 -46.70 18.52
C GLY A 1100 62.01 -45.31 18.91
N VAL A 1101 62.47 -44.34 18.13
CA VAL A 1101 62.14 -42.94 18.34
C VAL A 1101 61.69 -42.37 16.99
N ASN A 1102 60.94 -41.28 17.04
CA ASN A 1102 60.40 -40.65 15.83
C ASN A 1102 60.79 -39.18 15.82
N PHE A 1103 61.67 -38.81 14.89
CA PHE A 1103 62.08 -37.43 14.68
C PHE A 1103 61.20 -36.84 13.58
N THR A 1104 60.09 -36.23 13.99
CA THR A 1104 59.20 -35.56 13.05
C THR A 1104 59.68 -34.14 12.81
N LEU A 1105 59.80 -33.75 11.55
CA LEU A 1105 60.24 -32.40 11.22
C LEU A 1105 59.06 -31.55 10.78
N THR A 1106 58.96 -30.34 11.34
CA THR A 1106 57.86 -29.43 11.04
C THR A 1106 58.40 -28.07 10.64
N GLN A 1107 57.85 -27.53 9.55
CA GLN A 1107 58.34 -26.30 8.96
C GLN A 1107 57.18 -25.34 8.69
N PRO A 1108 57.29 -24.09 9.12
CA PRO A 1108 56.24 -23.12 8.80
C PRO A 1108 56.43 -22.51 7.42
N ARG A 1109 55.33 -22.44 6.68
CA ARG A 1109 55.38 -21.93 5.32
C ARG A 1109 54.12 -21.12 5.07
N ALA A 1110 54.30 -19.94 4.47
CA ALA A 1110 53.19 -19.03 4.22
C ALA A 1110 53.08 -18.77 2.73
N HIS A 1111 51.86 -18.76 2.23
CA HIS A 1111 51.61 -18.46 0.83
C HIS A 1111 50.64 -17.29 0.76
N VAL A 1112 50.97 -16.31 -0.07
CA VAL A 1112 50.10 -15.17 -0.29
C VAL A 1112 50.03 -14.87 -1.77
N ASP A 1113 48.81 -14.70 -2.28
CA ASP A 1113 48.60 -14.31 -3.67
C ASP A 1113 48.81 -12.82 -3.82
N LEU A 1114 49.96 -12.43 -4.37
CA LEU A 1114 50.24 -11.03 -4.62
C LEU A 1114 49.81 -10.61 -6.02
N GLY A 1115 48.57 -10.91 -6.36
CA GLY A 1115 48.02 -10.52 -7.64
C GLY A 1115 46.85 -9.57 -7.49
N VAL A 1116 46.89 -8.44 -8.18
CA VAL A 1116 45.80 -7.46 -8.08
C VAL A 1116 44.50 -8.05 -8.59
N GLY A 1117 44.57 -8.83 -9.66
CA GLY A 1117 43.39 -9.45 -10.23
C GLY A 1117 43.44 -10.96 -10.12
N TYR A 1118 43.62 -11.63 -11.25
CA TYR A 1118 43.75 -13.08 -11.30
C TYR A 1118 45.01 -13.40 -12.08
N THR A 1119 45.86 -14.25 -11.52
CA THR A 1119 47.18 -14.49 -12.08
C THR A 1119 47.40 -15.91 -12.55
N ALA A 1120 46.41 -16.79 -12.40
CA ALA A 1120 46.55 -18.17 -12.81
C ALA A 1120 45.24 -18.66 -13.41
N VAL A 1121 45.34 -19.65 -14.29
CA VAL A 1121 44.17 -20.21 -14.95
C VAL A 1121 44.30 -21.72 -15.00
N CYS A 1122 43.18 -22.40 -14.74
CA CYS A 1122 43.09 -23.84 -14.94
C CYS A 1122 42.10 -24.09 -16.07
N ALA A 1123 42.16 -25.30 -16.62
CA ALA A 1123 41.27 -25.66 -17.73
C ALA A 1123 41.28 -27.17 -17.90
N THR A 1124 40.09 -27.76 -17.92
CA THR A 1124 39.98 -29.19 -18.20
C THR A 1124 40.56 -29.48 -19.58
N ALA A 1125 41.34 -30.54 -19.68
CA ALA A 1125 42.11 -30.76 -20.90
C ALA A 1125 41.65 -31.97 -21.70
N ALA A 1126 41.68 -33.16 -21.11
CA ALA A 1126 41.54 -34.37 -21.88
C ALA A 1126 40.84 -35.44 -21.07
N LEU A 1127 40.31 -36.43 -21.79
CA LEU A 1127 39.65 -37.60 -21.24
C LEU A 1127 40.69 -38.65 -20.86
N ARG A 1128 40.61 -39.12 -19.63
CA ARG A 1128 41.10 -40.46 -19.32
C ARG A 1128 39.85 -41.34 -19.35
N CYS A 1129 40.00 -42.65 -19.13
CA CYS A 1129 38.82 -43.50 -19.14
C CYS A 1129 37.85 -43.05 -18.05
N PRO A 1130 36.57 -42.92 -18.37
CA PRO A 1130 35.59 -42.45 -17.37
C PRO A 1130 35.57 -43.38 -16.17
N LEU A 1131 35.60 -42.79 -14.97
CA LEU A 1131 35.74 -43.61 -13.77
C LEU A 1131 34.48 -44.41 -13.51
N THR A 1132 33.33 -43.89 -13.89
CA THR A 1132 32.07 -44.57 -13.66
C THR A 1132 31.52 -45.06 -15.00
N ASP A 1133 30.31 -45.64 -14.95
CA ASP A 1133 29.66 -46.21 -16.11
C ASP A 1133 28.46 -45.35 -16.50
N MET A 1134 27.97 -45.57 -17.72
CA MET A 1134 26.69 -45.01 -18.10
C MET A 1134 25.61 -45.87 -17.45
N GLY A 1135 25.56 -45.87 -16.12
CA GLY A 1135 24.71 -46.79 -15.40
C GLY A 1135 23.23 -46.52 -15.61
N ASN A 1136 22.44 -47.54 -15.31
CA ASN A 1136 20.98 -47.46 -15.36
C ASN A 1136 20.42 -48.26 -14.17
N THR A 1137 20.35 -47.61 -13.02
CA THR A 1137 19.88 -48.25 -11.80
C THR A 1137 18.85 -47.35 -11.14
N ALA A 1138 17.67 -47.89 -10.87
CA ALA A 1138 16.61 -47.13 -10.25
C ALA A 1138 16.97 -46.76 -8.82
N GLN A 1139 16.58 -45.57 -8.41
CA GLN A 1139 16.75 -45.11 -7.03
C GLN A 1139 15.54 -45.59 -6.25
N ASN A 1140 15.70 -46.68 -5.51
CA ASN A 1140 14.62 -47.15 -4.67
C ASN A 1140 14.47 -46.25 -3.46
N LEU A 1141 13.24 -45.83 -3.19
CA LEU A 1141 12.96 -44.90 -2.11
C LEU A 1141 12.70 -45.60 -0.78
N PHE A 1142 12.57 -46.93 -0.78
CA PHE A 1142 12.36 -47.65 0.46
C PHE A 1142 13.53 -47.51 1.42
N PHE A 1143 14.68 -47.03 0.94
CA PHE A 1143 15.84 -46.82 1.80
C PHE A 1143 15.60 -45.74 2.84
N SER A 1144 14.55 -44.94 2.70
CA SER A 1144 14.24 -43.91 3.68
C SER A 1144 13.09 -44.35 4.57
N ARG A 1145 13.28 -44.18 5.87
CA ARG A 1145 12.24 -44.46 6.85
C ARG A 1145 11.88 -43.16 7.55
N GLY A 1146 10.58 -42.95 7.78
CA GLY A 1146 10.15 -41.75 8.47
C GLY A 1146 8.88 -41.15 7.89
N GLY A 1147 8.58 -41.47 6.65
CA GLY A 1147 7.36 -40.98 6.03
C GLY A 1147 6.12 -41.61 6.62
N VAL A 1148 4.97 -41.04 6.29
CA VAL A 1148 3.72 -41.57 6.82
C VAL A 1148 3.47 -42.96 6.24
N PRO A 1149 3.27 -43.98 7.07
CA PRO A 1149 3.11 -45.34 6.56
C PRO A 1149 1.73 -45.54 5.96
N MET A 1150 1.49 -46.75 5.50
CA MET A 1150 0.18 -47.15 5.03
C MET A 1150 -0.64 -47.75 6.17
N LEU A 1151 -1.95 -47.89 5.93
CA LEU A 1151 -2.83 -48.39 6.96
C LEU A 1151 -2.47 -49.81 7.35
N HIS A 1152 -2.16 -50.65 6.38
CA HIS A 1152 -1.85 -52.05 6.64
C HIS A 1152 -0.37 -52.31 6.40
N ASP A 1153 0.27 -52.99 7.34
CA ASP A 1153 1.68 -53.34 7.19
C ASP A 1153 1.87 -54.36 6.07
N ASN A 1154 0.95 -55.32 5.95
CA ASN A 1154 1.13 -56.42 5.01
C ASN A 1154 1.24 -55.92 3.58
N VAL A 1155 0.40 -54.94 3.21
CA VAL A 1155 0.46 -54.43 1.85
C VAL A 1155 1.77 -53.70 1.61
N THR A 1156 2.28 -53.00 2.62
CA THR A 1156 3.60 -52.40 2.48
C THR A 1156 4.66 -53.46 2.27
N GLU A 1157 4.56 -54.57 3.00
CA GLU A 1157 5.54 -55.64 2.86
C GLU A 1157 5.50 -56.26 1.47
N SER A 1158 4.28 -56.48 0.96
CA SER A 1158 4.16 -56.99 -0.40
C SER A 1158 4.74 -56.00 -1.40
N LEU A 1159 4.52 -54.70 -1.17
CA LEU A 1159 5.07 -53.69 -2.05
C LEU A 1159 6.60 -53.75 -2.05
N ARG A 1160 7.19 -53.85 -0.87
CA ARG A 1160 8.65 -53.92 -0.80
C ARG A 1160 9.17 -55.18 -1.48
N ARG A 1161 8.48 -56.30 -1.28
CA ARG A 1161 8.92 -57.53 -1.92
C ARG A 1161 8.76 -57.46 -3.43
N ILE A 1162 7.69 -56.82 -3.91
CA ILE A 1162 7.49 -56.71 -5.35
C ILE A 1162 8.57 -55.84 -5.96
N THR A 1163 8.83 -54.68 -5.38
CA THR A 1163 9.88 -53.85 -5.91
C THR A 1163 11.26 -54.46 -5.69
N ALA A 1164 11.36 -55.49 -4.84
CA ALA A 1164 12.64 -56.18 -4.69
C ALA A 1164 13.10 -56.77 -6.02
N SER A 1165 12.17 -57.40 -6.75
CA SER A 1165 12.49 -57.81 -8.10
C SER A 1165 12.49 -56.61 -9.03
N GLY A 1166 13.14 -56.77 -10.17
CA GLY A 1166 13.23 -55.69 -11.13
C GLY A 1166 14.24 -54.62 -10.80
N GLY A 1167 15.20 -54.92 -9.94
CA GLY A 1167 16.24 -53.95 -9.64
C GLY A 1167 17.49 -54.63 -9.11
N ARG A 1168 18.63 -54.03 -9.43
CA ARG A 1168 19.92 -54.50 -8.95
C ARG A 1168 20.20 -54.04 -7.52
N LEU A 1169 19.35 -53.22 -6.94
CA LEU A 1169 19.55 -52.72 -5.60
C LEU A 1169 18.25 -52.79 -4.82
N ASN A 1170 18.35 -53.21 -3.57
CA ASN A 1170 17.22 -53.31 -2.65
C ASN A 1170 17.76 -53.34 -1.24
N PRO A 1171 16.94 -53.02 -0.25
CA PRO A 1171 17.33 -53.28 1.13
C PRO A 1171 17.19 -54.77 1.41
N THR A 1172 18.05 -55.29 2.29
CA THR A 1172 17.96 -56.69 2.63
C THR A 1172 16.66 -56.98 3.35
N GLU A 1173 16.07 -58.14 3.04
CA GLU A 1173 14.74 -58.47 3.54
C GLU A 1173 14.58 -58.43 5.05
N PRO A 1174 15.53 -58.92 5.88
CA PRO A 1174 15.25 -59.01 7.32
C PRO A 1174 15.18 -57.66 8.00
N LEU A 1175 15.14 -56.58 7.23
CA LEU A 1175 14.89 -55.24 7.75
C LEU A 1175 15.93 -54.84 8.79
N PRO A 1176 17.15 -54.52 8.36
CA PRO A 1176 18.15 -54.03 9.31
C PRO A 1176 17.63 -52.83 10.09
N ILE A 1177 17.46 -52.99 11.39
CA ILE A 1177 17.01 -51.91 12.25
C ILE A 1177 18.23 -51.36 12.97
N PHE A 1178 18.14 -50.10 13.40
CA PHE A 1178 19.26 -49.41 14.04
C PHE A 1178 20.49 -49.40 13.13
N GLY A 1179 20.32 -48.82 11.95
CA GLY A 1179 21.43 -48.75 11.02
C GLY A 1179 21.02 -48.01 9.76
N GLY A 1180 21.99 -47.91 8.85
CA GLY A 1180 21.84 -47.20 7.60
C GLY A 1180 21.22 -48.00 6.48
N LEU A 1181 20.72 -49.20 6.76
CA LEU A 1181 20.03 -50.02 5.78
C LEU A 1181 20.92 -50.30 4.56
N ARG A 1182 22.18 -50.58 4.84
CA ARG A 1182 23.15 -50.76 3.76
C ARG A 1182 22.75 -51.95 2.90
N PRO A 1183 22.79 -51.82 1.59
CA PRO A 1183 22.47 -52.96 0.72
C PRO A 1183 23.57 -54.00 0.80
N ALA A 1184 23.19 -55.24 0.57
CA ALA A 1184 24.16 -56.33 0.52
C ALA A 1184 24.99 -56.24 -0.76
N THR A 1185 26.31 -56.37 -0.60
CA THR A 1185 27.18 -56.38 -1.76
C THR A 1185 27.05 -57.68 -2.52
N SER A 1186 27.50 -57.67 -3.77
CA SER A 1186 27.54 -58.83 -4.63
C SER A 1186 29.00 -59.12 -5.00
N ALA A 1187 29.19 -60.00 -5.97
CA ALA A 1187 30.53 -60.32 -6.45
C ALA A 1187 31.12 -59.12 -7.18
N GLY A 1188 32.30 -59.33 -7.75
CA GLY A 1188 33.08 -58.29 -8.39
C GLY A 1188 32.31 -57.33 -9.29
N ILE A 1189 32.67 -56.05 -9.24
CA ILE A 1189 32.03 -55.05 -10.08
C ILE A 1189 32.34 -55.33 -11.54
N ALA A 1190 31.35 -55.09 -12.40
CA ALA A 1190 31.49 -55.46 -13.80
C ALA A 1190 32.24 -54.39 -14.60
N ARG A 1191 31.70 -53.17 -14.65
CA ARG A 1191 32.21 -52.16 -15.57
C ARG A 1191 32.33 -50.80 -14.91
N GLY A 1192 32.72 -50.78 -13.64
CA GLY A 1192 32.94 -49.54 -12.93
C GLY A 1192 31.84 -49.25 -11.93
N GLN A 1193 31.98 -48.11 -11.25
CA GLN A 1193 31.02 -47.72 -10.23
C GLN A 1193 29.67 -47.45 -10.87
N ALA A 1194 28.69 -48.28 -10.57
CA ALA A 1194 27.37 -48.12 -11.13
C ALA A 1194 26.75 -46.81 -10.67
N SER A 1195 25.97 -46.21 -11.54
CA SER A 1195 25.32 -44.94 -11.25
C SER A 1195 23.86 -45.16 -10.90
N VAL A 1196 23.31 -44.22 -10.15
CA VAL A 1196 21.92 -44.25 -9.74
C VAL A 1196 21.18 -43.14 -10.47
N CYS A 1197 19.91 -43.36 -10.77
CA CYS A 1197 19.08 -42.39 -11.48
C CYS A 1197 17.75 -42.24 -10.75
N GLU A 1198 17.58 -41.13 -10.05
CA GLU A 1198 16.29 -40.81 -9.47
C GLU A 1198 15.36 -40.29 -10.56
N PHE A 1199 14.06 -40.37 -10.28
CA PHE A 1199 13.05 -40.08 -11.28
C PHE A 1199 12.18 -38.92 -10.82
N VAL A 1200 11.54 -38.25 -11.78
CA VAL A 1200 10.62 -37.17 -11.48
C VAL A 1200 9.40 -37.33 -12.38
N ALA A 1201 8.22 -37.17 -11.80
CA ALA A 1201 6.99 -37.19 -12.57
C ALA A 1201 6.89 -35.93 -13.44
N MET A 1202 6.23 -36.08 -14.58
CA MET A 1202 6.04 -34.99 -15.52
C MET A 1202 4.96 -35.38 -16.51
N PRO A 1203 4.17 -34.42 -16.99
CA PRO A 1203 3.01 -34.76 -17.80
C PRO A 1203 3.39 -35.42 -19.12
N VAL A 1204 2.50 -36.26 -19.61
CA VAL A 1204 2.78 -37.06 -20.80
C VAL A 1204 3.04 -36.18 -22.01
N SER A 1205 2.42 -35.00 -22.05
CA SER A 1205 2.56 -34.11 -23.19
C SER A 1205 3.27 -32.85 -22.73
N THR A 1206 4.59 -32.88 -22.78
CA THR A 1206 5.41 -31.71 -22.57
C THR A 1206 6.22 -31.47 -23.85
N ASP A 1207 6.53 -30.21 -24.12
CA ASP A 1207 7.16 -29.85 -25.39
C ASP A 1207 8.50 -30.54 -25.48
N LEU A 1208 8.57 -31.58 -26.32
CA LEU A 1208 9.79 -32.33 -26.50
C LEU A 1208 10.93 -31.45 -26.96
N GLN A 1209 10.62 -30.36 -27.67
CA GLN A 1209 11.63 -29.42 -28.11
C GLN A 1209 12.46 -28.89 -26.95
N TYR A 1210 11.86 -28.81 -25.75
CA TYR A 1210 12.59 -28.35 -24.59
C TYR A 1210 13.75 -29.27 -24.26
N PHE A 1211 13.53 -30.58 -24.34
CA PHE A 1211 14.58 -31.52 -24.00
C PHE A 1211 15.65 -31.62 -25.10
N ARG A 1212 15.37 -31.13 -26.30
CA ARG A 1212 16.31 -31.30 -27.40
C ARG A 1212 17.58 -30.50 -27.20
N THR A 1213 17.62 -29.59 -26.23
CA THR A 1213 18.85 -28.89 -25.88
C THR A 1213 19.09 -29.03 -24.39
N ALA A 1214 20.21 -28.47 -23.93
CA ALA A 1214 20.47 -28.38 -22.51
C ALA A 1214 19.33 -27.63 -21.83
N CYS A 1215 18.85 -28.19 -20.72
CA CYS A 1215 17.67 -27.66 -20.08
C CYS A 1215 17.71 -28.01 -18.60
N ASN A 1216 16.62 -27.74 -17.91
CA ASN A 1216 16.56 -27.94 -16.47
C ASN A 1216 15.46 -28.93 -16.10
N PRO A 1217 15.76 -29.92 -15.28
CA PRO A 1217 14.72 -30.89 -14.90
C PRO A 1217 13.60 -30.29 -14.08
N ARG A 1218 13.86 -29.23 -13.33
CA ARG A 1218 12.82 -28.68 -12.48
C ARG A 1218 11.69 -28.08 -13.32
N GLY A 1219 12.01 -27.61 -14.52
CA GLY A 1219 11.04 -26.95 -15.37
C GLY A 1219 11.09 -25.45 -15.32
N ARG A 1220 12.05 -24.88 -14.60
CA ARG A 1220 12.21 -23.44 -14.48
C ARG A 1220 13.57 -23.12 -13.88
N ALA A 1221 14.26 -22.14 -14.43
CA ALA A 1221 15.61 -21.83 -13.98
C ALA A 1221 15.59 -21.19 -12.60
N SER A 1222 16.74 -21.21 -11.95
CA SER A 1222 16.92 -20.58 -10.65
C SER A 1222 18.38 -20.15 -10.53
N GLY A 1223 18.82 -19.91 -9.30
CA GLY A 1223 20.17 -19.45 -9.03
C GLY A 1223 20.22 -17.93 -8.97
N MET A 1224 21.12 -17.42 -8.12
CA MET A 1224 21.21 -15.97 -7.94
C MET A 1224 21.67 -15.30 -9.22
N LEU A 1225 22.23 -16.07 -10.15
CA LEU A 1225 22.79 -15.54 -11.39
C LEU A 1225 21.84 -14.58 -12.09
N TYR A 1226 20.57 -14.62 -11.74
CA TYR A 1226 19.54 -13.85 -12.41
C TYR A 1226 19.06 -12.79 -11.42
N MET A 1227 19.85 -11.74 -11.24
CA MET A 1227 19.61 -10.77 -10.18
C MET A 1227 20.03 -9.40 -10.69
N GLY A 1228 20.18 -8.45 -9.76
CA GLY A 1228 20.67 -7.12 -10.09
C GLY A 1228 19.92 -6.01 -9.38
N ASP A 1229 18.78 -6.33 -8.78
CA ASP A 1229 17.91 -5.32 -8.21
C ASP A 1229 17.69 -5.46 -6.72
N ARG A 1230 17.30 -6.63 -6.22
CA ARG A 1230 16.98 -6.83 -4.82
C ARG A 1230 17.72 -8.06 -4.32
N ASP A 1231 17.51 -8.38 -3.05
CA ASP A 1231 18.22 -9.48 -2.41
C ASP A 1231 17.29 -10.64 -2.05
N ALA A 1232 16.18 -10.37 -1.38
CA ALA A 1232 15.24 -11.45 -1.06
C ALA A 1232 14.31 -11.69 -2.24
N ASP A 1233 14.89 -11.86 -3.43
CA ASP A 1233 14.14 -12.20 -4.63
C ASP A 1233 14.47 -13.60 -5.12
N ILE A 1234 15.43 -14.27 -4.48
CA ILE A 1234 15.82 -15.61 -4.92
C ILE A 1234 14.65 -16.56 -4.79
N GLU A 1235 13.91 -16.46 -3.68
CA GLU A 1235 12.71 -17.27 -3.52
C GLU A 1235 11.70 -17.00 -4.61
N ALA A 1236 11.59 -15.74 -5.05
CA ALA A 1236 10.68 -15.43 -6.14
C ALA A 1236 11.10 -16.15 -7.41
N ILE A 1237 12.40 -16.15 -7.70
CA ILE A 1237 12.91 -16.91 -8.83
C ILE A 1237 12.60 -18.39 -8.65
N MET A 1238 12.60 -18.85 -7.41
CA MET A 1238 12.42 -20.27 -7.13
C MET A 1238 10.98 -20.72 -7.32
N PHE A 1239 10.01 -19.95 -6.86
CA PHE A 1239 8.65 -20.46 -6.72
C PHE A 1239 7.54 -19.57 -7.26
N ASP A 1240 7.82 -18.33 -7.63
CA ASP A 1240 6.75 -17.47 -8.11
C ASP A 1240 6.21 -18.00 -9.43
N HIS A 1241 4.97 -18.50 -9.40
CA HIS A 1241 4.29 -18.87 -10.63
C HIS A 1241 3.38 -17.77 -11.14
N THR A 1242 3.13 -16.73 -10.34
CA THR A 1242 2.37 -15.60 -10.86
C THR A 1242 3.13 -14.87 -11.95
N GLN A 1243 4.46 -14.85 -11.88
CA GLN A 1243 5.28 -14.32 -12.95
C GLN A 1243 5.97 -15.48 -13.65
N SER A 1244 6.14 -15.34 -14.96
CA SER A 1244 6.51 -16.45 -15.81
C SER A 1244 7.92 -16.93 -15.49
N ASP A 1245 8.26 -18.08 -16.09
CA ASP A 1245 9.64 -18.55 -16.08
C ASP A 1245 10.54 -17.53 -16.76
N VAL A 1246 11.71 -17.30 -16.14
CA VAL A 1246 12.64 -16.35 -16.73
C VAL A 1246 13.26 -16.91 -18.00
N ALA A 1247 13.60 -18.20 -17.99
CA ALA A 1247 14.22 -18.80 -19.17
C ALA A 1247 13.28 -18.77 -20.35
N TYR A 1248 12.00 -18.99 -20.10
CA TYR A 1248 10.98 -18.97 -21.14
C TYR A 1248 9.95 -17.95 -20.72
N THR A 1249 10.10 -16.71 -21.20
CA THR A 1249 9.20 -15.66 -20.76
C THR A 1249 7.88 -15.73 -21.50
N ASP A 1250 7.28 -16.92 -21.53
CA ASP A 1250 5.99 -17.10 -22.17
C ASP A 1250 5.09 -18.09 -21.44
N ARG A 1251 5.54 -18.65 -20.31
CA ARG A 1251 4.78 -19.63 -19.57
C ARG A 1251 5.30 -19.67 -18.15
N ALA A 1252 4.49 -20.25 -17.25
CA ALA A 1252 4.91 -20.34 -15.87
C ALA A 1252 6.05 -21.33 -15.71
N THR A 1253 5.80 -22.59 -16.02
CA THR A 1253 6.81 -23.63 -15.94
C THR A 1253 6.35 -24.82 -16.75
N LEU A 1254 7.28 -25.72 -17.07
CA LEU A 1254 6.91 -26.88 -17.88
C LEU A 1254 6.32 -27.98 -17.03
N ASN A 1255 6.96 -28.31 -15.93
CA ASN A 1255 6.27 -29.31 -15.12
C ASN A 1255 5.66 -28.66 -13.91
N PRO A 1256 4.34 -28.60 -13.82
CA PRO A 1256 3.68 -28.10 -12.61
C PRO A 1256 3.71 -29.08 -11.45
N TRP A 1257 4.50 -30.14 -11.53
CA TRP A 1257 4.54 -31.14 -10.48
C TRP A 1257 5.86 -31.14 -9.72
N ALA A 1258 6.86 -30.42 -10.22
CA ALA A 1258 8.13 -30.29 -9.50
C ALA A 1258 8.62 -28.85 -9.53
N SER A 1259 7.71 -27.89 -9.45
CA SER A 1259 8.10 -26.50 -9.61
C SER A 1259 7.46 -25.62 -8.53
N GLN A 1260 6.58 -26.18 -7.73
CA GLN A 1260 5.77 -25.39 -6.81
C GLN A 1260 6.33 -25.47 -5.40
N LYS A 1261 5.87 -24.53 -4.56
CA LYS A 1261 6.37 -24.42 -3.20
C LYS A 1261 6.22 -25.73 -2.44
N HIS A 1262 5.18 -26.49 -2.74
CA HIS A 1262 5.01 -27.81 -2.17
C HIS A 1262 4.53 -28.77 -3.22
N SER A 1263 5.10 -28.67 -4.42
CA SER A 1263 4.77 -29.62 -5.46
C SER A 1263 5.22 -31.01 -5.05
N TYR A 1264 4.68 -32.01 -5.76
CA TYR A 1264 5.08 -33.39 -5.48
C TYR A 1264 6.58 -33.56 -5.60
N GLY A 1265 7.17 -33.03 -6.67
CA GLY A 1265 8.62 -33.11 -6.80
C GLY A 1265 9.32 -32.38 -5.67
N ASP A 1266 8.85 -31.17 -5.35
CA ASP A 1266 9.44 -30.41 -4.27
C ASP A 1266 9.30 -31.12 -2.94
N ARG A 1267 8.08 -31.56 -2.62
CA ARG A 1267 7.86 -32.26 -1.36
C ARG A 1267 8.68 -33.53 -1.30
N LEU A 1268 9.00 -34.10 -2.45
CA LEU A 1268 9.68 -35.39 -2.53
C LEU A 1268 11.20 -35.24 -2.56
N TYR A 1269 11.71 -34.16 -3.13
CA TYR A 1269 13.13 -34.06 -3.44
C TYR A 1269 13.86 -32.93 -2.73
N ASN A 1270 13.16 -32.07 -2.01
CA ASN A 1270 13.80 -30.92 -1.39
C ASN A 1270 14.83 -31.36 -0.35
N GLY A 1271 15.98 -30.68 -0.35
CA GLY A 1271 16.98 -30.98 0.64
C GLY A 1271 16.56 -30.60 2.04
N THR A 1272 15.97 -29.41 2.19
CA THR A 1272 15.46 -29.00 3.50
C THR A 1272 14.38 -29.93 4.01
N TYR A 1273 13.60 -30.52 3.11
CA TYR A 1273 12.54 -31.44 3.50
C TYR A 1273 13.09 -32.77 3.99
N ASN A 1274 14.40 -33.00 3.77
CA ASN A 1274 15.19 -34.10 4.35
C ASN A 1274 14.40 -35.40 4.44
N LEU A 1275 13.56 -35.66 3.45
CA LEU A 1275 12.77 -36.90 3.47
C LEU A 1275 13.66 -38.12 3.36
N THR A 1276 14.68 -38.06 2.51
CA THR A 1276 15.56 -39.19 2.24
C THR A 1276 16.82 -39.15 3.09
N GLY A 1277 16.79 -38.46 4.23
CA GLY A 1277 18.00 -38.30 5.01
C GLY A 1277 18.60 -39.61 5.45
N ALA A 1278 17.76 -40.54 5.89
CA ALA A 1278 18.25 -41.83 6.33
C ALA A 1278 18.83 -42.65 5.18
N SER A 1279 18.38 -42.41 3.96
CA SER A 1279 18.87 -43.20 2.84
C SER A 1279 20.36 -42.93 2.63
N PRO A 1280 21.19 -43.96 2.55
CA PRO A 1280 22.64 -43.75 2.49
C PRO A 1280 23.18 -43.48 1.09
N ILE A 1281 22.36 -43.61 0.06
CA ILE A 1281 22.84 -43.49 -1.31
C ILE A 1281 22.79 -42.04 -1.74
N TYR A 1282 23.71 -41.68 -2.64
CA TYR A 1282 23.74 -40.33 -3.18
C TYR A 1282 22.49 -40.04 -3.98
N SER A 1283 22.09 -38.77 -3.99
CA SER A 1283 20.99 -38.31 -4.81
C SER A 1283 21.53 -37.49 -5.96
N PRO A 1284 21.45 -37.99 -7.20
CA PRO A 1284 21.83 -37.15 -8.34
C PRO A 1284 20.98 -35.92 -8.48
N CYS A 1285 19.76 -35.96 -7.98
CA CYS A 1285 18.79 -34.87 -8.11
C CYS A 1285 18.83 -33.88 -6.96
N PHE A 1286 19.67 -34.12 -5.95
CA PHE A 1286 19.61 -33.33 -4.73
C PHE A 1286 19.94 -31.87 -4.99
N LYS A 1287 21.04 -31.61 -5.69
CA LYS A 1287 21.53 -30.23 -5.81
C LYS A 1287 20.58 -29.36 -6.62
N PHE A 1288 19.65 -29.96 -7.34
CA PHE A 1288 18.89 -29.18 -8.30
C PHE A 1288 17.64 -28.54 -7.73
N PHE A 1289 17.24 -28.91 -6.51
CA PHE A 1289 16.06 -28.33 -5.87
C PHE A 1289 16.33 -27.77 -4.51
N THR A 1290 17.58 -27.78 -4.05
CA THR A 1290 17.93 -27.14 -2.80
C THR A 1290 18.29 -25.70 -3.08
N PRO A 1291 17.59 -24.73 -2.52
CA PRO A 1291 17.97 -23.33 -2.76
C PRO A 1291 19.29 -23.02 -2.07
N ALA A 1292 20.34 -22.84 -2.86
CA ALA A 1292 21.67 -22.69 -2.32
C ALA A 1292 21.78 -21.42 -1.48
N GLU A 1293 22.40 -21.54 -0.31
CA GLU A 1293 22.66 -20.37 0.51
C GLU A 1293 23.69 -19.48 -0.16
N VAL A 1294 23.41 -18.19 -0.17
CA VAL A 1294 24.22 -17.21 -0.89
C VAL A 1294 24.19 -15.89 -0.12
N ASN A 1295 25.27 -15.15 -0.20
CA ASN A 1295 25.33 -13.80 0.34
C ASN A 1295 25.27 -12.79 -0.79
N THR A 1296 24.76 -11.60 -0.49
CA THR A 1296 24.64 -10.52 -1.46
C THR A 1296 25.70 -9.44 -1.25
N ASN A 1297 26.79 -9.76 -0.54
CA ASN A 1297 27.83 -8.76 -0.30
C ASN A 1297 28.46 -8.31 -1.61
N CYS A 1298 28.82 -9.26 -2.47
CA CYS A 1298 29.48 -8.96 -3.72
C CYS A 1298 28.46 -8.96 -4.86
N ASN A 1299 28.90 -8.58 -6.05
CA ASN A 1299 28.06 -8.67 -7.22
C ASN A 1299 27.96 -10.13 -7.67
N THR A 1300 27.12 -10.36 -8.68
CA THR A 1300 26.97 -11.71 -9.19
C THR A 1300 28.26 -12.22 -9.83
N LEU A 1301 28.98 -11.34 -10.54
CA LEU A 1301 30.13 -11.79 -11.33
C LEU A 1301 31.23 -12.35 -10.45
N ASP A 1302 31.52 -11.68 -9.33
CA ASP A 1302 32.67 -12.08 -8.53
C ASP A 1302 32.45 -13.45 -7.90
N ARG A 1303 31.29 -13.67 -7.28
CA ARG A 1303 31.06 -14.99 -6.68
C ARG A 1303 30.83 -16.04 -7.74
N LEU A 1304 30.28 -15.64 -8.89
CA LEU A 1304 30.21 -16.58 -10.00
C LEU A 1304 31.59 -17.09 -10.36
N LEU A 1305 32.56 -16.17 -10.43
CA LEU A 1305 33.93 -16.57 -10.70
C LEU A 1305 34.48 -17.43 -9.57
N MET A 1306 34.19 -17.05 -8.32
CA MET A 1306 34.80 -17.71 -7.17
C MET A 1306 34.31 -19.14 -7.04
N GLU A 1307 32.99 -19.35 -7.06
CA GLU A 1307 32.43 -20.67 -6.82
C GLU A 1307 32.58 -21.61 -8.01
N ALA A 1308 32.99 -21.10 -9.17
CA ALA A 1308 33.13 -21.95 -10.35
C ALA A 1308 34.24 -22.97 -10.18
N LYS A 1309 35.24 -22.69 -9.36
CA LYS A 1309 36.36 -23.61 -9.19
C LYS A 1309 35.92 -24.82 -8.39
N ALA A 1310 36.77 -25.84 -8.38
CA ALA A 1310 36.48 -27.14 -7.79
C ALA A 1310 36.05 -27.03 -6.34
N VAL A 1311 34.80 -27.37 -6.06
CA VAL A 1311 34.32 -27.47 -4.69
C VAL A 1311 34.50 -28.90 -4.20
N ALA A 1312 34.45 -29.06 -2.88
CA ALA A 1312 34.52 -30.39 -2.30
C ALA A 1312 33.42 -31.29 -2.88
N SER A 1313 33.79 -32.51 -3.23
CA SER A 1313 32.86 -33.43 -3.84
C SER A 1313 31.75 -33.82 -2.87
N GLN A 1314 30.57 -34.10 -3.41
CA GLN A 1314 29.44 -34.56 -2.62
C GLN A 1314 29.10 -36.01 -2.93
N SER A 1315 30.06 -36.76 -3.46
CA SER A 1315 29.81 -38.12 -3.92
C SER A 1315 30.83 -39.06 -3.29
N SER A 1316 30.47 -40.34 -3.28
CA SER A 1316 31.32 -41.39 -2.73
C SER A 1316 31.97 -42.17 -3.87
N THR A 1317 33.29 -42.27 -3.84
CA THR A 1317 34.06 -42.87 -4.93
C THR A 1317 34.39 -44.34 -4.68
N ASP A 1318 35.11 -44.63 -3.59
CA ASP A 1318 35.60 -45.97 -3.35
C ASP A 1318 34.47 -46.98 -3.18
N THR A 1319 33.26 -46.52 -2.95
CA THR A 1319 32.11 -47.39 -2.84
C THR A 1319 31.86 -48.05 -4.19
N GLU A 1320 30.78 -48.80 -4.28
CA GLU A 1320 30.40 -49.39 -5.55
C GLU A 1320 28.94 -49.16 -5.89
N TYR A 1321 28.17 -48.48 -5.03
CA TYR A 1321 26.80 -48.10 -5.35
C TYR A 1321 26.53 -46.62 -5.11
N GLN A 1322 27.56 -45.77 -5.10
CA GLN A 1322 27.39 -44.32 -5.05
C GLN A 1322 26.57 -43.88 -3.84
N PHE A 1323 27.13 -44.12 -2.66
CA PHE A 1323 26.47 -43.68 -1.43
C PHE A 1323 26.49 -42.16 -1.36
N LYS A 1324 25.88 -41.62 -0.30
CA LYS A 1324 26.01 -40.19 -0.07
C LYS A 1324 27.48 -39.84 0.18
N ARG A 1325 27.74 -38.55 0.29
CA ARG A 1325 29.09 -38.11 0.56
C ARG A 1325 29.57 -38.71 1.87
N PRO A 1326 30.64 -39.49 1.87
CA PRO A 1326 31.08 -40.16 3.09
C PRO A 1326 31.58 -39.14 4.11
N PRO A 1327 31.23 -39.32 5.38
CA PRO A 1327 31.74 -38.40 6.40
C PRO A 1327 33.25 -38.43 6.47
N GLY A 1328 33.84 -37.25 6.64
CA GLY A 1328 35.28 -37.11 6.70
C GLY A 1328 35.98 -37.19 5.37
N SER A 1329 35.25 -37.32 4.27
CA SER A 1329 35.84 -37.42 2.95
C SER A 1329 36.16 -36.03 2.42
N THR A 1330 37.37 -35.88 1.88
CA THR A 1330 37.82 -34.61 1.32
C THR A 1330 38.70 -34.88 0.11
N GLU A 1331 38.10 -34.87 -1.06
CA GLU A 1331 38.81 -34.97 -2.33
C GLU A 1331 38.28 -33.90 -3.26
N MET A 1332 39.15 -33.37 -4.11
CA MET A 1332 38.80 -32.18 -4.88
C MET A 1332 38.26 -32.59 -6.25
N THR A 1333 37.01 -32.21 -6.52
CA THR A 1333 36.38 -32.47 -7.80
C THR A 1333 35.71 -31.20 -8.30
N GLN A 1334 35.98 -30.83 -9.55
CA GLN A 1334 35.36 -29.64 -10.13
C GLN A 1334 33.95 -29.95 -10.60
N ASP A 1335 33.05 -28.99 -10.39
CA ASP A 1335 31.63 -29.16 -10.68
C ASP A 1335 31.14 -28.05 -11.58
N PRO A 1336 31.47 -28.09 -12.85
CA PRO A 1336 30.86 -27.17 -13.81
C PRO A 1336 29.46 -27.67 -14.14
N CYS A 1337 28.67 -26.79 -14.77
CA CYS A 1337 27.29 -27.06 -15.19
C CYS A 1337 26.47 -27.68 -14.06
N GLY A 1338 26.93 -27.56 -12.83
CA GLY A 1338 26.18 -28.04 -11.68
C GLY A 1338 25.78 -26.85 -10.84
N LEU A 1339 26.60 -25.81 -10.85
CA LEU A 1339 26.19 -24.54 -10.30
C LEU A 1339 25.41 -23.74 -11.33
N PHE A 1340 25.34 -24.24 -12.57
CA PHE A 1340 24.54 -23.64 -13.62
C PHE A 1340 23.07 -24.03 -13.52
N GLN A 1341 22.74 -25.00 -12.66
CA GLN A 1341 21.38 -25.52 -12.55
C GLN A 1341 20.88 -25.97 -13.93
N GLU A 1342 21.76 -26.64 -14.67
CA GLU A 1342 21.47 -27.05 -16.02
C GLU A 1342 21.96 -28.48 -16.20
N ALA A 1343 21.31 -29.21 -17.10
CA ALA A 1343 21.65 -30.59 -17.36
C ALA A 1343 21.76 -30.82 -18.86
N TYR A 1344 22.34 -31.96 -19.22
CA TYR A 1344 22.63 -32.16 -20.63
C TYR A 1344 21.93 -33.40 -21.13
N PRO A 1345 21.38 -33.36 -22.34
CA PRO A 1345 20.75 -34.54 -22.91
C PRO A 1345 21.75 -35.40 -23.64
N PRO A 1346 21.89 -36.66 -23.26
CA PRO A 1346 22.79 -37.55 -23.99
C PRO A 1346 22.11 -38.21 -25.16
N LEU A 1347 22.87 -38.97 -25.94
CA LEU A 1347 22.30 -39.72 -27.05
C LEU A 1347 21.26 -40.70 -26.55
N CYS A 1348 20.13 -40.76 -27.24
CA CYS A 1348 19.06 -41.67 -26.88
C CYS A 1348 18.11 -41.81 -28.04
N SER A 1349 17.28 -42.84 -27.98
CA SER A 1349 16.25 -43.07 -29.00
C SER A 1349 15.12 -43.88 -28.38
N SER A 1350 13.95 -43.74 -28.96
CA SER A 1350 12.78 -44.50 -28.56
C SER A 1350 12.74 -45.89 -29.18
N ASP A 1351 13.50 -46.13 -30.24
CA ASP A 1351 13.48 -47.42 -30.92
C ASP A 1351 14.90 -47.81 -31.27
N ALA A 1352 15.20 -49.10 -31.15
CA ALA A 1352 16.57 -49.54 -31.36
C ALA A 1352 17.01 -49.36 -32.81
N ALA A 1353 16.36 -50.02 -33.75
CA ALA A 1353 16.75 -49.91 -35.14
C ALA A 1353 16.71 -48.46 -35.60
N MET A 1354 15.78 -47.68 -35.04
CA MET A 1354 15.75 -46.24 -35.27
C MET A 1354 17.01 -45.55 -34.79
N LEU A 1355 17.62 -46.03 -33.70
CA LEU A 1355 18.77 -45.34 -33.13
C LEU A 1355 19.97 -45.30 -34.07
N ARG A 1356 20.06 -46.20 -35.04
CA ARG A 1356 21.19 -46.20 -35.94
C ARG A 1356 20.66 -46.19 -37.37
N THR A 1357 21.53 -45.75 -38.28
CA THR A 1357 21.23 -45.76 -39.70
C THR A 1357 21.98 -46.91 -40.37
N ALA A 1358 21.26 -47.65 -41.21
CA ALA A 1358 21.81 -48.80 -41.90
C ALA A 1358 22.77 -48.34 -43.00
N HIS A 1359 23.99 -47.99 -42.57
CA HIS A 1359 25.02 -47.57 -43.49
C HIS A 1359 26.37 -48.18 -43.20
N ALA A 1360 26.51 -49.01 -42.17
CA ALA A 1360 27.81 -49.51 -41.70
C ALA A 1360 28.75 -48.32 -41.45
N GLY A 1361 28.29 -47.44 -40.58
CA GLY A 1361 28.96 -46.17 -40.36
C GLY A 1361 28.31 -45.35 -39.26
N GLU A 1362 28.08 -44.07 -39.53
CA GLU A 1362 27.56 -43.18 -38.50
C GLU A 1362 26.20 -43.65 -38.00
N THR A 1363 25.82 -43.13 -36.84
CA THR A 1363 24.59 -43.54 -36.18
C THR A 1363 23.39 -42.87 -36.82
N GLY A 1364 22.24 -42.99 -36.16
CA GLY A 1364 21.01 -42.41 -36.67
C GLY A 1364 21.04 -40.89 -36.64
N ALA A 1365 20.17 -40.31 -37.47
CA ALA A 1365 20.09 -38.86 -37.57
C ALA A 1365 18.66 -38.34 -37.60
N ASP A 1366 17.66 -39.22 -37.66
CA ASP A 1366 16.27 -38.77 -37.67
C ASP A 1366 15.92 -38.26 -36.28
N GLU A 1367 14.91 -37.39 -36.22
CA GLU A 1367 14.41 -36.89 -34.95
C GLU A 1367 13.15 -37.61 -34.51
N VAL A 1368 12.12 -37.61 -35.36
CA VAL A 1368 10.87 -38.29 -35.10
C VAL A 1368 10.39 -38.95 -36.38
N HIS A 1369 9.97 -40.21 -36.29
CA HIS A 1369 9.48 -40.90 -37.48
C HIS A 1369 7.97 -40.84 -37.60
N LEU A 1370 7.26 -41.46 -36.66
CA LEU A 1370 5.81 -41.36 -36.63
C LEU A 1370 5.31 -40.78 -35.31
N ALA A 1371 5.65 -41.41 -34.20
CA ALA A 1371 5.36 -40.87 -32.87
C ALA A 1371 6.52 -41.02 -31.92
N GLN A 1372 7.52 -41.83 -32.25
CA GLN A 1372 8.70 -42.01 -31.42
C GLN A 1372 9.66 -40.84 -31.66
N TYR A 1373 10.81 -40.89 -31.01
CA TYR A 1373 11.68 -39.72 -31.08
C TYR A 1373 13.11 -40.13 -30.77
N LEU A 1374 14.05 -39.33 -31.27
CA LEU A 1374 15.46 -39.49 -31.01
C LEU A 1374 16.03 -38.12 -30.66
N ILE A 1375 16.94 -38.09 -29.70
CA ILE A 1375 17.58 -36.84 -29.30
C ILE A 1375 19.03 -36.91 -29.76
N ARG A 1376 19.40 -36.00 -30.65
CA ARG A 1376 20.81 -35.83 -30.97
C ARG A 1376 21.54 -35.39 -29.71
N ASP A 1377 22.66 -36.05 -29.43
CA ASP A 1377 23.43 -35.67 -28.25
C ASP A 1377 23.90 -34.23 -28.37
N ALA A 1378 23.69 -33.46 -27.31
CA ALA A 1378 24.10 -32.08 -27.29
C ALA A 1378 25.10 -31.78 -26.19
N SER A 1379 25.41 -32.74 -25.33
CA SER A 1379 26.43 -32.55 -24.33
C SER A 1379 27.79 -32.39 -25.01
N PRO A 1380 28.74 -31.75 -24.32
CA PRO A 1380 30.09 -31.62 -24.91
C PRO A 1380 30.74 -32.95 -25.19
N LEU A 1381 30.16 -34.04 -24.66
CA LEU A 1381 30.69 -35.38 -24.88
C LEU A 1381 30.30 -35.83 -26.28
N ARG A 1382 30.59 -34.99 -27.27
CA ARG A 1382 30.00 -35.15 -28.60
C ARG A 1382 30.91 -35.97 -29.51
N GLY A 1383 32.13 -35.49 -29.74
CA GLY A 1383 33.06 -36.14 -30.64
C GLY A 1383 33.94 -37.15 -29.96
N CYS A 1384 33.56 -37.59 -28.77
CA CYS A 1384 34.30 -38.57 -28.00
C CYS A 1384 33.39 -39.76 -27.69
N LEU A 1385 33.93 -40.73 -26.95
CA LEU A 1385 33.25 -41.99 -26.66
C LEU A 1385 32.77 -42.65 -27.94
N PRO A 1386 33.66 -43.29 -28.70
CA PRO A 1386 33.26 -43.90 -29.97
C PRO A 1386 32.23 -45.01 -29.77
N LEU A 1387 31.40 -45.18 -30.78
CA LEU A 1387 30.30 -46.15 -30.72
C LEU A 1387 30.54 -47.31 -31.67
N UNK B 1 0.35 18.13 125.95
CA UNK B 1 -0.22 17.13 125.05
C UNK B 1 -0.60 17.76 123.73
N UNK B 2 -1.52 18.72 123.77
CA UNK B 2 -1.93 19.47 122.60
C UNK B 2 -1.17 20.78 122.43
N UNK B 3 -0.89 21.47 123.54
CA UNK B 3 0.01 22.61 123.53
C UNK B 3 1.28 22.34 124.33
N UNK B 4 1.16 21.58 125.42
CA UNK B 4 2.32 21.26 126.24
C UNK B 4 3.33 20.41 125.48
N UNK B 5 2.85 19.40 124.75
CA UNK B 5 3.75 18.60 123.94
C UNK B 5 4.36 19.40 122.80
N UNK B 6 3.56 20.26 122.17
CA UNK B 6 4.09 21.13 121.12
C UNK B 6 5.16 22.07 121.67
N UNK B 7 4.89 22.64 122.85
CA UNK B 7 5.89 23.49 123.48
C UNK B 7 7.15 22.71 123.82
N UNK B 8 6.99 21.47 124.29
CA UNK B 8 8.16 20.65 124.63
C UNK B 8 9.00 20.36 123.40
N UNK B 9 8.34 20.02 122.28
CA UNK B 9 9.08 19.76 121.05
C UNK B 9 9.77 21.03 120.55
N UNK B 10 9.08 22.17 120.59
CA UNK B 10 9.66 23.41 120.13
C UNK B 10 10.79 23.90 121.03
N UNK B 11 10.77 23.53 122.31
CA UNK B 11 11.83 23.93 123.22
C UNK B 11 13.09 23.11 122.98
N UNK B 12 12.95 21.81 122.73
CA UNK B 12 14.07 20.94 122.45
C UNK B 12 14.31 20.84 120.95
N UNK B 13 13.66 21.72 120.19
CA UNK B 13 13.85 21.75 118.74
C UNK B 13 15.28 22.13 118.38
N UNK B 14 15.86 23.10 119.08
CA UNK B 14 17.24 23.53 118.88
C UNK B 14 17.95 23.46 120.23
N UNK B 15 18.51 22.29 120.54
CA UNK B 15 18.48 21.12 119.65
C UNK B 15 18.04 19.87 120.40
N UNK B 16 17.91 18.75 119.68
CA UNK B 16 17.51 17.48 120.27
C UNK B 16 18.62 16.44 120.21
N UNK B 17 19.13 16.14 119.02
CA UNK B 17 20.30 15.27 118.83
C UNK B 17 20.05 13.84 119.27
N UNK B 18 20.01 13.61 120.58
CA UNK B 18 19.91 12.25 121.09
C UNK B 18 18.56 11.62 120.74
N UNK B 19 18.54 10.29 120.74
CA UNK B 19 17.30 9.58 120.46
C UNK B 19 16.29 9.70 121.58
N UNK B 20 16.69 10.24 122.72
CA UNK B 20 15.76 10.39 123.84
C UNK B 20 14.62 11.34 123.49
N UNK B 21 14.84 12.22 122.52
CA UNK B 21 13.79 13.16 122.12
C UNK B 21 12.57 12.42 121.59
N UNK B 22 12.78 11.41 120.75
CA UNK B 22 11.66 10.69 120.17
C UNK B 22 10.87 9.92 121.23
N UNK B 23 11.56 9.20 122.10
CA UNK B 23 10.88 8.44 123.14
C UNK B 23 10.15 9.35 124.11
N UNK B 24 10.79 10.46 124.50
CA UNK B 24 10.14 11.41 125.39
C UNK B 24 8.91 12.02 124.76
N UNK B 25 8.99 12.37 123.47
CA UNK B 25 7.83 12.90 122.77
C UNK B 25 6.71 11.87 122.71
N UNK B 26 7.04 10.61 122.45
CA UNK B 26 6.03 9.57 122.41
C UNK B 26 5.36 9.39 123.76
N UNK B 27 6.15 9.33 124.84
CA UNK B 27 5.58 9.16 126.17
C UNK B 27 4.70 10.35 126.55
N UNK B 28 5.14 11.57 126.23
CA UNK B 28 4.33 12.74 126.53
C UNK B 28 3.04 12.76 125.71
N UNK B 29 3.14 12.45 124.41
CA UNK B 29 1.97 12.44 123.56
C UNK B 29 0.99 11.35 123.93
N UNK B 30 1.44 10.30 124.61
CA UNK B 30 0.50 9.33 125.15
C UNK B 30 -0.49 10.02 126.08
N UNK B 31 0.04 10.76 127.07
CA UNK B 31 -0.77 11.48 128.04
C UNK B 31 -1.85 10.57 128.65
N UNK B 32 -1.37 9.51 129.29
CA UNK B 32 -2.19 8.44 129.87
C UNK B 32 -2.91 7.63 128.78
N UNK B 33 -2.75 8.06 127.52
CA UNK B 33 -3.22 7.34 126.35
C UNK B 33 -4.63 6.78 126.48
N UNK B 34 -4.85 5.62 125.85
CA UNK B 34 -6.09 4.87 125.70
C UNK B 34 -6.03 3.99 124.45
N UNK B 35 -5.68 4.51 123.27
CA UNK B 35 -5.44 5.92 122.97
C UNK B 35 -6.37 6.34 121.84
N UNK B 36 -7.61 6.64 122.21
CA UNK B 36 -8.73 6.73 121.28
C UNK B 36 -9.94 7.17 122.10
N UNK B 37 -10.97 7.78 121.48
CA UNK B 37 -11.40 7.93 120.06
C UNK B 37 -11.89 6.60 119.45
N UNK B 38 -11.81 5.53 120.24
CA UNK B 38 -12.31 4.19 119.92
C UNK B 38 -11.57 3.57 118.74
N UNK B 39 -10.73 4.35 118.06
CA UNK B 39 -9.96 3.85 116.92
C UNK B 39 -8.50 4.26 116.98
N UNK B 40 -8.24 5.48 117.47
CA UNK B 40 -6.94 6.14 117.30
C UNK B 40 -5.80 5.43 118.02
N UNK B 41 -6.08 4.49 118.91
CA UNK B 41 -5.00 3.69 119.49
C UNK B 41 -4.26 2.93 118.40
N UNK B 42 -4.99 2.42 117.41
CA UNK B 42 -4.35 1.76 116.27
C UNK B 42 -3.44 2.72 115.53
N UNK B 43 -3.83 4.00 115.45
CA UNK B 43 -3.01 4.98 114.73
C UNK B 43 -1.67 5.19 115.41
N UNK B 44 -1.67 5.46 116.71
CA UNK B 44 -0.43 5.65 117.44
C UNK B 44 0.40 4.37 117.46
N UNK B 45 -0.25 3.22 117.64
CA UNK B 45 0.46 1.94 117.62
C UNK B 45 1.11 1.69 116.28
N UNK B 46 0.41 1.98 115.18
CA UNK B 46 0.97 1.78 113.85
C UNK B 46 2.07 2.78 113.55
N UNK B 47 1.96 4.01 114.07
CA UNK B 47 3.04 4.97 113.92
C UNK B 47 4.30 4.48 114.63
N UNK B 48 4.14 3.97 115.86
CA UNK B 48 5.28 3.41 116.58
C UNK B 48 5.87 2.21 115.84
N UNK B 49 5.00 1.34 115.32
CA UNK B 49 5.48 0.16 114.60
C UNK B 49 6.22 0.55 113.32
N UNK B 50 5.71 1.55 112.58
CA UNK B 50 6.38 2.00 111.37
C UNK B 50 7.72 2.63 111.68
N UNK B 51 7.79 3.43 112.76
CA UNK B 51 9.07 3.99 113.16
C UNK B 51 10.05 2.87 113.53
N UNK B 52 9.58 1.87 114.27
CA UNK B 52 10.44 0.75 114.65
C UNK B 52 10.91 -0.02 113.41
N UNK B 53 10.03 -0.22 112.44
CA UNK B 53 10.41 -0.94 111.22
C UNK B 53 11.43 -0.16 110.41
N UNK B 54 11.24 1.16 110.28
CA UNK B 54 12.21 1.97 109.58
C UNK B 54 13.55 1.94 110.30
N UNK B 55 13.53 2.02 111.63
CA UNK B 55 14.77 1.95 112.39
C UNK B 55 15.44 0.59 112.22
N UNK B 56 14.64 -0.48 112.20
CA UNK B 56 15.19 -1.83 112.03
C UNK B 56 15.84 -1.98 110.67
N UNK B 57 15.19 -1.48 109.62
CA UNK B 57 15.79 -1.53 108.29
C UNK B 57 17.07 -0.71 108.24
N UNK B 58 17.03 0.50 108.80
CA UNK B 58 18.21 1.37 108.78
C UNK B 58 19.37 0.72 109.52
N UNK B 59 19.11 0.13 110.68
CA UNK B 59 20.15 -0.57 111.42
C UNK B 59 20.66 -1.76 110.63
N UNK B 60 19.79 -2.75 110.40
CA UNK B 60 20.18 -4.00 109.77
C UNK B 60 20.71 -3.81 108.36
N UNK B 61 20.70 -2.58 107.85
CA UNK B 61 21.37 -2.29 106.59
C UNK B 61 22.65 -1.49 106.78
N UNK B 62 22.56 -0.29 107.35
CA UNK B 62 23.74 0.57 107.45
C UNK B 62 24.73 0.02 108.46
N UNK B 63 24.26 -0.35 109.66
CA UNK B 63 25.15 -0.89 110.66
C UNK B 63 25.72 -2.23 110.23
N UNK B 64 24.90 -3.05 109.56
CA UNK B 64 25.39 -4.33 109.06
C UNK B 64 26.53 -4.12 108.07
N UNK B 65 26.33 -3.23 107.09
CA UNK B 65 27.38 -2.96 106.12
C UNK B 65 28.61 -2.35 106.79
N UNK B 66 28.40 -1.45 107.75
CA UNK B 66 29.52 -0.82 108.44
C UNK B 66 30.35 -1.84 109.18
N UNK B 67 29.68 -2.75 109.90
CA UNK B 67 30.39 -3.80 110.62
C UNK B 67 31.13 -4.72 109.66
N UNK B 68 30.50 -5.08 108.54
CA UNK B 68 31.14 -5.96 107.58
C UNK B 68 32.40 -5.31 106.99
N UNK B 69 32.27 -4.05 106.56
CA UNK B 69 33.40 -3.37 105.96
C UNK B 69 34.52 -3.14 106.98
N UNK B 70 34.15 -2.74 108.21
CA UNK B 70 35.16 -2.54 109.24
C UNK B 70 35.88 -3.84 109.55
N UNK B 71 35.15 -4.94 109.64
CA UNK B 71 35.78 -6.23 109.91
C UNK B 71 36.70 -6.65 108.77
N UNK B 72 36.27 -6.47 107.52
CA UNK B 72 37.12 -6.85 106.39
C UNK B 72 38.40 -6.03 106.37
N UNK B 73 38.26 -4.71 106.55
CA UNK B 73 39.45 -3.85 106.57
C UNK B 73 40.35 -4.19 107.74
N UNK B 74 39.76 -4.49 108.90
CA UNK B 74 40.55 -4.82 110.08
C UNK B 74 41.33 -6.12 109.88
N UNK B 75 40.67 -7.12 109.29
CA UNK B 75 41.37 -8.38 109.02
C UNK B 75 42.50 -8.17 108.02
N UNK B 76 42.25 -7.38 106.97
CA UNK B 76 43.30 -7.10 106.00
C UNK B 76 44.47 -6.36 106.65
N UNK B 77 44.17 -5.36 107.48
CA UNK B 77 45.21 -4.60 108.15
C UNK B 77 46.00 -5.49 109.11
N UNK B 78 45.31 -6.36 109.84
CA UNK B 78 45.99 -7.25 110.76
C UNK B 78 46.92 -8.21 110.01
N UNK B 79 46.45 -8.75 108.89
CA UNK B 79 47.29 -9.65 108.10
C UNK B 79 48.52 -8.91 107.57
N UNK B 80 48.32 -7.70 107.04
CA UNK B 80 49.45 -6.93 106.53
C UNK B 80 50.43 -6.58 107.65
N UNK B 81 49.92 -6.20 108.82
CA UNK B 81 50.78 -5.84 109.94
C UNK B 81 51.59 -7.03 110.43
N UNK B 82 50.95 -8.20 110.53
CA UNK B 82 51.67 -9.40 110.93
C UNK B 82 52.75 -9.74 109.91
N UNK B 83 52.42 -9.64 108.62
CA UNK B 83 53.41 -9.90 107.59
C UNK B 83 54.58 -8.93 107.70
N UNK B 84 54.29 -7.65 107.96
CA UNK B 84 55.35 -6.66 108.09
C UNK B 84 56.23 -6.92 109.31
N UNK B 85 55.61 -7.25 110.44
CA UNK B 85 56.37 -7.43 111.67
C UNK B 85 57.22 -8.69 111.62
N UNK B 86 56.65 -9.80 111.10
CA UNK B 86 57.41 -11.04 111.02
C UNK B 86 58.60 -10.90 110.07
N UNK B 87 58.38 -10.29 108.92
CA UNK B 87 59.43 -10.11 107.93
C UNK B 87 60.31 -8.92 108.27
N ALA C 1 58.68 12.79 -25.12
CA ALA C 1 58.40 14.15 -25.55
C ALA C 1 58.07 15.05 -24.35
N ALA C 2 57.13 15.96 -24.53
CA ALA C 2 56.86 16.94 -23.47
C ALA C 2 55.42 16.93 -22.98
N ALA C 3 54.44 16.84 -23.88
CA ALA C 3 53.00 16.95 -23.54
C ALA C 3 52.80 18.32 -22.90
N ALA C 4 52.16 18.42 -21.75
CA ALA C 4 52.14 19.67 -21.01
C ALA C 4 53.54 20.01 -20.53
N ALA C 5 53.86 21.29 -20.55
CA ALA C 5 55.24 21.73 -20.32
C ALA C 5 55.76 21.23 -18.98
N ALA C 6 56.94 20.59 -19.02
CA ALA C 6 57.56 20.07 -17.80
C ALA C 6 57.88 21.20 -16.83
N THR C 7 58.40 22.30 -17.35
CA THR C 7 58.65 23.47 -16.51
C THR C 7 57.36 24.00 -15.92
N GLU C 8 56.30 24.07 -16.73
CA GLU C 8 55.01 24.52 -16.23
C GLU C 8 54.46 23.54 -15.21
N SER C 9 54.63 22.24 -15.44
CA SER C 9 54.16 21.25 -14.48
C SER C 9 54.88 21.41 -13.15
N ASP C 10 56.20 21.60 -13.19
CA ASP C 10 56.97 21.77 -11.97
C ASP C 10 56.60 23.07 -11.26
N ARG C 11 56.35 24.13 -12.02
CA ARG C 11 55.88 25.38 -11.42
C ARG C 11 54.53 25.20 -10.74
N ILE C 12 53.62 24.50 -11.40
CA ILE C 12 52.30 24.27 -10.81
C ILE C 12 52.42 23.43 -9.55
N ALA C 13 53.35 22.47 -9.56
CA ALA C 13 53.63 21.70 -8.34
C ALA C 13 54.17 22.60 -7.23
N GLY C 14 55.07 23.51 -7.58
CA GLY C 14 55.67 24.38 -6.57
C GLY C 14 54.68 25.35 -5.95
N ILE C 15 53.85 25.98 -6.78
CA ILE C 15 52.98 27.06 -6.31
C ILE C 15 51.91 26.55 -5.36
N PHE C 16 51.51 25.28 -5.48
CA PHE C 16 50.43 24.74 -4.68
C PHE C 16 50.99 24.03 -3.45
N ASN C 17 51.93 24.71 -2.79
CA ASN C 17 52.48 24.35 -1.49
C ASN C 17 53.41 23.13 -1.53
N ILE C 18 53.55 22.48 -2.68
CA ILE C 18 54.52 21.37 -2.74
C ILE C 18 55.89 21.92 -3.14
N PRO C 19 56.92 21.76 -2.30
CA PRO C 19 58.29 22.15 -2.70
C PRO C 19 59.04 21.01 -3.38
N ALA C 20 58.43 20.46 -4.44
CA ALA C 20 59.07 19.39 -5.20
C ALA C 20 60.12 19.97 -6.14
N GLY C 21 61.40 19.71 -5.85
CA GLY C 21 62.46 20.23 -6.70
C GLY C 21 62.42 19.62 -8.09
N ILE C 22 62.26 18.31 -8.17
CA ILE C 22 62.20 17.60 -9.45
C ILE C 22 60.98 16.71 -9.45
N ILE C 23 60.08 16.93 -10.41
CA ILE C 23 58.92 16.07 -10.60
C ILE C 23 59.35 14.90 -11.48
N PRO C 24 59.17 13.65 -11.04
CA PRO C 24 59.64 12.52 -11.84
C PRO C 24 58.89 12.42 -13.16
N THR C 25 59.64 12.21 -14.24
CA THR C 25 59.10 12.01 -15.58
C THR C 25 59.75 10.75 -16.14
N GLY C 26 59.18 9.60 -15.79
CA GLY C 26 59.76 8.32 -16.18
C GLY C 26 59.25 7.17 -15.33
N ASN C 27 60.12 6.19 -15.09
CA ASN C 27 59.74 4.98 -14.36
C ASN C 27 60.04 5.16 -12.88
N VAL C 28 59.05 4.85 -12.04
CA VAL C 28 59.16 4.96 -10.58
C VAL C 28 58.89 3.60 -10.00
N LEU C 29 59.82 3.11 -9.16
CA LEU C 29 59.69 1.80 -8.51
C LEU C 29 59.69 2.00 -6.99
N SER C 30 58.52 1.90 -6.38
CA SER C 30 58.40 2.00 -4.93
C SER C 30 58.47 0.60 -4.30
N THR C 31 58.39 0.57 -2.96
CA THR C 31 58.56 -0.65 -2.18
C THR C 31 57.21 -1.13 -1.68
N ILE C 32 56.87 -2.39 -1.95
CA ILE C 32 55.66 -2.97 -1.40
C ILE C 32 55.79 -3.03 0.11
N GLU C 33 54.66 -2.92 0.82
CA GLU C 33 54.65 -2.91 2.27
C GLU C 33 54.22 -4.27 2.80
N VAL C 34 55.04 -4.83 3.69
CA VAL C 34 54.72 -6.06 4.41
C VAL C 34 54.51 -5.71 5.87
N CYS C 35 53.30 -5.95 6.37
CA CYS C 35 52.94 -5.57 7.73
C CYS C 35 52.77 -6.83 8.57
N ALA C 36 53.52 -6.92 9.67
CA ALA C 36 53.43 -8.11 10.55
C ALA C 36 52.76 -7.75 11.88
N HIS C 37 51.90 -8.64 12.38
CA HIS C 37 51.25 -8.40 13.70
C HIS C 37 51.61 -9.55 14.65
N ARG C 38 52.29 -9.22 15.75
CA ARG C 38 52.75 -10.25 16.72
C ARG C 38 52.11 -9.97 18.09
N LEU C 54 50.14 0.21 13.49
CA LEU C 54 50.02 -1.27 13.38
C LEU C 54 51.24 -1.93 14.05
N TYR C 55 51.06 -3.10 14.69
CA TYR C 55 52.17 -3.77 15.43
C TYR C 55 53.45 -3.71 14.61
N SER C 56 54.55 -3.33 15.27
CA SER C 56 55.85 -3.23 14.57
C SER C 56 56.41 -4.63 14.28
N ALA C 57 57.62 -4.71 13.73
CA ALA C 57 58.24 -6.02 13.40
C ALA C 57 59.69 -5.81 12.97
N GLN C 58 60.29 -6.81 12.31
CA GLN C 58 61.66 -6.65 11.77
C GLN C 58 61.52 -6.04 10.36
N PHE C 59 60.28 -5.77 9.95
CA PHE C 59 59.90 -5.26 8.60
C PHE C 59 60.91 -5.73 7.57
N ASP C 60 62.02 -5.00 7.44
CA ASP C 60 63.09 -5.30 6.44
C ASP C 60 62.54 -5.06 5.03
N ILE C 61 62.91 -3.93 4.41
CA ILE C 61 62.48 -3.65 3.01
C ILE C 61 62.75 -4.90 2.16
N LEU C 62 61.93 -5.17 1.14
CA LEU C 62 62.10 -6.42 0.40
C LEU C 62 63.52 -6.67 -0.05
N LEU C 63 64.43 -5.72 0.13
CA LEU C 63 65.84 -5.88 -0.24
C LEU C 63 65.98 -6.23 -1.73
N GLY C 64 65.35 -5.42 -2.57
CA GLY C 64 65.45 -5.60 -4.01
C GLY C 64 64.11 -5.70 -4.71
N THR C 65 63.12 -6.29 -4.06
CA THR C 65 61.81 -6.51 -4.68
C THR C 65 60.97 -5.24 -4.58
N TYR C 66 60.67 -4.63 -5.74
CA TYR C 66 59.90 -3.39 -5.81
C TYR C 66 58.67 -3.59 -6.71
N CYS C 67 57.78 -2.60 -6.69
CA CYS C 67 56.61 -2.55 -7.56
C CYS C 67 56.46 -1.14 -8.14
N ASN C 68 55.89 -1.05 -9.33
CA ASN C 68 55.58 0.25 -9.91
C ASN C 68 54.10 0.59 -9.70
N THR C 69 53.78 1.86 -9.92
CA THR C 69 52.40 2.31 -9.79
C THR C 69 51.63 2.14 -11.08
N LEU C 70 52.15 2.72 -12.17
CA LEU C 70 51.39 2.84 -13.40
C LEU C 70 52.31 2.59 -14.60
N ASN C 71 51.74 2.78 -15.79
CA ASN C 71 52.48 2.80 -17.04
C ASN C 71 52.02 4.04 -17.80
N PHE C 72 52.87 5.05 -17.87
CA PHE C 72 52.45 6.32 -18.42
C PHE C 72 52.25 6.23 -19.93
N VAL C 73 51.18 6.88 -20.40
CA VAL C 73 50.83 6.89 -21.81
C VAL C 73 51.37 8.16 -22.42
N ARG C 74 51.68 8.09 -23.72
CA ARG C 74 52.28 9.20 -24.42
C ARG C 74 51.60 9.38 -25.77
N PHE C 75 51.52 10.62 -26.23
CA PHE C 75 50.73 10.90 -27.42
C PHE C 75 51.47 10.55 -28.69
N LEU C 76 52.68 11.10 -28.87
CA LEU C 76 53.38 10.89 -30.13
C LEU C 76 53.80 9.45 -30.31
N GLU C 77 53.88 8.68 -29.21
CA GLU C 77 54.12 7.26 -29.34
C GLU C 77 52.95 6.54 -29.98
N LEU C 78 51.77 7.13 -29.97
CA LEU C 78 50.61 6.53 -30.60
C LEU C 78 50.73 6.63 -32.12
N GLY C 79 50.37 5.54 -32.80
CA GLY C 79 50.42 5.54 -34.25
C GLY C 79 49.47 6.55 -34.86
N LEU C 80 48.44 6.94 -34.12
CA LEU C 80 47.46 7.91 -34.60
C LEU C 80 48.01 9.33 -34.64
N SER C 81 49.14 9.59 -33.96
CA SER C 81 49.65 10.95 -33.86
C SER C 81 49.92 11.57 -35.22
N VAL C 82 50.19 10.76 -36.24
CA VAL C 82 50.39 11.28 -37.59
C VAL C 82 49.11 11.78 -38.23
N ALA C 83 47.95 11.26 -37.83
CA ALA C 83 46.71 11.69 -38.44
C ALA C 83 46.39 13.14 -38.12
N CYS C 84 46.93 13.67 -37.03
CA CYS C 84 46.63 15.01 -36.59
C CYS C 84 47.89 15.85 -36.64
N ILE C 85 47.76 17.09 -37.11
CA ILE C 85 48.83 18.07 -36.97
C ILE C 85 48.57 18.85 -35.69
N CYS C 86 49.37 18.56 -34.67
CA CYS C 86 49.29 19.33 -33.45
C CYS C 86 50.09 20.62 -33.59
N THR C 87 49.65 21.65 -32.89
CA THR C 87 50.40 22.89 -32.85
C THR C 87 50.03 23.68 -31.60
N LYS C 88 51.04 24.24 -30.96
CA LYS C 88 50.81 25.02 -29.75
C LYS C 88 50.14 26.34 -30.07
N PHE C 89 49.28 26.78 -29.17
CA PHE C 89 48.54 28.03 -29.33
C PHE C 89 48.00 28.46 -27.98
N PRO C 90 48.85 29.00 -27.12
CA PRO C 90 48.42 29.26 -25.73
C PRO C 90 47.25 30.22 -25.63
N GLU C 91 47.11 31.13 -26.57
CA GLU C 91 46.02 32.10 -26.55
C GLU C 91 44.77 31.54 -27.21
N LEU C 92 44.41 30.31 -26.86
CA LEU C 92 43.23 29.69 -27.44
C LEU C 92 41.97 30.03 -26.66
N ALA C 93 42.08 30.12 -25.33
CA ALA C 93 40.90 30.37 -24.52
C ALA C 93 40.29 31.74 -24.81
N TYR C 94 41.08 32.69 -25.30
CA TYR C 94 40.59 34.04 -25.50
C TYR C 94 40.22 34.29 -26.96
N VAL C 95 40.26 33.26 -27.80
CA VAL C 95 39.92 33.44 -29.21
C VAL C 95 38.46 33.82 -29.34
N ARG C 96 38.11 34.36 -30.50
CA ARG C 96 36.75 34.79 -30.78
C ARG C 96 36.12 33.98 -31.91
N ASP C 97 36.75 33.93 -33.09
CA ASP C 97 36.26 33.11 -34.18
C ASP C 97 37.32 33.01 -35.28
N GLY C 98 37.58 31.79 -35.76
CA GLY C 98 38.59 31.58 -36.77
C GLY C 98 38.02 30.86 -37.98
N VAL C 99 38.66 31.10 -39.12
CA VAL C 99 38.28 30.47 -40.37
C VAL C 99 39.54 30.11 -41.14
N ILE C 100 39.36 29.29 -42.17
CA ILE C 100 40.43 28.90 -43.07
C ILE C 100 39.96 29.13 -44.50
N GLN C 101 40.91 29.42 -45.38
CA GLN C 101 40.62 29.75 -46.77
C GLN C 101 40.97 28.59 -47.68
N PHE C 102 40.12 28.38 -48.69
CA PHE C 102 40.39 27.44 -49.77
C PHE C 102 40.20 28.13 -51.11
N GLU C 103 41.28 28.23 -51.88
CA GLU C 103 41.22 28.59 -53.28
C GLU C 103 41.49 27.34 -54.10
N VAL C 104 40.68 27.12 -55.13
CA VAL C 104 40.89 25.93 -55.96
C VAL C 104 40.65 26.29 -57.42
N GLN C 105 41.57 25.80 -58.27
CA GLN C 105 41.50 25.94 -59.72
C GLN C 105 41.12 24.58 -60.30
N GLN C 106 40.06 24.56 -61.08
CA GLN C 106 39.54 23.34 -61.67
C GLN C 106 40.13 23.15 -63.07
N PRO C 107 40.75 22.00 -63.34
CA PRO C 107 41.34 21.77 -64.66
C PRO C 107 40.28 21.78 -65.76
N MET C 108 40.69 22.29 -66.91
CA MET C 108 39.83 22.42 -68.07
C MET C 108 40.60 21.95 -69.30
N ILE C 109 39.95 21.11 -70.11
CA ILE C 109 40.54 20.58 -71.33
C ILE C 109 39.65 20.99 -72.50
N ALA C 110 40.24 21.61 -73.51
CA ALA C 110 39.47 22.12 -74.63
C ALA C 110 38.75 20.99 -75.37
N ARG C 111 37.49 21.22 -75.69
CA ARG C 111 36.69 20.27 -76.46
C ARG C 111 36.17 20.99 -77.69
N ASP C 112 36.48 20.46 -78.87
CA ASP C 112 36.08 21.08 -80.12
C ASP C 112 34.89 20.33 -80.68
N GLY C 113 33.80 21.06 -80.94
CA GLY C 113 32.60 20.46 -81.47
C GLY C 113 31.36 21.23 -81.07
N PRO C 114 30.18 20.67 -81.40
CA PRO C 114 28.92 21.38 -81.11
C PRO C 114 28.58 21.35 -79.63
N HIS C 115 29.46 21.88 -78.80
CA HIS C 115 29.23 22.01 -77.37
C HIS C 115 29.45 23.45 -76.95
N PRO C 116 28.83 23.89 -75.86
CA PRO C 116 29.12 25.23 -75.36
C PRO C 116 30.59 25.37 -74.98
N VAL C 117 31.14 26.55 -75.24
CA VAL C 117 32.55 26.79 -74.93
C VAL C 117 32.74 26.75 -73.42
N ASP C 118 33.75 26.01 -72.98
CA ASP C 118 34.02 25.84 -71.56
C ASP C 118 35.05 26.90 -71.16
N GLN C 119 34.76 27.62 -70.08
CA GLN C 119 35.68 28.65 -69.64
C GLN C 119 36.29 28.28 -68.29
N PRO C 120 37.50 28.76 -68.01
CA PRO C 120 38.11 28.50 -66.70
C PRO C 120 37.31 29.15 -65.59
N VAL C 121 37.34 28.52 -64.41
CA VAL C 121 36.63 29.00 -63.24
C VAL C 121 37.45 28.68 -62.00
N HIS C 122 37.11 29.34 -60.91
CA HIS C 122 37.69 29.06 -59.60
C HIS C 122 36.59 28.60 -58.64
N ASN C 123 37.01 28.17 -57.46
CA ASN C 123 36.08 27.99 -56.35
C ASN C 123 36.74 28.36 -55.03
N TYR C 124 35.92 28.91 -54.13
CA TYR C 124 36.37 29.40 -52.84
C TYR C 124 35.59 28.68 -51.75
N MET C 125 36.29 28.29 -50.69
CA MET C 125 35.65 27.54 -49.62
C MET C 125 36.09 28.09 -48.27
N VAL C 126 35.14 28.13 -47.34
CA VAL C 126 35.34 28.67 -46.01
C VAL C 126 34.85 27.66 -44.98
N LYS C 127 35.51 27.63 -43.83
CA LYS C 127 35.19 26.66 -42.78
C LYS C 127 35.16 27.37 -41.43
N ARG C 128 34.73 26.61 -40.43
CA ARG C 128 34.50 27.08 -39.07
C ARG C 128 35.69 26.58 -38.21
N ILE C 129 35.77 27.07 -36.98
CA ILE C 129 36.89 26.77 -36.09
C ILE C 129 36.37 25.92 -34.94
N HIS C 130 35.36 25.10 -35.23
CA HIS C 130 34.61 24.32 -34.25
C HIS C 130 35.50 23.82 -33.11
N LYS C 131 35.09 24.13 -31.89
CA LYS C 131 35.98 24.03 -30.73
C LYS C 131 35.28 23.34 -29.58
N ARG C 132 36.07 22.62 -28.78
CA ARG C 132 35.61 21.91 -27.60
C ARG C 132 36.41 22.32 -26.38
N SER C 133 36.19 21.63 -25.26
CA SER C 133 36.90 21.90 -24.02
C SER C 133 37.21 20.58 -23.33
N LEU C 134 38.12 20.64 -22.35
CA LEU C 134 38.41 19.49 -21.50
C LEU C 134 38.48 19.96 -20.05
N SER C 135 38.05 19.08 -19.14
CA SER C 135 38.01 19.40 -17.72
C SER C 135 38.34 18.17 -16.89
N ALA C 136 38.74 18.41 -15.64
CA ALA C 136 39.06 17.34 -14.71
C ALA C 136 38.87 17.83 -13.29
N ALA C 137 39.09 16.91 -12.34
CA ALA C 137 38.86 17.18 -10.92
C ALA C 137 40.06 16.74 -10.10
N PHE C 138 40.21 17.34 -8.93
CA PHE C 138 41.40 17.07 -8.11
C PHE C 138 41.06 17.46 -6.66
N ALA C 139 40.75 16.45 -5.84
CA ALA C 139 40.32 16.70 -4.47
C ALA C 139 41.48 16.53 -3.50
N ILE C 140 41.61 17.47 -2.58
CA ILE C 140 42.68 17.46 -1.58
C ILE C 140 42.06 17.62 -0.19
N ALA C 141 42.47 16.77 0.74
CA ALA C 141 41.93 16.80 2.09
C ALA C 141 42.52 17.96 2.89
N SER C 142 41.80 18.36 3.94
CA SER C 142 42.26 19.45 4.78
C SER C 142 43.50 19.05 5.58
N GLU C 143 43.61 17.78 5.94
CA GLU C 143 44.75 17.34 6.74
C GLU C 143 46.04 17.45 5.95
N ALA C 144 46.01 17.12 4.66
CA ALA C 144 47.23 17.19 3.85
C ALA C 144 47.70 18.63 3.70
N LEU C 145 46.80 19.55 3.36
CA LEU C 145 47.19 20.95 3.26
C LEU C 145 47.62 21.49 4.62
N SER C 146 47.03 20.97 5.69
CA SER C 146 47.52 21.32 7.02
C SER C 146 48.96 20.87 7.21
N LEU C 147 49.28 19.65 6.76
CA LEU C 147 50.63 19.13 6.88
C LEU C 147 51.62 19.95 6.08
N LEU C 148 51.24 20.37 4.88
CA LEU C 148 52.16 21.13 4.03
C LEU C 148 52.17 22.62 4.35
N SER C 149 51.24 23.09 5.18
CA SER C 149 51.21 24.51 5.53
C SER C 149 52.27 24.83 6.57
N ASP C 159 57.07 13.98 11.76
CA ASP C 159 56.46 15.10 11.06
C ASP C 159 57.01 15.21 9.65
N SER C 160 58.34 15.35 9.53
CA SER C 160 58.96 15.48 8.22
C SER C 160 58.73 14.23 7.37
N SER C 161 58.65 13.06 8.01
CA SER C 161 58.32 11.85 7.28
C SER C 161 56.92 11.94 6.67
N LEU C 162 55.97 12.48 7.42
CA LEU C 162 54.64 12.71 6.87
C LEU C 162 54.70 13.67 5.70
N ARG C 163 55.53 14.72 5.80
CA ARG C 163 55.69 15.64 4.67
C ARG C 163 56.24 14.92 3.46
N ILE C 164 57.19 14.01 3.65
CA ILE C 164 57.76 13.26 2.53
C ILE C 164 56.70 12.39 1.88
N ARG C 165 55.92 11.68 2.70
CA ARG C 165 54.87 10.83 2.13
C ARG C 165 53.82 11.66 1.42
N ALA C 166 53.52 12.85 1.93
CA ALA C 166 52.52 13.70 1.30
C ALA C 166 53.02 14.31 0.00
N ILE C 167 54.18 14.98 0.05
CA ILE C 167 54.56 15.56 -1.26
C ILE C 167 54.29 14.41 -2.24
N GLN C 168 54.72 13.20 -1.86
CA GLN C 168 54.54 12.02 -2.73
C GLN C 168 53.06 11.89 -3.14
N GLN C 169 52.13 11.85 -2.19
CA GLN C 169 50.70 11.63 -2.54
C GLN C 169 50.23 12.70 -3.53
N MET C 170 50.47 13.97 -3.20
CA MET C 170 49.92 15.04 -4.07
C MET C 170 50.53 14.90 -5.46
N ALA C 171 51.83 14.61 -5.53
CA ALA C 171 52.51 14.50 -6.84
C ALA C 171 51.87 13.37 -7.62
N ARG C 172 51.68 12.22 -6.99
CA ARG C 172 51.02 11.09 -7.66
C ARG C 172 49.71 11.59 -8.25
N ASN C 173 48.86 12.16 -7.41
CA ASN C 173 47.52 12.58 -7.93
C ASN C 173 47.68 13.53 -9.12
N LEU C 174 48.57 14.53 -9.04
CA LEU C 174 48.62 15.54 -10.13
C LEU C 174 49.17 14.90 -11.40
N ARG C 175 50.18 14.06 -11.27
CA ARG C 175 50.72 13.33 -12.44
C ARG C 175 49.54 12.63 -13.09
N THR C 176 48.78 11.90 -12.28
CA THR C 176 47.66 11.13 -12.85
C THR C 176 46.76 12.08 -13.60
N VAL C 177 46.34 13.17 -12.97
CA VAL C 177 45.36 14.07 -13.64
C VAL C 177 45.94 14.56 -14.98
N LEU C 178 47.19 15.02 -14.98
CA LEU C 178 47.75 15.60 -16.22
C LEU C 178 47.79 14.52 -17.32
N ASP C 179 48.23 13.32 -16.95
CA ASP C 179 48.41 12.27 -17.97
C ASP C 179 47.02 11.94 -18.52
N SER C 180 46.03 11.91 -17.64
CA SER C 180 44.64 11.67 -18.10
C SER C 180 44.33 12.73 -19.15
N PHE C 181 44.40 14.00 -18.76
CA PHE C 181 44.19 15.07 -19.74
C PHE C 181 44.79 14.62 -21.05
N GLU C 182 46.11 14.45 -21.07
CA GLU C 182 46.73 14.09 -22.36
C GLU C 182 45.91 12.97 -22.99
N ARG C 183 46.18 11.75 -22.54
CA ARG C 183 45.45 10.58 -23.08
C ARG C 183 44.12 11.03 -23.66
N GLY C 184 43.25 11.58 -22.82
CA GLY C 184 41.95 11.90 -23.34
C GLY C 184 41.99 12.71 -24.62
N THR C 185 43.12 13.37 -24.88
CA THR C 185 43.25 14.07 -26.15
C THR C 185 43.00 13.15 -27.33
N ALA C 186 43.65 11.98 -27.33
CA ALA C 186 43.45 11.03 -28.41
C ALA C 186 42.01 10.54 -28.44
N ASP C 187 41.39 10.39 -27.28
CA ASP C 187 39.97 10.04 -27.27
C ASP C 187 39.14 11.06 -28.02
N GLN C 188 39.37 12.34 -27.74
CA GLN C 188 38.59 13.38 -28.40
C GLN C 188 38.83 13.36 -29.91
N LEU C 189 40.09 13.20 -30.29
CA LEU C 189 40.45 13.13 -31.71
C LEU C 189 39.73 11.97 -32.39
N LEU C 190 39.83 10.78 -31.82
CA LEU C 190 39.13 9.64 -32.38
C LEU C 190 37.63 9.90 -32.44
N GLY C 191 37.06 10.51 -31.40
CA GLY C 191 35.63 10.77 -31.40
C GLY C 191 35.21 11.65 -32.55
N VAL C 192 35.99 12.70 -32.83
CA VAL C 192 35.62 13.54 -33.96
C VAL C 192 35.80 12.80 -35.30
N LEU C 193 36.87 12.02 -35.45
CA LEU C 193 37.05 11.30 -36.72
C LEU C 193 35.88 10.38 -37.02
N LEU C 194 35.41 9.62 -36.02
CA LEU C 194 34.26 8.75 -36.26
C LEU C 194 33.05 9.54 -36.70
N GLU C 195 32.74 10.62 -35.98
CA GLU C 195 31.52 11.34 -36.32
C GLU C 195 31.62 12.04 -37.67
N LYS C 196 32.81 12.24 -38.22
CA LYS C 196 32.93 12.80 -39.55
C LYS C 196 33.17 11.75 -40.63
N ALA C 197 33.09 10.47 -40.30
CA ALA C 197 33.47 9.43 -41.25
C ALA C 197 32.24 8.71 -41.77
N PRO C 198 31.94 8.80 -43.06
CA PRO C 198 30.82 8.04 -43.61
C PRO C 198 31.21 6.60 -43.91
N PRO C 199 30.23 5.71 -44.07
CA PRO C 199 30.56 4.30 -44.30
C PRO C 199 30.99 4.03 -45.74
N LEU C 200 31.98 3.15 -45.89
CA LEU C 200 32.44 2.77 -47.23
C LEU C 200 31.33 2.14 -48.04
N SER C 201 30.58 1.22 -47.44
CA SER C 201 29.57 0.46 -48.17
C SER C 201 28.57 1.36 -48.85
N LEU C 202 28.59 2.66 -48.56
CA LEU C 202 27.72 3.61 -49.22
C LEU C 202 28.49 4.60 -50.07
N LEU C 203 29.61 5.13 -49.59
CA LEU C 203 30.32 6.16 -50.33
C LEU C 203 31.04 5.57 -51.54
N SER C 204 31.70 4.42 -51.36
CA SER C 204 32.50 3.87 -52.45
C SER C 204 31.70 3.58 -53.71
N PRO C 205 30.49 3.00 -53.66
CA PRO C 205 29.74 2.84 -54.90
C PRO C 205 29.45 4.16 -55.58
N ILE C 206 29.25 5.22 -54.81
CA ILE C 206 29.02 6.53 -55.40
C ILE C 206 30.28 7.00 -56.14
N ASN C 207 31.44 6.85 -55.52
CA ASN C 207 32.67 7.27 -56.17
C ASN C 207 32.91 6.50 -57.45
N LYS C 208 32.70 5.18 -57.43
CA LYS C 208 33.02 4.38 -58.61
C LYS C 208 31.96 4.53 -59.70
N PHE C 209 30.69 4.71 -59.31
CA PHE C 209 29.61 4.65 -60.29
C PHE C 209 29.21 6.05 -60.76
N GLN C 210 29.39 7.06 -59.92
CA GLN C 210 29.10 8.43 -60.32
C GLN C 210 30.41 9.17 -60.55
N PRO C 211 30.78 9.44 -61.80
CA PRO C 211 32.05 10.12 -62.05
C PRO C 211 32.01 11.63 -61.90
N GLU C 212 30.89 12.26 -62.25
CA GLU C 212 30.87 13.71 -62.41
C GLU C 212 29.74 14.44 -61.70
N GLY C 213 28.73 13.75 -61.19
CA GLY C 213 27.62 14.42 -60.56
C GLY C 213 26.68 15.03 -61.60
N HIS C 214 25.69 15.78 -61.10
CA HIS C 214 24.64 16.36 -61.93
C HIS C 214 24.00 15.27 -62.80
N LEU C 215 23.53 14.23 -62.13
CA LEU C 215 23.11 13.00 -62.78
C LEU C 215 21.61 13.05 -63.08
N ASN C 216 21.08 11.94 -63.59
CA ASN C 216 19.73 11.87 -64.13
C ASN C 216 18.80 11.13 -63.17
N ARG C 217 17.50 11.28 -63.42
CA ARG C 217 16.49 10.63 -62.60
C ARG C 217 16.62 9.11 -62.67
N VAL C 218 16.88 8.57 -63.86
CA VAL C 218 17.03 7.13 -63.98
C VAL C 218 18.33 6.67 -63.32
N ALA C 219 19.40 7.43 -63.52
CA ALA C 219 20.70 7.02 -63.00
C ALA C 219 20.70 6.95 -61.47
N ARG C 220 20.01 7.89 -60.82
CA ARG C 220 20.00 7.90 -59.36
C ARG C 220 19.31 6.66 -58.81
N ALA C 221 18.20 6.25 -59.42
CA ALA C 221 17.56 5.01 -58.99
C ALA C 221 18.44 3.80 -59.29
N ALA C 222 19.10 3.81 -60.46
CA ALA C 222 19.95 2.69 -60.82
C ALA C 222 21.07 2.50 -59.80
N LEU C 223 21.70 3.61 -59.39
CA LEU C 223 22.78 3.51 -58.41
C LEU C 223 22.22 3.21 -57.02
N LEU C 224 21.01 3.72 -56.72
CA LEU C 224 20.40 3.41 -55.43
C LEU C 224 20.16 1.93 -55.29
N SER C 225 19.84 1.25 -56.39
CA SER C 225 19.75 -0.20 -56.37
C SER C 225 21.09 -0.82 -56.01
N ASP C 226 22.18 -0.29 -56.55
CA ASP C 226 23.50 -0.79 -56.20
C ASP C 226 23.78 -0.60 -54.72
N LEU C 227 23.39 0.55 -54.18
CA LEU C 227 23.53 0.77 -52.74
C LEU C 227 22.74 -0.27 -51.95
N LYS C 228 21.51 -0.54 -52.40
CA LYS C 228 20.69 -1.54 -51.75
C LYS C 228 21.39 -2.88 -51.69
N ARG C 229 21.92 -3.33 -52.83
CA ARG C 229 22.56 -4.64 -52.84
C ARG C 229 23.85 -4.61 -52.03
N ARG C 230 24.55 -3.48 -52.00
CA ARG C 230 25.84 -3.42 -51.34
C ARG C 230 25.71 -3.47 -49.82
N VAL C 231 24.76 -2.70 -49.27
CA VAL C 231 24.70 -2.59 -47.81
C VAL C 231 24.41 -3.95 -47.17
N CYS C 232 23.50 -4.71 -47.77
CA CYS C 232 23.27 -6.07 -47.29
C CYS C 232 24.40 -7.01 -47.70
N ALA C 233 25.07 -6.69 -48.82
CA ALA C 233 26.14 -7.56 -49.30
C ALA C 233 27.28 -7.65 -48.31
N ASP C 234 27.67 -6.52 -47.73
CA ASP C 234 28.83 -6.45 -46.85
C ASP C 234 28.40 -5.72 -45.59
N MET C 235 28.16 -6.45 -44.51
CA MET C 235 27.93 -5.80 -43.22
C MET C 235 28.93 -6.22 -42.15
N PHE C 236 28.92 -7.50 -41.77
CA PHE C 236 29.87 -8.05 -40.80
C PHE C 236 31.07 -8.64 -41.52
N PHE C 237 31.82 -7.76 -42.17
CA PHE C 237 32.68 -8.17 -43.27
C PHE C 237 33.68 -9.24 -42.82
N MET C 238 34.28 -9.08 -41.64
CA MET C 238 35.24 -10.07 -41.17
C MET C 238 34.64 -11.46 -41.09
N THR C 239 33.57 -11.63 -40.31
CA THR C 239 33.08 -12.97 -40.03
C THR C 239 32.44 -13.62 -41.25
N ARG C 240 32.06 -12.84 -42.25
CA ARG C 240 31.38 -13.42 -43.40
C ARG C 240 32.37 -14.19 -44.27
N HIS C 241 33.40 -13.52 -44.74
CA HIS C 241 34.43 -14.16 -45.55
C HIS C 241 35.69 -14.42 -44.72
N ALA C 242 35.49 -15.04 -43.55
CA ALA C 242 36.63 -15.33 -42.69
C ALA C 242 37.40 -16.54 -43.18
N ARG C 243 36.77 -17.40 -43.97
CA ARG C 243 37.39 -18.61 -44.47
C ARG C 243 38.34 -18.35 -45.63
N GLU C 244 38.41 -17.13 -46.13
CA GLU C 244 39.28 -16.77 -47.25
C GLU C 244 39.80 -15.36 -47.05
N PRO C 245 41.13 -15.19 -47.05
CA PRO C 245 41.70 -13.84 -46.86
C PRO C 245 41.60 -12.97 -48.09
N ARG C 246 41.39 -13.56 -49.27
CA ARG C 246 41.60 -12.81 -50.52
C ARG C 246 40.65 -11.64 -50.63
N LEU C 247 39.34 -11.88 -50.45
CA LEU C 247 38.39 -10.78 -50.55
C LEU C 247 38.58 -9.78 -49.41
N ILE C 248 39.05 -10.26 -48.26
CA ILE C 248 39.37 -9.34 -47.17
C ILE C 248 40.41 -8.33 -47.65
N SER C 249 41.50 -8.84 -48.22
CA SER C 249 42.53 -7.97 -48.77
C SER C 249 41.98 -7.06 -49.85
N ALA C 250 41.14 -7.59 -50.73
CA ALA C 250 40.61 -6.79 -51.82
C ALA C 250 39.80 -5.61 -51.29
N TYR C 251 38.97 -5.85 -50.27
CA TYR C 251 38.16 -4.76 -49.75
C TYR C 251 38.97 -3.78 -48.92
N LEU C 252 39.98 -4.25 -48.19
CA LEU C 252 40.87 -3.29 -47.54
C LEU C 252 41.63 -2.47 -48.59
N SER C 253 41.82 -3.04 -49.77
CA SER C 253 42.45 -2.27 -50.84
C SER C 253 41.62 -1.03 -51.17
N ASP C 254 40.30 -1.18 -51.29
CA ASP C 254 39.48 0.00 -51.49
C ASP C 254 39.39 0.84 -50.23
N MET C 255 39.37 0.19 -49.07
CA MET C 255 39.38 0.90 -47.80
C MET C 255 40.50 1.93 -47.76
N VAL C 256 41.66 1.57 -48.30
CA VAL C 256 42.77 2.51 -48.29
C VAL C 256 42.73 3.42 -49.51
N SER C 257 42.55 2.86 -50.70
CA SER C 257 42.52 3.66 -51.94
C SER C 257 41.11 4.01 -52.34
N CYS C 258 40.33 4.56 -51.41
CA CYS C 258 39.04 5.14 -51.76
C CYS C 258 38.89 6.57 -51.29
N THR C 259 39.68 7.02 -50.32
CA THR C 259 39.67 8.40 -49.89
C THR C 259 40.77 9.17 -50.58
N GLN C 260 40.59 10.45 -50.68
CA GLN C 260 41.53 11.35 -51.35
C GLN C 260 42.29 12.18 -50.34
N PRO C 261 43.53 12.54 -50.65
CA PRO C 261 44.40 13.17 -49.65
C PRO C 261 44.04 14.63 -49.37
N SER C 262 44.89 15.29 -48.60
CA SER C 262 44.73 16.70 -48.29
C SER C 262 46.04 17.39 -48.64
N VAL C 263 46.19 18.65 -48.22
CA VAL C 263 47.41 19.38 -48.49
C VAL C 263 48.60 18.65 -47.87
N MET C 264 49.77 18.83 -48.48
CA MET C 264 50.97 18.10 -48.09
C MET C 264 52.01 19.00 -47.45
N VAL C 265 51.62 20.22 -47.07
CA VAL C 265 52.58 21.16 -46.51
C VAL C 265 53.04 20.66 -45.14
N SER C 266 54.35 20.59 -44.95
CA SER C 266 54.91 20.09 -43.70
C SER C 266 56.41 20.37 -43.71
N ARG C 267 57.04 20.08 -42.59
CA ARG C 267 58.49 20.10 -42.47
C ARG C 267 59.04 18.71 -42.21
N ILE C 268 58.57 18.05 -41.15
CA ILE C 268 59.03 16.72 -40.77
C ILE C 268 57.82 15.79 -40.77
N THR C 269 58.03 14.56 -41.23
CA THR C 269 56.94 13.62 -41.42
C THR C 269 57.31 12.28 -40.79
N HIS C 270 56.28 11.49 -40.49
CA HIS C 270 56.50 10.15 -39.97
C HIS C 270 56.88 9.21 -41.10
N THR C 271 57.97 8.47 -40.91
CA THR C 271 58.49 7.58 -41.94
C THR C 271 58.87 6.25 -41.31
N ASN C 272 59.21 5.30 -42.17
CA ASN C 272 59.66 3.99 -41.70
C ASN C 272 61.15 4.06 -41.39
N THR C 273 61.74 2.91 -41.06
CA THR C 273 63.18 2.86 -40.88
C THR C 273 63.89 3.17 -42.20
N ARG C 274 63.38 2.66 -43.30
CA ARG C 274 63.92 2.99 -44.61
C ARG C 274 63.76 4.46 -44.94
N GLY C 275 62.84 5.16 -44.29
CA GLY C 275 62.71 6.59 -44.43
C GLY C 275 61.59 7.07 -45.33
N ARG C 276 60.88 6.18 -46.01
CA ARG C 276 59.76 6.61 -46.84
C ARG C 276 58.55 6.92 -45.98
N GLN C 277 57.79 7.92 -46.39
CA GLN C 277 56.81 8.56 -45.53
C GLN C 277 55.54 7.72 -45.39
N VAL C 278 54.77 8.04 -44.34
CA VAL C 278 53.50 7.37 -44.06
C VAL C 278 52.36 8.22 -44.58
N ASP C 279 51.20 7.60 -44.80
CA ASP C 279 50.07 8.28 -45.41
C ASP C 279 48.72 7.98 -44.77
N GLY C 280 48.59 6.97 -43.93
CA GLY C 280 47.28 6.64 -43.39
C GLY C 280 47.38 5.80 -42.14
N VAL C 281 46.22 5.62 -41.50
CA VAL C 281 46.10 4.86 -40.26
C VAL C 281 44.81 4.06 -40.25
N LEU C 282 44.90 2.85 -39.68
CA LEU C 282 43.76 2.00 -39.36
C LEU C 282 43.65 1.89 -37.84
N VAL C 283 42.44 2.07 -37.32
CA VAL C 283 42.16 1.90 -35.90
C VAL C 283 41.09 0.84 -35.74
N THR C 284 41.26 -0.01 -34.74
CA THR C 284 40.32 -1.11 -34.50
C THR C 284 40.54 -1.68 -33.11
N THR C 285 39.91 -2.82 -32.85
CA THR C 285 40.05 -3.56 -31.62
C THR C 285 41.19 -4.57 -31.72
N ALA C 286 41.56 -5.12 -30.56
CA ALA C 286 42.68 -6.04 -30.50
C ALA C 286 42.34 -7.39 -31.13
N THR C 287 41.08 -7.81 -31.06
CA THR C 287 40.72 -9.13 -31.56
C THR C 287 41.01 -9.25 -33.05
N LEU C 288 40.27 -8.51 -33.87
CA LEU C 288 40.51 -8.61 -35.30
C LEU C 288 41.87 -8.09 -35.69
N LYS C 289 42.47 -7.24 -34.85
CA LYS C 289 43.88 -6.88 -35.02
C LYS C 289 44.72 -8.12 -35.29
N ARG C 290 44.84 -8.99 -34.29
CA ARG C 290 45.63 -10.20 -34.44
C ARG C 290 44.96 -11.18 -35.39
N GLN C 291 43.64 -11.08 -35.58
CA GLN C 291 42.97 -11.99 -36.48
C GLN C 291 43.39 -11.74 -37.92
N LEU C 292 43.68 -10.48 -38.27
CA LEU C 292 44.04 -10.15 -39.64
C LEU C 292 45.54 -10.07 -39.84
N LEU C 293 46.29 -9.58 -38.86
CA LEU C 293 47.71 -9.38 -39.09
C LEU C 293 48.47 -10.71 -39.16
N GLN C 294 47.87 -11.79 -38.70
CA GLN C 294 48.63 -13.03 -38.53
C GLN C 294 48.98 -13.65 -39.88
N GLY C 295 48.06 -13.66 -40.83
CA GLY C 295 48.34 -14.30 -42.09
C GLY C 295 47.75 -13.62 -43.31
N ILE C 296 47.03 -12.53 -43.11
CA ILE C 296 46.35 -11.87 -44.22
C ILE C 296 47.12 -10.65 -44.69
N LEU C 297 47.71 -9.90 -43.76
CA LEU C 297 48.46 -8.71 -44.12
C LEU C 297 49.93 -8.88 -43.76
N GLN C 298 50.79 -8.35 -44.62
CA GLN C 298 52.22 -8.40 -44.41
C GLN C 298 52.69 -7.09 -43.79
N ILE C 299 53.70 -7.19 -42.92
CA ILE C 299 54.10 -6.10 -42.06
C ILE C 299 55.26 -5.34 -42.69
N ASP C 300 55.16 -4.02 -42.71
CA ASP C 300 56.26 -3.20 -43.20
C ASP C 300 57.40 -3.14 -42.19
N ASP C 301 57.12 -2.64 -40.99
CA ASP C 301 58.12 -2.62 -39.94
C ASP C 301 57.45 -2.55 -38.59
N THR C 302 58.13 -3.10 -37.58
CA THR C 302 57.66 -3.06 -36.21
C THR C 302 57.98 -1.74 -35.52
N ALA C 303 58.81 -0.91 -36.13
CA ALA C 303 59.20 0.37 -35.54
C ALA C 303 59.13 1.45 -36.60
N ALA C 304 59.08 2.70 -36.14
CA ALA C 304 58.95 3.84 -37.03
C ALA C 304 59.64 5.05 -36.42
N ASP C 305 59.91 6.03 -37.26
CA ASP C 305 60.50 7.29 -36.84
C ASP C 305 59.41 8.36 -36.77
N VAL C 306 59.31 9.02 -35.63
CA VAL C 306 58.21 9.94 -35.37
C VAL C 306 58.73 11.28 -34.88
N PRO C 307 58.18 12.40 -35.37
CA PRO C 307 58.54 13.70 -34.82
C PRO C 307 58.15 13.80 -33.35
N VAL C 308 58.92 14.58 -32.61
CA VAL C 308 58.82 14.62 -31.15
C VAL C 308 58.41 15.99 -30.63
N THR C 309 58.41 17.02 -31.47
CA THR C 309 58.00 18.35 -31.05
C THR C 309 56.59 18.63 -31.54
N TYR C 310 55.87 19.47 -30.80
CA TYR C 310 54.49 19.75 -31.16
C TYR C 310 54.40 20.84 -32.22
N GLY C 311 55.27 21.84 -32.15
CA GLY C 311 55.18 22.95 -33.07
C GLY C 311 54.45 24.12 -32.47
N GLU C 312 55.20 25.16 -32.10
CA GLU C 312 54.65 26.32 -31.42
C GLU C 312 54.10 27.29 -32.44
N MET C 313 52.92 27.85 -32.15
CA MET C 313 52.41 28.96 -32.92
C MET C 313 51.75 29.95 -31.97
N VAL C 314 52.33 31.15 -31.89
CA VAL C 314 51.87 32.20 -30.99
C VAL C 314 51.79 33.49 -31.79
N LEU C 315 50.99 34.43 -31.30
CA LEU C 315 50.86 35.75 -31.89
C LEU C 315 51.71 36.72 -31.09
N ASN C 316 52.44 37.57 -31.80
CA ASN C 316 53.32 38.53 -31.17
C ASN C 316 53.56 39.65 -32.16
N GLY C 317 54.28 40.68 -31.70
CA GLY C 317 54.61 41.78 -32.59
C GLY C 317 53.36 42.46 -33.10
N ALA C 318 53.29 42.61 -34.42
CA ALA C 318 52.17 43.32 -35.02
C ALA C 318 50.83 42.68 -34.67
N ASN C 319 50.79 41.36 -34.66
CA ASN C 319 49.55 40.67 -34.31
C ASN C 319 49.01 41.17 -32.98
N LEU C 320 49.90 41.50 -32.04
CA LEU C 320 49.48 42.01 -30.75
C LEU C 320 48.54 43.21 -30.94
N VAL C 321 48.99 44.22 -31.69
CA VAL C 321 48.15 45.40 -31.82
C VAL C 321 46.91 45.08 -32.64
N THR C 322 46.97 44.05 -33.48
CA THR C 322 45.76 43.61 -34.16
C THR C 322 44.76 43.06 -33.16
N ALA C 323 45.25 42.30 -32.18
CA ALA C 323 44.35 41.69 -31.20
C ALA C 323 43.83 42.75 -30.22
N LEU C 324 44.71 43.62 -29.73
CA LEU C 324 44.28 44.56 -28.71
C LEU C 324 43.24 45.54 -29.24
N VAL C 325 43.37 45.97 -30.49
CA VAL C 325 42.41 46.92 -31.05
C VAL C 325 41.41 46.20 -31.93
N MET C 326 41.90 45.59 -33.01
CA MET C 326 40.99 44.95 -33.96
C MET C 326 40.46 43.64 -33.41
N GLY C 327 41.29 42.90 -32.68
CA GLY C 327 40.86 41.64 -32.10
C GLY C 327 40.87 40.47 -33.06
N LYS C 328 41.14 40.70 -34.33
CA LYS C 328 41.14 39.66 -35.34
C LYS C 328 42.44 39.75 -36.13
N ALA C 329 43.01 38.60 -36.46
CA ALA C 329 44.25 38.55 -37.21
C ALA C 329 44.34 37.21 -37.93
N VAL C 330 45.49 36.98 -38.54
CA VAL C 330 45.73 35.79 -39.34
C VAL C 330 46.97 35.09 -38.83
N ARG C 331 47.19 33.88 -39.33
CA ARG C 331 48.30 33.05 -38.89
C ARG C 331 49.64 33.68 -39.23
N SER C 332 50.20 34.43 -38.28
CA SER C 332 51.53 34.97 -38.46
C SER C 332 51.67 35.90 -39.65
N LEU C 333 51.20 37.15 -39.52
CA LEU C 333 51.14 38.04 -40.68
C LEU C 333 52.52 38.43 -41.21
N ASP C 334 53.60 38.11 -40.50
CA ASP C 334 54.93 38.53 -40.94
C ASP C 334 55.28 37.94 -42.29
N ASP C 335 55.03 36.65 -42.48
CA ASP C 335 55.38 36.03 -43.76
C ASP C 335 54.63 36.64 -44.93
N VAL C 336 53.31 36.82 -44.80
CA VAL C 336 52.56 37.40 -45.91
C VAL C 336 52.97 38.86 -46.08
N GLY C 337 53.31 39.52 -44.98
CA GLY C 337 53.73 40.92 -45.06
C GLY C 337 54.97 41.04 -45.93
N ARG C 338 56.00 40.25 -45.65
CA ARG C 338 57.20 40.36 -46.47
C ARG C 338 56.99 39.80 -47.86
N HIS C 339 56.12 38.80 -48.03
CA HIS C 339 55.84 38.32 -49.38
C HIS C 339 55.21 39.41 -50.24
N LEU C 340 54.22 40.11 -49.70
CA LEU C 340 53.62 41.22 -50.45
C LEU C 340 54.62 42.33 -50.68
N LEU C 341 55.45 42.64 -49.67
CA LEU C 341 56.42 43.73 -49.82
C LEU C 341 57.45 43.42 -50.89
N ASP C 342 57.92 42.17 -50.95
CA ASP C 342 58.95 41.76 -51.89
C ASP C 342 58.40 41.33 -53.24
N ILE C 343 57.09 41.16 -53.37
CA ILE C 343 56.49 40.77 -54.64
C ILE C 343 55.56 41.83 -55.20
N THR C 344 55.44 42.99 -54.55
CA THR C 344 54.59 44.06 -55.04
C THR C 344 55.36 45.33 -55.33
N ASP C 345 56.32 45.70 -54.48
CA ASP C 345 57.03 46.96 -54.67
C ASP C 345 58.13 46.91 -55.73
N PRO C 346 58.99 45.86 -55.80
CA PRO C 346 60.17 45.96 -56.67
C PRO C 346 59.86 45.99 -58.17
N ASN C 347 60.91 46.05 -58.98
CA ASN C 347 60.77 46.07 -60.42
C ASN C 347 60.47 44.66 -60.94
N THR C 348 60.40 44.53 -62.26
CA THR C 348 60.03 43.28 -62.93
C THR C 348 60.99 42.14 -62.64
N LEU C 349 62.05 42.37 -61.87
CA LEU C 349 62.96 41.29 -61.51
C LEU C 349 62.35 40.38 -60.45
N ASN C 350 61.65 40.96 -59.48
CA ASN C 350 61.19 40.20 -58.31
C ASN C 350 59.67 40.14 -58.15
N ILE C 351 58.93 41.15 -58.64
CA ILE C 351 57.48 41.10 -58.52
C ILE C 351 56.84 39.91 -59.24
N PRO C 352 57.28 39.49 -60.48
CA PRO C 352 56.57 38.39 -61.16
C PRO C 352 56.83 37.03 -60.51
N SER C 353 56.68 36.97 -59.19
CA SER C 353 57.03 35.77 -58.41
C SER C 353 55.93 35.51 -57.40
N ILE C 354 54.96 34.69 -57.79
CA ILE C 354 53.87 34.25 -56.93
C ILE C 354 53.79 32.74 -57.03
N PRO C 355 54.72 32.00 -56.42
CA PRO C 355 54.76 30.55 -56.62
C PRO C 355 53.80 29.84 -55.68
N PRO C 356 52.97 28.94 -56.20
CA PRO C 356 52.19 28.09 -55.31
C PRO C 356 53.05 26.97 -54.75
N GLN C 357 53.46 27.08 -53.49
CA GLN C 357 54.35 26.11 -52.88
C GLN C 357 54.37 26.36 -51.37
N SER C 358 55.02 25.44 -50.66
CA SER C 358 55.14 25.58 -49.21
C SER C 358 55.91 26.84 -48.83
N ASN C 359 56.89 27.23 -49.65
CA ASN C 359 57.72 28.40 -49.37
C ASN C 359 58.39 28.25 -48.02
N SER C 360 57.78 28.83 -46.98
CA SER C 360 58.27 28.70 -45.60
C SER C 360 59.71 29.18 -45.47
N ASP C 361 60.02 30.31 -46.11
CA ASP C 361 61.36 30.87 -46.04
C ASP C 361 61.64 31.38 -44.63
N SER C 362 62.91 31.23 -44.22
CA SER C 362 63.37 31.66 -42.90
C SER C 362 62.56 30.99 -41.79
N THR C 363 62.50 29.66 -41.84
CA THR C 363 61.81 28.89 -40.82
C THR C 363 62.69 27.72 -40.38
N THR C 364 62.52 27.29 -39.14
CA THR C 364 63.28 26.19 -38.59
C THR C 364 62.52 25.62 -37.40
N ALA C 365 62.01 24.39 -37.55
CA ALA C 365 61.30 23.73 -36.47
C ALA C 365 61.35 22.23 -36.69
N GLY C 366 61.14 21.48 -35.61
CA GLY C 366 61.17 20.03 -35.69
C GLY C 366 62.51 19.43 -35.31
N LEU C 367 62.50 18.48 -34.39
CA LEU C 367 63.73 17.79 -34.04
C LEU C 367 64.06 16.76 -35.10
N PRO C 368 65.19 16.88 -35.79
CA PRO C 368 65.49 15.93 -36.86
C PRO C 368 65.74 14.53 -36.33
N VAL C 369 66.19 14.47 -35.07
CA VAL C 369 66.50 13.18 -34.46
C VAL C 369 65.25 12.32 -34.36
N ASN C 370 64.11 12.91 -34.02
CA ASN C 370 62.85 12.19 -33.93
C ASN C 370 62.96 11.04 -32.93
N ALA C 371 62.02 10.09 -33.00
CA ALA C 371 62.06 8.95 -32.09
C ALA C 371 61.86 7.66 -32.87
N ARG C 372 62.65 6.64 -32.51
CA ARG C 372 62.43 5.28 -32.97
C ARG C 372 61.45 4.62 -32.01
N VAL C 373 60.17 4.66 -32.36
CA VAL C 373 59.13 4.11 -31.49
C VAL C 373 58.67 2.78 -32.06
N PRO C 374 58.24 1.84 -31.23
CA PRO C 374 57.74 0.57 -31.75
C PRO C 374 56.31 0.73 -32.24
N ALA C 375 56.11 0.52 -33.55
CA ALA C 375 54.78 0.65 -34.13
C ALA C 375 54.73 -0.15 -35.41
N ASP C 376 53.68 -0.94 -35.57
CA ASP C 376 53.54 -1.79 -36.74
C ASP C 376 53.06 -1.00 -37.94
N LEU C 377 53.61 -1.36 -39.11
CA LEU C 377 53.27 -0.72 -40.36
C LEU C 377 52.93 -1.80 -41.39
N VAL C 378 51.94 -1.52 -42.22
CA VAL C 378 51.43 -2.49 -43.18
C VAL C 378 51.36 -1.85 -44.56
N ILE C 379 51.74 -2.60 -45.58
CA ILE C 379 51.62 -2.16 -46.96
C ILE C 379 50.31 -2.72 -47.51
N VAL C 380 49.44 -1.82 -47.98
CA VAL C 380 48.17 -2.20 -48.57
C VAL C 380 47.95 -1.37 -49.82
N GLY C 381 47.43 -2.01 -50.87
CA GLY C 381 47.35 -1.34 -52.15
C GLY C 381 48.75 -0.99 -52.61
N ASP C 382 49.09 0.30 -52.54
CA ASP C 382 50.46 0.72 -52.78
C ASP C 382 50.94 1.71 -51.73
N LYS C 383 50.32 1.75 -50.56
CA LYS C 383 50.65 2.71 -49.53
C LYS C 383 50.95 2.00 -48.22
N LEU C 384 51.88 2.57 -47.46
CA LEU C 384 52.21 2.07 -46.14
C LEU C 384 51.40 2.85 -45.11
N VAL C 385 50.87 2.11 -44.14
CA VAL C 385 49.84 2.64 -43.27
C VAL C 385 50.06 2.09 -41.86
N PHE C 386 49.89 2.96 -40.86
CA PHE C 386 49.78 2.51 -39.49
C PHE C 386 48.56 1.61 -39.33
N LEU C 387 48.70 0.56 -38.54
CA LEU C 387 47.57 -0.34 -38.28
C LEU C 387 47.63 -0.66 -36.80
N GLU C 388 46.91 0.11 -35.99
CA GLU C 388 47.09 0.02 -34.55
C GLU C 388 45.73 -0.06 -33.88
N ALA C 389 45.70 -0.76 -32.74
CA ALA C 389 44.44 -1.15 -32.11
C ALA C 389 44.40 -0.77 -30.64
N LEU C 390 44.60 0.51 -30.33
CA LEU C 390 44.79 0.96 -28.96
C LEU C 390 43.63 0.61 -28.03
N GLU C 391 43.87 -0.37 -27.15
CA GLU C 391 43.01 -0.63 -26.00
C GLU C 391 43.76 -0.96 -24.72
N ARG C 392 45.05 -1.30 -24.79
CA ARG C 392 45.77 -1.72 -23.59
C ARG C 392 46.51 -0.56 -22.94
N ARG C 393 47.07 0.34 -23.75
CA ARG C 393 47.74 1.52 -23.21
C ARG C 393 46.78 2.66 -23.00
N VAL C 394 45.52 2.51 -23.39
CA VAL C 394 44.48 3.51 -23.16
C VAL C 394 43.14 2.79 -23.23
N TYR C 395 42.18 3.28 -22.45
CA TYR C 395 40.88 2.65 -22.24
C TYR C 395 40.97 1.39 -21.40
N GLN C 396 42.19 1.01 -21.03
CA GLN C 396 42.43 -0.11 -20.13
C GLN C 396 42.51 0.44 -18.71
N ALA C 397 42.00 -0.32 -17.74
CA ALA C 397 42.07 0.05 -16.34
C ALA C 397 41.42 1.41 -16.10
N THR C 398 40.32 1.66 -16.80
CA THR C 398 39.57 2.89 -16.62
C THR C 398 38.09 2.58 -16.77
N ARG C 399 37.26 3.49 -16.30
CA ARG C 399 35.82 3.29 -16.24
C ARG C 399 35.10 4.06 -17.33
N VAL C 400 35.73 4.20 -18.49
CA VAL C 400 35.13 4.88 -19.63
C VAL C 400 35.00 3.89 -20.77
N ALA C 401 33.87 3.93 -21.46
CA ALA C 401 33.61 2.99 -22.53
C ALA C 401 34.45 3.34 -23.75
N TYR C 402 35.22 2.38 -24.22
CA TYR C 402 35.97 2.56 -25.44
C TYR C 402 35.02 2.71 -26.63
N PRO C 403 35.22 3.69 -27.50
CA PRO C 403 34.45 3.73 -28.74
C PRO C 403 34.79 2.57 -29.64
N LEU C 404 34.17 2.56 -30.81
CA LEU C 404 34.34 1.54 -31.84
C LEU C 404 33.64 0.23 -31.50
N ILE C 405 32.82 0.22 -30.45
CA ILE C 405 31.98 -0.93 -30.16
C ILE C 405 30.56 -0.48 -30.45
N GLY C 406 30.41 0.32 -31.49
CA GLY C 406 29.11 0.83 -31.87
C GLY C 406 28.12 -0.29 -32.13
N ASN C 407 26.86 0.03 -31.89
CA ASN C 407 25.77 -0.93 -32.02
C ASN C 407 24.92 -0.59 -33.23
N ILE C 408 24.28 -1.61 -33.78
CA ILE C 408 23.49 -1.50 -35.00
C ILE C 408 22.10 -2.03 -34.74
N ASP C 409 21.10 -1.26 -35.17
CA ASP C 409 19.71 -1.68 -35.07
C ASP C 409 19.23 -2.19 -36.42
N ILE C 410 18.57 -3.33 -36.41
CA ILE C 410 18.04 -3.96 -37.61
C ILE C 410 16.59 -4.32 -37.39
N THR C 411 15.75 -4.01 -38.35
CA THR C 411 14.33 -4.32 -38.29
C THR C 411 14.05 -5.56 -39.12
N PHE C 412 13.09 -6.36 -38.64
CA PHE C 412 12.80 -7.66 -39.21
C PHE C 412 11.29 -7.80 -39.40
N ILE C 413 10.93 -8.44 -40.50
CA ILE C 413 9.52 -8.63 -40.86
C ILE C 413 9.28 -10.10 -41.15
N MET C 414 8.13 -10.61 -40.68
CA MET C 414 7.72 -11.98 -40.96
C MET C 414 6.22 -12.00 -41.27
N PRO C 415 5.78 -12.95 -42.09
CA PRO C 415 4.34 -13.11 -42.30
C PRO C 415 3.73 -13.94 -41.18
N MET C 416 2.43 -13.75 -40.97
CA MET C 416 1.77 -14.41 -39.86
C MET C 416 1.00 -15.66 -40.28
N GLY C 417 -0.03 -15.50 -41.11
CA GLY C 417 -0.87 -16.61 -41.47
C GLY C 417 -1.29 -16.59 -42.92
N VAL C 418 -0.48 -15.96 -43.76
CA VAL C 418 -0.84 -15.80 -45.17
C VAL C 418 -1.06 -17.16 -45.80
N PHE C 419 -1.97 -17.20 -46.78
CA PHE C 419 -2.30 -18.44 -47.47
C PHE C 419 -2.27 -18.21 -48.97
N GLN C 420 -1.71 -19.18 -49.69
CA GLN C 420 -1.58 -19.05 -51.13
C GLN C 420 -2.93 -19.24 -51.80
N ALA C 421 -3.32 -18.28 -52.65
CA ALA C 421 -4.62 -18.35 -53.30
C ALA C 421 -4.65 -19.44 -54.35
N ASN C 422 -3.64 -19.51 -55.20
CA ASN C 422 -3.70 -20.36 -56.39
C ASN C 422 -3.65 -21.82 -56.01
N SER C 423 -4.55 -22.61 -56.62
CA SER C 423 -4.56 -24.04 -56.38
C SER C 423 -3.29 -24.71 -56.91
N MET C 424 -2.84 -24.31 -58.10
CA MET C 424 -1.61 -24.88 -58.64
C MET C 424 -0.38 -24.51 -57.83
N ASP C 425 -0.47 -23.49 -56.97
CA ASP C 425 0.61 -23.14 -56.07
C ASP C 425 0.67 -24.04 -54.84
N ARG C 426 -0.33 -24.89 -54.63
CA ARG C 426 -0.30 -25.84 -53.52
C ARG C 426 0.19 -27.19 -54.05
N TYR C 427 1.44 -27.18 -54.48
CA TYR C 427 2.10 -28.32 -55.11
C TYR C 427 3.18 -28.85 -54.17
N THR C 428 3.34 -30.17 -54.17
CA THR C 428 4.35 -30.84 -53.37
C THR C 428 5.44 -31.42 -54.27
N ARG C 429 6.68 -31.38 -53.78
CA ARG C 429 7.79 -31.93 -54.56
C ARG C 429 7.72 -33.45 -54.65
N HIS C 430 7.19 -34.09 -53.62
CA HIS C 430 7.06 -35.54 -53.59
C HIS C 430 5.69 -35.94 -53.07
N ALA C 431 5.22 -37.09 -53.52
CA ALA C 431 3.90 -37.58 -53.12
C ALA C 431 3.93 -38.16 -51.73
N GLY C 432 4.70 -39.22 -51.52
CA GLY C 432 4.75 -39.88 -50.23
C GLY C 432 5.83 -39.32 -49.33
N ASP C 433 5.98 -38.00 -49.31
CA ASP C 433 7.02 -37.37 -48.51
C ASP C 433 6.57 -37.19 -47.05
N PHE C 434 5.51 -36.43 -46.82
CA PHE C 434 5.01 -36.16 -45.48
C PHE C 434 3.59 -36.68 -45.36
N SER C 435 3.32 -37.43 -44.29
CA SER C 435 2.00 -37.96 -44.02
C SER C 435 1.77 -38.07 -42.52
N THR C 436 0.53 -38.36 -42.15
CA THR C 436 0.16 -38.62 -40.77
C THR C 436 -0.70 -39.87 -40.69
N VAL C 437 -1.36 -40.10 -39.57
CA VAL C 437 -2.20 -41.29 -39.42
C VAL C 437 -3.62 -41.10 -39.95
N SER C 438 -4.11 -39.85 -40.02
CA SER C 438 -5.47 -39.63 -40.48
C SER C 438 -5.56 -39.76 -42.00
N GLU C 439 -6.77 -40.01 -42.48
CA GLU C 439 -6.99 -40.08 -43.92
C GLU C 439 -6.76 -38.75 -44.60
N GLN C 440 -7.11 -37.65 -43.92
CA GLN C 440 -6.99 -36.31 -44.48
C GLN C 440 -5.82 -35.60 -43.81
N ASP C 441 -4.88 -35.12 -44.62
CA ASP C 441 -3.69 -34.49 -44.10
C ASP C 441 -4.04 -33.19 -43.41
N PRO C 442 -3.44 -32.88 -42.27
CA PRO C 442 -3.54 -31.54 -41.69
C PRO C 442 -2.53 -30.58 -42.30
N ARG C 443 -2.36 -30.68 -43.61
CA ARG C 443 -1.42 -29.86 -44.35
C ARG C 443 -2.12 -28.85 -45.25
N GLN C 444 -3.27 -29.21 -45.82
CA GLN C 444 -4.09 -28.22 -46.51
C GLN C 444 -4.64 -27.22 -45.51
N PHE C 445 -4.57 -27.53 -44.23
CA PHE C 445 -5.03 -26.61 -43.21
C PHE C 445 -4.13 -25.38 -43.16
N PRO C 446 -4.67 -24.19 -43.33
CA PRO C 446 -3.86 -22.97 -43.23
C PRO C 446 -3.29 -22.83 -41.84
N PRO C 447 -2.03 -22.41 -41.73
CA PRO C 447 -1.40 -22.30 -40.41
C PRO C 447 -1.98 -21.14 -39.62
N GLN C 448 -1.90 -21.28 -38.29
CA GLN C 448 -2.31 -20.23 -37.37
C GLN C 448 -1.17 -19.76 -36.49
N GLY C 449 0.08 -20.11 -36.85
CA GLY C 449 1.22 -19.71 -36.06
C GLY C 449 2.48 -19.75 -36.91
N ILE C 450 3.56 -19.24 -36.32
CA ILE C 450 4.84 -19.16 -36.99
C ILE C 450 5.96 -19.43 -35.99
N PHE C 451 7.04 -20.05 -36.47
CA PHE C 451 8.21 -20.37 -35.67
C PHE C 451 9.41 -19.63 -36.21
N PHE C 452 10.32 -19.24 -35.32
CA PHE C 452 11.61 -18.73 -35.72
C PHE C 452 12.57 -18.91 -34.55
N TYR C 453 13.85 -19.01 -34.88
CA TYR C 453 14.87 -19.35 -33.89
C TYR C 453 15.11 -18.20 -32.93
N ASN C 454 15.46 -18.53 -31.70
CA ASN C 454 15.79 -17.51 -30.73
C ASN C 454 17.29 -17.20 -30.81
N LYS C 455 17.70 -16.14 -30.10
CA LYS C 455 19.11 -15.78 -30.06
C LYS C 455 19.96 -16.96 -29.61
N ASP C 456 19.46 -17.74 -28.68
CA ASP C 456 20.13 -18.96 -28.24
C ASP C 456 19.69 -20.17 -29.03
N GLY C 457 18.88 -19.98 -30.07
CA GLY C 457 18.51 -21.06 -30.95
C GLY C 457 17.38 -21.94 -30.48
N ILE C 458 16.57 -21.49 -29.53
CA ILE C 458 15.42 -22.25 -29.06
C ILE C 458 14.21 -21.88 -29.88
N LEU C 459 13.47 -22.88 -30.35
CA LEU C 459 12.29 -22.64 -31.16
C LEU C 459 11.24 -21.86 -30.40
N THR C 460 10.53 -21.00 -31.12
CA THR C 460 9.59 -20.07 -30.54
C THR C 460 8.22 -20.24 -31.17
N GLN C 461 7.23 -19.60 -30.53
CA GLN C 461 5.85 -19.63 -30.97
C GLN C 461 5.33 -18.22 -31.14
N LEU C 462 4.74 -17.93 -32.31
CA LEU C 462 3.94 -16.72 -32.50
C LEU C 462 2.59 -17.18 -33.02
N THR C 463 1.55 -16.98 -32.23
CA THR C 463 0.19 -17.31 -32.63
C THR C 463 -0.67 -16.07 -32.65
N LEU C 464 -1.84 -16.21 -33.29
CA LEU C 464 -2.77 -15.10 -33.36
C LEU C 464 -3.27 -14.70 -31.97
N ARG C 465 -3.23 -15.64 -31.03
CA ARG C 465 -3.60 -15.30 -29.65
C ARG C 465 -2.74 -14.17 -29.11
N ASP C 466 -1.50 -14.09 -29.57
CA ASP C 466 -0.63 -12.97 -29.21
C ASP C 466 -0.97 -11.71 -29.98
N ALA C 467 -1.36 -11.82 -31.25
CA ALA C 467 -1.80 -10.65 -31.99
C ALA C 467 -3.06 -10.04 -31.40
N MET C 468 -3.84 -10.84 -30.67
CA MET C 468 -5.00 -10.30 -29.98
C MET C 468 -4.62 -9.16 -29.05
N GLY C 469 -3.44 -9.22 -28.44
CA GLY C 469 -2.99 -8.19 -27.53
C GLY C 469 -2.86 -6.81 -28.17
N THR C 470 -2.99 -6.73 -29.48
CA THR C 470 -3.04 -5.45 -30.16
C THR C 470 -4.32 -5.26 -30.97
N ILE C 471 -4.74 -6.28 -31.71
CA ILE C 471 -5.92 -6.10 -32.55
C ILE C 471 -7.18 -5.97 -31.71
N CYS C 472 -7.29 -6.70 -30.62
CA CYS C 472 -8.52 -6.71 -29.85
C CYS C 472 -8.77 -5.41 -29.10
N HIS C 473 -7.78 -4.52 -29.05
CA HIS C 473 -7.95 -3.25 -28.37
C HIS C 473 -9.03 -2.42 -29.05
N SER C 474 -9.60 -1.48 -28.29
CA SER C 474 -10.69 -0.67 -28.78
C SER C 474 -10.27 0.19 -29.97
N SER C 475 -8.97 0.34 -30.21
CA SER C 475 -8.49 1.22 -31.26
C SER C 475 -9.05 0.86 -32.63
N LEU C 476 -9.68 -0.30 -32.78
CA LEU C 476 -10.27 -0.66 -34.06
C LEU C 476 -11.44 0.24 -34.41
N LEU C 477 -11.92 1.04 -33.46
CA LEU C 477 -13.14 1.81 -33.67
C LEU C 477 -12.86 3.31 -33.64
N ASP C 478 -11.84 3.76 -34.36
CA ASP C 478 -11.40 5.14 -34.33
C ASP C 478 -11.61 5.87 -35.66
N VAL C 479 -12.75 5.64 -36.32
CA VAL C 479 -12.91 6.10 -37.69
C VAL C 479 -13.41 7.53 -37.78
N GLU C 480 -13.66 8.17 -36.65
CA GLU C 480 -14.13 9.55 -36.68
C GLU C 480 -13.13 10.45 -37.39
N ALA C 481 -11.84 10.30 -37.07
CA ALA C 481 -10.83 11.09 -37.75
C ALA C 481 -10.79 10.79 -39.23
N THR C 482 -10.87 9.51 -39.60
CA THR C 482 -10.89 9.16 -41.02
C THR C 482 -12.11 9.74 -41.71
N LEU C 483 -13.27 9.59 -41.09
CA LEU C 483 -14.50 10.03 -41.73
C LEU C 483 -14.49 11.54 -41.94
N VAL C 484 -14.04 12.30 -40.94
CA VAL C 484 -13.98 13.74 -41.13
C VAL C 484 -12.90 14.09 -42.14
N ALA C 485 -11.78 13.37 -42.15
CA ALA C 485 -10.68 13.75 -43.01
C ALA C 485 -11.00 13.52 -44.47
N LEU C 486 -11.68 12.43 -44.81
CA LEU C 486 -11.97 12.19 -46.21
C LEU C 486 -13.29 12.82 -46.65
N ARG C 487 -13.98 13.52 -45.76
CA ARG C 487 -15.18 14.22 -46.19
C ARG C 487 -14.88 15.53 -46.91
N GLN C 488 -13.66 16.06 -46.77
CA GLN C 488 -13.35 17.38 -47.28
C GLN C 488 -13.31 17.47 -48.80
N GLN C 489 -12.91 16.41 -49.50
CA GLN C 489 -12.72 16.50 -50.93
C GLN C 489 -14.04 16.29 -51.67
N HIS C 490 -14.08 16.82 -52.89
CA HIS C 490 -15.23 16.61 -53.76
C HIS C 490 -15.27 15.17 -54.24
N LEU C 491 -16.49 14.67 -54.44
CA LEU C 491 -16.71 13.32 -54.93
C LEU C 491 -17.68 13.34 -56.09
N ASP C 492 -17.83 12.18 -56.74
CA ASP C 492 -18.75 12.00 -57.84
C ASP C 492 -20.06 11.42 -57.35
N ARG C 493 -21.12 11.66 -58.11
CA ARG C 493 -22.45 11.20 -57.76
C ARG C 493 -22.66 9.79 -58.30
N GLN C 494 -22.71 8.80 -57.41
CA GLN C 494 -23.00 7.43 -57.77
C GLN C 494 -24.41 7.09 -57.31
N CYS C 495 -25.05 6.16 -58.02
CA CYS C 495 -26.42 5.78 -57.72
C CYS C 495 -26.56 5.35 -56.27
N TYR C 496 -27.78 5.47 -55.76
CA TYR C 496 -28.08 5.21 -54.36
C TYR C 496 -28.86 3.91 -54.19
N PHE C 497 -28.62 2.95 -55.07
CA PHE C 497 -29.34 1.70 -54.97
C PHE C 497 -29.00 0.94 -53.70
N GLY C 498 -27.75 0.51 -53.58
CA GLY C 498 -27.38 -0.36 -52.48
C GLY C 498 -27.11 0.35 -51.18
N VAL C 499 -27.40 1.64 -51.08
CA VAL C 499 -27.16 2.40 -49.86
C VAL C 499 -28.40 3.09 -49.33
N TYR C 500 -29.48 3.17 -50.10
CA TYR C 500 -30.67 3.90 -49.69
C TYR C 500 -31.76 2.93 -49.27
N VAL C 501 -32.46 3.27 -48.19
CA VAL C 501 -33.54 2.47 -47.66
C VAL C 501 -34.79 3.35 -47.57
N ALA C 502 -35.94 2.76 -47.85
CA ALA C 502 -37.18 3.51 -48.02
C ALA C 502 -38.17 3.15 -46.92
N GLU C 503 -39.43 3.50 -47.15
CA GLU C 503 -40.51 3.30 -46.20
C GLU C 503 -41.58 2.39 -46.77
N GLY C 504 -42.28 1.70 -45.88
CA GLY C 504 -43.51 1.05 -46.27
C GLY C 504 -44.61 2.06 -46.53
N THR C 505 -45.46 1.75 -47.52
CA THR C 505 -46.46 2.70 -47.97
C THR C 505 -47.87 2.19 -47.84
N GLU C 506 -48.13 1.30 -46.88
CA GLU C 506 -49.48 0.84 -46.55
C GLU C 506 -50.17 0.28 -47.80
N ASP C 507 -49.50 -0.66 -48.45
CA ASP C 507 -49.92 -1.12 -49.77
C ASP C 507 -50.03 -2.63 -49.79
N THR C 508 -50.46 -3.14 -50.95
CA THR C 508 -50.68 -4.56 -51.18
C THR C 508 -49.42 -5.29 -51.60
N LEU C 509 -48.27 -4.61 -51.57
CA LEU C 509 -46.97 -5.17 -51.90
C LEU C 509 -46.87 -5.61 -53.36
N ASP C 510 -47.94 -5.45 -54.14
CA ASP C 510 -47.89 -5.74 -55.56
C ASP C 510 -47.72 -4.44 -56.35
N VAL C 511 -48.65 -3.50 -56.18
CA VAL C 511 -48.47 -2.17 -56.74
C VAL C 511 -47.27 -1.50 -56.09
N GLN C 512 -47.06 -1.73 -54.79
CA GLN C 512 -45.91 -1.18 -54.12
C GLN C 512 -44.62 -1.73 -54.71
N MET C 513 -44.57 -3.05 -54.95
CA MET C 513 -43.46 -3.65 -55.68
C MET C 513 -43.46 -3.19 -57.13
N GLY C 514 -44.66 -3.07 -57.73
CA GLY C 514 -44.74 -2.71 -59.13
C GLY C 514 -44.08 -1.39 -59.44
N ARG C 515 -44.39 -0.36 -58.67
CA ARG C 515 -43.82 0.96 -58.93
C ARG C 515 -42.32 0.94 -58.74
N PHE C 516 -41.85 0.22 -57.71
CA PHE C 516 -40.42 0.06 -57.51
C PHE C 516 -39.78 -0.53 -58.76
N MET C 517 -40.50 -1.40 -59.45
CA MET C 517 -39.90 -2.00 -60.65
C MET C 517 -39.47 -0.95 -61.66
N GLU C 518 -40.37 -0.06 -62.09
CA GLU C 518 -39.99 0.88 -63.13
C GLU C 518 -39.10 1.98 -62.57
N THR C 519 -39.28 2.35 -61.30
CA THR C 519 -38.34 3.32 -60.73
C THR C 519 -36.93 2.73 -60.68
N TRP C 520 -36.83 1.41 -60.54
CA TRP C 520 -35.57 0.68 -60.59
C TRP C 520 -35.05 0.54 -62.01
N ALA C 521 -35.94 0.58 -63.00
CA ALA C 521 -35.51 0.44 -64.39
C ALA C 521 -34.49 1.50 -64.77
N ASP C 522 -34.57 2.68 -64.14
CA ASP C 522 -33.66 3.77 -64.45
C ASP C 522 -32.99 4.34 -63.21
N MET C 523 -33.14 3.70 -62.04
CA MET C 523 -32.57 4.24 -60.83
C MET C 523 -31.05 4.28 -60.90
N MET C 524 -30.45 3.26 -61.51
CA MET C 524 -29.01 3.22 -61.68
C MET C 524 -28.64 3.87 -63.00
N PRO C 525 -28.09 5.09 -62.98
CA PRO C 525 -27.64 5.70 -64.23
C PRO C 525 -26.46 4.99 -64.86
N HIS C 526 -25.74 4.19 -64.08
CA HIS C 526 -24.51 3.55 -64.54
C HIS C 526 -24.35 2.22 -63.81
N HIS C 527 -23.17 1.63 -63.95
CA HIS C 527 -22.83 0.42 -63.22
C HIS C 527 -22.55 0.71 -61.76
N PRO C 528 -23.27 0.11 -60.82
CA PRO C 528 -22.84 0.17 -59.42
C PRO C 528 -21.62 -0.70 -59.22
N HIS C 529 -20.52 -0.08 -58.78
CA HIS C 529 -19.23 -0.76 -58.81
C HIS C 529 -19.17 -1.91 -57.81
N TRP C 530 -20.03 -1.89 -56.79
CA TRP C 530 -19.99 -2.85 -55.71
C TRP C 530 -20.44 -4.25 -56.13
N VAL C 531 -20.95 -4.41 -57.36
CA VAL C 531 -21.28 -5.74 -57.86
C VAL C 531 -20.15 -6.35 -58.66
N ASN C 532 -19.11 -5.58 -58.97
CA ASN C 532 -17.96 -6.08 -59.71
C ASN C 532 -16.98 -6.67 -58.70
N GLU C 533 -17.19 -7.94 -58.38
CA GLU C 533 -16.26 -8.72 -57.57
C GLU C 533 -15.75 -9.95 -58.30
N HIS C 534 -16.05 -10.07 -59.59
CA HIS C 534 -15.50 -11.17 -60.36
C HIS C 534 -14.01 -10.97 -60.62
N LEU C 535 -13.52 -9.75 -60.47
CA LEU C 535 -12.12 -9.47 -60.74
C LEU C 535 -11.23 -10.15 -59.70
N THR C 536 -10.03 -10.51 -60.12
CA THR C 536 -9.09 -11.18 -59.24
C THR C 536 -8.42 -10.16 -58.32
N ILE C 537 -7.58 -10.67 -57.42
CA ILE C 537 -6.85 -9.79 -56.53
C ILE C 537 -5.88 -8.92 -57.31
N LEU C 538 -5.28 -9.46 -58.38
CA LEU C 538 -4.38 -8.64 -59.19
C LEU C 538 -5.11 -7.45 -59.79
N GLN C 539 -6.25 -7.70 -60.43
CA GLN C 539 -7.03 -6.61 -60.99
C GLN C 539 -7.50 -5.66 -59.91
N PHE C 540 -7.86 -6.19 -58.75
CA PHE C 540 -8.35 -5.33 -57.67
C PHE C 540 -7.27 -4.38 -57.19
N ILE C 541 -6.06 -4.90 -56.96
CA ILE C 541 -4.99 -4.06 -56.42
C ILE C 541 -4.58 -2.99 -57.42
N ALA C 542 -4.85 -3.20 -58.71
CA ALA C 542 -4.42 -2.27 -59.72
C ALA C 542 -5.05 -0.90 -59.50
N PRO C 543 -4.29 0.18 -59.72
CA PRO C 543 -4.79 1.52 -59.40
C PRO C 543 -6.02 1.93 -60.19
N SER C 544 -6.30 1.27 -61.32
CA SER C 544 -7.51 1.58 -62.07
C SER C 544 -8.77 1.22 -61.30
N ASN C 545 -8.64 0.42 -60.25
CA ASN C 545 -9.78 0.11 -59.40
C ASN C 545 -10.24 1.37 -58.67
N PRO C 546 -11.49 1.80 -58.86
CA PRO C 546 -11.96 3.01 -58.18
C PRO C 546 -12.22 2.81 -56.71
N ARG C 547 -12.71 1.64 -56.31
CA ARG C 547 -13.10 1.41 -54.93
C ARG C 547 -11.91 1.19 -54.00
N LEU C 548 -10.68 1.35 -54.51
CA LEU C 548 -9.51 1.14 -53.66
C LEU C 548 -9.47 2.14 -52.51
N ARG C 549 -9.56 3.41 -52.82
CA ARG C 549 -9.54 4.36 -51.73
C ARG C 549 -10.83 4.43 -50.98
N PHE C 550 -11.77 3.54 -51.22
CA PHE C 550 -12.90 3.34 -50.30
C PHE C 550 -12.75 2.05 -49.52
N GLU C 551 -11.52 1.58 -49.33
CA GLU C 551 -11.23 0.41 -48.49
C GLU C 551 -10.02 0.80 -47.65
N LEU C 552 -10.25 1.07 -46.37
CA LEU C 552 -9.17 1.47 -45.48
C LEU C 552 -9.12 0.68 -44.18
N ASN C 553 -10.18 -0.02 -43.82
CA ASN C 553 -10.16 -0.83 -42.61
C ASN C 553 -11.03 -2.06 -42.81
N PRO C 554 -10.53 -3.25 -42.48
CA PRO C 554 -11.31 -4.46 -42.75
C PRO C 554 -12.65 -4.50 -42.02
N ALA C 555 -12.76 -3.86 -40.86
CA ALA C 555 -13.98 -3.97 -40.08
C ALA C 555 -15.16 -3.22 -40.69
N PHE C 556 -14.90 -2.24 -41.56
CA PHE C 556 -15.97 -1.42 -42.12
C PHE C 556 -15.85 -1.36 -43.63
N ASP C 557 -16.90 -0.83 -44.24
CA ASP C 557 -16.91 -0.49 -45.65
C ASP C 557 -17.02 1.02 -45.81
N PHE C 558 -16.46 1.51 -46.89
CA PHE C 558 -16.54 2.94 -47.22
C PHE C 558 -17.25 3.06 -48.56
N PHE C 559 -18.19 3.99 -48.64
CA PHE C 559 -19.06 4.08 -49.81
C PHE C 559 -19.69 5.47 -49.86
N VAL C 560 -20.31 5.75 -50.99
CA VAL C 560 -20.98 7.01 -51.25
C VAL C 560 -22.48 6.82 -51.03
N ALA C 561 -23.10 7.78 -50.37
CA ALA C 561 -24.51 7.74 -49.99
C ALA C 561 -25.07 9.15 -49.97
N PRO C 562 -26.39 9.30 -50.02
CA PRO C 562 -26.96 10.65 -49.89
C PRO C 562 -26.59 11.28 -48.56
N GLY C 563 -26.36 12.59 -48.59
CA GLY C 563 -26.01 13.33 -47.40
C GLY C 563 -27.20 14.04 -46.78
N ASP C 564 -27.11 14.26 -45.47
CA ASP C 564 -28.14 14.96 -44.72
C ASP C 564 -29.51 14.30 -44.88
N VAL C 565 -29.51 12.98 -45.01
CA VAL C 565 -30.74 12.22 -45.19
C VAL C 565 -30.82 11.18 -44.08
N ASP C 566 -31.94 11.17 -43.36
CA ASP C 566 -32.14 10.23 -42.28
C ASP C 566 -32.72 8.94 -42.85
N LEU C 567 -32.13 7.82 -42.46
CA LEU C 567 -32.57 6.55 -43.00
C LEU C 567 -33.40 5.80 -41.97
N PRO C 568 -34.49 5.15 -42.38
CA PRO C 568 -34.97 5.22 -43.77
C PRO C 568 -35.84 6.45 -44.00
N GLY C 569 -35.91 6.91 -45.24
CA GLY C 569 -36.67 8.09 -45.56
C GLY C 569 -37.74 7.83 -46.58
N PRO C 570 -38.32 8.88 -47.13
CA PRO C 570 -39.42 8.73 -48.09
C PRO C 570 -38.98 7.92 -49.30
N GLN C 571 -39.91 7.12 -49.80
CA GLN C 571 -39.57 6.14 -50.82
C GLN C 571 -39.09 6.83 -52.10
N ARG C 572 -39.69 7.94 -52.46
CA ARG C 572 -39.16 8.75 -53.54
C ARG C 572 -37.77 9.23 -53.14
N PRO C 573 -36.75 8.98 -53.96
CA PRO C 573 -35.38 9.28 -53.56
C PRO C 573 -35.12 10.78 -53.53
N PRO C 574 -34.79 11.34 -52.37
CA PRO C 574 -34.42 12.74 -52.31
C PRO C 574 -33.09 12.97 -53.02
N GLU C 575 -32.93 14.17 -53.56
CA GLU C 575 -31.68 14.56 -54.22
C GLU C 575 -30.90 15.47 -53.30
N ALA C 576 -29.62 15.13 -53.11
CA ALA C 576 -28.74 15.91 -52.25
C ALA C 576 -27.31 15.66 -52.71
N MET C 577 -26.37 16.33 -52.05
CA MET C 577 -24.97 16.12 -52.38
C MET C 577 -24.55 14.72 -51.98
N PRO C 578 -23.84 14.01 -52.86
CA PRO C 578 -23.24 12.73 -52.46
C PRO C 578 -22.23 12.95 -51.34
N THR C 579 -22.17 11.99 -50.43
CA THR C 579 -21.27 12.05 -49.28
C THR C 579 -20.72 10.65 -49.06
N VAL C 580 -19.87 10.51 -48.05
CA VAL C 580 -19.26 9.23 -47.72
C VAL C 580 -19.81 8.76 -46.39
N ASN C 581 -20.37 7.54 -46.38
CA ASN C 581 -20.87 6.94 -45.17
C ASN C 581 -20.28 5.54 -45.04
N ALA C 582 -20.17 5.08 -43.80
CA ALA C 582 -19.55 3.81 -43.48
C ALA C 582 -20.45 3.02 -42.54
N THR C 583 -20.33 1.70 -42.63
CA THR C 583 -21.13 0.80 -41.81
C THR C 583 -20.26 -0.29 -41.22
N LEU C 584 -20.87 -1.08 -40.35
CA LEU C 584 -20.20 -2.22 -39.75
C LEU C 584 -20.28 -3.42 -40.68
N ARG C 585 -19.12 -3.96 -41.04
CA ARG C 585 -19.04 -5.25 -41.72
C ARG C 585 -18.90 -6.29 -40.64
N ILE C 586 -20.03 -6.81 -40.17
CA ILE C 586 -19.99 -7.71 -39.02
C ILE C 586 -19.50 -9.08 -39.45
N ILE C 587 -20.10 -9.62 -40.51
CA ILE C 587 -19.64 -10.87 -41.09
C ILE C 587 -18.24 -10.71 -41.65
N ASN C 588 -17.32 -11.57 -41.20
CA ASN C 588 -15.99 -11.56 -41.80
C ASN C 588 -16.06 -12.00 -43.27
N GLY C 589 -16.97 -12.90 -43.59
CA GLY C 589 -17.19 -13.27 -44.98
C GLY C 589 -17.74 -12.17 -45.84
N ASN C 590 -18.24 -11.09 -45.23
CA ASN C 590 -18.67 -9.93 -46.00
C ASN C 590 -17.50 -9.14 -46.56
N ILE C 591 -16.28 -9.44 -46.14
CA ILE C 591 -15.10 -8.83 -46.78
C ILE C 591 -15.12 -9.16 -48.27
N PRO C 592 -14.75 -8.23 -49.14
CA PRO C 592 -14.84 -8.50 -50.58
C PRO C 592 -14.09 -9.76 -50.98
N VAL C 593 -14.70 -10.50 -51.90
CA VAL C 593 -14.23 -11.81 -52.34
C VAL C 593 -12.77 -11.76 -52.79
N PRO C 594 -12.33 -10.78 -53.59
CA PRO C 594 -10.90 -10.74 -53.94
C PRO C 594 -9.99 -10.66 -52.74
N LEU C 595 -10.47 -10.09 -51.64
CA LEU C 595 -9.63 -9.97 -50.44
C LEU C 595 -9.67 -11.21 -49.57
N CYS C 596 -10.70 -12.04 -49.69
CA CYS C 596 -10.75 -13.34 -49.02
C CYS C 596 -11.06 -14.39 -50.08
N PRO C 597 -10.04 -14.94 -50.73
CA PRO C 597 -10.27 -15.90 -51.81
C PRO C 597 -11.11 -17.07 -51.36
N ILE C 598 -11.92 -17.58 -52.30
CA ILE C 598 -12.89 -18.62 -51.97
C ILE C 598 -12.18 -19.89 -51.54
N SER C 599 -11.00 -20.15 -52.11
CA SER C 599 -10.29 -21.37 -51.77
C SER C 599 -9.86 -21.37 -50.30
N PHE C 600 -9.41 -20.22 -49.80
CA PHE C 600 -9.11 -20.10 -48.38
C PHE C 600 -10.32 -20.43 -47.54
N ARG C 601 -11.48 -19.89 -47.92
CA ARG C 601 -12.70 -20.15 -47.18
C ARG C 601 -13.07 -21.63 -47.21
N ASP C 602 -12.88 -22.29 -48.35
CA ASP C 602 -13.18 -23.71 -48.44
C ASP C 602 -12.23 -24.53 -47.57
N CYS C 603 -10.96 -24.15 -47.56
CA CYS C 603 -10.01 -24.84 -46.69
C CYS C 603 -10.36 -24.62 -45.23
N ARG C 604 -10.86 -23.43 -44.89
CA ARG C 604 -11.28 -23.20 -43.52
C ARG C 604 -12.50 -24.05 -43.18
N GLY C 605 -13.41 -24.22 -44.13
CA GLY C 605 -14.49 -25.17 -43.93
C GLY C 605 -13.97 -26.56 -43.67
N THR C 606 -12.93 -26.95 -44.39
CA THR C 606 -12.28 -28.23 -44.10
C THR C 606 -11.72 -28.26 -42.69
N GLN C 607 -11.17 -27.14 -42.22
CA GLN C 607 -10.79 -27.02 -40.81
C GLN C 607 -11.95 -27.38 -39.90
N LEU C 608 -13.13 -26.81 -40.17
CA LEU C 608 -14.28 -27.12 -39.34
C LEU C 608 -14.67 -28.59 -39.46
N GLY C 609 -14.59 -29.15 -40.66
CA GLY C 609 -15.01 -30.50 -40.88
C GLY C 609 -13.94 -31.55 -40.70
N LEU C 610 -13.25 -31.53 -39.56
CA LEU C 610 -12.20 -32.51 -39.33
C LEU C 610 -12.80 -33.91 -39.13
N GLY C 611 -13.83 -34.02 -38.31
CA GLY C 611 -14.42 -35.31 -38.02
C GLY C 611 -15.91 -35.23 -37.76
N ARG C 612 -16.52 -34.14 -38.19
CA ARG C 612 -17.91 -33.89 -37.84
C ARG C 612 -18.83 -34.60 -38.83
N HIS C 613 -20.13 -34.60 -38.53
CA HIS C 613 -21.05 -35.40 -39.31
C HIS C 613 -21.25 -34.81 -40.70
N THR C 614 -21.51 -35.69 -41.66
CA THR C 614 -21.78 -35.29 -43.03
C THR C 614 -22.92 -36.12 -43.58
N MET C 615 -23.62 -35.56 -44.57
CA MET C 615 -24.70 -36.28 -45.21
C MET C 615 -24.17 -37.50 -45.95
N THR C 616 -24.96 -38.56 -45.97
CA THR C 616 -24.67 -39.63 -46.89
C THR C 616 -24.94 -39.17 -48.32
N PRO C 617 -24.19 -39.69 -49.29
CA PRO C 617 -24.48 -39.34 -50.68
C PRO C 617 -25.88 -39.71 -51.12
N ALA C 618 -26.51 -40.68 -50.47
CA ALA C 618 -27.90 -40.99 -50.78
C ALA C 618 -28.78 -39.75 -50.62
N THR C 619 -28.61 -39.03 -49.53
CA THR C 619 -29.34 -37.78 -49.34
C THR C 619 -29.05 -36.80 -50.47
N ILE C 620 -27.78 -36.69 -50.84
CA ILE C 620 -27.39 -35.69 -51.82
C ILE C 620 -28.05 -35.97 -53.16
N LYS C 621 -27.93 -37.21 -53.63
CA LYS C 621 -28.60 -37.56 -54.88
C LYS C 621 -30.10 -37.51 -54.77
N ALA C 622 -30.65 -37.68 -53.56
CA ALA C 622 -32.10 -37.62 -53.40
C ALA C 622 -32.60 -36.18 -53.40
N VAL C 623 -31.74 -35.22 -53.11
CA VAL C 623 -32.19 -33.84 -52.93
C VAL C 623 -31.79 -32.92 -54.09
N LYS C 624 -30.57 -33.05 -54.61
CA LYS C 624 -30.17 -32.14 -55.69
C LYS C 624 -31.03 -32.35 -56.93
N ASP C 625 -31.38 -33.61 -57.23
CA ASP C 625 -32.33 -33.86 -58.30
C ASP C 625 -33.65 -33.12 -58.09
N THR C 626 -34.07 -32.95 -56.84
CA THR C 626 -35.20 -32.08 -56.54
C THR C 626 -34.85 -30.62 -56.81
N PHE C 627 -33.63 -30.20 -56.53
CA PHE C 627 -33.29 -28.80 -56.70
C PHE C 627 -33.20 -28.42 -58.17
N GLU C 628 -32.79 -29.33 -59.04
CA GLU C 628 -32.82 -29.04 -60.47
C GLU C 628 -34.21 -29.27 -61.06
N ASP C 629 -35.17 -29.74 -60.27
CA ASP C 629 -36.51 -29.96 -60.79
C ASP C 629 -37.11 -28.66 -61.31
N ARG C 630 -37.58 -28.71 -62.55
CA ARG C 630 -38.30 -27.61 -63.17
C ARG C 630 -39.80 -27.87 -63.24
N ALA C 631 -40.22 -29.11 -63.07
CA ALA C 631 -41.63 -29.50 -63.15
C ALA C 631 -42.15 -29.90 -61.79
N TYR C 632 -41.65 -29.26 -60.75
CA TYR C 632 -42.12 -29.50 -59.40
C TYR C 632 -43.52 -28.94 -59.22
N PRO C 633 -44.50 -29.77 -58.86
CA PRO C 633 -45.89 -29.30 -58.78
C PRO C 633 -46.09 -28.22 -57.72
N THR C 634 -47.00 -27.30 -58.02
CA THR C 634 -47.35 -26.21 -57.12
C THR C 634 -48.30 -26.64 -56.01
N ILE C 635 -48.84 -27.86 -56.09
CA ILE C 635 -49.75 -28.34 -55.06
C ILE C 635 -49.09 -28.23 -53.70
N PHE C 636 -47.85 -28.69 -53.61
CA PHE C 636 -47.13 -28.64 -52.35
C PHE C 636 -46.95 -27.20 -51.90
N TYR C 637 -46.79 -26.27 -52.85
CA TYR C 637 -46.64 -24.87 -52.49
C TYR C 637 -47.91 -24.34 -51.84
N MET C 638 -49.07 -24.57 -52.47
CA MET C 638 -50.29 -24.09 -51.85
C MET C 638 -50.58 -24.83 -50.54
N LEU C 639 -50.17 -26.08 -50.43
CA LEU C 639 -50.33 -26.79 -49.18
C LEU C 639 -49.51 -26.15 -48.07
N GLU C 640 -48.26 -25.79 -48.36
CA GLU C 640 -47.43 -25.11 -47.37
C GLU C 640 -48.03 -23.75 -47.02
N ALA C 641 -48.57 -23.05 -48.02
CA ALA C 641 -49.19 -21.76 -47.76
C ALA C 641 -50.37 -21.89 -46.82
N VAL C 642 -51.27 -22.83 -47.11
CA VAL C 642 -52.49 -22.97 -46.30
C VAL C 642 -52.14 -23.48 -44.91
N ILE C 643 -51.17 -24.39 -44.81
CA ILE C 643 -50.78 -24.89 -43.51
C ILE C 643 -50.14 -23.78 -42.69
N HIS C 644 -49.46 -22.86 -43.37
CA HIS C 644 -48.82 -21.67 -42.82
C HIS C 644 -48.17 -21.92 -41.46
N GLY C 645 -47.53 -23.07 -41.31
CA GLY C 645 -46.66 -23.32 -40.17
C GLY C 645 -47.31 -23.27 -38.81
N ASN C 646 -48.44 -23.96 -38.64
CA ASN C 646 -49.06 -24.09 -37.32
C ASN C 646 -49.39 -25.55 -37.07
N GLU C 647 -48.88 -26.08 -35.97
CA GLU C 647 -48.99 -27.52 -35.71
C GLU C 647 -50.44 -27.96 -35.55
N ARG C 648 -51.31 -27.07 -35.06
CA ARG C 648 -52.72 -27.42 -34.99
C ARG C 648 -53.26 -27.70 -36.37
N ASN C 649 -52.90 -26.88 -37.36
CA ASN C 649 -53.29 -27.16 -38.73
C ASN C 649 -52.62 -28.42 -39.25
N PHE C 650 -51.38 -28.64 -38.87
CA PHE C 650 -50.63 -29.76 -39.41
C PHE C 650 -51.22 -31.09 -38.95
N CYS C 651 -51.52 -31.21 -37.66
CA CYS C 651 -51.95 -32.46 -37.07
C CYS C 651 -53.30 -32.93 -37.58
N ALA C 652 -53.95 -32.17 -38.47
CA ALA C 652 -55.24 -32.56 -39.01
C ALA C 652 -55.15 -33.12 -40.42
N LEU C 653 -53.95 -33.19 -41.00
CA LEU C 653 -53.82 -33.57 -42.40
C LEU C 653 -53.13 -34.92 -42.56
N LEU C 654 -52.84 -35.60 -41.44
CA LEU C 654 -52.04 -36.81 -41.43
C LEU C 654 -52.28 -37.69 -42.65
N ARG C 655 -53.53 -38.07 -42.89
CA ARG C 655 -53.84 -38.98 -43.98
C ARG C 655 -53.36 -38.39 -45.31
N LEU C 656 -53.93 -37.25 -45.70
CA LEU C 656 -53.66 -36.72 -47.03
C LEU C 656 -52.17 -36.43 -47.23
N LEU C 657 -51.53 -35.84 -46.22
CA LEU C 657 -50.09 -35.60 -46.36
C LEU C 657 -49.34 -36.91 -46.51
N THR C 658 -49.83 -37.99 -45.89
CA THR C 658 -49.19 -39.28 -46.08
C THR C 658 -49.32 -39.75 -47.52
N GLN C 659 -50.55 -39.74 -48.07
CA GLN C 659 -50.70 -40.27 -49.41
C GLN C 659 -49.94 -39.42 -50.43
N CYS C 660 -49.96 -38.10 -50.27
CA CYS C 660 -49.31 -37.24 -51.25
C CYS C 660 -47.80 -37.51 -51.29
N ILE C 661 -47.16 -37.54 -50.13
CA ILE C 661 -45.72 -37.75 -50.10
C ILE C 661 -45.38 -39.18 -50.52
N ARG C 662 -46.23 -40.15 -50.16
CA ARG C 662 -45.98 -41.53 -50.58
C ARG C 662 -46.02 -41.66 -52.10
N GLY C 663 -47.01 -41.04 -52.73
CA GLY C 663 -47.07 -41.06 -54.18
C GLY C 663 -45.90 -40.33 -54.81
N TYR C 664 -45.54 -39.16 -54.25
CA TYR C 664 -44.46 -38.39 -54.85
C TYR C 664 -43.13 -39.10 -54.76
N VAL C 671 -37.55 -36.34 -53.02
CA VAL C 671 -38.17 -35.90 -51.78
C VAL C 671 -38.78 -34.52 -52.01
N ALA C 672 -39.78 -34.18 -51.19
CA ALA C 672 -40.48 -32.92 -51.32
C ALA C 672 -40.63 -32.29 -49.96
N PHE C 673 -41.20 -31.08 -49.93
CA PHE C 673 -41.45 -30.33 -48.70
C PHE C 673 -40.17 -30.12 -47.89
N VAL C 674 -39.09 -29.79 -48.58
CA VAL C 674 -37.83 -29.48 -47.92
C VAL C 674 -37.61 -27.98 -47.82
N ASN C 675 -38.61 -27.18 -48.20
CA ASN C 675 -38.39 -25.77 -48.47
C ASN C 675 -38.22 -24.94 -47.21
N ASN C 676 -39.15 -25.01 -46.27
CA ASN C 676 -39.13 -24.13 -45.12
C ASN C 676 -38.99 -24.91 -43.83
N PHE C 677 -38.46 -24.25 -42.80
CA PHE C 677 -38.18 -24.92 -41.53
C PHE C 677 -39.44 -25.36 -40.81
N HIS C 678 -40.52 -24.58 -40.94
CA HIS C 678 -41.72 -24.75 -40.13
C HIS C 678 -42.59 -25.92 -40.54
N MET C 679 -42.06 -26.89 -41.30
CA MET C 679 -42.81 -28.12 -41.52
C MET C 679 -41.97 -29.38 -41.52
N LEU C 680 -40.70 -29.33 -41.92
CA LEU C 680 -39.87 -30.54 -41.98
C LEU C 680 -39.71 -31.18 -40.61
N MET C 681 -39.40 -30.39 -39.59
CA MET C 681 -39.12 -31.00 -38.30
C MET C 681 -40.41 -31.38 -37.59
N TYR C 682 -41.50 -30.71 -37.93
CA TYR C 682 -42.80 -31.22 -37.54
C TYR C 682 -43.05 -32.59 -38.14
N ILE C 683 -42.70 -32.78 -39.41
CA ILE C 683 -42.87 -34.08 -40.03
C ILE C 683 -42.07 -35.13 -39.28
N THR C 684 -40.80 -34.85 -39.04
CA THR C 684 -39.98 -35.83 -38.32
C THR C 684 -40.45 -36.01 -36.88
N THR C 685 -41.17 -35.03 -36.33
CA THR C 685 -41.65 -35.11 -34.97
C THR C 685 -42.88 -35.99 -34.83
N TYR C 686 -43.79 -35.93 -35.79
CA TYR C 686 -45.03 -36.69 -35.74
C TYR C 686 -45.09 -37.76 -36.83
N LEU C 687 -44.88 -37.37 -38.09
CA LEU C 687 -44.81 -38.35 -39.15
C LEU C 687 -43.45 -39.02 -39.13
N GLY C 688 -43.14 -39.70 -38.01
CA GLY C 688 -41.82 -40.25 -37.82
C GLY C 688 -41.78 -41.61 -37.16
N ASN C 689 -42.78 -42.45 -37.42
CA ASN C 689 -42.79 -43.80 -36.89
C ASN C 689 -42.88 -44.87 -37.96
N GLY C 690 -42.37 -44.62 -39.17
CA GLY C 690 -42.29 -45.65 -40.18
C GLY C 690 -43.53 -45.81 -41.03
N GLU C 691 -44.58 -45.02 -40.81
CA GLU C 691 -45.74 -45.07 -41.68
C GLU C 691 -45.36 -44.79 -43.13
N LEU C 692 -44.34 -43.98 -43.34
CA LEU C 692 -43.82 -43.71 -44.67
C LEU C 692 -42.66 -44.64 -44.99
N PRO C 693 -42.34 -44.82 -46.27
CA PRO C 693 -41.14 -45.59 -46.63
C PRO C 693 -39.89 -45.04 -45.95
N GLU C 694 -39.14 -45.95 -45.34
CA GLU C 694 -38.15 -45.58 -44.33
C GLU C 694 -37.03 -44.70 -44.88
N VAL C 695 -36.76 -44.78 -46.19
CA VAL C 695 -35.65 -44.03 -46.75
C VAL C 695 -35.83 -42.53 -46.56
N CYS C 696 -37.05 -42.04 -46.80
CA CYS C 696 -37.30 -40.61 -46.62
C CYS C 696 -37.12 -40.20 -45.17
N ILE C 697 -37.56 -41.05 -44.24
CA ILE C 697 -37.33 -40.77 -42.82
C ILE C 697 -35.85 -40.67 -42.54
N ASN C 698 -35.05 -41.57 -43.11
CA ASN C 698 -33.61 -41.47 -42.90
C ASN C 698 -33.06 -40.16 -43.45
N ILE C 699 -33.53 -39.76 -44.62
CA ILE C 699 -33.03 -38.53 -45.24
C ILE C 699 -33.33 -37.33 -44.36
N TYR C 700 -34.57 -37.23 -43.91
CA TYR C 700 -34.99 -36.11 -43.07
C TYR C 700 -34.23 -36.12 -41.75
N ARG C 701 -34.07 -37.30 -41.16
CA ARG C 701 -33.33 -37.42 -39.90
C ARG C 701 -31.89 -36.97 -40.08
N ASP C 702 -31.26 -37.38 -41.18
CA ASP C 702 -29.88 -36.99 -41.43
C ASP C 702 -29.78 -35.48 -41.60
N LEU C 703 -30.72 -34.89 -42.32
CA LEU C 703 -30.67 -33.43 -42.49
C LEU C 703 -30.79 -32.72 -41.15
N LEU C 704 -31.76 -33.12 -40.32
CA LEU C 704 -31.97 -32.41 -39.07
C LEU C 704 -30.80 -32.61 -38.11
N GLN C 705 -30.26 -33.83 -38.06
CA GLN C 705 -29.10 -34.04 -37.20
C GLN C 705 -27.91 -33.25 -37.71
N HIS C 706 -27.80 -33.07 -39.03
CA HIS C 706 -26.76 -32.21 -39.55
C HIS C 706 -26.93 -30.78 -39.07
N VAL C 707 -28.17 -30.30 -39.07
CA VAL C 707 -28.42 -28.94 -38.61
C VAL C 707 -28.01 -28.78 -37.15
N ARG C 708 -28.45 -29.71 -36.29
CA ARG C 708 -28.12 -29.57 -34.88
C ARG C 708 -26.63 -29.80 -34.66
N ALA C 709 -25.99 -30.58 -35.53
CA ALA C 709 -24.55 -30.75 -35.45
C ALA C 709 -23.82 -29.45 -35.74
N LEU C 710 -24.27 -28.73 -36.76
CA LEU C 710 -23.69 -27.41 -37.03
C LEU C 710 -23.94 -26.47 -35.86
N ARG C 711 -25.09 -26.62 -35.21
CA ARG C 711 -25.32 -25.83 -34.00
C ARG C 711 -24.30 -26.19 -32.92
N GLN C 712 -23.99 -27.48 -32.78
CA GLN C 712 -22.91 -27.89 -31.88
C GLN C 712 -21.59 -27.26 -32.28
N THR C 713 -21.31 -27.20 -33.58
CA THR C 713 -20.07 -26.61 -34.07
C THR C 713 -19.97 -25.16 -33.63
N ILE C 714 -21.03 -24.40 -33.84
CA ILE C 714 -20.99 -23.00 -33.44
C ILE C 714 -20.92 -22.92 -31.92
N THR C 715 -21.40 -23.93 -31.21
CA THR C 715 -21.33 -23.92 -29.76
C THR C 715 -19.89 -24.05 -29.27
N ASP C 716 -19.18 -25.08 -29.73
CA ASP C 716 -17.93 -25.42 -29.07
C ASP C 716 -16.81 -24.47 -29.44
N PHE C 717 -16.97 -23.71 -30.53
CA PHE C 717 -15.95 -22.77 -30.96
C PHE C 717 -16.08 -21.41 -30.30
N THR C 718 -16.71 -21.34 -29.14
CA THR C 718 -16.64 -20.16 -28.30
C THR C 718 -16.68 -20.60 -26.85
N ILE C 719 -16.14 -19.75 -25.97
CA ILE C 719 -16.08 -20.04 -24.55
C ILE C 719 -17.35 -19.52 -23.90
N GLN C 720 -17.71 -20.11 -22.77
CA GLN C 720 -19.00 -19.82 -22.16
C GLN C 720 -18.83 -19.01 -20.87
N GLY C 721 -19.83 -18.21 -20.57
CA GLY C 721 -19.89 -17.50 -19.30
C GLY C 721 -19.50 -16.04 -19.32
N GLU C 722 -19.46 -15.41 -20.49
CA GLU C 722 -19.10 -13.99 -20.60
C GLU C 722 -20.23 -13.25 -21.31
N GLY C 723 -21.13 -12.67 -20.51
CA GLY C 723 -22.24 -11.93 -21.06
C GLY C 723 -22.24 -10.52 -20.50
N HIS C 724 -22.85 -9.62 -21.26
CA HIS C 724 -22.92 -8.23 -20.86
C HIS C 724 -24.26 -7.66 -21.29
N ASN C 725 -24.68 -6.60 -20.57
CA ASN C 725 -25.95 -5.93 -20.82
C ASN C 725 -27.10 -6.93 -20.79
N GLY C 726 -26.99 -7.91 -19.91
CA GLY C 726 -27.98 -8.97 -19.85
C GLY C 726 -28.13 -9.74 -21.14
N GLU C 727 -27.02 -10.02 -21.83
CA GLU C 727 -27.05 -10.73 -23.10
C GLU C 727 -26.06 -11.88 -23.06
N THR C 728 -26.45 -13.00 -23.67
CA THR C 728 -25.77 -14.27 -23.47
C THR C 728 -24.37 -14.28 -24.07
N SER C 729 -23.53 -15.15 -23.54
CA SER C 729 -22.14 -15.25 -23.99
C SER C 729 -22.07 -15.70 -25.44
N GLU C 730 -22.77 -16.78 -25.77
CA GLU C 730 -22.54 -17.45 -27.05
C GLU C 730 -22.95 -16.58 -28.22
N ALA C 731 -24.05 -15.84 -28.09
CA ALA C 731 -24.50 -15.02 -29.21
C ALA C 731 -23.55 -13.86 -29.46
N LEU C 732 -22.65 -13.60 -28.52
CA LEU C 732 -21.56 -12.66 -28.77
C LEU C 732 -20.52 -13.21 -29.72
N ASN C 733 -20.73 -14.40 -30.26
CA ASN C 733 -19.86 -14.97 -31.29
C ASN C 733 -20.36 -14.73 -32.70
N ASN C 734 -21.61 -15.07 -32.98
CA ASN C 734 -22.10 -15.02 -34.36
C ASN C 734 -23.49 -14.41 -34.40
N ILE C 735 -23.83 -13.88 -35.58
CA ILE C 735 -25.19 -13.39 -35.80
C ILE C 735 -26.17 -14.53 -35.76
N LEU C 736 -25.82 -15.66 -36.38
CA LEU C 736 -26.74 -16.77 -36.51
C LEU C 736 -27.16 -17.30 -35.15
N THR C 737 -26.39 -17.01 -34.12
CA THR C 737 -26.71 -17.39 -32.75
C THR C 737 -27.38 -16.27 -31.97
N ASP C 738 -27.54 -15.11 -32.57
CA ASP C 738 -28.04 -13.94 -31.85
C ASP C 738 -29.51 -13.71 -32.19
N ASP C 739 -30.34 -13.60 -31.16
CA ASP C 739 -31.77 -13.45 -31.35
C ASP C 739 -32.12 -12.13 -32.03
N THR C 740 -31.21 -11.15 -32.04
CA THR C 740 -31.50 -9.87 -32.67
C THR C 740 -31.74 -10.05 -34.17
N PHE C 741 -31.27 -11.16 -34.73
CA PHE C 741 -31.40 -11.36 -36.16
C PHE C 741 -32.66 -12.15 -36.48
N ILE C 742 -33.12 -12.04 -37.73
CA ILE C 742 -34.40 -12.58 -38.15
C ILE C 742 -34.23 -13.37 -39.43
N ALA C 743 -34.94 -14.48 -39.53
CA ALA C 743 -34.98 -15.27 -40.75
C ALA C 743 -35.65 -14.47 -41.86
N PRO C 744 -35.27 -14.73 -43.12
CA PRO C 744 -35.83 -13.92 -44.20
C PRO C 744 -37.34 -14.08 -44.34
N ILE C 745 -37.86 -15.26 -44.05
CA ILE C 745 -39.29 -15.53 -44.16
C ILE C 745 -39.77 -16.05 -42.82
N LEU C 746 -40.80 -15.41 -42.28
CA LEU C 746 -41.28 -15.65 -40.92
C LEU C 746 -42.69 -16.19 -40.98
N TRP C 747 -42.96 -17.24 -40.21
CA TRP C 747 -44.31 -17.77 -40.11
C TRP C 747 -45.02 -17.34 -38.84
N ASP C 748 -44.32 -17.27 -37.72
CA ASP C 748 -44.90 -16.86 -36.46
C ASP C 748 -44.14 -15.68 -35.89
N CYS C 749 -44.89 -14.73 -35.35
CA CYS C 749 -44.28 -13.55 -34.76
C CYS C 749 -43.47 -13.86 -33.51
N ASP C 750 -43.42 -15.13 -33.10
CA ASP C 750 -42.66 -15.49 -31.90
C ASP C 750 -41.19 -15.14 -32.06
N ALA C 751 -40.64 -15.28 -33.27
CA ALA C 751 -39.26 -14.88 -33.49
C ALA C 751 -39.08 -13.38 -33.27
N LEU C 752 -40.02 -12.58 -33.75
CA LEU C 752 -39.97 -11.16 -33.48
C LEU C 752 -40.04 -10.89 -31.99
N ILE C 753 -40.92 -11.62 -31.30
CA ILE C 753 -41.01 -11.52 -29.85
C ILE C 753 -39.64 -11.79 -29.24
N TYR C 754 -38.99 -12.84 -29.71
CA TYR C 754 -37.70 -13.23 -29.15
C TYR C 754 -36.68 -12.13 -29.35
N ARG C 755 -36.67 -11.51 -30.52
CA ARG C 755 -35.84 -10.32 -30.71
C ARG C 755 -36.17 -9.26 -29.67
N ASP C 756 -37.46 -9.08 -29.39
CA ASP C 756 -37.88 -8.03 -28.46
C ASP C 756 -37.30 -8.26 -27.08
N GLU C 757 -37.38 -9.51 -26.57
CA GLU C 757 -36.79 -9.71 -25.25
C GLU C 757 -35.28 -9.76 -25.37
N ALA C 758 -34.75 -9.94 -26.58
CA ALA C 758 -33.32 -9.88 -26.77
C ALA C 758 -32.78 -8.46 -26.60
N ALA C 759 -33.53 -7.45 -27.06
CA ALA C 759 -32.82 -6.21 -27.37
C ALA C 759 -32.44 -5.42 -26.12
N ARG C 760 -33.39 -4.69 -25.52
CA ARG C 760 -33.12 -4.06 -24.22
C ARG C 760 -31.89 -3.16 -24.11
N ASP C 761 -31.05 -3.12 -25.12
CA ASP C 761 -30.01 -2.11 -25.19
C ASP C 761 -29.95 -1.43 -26.54
N ARG C 762 -30.07 -2.19 -27.62
CA ARG C 762 -30.02 -1.67 -28.99
C ARG C 762 -31.43 -1.30 -29.40
N LEU C 763 -31.65 -0.02 -29.65
CA LEU C 763 -32.97 0.50 -29.99
C LEU C 763 -33.50 -0.20 -31.23
N PRO C 764 -34.50 -1.05 -31.10
CA PRO C 764 -35.07 -1.71 -32.27
C PRO C 764 -36.25 -0.93 -32.83
N ALA C 765 -36.24 -0.74 -34.14
CA ALA C 765 -37.34 -0.11 -34.84
C ALA C 765 -37.91 -1.11 -35.83
N ILE C 766 -39.21 -1.31 -35.78
CA ILE C 766 -39.89 -2.31 -36.59
C ILE C 766 -41.02 -1.64 -37.35
N ARG C 767 -40.92 -1.63 -38.68
CA ARG C 767 -41.92 -1.04 -39.54
C ARG C 767 -42.58 -2.14 -40.34
N VAL C 768 -43.91 -2.17 -40.33
CA VAL C 768 -44.69 -3.22 -40.97
C VAL C 768 -45.76 -2.55 -41.83
N SER C 769 -45.59 -2.63 -43.15
CA SER C 769 -46.57 -2.13 -44.12
C SER C 769 -46.98 -0.70 -43.79
N GLY C 770 -46.02 0.08 -43.31
CA GLY C 770 -46.32 1.41 -42.86
C GLY C 770 -46.01 1.62 -41.39
N ARG C 771 -47.05 1.81 -40.58
CA ARG C 771 -46.88 2.31 -39.23
C ARG C 771 -45.93 1.42 -38.42
N ASN C 772 -45.13 2.07 -37.59
CA ASN C 772 -44.22 1.36 -36.69
C ASN C 772 -45.03 0.57 -35.66
N GLY C 773 -44.46 -0.54 -35.20
CA GLY C 773 -45.17 -1.38 -34.27
C GLY C 773 -46.17 -2.29 -34.97
N TYR C 774 -46.65 -3.28 -34.22
CA TYR C 774 -47.49 -4.32 -34.78
C TYR C 774 -48.54 -4.73 -33.77
N GLN C 775 -49.55 -5.46 -34.26
CA GLN C 775 -50.63 -5.95 -33.42
C GLN C 775 -50.67 -7.47 -33.33
N ALA C 776 -50.74 -8.15 -34.48
CA ALA C 776 -50.57 -9.59 -34.56
C ALA C 776 -51.58 -10.34 -33.69
N LEU C 777 -52.85 -10.21 -34.07
CA LEU C 777 -53.93 -10.95 -33.41
C LEU C 777 -54.03 -12.33 -34.03
N HIS C 778 -54.41 -13.31 -33.22
CA HIS C 778 -54.48 -14.69 -33.65
C HIS C 778 -55.93 -15.10 -33.92
N PHE C 779 -56.12 -16.37 -34.25
CA PHE C 779 -57.43 -16.99 -34.40
C PHE C 779 -58.29 -16.23 -35.42
N VAL C 780 -57.82 -16.24 -36.64
CA VAL C 780 -58.57 -15.65 -37.74
C VAL C 780 -59.55 -16.69 -38.29
N ASP C 781 -60.75 -16.22 -38.65
CA ASP C 781 -61.76 -17.13 -39.19
C ASP C 781 -62.29 -16.64 -40.53
N MET C 782 -63.30 -17.33 -41.07
CA MET C 782 -63.93 -16.89 -42.30
C MET C 782 -64.55 -15.51 -42.15
N ALA C 783 -65.14 -15.22 -40.99
CA ALA C 783 -65.76 -13.92 -40.77
C ALA C 783 -64.73 -12.80 -40.84
N GLY C 784 -63.56 -13.01 -40.26
CA GLY C 784 -62.58 -11.95 -40.18
C GLY C 784 -61.41 -12.11 -41.13
N HIS C 785 -61.69 -12.56 -42.36
CA HIS C 785 -60.61 -12.71 -43.33
C HIS C 785 -60.01 -11.36 -43.69
N ASN C 786 -60.86 -10.40 -44.08
CA ASN C 786 -60.44 -9.05 -44.45
C ASN C 786 -59.22 -9.07 -45.37
N PHE C 787 -59.46 -9.59 -46.57
CA PHE C 787 -58.37 -9.85 -47.50
C PHE C 787 -57.56 -8.59 -47.76
N GLN C 788 -58.22 -7.47 -47.98
CA GLN C 788 -57.50 -6.22 -48.21
C GLN C 788 -57.25 -5.51 -46.90
N ARG C 789 -56.71 -6.22 -45.91
CA ARG C 789 -56.42 -5.64 -44.61
C ARG C 789 -55.17 -4.78 -44.74
N ARG C 790 -55.36 -3.51 -45.05
CA ARG C 790 -54.24 -2.60 -45.25
C ARG C 790 -53.53 -2.24 -43.96
N ASP C 791 -54.10 -2.56 -42.80
CA ASP C 791 -53.52 -2.13 -41.54
C ASP C 791 -52.29 -2.95 -41.19
N ASN C 792 -51.75 -2.75 -39.99
CA ASN C 792 -50.51 -3.39 -39.61
C ASN C 792 -50.77 -4.50 -38.59
N VAL C 793 -51.84 -5.23 -38.79
CA VAL C 793 -52.18 -6.39 -37.96
C VAL C 793 -51.58 -7.63 -38.59
N LEU C 794 -51.11 -8.54 -37.75
CA LEU C 794 -50.61 -9.83 -38.20
C LEU C 794 -51.48 -10.95 -37.66
N ILE C 795 -51.17 -12.16 -38.08
CA ILE C 795 -51.82 -13.36 -37.57
C ILE C 795 -50.78 -14.20 -36.85
N HIS C 796 -51.08 -14.59 -35.61
CA HIS C 796 -50.16 -15.41 -34.84
C HIS C 796 -50.35 -16.90 -35.04
N GLY C 797 -51.48 -17.33 -35.60
CA GLY C 797 -51.75 -18.75 -35.69
C GLY C 797 -52.26 -19.27 -34.37
N ARG C 798 -53.30 -20.10 -34.39
CA ARG C 798 -53.93 -20.48 -33.14
C ARG C 798 -53.01 -21.42 -32.36
N PRO C 799 -52.75 -21.14 -31.09
CA PRO C 799 -51.97 -22.08 -30.28
C PRO C 799 -52.69 -23.40 -30.13
N VAL C 800 -51.92 -24.47 -29.98
CA VAL C 800 -52.52 -25.80 -29.87
C VAL C 800 -52.92 -26.04 -28.42
N ARG C 801 -51.93 -26.07 -27.53
CA ARG C 801 -52.18 -26.21 -26.10
C ARG C 801 -52.24 -24.82 -25.49
N GLY C 802 -53.46 -24.33 -25.33
CA GLY C 802 -53.68 -23.02 -24.76
C GLY C 802 -55.15 -22.66 -24.83
N ASP C 803 -55.43 -21.40 -24.52
CA ASP C 803 -56.79 -20.86 -24.55
C ASP C 803 -56.89 -19.74 -25.56
N THR C 804 -58.03 -19.67 -26.26
CA THR C 804 -58.19 -18.79 -27.41
C THR C 804 -58.11 -17.32 -27.05
N GLY C 805 -59.12 -16.83 -26.35
CA GLY C 805 -59.25 -15.44 -25.92
C GLY C 805 -59.24 -14.40 -27.04
N GLN C 806 -59.51 -13.17 -26.61
CA GLN C 806 -59.34 -12.00 -27.47
C GLN C 806 -58.38 -11.02 -26.81
N ALA C 807 -58.58 -10.79 -25.51
CA ALA C 807 -57.67 -9.96 -24.73
C ALA C 807 -56.51 -10.77 -24.14
N ILE C 808 -56.57 -12.09 -24.25
CA ILE C 808 -55.49 -12.94 -23.74
C ILE C 808 -54.20 -12.60 -24.48
N PRO C 809 -53.10 -12.37 -23.78
CA PRO C 809 -51.87 -11.94 -24.45
C PRO C 809 -51.38 -12.98 -25.45
N ILE C 810 -50.75 -12.50 -26.50
CA ILE C 810 -50.14 -13.37 -27.50
C ILE C 810 -48.98 -14.13 -26.87
N THR C 811 -48.79 -15.39 -27.29
CA THR C 811 -47.74 -16.22 -26.72
C THR C 811 -46.92 -16.87 -27.82
N PRO C 812 -45.62 -17.07 -27.59
CA PRO C 812 -44.79 -17.75 -28.59
C PRO C 812 -45.22 -19.20 -28.74
N HIS C 813 -45.01 -19.73 -29.94
CA HIS C 813 -45.33 -21.11 -30.21
C HIS C 813 -44.17 -22.05 -29.98
N HIS C 814 -42.96 -21.54 -29.77
CA HIS C 814 -41.79 -22.39 -29.61
C HIS C 814 -40.75 -21.73 -28.73
N ASP C 815 -39.70 -22.49 -28.45
CA ASP C 815 -38.64 -22.10 -27.52
C ASP C 815 -37.54 -21.33 -28.25
N ARG C 816 -36.44 -21.09 -27.55
CA ARG C 816 -35.37 -20.26 -28.12
C ARG C 816 -34.58 -21.00 -29.19
N GLU C 817 -34.36 -22.30 -29.00
CA GLU C 817 -33.67 -23.04 -30.05
C GLU C 817 -34.40 -23.03 -31.37
N TRP C 818 -35.71 -22.81 -31.35
CA TRP C 818 -36.46 -22.69 -32.60
C TRP C 818 -35.79 -21.69 -33.54
N GLY C 819 -35.51 -20.49 -33.02
CA GLY C 819 -34.97 -19.45 -33.87
C GLY C 819 -33.62 -19.80 -34.43
N ILE C 820 -32.72 -20.30 -33.58
CA ILE C 820 -31.36 -20.57 -34.05
C ILE C 820 -31.35 -21.71 -35.04
N LEU C 821 -32.10 -22.79 -34.76
CA LEU C 821 -32.14 -23.90 -35.69
C LEU C 821 -32.76 -23.49 -37.02
N SER C 822 -33.85 -22.72 -36.97
CA SER C 822 -34.47 -22.25 -38.20
C SER C 822 -33.51 -21.38 -38.99
N LYS C 823 -32.82 -20.47 -38.31
CA LYS C 823 -31.89 -19.59 -38.98
C LYS C 823 -30.77 -20.36 -39.64
N ILE C 824 -30.19 -21.32 -38.92
CA ILE C 824 -29.12 -22.13 -39.47
C ILE C 824 -29.61 -22.89 -40.69
N TYR C 825 -30.78 -23.49 -40.60
CA TYR C 825 -31.33 -24.23 -41.73
C TYR C 825 -31.55 -23.32 -42.92
N TYR C 826 -32.02 -22.11 -42.68
CA TYR C 826 -32.40 -21.25 -43.79
C TYR C 826 -31.17 -20.68 -44.49
N TYR C 827 -30.17 -20.24 -43.73
CA TYR C 827 -29.07 -19.49 -44.29
C TYR C 827 -27.87 -20.33 -44.69
N ILE C 828 -27.90 -21.64 -44.46
CA ILE C 828 -26.70 -22.42 -44.73
C ILE C 828 -26.98 -23.56 -45.71
N VAL C 829 -27.80 -24.51 -45.30
CA VAL C 829 -28.00 -25.69 -46.13
C VAL C 829 -28.82 -25.34 -47.37
N ILE C 830 -29.86 -24.52 -47.20
CA ILE C 830 -30.69 -24.16 -48.34
C ILE C 830 -29.90 -23.42 -49.42
N PRO C 831 -29.15 -22.37 -49.11
CA PRO C 831 -28.34 -21.74 -50.18
C PRO C 831 -27.31 -22.68 -50.76
N ALA C 832 -26.68 -23.49 -49.91
CA ALA C 832 -25.67 -24.42 -50.40
C ALA C 832 -26.28 -25.42 -51.36
N PHE C 833 -27.59 -25.65 -51.23
CA PHE C 833 -28.26 -26.58 -52.11
C PHE C 833 -28.79 -25.86 -53.36
N SER C 834 -29.09 -24.58 -53.23
CA SER C 834 -29.63 -23.85 -54.37
C SER C 834 -28.54 -23.17 -55.18
N ARG C 835 -27.54 -22.61 -54.51
CA ARG C 835 -26.57 -21.71 -55.13
C ARG C 835 -27.28 -20.54 -55.80
N GLY C 836 -28.15 -19.89 -55.04
CA GLY C 836 -28.84 -18.70 -55.49
C GLY C 836 -29.85 -18.90 -56.60
N SER C 837 -30.34 -20.13 -56.76
CA SER C 837 -31.36 -20.41 -57.78
C SER C 837 -32.77 -20.28 -57.26
N CYS C 838 -32.97 -20.45 -55.96
CA CYS C 838 -34.26 -20.27 -55.32
C CYS C 838 -34.60 -18.79 -55.19
N CYS C 839 -35.88 -18.51 -54.95
CA CYS C 839 -36.35 -17.14 -54.80
C CYS C 839 -37.49 -17.08 -53.80
N THR C 840 -37.64 -15.92 -53.19
CA THR C 840 -38.67 -15.66 -52.18
C THR C 840 -39.68 -14.68 -52.75
N MET C 841 -40.96 -15.03 -52.66
CA MET C 841 -42.03 -14.19 -53.17
C MET C 841 -43.31 -14.36 -52.36
N GLY C 842 -44.27 -13.48 -52.62
CA GLY C 842 -45.52 -13.48 -51.90
C GLY C 842 -46.65 -14.12 -52.69
N VAL C 843 -47.79 -14.25 -52.02
CA VAL C 843 -48.92 -14.97 -52.55
C VAL C 843 -50.08 -14.02 -52.77
N ARG C 844 -51.17 -14.54 -53.35
CA ARG C 844 -52.43 -13.81 -53.51
C ARG C 844 -53.54 -14.71 -52.98
N TYR C 845 -53.82 -14.61 -51.68
CA TYR C 845 -54.86 -15.43 -51.07
C TYR C 845 -56.23 -15.14 -51.68
N ASP C 846 -56.43 -13.90 -52.15
CA ASP C 846 -57.72 -13.51 -52.70
C ASP C 846 -58.12 -14.39 -53.88
N ARG C 847 -57.15 -14.80 -54.69
CA ARG C 847 -57.43 -15.72 -55.79
C ARG C 847 -57.13 -17.17 -55.42
N LEU C 848 -56.18 -17.39 -54.50
CA LEU C 848 -55.86 -18.76 -54.11
C LEU C 848 -57.02 -19.43 -53.41
N TYR C 849 -57.68 -18.72 -52.51
CA TYR C 849 -58.76 -19.35 -51.72
C TYR C 849 -59.92 -19.84 -52.58
N PRO C 850 -60.54 -19.01 -53.44
CA PRO C 850 -61.67 -19.51 -54.23
C PRO C 850 -61.31 -20.72 -55.06
N ALA C 851 -60.04 -20.81 -55.47
CA ALA C 851 -59.54 -22.04 -56.06
C ALA C 851 -59.56 -23.19 -55.07
N LEU C 852 -59.13 -22.97 -53.83
CA LEU C 852 -58.95 -24.08 -52.91
C LEU C 852 -60.23 -24.53 -52.21
N GLN C 853 -61.35 -23.83 -52.37
CA GLN C 853 -62.57 -24.48 -51.90
C GLN C 853 -63.11 -25.48 -52.90
N ASP C 901 -62.03 -38.63 -48.34
CA ASP C 901 -62.08 -38.07 -46.99
C ASP C 901 -60.91 -37.14 -46.74
N ALA C 902 -59.73 -37.49 -47.25
CA ALA C 902 -58.59 -36.59 -47.17
C ALA C 902 -58.89 -35.26 -47.83
N LEU C 903 -59.54 -35.31 -48.99
CA LEU C 903 -59.94 -34.07 -49.67
C LEU C 903 -60.92 -33.28 -48.82
N LEU C 904 -61.91 -33.95 -48.23
CA LEU C 904 -62.86 -33.28 -47.36
C LEU C 904 -62.20 -32.68 -46.14
N THR C 905 -61.04 -33.21 -45.75
CA THR C 905 -60.39 -32.79 -44.52
C THR C 905 -60.09 -31.29 -44.52
N LEU C 906 -59.71 -30.72 -45.67
CA LEU C 906 -59.37 -29.31 -45.70
C LEU C 906 -60.54 -28.41 -45.34
N GLN C 907 -61.77 -28.93 -45.42
CA GLN C 907 -62.91 -28.17 -44.91
C GLN C 907 -62.76 -27.93 -43.41
N GLU C 908 -62.29 -28.93 -42.68
CA GLU C 908 -61.98 -28.73 -41.27
C GLU C 908 -60.81 -27.77 -41.08
N LEU C 909 -59.84 -27.78 -42.00
CA LEU C 909 -58.74 -26.83 -41.98
C LEU C 909 -59.19 -25.40 -42.25
N MET C 910 -60.31 -25.24 -42.94
CA MET C 910 -60.82 -23.94 -43.35
C MET C 910 -61.14 -23.04 -42.16
N GLY C 911 -60.94 -23.53 -40.94
CA GLY C 911 -61.14 -22.67 -39.78
C GLY C 911 -60.12 -21.54 -39.68
N ASP C 912 -58.86 -21.82 -39.99
CA ASP C 912 -57.78 -20.85 -39.83
C ASP C 912 -57.20 -20.51 -41.19
N MET C 913 -57.09 -19.22 -41.48
CA MET C 913 -56.58 -18.72 -42.74
C MET C 913 -55.34 -17.85 -42.52
N ALA C 914 -54.82 -17.32 -43.62
CA ALA C 914 -53.75 -16.33 -43.61
C ALA C 914 -54.17 -15.16 -44.50
N GLU C 915 -54.02 -13.94 -43.97
CA GLU C 915 -54.59 -12.77 -44.64
C GLU C 915 -53.88 -12.49 -45.95
N ARG C 916 -52.59 -12.16 -45.88
CA ARG C 916 -51.75 -11.79 -47.01
C ARG C 916 -50.34 -11.60 -46.50
N THR C 917 -49.38 -11.94 -47.35
CA THR C 917 -47.99 -11.75 -46.99
C THR C 917 -47.66 -10.26 -46.96
N THR C 918 -46.84 -9.86 -46.01
CA THR C 918 -46.50 -8.45 -45.85
C THR C 918 -45.01 -8.28 -45.70
N ALA C 919 -44.56 -7.05 -45.87
CA ALA C 919 -43.15 -6.70 -45.78
C ALA C 919 -42.86 -6.14 -44.41
N ILE C 920 -41.75 -6.55 -43.82
CA ILE C 920 -41.35 -6.13 -42.49
C ILE C 920 -39.91 -5.66 -42.55
N LEU C 921 -39.61 -4.58 -41.85
CA LEU C 921 -38.24 -4.08 -41.77
C LEU C 921 -37.90 -3.82 -40.31
N VAL C 922 -36.68 -4.18 -39.92
CA VAL C 922 -36.22 -4.07 -38.55
C VAL C 922 -34.88 -3.35 -38.53
N SER C 923 -34.59 -2.73 -37.39
CA SER C 923 -33.33 -2.03 -37.19
C SER C 923 -32.68 -2.54 -35.92
N SER C 924 -31.36 -2.40 -35.85
CA SER C 924 -30.64 -2.83 -34.67
C SER C 924 -29.34 -2.04 -34.55
N ALA C 925 -29.10 -1.53 -33.36
CA ALA C 925 -27.79 -1.00 -33.05
C ALA C 925 -26.80 -2.15 -32.93
N PRO C 926 -25.51 -1.90 -33.08
CA PRO C 926 -24.54 -3.00 -33.00
C PRO C 926 -24.53 -3.64 -31.63
N ASP C 927 -23.99 -4.85 -31.57
CA ASP C 927 -23.86 -5.56 -30.32
C ASP C 927 -23.02 -4.75 -29.33
N ALA C 928 -23.16 -5.12 -28.06
CA ALA C 928 -22.31 -4.50 -27.04
C ALA C 928 -20.84 -4.74 -27.30
N GLY C 929 -20.51 -5.79 -28.06
CA GLY C 929 -19.12 -6.00 -28.45
C GLY C 929 -18.61 -4.89 -29.34
N ALA C 930 -19.51 -4.24 -30.08
CA ALA C 930 -19.14 -3.10 -30.92
C ALA C 930 -19.80 -1.81 -30.47
N ALA C 931 -20.50 -1.83 -29.34
CA ALA C 931 -21.22 -0.64 -28.89
C ALA C 931 -20.26 0.43 -28.41
N THR C 932 -19.89 1.33 -29.32
CA THR C 932 -19.08 2.50 -29.00
C THR C 932 -19.88 3.74 -29.39
N ALA C 933 -19.53 4.86 -28.75
CA ALA C 933 -20.31 6.08 -28.91
C ALA C 933 -20.56 6.44 -30.37
N THR C 934 -19.55 6.29 -31.22
CA THR C 934 -19.73 6.55 -32.63
C THR C 934 -20.53 5.47 -33.34
N THR C 935 -20.79 4.35 -32.68
CA THR C 935 -21.44 3.22 -33.31
C THR C 935 -22.93 3.14 -33.02
N ARG C 936 -23.44 3.92 -32.04
CA ARG C 936 -24.87 3.97 -31.84
C ARG C 936 -25.57 4.48 -33.09
N ASN C 937 -25.01 5.51 -33.72
CA ASN C 937 -25.60 6.07 -34.93
C ASN C 937 -25.63 5.05 -36.05
N MET C 938 -24.59 4.25 -36.22
CA MET C 938 -24.47 3.34 -37.35
C MET C 938 -25.38 2.13 -37.17
N ARG C 939 -26.68 2.41 -37.27
CA ARG C 939 -27.69 1.36 -37.20
C ARG C 939 -27.52 0.40 -38.36
N ILE C 940 -28.02 -0.82 -38.19
CA ILE C 940 -28.09 -1.80 -39.28
C ILE C 940 -29.55 -2.14 -39.51
N TYR C 941 -29.92 -2.32 -40.77
CA TYR C 941 -31.29 -2.57 -41.17
C TYR C 941 -31.40 -3.96 -41.79
N ASP C 942 -32.53 -4.61 -41.56
CA ASP C 942 -32.84 -5.90 -42.16
C ASP C 942 -34.27 -5.90 -42.69
N GLY C 943 -34.46 -6.51 -43.86
CA GLY C 943 -35.79 -6.66 -44.41
C GLY C 943 -36.18 -8.12 -44.51
N ALA C 944 -37.46 -8.42 -44.32
CA ALA C 944 -37.90 -9.81 -44.32
C ALA C 944 -39.34 -9.86 -44.79
N LEU C 945 -39.83 -11.08 -44.97
CA LEU C 945 -41.17 -11.31 -45.50
C LEU C 945 -41.99 -12.12 -44.50
N TYR C 946 -43.24 -11.73 -44.32
CA TYR C 946 -44.14 -12.37 -43.37
C TYR C 946 -45.08 -13.32 -44.09
N HIS C 947 -45.10 -14.57 -43.64
CA HIS C 947 -45.96 -15.60 -44.22
C HIS C 947 -45.73 -15.75 -45.72
N GLY C 948 -44.51 -15.46 -46.15
CA GLY C 948 -44.12 -15.70 -47.52
C GLY C 948 -43.60 -17.12 -47.71
N LEU C 949 -42.99 -17.35 -48.88
CA LEU C 949 -42.48 -18.67 -49.19
C LEU C 949 -41.42 -18.55 -50.27
N ILE C 950 -40.78 -19.68 -50.56
CA ILE C 950 -39.71 -19.79 -51.54
C ILE C 950 -40.18 -20.73 -52.64
N MET C 951 -39.94 -20.35 -53.89
CA MET C 951 -39.96 -21.36 -54.93
C MET C 951 -38.54 -21.60 -55.42
N MET C 952 -38.30 -22.87 -55.72
CA MET C 952 -36.99 -23.52 -55.68
C MET C 952 -36.31 -23.40 -57.06
N ALA C 953 -37.04 -23.72 -58.12
CA ALA C 953 -36.55 -23.52 -59.49
C ALA C 953 -37.70 -23.00 -60.35
N GLY C 964 -47.33 -16.25 -62.57
CA GLY C 964 -47.71 -15.44 -61.43
C GLY C 964 -49.18 -15.52 -61.12
N THR C 965 -49.80 -16.68 -61.32
CA THR C 965 -51.21 -16.82 -60.99
C THR C 965 -51.45 -16.64 -59.51
N PHE C 966 -50.56 -17.19 -58.68
CA PHE C 966 -50.72 -17.16 -57.24
C PHE C 966 -49.65 -16.37 -56.51
N PHE C 967 -48.51 -16.13 -57.15
CA PHE C 967 -47.36 -15.56 -56.48
C PHE C 967 -46.78 -14.41 -57.27
N TYR C 968 -46.19 -13.47 -56.55
CA TYR C 968 -45.55 -12.29 -57.10
C TYR C 968 -44.17 -12.13 -56.49
N PRO C 969 -43.16 -11.93 -57.33
CA PRO C 969 -41.76 -11.95 -56.87
C PRO C 969 -41.46 -10.78 -55.95
N VAL C 970 -41.20 -11.10 -54.69
CA VAL C 970 -40.75 -10.09 -53.71
C VAL C 970 -39.55 -10.67 -52.96
N PRO C 971 -38.38 -10.72 -53.59
CA PRO C 971 -37.20 -11.31 -52.94
C PRO C 971 -36.47 -10.28 -52.10
N VAL C 972 -36.26 -10.61 -50.82
CA VAL C 972 -35.39 -9.77 -50.01
C VAL C 972 -34.28 -10.61 -49.38
N ASN C 973 -33.21 -10.81 -50.15
CA ASN C 973 -31.92 -11.30 -49.71
C ASN C 973 -30.99 -11.24 -50.92
N PRO C 974 -29.77 -10.74 -50.79
CA PRO C 974 -28.79 -10.99 -51.86
C PRO C 974 -28.52 -12.47 -52.03
N LEU C 975 -28.68 -13.26 -50.97
CA LEU C 975 -28.57 -14.71 -51.10
C LEU C 975 -29.68 -15.26 -51.98
N PHE C 976 -30.91 -14.80 -51.77
CA PHE C 976 -32.05 -15.26 -52.54
C PHE C 976 -32.32 -14.43 -53.79
N ALA C 977 -31.30 -13.79 -54.34
CA ALA C 977 -31.51 -13.01 -55.54
C ALA C 977 -31.82 -13.93 -56.71
N CYS C 978 -33.08 -14.10 -57.01
CA CYS C 978 -33.49 -14.97 -58.09
C CYS C 978 -33.31 -14.25 -59.42
N PRO C 979 -32.51 -14.79 -60.34
CA PRO C 979 -32.34 -14.11 -61.64
C PRO C 979 -33.45 -14.44 -62.62
N GLU C 980 -34.15 -15.56 -62.44
CA GLU C 980 -35.15 -15.98 -63.41
C GLU C 980 -36.58 -15.80 -62.92
N HIS C 981 -36.80 -15.82 -61.61
CA HIS C 981 -38.16 -15.75 -61.07
C HIS C 981 -38.84 -14.41 -61.32
N LEU C 995 -31.20 -5.85 -67.00
CA LEU C 995 -30.66 -5.14 -65.85
C LEU C 995 -30.70 -5.97 -64.58
N ALA C 996 -31.63 -6.92 -64.47
CA ALA C 996 -31.75 -7.71 -63.25
C ALA C 996 -30.57 -8.64 -63.07
N LYS C 997 -30.11 -9.29 -64.14
CA LYS C 997 -28.95 -10.15 -64.02
C LYS C 997 -27.71 -9.33 -63.71
N MET C 998 -27.65 -8.09 -64.21
CA MET C 998 -26.48 -7.26 -64.00
C MET C 998 -26.28 -6.94 -62.53
N VAL C 999 -27.35 -6.62 -61.82
CA VAL C 999 -27.30 -6.32 -60.39
C VAL C 999 -28.47 -6.99 -59.69
N PRO C 1000 -28.25 -7.72 -58.60
CA PRO C 1000 -29.37 -8.31 -57.86
C PRO C 1000 -30.29 -7.23 -57.33
N PRO C 1001 -31.54 -7.18 -57.80
CA PRO C 1001 -32.43 -6.09 -57.40
C PRO C 1001 -33.11 -6.33 -56.07
N ILE C 1002 -32.83 -5.48 -55.10
CA ILE C 1002 -33.51 -5.49 -53.80
C ILE C 1002 -34.07 -4.09 -53.56
N PRO C 1003 -35.38 -3.97 -53.40
CA PRO C 1003 -35.99 -2.65 -53.24
C PRO C 1003 -35.52 -1.97 -51.97
N PRO C 1004 -35.36 -0.65 -52.00
CA PRO C 1004 -34.84 0.07 -50.83
C PRO C 1004 -35.71 -0.07 -49.61
N PHE C 1005 -37.02 -0.16 -49.76
CA PHE C 1005 -37.89 -0.32 -48.60
C PHE C 1005 -37.75 -1.70 -47.97
N LEU C 1006 -37.02 -2.61 -48.60
CA LEU C 1006 -36.72 -3.90 -48.02
C LEU C 1006 -35.28 -4.01 -47.54
N GLY C 1007 -34.55 -2.91 -47.50
CA GLY C 1007 -33.20 -2.91 -46.99
C GLY C 1007 -32.17 -2.74 -48.11
N ALA C 1008 -30.97 -2.34 -47.70
CA ALA C 1008 -29.89 -2.05 -48.62
C ALA C 1008 -28.69 -2.94 -48.31
N ASN C 1009 -27.95 -3.29 -49.36
CA ASN C 1009 -26.78 -4.13 -49.20
C ASN C 1009 -25.73 -3.48 -48.30
N HIS C 1010 -25.46 -2.20 -48.51
CA HIS C 1010 -24.39 -1.54 -47.78
C HIS C 1010 -24.88 -1.20 -46.38
N HIS C 1011 -26.06 -1.72 -46.01
CA HIS C 1011 -26.58 -1.48 -44.68
C HIS C 1011 -27.15 -2.74 -44.05
N ALA C 1012 -27.08 -3.90 -44.71
CA ALA C 1012 -27.57 -5.15 -44.17
C ALA C 1012 -26.41 -6.06 -43.84
N THR C 1013 -26.68 -7.11 -43.06
CA THR C 1013 -25.63 -8.01 -42.62
C THR C 1013 -25.12 -8.86 -43.76
N ILE C 1014 -25.99 -9.69 -44.33
CA ILE C 1014 -25.62 -10.50 -45.50
C ILE C 1014 -25.35 -9.53 -46.64
N ARG C 1015 -24.12 -9.49 -47.11
CA ARG C 1015 -23.75 -8.64 -48.23
C ARG C 1015 -23.40 -9.50 -49.44
N GLN C 1016 -23.07 -8.80 -50.53
CA GLN C 1016 -22.76 -9.49 -51.79
C GLN C 1016 -21.69 -10.56 -51.68
N PRO C 1017 -20.55 -10.34 -50.99
CA PRO C 1017 -19.45 -11.31 -51.11
C PRO C 1017 -19.82 -12.74 -50.74
N VAL C 1018 -20.62 -12.95 -49.70
CA VAL C 1018 -20.95 -14.31 -49.31
C VAL C 1018 -21.81 -14.98 -50.37
N ALA C 1019 -22.72 -14.22 -50.98
CA ALA C 1019 -23.51 -14.76 -52.07
C ALA C 1019 -22.62 -15.10 -53.26
N TYR C 1020 -21.66 -14.23 -53.57
CA TYR C 1020 -20.77 -14.52 -54.67
C TYR C 1020 -19.99 -15.80 -54.40
N HIS C 1021 -19.59 -15.99 -53.14
CA HIS C 1021 -18.96 -17.24 -52.74
C HIS C 1021 -19.87 -18.43 -52.99
N VAL C 1022 -21.10 -18.37 -52.48
CA VAL C 1022 -21.96 -19.55 -52.56
C VAL C 1022 -22.36 -19.85 -54.00
N THR C 1023 -22.37 -18.85 -54.87
CA THR C 1023 -22.73 -19.07 -56.26
C THR C 1023 -21.52 -19.22 -57.17
N HIS C 1024 -20.29 -19.19 -56.63
CA HIS C 1024 -19.10 -19.42 -57.43
C HIS C 1024 -18.05 -20.23 -56.68
N SER C 1025 -18.46 -21.15 -55.82
CA SER C 1025 -17.54 -22.08 -55.18
C SER C 1025 -18.08 -23.48 -55.34
N LYS C 1026 -17.59 -24.20 -56.35
CA LYS C 1026 -18.07 -25.54 -56.67
C LYS C 1026 -16.98 -26.52 -56.26
N SER C 1027 -17.00 -26.91 -54.99
CA SER C 1027 -16.03 -27.85 -54.47
C SER C 1027 -16.68 -29.17 -54.04
N ASP C 1028 -17.63 -29.11 -53.11
CA ASP C 1028 -18.41 -30.25 -52.67
C ASP C 1028 -19.60 -29.66 -51.93
N PHE C 1029 -20.27 -30.41 -51.07
CA PHE C 1029 -21.49 -29.89 -50.46
C PHE C 1029 -21.33 -29.59 -48.98
N ASN C 1030 -21.02 -30.60 -48.17
CA ASN C 1030 -20.83 -30.35 -46.74
C ASN C 1030 -19.69 -29.37 -46.51
N THR C 1031 -18.64 -29.47 -47.34
CA THR C 1031 -17.54 -28.52 -47.25
C THR C 1031 -18.04 -27.09 -47.38
N LEU C 1032 -18.90 -26.84 -48.35
CA LEU C 1032 -19.44 -25.49 -48.51
C LEU C 1032 -20.23 -25.08 -47.27
N THR C 1033 -20.98 -26.01 -46.69
CA THR C 1033 -21.78 -25.67 -45.53
C THR C 1033 -20.89 -25.21 -44.38
N TYR C 1034 -19.87 -26.00 -44.07
CA TYR C 1034 -19.02 -25.63 -42.95
C TYR C 1034 -18.25 -24.35 -43.26
N SER C 1035 -17.83 -24.19 -44.52
CA SER C 1035 -17.12 -22.98 -44.90
C SER C 1035 -18.00 -21.75 -44.74
N LEU C 1036 -19.28 -21.87 -45.11
CA LEU C 1036 -20.20 -20.76 -44.92
C LEU C 1036 -20.36 -20.45 -43.45
N LEU C 1037 -20.49 -21.49 -42.62
CA LEU C 1037 -20.61 -21.22 -41.19
C LEU C 1037 -19.38 -20.50 -40.66
N GLY C 1038 -18.19 -20.92 -41.09
CA GLY C 1038 -17.00 -20.19 -40.71
C GLY C 1038 -17.01 -18.75 -41.22
N GLY C 1039 -17.53 -18.54 -42.42
CA GLY C 1039 -17.63 -17.21 -42.96
C GLY C 1039 -18.71 -16.35 -42.36
N TYR C 1040 -19.63 -16.96 -41.61
CA TYR C 1040 -20.64 -16.21 -40.86
C TYR C 1040 -20.18 -15.99 -39.42
N PHE C 1041 -19.15 -15.18 -39.26
CA PHE C 1041 -18.66 -14.87 -37.93
C PHE C 1041 -18.61 -13.36 -37.73
N LYS C 1042 -18.97 -12.90 -36.53
CA LYS C 1042 -18.78 -11.51 -36.22
C LYS C 1042 -17.30 -11.21 -36.03
N PHE C 1043 -16.94 -9.96 -36.32
CA PHE C 1043 -15.55 -9.54 -36.35
C PHE C 1043 -15.23 -8.50 -35.29
N THR C 1044 -16.21 -8.11 -34.49
CA THR C 1044 -15.99 -7.15 -33.43
C THR C 1044 -15.00 -7.71 -32.42
N PRO C 1045 -14.24 -6.84 -31.74
CA PRO C 1045 -13.18 -7.33 -30.85
C PRO C 1045 -13.65 -8.36 -29.84
N ILE C 1046 -14.83 -8.18 -29.24
CA ILE C 1046 -15.31 -9.17 -28.30
C ILE C 1046 -15.56 -10.50 -29.00
N SER C 1047 -16.17 -10.46 -30.18
CA SER C 1047 -16.27 -11.67 -30.98
C SER C 1047 -14.89 -12.20 -31.33
N LEU C 1048 -13.98 -11.28 -31.69
CA LEU C 1048 -12.64 -11.69 -32.09
C LEU C 1048 -11.92 -12.43 -30.97
N THR C 1049 -12.27 -12.13 -29.72
CA THR C 1049 -11.67 -12.82 -28.60
C THR C 1049 -11.85 -14.33 -28.71
N HIS C 1050 -13.01 -14.76 -29.20
CA HIS C 1050 -13.38 -16.17 -29.09
C HIS C 1050 -12.51 -17.04 -29.99
N GLN C 1051 -12.59 -16.81 -31.29
CA GLN C 1051 -11.93 -17.68 -32.27
C GLN C 1051 -10.43 -17.77 -32.03
N LEU C 1052 -9.83 -16.75 -31.44
CA LEU C 1052 -8.39 -16.76 -31.23
C LEU C 1052 -7.99 -17.80 -30.20
N ARG C 1053 -8.69 -17.87 -29.08
CA ARG C 1053 -8.31 -18.82 -28.04
C ARG C 1053 -8.85 -20.21 -28.29
N THR C 1054 -9.92 -20.34 -29.05
CA THR C 1054 -10.46 -21.67 -29.35
C THR C 1054 -9.85 -22.29 -30.59
N GLY C 1055 -8.86 -21.65 -31.19
CA GLY C 1055 -8.15 -22.22 -32.32
C GLY C 1055 -8.77 -21.97 -33.68
N PHE C 1056 -9.85 -21.21 -33.75
CA PHE C 1056 -10.38 -20.82 -35.05
C PHE C 1056 -9.51 -19.73 -35.66
N HIS C 1057 -9.42 -19.74 -36.99
CA HIS C 1057 -8.64 -18.75 -37.69
C HIS C 1057 -9.57 -17.80 -38.42
N PRO C 1058 -9.64 -16.53 -38.03
CA PRO C 1058 -10.51 -15.59 -38.74
C PRO C 1058 -9.97 -15.32 -40.14
N GLY C 1059 -10.77 -14.60 -40.92
CA GLY C 1059 -10.43 -14.37 -42.30
C GLY C 1059 -9.48 -13.21 -42.55
N ILE C 1060 -8.49 -13.03 -41.69
CA ILE C 1060 -7.49 -11.98 -41.84
C ILE C 1060 -6.11 -12.56 -41.58
N ALA C 1061 -5.09 -11.81 -41.97
CA ALA C 1061 -3.72 -12.21 -41.70
C ALA C 1061 -2.89 -11.03 -41.24
N PHE C 1062 -1.64 -11.25 -40.85
CA PHE C 1062 -0.86 -10.21 -40.23
C PHE C 1062 0.57 -10.21 -40.76
N THR C 1063 1.23 -9.08 -40.53
CA THR C 1063 2.68 -8.95 -40.69
C THR C 1063 3.24 -8.56 -39.34
N VAL C 1064 4.29 -9.25 -38.92
CA VAL C 1064 4.87 -9.05 -37.59
C VAL C 1064 6.27 -8.48 -37.75
N VAL C 1065 6.61 -7.49 -36.94
CA VAL C 1065 7.85 -6.76 -37.08
C VAL C 1065 8.54 -6.70 -35.73
N ARG C 1066 9.87 -6.66 -35.75
CA ARG C 1066 10.65 -6.53 -34.53
C ARG C 1066 12.01 -5.94 -34.85
N GLN C 1067 12.47 -5.04 -33.99
CA GLN C 1067 13.75 -4.38 -34.15
C GLN C 1067 14.71 -4.90 -33.08
N ASP C 1068 15.92 -5.23 -33.49
CA ASP C 1068 16.93 -5.79 -32.61
C ASP C 1068 18.22 -4.99 -32.72
N ARG C 1069 19.11 -5.20 -31.76
CA ARG C 1069 20.37 -4.47 -31.69
C ARG C 1069 21.53 -5.44 -31.55
N PHE C 1070 22.64 -5.08 -32.18
CA PHE C 1070 23.84 -5.90 -32.17
C PHE C 1070 25.03 -5.02 -31.79
N ALA C 1071 25.83 -5.49 -30.85
CA ALA C 1071 27.04 -4.78 -30.45
C ALA C 1071 28.21 -5.29 -31.27
N THR C 1072 28.80 -4.41 -32.09
CA THR C 1072 29.82 -4.82 -33.05
C THR C 1072 30.97 -3.83 -33.02
N GLU C 1073 32.02 -4.17 -33.77
CA GLU C 1073 33.20 -3.31 -33.84
C GLU C 1073 33.10 -2.39 -35.05
N GLN C 1074 33.84 -1.29 -34.96
CA GLN C 1074 34.07 -0.39 -36.07
C GLN C 1074 35.56 -0.34 -36.37
N LEU C 1075 35.89 -0.29 -37.66
CA LEU C 1075 37.26 -0.09 -38.10
C LEU C 1075 37.27 1.18 -38.94
N LEU C 1076 38.23 2.05 -38.66
CA LEU C 1076 38.29 3.32 -39.37
C LEU C 1076 39.64 3.47 -40.05
N TYR C 1077 39.57 3.90 -41.30
CA TYR C 1077 40.73 4.34 -42.07
C TYR C 1077 40.74 5.85 -42.17
N ALA C 1078 41.93 6.41 -42.02
CA ALA C 1078 42.13 7.85 -42.20
C ALA C 1078 43.45 8.07 -42.91
N GLU C 1079 43.62 9.26 -43.48
CA GLU C 1079 44.88 9.62 -44.08
C GLU C 1079 45.67 10.53 -43.14
N ARG C 1080 46.84 10.98 -43.61
CA ARG C 1080 47.79 11.68 -42.76
C ARG C 1080 47.32 13.05 -42.29
N ALA C 1081 47.02 13.96 -43.20
CA ALA C 1081 46.74 15.35 -42.85
C ALA C 1081 45.24 15.60 -42.80
N SER C 1082 44.58 14.95 -41.85
CA SER C 1082 43.12 14.95 -41.81
C SER C 1082 42.53 16.02 -40.92
N GLU C 1083 43.18 16.36 -39.82
CA GLU C 1083 42.64 17.28 -38.83
C GLU C 1083 43.70 18.29 -38.42
N SER C 1084 43.29 19.55 -38.27
CA SER C 1084 44.12 20.58 -37.66
C SER C 1084 43.68 20.73 -36.22
N TYR C 1085 44.63 20.62 -35.30
CA TYR C 1085 44.34 20.56 -33.87
C TYR C 1085 45.03 21.72 -33.17
N PHE C 1086 44.29 22.39 -32.29
CA PHE C 1086 44.77 23.55 -31.56
C PHE C 1086 44.57 23.28 -30.08
N VAL C 1087 45.65 23.41 -29.31
CA VAL C 1087 45.66 23.12 -27.89
C VAL C 1087 45.60 24.43 -27.11
N GLY C 1088 44.90 24.41 -25.99
CA GLY C 1088 44.77 25.57 -25.12
C GLY C 1088 45.73 25.53 -23.95
N GLN C 1089 45.51 26.43 -22.99
CA GLN C 1089 46.27 26.46 -21.75
C GLN C 1089 45.47 25.84 -20.62
N ILE C 1090 46.20 25.41 -19.59
CA ILE C 1090 45.56 24.82 -18.43
C ILE C 1090 45.08 25.93 -17.49
N GLN C 1091 43.80 25.86 -17.13
CA GLN C 1091 43.19 26.86 -16.28
C GLN C 1091 42.66 26.21 -15.01
N VAL C 1092 42.77 26.93 -13.90
CA VAL C 1092 42.44 26.41 -12.59
C VAL C 1092 41.14 27.03 -12.12
N HIS C 1093 40.38 26.27 -11.34
CA HIS C 1093 39.17 26.81 -10.73
C HIS C 1093 38.85 26.01 -9.48
N HIS C 1094 38.92 26.65 -8.31
CA HIS C 1094 38.94 25.93 -7.06
C HIS C 1094 37.71 26.25 -6.22
N HIS C 1095 37.36 25.31 -5.34
CA HIS C 1095 36.29 25.50 -4.37
C HIS C 1095 36.63 24.74 -3.11
N ASP C 1096 35.94 25.05 -2.02
CA ASP C 1096 36.02 24.20 -0.84
C ASP C 1096 35.28 22.90 -1.11
N ALA C 1097 35.67 21.85 -0.40
CA ALA C 1097 35.02 20.56 -0.57
C ALA C 1097 34.24 20.20 0.69
N ILE C 1098 33.67 19.01 0.72
CA ILE C 1098 32.92 18.58 1.89
C ILE C 1098 33.82 18.56 3.12
N GLY C 1099 35.03 18.03 2.97
CA GLY C 1099 35.97 17.97 4.07
C GLY C 1099 37.22 18.80 3.83
N GLY C 1100 37.56 19.00 2.57
CA GLY C 1100 38.75 19.74 2.20
C GLY C 1100 38.47 20.72 1.07
N VAL C 1101 39.24 20.56 0.00
CA VAL C 1101 39.23 21.45 -1.15
C VAL C 1101 39.12 20.60 -2.41
N ASN C 1102 38.61 21.21 -3.48
CA ASN C 1102 38.52 20.52 -4.76
C ASN C 1102 38.82 21.49 -5.89
N PHE C 1103 39.61 21.03 -6.85
CA PHE C 1103 40.05 21.81 -7.99
C PHE C 1103 39.45 21.23 -9.25
N THR C 1104 39.25 22.10 -10.24
CA THR C 1104 38.97 21.64 -11.59
C THR C 1104 39.92 22.34 -12.56
N LEU C 1105 40.43 21.58 -13.52
CA LEU C 1105 41.40 22.06 -14.49
C LEU C 1105 40.81 21.90 -15.88
N THR C 1106 40.69 23.01 -16.60
CA THR C 1106 40.03 23.06 -17.89
C THR C 1106 40.97 23.64 -18.93
N GLN C 1107 40.95 23.08 -20.14
CA GLN C 1107 41.76 23.63 -21.22
C GLN C 1107 40.99 23.45 -22.52
N PRO C 1108 40.96 24.46 -23.37
CA PRO C 1108 40.15 24.39 -24.59
C PRO C 1108 40.87 23.68 -25.73
N ARG C 1109 40.11 23.41 -26.79
CA ARG C 1109 40.59 22.69 -27.96
C ARG C 1109 39.90 23.24 -29.19
N ALA C 1110 40.61 23.21 -30.31
CA ALA C 1110 40.00 23.65 -31.57
C ALA C 1110 40.38 22.68 -32.67
N HIS C 1111 39.38 21.98 -33.21
CA HIS C 1111 39.62 21.01 -34.27
C HIS C 1111 38.94 21.48 -35.55
N VAL C 1112 39.66 21.39 -36.66
CA VAL C 1112 39.14 21.82 -37.95
C VAL C 1112 39.50 20.81 -39.02
N ASP C 1113 38.52 20.47 -39.85
CA ASP C 1113 38.70 19.52 -40.94
C ASP C 1113 39.28 20.26 -42.15
N LEU C 1114 40.55 20.00 -42.43
CA LEU C 1114 41.18 20.54 -43.64
C LEU C 1114 41.04 19.57 -44.80
N GLY C 1115 39.84 19.07 -45.02
CA GLY C 1115 39.62 18.12 -46.09
C GLY C 1115 38.72 18.66 -47.16
N VAL C 1116 39.21 18.69 -48.40
CA VAL C 1116 38.35 19.12 -49.50
C VAL C 1116 37.20 18.16 -49.69
N GLY C 1117 37.47 16.86 -49.59
CA GLY C 1117 36.43 15.86 -49.68
C GLY C 1117 36.25 15.09 -48.40
N TYR C 1118 36.73 13.86 -48.37
CA TYR C 1118 36.53 12.98 -47.22
C TYR C 1118 37.85 12.29 -46.90
N THR C 1119 38.21 12.30 -45.62
CA THR C 1119 39.52 11.81 -45.18
C THR C 1119 39.39 10.59 -44.27
N ALA C 1120 38.18 10.15 -43.98
CA ALA C 1120 37.98 9.10 -42.99
C ALA C 1120 36.77 8.25 -43.35
N VAL C 1121 36.91 6.94 -43.16
CA VAL C 1121 35.84 6.00 -43.44
C VAL C 1121 35.74 5.01 -42.29
N CYS C 1122 34.50 4.70 -41.90
CA CYS C 1122 34.23 3.71 -40.87
C CYS C 1122 33.49 2.54 -41.49
N ALA C 1123 33.72 1.35 -40.95
CA ALA C 1123 33.05 0.15 -41.45
C ALA C 1123 32.89 -0.85 -40.32
N THR C 1124 31.72 -1.45 -40.21
CA THR C 1124 31.55 -2.55 -39.27
C THR C 1124 32.34 -3.76 -39.76
N ALA C 1125 32.88 -4.52 -38.82
CA ALA C 1125 33.76 -5.63 -39.14
C ALA C 1125 33.22 -6.98 -38.73
N ALA C 1126 32.85 -7.16 -37.46
CA ALA C 1126 32.51 -8.46 -36.92
C ALA C 1126 31.36 -8.32 -35.94
N LEU C 1127 31.09 -9.39 -35.20
CA LEU C 1127 29.90 -9.51 -34.38
C LEU C 1127 30.25 -9.96 -32.98
N ARG C 1128 29.45 -9.53 -32.01
CA ARG C 1128 29.49 -10.04 -30.65
C ARG C 1128 28.14 -10.66 -30.31
N CYS C 1129 28.04 -11.18 -29.09
CA CYS C 1129 26.79 -11.76 -28.65
C CYS C 1129 25.71 -10.69 -28.60
N PRO C 1130 24.59 -10.90 -29.27
CA PRO C 1130 23.60 -9.83 -29.40
C PRO C 1130 23.08 -9.35 -28.06
N LEU C 1131 22.83 -8.04 -27.98
CA LEU C 1131 22.31 -7.48 -26.73
C LEU C 1131 20.90 -7.96 -26.47
N THR C 1132 19.97 -7.66 -27.37
CA THR C 1132 18.64 -8.22 -27.24
C THR C 1132 18.62 -9.63 -27.81
N ASP C 1133 17.50 -10.31 -27.63
CA ASP C 1133 17.35 -11.69 -28.05
C ASP C 1133 16.43 -11.77 -29.27
N MET C 1134 16.31 -12.98 -29.81
CA MET C 1134 15.34 -13.27 -30.85
C MET C 1134 14.04 -13.80 -30.24
N GLY C 1135 13.51 -13.07 -29.26
CA GLY C 1135 12.33 -13.51 -28.55
C GLY C 1135 11.04 -13.06 -29.21
N ASN C 1136 9.95 -13.28 -28.48
CA ASN C 1136 8.60 -12.91 -28.92
C ASN C 1136 7.94 -12.07 -27.85
N THR C 1137 7.26 -11.00 -28.27
CA THR C 1137 6.59 -10.12 -27.34
C THR C 1137 5.41 -9.44 -28.02
N ALA C 1138 4.22 -9.71 -27.52
CA ALA C 1138 3.01 -9.12 -28.09
C ALA C 1138 2.89 -7.67 -27.67
N GLN C 1139 2.66 -6.80 -28.65
CA GLN C 1139 2.47 -5.38 -28.37
C GLN C 1139 1.10 -5.14 -27.75
N ASN C 1140 1.07 -4.35 -26.69
CA ASN C 1140 -0.16 -3.99 -26.00
C ASN C 1140 -0.51 -2.54 -26.29
N LEU C 1141 -1.76 -2.30 -26.71
CA LEU C 1141 -2.21 -0.94 -26.92
C LEU C 1141 -2.78 -0.32 -25.65
N PHE C 1142 -2.94 -1.11 -24.59
CA PHE C 1142 -3.55 -0.57 -23.39
C PHE C 1142 -2.63 0.38 -22.64
N PHE C 1143 -1.37 0.44 -23.02
CA PHE C 1143 -0.49 1.37 -22.34
C PHE C 1143 -0.70 2.79 -22.75
N SER C 1144 -1.68 3.09 -23.59
CA SER C 1144 -2.01 4.45 -23.96
C SER C 1144 -3.51 4.65 -23.83
N ARG C 1145 -3.90 5.88 -23.52
CA ARG C 1145 -5.30 6.25 -23.36
C ARG C 1145 -5.63 7.37 -24.35
N GLY C 1146 -6.91 7.69 -24.44
CA GLY C 1146 -7.32 8.82 -25.24
C GLY C 1146 -8.34 8.47 -26.31
N GLY C 1147 -8.23 7.26 -26.86
CA GLY C 1147 -9.14 6.86 -27.90
C GLY C 1147 -10.57 6.74 -27.39
N VAL C 1148 -11.51 6.78 -28.34
CA VAL C 1148 -12.91 6.65 -28.00
C VAL C 1148 -13.12 5.29 -27.36
N PRO C 1149 -13.66 5.23 -26.15
CA PRO C 1149 -13.75 3.96 -25.44
C PRO C 1149 -15.10 3.28 -25.66
N MET C 1150 -15.13 1.98 -25.36
CA MET C 1150 -16.35 1.22 -25.46
C MET C 1150 -17.36 1.75 -24.45
N LEU C 1151 -18.64 1.70 -24.82
CA LEU C 1151 -19.67 2.30 -23.98
C LEU C 1151 -19.74 1.61 -22.63
N HIS C 1152 -20.14 0.35 -22.60
CA HIS C 1152 -20.31 -0.38 -21.35
C HIS C 1152 -18.92 -0.67 -20.78
N ASP C 1153 -18.59 0.02 -19.69
CA ASP C 1153 -17.24 -0.09 -19.12
C ASP C 1153 -16.90 -1.51 -18.74
N ASN C 1154 -17.91 -2.30 -18.36
CA ASN C 1154 -17.65 -3.69 -18.01
C ASN C 1154 -17.02 -4.43 -19.18
N VAL C 1155 -17.47 -4.14 -20.40
CA VAL C 1155 -16.90 -4.80 -21.58
C VAL C 1155 -15.43 -4.45 -21.72
N THR C 1156 -15.10 -3.16 -21.58
CA THR C 1156 -13.70 -2.75 -21.70
C THR C 1156 -12.85 -3.42 -20.64
N GLU C 1157 -13.32 -3.44 -19.39
CA GLU C 1157 -12.53 -4.04 -18.33
C GLU C 1157 -12.36 -5.53 -18.54
N SER C 1158 -13.41 -6.21 -18.97
CA SER C 1158 -13.32 -7.64 -19.25
C SER C 1158 -12.33 -7.89 -20.38
N LEU C 1159 -12.36 -7.05 -21.41
CA LEU C 1159 -11.45 -7.22 -22.52
C LEU C 1159 -10.01 -7.05 -22.07
N ARG C 1160 -9.74 -6.03 -21.25
CA ARG C 1160 -8.40 -5.83 -20.73
C ARG C 1160 -7.98 -7.01 -19.86
N ARG C 1161 -8.88 -7.50 -19.01
CA ARG C 1161 -8.56 -8.63 -18.15
C ARG C 1161 -8.21 -9.86 -18.97
N ILE C 1162 -8.97 -10.13 -20.02
CA ILE C 1162 -8.77 -11.36 -20.77
C ILE C 1162 -7.57 -11.23 -21.71
N THR C 1163 -7.26 -10.02 -22.16
CA THR C 1163 -6.05 -9.84 -22.95
C THR C 1163 -4.81 -9.81 -22.08
N ALA C 1164 -4.96 -9.57 -20.78
CA ALA C 1164 -3.82 -9.68 -19.88
C ALA C 1164 -3.27 -11.10 -19.88
N SER C 1165 -4.16 -12.09 -19.88
CA SER C 1165 -3.72 -13.46 -20.05
C SER C 1165 -3.12 -13.66 -21.43
N GLY C 1166 -2.19 -14.61 -21.52
CA GLY C 1166 -1.54 -14.86 -22.79
C GLY C 1166 -0.51 -13.85 -23.20
N GLY C 1167 -0.19 -12.89 -22.33
CA GLY C 1167 0.83 -11.91 -22.62
C GLY C 1167 1.66 -11.66 -21.39
N ARG C 1168 2.96 -11.46 -21.61
CA ARG C 1168 3.88 -11.30 -20.49
C ARG C 1168 3.74 -9.92 -19.87
N LEU C 1169 4.04 -8.87 -20.64
CA LEU C 1169 3.87 -7.52 -20.12
C LEU C 1169 2.41 -7.12 -20.13
N ASN C 1170 2.00 -6.38 -19.10
CA ASN C 1170 0.62 -5.96 -18.96
C ASN C 1170 0.59 -4.75 -18.03
N PRO C 1171 -0.42 -3.91 -18.12
CA PRO C 1171 -0.54 -2.81 -17.16
C PRO C 1171 -0.84 -3.35 -15.77
N THR C 1172 -0.42 -2.60 -14.77
CA THR C 1172 -0.69 -2.99 -13.39
C THR C 1172 -2.19 -3.02 -13.15
N GLU C 1173 -2.62 -3.99 -12.34
CA GLU C 1173 -4.05 -4.31 -12.27
C GLU C 1173 -4.95 -3.13 -11.87
N PRO C 1174 -4.73 -2.42 -10.77
CA PRO C 1174 -5.71 -1.39 -10.37
C PRO C 1174 -5.84 -0.25 -11.37
N LEU C 1175 -4.95 -0.15 -12.35
CA LEU C 1175 -4.98 0.88 -13.38
C LEU C 1175 -5.03 2.26 -12.73
N PRO C 1176 -3.93 2.71 -12.13
CA PRO C 1176 -3.94 4.05 -11.53
C PRO C 1176 -4.21 5.11 -12.57
N ILE C 1177 -4.99 6.10 -12.19
CA ILE C 1177 -5.39 7.17 -13.10
C ILE C 1177 -4.38 8.30 -12.99
N PHE C 1178 -4.13 8.97 -14.12
CA PHE C 1178 -3.13 10.03 -14.21
C PHE C 1178 -1.77 9.51 -13.73
N GLY C 1179 -1.29 8.48 -14.41
CA GLY C 1179 0.00 7.90 -14.10
C GLY C 1179 0.68 7.43 -15.36
N GLY C 1180 1.91 6.93 -15.19
CA GLY C 1180 2.67 6.46 -16.33
C GLY C 1180 2.21 5.14 -16.90
N LEU C 1181 1.29 4.46 -16.21
CA LEU C 1181 0.78 3.17 -16.68
C LEU C 1181 1.91 2.17 -16.90
N ARG C 1182 2.94 2.28 -16.08
CA ARG C 1182 4.11 1.42 -16.22
C ARG C 1182 3.75 -0.03 -15.91
N PRO C 1183 4.07 -0.98 -16.77
CA PRO C 1183 3.83 -2.38 -16.43
C PRO C 1183 4.66 -2.83 -15.25
N ALA C 1184 4.13 -3.80 -14.52
CA ALA C 1184 4.80 -4.32 -13.34
C ALA C 1184 6.14 -4.92 -13.73
N THR C 1185 7.20 -4.45 -13.09
CA THR C 1185 8.52 -5.03 -13.29
C THR C 1185 8.53 -6.48 -12.78
N SER C 1186 9.30 -7.31 -13.46
CA SER C 1186 9.45 -8.71 -13.07
C SER C 1186 10.74 -8.88 -12.28
N ALA C 1187 11.06 -10.14 -11.98
CA ALA C 1187 12.29 -10.46 -11.27
C ALA C 1187 13.47 -10.40 -12.22
N GLY C 1188 14.60 -10.99 -11.82
CA GLY C 1188 15.78 -10.93 -12.65
C GLY C 1188 15.53 -11.47 -14.04
N ILE C 1189 16.02 -10.73 -15.04
CA ILE C 1189 15.83 -11.09 -16.44
C ILE C 1189 16.83 -12.17 -16.84
N ALA C 1190 16.61 -12.78 -18.00
CA ALA C 1190 17.32 -14.01 -18.36
C ALA C 1190 18.27 -13.84 -19.53
N ARG C 1191 17.79 -13.44 -20.71
CA ARG C 1191 18.59 -13.50 -21.92
C ARG C 1191 18.53 -12.17 -22.67
N GLY C 1192 18.80 -11.09 -21.97
CA GLY C 1192 18.90 -9.78 -22.60
C GLY C 1192 17.55 -9.13 -22.83
N GLN C 1193 17.59 -7.99 -23.50
CA GLN C 1193 16.38 -7.23 -23.77
C GLN C 1193 15.38 -8.07 -24.55
N ALA C 1194 14.13 -8.05 -24.09
CA ALA C 1194 13.06 -8.73 -24.81
C ALA C 1194 12.58 -7.85 -25.94
N SER C 1195 12.69 -8.34 -27.17
CA SER C 1195 12.36 -7.57 -28.36
C SER C 1195 10.85 -7.46 -28.50
N VAL C 1196 10.35 -6.24 -28.51
CA VAL C 1196 8.92 -6.01 -28.69
C VAL C 1196 8.53 -6.38 -30.12
N CYS C 1197 7.30 -6.86 -30.28
CA CYS C 1197 6.79 -7.22 -31.60
C CYS C 1197 5.38 -6.68 -31.75
N GLU C 1198 5.13 -5.99 -32.85
CA GLU C 1198 3.82 -5.46 -33.18
C GLU C 1198 3.26 -6.18 -34.41
N PHE C 1199 1.98 -5.96 -34.66
CA PHE C 1199 1.26 -6.66 -35.72
C PHE C 1199 0.57 -5.66 -36.63
N VAL C 1200 0.44 -6.03 -37.91
CA VAL C 1200 -0.27 -5.23 -38.88
C VAL C 1200 -1.27 -6.12 -39.61
N ALA C 1201 -2.53 -5.67 -39.66
CA ALA C 1201 -3.56 -6.39 -40.40
C ALA C 1201 -3.27 -6.32 -41.89
N MET C 1202 -3.66 -7.37 -42.60
CA MET C 1202 -3.32 -7.51 -44.01
C MET C 1202 -4.03 -8.74 -44.56
N PRO C 1203 -4.35 -8.76 -45.85
CA PRO C 1203 -5.24 -9.81 -46.37
C PRO C 1203 -4.63 -11.19 -46.27
N VAL C 1204 -5.52 -12.18 -46.18
CA VAL C 1204 -5.08 -13.56 -45.98
C VAL C 1204 -4.20 -14.03 -47.12
N SER C 1205 -4.46 -13.55 -48.33
CA SER C 1205 -3.75 -14.01 -49.52
C SER C 1205 -3.11 -12.82 -50.21
N THR C 1206 -1.85 -12.58 -49.91
CA THR C 1206 -1.06 -11.59 -50.63
C THR C 1206 0.09 -12.29 -51.33
N ASP C 1207 0.80 -11.52 -52.15
CA ASP C 1207 1.93 -12.07 -52.88
C ASP C 1207 3.03 -12.39 -51.88
N LEU C 1208 3.09 -13.66 -51.47
CA LEU C 1208 4.09 -14.08 -50.51
C LEU C 1208 5.50 -13.84 -51.03
N GLN C 1209 5.68 -13.80 -52.35
CA GLN C 1209 6.98 -13.48 -52.90
C GLN C 1209 7.46 -12.10 -52.49
N TYR C 1210 6.53 -11.17 -52.24
CA TYR C 1210 6.92 -9.87 -51.70
C TYR C 1210 7.67 -10.00 -50.39
N PHE C 1211 7.42 -11.06 -49.63
CA PHE C 1211 8.15 -11.34 -48.42
C PHE C 1211 9.42 -12.15 -48.65
N ARG C 1212 9.64 -12.65 -49.87
CA ARG C 1212 10.79 -13.51 -50.12
C ARG C 1212 12.10 -12.76 -50.16
N THR C 1213 12.07 -11.44 -50.09
CA THR C 1213 13.28 -10.62 -50.13
C THR C 1213 13.06 -9.39 -49.27
N ALA C 1214 13.90 -8.38 -49.49
CA ALA C 1214 13.73 -7.08 -48.83
C ALA C 1214 12.40 -6.47 -49.22
N CYS C 1215 11.61 -6.08 -48.21
CA CYS C 1215 10.26 -5.55 -48.44
C CYS C 1215 9.98 -4.42 -47.44
N ASN C 1216 8.77 -3.86 -47.52
CA ASN C 1216 8.42 -2.70 -46.73
C ASN C 1216 7.11 -3.00 -46.00
N PRO C 1217 7.09 -2.96 -44.67
CA PRO C 1217 5.85 -3.34 -43.95
C PRO C 1217 4.67 -2.44 -44.23
N ARG C 1218 4.90 -1.22 -44.71
CA ARG C 1218 3.76 -0.41 -45.12
C ARG C 1218 3.06 -0.98 -46.33
N GLY C 1219 3.65 -1.97 -47.00
CA GLY C 1219 3.05 -2.50 -48.20
C GLY C 1219 3.15 -1.60 -49.40
N ARG C 1220 3.97 -0.56 -49.32
CA ARG C 1220 4.09 0.42 -50.39
C ARG C 1220 5.44 1.07 -50.23
N ALA C 1221 6.34 0.83 -51.18
CA ALA C 1221 7.67 1.40 -51.10
C ALA C 1221 7.58 2.91 -50.99
N SER C 1222 8.21 3.46 -49.96
CA SER C 1222 8.04 4.87 -49.63
C SER C 1222 9.32 5.36 -48.97
N GLY C 1223 9.24 6.47 -48.26
CA GLY C 1223 10.40 7.08 -47.68
C GLY C 1223 10.96 8.19 -48.56
N MET C 1224 11.89 8.94 -48.01
CA MET C 1224 12.46 10.06 -48.75
C MET C 1224 13.13 9.59 -50.03
N LEU C 1225 13.91 8.51 -49.96
CA LEU C 1225 14.54 7.90 -51.13
C LEU C 1225 15.28 8.97 -51.94
N TYR C 1226 16.27 9.58 -51.30
CA TYR C 1226 17.01 10.70 -51.85
C TYR C 1226 16.09 11.91 -52.04
N MET C 1227 16.60 13.03 -52.53
CA MET C 1227 15.81 14.24 -52.69
C MET C 1227 15.54 14.47 -54.17
N GLY C 1228 14.27 14.40 -54.57
CA GLY C 1228 13.90 14.59 -55.95
C GLY C 1228 13.92 16.05 -56.35
N ASP C 1229 13.46 16.31 -57.57
CA ASP C 1229 13.41 17.67 -58.08
C ASP C 1229 12.48 18.54 -57.23
N ARG C 1230 11.31 18.01 -56.89
CA ARG C 1230 10.30 18.72 -56.11
C ARG C 1230 10.03 17.94 -54.83
N ASP C 1231 10.03 18.64 -53.70
CA ASP C 1231 9.86 17.98 -52.41
C ASP C 1231 8.43 17.53 -52.17
N ALA C 1232 7.46 18.02 -52.94
CA ALA C 1232 6.08 17.62 -52.76
C ALA C 1232 5.79 16.21 -53.28
N ASP C 1233 6.74 15.59 -53.97
CA ASP C 1233 6.50 14.28 -54.55
C ASP C 1233 6.25 13.23 -53.49
N ILE C 1234 6.97 13.31 -52.37
CA ILE C 1234 7.02 12.20 -51.42
C ILE C 1234 5.63 11.88 -50.88
N GLU C 1235 4.86 12.89 -50.50
CA GLU C 1235 3.51 12.63 -50.01
C GLU C 1235 2.66 11.97 -51.08
N ALA C 1236 2.81 12.40 -52.33
CA ALA C 1236 2.14 11.71 -53.43
C ALA C 1236 2.64 10.28 -53.55
N ILE C 1237 3.93 10.06 -53.29
CA ILE C 1237 4.49 8.71 -53.40
C ILE C 1237 3.83 7.79 -52.39
N MET C 1238 3.71 8.23 -51.13
CA MET C 1238 3.33 7.32 -50.07
C MET C 1238 1.88 7.47 -49.63
N PHE C 1239 1.11 8.35 -50.26
CA PHE C 1239 -0.34 8.39 -50.09
C PHE C 1239 -1.11 8.14 -51.37
N ASP C 1240 -0.77 8.81 -52.48
CA ASP C 1240 -1.55 8.65 -53.69
C ASP C 1240 -1.55 7.21 -54.15
N HIS C 1241 -2.69 6.73 -54.63
CA HIS C 1241 -2.81 5.40 -55.17
C HIS C 1241 -3.22 5.40 -56.63
N THR C 1242 -3.39 6.58 -57.22
CA THR C 1242 -3.63 6.64 -58.65
C THR C 1242 -2.41 6.17 -59.43
N GLN C 1243 -1.23 6.61 -59.01
CA GLN C 1243 0.03 6.19 -59.63
C GLN C 1243 0.60 5.04 -58.82
N SER C 1244 1.07 4.02 -59.54
CA SER C 1244 1.52 2.79 -58.89
C SER C 1244 2.75 3.05 -58.04
N ASP C 1245 3.14 2.03 -57.28
CA ASP C 1245 4.32 2.12 -56.44
C ASP C 1245 5.57 2.22 -57.30
N VAL C 1246 6.55 2.99 -56.81
CA VAL C 1246 7.76 3.22 -57.59
C VAL C 1246 8.53 1.92 -57.79
N ALA C 1247 8.66 1.11 -56.73
CA ALA C 1247 9.36 -0.16 -56.88
C ALA C 1247 8.57 -1.14 -57.73
N TYR C 1248 7.24 -1.07 -57.67
CA TYR C 1248 6.38 -2.00 -58.38
C TYR C 1248 5.40 -1.20 -59.21
N THR C 1249 5.77 -0.89 -60.45
CA THR C 1249 4.84 -0.18 -61.32
C THR C 1249 3.87 -1.17 -61.97
N ASP C 1250 3.28 -2.01 -61.11
CA ASP C 1250 2.41 -3.08 -61.55
C ASP C 1250 1.18 -3.16 -60.66
N ARG C 1251 1.30 -2.71 -59.42
CA ARG C 1251 0.19 -2.71 -58.48
C ARG C 1251 0.30 -1.50 -57.59
N ALA C 1252 -0.84 -1.03 -57.07
CA ALA C 1252 -0.85 0.19 -56.27
C ALA C 1252 -0.04 0.03 -55.00
N THR C 1253 -0.33 -1.02 -54.22
CA THR C 1253 0.37 -1.26 -52.97
C THR C 1253 0.08 -2.69 -52.54
N LEU C 1254 0.88 -3.18 -51.60
CA LEU C 1254 0.69 -4.56 -51.16
C LEU C 1254 -0.58 -4.71 -50.32
N ASN C 1255 -0.84 -3.78 -49.41
CA ASN C 1255 -2.06 -3.87 -48.64
C ASN C 1255 -2.84 -2.56 -48.68
N PRO C 1256 -4.15 -2.61 -48.65
CA PRO C 1256 -4.94 -1.37 -48.65
C PRO C 1256 -5.27 -0.91 -47.25
N TRP C 1257 -4.66 -1.53 -46.25
CA TRP C 1257 -4.94 -1.20 -44.86
C TRP C 1257 -3.79 -0.52 -44.16
N ALA C 1258 -2.64 -0.39 -44.80
CA ALA C 1258 -1.51 0.31 -44.19
C ALA C 1258 -0.78 1.20 -45.19
N SER C 1259 -1.45 1.64 -46.24
CA SER C 1259 -0.78 2.44 -47.26
C SER C 1259 -1.59 3.69 -47.59
N GLN C 1260 -2.87 3.66 -47.29
CA GLN C 1260 -3.73 4.79 -47.60
C GLN C 1260 -3.45 5.96 -46.68
N LYS C 1261 -3.91 7.14 -47.09
CA LYS C 1261 -3.64 8.37 -46.36
C LYS C 1261 -4.20 8.35 -44.95
N HIS C 1262 -5.22 7.55 -44.69
CA HIS C 1262 -5.76 7.40 -43.34
C HIS C 1262 -6.24 5.98 -43.12
N SER C 1263 -5.45 5.02 -43.59
CA SER C 1263 -5.80 3.61 -43.45
C SER C 1263 -5.74 3.20 -41.98
N TYR C 1264 -6.24 2.00 -41.71
CA TYR C 1264 -6.20 1.49 -40.34
C TYR C 1264 -4.77 1.41 -39.84
N GLY C 1265 -3.86 0.87 -40.66
CA GLY C 1265 -2.46 0.89 -40.29
C GLY C 1265 -1.95 2.30 -40.12
N ASP C 1266 -2.34 3.19 -41.04
CA ASP C 1266 -1.91 4.58 -40.94
C ASP C 1266 -2.42 5.22 -39.66
N ARG C 1267 -3.69 5.02 -39.33
CA ARG C 1267 -4.23 5.61 -38.11
C ARG C 1267 -3.55 5.03 -36.89
N LEU C 1268 -3.25 3.73 -36.93
CA LEU C 1268 -2.78 3.01 -35.76
C LEU C 1268 -1.33 3.32 -35.39
N TYR C 1269 -0.47 3.51 -36.38
CA TYR C 1269 0.96 3.56 -36.11
C TYR C 1269 1.60 4.91 -36.37
N ASN C 1270 1.07 5.71 -37.29
CA ASN C 1270 1.72 6.97 -37.63
C ASN C 1270 1.81 7.87 -36.41
N GLY C 1271 3.01 8.41 -36.18
CA GLY C 1271 3.22 9.31 -35.07
C GLY C 1271 2.56 10.66 -35.23
N THR C 1272 2.07 10.97 -36.43
CA THR C 1272 1.40 12.23 -36.68
C THR C 1272 0.16 12.39 -35.80
N TYR C 1273 -0.62 11.32 -35.65
CA TYR C 1273 -1.84 11.38 -34.88
C TYR C 1273 -1.60 11.25 -33.38
N ASN C 1274 -0.36 10.96 -32.98
CA ASN C 1274 0.00 10.83 -31.57
C ASN C 1274 -0.90 9.84 -30.86
N LEU C 1275 -1.17 8.72 -31.52
CA LEU C 1275 -2.07 7.73 -30.96
C LEU C 1275 -1.54 7.18 -29.64
N THR C 1276 -0.26 6.84 -29.60
CA THR C 1276 0.32 6.15 -28.46
C THR C 1276 1.44 6.97 -27.83
N GLY C 1277 1.31 8.30 -27.89
CA GLY C 1277 2.34 9.16 -27.31
C GLY C 1277 2.53 8.94 -25.83
N ALA C 1278 1.45 8.59 -25.12
CA ALA C 1278 1.53 8.34 -23.68
C ALA C 1278 2.07 6.95 -23.35
N SER C 1279 2.12 6.04 -24.31
CA SER C 1279 2.56 4.69 -24.00
C SER C 1279 4.06 4.66 -23.77
N PRO C 1280 4.53 4.20 -22.61
CA PRO C 1280 5.97 4.20 -22.34
C PRO C 1280 6.74 3.14 -23.11
N ILE C 1281 6.08 2.21 -23.77
CA ILE C 1281 6.77 1.13 -24.44
C ILE C 1281 6.99 1.49 -25.90
N TYR C 1282 8.23 1.31 -26.36
CA TYR C 1282 8.57 1.52 -27.75
C TYR C 1282 7.86 0.53 -28.67
N SER C 1283 7.61 1.00 -29.89
CA SER C 1283 7.19 0.16 -30.99
C SER C 1283 8.13 0.42 -32.17
N PRO C 1284 8.67 -0.61 -32.80
CA PRO C 1284 9.53 -0.38 -33.96
C PRO C 1284 8.79 0.19 -35.14
N CYS C 1285 7.46 0.07 -35.17
CA CYS C 1285 6.70 0.52 -36.32
C CYS C 1285 6.71 2.03 -36.49
N PHE C 1286 6.97 2.79 -35.42
CA PHE C 1286 6.87 4.24 -35.50
C PHE C 1286 7.81 4.81 -36.54
N LYS C 1287 9.07 4.35 -36.53
CA LYS C 1287 10.06 4.84 -37.47
C LYS C 1287 9.66 4.57 -38.92
N PHE C 1288 8.83 3.56 -39.16
CA PHE C 1288 8.50 3.15 -40.50
C PHE C 1288 7.32 3.89 -41.12
N PHE C 1289 6.63 4.72 -40.36
CA PHE C 1289 5.41 5.32 -40.90
C PHE C 1289 5.46 6.82 -41.03
N THR C 1290 6.02 7.54 -40.07
CA THR C 1290 6.04 8.99 -40.16
C THR C 1290 6.96 9.43 -41.28
N PRO C 1291 6.49 10.30 -42.18
CA PRO C 1291 7.37 10.81 -43.24
C PRO C 1291 8.52 11.62 -42.65
N ALA C 1292 9.65 11.58 -43.34
CA ALA C 1292 10.86 12.22 -42.88
C ALA C 1292 10.83 13.72 -43.19
N GLU C 1293 11.92 14.42 -42.89
CA GLU C 1293 12.05 15.84 -43.18
C GLU C 1293 13.43 16.11 -43.74
N VAL C 1294 13.50 17.11 -44.62
CA VAL C 1294 14.77 17.59 -45.18
C VAL C 1294 14.81 19.10 -45.00
N ASN C 1295 16.00 19.64 -44.75
CA ASN C 1295 16.14 21.06 -44.45
C ASN C 1295 16.91 21.82 -45.51
N THR C 1296 18.16 21.46 -45.78
CA THR C 1296 19.05 22.29 -46.59
C THR C 1296 20.01 21.37 -47.35
N ASN C 1297 21.09 21.97 -47.85
CA ASN C 1297 22.15 21.26 -48.55
C ASN C 1297 21.59 20.50 -49.76
N CYS C 1298 21.13 21.29 -50.75
CA CYS C 1298 20.36 20.75 -51.86
C CYS C 1298 21.02 19.53 -52.48
N ASN C 1299 22.34 19.44 -52.42
CA ASN C 1299 23.03 18.24 -52.88
C ASN C 1299 22.53 17.03 -52.12
N THR C 1300 21.91 16.10 -52.85
CA THR C 1300 21.42 14.88 -52.22
C THR C 1300 22.58 14.03 -51.72
N LEU C 1301 23.72 14.11 -52.42
CA LEU C 1301 24.84 13.24 -52.11
C LEU C 1301 25.33 13.42 -50.68
N ASP C 1302 25.63 14.65 -50.29
CA ASP C 1302 26.22 14.85 -48.97
C ASP C 1302 25.19 14.75 -47.85
N ARG C 1303 23.90 14.85 -48.17
CA ARG C 1303 22.89 14.45 -47.20
C ARG C 1303 22.94 12.95 -46.97
N LEU C 1304 22.61 12.18 -48.02
CA LEU C 1304 22.59 10.73 -47.89
C LEU C 1304 23.90 10.20 -47.31
N LEU C 1305 24.98 10.97 -47.46
CA LEU C 1305 26.19 10.65 -46.73
C LEU C 1305 26.07 10.96 -45.24
N MET C 1306 25.41 12.06 -44.86
CA MET C 1306 25.52 12.53 -43.49
C MET C 1306 24.53 11.84 -42.57
N GLU C 1307 23.25 11.80 -42.92
CA GLU C 1307 22.34 11.09 -42.00
C GLU C 1307 22.57 9.59 -41.99
N ALA C 1308 23.34 9.08 -42.95
CA ALA C 1308 23.66 7.66 -42.93
C ALA C 1308 24.47 7.27 -41.70
N LYS C 1309 25.18 8.22 -41.09
CA LYS C 1309 26.00 7.89 -39.93
C LYS C 1309 25.08 7.80 -38.70
N ALA C 1310 25.65 7.33 -37.59
CA ALA C 1310 24.89 6.96 -36.40
C ALA C 1310 24.12 8.16 -35.86
N VAL C 1311 22.79 8.09 -35.96
CA VAL C 1311 21.95 9.06 -35.30
C VAL C 1311 21.87 8.71 -33.82
N ALA C 1312 21.34 9.63 -33.03
CA ALA C 1312 21.17 9.38 -31.61
C ALA C 1312 20.27 8.16 -31.38
N SER C 1313 20.28 7.68 -30.14
CA SER C 1313 19.48 6.50 -29.81
C SER C 1313 18.00 6.79 -30.02
N GLN C 1314 17.27 5.76 -30.44
CA GLN C 1314 15.85 5.86 -30.69
C GLN C 1314 15.05 5.00 -29.72
N SER C 1315 15.67 3.98 -29.13
CA SER C 1315 14.99 3.09 -28.20
C SER C 1315 15.80 2.96 -26.93
N SER C 1316 15.10 2.63 -25.85
CA SER C 1316 15.72 2.51 -24.54
C SER C 1316 16.74 1.38 -24.54
N THR C 1317 17.73 1.48 -23.66
CA THR C 1317 18.79 0.48 -23.59
C THR C 1317 18.71 -0.40 -22.35
N ASP C 1318 18.78 0.18 -21.15
CA ASP C 1318 18.96 -0.59 -19.94
C ASP C 1318 17.70 -1.30 -19.46
N THR C 1319 16.53 -0.93 -19.95
CA THR C 1319 15.32 -1.65 -19.59
C THR C 1319 15.35 -3.02 -20.26
N GLU C 1320 14.42 -3.89 -19.89
CA GLU C 1320 14.30 -5.21 -20.47
C GLU C 1320 13.09 -5.30 -21.39
N TYR C 1321 12.47 -4.16 -21.69
CA TYR C 1321 11.26 -4.16 -22.49
C TYR C 1321 11.30 -3.15 -23.61
N GLN C 1322 12.42 -2.48 -23.83
CA GLN C 1322 12.57 -1.50 -24.91
C GLN C 1322 11.49 -0.42 -24.80
N PHE C 1323 11.62 0.38 -23.75
CA PHE C 1323 10.76 1.54 -23.58
C PHE C 1323 11.05 2.57 -24.66
N LYS C 1324 10.32 3.68 -24.63
CA LYS C 1324 10.66 4.80 -25.50
C LYS C 1324 12.09 5.25 -25.25
N ARG C 1325 12.61 6.01 -26.21
CA ARG C 1325 13.91 6.65 -26.09
C ARG C 1325 13.90 7.48 -24.82
N PRO C 1326 14.64 7.08 -23.78
CA PRO C 1326 14.64 7.85 -22.56
C PRO C 1326 15.27 9.21 -22.79
N PRO C 1327 14.63 10.29 -22.33
CA PRO C 1327 15.15 11.63 -22.61
C PRO C 1327 16.55 11.83 -22.06
N GLY C 1328 17.38 12.55 -22.81
CA GLY C 1328 18.76 12.73 -22.47
C GLY C 1328 19.69 11.64 -22.93
N SER C 1329 19.22 10.71 -23.76
CA SER C 1329 20.07 9.61 -24.21
C SER C 1329 21.12 10.13 -25.18
N THR C 1330 22.39 9.80 -24.90
CA THR C 1330 23.52 10.24 -25.72
C THR C 1330 24.33 9.00 -26.09
N GLU C 1331 23.94 8.33 -27.16
CA GLU C 1331 24.62 7.13 -27.63
C GLU C 1331 24.74 7.20 -29.14
N MET C 1332 25.84 6.68 -29.66
CA MET C 1332 26.16 6.87 -31.07
C MET C 1332 25.76 5.59 -31.80
N THR C 1333 24.52 5.52 -32.28
CA THR C 1333 23.91 4.25 -32.69
C THR C 1333 23.61 4.28 -34.18
N GLN C 1334 24.28 3.43 -34.94
CA GLN C 1334 24.12 3.42 -36.39
C GLN C 1334 22.89 2.62 -36.80
N ASP C 1335 22.21 3.10 -37.84
CA ASP C 1335 20.98 2.47 -38.35
C ASP C 1335 21.06 2.29 -39.86
N PRO C 1336 21.79 1.28 -40.33
CA PRO C 1336 21.67 0.88 -41.73
C PRO C 1336 20.28 0.32 -42.00
N CYS C 1337 19.85 0.48 -43.25
CA CYS C 1337 18.57 -0.02 -43.73
C CYS C 1337 17.39 0.62 -43.00
N GLY C 1338 17.66 1.55 -42.09
CA GLY C 1338 16.61 2.17 -41.33
C GLY C 1338 16.11 3.45 -41.95
N LEU C 1339 17.02 4.39 -42.21
CA LEU C 1339 16.64 5.58 -42.97
C LEU C 1339 16.22 5.21 -44.38
N PHE C 1340 16.74 4.10 -44.90
CA PHE C 1340 16.26 3.48 -46.12
C PHE C 1340 14.89 2.86 -45.97
N GLN C 1341 14.34 2.81 -44.76
CA GLN C 1341 12.98 2.33 -44.50
C GLN C 1341 12.84 0.86 -44.90
N GLU C 1342 13.69 0.02 -44.31
CA GLU C 1342 13.74 -1.35 -44.79
C GLU C 1342 13.89 -2.32 -43.61
N ALA C 1343 13.37 -3.53 -43.80
CA ALA C 1343 13.45 -4.61 -42.83
C ALA C 1343 13.83 -5.88 -43.60
N TYR C 1344 14.37 -6.86 -42.88
CA TYR C 1344 14.75 -8.08 -43.58
C TYR C 1344 13.97 -9.28 -43.03
N PRO C 1345 13.72 -10.29 -43.86
CA PRO C 1345 13.09 -11.50 -43.39
C PRO C 1345 14.13 -12.47 -42.85
N PRO C 1346 14.01 -12.90 -41.61
CA PRO C 1346 14.91 -13.92 -41.06
C PRO C 1346 14.48 -15.31 -41.48
N LEU C 1347 15.19 -16.29 -40.94
CA LEU C 1347 14.83 -17.68 -41.14
C LEU C 1347 13.57 -17.97 -40.33
N CYS C 1348 12.43 -18.07 -41.00
CA CYS C 1348 11.16 -18.30 -40.34
C CYS C 1348 10.52 -19.56 -40.90
N SER C 1349 9.77 -20.25 -40.03
CA SER C 1349 9.19 -21.53 -40.40
C SER C 1349 7.75 -21.61 -39.93
N SER C 1350 6.89 -22.11 -40.82
CA SER C 1350 5.49 -22.31 -40.52
C SER C 1350 5.25 -23.57 -39.71
N ASP C 1351 6.24 -24.44 -39.61
CA ASP C 1351 6.13 -25.68 -38.84
C ASP C 1351 7.52 -26.29 -38.65
N ALA C 1352 7.76 -26.78 -37.43
CA ALA C 1352 9.05 -27.39 -37.12
C ALA C 1352 9.26 -28.69 -37.86
N ALA C 1353 8.21 -29.26 -38.45
CA ALA C 1353 8.37 -30.50 -39.19
C ALA C 1353 9.35 -30.32 -40.34
N MET C 1354 9.20 -29.25 -41.09
CA MET C 1354 10.04 -28.99 -42.25
C MET C 1354 11.20 -28.06 -41.95
N LEU C 1355 11.35 -27.62 -40.69
CA LEU C 1355 12.42 -26.69 -40.37
C LEU C 1355 13.79 -27.28 -40.65
N ARG C 1356 14.00 -28.55 -40.32
CA ARG C 1356 15.32 -29.15 -40.33
C ARG C 1356 15.38 -30.29 -41.34
N THR C 1357 16.58 -30.78 -41.56
CA THR C 1357 16.81 -32.01 -42.33
C THR C 1357 17.50 -33.04 -41.44
N ALA C 1358 17.01 -34.27 -41.52
CA ALA C 1358 17.48 -35.35 -40.66
C ALA C 1358 18.69 -36.01 -41.33
N HIS C 1359 19.78 -35.25 -41.39
CA HIS C 1359 21.03 -35.77 -41.91
C HIS C 1359 22.23 -35.26 -41.12
N ALA C 1360 22.00 -34.78 -39.91
CA ALA C 1360 23.07 -34.29 -39.02
C ALA C 1360 23.90 -33.22 -39.74
N GLY C 1361 23.26 -32.09 -40.01
CA GLY C 1361 23.89 -31.09 -40.85
C GLY C 1361 22.98 -29.93 -41.22
N GLU C 1362 22.89 -29.66 -42.51
CA GLU C 1362 22.09 -28.53 -43.00
C GLU C 1362 20.66 -28.61 -42.48
N THR C 1363 20.01 -27.46 -42.43
CA THR C 1363 18.63 -27.37 -42.02
C THR C 1363 17.72 -27.58 -43.22
N GLY C 1364 16.43 -27.34 -43.04
CA GLY C 1364 15.49 -27.57 -44.11
C GLY C 1364 15.76 -26.69 -45.33
N ALA C 1365 15.49 -27.25 -46.50
CA ALA C 1365 15.67 -26.52 -47.76
C ALA C 1365 14.42 -26.52 -48.61
N ASP C 1366 13.41 -27.31 -48.27
CA ASP C 1366 12.15 -27.32 -49.01
C ASP C 1366 11.40 -26.00 -48.79
N GLU C 1367 10.82 -25.47 -49.87
CA GLU C 1367 10.23 -24.14 -49.80
C GLU C 1367 8.75 -24.17 -49.42
N VAL C 1368 7.93 -24.82 -50.25
CA VAL C 1368 6.50 -24.93 -50.01
C VAL C 1368 6.12 -26.40 -50.14
N HIS C 1369 5.45 -26.93 -49.11
CA HIS C 1369 5.16 -28.36 -49.15
C HIS C 1369 3.77 -28.64 -49.69
N LEU C 1370 2.73 -28.26 -48.94
CA LEU C 1370 1.39 -28.27 -49.52
C LEU C 1370 0.75 -26.90 -49.39
N ALA C 1371 0.71 -26.39 -48.16
CA ALA C 1371 0.18 -25.06 -47.91
C ALA C 1371 1.03 -24.27 -46.94
N GLN C 1372 1.99 -24.90 -46.27
CA GLN C 1372 2.89 -24.18 -45.38
C GLN C 1372 4.04 -23.63 -46.21
N TYR C 1373 4.99 -22.95 -45.57
CA TYR C 1373 5.99 -22.25 -46.36
C TYR C 1373 7.21 -21.98 -45.50
N LEU C 1374 8.33 -21.73 -46.18
CA LEU C 1374 9.57 -21.31 -45.54
C LEU C 1374 10.04 -20.04 -46.20
N ILE C 1375 10.61 -19.13 -45.41
CA ILE C 1375 11.36 -18.01 -45.95
C ILE C 1375 12.82 -18.20 -45.57
N ARG C 1376 13.63 -18.60 -46.54
CA ARG C 1376 15.05 -18.73 -46.30
C ARG C 1376 15.63 -17.36 -45.96
N ASP C 1377 16.53 -17.35 -44.99
CA ASP C 1377 17.02 -16.08 -44.46
C ASP C 1377 17.68 -15.25 -45.54
N ALA C 1378 17.17 -14.04 -45.74
CA ALA C 1378 17.77 -13.06 -46.64
C ALA C 1378 18.46 -11.93 -45.88
N SER C 1379 18.44 -11.99 -44.56
CA SER C 1379 19.06 -10.96 -43.75
C SER C 1379 20.58 -11.04 -43.90
N PRO C 1380 21.29 -9.96 -43.59
CA PRO C 1380 22.75 -10.05 -43.56
C PRO C 1380 23.27 -11.04 -42.54
N LEU C 1381 22.41 -11.55 -41.67
CA LEU C 1381 22.84 -12.42 -40.58
C LEU C 1381 22.60 -13.89 -40.94
N ARG C 1382 23.13 -14.29 -42.09
CA ARG C 1382 22.99 -15.67 -42.55
C ARG C 1382 24.22 -16.52 -42.28
N GLY C 1383 25.25 -15.97 -41.67
CA GLY C 1383 26.47 -16.70 -41.38
C GLY C 1383 26.78 -16.91 -39.91
N CYS C 1384 25.83 -16.71 -39.01
CA CYS C 1384 26.08 -16.82 -37.57
C CYS C 1384 24.88 -17.52 -36.93
N LEU C 1385 24.82 -17.45 -35.60
CA LEU C 1385 23.70 -17.97 -34.81
C LEU C 1385 23.52 -19.46 -35.05
N PRO C 1386 24.43 -20.29 -34.52
CA PRO C 1386 24.29 -21.74 -34.72
C PRO C 1386 23.07 -22.29 -34.00
N LEU C 1387 22.58 -23.42 -34.51
CA LEU C 1387 21.44 -24.10 -33.90
C LEU C 1387 21.90 -25.31 -33.09
N ALA D 1 32.56 41.35 3.74
CA ALA D 1 32.15 40.54 4.89
C ALA D 1 32.79 41.06 6.17
N MET D 2 33.29 42.29 6.13
CA MET D 2 33.79 42.81 7.39
C MET D 2 32.63 43.37 8.22
N PRO D 3 32.77 43.39 9.55
CA PRO D 3 31.68 43.91 10.39
C PRO D 3 31.57 45.42 10.32
N PHE D 4 30.83 45.91 9.32
CA PHE D 4 30.61 47.35 9.12
C PHE D 4 30.35 48.07 10.44
N GLU D 5 31.06 49.19 10.63
CA GLU D 5 30.98 49.96 11.87
C GLU D 5 30.60 51.39 11.52
N ILE D 6 29.39 51.81 11.91
CA ILE D 6 29.00 53.21 11.79
C ILE D 6 29.37 53.90 13.11
N GLU D 7 30.45 54.66 13.09
CA GLU D 7 31.02 55.21 14.32
C GLU D 7 30.59 56.66 14.50
N VAL D 8 29.67 56.87 15.44
CA VAL D 8 29.20 58.22 15.78
C VAL D 8 30.26 58.87 16.67
N LEU D 9 30.24 60.19 16.76
CA LEU D 9 31.30 60.89 17.49
C LEU D 9 30.80 61.59 18.75
N LEU D 10 29.51 61.42 19.10
CA LEU D 10 28.93 62.02 20.30
C LEU D 10 28.94 63.55 20.19
N PRO D 11 28.25 64.27 21.07
CA PRO D 11 28.40 65.73 21.08
C PRO D 11 29.73 66.15 21.69
N GLY D 12 30.18 65.45 22.73
CA GLY D 12 31.47 65.73 23.32
C GLY D 12 31.40 66.53 24.60
N GLU D 13 30.32 67.29 24.78
CA GLU D 13 30.15 68.10 25.97
C GLU D 13 29.22 67.41 26.96
N LEU D 14 29.19 66.08 26.93
CA LEU D 14 28.27 65.36 27.80
C LEU D 14 28.76 65.44 29.23
N SER D 15 27.95 66.04 30.10
CA SER D 15 28.28 66.03 31.51
C SER D 15 28.04 64.62 32.03
N PRO D 16 28.68 64.27 33.14
CA PRO D 16 28.58 62.89 33.65
C PRO D 16 27.16 62.43 33.90
N ALA D 17 26.26 63.31 34.33
CA ALA D 17 24.91 62.88 34.72
C ALA D 17 24.17 62.24 33.55
N GLU D 18 24.05 62.96 32.42
CA GLU D 18 23.29 62.41 31.31
C GLU D 18 24.04 61.27 30.64
N THR D 19 25.37 61.38 30.54
CA THR D 19 26.13 60.37 29.84
C THR D 19 26.16 59.07 30.63
N SER D 20 25.99 59.13 31.95
CA SER D 20 25.96 57.91 32.75
C SER D 20 24.84 57.00 32.31
N ALA D 21 23.68 57.58 31.95
CA ALA D 21 22.59 56.78 31.44
C ALA D 21 23.00 56.03 30.19
N LEU D 22 23.75 56.68 29.31
CA LEU D 22 24.26 55.99 28.14
C LEU D 22 25.18 54.84 28.52
N GLN D 23 26.08 55.06 29.48
CA GLN D 23 26.83 53.85 29.88
C GLN D 23 25.95 52.82 30.55
N LYS D 24 24.77 53.21 31.03
CA LYS D 24 23.84 52.30 31.68
C LYS D 24 22.68 51.89 30.78
N CYS D 25 22.64 52.37 29.53
CA CYS D 25 21.58 52.03 28.60
C CYS D 25 22.18 51.48 27.32
N GLU D 26 23.09 50.52 27.50
CA GLU D 26 23.82 49.90 26.40
C GLU D 26 23.09 48.63 25.99
N GLY D 27 23.26 48.23 24.73
CA GLY D 27 22.72 46.98 24.27
C GLY D 27 21.42 47.12 23.52
N LYS D 28 20.96 48.35 23.32
CA LYS D 28 19.68 48.60 22.67
C LYS D 28 19.85 49.07 21.22
N ILE D 29 18.71 49.25 20.56
CA ILE D 29 18.66 49.42 19.13
C ILE D 29 18.41 50.87 18.76
N ILE D 30 18.90 51.27 17.59
CA ILE D 30 18.54 52.56 16.99
C ILE D 30 18.62 52.39 15.47
N THR D 31 17.71 53.05 14.75
CA THR D 31 17.66 52.91 13.31
C THR D 31 18.10 54.20 12.64
N PHE D 32 18.72 54.07 11.47
CA PHE D 32 19.27 55.19 10.74
C PHE D 32 18.64 55.28 9.35
N SER D 33 18.78 56.45 8.74
CA SER D 33 18.25 56.68 7.40
C SER D 33 18.93 55.77 6.38
N THR D 34 20.23 55.95 6.17
CA THR D 34 20.93 55.26 5.08
C THR D 34 22.27 54.72 5.56
N LEU D 35 22.37 54.39 6.85
CA LEU D 35 23.60 53.84 7.41
C LEU D 35 24.73 54.85 7.24
N ARG D 36 25.52 54.72 6.17
CA ARG D 36 26.79 55.41 5.88
C ARG D 36 27.77 55.36 7.05
N HIS D 37 29.07 55.30 6.75
CA HIS D 37 30.08 55.29 7.79
C HIS D 37 30.01 56.58 8.61
N ARG D 38 30.79 56.63 9.69
CA ARG D 38 30.89 57.82 10.52
C ARG D 38 29.51 58.24 11.00
N ALA D 39 28.84 59.08 10.21
CA ALA D 39 27.56 59.67 10.56
C ALA D 39 27.65 60.42 11.88
N SER D 40 26.51 60.74 12.48
CA SER D 40 26.50 61.58 13.67
C SER D 40 25.18 61.41 14.40
N LEU D 41 25.05 62.12 15.51
CA LEU D 41 23.85 62.13 16.32
C LEU D 41 22.83 63.05 15.64
N VAL D 42 21.76 63.40 16.34
CA VAL D 42 20.76 64.36 15.90
C VAL D 42 19.90 63.74 14.80
N ASP D 43 20.55 63.21 13.77
CA ASP D 43 19.85 62.49 12.72
C ASP D 43 19.31 61.17 13.24
N ILE D 44 19.49 60.93 14.54
CA ILE D 44 19.12 59.67 15.17
C ILE D 44 18.05 59.85 16.24
N ALA D 45 17.74 61.07 16.63
CA ALA D 45 16.75 61.32 17.67
C ALA D 45 15.36 61.41 17.04
N LEU D 46 14.36 61.72 17.87
CA LEU D 46 13.00 61.88 17.35
C LEU D 46 12.89 63.05 16.40
N SER D 47 13.85 63.98 16.45
CA SER D 47 13.88 65.07 15.48
C SER D 47 13.93 64.53 14.05
N SER D 48 14.58 63.39 13.85
CA SER D 48 14.59 62.74 12.56
C SER D 48 13.25 62.11 12.21
N TYR D 49 12.29 62.14 13.14
CA TYR D 49 11.02 61.46 12.97
C TYR D 49 9.86 62.44 12.84
N TYR D 50 10.13 63.73 12.94
CA TYR D 50 9.08 64.74 12.93
C TYR D 50 8.49 64.89 11.54
N ILE D 51 7.41 64.15 11.27
CA ILE D 51 6.80 64.11 9.94
C ILE D 51 5.29 64.17 10.10
N ASN D 52 4.65 65.16 9.48
CA ASN D 52 5.33 66.28 8.83
C ASN D 52 5.95 67.20 9.85
N GLY D 53 5.26 67.31 10.98
CA GLY D 53 5.74 68.05 12.13
C GLY D 53 5.12 67.42 13.36
N ALA D 54 5.40 68.03 14.51
CA ALA D 54 4.87 67.60 15.80
C ALA D 54 5.40 66.21 16.16
N PRO D 55 5.27 65.79 17.42
CA PRO D 55 5.80 64.48 17.78
C PRO D 55 5.11 63.39 16.99
N PRO D 56 5.83 62.32 16.67
CA PRO D 56 5.23 61.23 15.90
C PRO D 56 4.15 60.51 16.67
N ASP D 57 3.16 60.01 15.93
CA ASP D 57 2.05 59.30 16.54
C ASP D 57 2.45 57.86 16.82
N THR D 58 1.54 57.10 17.41
CA THR D 58 1.80 55.72 17.78
C THR D 58 2.08 54.82 16.58
N LEU D 59 1.57 55.19 15.40
CA LEU D 59 1.78 54.39 14.20
C LEU D 59 2.96 54.85 13.38
N SER D 60 3.40 56.10 13.52
CA SER D 60 4.39 56.67 12.61
C SER D 60 5.25 57.67 13.38
N LEU D 61 6.38 57.24 13.93
CA LEU D 61 6.88 55.85 14.15
C LEU D 61 6.97 54.82 13.01
N LEU D 62 6.13 53.77 13.12
CA LEU D 62 6.42 52.44 12.60
C LEU D 62 6.88 52.47 11.14
N GLU D 63 6.24 53.29 10.32
CA GLU D 63 6.61 53.34 8.90
C GLU D 63 8.07 53.74 8.74
N ALA D 64 8.56 54.65 9.58
CA ALA D 64 9.98 54.98 9.54
C ALA D 64 10.83 53.79 9.96
N TYR D 65 10.46 53.14 11.06
CA TYR D 65 11.12 51.88 11.43
C TYR D 65 10.97 50.85 10.33
N ARG D 66 9.81 50.83 9.67
CA ARG D 66 9.58 49.97 8.53
C ARG D 66 10.32 50.48 7.29
N MET D 67 10.92 51.66 7.37
CA MET D 67 11.64 52.26 6.25
C MET D 67 13.13 52.42 6.49
N ARG D 68 13.58 52.63 7.72
CA ARG D 68 14.96 52.99 8.01
C ARG D 68 15.83 51.75 8.21
N PHE D 69 17.10 51.99 8.49
CA PHE D 69 18.10 50.95 8.69
C PHE D 69 18.50 50.91 10.16
N ALA D 70 18.34 49.76 10.80
CA ALA D 70 18.56 49.63 12.23
C ALA D 70 20.03 49.42 12.54
N ALA D 71 20.43 49.81 13.75
CA ALA D 71 21.80 49.64 14.21
C ALA D 71 21.79 49.52 15.73
N VAL D 72 22.23 48.36 16.23
CA VAL D 72 22.23 48.14 17.67
C VAL D 72 23.55 48.64 18.26
N ILE D 73 23.50 49.06 19.51
CA ILE D 73 24.67 49.65 20.16
C ILE D 73 25.43 48.56 20.91
N THR D 74 26.77 48.71 20.97
CA THR D 74 27.63 47.66 21.51
C THR D 74 28.69 48.16 22.49
N ARG D 75 29.16 49.40 22.37
CA ARG D 75 30.21 49.91 23.23
C ARG D 75 29.94 51.38 23.50
N VAL D 76 30.21 51.82 24.73
CA VAL D 76 29.74 53.13 25.21
C VAL D 76 30.90 53.97 25.75
N ILE D 77 32.11 53.76 25.21
CA ILE D 77 33.27 54.54 25.63
C ILE D 77 33.01 56.01 25.33
N PRO D 78 33.55 56.94 26.15
CA PRO D 78 33.25 58.37 25.94
C PRO D 78 33.78 58.87 24.62
N GLY D 79 32.87 59.21 23.71
CA GLY D 79 33.25 59.41 22.33
C GLY D 79 33.39 58.07 21.65
N LYS D 80 32.90 57.95 20.42
CA LYS D 80 32.89 56.69 19.67
C LYS D 80 31.91 55.70 20.28
N LEU D 81 31.12 55.03 19.43
CA LEU D 81 30.16 54.05 19.92
C LEU D 81 30.12 52.77 19.10
N LEU D 82 30.84 52.68 17.99
CA LEU D 82 30.91 51.48 17.14
C LEU D 82 29.58 51.23 16.44
N ALA D 83 28.58 50.73 17.16
CA ALA D 83 27.20 50.63 16.69
C ALA D 83 27.08 49.73 15.45
N HIS D 84 27.32 48.44 15.67
CA HIS D 84 27.12 47.44 14.64
C HIS D 84 25.71 47.51 14.07
N ALA D 85 25.59 47.07 12.82
CA ALA D 85 24.33 47.09 12.08
C ALA D 85 23.74 45.69 12.00
N ILE D 86 22.60 45.58 11.32
CA ILE D 86 21.83 44.35 11.30
C ILE D 86 21.56 43.84 9.89
N GLY D 87 20.76 44.57 9.12
CA GLY D 87 20.19 44.03 7.91
C GLY D 87 21.01 44.19 6.66
N VAL D 88 22.33 44.07 6.76
CA VAL D 88 23.19 44.28 5.60
C VAL D 88 24.09 43.09 5.34
N GLY D 89 24.87 42.68 6.35
CA GLY D 89 25.87 41.66 6.13
C GLY D 89 26.29 40.98 7.42
N THR D 90 27.38 40.23 7.36
CA THR D 90 27.79 39.45 8.51
C THR D 90 28.42 40.33 9.58
N PRO D 91 27.90 40.31 10.80
CA PRO D 91 28.60 40.94 11.92
C PRO D 91 29.41 39.91 12.70
N THR D 92 30.16 40.36 13.70
CA THR D 92 30.73 39.42 14.65
C THR D 92 29.59 38.74 15.40
N PRO D 93 29.76 37.48 15.81
CA PRO D 93 28.63 36.78 16.47
C PRO D 93 28.13 37.48 17.73
N GLY D 94 29.02 38.11 18.50
CA GLY D 94 28.63 38.66 19.78
C GLY D 94 28.06 40.07 19.76
N LEU D 95 26.80 40.21 19.35
CA LEU D 95 26.12 41.49 19.48
C LEU D 95 25.42 41.63 20.84
N PHE D 96 24.60 40.63 21.19
CA PHE D 96 23.68 40.61 22.33
C PHE D 96 22.72 41.80 22.30
N ILE D 97 21.61 41.69 23.02
CA ILE D 97 20.60 42.74 23.06
C ILE D 97 20.10 42.89 24.49
N GLN D 98 19.92 44.13 24.90
CA GLN D 98 19.29 44.43 26.18
C GLN D 98 17.81 44.09 26.07
N ASN D 99 17.35 43.17 26.90
CA ASN D 99 15.94 42.81 26.89
C ASN D 99 15.09 44.00 27.32
N THR D 100 13.86 44.02 26.79
CA THR D 100 12.88 45.03 27.15
C THR D 100 11.51 44.38 27.16
N SER D 101 10.82 44.49 28.30
CA SER D 101 9.48 43.99 28.61
C SER D 101 9.47 42.48 28.87
N PRO D 102 9.06 41.59 27.95
CA PRO D 102 8.65 40.26 28.39
C PRO D 102 9.83 39.36 28.70
N VAL D 103 9.53 38.08 28.91
CA VAL D 103 10.56 37.07 29.08
C VAL D 103 10.64 36.22 27.81
N ASP D 104 11.77 36.31 27.12
CA ASP D 104 11.99 35.54 25.89
C ASP D 104 12.82 34.32 26.27
N LEU D 105 12.36 33.14 25.85
CA LEU D 105 12.91 31.93 26.43
C LEU D 105 14.21 31.50 25.76
N CYS D 106 14.12 30.99 24.53
CA CYS D 106 15.31 30.50 23.85
C CYS D 106 15.36 30.85 22.37
N ASN D 107 14.19 31.10 21.75
CA ASN D 107 14.15 31.19 20.30
C ASN D 107 13.19 32.23 19.73
N GLY D 108 12.52 33.02 20.56
CA GLY D 108 11.52 33.94 20.04
C GLY D 108 12.18 35.03 19.21
N ASP D 109 12.02 34.96 17.90
CA ASP D 109 12.60 35.95 17.02
C ASP D 109 11.93 37.30 17.24
N TYR D 110 12.58 38.37 16.80
CA TYR D 110 12.24 39.70 17.29
C TYR D 110 11.66 40.63 16.23
N ILE D 111 10.71 41.45 16.67
CA ILE D 111 10.16 42.57 15.92
C ILE D 111 10.28 43.83 16.77
N CYS D 112 10.51 44.95 16.10
CA CYS D 112 10.59 46.25 16.76
C CYS D 112 9.20 46.88 16.75
N LEU D 113 8.77 47.37 17.92
CA LEU D 113 7.43 47.94 18.04
C LEU D 113 7.47 49.36 18.57
N LEU D 114 6.30 49.98 18.66
CA LEU D 114 6.21 51.36 19.09
C LEU D 114 6.54 51.48 20.58
N PRO D 115 7.07 52.64 20.99
CA PRO D 115 7.38 52.86 22.41
C PRO D 115 6.16 52.76 23.32
N PRO D 116 5.01 53.36 22.98
CA PRO D 116 3.94 53.46 23.99
C PRO D 116 3.37 52.10 24.36
N VAL D 117 3.46 51.77 25.66
CA VAL D 117 3.09 50.49 26.25
C VAL D 117 3.62 50.53 27.69
N PHE D 118 4.48 49.59 28.08
CA PHE D 118 5.13 49.68 29.39
C PHE D 118 5.82 51.02 29.56
N GLY D 119 5.55 51.65 30.69
CA GLY D 119 6.27 52.85 31.06
C GLY D 119 7.60 52.54 31.71
N SER D 120 8.52 53.48 31.62
CA SER D 120 8.29 54.72 30.87
C SER D 120 8.73 54.55 29.42
N ALA D 121 8.83 55.68 28.71
CA ALA D 121 9.33 55.65 27.35
C ALA D 121 10.81 55.33 27.24
N ASP D 122 11.52 55.31 28.37
CA ASP D 122 12.98 55.12 28.38
C ASP D 122 13.67 56.12 27.48
N SER D 123 13.25 57.39 27.58
CA SER D 123 13.70 58.40 26.63
C SER D 123 15.16 58.77 26.83
N ILE D 124 15.60 58.85 28.09
CA ILE D 124 16.93 59.35 28.40
C ILE D 124 17.06 60.74 27.81
N ARG D 125 16.47 61.74 28.46
CA ARG D 125 16.38 63.08 27.91
C ARG D 125 17.71 63.80 28.06
N LEU D 126 18.24 64.30 26.95
CA LEU D 126 19.53 64.97 26.92
C LEU D 126 19.32 66.45 27.19
N ASP D 127 19.68 66.89 28.39
CA ASP D 127 19.55 68.30 28.72
C ASP D 127 20.76 69.11 28.26
N SER D 128 21.92 68.47 28.14
CA SER D 128 23.11 69.18 27.68
C SER D 128 22.97 69.64 26.25
N VAL D 129 22.38 68.79 25.39
CA VAL D 129 22.23 69.11 23.98
C VAL D 129 20.78 69.39 23.57
N GLY D 130 19.83 69.16 24.47
CA GLY D 130 18.43 69.38 24.14
C GLY D 130 17.86 68.42 23.12
N LEU D 131 18.22 67.14 23.21
CA LEU D 131 17.62 66.10 22.38
C LEU D 131 17.10 64.96 23.25
N GLU D 132 16.51 63.97 22.58
CA GLU D 132 15.85 62.86 23.25
C GLU D 132 15.87 61.66 22.31
N ILE D 133 16.11 60.48 22.86
CA ILE D 133 16.24 59.26 22.07
C ILE D 133 15.14 58.30 22.47
N VAL D 134 14.43 57.77 21.49
CA VAL D 134 13.35 56.82 21.74
C VAL D 134 13.77 55.46 21.21
N PHE D 135 13.77 54.46 22.10
CA PHE D 135 14.17 53.12 21.73
C PHE D 135 12.94 52.28 21.46
N PRO D 136 12.82 51.67 20.28
CA PRO D 136 11.62 50.87 19.97
C PRO D 136 11.50 49.68 20.91
N LEU D 137 10.26 49.26 21.15
CA LEU D 137 10.02 48.11 21.99
C LEU D 137 10.51 46.84 21.32
N THR D 138 10.98 45.90 22.12
CA THR D 138 11.61 44.68 21.65
C THR D 138 10.64 43.52 21.91
N ILE D 139 10.21 42.83 20.84
CA ILE D 139 9.16 41.83 21.01
C ILE D 139 9.51 40.49 20.37
N PRO D 140 9.35 39.38 21.09
CA PRO D 140 9.54 38.06 20.48
C PRO D 140 8.33 37.63 19.65
N GLN D 141 8.52 36.56 18.90
CA GLN D 141 7.44 35.94 18.14
C GLN D 141 6.35 35.40 19.05
N THR D 142 5.29 34.89 18.41
CA THR D 142 4.13 34.30 19.08
C THR D 142 3.40 35.34 19.90
N LEU D 143 3.89 36.58 19.86
CA LEU D 143 3.34 37.66 20.66
C LEU D 143 2.74 38.77 19.82
N MET D 144 2.99 38.77 18.52
CA MET D 144 2.45 39.81 17.66
C MET D 144 0.96 39.59 17.46
N ARG D 145 0.30 40.61 16.90
CA ARG D 145 -1.09 40.49 16.45
C ARG D 145 -2.02 40.30 17.64
N GLU D 146 -1.45 40.13 18.83
CA GLU D 146 -2.22 40.07 20.07
C GLU D 146 -1.83 41.15 21.06
N ILE D 147 -0.54 41.35 21.32
CA ILE D 147 -0.13 42.54 22.03
C ILE D 147 -0.36 43.75 21.15
N ILE D 148 -0.15 43.58 19.85
CA ILE D 148 -0.51 44.62 18.89
C ILE D 148 -2.02 44.82 18.89
N ALA D 149 -2.77 43.72 18.88
CA ALA D 149 -4.22 43.83 18.98
C ALA D 149 -4.64 44.49 20.27
N LYS D 150 -3.92 44.22 21.35
CA LYS D 150 -4.17 44.89 22.61
C LYS D 150 -3.80 46.37 22.45
N VAL D 151 -3.86 47.15 23.54
CA VAL D 151 -3.77 48.59 23.39
C VAL D 151 -5.03 48.95 22.61
N VAL D 152 -4.87 49.23 21.31
CA VAL D 152 -5.96 49.60 20.41
C VAL D 152 -7.27 48.87 20.70
N ALA D 153 -7.21 47.57 21.03
CA ALA D 153 -8.44 46.88 21.43
C ALA D 153 -9.10 47.58 22.63
N ARG D 154 -8.30 48.07 23.56
CA ARG D 154 -8.87 48.83 24.68
C ARG D 154 -9.35 50.20 24.24
N ALA D 155 -8.64 50.81 23.28
CA ALA D 155 -8.97 52.17 22.86
C ALA D 155 -10.34 52.26 22.20
N VAL D 156 -10.75 51.25 21.43
CA VAL D 156 -12.04 51.34 20.77
C VAL D 156 -13.18 51.27 21.77
N GLU D 157 -13.04 50.47 22.83
CA GLU D 157 -14.04 50.49 23.88
C GLU D 157 -14.00 51.80 24.66
N ASP D 158 -12.82 52.36 24.89
CA ASP D 158 -12.74 53.68 25.50
C ASP D 158 -13.36 54.75 24.61
N LEU D 159 -13.47 54.50 23.31
CA LEU D 159 -14.09 55.44 22.39
C LEU D 159 -15.56 55.63 22.72
N ASN D 160 -16.26 54.55 23.07
CA ASN D 160 -17.68 54.59 23.40
C ASN D 160 -17.88 53.98 24.77
N PRO D 161 -17.56 54.72 25.83
CA PRO D 161 -17.73 54.18 27.18
C PRO D 161 -19.21 54.00 27.52
N ASP D 162 -19.48 52.95 28.28
CA ASP D 162 -20.84 52.59 28.65
C ASP D 162 -21.12 52.97 30.10
N PRO D 163 -15.16 44.94 31.94
CA PRO D 163 -14.40 43.79 31.46
C PRO D 163 -12.90 43.93 31.69
N ASP D 164 -12.28 42.93 32.33
CA ASP D 164 -10.86 42.96 32.66
C ASP D 164 -10.07 42.42 31.47
N LEU D 165 -9.78 43.31 30.52
CA LEU D 165 -9.02 42.92 29.34
C LEU D 165 -7.53 43.25 29.44
N ASN D 166 -7.16 44.22 30.28
CA ASN D 166 -5.78 44.68 30.30
C ASN D 166 -4.83 43.66 30.92
N VAL D 167 -5.36 42.60 31.53
CA VAL D 167 -4.51 41.54 32.05
C VAL D 167 -4.16 40.56 30.94
N LEU D 168 -2.90 40.13 30.91
CA LEU D 168 -2.48 39.05 30.02
C LEU D 168 -1.76 37.99 30.84
N TYR D 169 -1.65 36.79 30.27
CA TYR D 169 -0.99 35.67 30.96
C TYR D 169 0.02 35.04 30.01
N TYR D 170 1.30 35.29 30.25
CA TYR D 170 2.39 34.71 29.49
C TYR D 170 3.45 34.23 30.48
N ASN D 171 4.18 33.19 30.09
CA ASN D 171 5.16 32.55 30.98
C ASN D 171 4.41 32.04 32.21
N GLY D 172 5.01 32.14 33.39
CA GLY D 172 4.39 31.63 34.59
C GLY D 172 3.66 32.66 35.43
N ALA D 173 3.86 33.94 35.11
CA ALA D 173 3.27 35.02 35.87
C ALA D 173 2.44 35.92 34.97
N ARG D 174 1.32 36.41 35.51
CA ARG D 174 0.44 37.31 34.76
C ARG D 174 1.12 38.65 34.53
N LEU D 175 1.04 39.15 33.30
CA LEU D 175 1.63 40.42 32.92
C LEU D 175 0.53 41.48 32.85
N SER D 176 0.75 42.58 33.58
CA SER D 176 -0.15 43.72 33.57
C SER D 176 0.26 44.68 32.46
N LEU D 177 -0.66 45.53 32.06
CA LEU D 177 -0.40 46.41 30.92
C LEU D 177 -0.69 47.88 31.21
N VAL D 178 -1.75 48.17 31.95
CA VAL D 178 -2.07 49.56 32.28
C VAL D 178 -1.08 50.07 33.31
N ALA D 179 -0.61 51.31 33.11
CA ALA D 179 0.35 51.94 34.00
C ALA D 179 -0.33 52.72 35.12
N ASP D 180 -1.51 52.28 35.55
CA ASP D 180 -2.30 52.93 36.60
C ASP D 180 -2.59 54.38 36.13
N VAL D 181 -2.63 55.34 37.06
CA VAL D 181 -2.78 56.79 36.84
C VAL D 181 -3.99 57.08 35.95
N GLN D 182 -4.24 58.36 35.67
CA GLN D 182 -5.32 58.75 34.79
C GLN D 182 -4.88 58.94 33.34
N GLN D 183 -3.63 58.63 33.02
CA GLN D 183 -3.08 58.75 31.66
C GLN D 183 -3.55 57.63 30.74
N LEU D 184 -4.60 56.91 31.17
CA LEU D 184 -5.13 55.83 30.34
C LEU D 184 -5.62 56.36 28.99
N ALA D 185 -6.28 57.51 28.99
CA ALA D 185 -6.76 58.11 27.76
C ALA D 185 -5.66 58.93 27.09
N SER D 186 1.36 59.52 28.03
CA SER D 186 2.01 58.92 26.86
C SER D 186 1.02 58.14 26.02
N ASP D 187 -0.11 58.77 25.67
CA ASP D 187 -1.15 58.10 24.91
C ASP D 187 -1.91 59.07 24.01
N ALA D 188 -3.09 58.64 23.55
CA ALA D 188 -4.03 59.41 22.75
C ALA D 188 -3.56 59.57 21.31
N ALA D 189 -2.30 59.20 21.04
CA ALA D 189 -1.87 59.07 19.65
C ALA D 189 -2.39 57.78 19.05
N ILE D 190 -2.59 56.76 19.89
CA ILE D 190 -3.24 55.52 19.47
C ILE D 190 -4.62 55.78 18.89
N ARG D 191 -5.25 56.89 19.27
CA ARG D 191 -6.49 57.30 18.62
C ARG D 191 -6.32 57.36 17.12
N THR D 192 -5.23 57.97 16.65
CA THR D 192 -4.91 57.93 15.23
C THR D 192 -5.03 56.52 14.69
N LEU D 193 -4.43 55.55 15.40
CA LEU D 193 -4.52 54.16 15.00
C LEU D 193 -5.97 53.72 14.84
N VAL D 194 -6.81 53.94 15.85
CA VAL D 194 -8.16 53.40 15.73
C VAL D 194 -8.86 54.05 14.54
N LEU D 195 -8.46 55.28 14.21
CA LEU D 195 -9.06 55.97 13.08
C LEU D 195 -8.80 55.23 11.77
N ASN D 196 -7.60 54.68 11.57
CA ASN D 196 -7.43 53.86 10.39
C ASN D 196 -7.63 52.38 10.70
N LEU D 197 -7.99 52.04 11.93
CA LEU D 197 -8.41 50.67 12.21
C LEU D 197 -9.73 50.37 11.52
N MET D 198 -10.70 51.26 11.68
CA MET D 198 -11.94 51.24 10.92
C MET D 198 -12.17 52.64 10.36
N PHE D 199 -12.34 52.75 9.05
CA PHE D 199 -12.22 51.64 8.10
C PHE D 199 -10.77 51.19 7.99
N SER D 200 -10.48 49.96 7.53
CA SER D 200 -11.36 49.05 6.77
C SER D 200 -12.66 48.58 7.42
N ILE D 201 -12.63 48.31 8.72
CA ILE D 201 -13.79 47.74 9.40
C ILE D 201 -14.93 48.75 9.37
N ASN D 202 -16.16 48.27 9.57
CA ASN D 202 -17.35 49.11 9.62
C ASN D 202 -17.63 49.78 8.28
N GLU D 203 -17.28 51.06 8.16
CA GLU D 203 -17.68 51.82 6.97
C GLU D 203 -17.00 51.28 5.72
N GLY D 204 -15.72 50.91 5.80
CA GLY D 204 -15.05 50.33 4.65
C GLY D 204 -15.49 48.92 4.37
N CYS D 205 -16.15 48.29 5.34
CA CYS D 205 -16.70 46.95 5.17
C CYS D 205 -18.15 46.97 4.71
N LEU D 206 -18.66 48.13 4.32
CA LEU D 206 -19.98 48.21 3.72
C LEU D 206 -20.00 47.45 2.40
N LEU D 207 -20.94 46.52 2.27
CA LEU D 207 -21.00 45.65 1.12
C LEU D 207 -22.44 45.44 0.67
N ILE D 208 -22.84 46.22 -0.35
CA ILE D 208 -24.06 45.92 -1.10
C ILE D 208 -23.68 45.89 -2.58
N LEU D 209 -23.26 44.72 -3.05
CA LEU D 209 -22.60 44.61 -4.34
C LEU D 209 -22.31 43.15 -4.66
N ALA D 210 -21.57 42.88 -5.74
CA ALA D 210 -21.06 41.55 -6.00
C ALA D 210 -20.54 40.92 -4.71
N LEU D 211 -21.09 39.76 -4.35
CA LEU D 211 -21.99 39.04 -5.24
C LEU D 211 -23.43 39.01 -4.77
N ILE D 212 -23.67 39.26 -3.48
CA ILE D 212 -24.94 38.90 -2.86
C ILE D 212 -26.09 39.78 -3.36
N PRO D 213 -26.15 41.09 -3.01
CA PRO D 213 -27.39 41.84 -3.31
C PRO D 213 -27.49 42.51 -4.68
N ARG D 214 -26.37 42.90 -5.31
CA ARG D 214 -26.45 43.80 -6.46
C ARG D 214 -26.07 43.14 -7.79
N LEU D 215 -24.86 42.60 -7.87
CA LEU D 215 -24.38 42.11 -9.15
C LEU D 215 -24.94 40.72 -9.43
N LEU D 216 -24.39 40.07 -10.45
CA LEU D 216 -24.70 38.72 -10.91
C LEU D 216 -26.03 38.66 -11.65
N ALA D 217 -26.76 39.76 -11.75
CA ALA D 217 -27.99 39.81 -12.54
C ALA D 217 -27.72 40.06 -14.01
N LEU D 218 -26.47 40.27 -14.40
CA LEU D 218 -26.12 40.54 -15.79
C LEU D 218 -24.98 39.62 -16.25
N GLY D 219 -21.77 32.64 -13.28
CA GLY D 219 -20.88 31.58 -13.70
C GLY D 219 -20.48 30.66 -12.57
N TYR D 220 -19.35 29.97 -12.74
CA TYR D 220 -18.87 29.07 -11.70
C TYR D 220 -18.49 29.83 -10.44
N VAL D 221 -17.86 31.00 -10.60
CA VAL D 221 -17.46 31.80 -9.44
C VAL D 221 -18.68 32.23 -8.64
N ASN D 222 -19.77 32.56 -9.34
CA ASN D 222 -21.00 32.97 -8.67
C ASN D 222 -21.51 31.88 -7.72
N ALA D 223 -21.66 30.66 -8.25
CA ALA D 223 -22.14 29.56 -7.43
C ALA D 223 -21.16 29.22 -6.31
N LEU D 224 -19.87 29.21 -6.61
CA LEU D 224 -18.87 28.88 -5.60
C LEU D 224 -18.92 29.87 -4.45
N LEU D 225 -19.02 31.17 -4.76
CA LEU D 225 -19.11 32.18 -3.72
C LEU D 225 -20.41 32.05 -2.93
N GLN D 226 -21.53 31.83 -3.63
CA GLN D 226 -22.81 31.68 -2.94
C GLN D 226 -22.86 30.42 -2.08
N MET D 227 -21.98 29.45 -2.32
CA MET D 227 -21.96 28.21 -1.56
C MET D 227 -21.00 28.27 -0.37
N GLN D 228 -19.73 28.59 -0.63
CA GLN D 228 -18.72 28.48 0.41
C GLN D 228 -18.97 29.42 1.59
N SER D 229 -19.82 30.43 1.42
CA SER D 229 -20.15 31.39 2.48
C SER D 229 -21.50 31.10 3.11
N VAL D 230 -21.83 29.81 3.29
CA VAL D 230 -23.14 29.44 3.82
C VAL D 230 -23.31 29.99 5.23
N THR D 231 -24.48 30.57 5.50
CA THR D 231 -24.84 31.13 6.80
C THR D 231 -23.90 32.25 7.24
N ARG D 232 -23.19 32.87 6.30
CA ARG D 232 -22.28 33.96 6.64
C ARG D 232 -22.52 35.17 5.76
N GLU D 233 -22.89 34.95 4.50
CA GLU D 233 -22.97 36.05 3.53
C GLU D 233 -24.28 36.83 3.66
N ALA D 234 -25.41 36.15 3.46
CA ALA D 234 -26.68 36.87 3.44
C ALA D 234 -27.12 37.29 4.82
N ALA D 235 -26.92 36.44 5.83
CA ALA D 235 -27.39 36.75 7.18
C ALA D 235 -26.71 38.00 7.74
N GLN D 236 -25.38 38.06 7.61
CA GLN D 236 -24.65 39.20 8.15
C GLN D 236 -24.93 40.48 7.35
N LEU D 237 -25.09 40.34 6.03
CA LEU D 237 -25.42 41.51 5.20
C LEU D 237 -26.80 42.06 5.53
N ILE D 238 -27.76 41.18 5.84
CA ILE D 238 -29.08 41.64 6.27
C ILE D 238 -29.00 42.28 7.65
N HIS D 239 -28.30 41.63 8.58
CA HIS D 239 -28.17 42.19 9.94
C HIS D 239 -27.44 43.52 9.93
N PRO D 240 -26.30 43.68 9.26
CA PRO D 240 -25.68 45.00 9.19
C PRO D 240 -26.57 46.05 8.54
N GLU D 241 -27.40 45.64 7.58
CA GLU D 241 -28.37 46.56 6.98
C GLU D 241 -29.45 47.00 7.96
N ALA D 242 -29.58 46.32 9.11
CA ALA D 242 -30.53 46.79 10.12
C ALA D 242 -30.05 48.05 10.80
N PRO D 243 -28.91 48.05 11.50
CA PRO D 243 -28.44 49.25 12.21
C PRO D 243 -27.63 50.20 11.33
N MET D 244 -28.07 50.40 10.10
CA MET D 244 -27.42 51.26 9.13
C MET D 244 -28.33 51.32 7.89
N LEU D 245 -27.94 52.12 6.91
CA LEU D 245 -28.69 52.22 5.68
C LEU D 245 -28.13 51.22 4.66
N MET D 246 -28.76 51.16 3.49
CA MET D 246 -28.31 50.26 2.44
C MET D 246 -26.96 50.72 1.90
N ARG D 247 -25.73 52.30 -9.00
CA ARG D 247 -24.68 53.18 -8.51
C ARG D 247 -23.31 52.51 -8.59
N ARG D 248 -23.03 51.85 -9.72
CA ARG D 248 -21.74 51.20 -9.88
C ARG D 248 -20.61 52.20 -10.06
N LEU D 249 -20.88 53.31 -10.76
CA LEU D 249 -19.84 54.32 -10.97
C LEU D 249 -19.33 54.95 -9.68
N PRO D 250 -20.18 55.45 -8.76
CA PRO D 250 -19.63 56.18 -7.60
C PRO D 250 -18.93 55.29 -6.58
N ILE D 251 -18.77 53.99 -6.85
CA ILE D 251 -18.21 53.09 -5.86
C ILE D 251 -16.91 52.44 -6.34
N TYR D 252 -16.38 52.87 -7.48
CA TYR D 252 -15.25 52.23 -8.14
C TYR D 252 -14.17 53.23 -8.57
N GLU D 253 -13.64 54.12 -7.72
CA GLU D 253 -13.91 54.43 -6.30
C GLU D 253 -13.90 53.28 -5.28
N THR D 254 -14.87 53.34 -4.35
CA THR D 254 -14.75 52.82 -2.99
C THR D 254 -13.99 51.52 -2.83
N ILE D 255 -14.09 50.59 -3.78
CA ILE D 255 -13.26 49.39 -3.69
C ILE D 255 -11.80 49.75 -3.87
N SER D 256 -11.51 50.72 -4.74
CA SER D 256 -10.22 51.38 -4.73
C SER D 256 -10.14 52.32 -3.53
N SER D 257 -8.92 52.77 -3.22
CA SER D 257 -8.57 53.53 -2.02
C SER D 257 -8.77 52.71 -0.76
N TRP D 258 -9.22 51.46 -0.88
CA TRP D 258 -9.37 50.54 0.23
C TRP D 258 -8.31 49.45 0.20
N ILE D 259 -7.24 49.67 -0.56
CA ILE D 259 -6.45 48.57 -1.09
C ILE D 259 -4.94 48.64 -0.87
N SER D 260 -4.29 49.75 -0.45
CA SER D 260 -4.67 51.11 -0.01
C SER D 260 -5.47 51.13 1.28
N THR D 261 -5.72 49.95 1.83
CA THR D 261 -6.22 49.77 3.19
C THR D 261 -6.15 48.28 3.51
N SER D 262 -5.73 47.94 4.73
CA SER D 262 -5.57 46.57 5.20
C SER D 262 -4.49 45.82 4.43
N SER D 263 -3.86 46.45 3.44
CA SER D 263 -2.73 45.87 2.73
C SER D 263 -1.47 46.71 2.90
N ARG D 264 -1.56 48.01 2.70
CA ARG D 264 -0.53 48.92 3.21
C ARG D 264 -0.36 48.72 4.70
N LEU D 265 -1.48 48.78 5.43
CA LEU D 265 -1.42 48.61 6.88
C LEU D 265 -0.95 47.21 7.25
N GLY D 266 -1.47 46.19 6.54
CA GLY D 266 -1.03 44.83 6.80
C GLY D 266 0.47 44.67 6.59
N ASP D 267 1.02 45.35 5.59
CA ASP D 267 2.46 45.38 5.45
C ASP D 267 3.13 46.07 6.64
N THR D 268 2.57 47.19 7.07
CA THR D 268 3.13 47.89 8.22
C THR D 268 2.92 47.09 9.50
N LEU D 269 1.75 46.47 9.65
CA LEU D 269 1.34 45.85 10.89
C LEU D 269 1.66 44.36 10.84
N GLY D 270 2.67 43.94 11.60
CA GLY D 270 3.11 42.57 11.56
C GLY D 270 4.21 42.39 10.53
N THR D 271 5.44 42.18 10.99
CA THR D 271 6.58 42.13 10.09
C THR D 271 7.22 40.75 10.17
N ARG D 272 8.11 40.49 9.21
CA ARG D 272 8.76 39.19 9.13
C ARG D 272 9.90 39.05 10.15
N ALA D 273 10.01 39.97 11.10
CA ALA D 273 10.88 39.81 12.26
C ALA D 273 12.35 39.79 11.88
N ILE D 274 13.22 39.71 12.88
CA ILE D 274 14.65 39.64 12.65
C ILE D 274 15.30 39.05 13.89
N LEU D 275 16.50 38.49 13.71
CA LEU D 275 17.35 38.02 14.81
C LEU D 275 16.77 36.80 15.52
N ARG D 276 17.58 36.19 16.38
CA ARG D 276 17.23 34.95 17.05
C ARG D 276 17.81 34.98 18.46
N VAL D 277 17.37 34.03 19.28
CA VAL D 277 17.68 34.03 20.70
C VAL D 277 18.67 32.90 20.97
N CYS D 278 19.46 32.56 19.96
CA CYS D 278 20.45 31.49 20.11
C CYS D 278 21.35 31.76 21.30
N VAL D 279 21.31 30.86 22.28
CA VAL D 279 22.03 31.01 23.52
C VAL D 279 22.87 29.77 23.75
N PHE D 280 24.10 29.97 24.24
CA PHE D 280 25.03 28.87 24.48
C PHE D 280 25.40 28.87 25.94
N ASP D 281 24.93 27.85 26.67
CA ASP D 281 25.23 27.70 28.10
C ASP D 281 24.83 28.94 28.89
N GLY D 282 23.72 29.55 28.53
CA GLY D 282 23.23 30.73 29.19
C GLY D 282 22.14 30.41 30.18
N PRO D 283 21.44 31.44 30.67
CA PRO D 283 20.33 31.20 31.61
C PRO D 283 19.15 30.46 30.99
N SER D 284 19.11 30.33 29.66
CA SER D 284 17.99 29.79 28.90
C SER D 284 16.72 30.61 29.07
N THR D 285 16.81 31.76 29.72
CA THR D 285 15.69 32.67 29.89
C THR D 285 16.24 34.04 30.23
N VAL D 286 15.61 35.09 29.71
CA VAL D 286 16.06 36.45 29.91
C VAL D 286 14.93 37.28 30.50
N HIS D 287 15.22 37.95 31.59
CA HIS D 287 14.27 38.89 32.17
C HIS D 287 14.41 40.24 31.49
N PRO D 288 13.40 41.10 31.61
CA PRO D 288 13.58 42.49 31.19
C PRO D 288 14.74 43.12 31.96
N GLY D 289 15.48 43.98 31.28
CA GLY D 289 16.65 44.56 31.90
C GLY D 289 17.83 43.62 31.99
N ASP D 290 17.84 42.55 31.20
CA ASP D 290 18.95 41.62 31.14
C ASP D 290 19.42 41.48 29.70
N ARG D 291 20.73 41.59 29.49
CA ARG D 291 21.30 41.37 28.17
C ARG D 291 21.28 39.88 27.83
N THR D 292 21.28 39.60 26.53
CA THR D 292 21.31 38.21 26.07
C THR D 292 21.86 38.18 24.65
N ALA D 293 22.67 37.16 24.37
CA ALA D 293 23.30 37.02 23.06
C ALA D 293 22.25 36.70 22.00
N VAL D 294 22.49 37.23 20.80
CA VAL D 294 21.57 37.04 19.68
C VAL D 294 22.39 36.71 18.44
N ILE D 295 21.72 36.10 17.45
CA ILE D 295 22.35 35.76 16.19
C ILE D 295 21.39 36.12 15.06
N GLN D 296 21.95 36.64 13.96
CA GLN D 296 21.17 37.11 12.83
C GLN D 296 20.43 35.97 12.15
N VAL D 297 19.11 36.08 12.07
CA VAL D 297 18.30 35.28 11.14
C VAL D 297 17.26 36.19 10.51
N UNK E 1 -11.87 -15.67 84.60
CA UNK E 1 -12.16 -14.30 85.00
C UNK E 1 -11.37 -13.92 86.24
N UNK E 2 -11.55 -14.71 87.31
CA UNK E 2 -10.79 -14.53 88.53
C UNK E 2 -9.53 -15.37 88.58
N UNK E 3 -9.58 -16.61 88.12
CA UNK E 3 -8.40 -17.44 87.92
C UNK E 3 -8.13 -17.68 86.44
N UNK E 4 -9.19 -17.82 85.64
CA UNK E 4 -9.03 -18.08 84.21
C UNK E 4 -8.36 -16.90 83.51
N UNK E 5 -8.80 -15.68 83.80
CA UNK E 5 -8.16 -14.50 83.23
C UNK E 5 -6.72 -14.37 83.71
N UNK E 6 -6.48 -14.61 85.01
CA UNK E 6 -5.13 -14.55 85.53
C UNK E 6 -4.24 -15.60 84.87
N UNK E 7 -4.77 -16.81 84.70
CA UNK E 7 -4.02 -17.85 84.01
C UNK E 7 -3.74 -17.45 82.56
N UNK E 8 -4.71 -16.85 81.89
CA UNK E 8 -4.51 -16.43 80.51
C UNK E 8 -3.42 -15.37 80.41
N UNK E 9 -3.42 -14.40 81.33
CA UNK E 9 -2.38 -13.38 81.32
C UNK E 9 -1.01 -13.99 81.62
N UNK E 10 -0.95 -14.90 82.59
CA UNK E 10 0.32 -15.53 82.94
C UNK E 10 0.84 -16.44 81.84
N UNK E 11 -0.05 -17.03 81.03
CA UNK E 11 0.38 -17.87 79.92
C UNK E 11 0.92 -17.03 78.77
N UNK E 12 0.28 -15.89 78.50
CA UNK E 12 0.73 -14.97 77.46
C UNK E 12 1.69 -13.93 78.01
N UNK E 13 2.13 -14.11 79.26
CA UNK E 13 3.09 -13.20 79.86
C UNK E 13 4.42 -13.24 79.12
N UNK E 14 4.87 -14.42 78.74
CA UNK E 14 6.12 -14.60 78.00
C UNK E 14 5.79 -15.40 76.73
N UNK E 15 5.41 -14.71 75.67
CA UNK E 15 5.31 -13.25 75.67
C UNK E 15 3.98 -12.78 75.09
N UNK E 16 3.77 -11.46 75.05
CA UNK E 16 2.55 -10.88 74.49
C UNK E 16 2.82 -10.06 73.24
N UNK E 17 3.70 -9.06 73.33
CA UNK E 17 4.17 -8.28 72.18
C UNK E 17 3.06 -7.47 71.53
N UNK E 18 2.16 -8.13 70.80
CA UNK E 18 1.14 -7.42 70.05
C UNK E 18 0.15 -6.74 70.99
N UNK E 19 -0.53 -5.72 70.45
CA UNK E 19 -1.54 -5.00 71.23
C UNK E 19 -2.79 -5.84 71.47
N UNK E 20 -2.91 -6.98 70.80
CA UNK E 20 -4.10 -7.82 70.98
C UNK E 20 -4.19 -8.34 72.41
N UNK E 21 -3.07 -8.37 73.13
CA UNK E 21 -3.09 -8.85 74.51
C UNK E 21 -3.99 -7.99 75.38
N UNK E 22 -3.89 -6.65 75.24
CA UNK E 22 -4.69 -5.76 76.07
C UNK E 22 -6.18 -5.92 75.77
N UNK E 23 -6.56 -5.92 74.50
CA UNK E 23 -7.96 -6.04 74.14
C UNK E 23 -8.52 -7.40 74.56
N UNK E 24 -7.75 -8.47 74.36
CA UNK E 24 -8.20 -9.80 74.77
C UNK E 24 -8.37 -9.88 76.28
N UNK E 25 -7.44 -9.28 77.03
CA UNK E 25 -7.57 -9.26 78.48
C UNK E 25 -8.80 -8.48 78.90
N UNK E 26 -9.07 -7.35 78.26
CA UNK E 26 -10.26 -6.57 78.60
C UNK E 26 -11.54 -7.34 78.32
N UNK E 27 -11.62 -7.98 77.15
CA UNK E 27 -12.81 -8.74 76.80
C UNK E 27 -13.01 -9.92 77.74
N UNK E 28 -11.94 -10.61 78.10
CA UNK E 28 -12.05 -11.73 79.03
C UNK E 28 -12.46 -11.25 80.42
N UNK E 29 -11.85 -10.16 80.90
CA UNK E 29 -12.16 -9.62 82.20
C UNK E 29 -13.58 -9.07 82.28
N UNK E 30 -14.16 -8.71 81.15
CA UNK E 30 -15.59 -8.39 81.15
C UNK E 30 -16.39 -9.58 81.66
N UNK E 31 -16.21 -10.74 81.06
CA UNK E 31 -16.89 -11.97 81.44
C UNK E 31 -18.40 -11.74 81.56
N UNK E 32 -18.99 -11.29 80.44
CA UNK E 32 -20.37 -10.85 80.32
C UNK E 32 -20.65 -9.58 81.12
N UNK E 33 -19.66 -9.08 81.86
CA UNK E 33 -19.70 -7.79 82.55
C UNK E 33 -21.01 -7.49 83.27
N UNK E 34 -21.39 -6.21 83.27
CA UNK E 34 -22.53 -5.60 83.95
C UNK E 34 -22.25 -4.11 84.19
N UNK E 35 -21.11 -3.72 84.78
CA UNK E 35 -20.08 -4.58 85.36
C UNK E 35 -19.87 -4.19 86.82
N UNK E 36 -20.76 -4.68 87.67
CA UNK E 36 -20.95 -4.17 89.02
C UNK E 36 -21.99 -5.08 89.69
N UNK E 37 -22.04 -5.14 91.03
CA UNK E 37 -21.46 -4.35 92.14
C UNK E 37 -22.11 -2.96 92.28
N UNK E 38 -23.03 -2.66 91.36
CA UNK E 38 -23.83 -1.44 91.33
C UNK E 38 -22.99 -0.18 91.13
N UNK E 39 -21.67 -0.32 91.19
CA UNK E 39 -20.78 0.82 90.99
C UNK E 39 -19.63 0.50 90.05
N UNK E 40 -19.12 -0.73 90.12
CA UNK E 40 -17.84 -1.11 89.53
C UNK E 40 -17.81 -0.98 88.01
N UNK E 41 -18.97 -0.88 87.35
CA UNK E 41 -18.96 -0.61 85.91
C UNK E 41 -18.25 0.71 85.60
N UNK E 42 -18.45 1.71 86.47
CA UNK E 42 -17.73 2.96 86.32
C UNK E 42 -16.23 2.76 86.44
N UNK E 43 -15.80 1.84 87.30
CA UNK E 43 -14.37 1.60 87.49
C UNK E 43 -13.74 1.02 86.23
N UNK E 44 -14.33 -0.03 85.66
CA UNK E 44 -13.79 -0.60 84.43
C UNK E 44 -13.89 0.37 83.27
N UNK E 45 -15.00 1.10 83.17
CA UNK E 45 -15.15 2.08 82.10
C UNK E 45 -14.10 3.18 82.22
N UNK E 46 -13.83 3.66 83.44
CA UNK E 46 -12.84 4.70 83.63
C UNK E 46 -11.43 4.17 83.40
N UNK E 47 -11.18 2.91 83.74
CA UNK E 47 -9.89 2.31 83.42
C UNK E 47 -9.67 2.26 81.92
N UNK E 48 -10.69 1.83 81.17
CA UNK E 48 -10.59 1.80 79.72
C UNK E 48 -10.40 3.21 79.17
N UNK E 49 -11.14 4.19 79.70
CA UNK E 49 -11.00 5.57 79.23
C UNK E 49 -9.62 6.13 79.52
N UNK E 50 -9.06 5.84 80.70
CA UNK E 50 -7.73 6.32 81.03
C UNK E 50 -6.67 5.66 80.15
N UNK E 51 -6.81 4.36 79.87
CA UNK E 51 -5.89 3.71 78.95
C UNK E 51 -5.98 4.33 77.55
N UNK E 52 -7.20 4.60 77.10
CA UNK E 52 -7.39 5.22 75.79
C UNK E 52 -6.79 6.62 75.76
N UNK E 53 -6.95 7.38 76.84
CA UNK E 53 -6.38 8.74 76.88
C UNK E 53 -4.86 8.71 76.89
N UNK E 54 -4.27 7.79 77.66
CA UNK E 54 -2.82 7.64 77.65
C UNK E 54 -2.33 7.25 76.27
N UNK E 55 -3.02 6.31 75.62
CA UNK E 55 -2.65 5.92 74.27
C UNK E 55 -2.78 7.08 73.30
N UNK E 56 -3.84 7.89 73.44
CA UNK E 56 -4.05 9.02 72.55
C UNK E 56 -2.95 10.06 72.73
N UNK E 57 -2.58 10.34 73.97
CA UNK E 57 -1.47 11.26 74.21
C UNK E 57 -0.17 10.71 73.63
N UNK E 58 0.11 9.43 73.88
CA UNK E 58 1.35 8.83 73.39
C UNK E 58 1.41 8.88 71.87
N UNK E 59 0.31 8.55 71.20
CA UNK E 59 0.26 8.63 69.75
C UNK E 59 0.43 10.07 69.29
N UNK E 60 -0.52 10.94 69.63
CA UNK E 60 -0.53 12.31 69.15
C UNK E 60 0.69 13.11 69.59
N UNK E 61 1.57 12.49 70.38
CA UNK E 61 2.86 13.13 70.67
C UNK E 61 4.02 12.43 69.95
N UNK E 62 4.26 11.15 70.23
CA UNK E 62 5.41 10.48 69.65
C UNK E 62 5.24 10.27 68.16
N UNK E 63 4.09 9.75 67.73
CA UNK E 63 3.87 9.54 66.30
C UNK E 63 3.81 10.87 65.55
N UNK E 64 3.23 11.90 66.18
CA UNK E 64 3.19 13.20 65.53
C UNK E 64 4.59 13.74 65.31
N UNK E 65 5.44 13.68 66.34
CA UNK E 65 6.81 14.14 66.18
C UNK E 65 7.58 13.29 65.18
N UNK E 66 7.35 11.97 65.20
CA UNK E 66 8.04 11.09 64.26
C UNK E 66 7.67 11.42 62.83
N UNK E 67 6.38 11.62 62.57
CA UNK E 67 5.93 11.97 61.23
C UNK E 67 6.50 13.32 60.81
N UNK E 68 6.50 14.30 61.71
CA UNK E 68 7.02 15.62 61.36
C UNK E 68 8.52 15.55 61.03
N UNK E 69 9.29 14.87 61.87
CA UNK E 69 10.73 14.77 61.63
C UNK E 69 11.03 13.99 60.38
N UNK E 70 10.31 12.87 60.16
CA UNK E 70 10.53 12.08 58.96
C UNK E 70 10.20 12.87 57.72
N UNK E 71 9.10 13.64 57.75
CA UNK E 71 8.75 14.46 56.61
C UNK E 71 9.78 15.55 56.35
N UNK E 72 10.25 16.21 57.41
CA UNK E 72 11.24 17.26 57.21
C UNK E 72 12.54 16.70 56.63
N UNK E 73 13.01 15.57 57.18
CA UNK E 73 14.22 14.94 56.66
C UNK E 73 14.02 14.46 55.24
N UNK E 74 12.83 13.92 54.93
CA UNK E 74 12.56 13.43 53.58
C UNK E 74 12.55 14.58 52.58
N UNK E 75 11.93 15.70 52.93
CA UNK E 75 11.93 16.85 52.04
C UNK E 75 13.34 17.37 51.83
N UNK E 76 14.13 17.45 52.89
CA UNK E 76 15.51 17.90 52.75
C UNK E 76 16.31 16.96 51.86
N UNK E 77 16.15 15.65 52.06
CA UNK E 77 16.87 14.67 51.27
C UNK E 77 16.43 14.73 49.81
N UNK E 78 15.13 14.90 49.56
CA UNK E 78 14.65 15.00 48.18
C UNK E 78 15.20 16.24 47.50
N UNK E 79 15.23 17.37 48.21
CA UNK E 79 15.80 18.59 47.62
C UNK E 79 17.28 18.40 47.32
N UNK E 80 18.03 17.83 48.25
CA UNK E 80 19.45 17.60 48.02
C UNK E 80 19.68 16.64 46.85
N UNK E 81 18.86 15.58 46.76
CA UNK E 81 19.01 14.60 45.70
C UNK E 81 18.70 15.22 44.34
N UNK E 82 17.64 16.03 44.26
CA UNK E 82 17.33 16.70 43.01
C UNK E 82 18.44 17.65 42.62
N UNK E 83 18.98 18.40 43.59
CA UNK E 83 20.10 19.29 43.29
C UNK E 83 21.30 18.52 42.78
N UNK E 84 21.58 17.37 43.39
CA UNK E 84 22.73 16.56 42.97
C UNK E 84 22.52 16.00 41.56
N UNK E 85 21.33 15.44 41.29
CA UNK E 85 21.09 14.83 40.00
C UNK E 85 21.06 15.87 38.89
N UNK E 86 20.46 17.03 39.15
CA UNK E 86 20.39 18.06 38.12
C UNK E 86 21.78 18.59 37.77
N UNK E 87 22.59 18.87 38.78
CA UNK E 87 23.94 19.38 38.56
C UNK E 87 24.91 18.24 38.26
N UNK F 1 -21.21 15.70 75.68
CA UNK F 1 -20.97 15.81 77.12
C UNK F 1 -20.23 14.58 77.62
N UNK F 2 -20.85 13.41 77.45
CA UNK F 2 -20.23 12.14 77.82
C UNK F 2 -19.49 11.49 76.66
N UNK F 3 -20.10 11.42 75.48
CA UNK F 3 -19.42 11.02 74.26
C UNK F 3 -19.18 12.19 73.33
N UNK F 4 -20.11 13.16 73.32
CA UNK F 4 -19.97 14.32 72.44
C UNK F 4 -18.77 15.17 72.83
N UNK F 5 -18.60 15.41 74.13
CA UNK F 5 -17.41 16.14 74.58
C UNK F 5 -16.14 15.37 74.33
N UNK F 6 -16.16 14.06 74.55
CA UNK F 6 -14.99 13.23 74.27
C UNK F 6 -14.65 13.27 72.78
N UNK F 7 -15.67 13.17 71.94
CA UNK F 7 -15.46 13.25 70.49
C UNK F 7 -14.90 14.61 70.11
N UNK F 8 -15.42 15.68 70.73
CA UNK F 8 -14.93 17.02 70.42
C UNK F 8 -13.46 17.17 70.79
N UNK F 9 -13.08 16.66 71.96
CA UNK F 9 -11.67 16.72 72.37
C UNK F 9 -10.80 15.88 71.44
N UNK F 10 -11.27 14.70 71.06
CA UNK F 10 -10.49 13.85 70.17
C UNK F 10 -10.37 14.42 68.76
N UNK F 11 -11.35 15.20 68.32
CA UNK F 11 -11.29 15.82 67.01
C UNK F 11 -10.29 16.97 66.99
N UNK F 12 -10.26 17.77 68.07
CA UNK F 12 -9.32 18.87 68.19
C UNK F 12 -8.05 18.43 68.90
N UNK F 13 -7.89 17.11 69.09
CA UNK F 13 -6.68 16.59 69.72
C UNK F 13 -5.45 16.86 68.86
N UNK F 14 -5.58 16.70 67.54
CA UNK F 14 -4.50 16.98 66.60
C UNK F 14 -5.03 17.94 65.55
N UNK F 15 -4.93 19.25 65.83
CA UNK F 15 -4.31 19.74 67.06
C UNK F 15 -5.20 20.79 67.73
N UNK F 16 -4.77 21.29 68.89
CA UNK F 16 -5.51 22.30 69.63
C UNK F 16 -4.76 23.63 69.70
N UNK F 17 -3.53 23.63 70.20
CA UNK F 17 -2.64 24.79 70.19
C UNK F 17 -3.16 25.95 71.04
N UNK F 18 -4.18 26.65 70.55
CA UNK F 18 -4.65 27.85 71.21
C UNK F 18 -5.29 27.51 72.55
N UNK F 19 -5.39 28.53 73.41
CA UNK F 19 -6.02 28.36 74.71
C UNK F 19 -7.53 28.20 74.60
N UNK F 20 -8.09 28.44 73.41
CA UNK F 20 -9.54 28.32 73.24
C UNK F 20 -10.00 26.89 73.47
N UNK F 21 -9.10 25.92 73.31
CA UNK F 21 -9.47 24.53 73.51
C UNK F 21 -9.94 24.29 74.94
N UNK F 22 -9.21 24.84 75.92
CA UNK F 22 -9.56 24.60 77.31
C UNK F 22 -10.90 25.23 77.67
N UNK F 23 -11.12 26.48 77.27
CA UNK F 23 -12.38 27.15 77.58
C UNK F 23 -13.55 26.47 76.87
N UNK F 24 -13.36 26.09 75.61
CA UNK F 24 -14.42 25.39 74.88
C UNK F 24 -14.75 24.05 75.52
N UNK F 25 -13.72 23.32 75.96
CA UNK F 25 -13.96 22.05 76.64
C UNK F 25 -14.71 22.27 77.94
N UNK F 26 -14.35 23.32 78.70
CA UNK F 26 -15.04 23.60 79.95
C UNK F 26 -16.51 23.94 79.71
N UNK F 27 -16.77 24.81 78.72
CA UNK F 27 -18.15 25.19 78.43
C UNK F 27 -18.97 24.00 77.96
N UNK F 28 -18.39 23.16 77.11
CA UNK F 28 -19.11 21.97 76.63
C UNK F 28 -19.36 20.99 77.77
N UNK F 29 -18.34 20.76 78.62
CA UNK F 29 -18.48 19.84 79.74
C UNK F 29 -19.47 20.34 80.77
N UNK F 30 -19.72 21.65 80.83
CA UNK F 30 -20.81 22.14 81.66
C UNK F 30 -22.13 21.50 81.24
N UNK F 31 -22.47 21.61 79.96
CA UNK F 31 -23.69 21.04 79.41
C UNK F 31 -24.90 21.41 80.26
N UNK F 32 -25.10 22.72 80.38
CA UNK F 32 -26.09 23.36 81.26
C UNK F 32 -25.79 23.16 82.74
N UNK F 33 -24.74 22.39 83.05
CA UNK F 33 -24.22 22.22 84.41
C UNK F 33 -25.29 22.00 85.47
N UNK F 34 -25.01 22.53 86.67
CA UNK F 34 -25.77 22.41 87.91
C UNK F 34 -24.84 22.60 89.12
N UNK F 35 -23.71 21.89 89.21
CA UNK F 35 -23.28 20.80 88.33
C UNK F 35 -23.05 19.55 89.18
N UNK F 36 -24.13 18.85 89.47
CA UNK F 36 -24.18 17.84 90.51
C UNK F 36 -25.58 17.23 90.46
N UNK F 37 -25.79 16.00 90.98
CA UNK F 37 -25.01 15.10 91.87
C UNK F 37 -24.94 15.60 93.31
N UNK F 38 -25.52 16.78 93.55
CA UNK F 38 -25.67 17.42 94.84
C UNK F 38 -24.32 17.78 95.47
N UNK F 39 -23.22 17.33 94.87
CA UNK F 39 -21.88 17.63 95.37
C UNK F 39 -20.93 18.08 94.27
N UNK F 40 -21.07 17.48 93.08
CA UNK F 40 -20.07 17.56 92.03
C UNK F 40 -19.85 18.97 91.49
N UNK F 41 -20.74 19.92 91.78
CA UNK F 41 -20.48 21.30 91.39
C UNK F 41 -19.21 21.81 92.05
N UNK F 42 -18.98 21.43 93.31
CA UNK F 42 -17.73 21.79 93.98
C UNK F 42 -16.53 21.18 93.27
N UNK F 43 -16.68 19.99 92.69
CA UNK F 43 -15.57 19.35 92.00
C UNK F 43 -15.16 20.13 90.75
N UNK F 44 -16.13 20.46 89.90
CA UNK F 44 -15.83 21.24 88.70
C UNK F 44 -15.32 22.64 89.05
N UNK F 45 -15.94 23.27 90.05
CA UNK F 45 -15.50 24.59 90.47
C UNK F 45 -14.08 24.55 90.99
N UNK F 46 -13.73 23.53 91.78
CA UNK F 46 -12.37 23.42 92.31
C UNK F 46 -11.38 23.08 91.22
N UNK F 47 -11.79 22.29 90.23
CA UNK F 47 -10.92 22.02 89.10
C UNK F 47 -10.62 23.30 88.33
N UNK F 48 -11.64 24.12 88.08
CA UNK F 48 -11.43 25.39 87.42
C UNK F 48 -10.54 26.30 88.24
N UNK F 49 -10.76 26.35 89.56
CA UNK F 49 -9.95 27.19 90.44
C UNK F 49 -8.50 26.73 90.47
N UNK F 50 -8.26 25.41 90.50
CA UNK F 50 -6.90 24.90 90.50
C UNK F 50 -6.20 25.19 89.19
N UNK F 51 -6.92 25.05 88.06
CA UNK F 51 -6.34 25.42 86.78
C UNK F 51 -5.99 26.90 86.73
N UNK F 52 -6.89 27.75 87.25
CA UNK F 52 -6.62 29.18 87.28
C UNK F 52 -5.43 29.50 88.17
N UNK F 53 -5.30 28.82 89.31
CA UNK F 53 -4.18 29.06 90.20
C UNK F 53 -2.86 28.63 89.58
N UNK F 54 -2.85 27.47 88.90
CA UNK F 54 -1.66 27.03 88.19
C UNK F 54 -1.28 28.02 87.10
N UNK F 55 -2.28 28.50 86.36
CA UNK F 55 -2.02 29.50 85.32
C UNK F 55 -1.49 30.78 85.92
N UNK F 56 -2.04 31.21 87.06
CA UNK F 56 -1.59 32.43 87.70
C UNK F 56 -0.15 32.31 88.18
N UNK F 57 0.20 31.17 88.77
CA UNK F 57 1.58 30.95 89.18
C UNK F 57 2.50 30.95 87.97
N UNK F 58 2.12 30.22 86.91
CA UNK F 58 2.95 30.14 85.72
C UNK F 58 3.16 31.52 85.11
N UNK F 59 2.11 32.33 85.01
CA UNK F 59 2.23 33.67 84.50
C UNK F 59 3.12 34.51 85.41
N UNK F 60 2.68 34.74 86.64
CA UNK F 60 3.37 35.64 87.55
C UNK F 60 4.77 35.16 87.90
N UNK F 61 5.17 34.00 87.37
CA UNK F 61 6.57 33.59 87.50
C UNK F 61 7.31 33.69 86.17
N UNK F 62 6.88 32.96 85.15
CA UNK F 62 7.62 32.93 83.89
C UNK F 62 7.52 34.27 83.16
N UNK F 63 6.31 34.80 83.02
CA UNK F 63 6.15 36.08 82.34
C UNK F 63 6.82 37.20 83.13
N UNK F 64 6.73 37.15 84.46
CA UNK F 64 7.38 38.17 85.28
C UNK F 64 8.88 38.16 85.06
N UNK F 65 9.50 36.97 85.10
CA UNK F 65 10.94 36.89 84.87
C UNK F 65 11.29 37.30 83.44
N UNK F 66 10.47 36.90 82.47
CA UNK F 66 10.73 37.26 81.08
C UNK F 66 10.70 38.76 80.89
N UNK F 67 9.70 39.43 81.46
CA UNK F 67 9.62 40.88 81.36
C UNK F 67 10.80 41.54 82.05
N UNK F 68 11.17 41.05 83.24
CA UNK F 68 12.29 41.65 83.95
C UNK F 68 13.58 41.51 83.16
N UNK F 69 13.87 40.31 82.64
CA UNK F 69 15.09 40.10 81.88
C UNK F 69 15.09 40.90 80.59
N UNK F 70 13.95 40.93 79.89
CA UNK F 70 13.87 41.70 78.65
C UNK F 70 14.08 43.18 78.92
N UNK F 71 13.50 43.70 80.00
CA UNK F 71 13.68 45.10 80.34
C UNK F 71 15.13 45.40 80.70
N UNK F 72 15.77 44.53 81.49
CA UNK F 72 17.16 44.76 81.86
C UNK F 72 18.06 44.76 80.63
N UNK F 73 17.89 43.76 79.76
CA UNK F 73 18.68 43.70 78.54
C UNK F 73 18.41 44.90 77.63
N UNK F 74 17.15 45.32 77.54
CA UNK F 74 16.80 46.46 76.71
C UNK F 74 17.43 47.74 77.23
N UNK F 75 17.40 47.95 78.54
CA UNK F 75 18.04 49.13 79.12
C UNK F 75 19.54 49.11 78.88
N UNK F 76 20.17 47.95 79.06
CA UNK F 76 21.60 47.84 78.81
C UNK F 76 21.92 48.13 77.34
N UNK F 77 21.13 47.56 76.42
CA UNK F 77 21.36 47.78 75.01
C UNK F 77 21.15 49.24 74.63
N UNK F 78 20.12 49.88 75.20
CA UNK F 78 19.88 51.28 74.91
C UNK F 78 21.02 52.15 75.40
N UNK F 79 21.52 51.87 76.61
CA UNK F 79 22.65 52.63 77.14
C UNK F 79 23.89 52.46 76.26
N UNK F 80 24.18 51.21 75.87
CA UNK F 80 25.34 50.97 75.02
C UNK F 80 25.18 51.65 73.66
N UNK F 81 23.98 51.59 73.09
CA UNK F 81 23.74 52.21 71.79
C UNK F 81 23.88 53.72 71.85
N UNK F 82 23.34 54.35 72.90
CA UNK F 82 23.50 55.79 73.05
C UNK F 82 24.97 56.15 73.23
N UNK F 83 25.70 55.37 74.02
CA UNK F 83 27.13 55.63 74.18
C UNK F 83 27.86 55.52 72.85
N UNK F 84 27.51 54.51 72.05
CA UNK F 84 28.16 54.35 70.75
C UNK F 84 27.83 55.48 69.80
N UNK F 85 26.55 55.90 69.76
CA UNK F 85 26.14 56.93 68.82
C UNK F 85 26.73 58.29 69.20
N UNK F 86 26.72 58.62 70.49
CA UNK F 86 27.26 59.91 70.91
C UNK F 86 28.76 59.99 70.66
N UNK F 87 29.49 58.93 70.98
CA UNK F 87 30.94 58.91 70.80
C UNK F 87 31.29 58.66 69.33
N UNK G 1 -13.76 36.50 101.29
CA UNK G 1 -13.58 35.17 101.86
C UNK G 1 -13.57 34.12 100.77
N UNK G 2 -14.67 34.04 100.01
CA UNK G 2 -14.78 33.15 98.87
C UNK G 2 -14.34 33.80 97.56
N UNK G 3 -14.76 35.04 97.32
CA UNK G 3 -14.25 35.83 96.21
C UNK G 3 -13.40 36.99 96.70
N UNK G 4 -13.73 37.57 97.86
CA UNK G 4 -12.97 38.68 98.39
C UNK G 4 -11.55 38.26 98.76
N UNK G 5 -11.41 37.12 99.41
CA UNK G 5 -10.07 36.62 99.72
C UNK G 5 -9.30 36.25 98.46
N UNK G 6 -9.98 35.64 97.49
CA UNK G 6 -9.33 35.32 96.22
C UNK G 6 -8.88 36.58 95.51
N UNK G 7 -9.73 37.60 95.50
CA UNK G 7 -9.36 38.88 94.89
C UNK G 7 -8.18 39.50 95.63
N UNK G 8 -8.17 39.41 96.96
CA UNK G 8 -7.07 39.97 97.73
C UNK G 8 -5.76 39.27 97.41
N UNK G 9 -5.78 37.95 97.31
CA UNK G 9 -4.58 37.21 96.96
C UNK G 9 -4.13 37.53 95.55
N UNK G 10 -5.06 37.64 94.61
CA UNK G 10 -4.71 37.96 93.22
C UNK G 10 -4.20 39.39 93.07
N UNK G 11 -4.63 40.30 93.94
CA UNK G 11 -4.16 41.68 93.88
C UNK G 11 -2.73 41.80 94.39
N UNK G 12 -2.40 41.08 95.46
CA UNK G 12 -1.05 41.06 96.00
C UNK G 12 -0.25 39.91 95.42
N UNK G 13 -0.76 39.28 94.36
CA UNK G 13 -0.04 38.20 93.70
C UNK G 13 1.25 38.71 93.07
N UNK G 14 1.20 39.90 92.45
CA UNK G 14 2.38 40.54 91.86
C UNK G 14 2.47 41.95 92.42
N UNK G 15 3.15 42.10 93.56
CA UNK G 15 3.81 40.98 94.24
C UNK G 15 3.46 40.95 95.72
N UNK G 16 3.96 39.93 96.43
CA UNK G 16 3.71 39.79 97.86
C UNK G 16 4.99 39.94 98.68
N UNK G 17 6.02 39.13 98.39
CA UNK G 17 7.35 39.25 98.98
C UNK G 17 7.36 39.01 100.49
N UNK G 18 6.86 39.96 101.26
CA UNK G 18 6.96 39.88 102.71
C UNK G 18 6.08 38.76 103.25
N UNK G 19 6.42 38.30 104.45
CA UNK G 19 5.64 37.25 105.09
C UNK G 19 4.27 37.74 105.56
N UNK G 20 4.03 39.05 105.52
CA UNK G 20 2.75 39.59 105.93
C UNK G 20 1.62 39.08 105.04
N UNK G 21 1.95 38.68 103.81
CA UNK G 21 0.94 38.16 102.90
C UNK G 21 0.28 36.92 103.47
N UNK G 22 1.07 35.99 104.01
CA UNK G 22 0.51 34.74 104.53
C UNK G 22 -0.38 35.00 105.73
N UNK G 23 0.08 35.82 106.68
CA UNK G 23 -0.73 36.10 107.87
C UNK G 23 -2.00 36.85 107.51
N UNK G 24 -1.91 37.82 106.60
CA UNK G 24 -3.09 38.55 106.18
C UNK G 24 -4.09 37.63 105.48
N UNK G 25 -3.58 36.73 104.62
CA UNK G 25 -4.46 35.78 103.97
C UNK G 25 -5.14 34.86 104.97
N UNK G 26 -4.40 34.40 105.99
CA UNK G 26 -4.99 33.55 107.01
C UNK G 26 -6.08 34.28 107.79
N UNK G 27 -5.80 35.52 108.20
CA UNK G 27 -6.77 36.29 108.96
C UNK G 27 -8.02 36.56 108.14
N UNK G 28 -7.84 36.91 106.86
CA UNK G 28 -8.99 37.14 105.99
C UNK G 28 -9.79 35.87 105.76
N UNK G 29 -9.09 34.75 105.52
CA UNK G 29 -9.77 33.48 105.28
C UNK G 29 -10.49 32.98 106.52
N UNK G 30 -10.08 33.42 107.71
CA UNK G 30 -10.87 33.13 108.89
C UNK G 30 -12.29 33.65 108.74
N UNK G 31 -12.43 34.93 108.42
CA UNK G 31 -13.72 35.59 108.21
C UNK G 31 -14.68 35.27 109.36
N UNK G 32 -14.24 35.63 110.56
CA UNK G 32 -14.88 35.32 111.85
C UNK G 32 -14.85 33.83 112.17
N UNK G 33 -14.34 33.00 111.25
CA UNK G 33 -14.08 31.58 111.48
C UNK G 33 -15.19 30.83 112.19
N UNK G 34 -14.78 29.85 113.01
CA UNK G 34 -15.59 28.89 113.75
C UNK G 34 -14.78 27.63 114.03
N UNK G 35 -14.13 27.00 113.03
CA UNK G 35 -14.22 27.31 111.61
C UNK G 35 -14.71 26.09 110.86
N UNK G 36 -16.02 25.90 110.87
CA UNK G 36 -16.65 24.64 110.51
C UNK G 36 -18.17 24.89 110.58
N UNK G 37 -19.00 24.08 109.88
CA UNK G 37 -18.85 22.79 109.18
C UNK G 37 -18.67 21.61 110.15
N UNK G 38 -18.60 21.92 111.44
CA UNK G 38 -18.53 20.98 112.55
C UNK G 38 -17.24 20.15 112.53
N UNK G 39 -16.47 20.25 111.46
CA UNK G 39 -15.20 19.53 111.35
C UNK G 39 -14.06 20.41 110.85
N UNK G 40 -14.38 21.33 109.94
CA UNK G 40 -13.38 22.05 109.16
C UNK G 40 -12.45 22.91 110.00
N UNK G 41 -12.80 23.22 111.25
CA UNK G 41 -11.86 23.93 112.11
C UNK G 41 -10.57 23.13 112.29
N UNK G 42 -10.69 21.80 112.36
CA UNK G 42 -9.50 20.96 112.42
C UNK G 42 -8.66 21.10 111.15
N UNK G 43 -9.30 21.27 110.00
CA UNK G 43 -8.57 21.40 108.75
C UNK G 43 -7.72 22.68 108.73
N UNK G 44 -8.34 23.82 109.05
CA UNK G 44 -7.58 25.08 109.08
C UNK G 44 -6.52 25.08 110.17
N UNK G 45 -6.85 24.53 111.34
CA UNK G 45 -5.87 24.45 112.42
C UNK G 45 -4.69 23.57 112.03
N UNK G 46 -4.95 22.44 111.37
CA UNK G 46 -3.86 21.56 110.95
C UNK G 46 -3.05 22.17 109.82
N UNK G 47 -3.70 22.94 108.94
CA UNK G 47 -2.96 23.66 107.91
C UNK G 47 -2.01 24.68 108.54
N UNK G 48 -2.50 25.44 109.52
CA UNK G 48 -1.65 26.39 110.21
C UNK G 48 -0.51 25.68 110.94
N UNK G 49 -0.82 24.55 111.60
CA UNK G 49 0.22 23.81 112.31
C UNK G 49 1.27 23.24 111.36
N UNK G 50 0.84 22.73 110.21
CA UNK G 50 1.79 22.21 109.23
C UNK G 50 2.66 23.32 108.66
N UNK G 51 2.07 24.49 108.38
CA UNK G 51 2.87 25.62 107.92
C UNK G 51 3.88 26.03 108.98
N UNK G 52 3.45 26.07 110.25
CA UNK G 52 4.37 26.43 111.33
C UNK G 52 5.48 25.39 111.47
N UNK G 53 5.16 24.12 111.32
CA UNK G 53 6.18 23.07 111.43
C UNK G 53 7.18 23.15 110.29
N UNK G 54 6.70 23.39 109.07
CA UNK G 54 7.60 23.57 107.94
C UNK G 54 8.49 24.78 108.14
N UNK G 55 7.91 25.88 108.64
CA UNK G 55 8.71 27.07 108.92
C UNK G 55 9.74 26.80 110.01
N UNK G 56 9.36 26.05 111.04
CA UNK G 56 10.29 25.73 112.13
C UNK G 56 11.44 24.87 111.62
N UNK G 57 11.15 23.86 110.80
CA UNK G 57 12.21 23.06 110.21
C UNK G 57 13.12 23.90 109.33
N UNK G 58 12.53 24.73 108.47
CA UNK G 58 13.33 25.56 107.57
C UNK G 58 14.22 26.51 108.36
N UNK G 59 13.69 27.14 109.40
CA UNK G 59 14.50 28.01 110.26
C UNK G 59 15.60 27.22 110.93
N UNK G 60 15.22 26.28 111.81
CA UNK G 60 16.17 25.56 112.63
C UNK G 60 17.15 24.73 111.80
N UNK G 61 16.96 24.69 110.48
CA UNK G 61 17.97 24.10 109.62
C UNK G 61 18.80 25.16 108.88
N UNK G 62 18.17 26.00 108.06
CA UNK G 62 18.92 26.93 107.23
C UNK G 62 19.54 28.03 108.08
N UNK G 63 18.76 28.65 108.96
CA UNK G 63 19.31 29.73 109.79
C UNK G 63 20.36 29.18 110.76
N UNK G 64 20.12 27.98 111.29
CA UNK G 64 21.10 27.37 112.18
C UNK G 64 22.42 27.16 111.46
N UNK G 65 22.38 26.59 110.26
CA UNK G 65 23.60 26.37 109.50
C UNK G 65 24.25 27.70 109.11
N UNK G 66 23.44 28.70 108.75
CA UNK G 66 23.98 29.99 108.36
C UNK G 66 24.72 30.65 109.52
N UNK G 67 24.11 30.63 110.70
CA UNK G 67 24.77 31.19 111.88
C UNK G 67 26.03 30.43 112.23
N UNK G 68 25.98 29.09 112.15
CA UNK G 68 27.15 28.29 112.46
C UNK G 68 28.30 28.60 111.52
N UNK G 69 28.01 28.62 110.21
CA UNK G 69 29.06 28.90 109.23
C UNK G 69 29.58 30.31 109.37
N UNK G 70 28.70 31.29 109.58
CA UNK G 70 29.13 32.67 109.73
C UNK G 70 30.04 32.82 110.93
N UNK G 71 29.67 32.21 112.07
CA UNK G 71 30.52 32.27 113.24
C UNK G 71 31.85 31.55 113.01
N UNK G 72 31.81 30.39 112.38
CA UNK G 72 33.05 29.64 112.14
C UNK G 72 34.01 30.42 111.27
N UNK G 73 33.50 31.07 110.23
CA UNK G 73 34.35 31.89 109.38
C UNK G 73 34.80 33.15 110.12
N UNK G 74 33.92 33.74 110.92
CA UNK G 74 34.22 35.02 111.55
C UNK G 74 35.29 34.86 112.62
N UNK G 75 35.24 33.79 113.41
CA UNK G 75 36.26 33.56 114.42
C UNK G 75 37.64 33.38 113.77
N UNK G 76 37.70 32.60 112.69
CA UNK G 76 38.97 32.42 111.99
C UNK G 76 39.45 33.72 111.38
N UNK G 77 38.54 34.51 110.81
CA UNK G 77 38.93 35.80 110.23
C UNK G 77 39.47 36.73 111.30
N UNK G 78 38.81 36.77 112.47
CA UNK G 78 39.28 37.62 113.55
C UNK G 78 40.64 37.18 114.06
N UNK G 79 40.85 35.86 114.18
CA UNK G 79 42.14 35.36 114.62
C UNK G 79 43.24 35.72 113.63
N UNK G 80 42.97 35.53 112.33
CA UNK G 80 43.95 35.87 111.32
C UNK G 80 44.25 37.37 111.31
N UNK G 81 43.20 38.18 111.47
CA UNK G 81 43.39 39.63 111.48
C UNK G 81 44.22 40.08 112.68
N UNK G 82 43.94 39.52 113.86
CA UNK G 82 44.73 39.86 115.04
C UNK G 82 46.18 39.43 114.86
N UNK G 83 46.40 38.23 114.29
CA UNK G 83 47.75 37.77 114.04
C UNK G 83 48.47 38.71 113.07
N UNK G 84 47.78 39.16 112.03
CA UNK G 84 48.38 40.07 111.06
C UNK G 84 48.71 41.41 111.70
N UNK G 85 47.79 41.94 112.50
CA UNK G 85 48.00 43.26 113.09
C UNK G 85 49.13 43.24 114.12
N UNK G 86 49.16 42.21 114.97
CA UNK G 86 50.21 42.13 115.99
C UNK G 86 51.58 41.95 115.36
N UNK G 87 51.69 41.03 114.40
CA UNK G 87 52.97 40.75 113.75
C UNK G 87 53.29 41.83 112.73
N UNK H 1 -7.37 -11.14 117.00
CA UNK H 1 -6.20 -11.17 117.87
C UNK H 1 -5.87 -12.60 118.29
N UNK H 2 -5.51 -12.77 119.57
CA UNK H 2 -5.10 -14.06 120.10
C UNK H 2 -3.94 -14.65 119.30
N UNK H 3 -3.56 -15.88 119.60
CA UNK H 3 -2.50 -16.51 118.82
C UNK H 3 -2.95 -16.72 117.39
N UNK H 4 -3.90 -17.63 117.17
CA UNK H 4 -4.49 -17.81 115.86
C UNK H 4 -6.01 -18.04 115.88
N UNK H 5 -6.57 -18.53 116.99
CA UNK H 5 -7.98 -18.95 116.97
C UNK H 5 -8.92 -17.76 116.85
N UNK H 6 -8.70 -16.72 117.66
CA UNK H 6 -9.55 -15.54 117.64
C UNK H 6 -8.99 -14.46 116.71
N UNK H 7 -8.18 -14.85 115.72
CA UNK H 7 -7.52 -13.89 114.86
C UNK H 7 -8.50 -13.06 114.04
N UNK H 8 -9.18 -13.70 113.09
CA UNK H 8 -10.05 -12.99 112.17
C UNK H 8 -11.51 -13.41 112.27
N UNK H 9 -11.81 -14.70 112.06
CA UNK H 9 -13.19 -15.16 112.08
C UNK H 9 -13.22 -16.63 112.50
N UNK H 10 -13.48 -16.90 113.78
CA UNK H 10 -13.53 -15.98 114.94
C UNK H 10 -14.44 -14.75 114.83
N UNK H 11 -13.98 -13.65 115.44
CA UNK H 11 -14.65 -12.37 115.36
C UNK H 11 -13.76 -11.27 115.91
N UNK H 12 -14.04 -10.85 117.14
CA UNK H 12 -13.23 -9.85 117.83
C UNK H 12 -12.76 -10.26 119.23
N UNK H 13 -13.60 -10.91 120.06
CA UNK H 13 -15.01 -11.26 119.82
C UNK H 13 -15.95 -10.11 120.09
N UNK H 14 -15.81 -9.48 121.26
CA UNK H 14 -16.68 -8.38 121.64
C UNK H 14 -15.86 -7.14 121.98
N UNK H 15 -14.65 -7.35 122.49
CA UNK H 15 -13.72 -6.27 122.79
C UNK H 15 -12.40 -6.59 122.12
N UNK H 16 -11.73 -5.55 121.62
CA UNK H 16 -10.47 -5.76 120.90
C UNK H 16 -9.42 -6.44 121.80
N UNK H 17 -9.18 -5.94 123.02
CA UNK H 17 -9.68 -4.68 123.59
C UNK H 17 -8.51 -3.72 123.64
N UNK H 18 -7.45 -4.17 124.31
CA UNK H 18 -6.15 -3.52 124.24
C UNK H 18 -5.03 -4.47 123.83
N UNK H 19 -5.26 -5.78 123.85
CA UNK H 19 -4.24 -6.73 123.46
C UNK H 19 -3.82 -6.53 122.01
N UNK H 20 -4.75 -6.11 121.16
CA UNK H 20 -4.39 -5.78 119.78
C UNK H 20 -3.37 -4.65 119.75
N UNK H 21 -3.60 -3.60 120.53
CA UNK H 21 -2.61 -2.53 120.65
C UNK H 21 -1.46 -2.90 121.56
N UNK H 22 -1.71 -3.75 122.57
CA UNK H 22 -0.64 -4.16 123.47
C UNK H 22 0.43 -4.96 122.75
N UNK H 23 0.04 -5.75 121.74
CA UNK H 23 1.03 -6.47 120.95
C UNK H 23 1.95 -5.51 120.21
N UNK H 24 1.38 -4.47 119.61
CA UNK H 24 2.20 -3.48 118.93
C UNK H 24 3.11 -2.75 119.90
N UNK H 25 2.58 -2.41 121.08
CA UNK H 25 3.39 -1.76 122.10
C UNK H 25 4.54 -2.66 122.54
N UNK H 26 4.26 -3.96 122.72
CA UNK H 26 5.30 -4.91 123.11
C UNK H 26 6.36 -5.02 122.03
N UNK H 27 5.95 -5.07 120.76
CA UNK H 27 6.91 -5.14 119.67
C UNK H 27 7.78 -3.89 119.63
N UNK H 28 7.16 -2.71 119.80
CA UNK H 28 7.91 -1.47 119.79
C UNK H 28 8.91 -1.42 120.93
N UNK H 29 8.49 -1.83 122.13
CA UNK H 29 9.41 -1.86 123.27
C UNK H 29 10.54 -2.85 123.05
N UNK H 30 10.22 -4.01 122.47
CA UNK H 30 11.25 -5.00 122.18
C UNK H 30 12.29 -4.45 121.20
N UNK H 31 11.83 -3.76 120.15
CA UNK H 31 12.77 -3.17 119.20
C UNK H 31 13.59 -2.07 119.87
N UNK H 32 12.96 -1.22 120.67
CA UNK H 32 13.65 -0.10 121.28
C UNK H 32 14.71 -0.58 122.25
N UNK H 33 14.33 -1.46 123.18
CA UNK H 33 15.31 -2.00 124.13
C UNK H 33 16.31 -2.91 123.43
N UNK H 34 15.96 -3.42 122.25
CA UNK H 34 16.86 -4.30 121.53
C UNK H 34 18.13 -3.60 121.10
N UNK H 35 18.08 -2.27 120.92
CA UNK H 35 19.24 -1.44 120.62
C UNK H 35 19.78 -1.75 119.22
N UNK H 36 20.57 -0.89 118.56
CA UNK H 36 21.24 0.36 118.97
C UNK H 36 22.41 0.09 119.92
N UNK H 37 22.80 -1.18 120.00
CA UNK H 37 24.02 -1.60 120.68
C UNK H 37 24.90 -2.44 119.77
N UNK H 38 24.30 -3.33 118.97
CA UNK H 38 25.05 -4.03 117.95
C UNK H 38 25.67 -3.03 116.98
N UNK H 39 24.91 -2.00 116.59
CA UNK H 39 25.49 -0.88 115.87
C UNK H 39 26.53 -0.16 116.72
N UNK H 40 26.23 0.05 118.01
CA UNK H 40 27.17 0.74 118.89
C UNK H 40 28.43 -0.09 119.12
N UNK H 41 28.27 -1.39 119.36
CA UNK H 41 29.43 -2.26 119.51
C UNK H 41 30.22 -2.34 118.22
N UNK H 42 29.53 -2.35 117.08
CA UNK H 42 30.22 -2.31 115.80
C UNK H 42 31.01 -1.03 115.65
N UNK H 43 30.46 0.10 116.08
CA UNK H 43 31.18 1.37 116.01
C UNK H 43 32.41 1.34 116.90
N UNK H 44 32.27 0.80 118.10
CA UNK H 44 33.42 0.71 119.00
C UNK H 44 34.50 -0.20 118.43
N UNK H 45 34.10 -1.33 117.86
CA UNK H 45 35.07 -2.24 117.25
C UNK H 45 35.73 -1.60 116.05
N UNK H 46 34.98 -0.84 115.26
CA UNK H 46 35.55 -0.14 114.12
C UNK H 46 36.57 0.90 114.57
N UNK H 47 36.25 1.66 115.62
CA UNK H 47 37.20 2.64 116.13
C UNK H 47 38.46 1.96 116.65
N UNK H 48 38.30 0.84 117.37
CA UNK H 48 39.46 0.10 117.86
C UNK H 48 40.30 -0.43 116.70
N UNK H 49 39.64 -0.94 115.66
CA UNK H 49 40.34 -1.44 114.50
C UNK H 49 41.08 -0.32 113.78
N UNK H 50 40.47 0.85 113.69
CA UNK H 50 41.13 1.99 113.06
C UNK H 50 42.35 2.43 113.85
N UNK H 51 42.23 2.48 115.18
CA UNK H 51 43.38 2.85 116.00
C UNK H 51 44.50 1.81 115.87
N UNK H 52 44.15 0.53 115.89
CA UNK H 52 45.15 -0.51 115.73
C UNK H 52 45.80 -0.44 114.35
N UNK H 53 45.01 -0.16 113.32
CA UNK H 53 45.54 -0.04 111.96
C UNK H 53 46.48 1.16 111.85
N UNK H 54 46.12 2.27 112.50
CA UNK H 54 47.01 3.43 112.50
C UNK H 54 48.32 3.11 113.21
N UNK H 55 48.25 2.42 114.34
CA UNK H 55 49.46 2.02 115.04
C UNK H 55 50.31 1.09 114.19
N UNK H 56 49.66 0.13 113.51
CA UNK H 56 50.39 -0.80 112.65
C UNK H 56 51.02 -0.08 111.48
N UNK H 57 50.31 0.88 110.89
CA UNK H 57 50.87 1.64 109.77
C UNK H 57 52.05 2.48 110.21
N UNK H 58 51.95 3.09 111.40
CA UNK H 58 53.08 3.85 111.92
C UNK H 58 54.27 2.93 112.18
N UNK H 59 54.01 1.74 112.73
CA UNK H 59 55.09 0.78 112.96
C UNK H 59 55.73 0.35 111.65
N UNK H 60 54.92 0.09 110.63
CA UNK H 60 55.46 -0.31 109.32
C UNK H 60 56.27 0.82 108.70
N UNK H 61 55.80 2.07 108.84
CA UNK H 61 56.57 3.19 108.34
C UNK H 61 57.89 3.34 109.08
N UNK H 62 57.87 3.13 110.40
CA UNK H 62 59.11 3.18 111.17
C UNK H 62 60.07 2.07 110.74
N UNK H 63 59.54 0.87 110.48
CA UNK H 63 60.37 -0.23 110.01
C UNK H 63 60.95 0.08 108.64
N UNK H 64 60.16 0.66 107.74
CA UNK H 64 60.66 1.03 106.43
C UNK H 64 61.75 2.10 106.53
N UNK H 65 61.55 3.08 107.41
CA UNK H 65 62.58 4.10 107.63
C UNK H 65 63.85 3.49 108.20
N UNK H 66 63.72 2.56 109.14
CA UNK H 66 64.89 1.90 109.71
C UNK H 66 65.63 1.08 108.66
N UNK H 67 64.89 0.35 107.81
CA UNK H 67 65.51 -0.43 106.75
C UNK H 67 66.22 0.48 105.75
N UNK H 68 65.60 1.61 105.40
CA UNK H 68 66.23 2.56 104.49
C UNK H 68 67.49 3.16 105.11
N UNK H 69 67.44 3.50 106.40
CA UNK H 69 68.62 4.02 107.08
C UNK H 69 69.74 2.99 107.11
N UNK H 70 69.40 1.73 107.39
CA UNK H 70 70.40 0.67 107.41
C UNK H 70 71.02 0.47 106.03
N UNK H 71 70.20 0.51 104.98
CA UNK H 71 70.73 0.38 103.63
C UNK H 71 71.63 1.56 103.28
N UNK H 72 71.25 2.76 103.70
CA UNK H 72 72.09 3.93 103.45
C UNK H 72 73.43 3.82 104.18
N UNK H 73 73.41 3.33 105.42
CA UNK H 73 74.66 3.14 106.15
C UNK H 73 75.53 2.08 105.50
N UNK H 74 74.91 0.98 105.05
CA UNK H 74 75.68 -0.08 104.39
C UNK H 74 76.29 0.41 103.08
N UNK H 75 75.51 1.15 102.29
CA UNK H 75 76.03 1.68 101.03
C UNK H 75 77.17 2.65 101.25
N UNK H 76 77.02 3.53 102.25
CA UNK H 76 78.03 4.53 102.60
C UNK H 76 78.43 5.39 101.40
N UNK I 1 -18.33 -13.47 91.10
CA UNK I 1 -17.39 -14.58 90.95
C UNK I 1 -17.83 -15.51 89.83
N UNK I 2 -17.66 -16.82 90.06
CA UNK I 2 -17.95 -17.84 89.06
C UNK I 2 -17.18 -17.59 87.77
N UNK I 3 -17.46 -18.35 86.72
CA UNK I 3 -16.77 -18.12 85.46
C UNK I 3 -17.14 -16.75 84.89
N UNK I 4 -18.38 -16.59 84.46
CA UNK I 4 -18.89 -15.29 84.03
C UNK I 4 -20.30 -14.99 84.48
N UNK I 5 -21.12 -15.99 84.78
CA UNK I 5 -22.54 -15.75 85.02
C UNK I 5 -22.77 -15.02 86.33
N UNK I 6 -22.12 -15.45 87.41
CA UNK I 6 -22.27 -14.82 88.71
C UNK I 6 -21.19 -13.77 88.96
N UNK I 7 -20.58 -13.23 87.89
CA UNK I 7 -19.47 -12.31 88.04
C UNK I 7 -19.88 -11.02 88.74
N UNK I 8 -20.71 -10.21 88.09
CA UNK I 8 -21.05 -8.89 88.61
C UNK I 8 -22.54 -8.74 88.89
N UNK I 9 -23.40 -8.92 87.88
CA UNK I 9 -24.84 -8.72 88.07
C UNK I 9 -25.58 -9.59 87.06
N UNK I 10 -26.06 -10.77 87.49
CA UNK I 10 -25.78 -11.48 88.76
C UNK I 10 -26.00 -10.71 90.06
N UNK I 11 -25.13 -11.02 91.04
CA UNK I 11 -25.10 -10.31 92.31
C UNK I 11 -23.86 -10.69 93.08
N UNK I 12 -24.01 -11.57 94.07
CA UNK I 12 -22.89 -12.08 94.85
C UNK I 12 -22.82 -13.62 94.92
N UNK I 13 -23.93 -14.34 95.07
CA UNK I 13 -25.30 -13.85 95.27
C UNK I 13 -25.59 -13.47 96.71
N UNK I 14 -25.28 -14.37 97.64
CA UNK I 14 -25.53 -14.11 99.05
C UNK I 14 -24.26 -14.27 99.86
N UNK I 15 -23.38 -15.16 99.41
CA UNK I 15 -22.08 -15.36 100.02
C UNK I 15 -21.01 -15.23 98.95
N UNK I 16 -19.89 -14.60 99.30
CA UNK I 16 -18.83 -14.37 98.32
C UNK I 16 -18.30 -15.69 97.74
N UNK I 17 -17.96 -16.68 98.58
CA UNK I 17 -17.84 -16.62 100.03
C UNK I 17 -16.36 -16.70 100.37
N UNK I 18 -15.73 -17.75 99.87
CA UNK I 18 -14.28 -17.84 99.86
C UNK I 18 -13.71 -18.07 98.46
N UNK I 19 -14.53 -18.45 97.48
CA UNK I 19 -14.03 -18.68 96.13
C UNK I 19 -13.43 -17.42 95.53
N UNK I 20 -13.97 -16.26 95.91
CA UNK I 20 -13.37 -14.99 95.47
C UNK I 20 -11.94 -14.88 95.97
N UNK I 21 -11.69 -15.19 97.24
CA UNK I 21 -10.33 -15.21 97.76
C UNK I 21 -9.59 -16.48 97.38
N UNK I 22 -10.31 -17.60 97.21
CA UNK I 22 -9.65 -18.85 96.83
C UNK I 22 -9.04 -18.76 95.44
N UNK I 23 -9.66 -18.00 94.54
CA UNK I 23 -9.08 -17.81 93.21
C UNK I 23 -7.74 -17.09 93.30
N UNK I 24 -7.69 -16.03 94.12
CA UNK I 24 -6.44 -15.31 94.31
C UNK I 24 -5.39 -16.20 94.96
N UNK I 25 -5.79 -17.00 95.94
CA UNK I 25 -4.87 -17.92 96.57
C UNK I 25 -4.33 -18.95 95.58
N UNK I 26 -5.21 -19.47 94.72
CA UNK I 26 -4.80 -20.42 93.70
C UNK I 26 -3.83 -19.79 92.71
N UNK I 27 -4.10 -18.56 92.29
CA UNK I 27 -3.20 -17.88 91.38
C UNK I 27 -1.84 -17.65 92.02
N UNK I 28 -1.83 -17.23 93.29
CA UNK I 28 -0.57 -17.00 93.99
C UNK I 28 0.22 -18.30 94.13
N UNK I 29 -0.46 -19.40 94.48
CA UNK I 29 0.22 -20.68 94.60
C UNK I 29 0.75 -21.15 93.25
N UNK I 30 -0.02 -20.94 92.18
CA UNK I 30 0.44 -21.32 90.85
C UNK I 30 1.68 -20.54 90.45
N UNK I 31 1.70 -19.24 90.72
CA UNK I 31 2.88 -18.44 90.41
C UNK I 31 4.07 -18.88 91.26
N UNK I 32 3.85 -19.13 92.55
CA UNK I 32 4.95 -19.50 93.44
C UNK I 32 5.56 -20.83 93.04
N UNK I 33 4.72 -21.85 92.86
CA UNK I 33 5.24 -23.15 92.44
C UNK I 33 5.74 -23.11 91.00
N UNK I 34 5.30 -22.11 90.22
CA UNK I 34 5.74 -22.00 88.84
C UNK I 34 7.23 -21.71 88.75
N UNK I 35 7.81 -21.08 89.77
CA UNK I 35 9.25 -20.85 89.88
C UNK I 35 9.71 -19.85 88.82
N UNK I 36 10.88 -19.19 88.93
CA UNK I 36 12.03 -19.33 89.85
C UNK I 36 12.82 -20.60 89.55
N UNK I 37 12.55 -21.20 88.40
CA UNK I 37 13.33 -22.30 87.86
C UNK I 37 13.78 -22.03 86.43
N UNK I 38 12.90 -21.45 85.61
CA UNK I 38 13.31 -20.97 84.30
C UNK I 38 14.41 -19.92 84.45
N UNK I 39 14.26 -19.04 85.42
CA UNK I 39 15.35 -18.16 85.79
C UNK I 39 16.54 -18.96 86.33
N UNK I 40 16.27 -19.96 87.17
CA UNK I 40 17.35 -20.78 87.72
C UNK I 40 18.03 -21.61 86.63
N UNK I 41 17.24 -22.20 85.73
CA UNK I 41 17.82 -22.94 84.62
C UNK I 41 18.61 -22.01 83.71
N UNK I 42 18.11 -20.79 83.50
CA UNK I 42 18.85 -19.81 82.72
C UNK I 42 20.18 -19.48 83.39
N UNK I 43 20.17 -19.35 84.72
CA UNK I 43 21.41 -19.06 85.44
C UNK I 43 22.40 -20.20 85.30
N UNK I 44 21.91 -21.43 85.42
CA UNK I 44 22.80 -22.59 85.26
C UNK I 44 23.36 -22.65 83.85
N UNK I 45 22.53 -22.41 82.84
CA UNK I 45 23.00 -22.42 81.46
C UNK I 45 24.00 -21.30 81.22
N UNK I 46 23.78 -20.13 81.82
CA UNK I 46 24.71 -19.03 81.68
C UNK I 46 26.05 -19.38 82.32
N UNK I 47 26.03 -20.00 83.49
CA UNK I 47 27.27 -20.40 84.13
C UNK I 47 28.01 -21.44 83.29
N UNK I 48 27.28 -22.40 82.74
CA UNK I 48 27.90 -23.41 81.88
C UNK I 48 28.49 -22.76 80.63
N UNK I 49 27.76 -21.81 80.04
CA UNK I 49 28.26 -21.12 78.87
C UNK I 49 29.50 -20.32 79.19
N UNK I 50 29.53 -19.67 80.35
CA UNK I 50 30.72 -18.91 80.74
C UNK I 50 31.91 -19.83 80.96
N UNK I 51 31.70 -20.98 81.59
CA UNK I 51 32.80 -21.92 81.78
C UNK I 51 33.31 -22.46 80.45
N UNK I 52 32.38 -22.79 79.54
CA UNK I 52 32.79 -23.27 78.23
C UNK I 52 33.51 -22.19 77.45
N UNK I 53 33.05 -20.93 77.56
CA UNK I 53 33.70 -19.82 76.88
C UNK I 53 35.10 -19.59 77.43
N UNK I 54 35.26 -19.70 78.75
CA UNK I 54 36.58 -19.58 79.35
C UNK I 54 37.52 -20.68 78.86
N UNK I 55 37.01 -21.91 78.79
CA UNK I 55 37.82 -23.01 78.28
C UNK I 55 38.19 -22.78 76.82
N UNK I 56 37.24 -22.31 76.02
CA UNK I 56 37.52 -22.03 74.61
C UNK I 56 38.53 -20.91 74.44
N UNK I 57 38.40 -19.87 75.27
CA UNK I 57 39.35 -18.76 75.21
C UNK I 57 40.75 -19.21 75.60
N UNK I 58 40.84 -20.04 76.63
CA UNK I 58 42.14 -20.59 77.01
C UNK I 58 42.72 -21.45 75.91
N UNK I 59 41.88 -22.26 75.25
CA UNK I 59 42.34 -23.08 74.14
C UNK I 59 42.83 -22.21 72.98
N UNK I 60 42.10 -21.14 72.68
CA UNK I 60 42.50 -20.24 71.60
C UNK I 60 43.80 -19.54 71.94
N UNK I 61 43.97 -19.13 73.20
CA UNK I 61 45.22 -18.51 73.62
C UNK I 61 46.38 -19.49 73.51
N UNK I 62 46.14 -20.75 73.90
CA UNK I 62 47.17 -21.78 73.76
C UNK I 62 47.53 -22.01 72.30
N UNK I 63 46.52 -22.02 71.43
CA UNK I 63 46.77 -22.18 70.01
C UNK I 63 47.56 -21.01 69.45
N UNK I 64 47.23 -19.78 69.87
CA UNK I 64 47.97 -18.61 69.43
C UNK I 64 49.42 -18.67 69.91
N UNK I 65 49.64 -19.08 71.16
CA UNK I 65 50.99 -19.22 71.68
C UNK I 65 51.77 -20.29 70.92
N UNK I 66 51.11 -21.41 70.59
CA UNK I 66 51.77 -22.47 69.83
C UNK I 66 52.12 -21.99 68.43
N UNK I 67 51.21 -21.26 67.79
CA UNK I 67 51.50 -20.72 66.45
C UNK I 67 52.64 -19.72 66.49
N UNK I 68 52.67 -18.87 67.52
CA UNK I 68 53.77 -17.92 67.66
C UNK I 68 55.10 -18.63 67.90
N UNK I 69 55.08 -19.68 68.73
CA UNK I 69 56.29 -20.46 68.96
C UNK I 69 56.77 -21.14 67.69
N UNK I 70 55.84 -21.70 66.91
CA UNK I 70 56.20 -22.35 65.66
C UNK I 70 56.79 -21.34 64.67
N UNK I 71 56.20 -20.15 64.59
CA UNK I 71 56.74 -19.12 63.71
C UNK I 71 58.12 -18.68 64.17
N UNK I 72 58.33 -18.57 65.48
CA UNK I 72 59.65 -18.21 66.00
C UNK I 72 60.68 -19.28 65.67
N UNK I 73 60.31 -20.54 65.79
CA UNK I 73 61.22 -21.63 65.44
C UNK I 73 61.54 -21.64 63.95
N UNK I 74 60.52 -21.41 63.11
CA UNK I 74 60.74 -21.37 61.66
C UNK I 74 61.64 -20.21 61.27
N UNK I 75 61.39 -19.03 61.84
CA UNK I 75 62.21 -17.86 61.52
C UNK I 75 63.66 -18.06 61.98
N UNK I 76 63.84 -18.63 63.17
CA UNK I 76 65.16 -18.90 63.75
C UNK I 76 66.03 -17.63 63.80
N ALA J 1 26.76 28.68 2.56
CA ALA J 1 27.28 30.04 2.60
C ALA J 1 27.76 30.47 1.23
N MET J 2 27.28 29.77 0.20
CA MET J 2 27.68 30.04 -1.16
C MET J 2 26.52 30.54 -1.99
N PRO J 3 26.75 31.45 -2.93
CA PRO J 3 25.66 31.93 -3.79
C PRO J 3 25.15 30.80 -4.68
N PHE J 4 23.85 30.82 -4.93
CA PHE J 4 23.24 29.87 -5.85
C PHE J 4 23.23 30.53 -7.21
N GLU J 5 24.00 29.96 -8.14
CA GLU J 5 24.25 30.57 -9.43
C GLU J 5 23.36 29.93 -10.49
N ILE J 6 22.96 30.73 -11.47
CA ILE J 6 22.19 30.27 -12.62
C ILE J 6 23.01 30.57 -13.86
N GLU J 7 23.21 29.55 -14.71
CA GLU J 7 23.98 29.65 -15.93
C GLU J 7 23.13 29.11 -17.08
N VAL J 8 22.34 29.99 -17.69
CA VAL J 8 21.60 29.66 -18.90
C VAL J 8 22.54 29.81 -20.08
N LEU J 9 22.66 28.75 -20.87
CA LEU J 9 23.61 28.71 -21.97
C LEU J 9 23.17 29.64 -23.07
N LEU J 10 24.11 30.43 -23.59
CA LEU J 10 23.80 31.35 -24.67
C LEU J 10 24.02 30.64 -26.01
N PRO J 11 22.97 30.35 -26.75
CA PRO J 11 23.15 29.66 -28.04
C PRO J 11 23.62 30.64 -29.11
N GLY J 12 23.90 30.08 -30.28
CA GLY J 12 24.13 30.91 -31.46
C GLY J 12 25.53 30.92 -32.00
N GLU J 13 25.69 31.28 -33.28
CA GLU J 13 24.64 31.66 -34.26
C GLU J 13 23.70 32.79 -33.84
N ILE J 14 24.26 33.82 -33.20
CA ILE J 14 23.50 35.00 -32.80
C ILE J 14 24.15 36.24 -33.38
N SER J 15 23.31 37.13 -33.89
CA SER J 15 23.76 38.40 -34.43
C SER J 15 24.45 39.23 -33.34
N PRO J 16 25.58 39.85 -33.66
CA PRO J 16 26.25 40.71 -32.68
C PRO J 16 25.40 41.86 -32.20
N ALA J 17 24.36 42.25 -32.95
CA ALA J 17 23.42 43.25 -32.45
C ALA J 17 22.75 42.78 -31.18
N GLU J 18 22.34 41.51 -31.13
CA GLU J 18 21.74 40.95 -29.92
C GLU J 18 22.72 40.97 -28.78
N THR J 19 23.99 40.63 -29.06
CA THR J 19 25.02 40.69 -28.03
C THR J 19 25.19 42.10 -27.49
N SER J 20 25.24 43.08 -28.38
CA SER J 20 25.38 44.47 -27.95
C SER J 20 24.20 44.88 -27.09
N ALA J 21 23.00 44.48 -27.48
CA ALA J 21 21.82 44.79 -26.69
C ALA J 21 21.89 44.14 -25.31
N LEU J 22 22.34 42.89 -25.23
CA LEU J 22 22.27 42.18 -23.96
C LEU J 22 23.37 42.62 -23.01
N GLN J 23 24.54 43.02 -23.53
CA GLN J 23 25.42 43.81 -22.66
C GLN J 23 24.79 45.14 -22.28
N LYS J 24 24.08 45.78 -23.21
CA LYS J 24 23.49 47.08 -22.91
C LYS J 24 22.47 47.00 -21.78
N CYS J 25 21.67 45.94 -21.78
CA CYS J 25 20.65 45.76 -20.75
C CYS J 25 21.09 44.63 -19.84
N GLU J 26 21.58 44.99 -18.65
CA GLU J 26 22.05 44.05 -17.64
C GLU J 26 21.42 44.44 -16.30
N GLY J 27 21.57 43.55 -15.32
CA GLY J 27 21.00 43.78 -14.00
C GLY J 27 19.48 43.81 -14.00
N LYS J 28 18.86 42.89 -14.73
CA LYS J 28 17.42 42.84 -14.89
C LYS J 28 16.85 41.60 -14.19
N ILE J 29 15.63 41.77 -13.67
CA ILE J 29 14.93 40.65 -13.05
C ILE J 29 14.56 39.63 -14.10
N ILE J 30 14.90 38.38 -13.85
CA ILE J 30 14.60 37.28 -14.76
C ILE J 30 13.90 36.18 -13.96
N THR J 31 12.84 35.62 -14.52
CA THR J 31 12.08 34.58 -13.85
C THR J 31 12.37 33.23 -14.49
N PHE J 32 12.75 32.27 -13.66
CA PHE J 32 12.94 30.89 -14.09
C PHE J 32 11.86 30.01 -13.48
N SER J 33 11.41 29.04 -14.27
CA SER J 33 10.52 27.99 -13.80
C SER J 33 11.34 26.74 -13.56
N THR J 34 11.24 26.19 -12.36
CA THR J 34 11.95 24.97 -11.97
C THR J 34 13.47 25.17 -12.15
N LEU J 35 13.99 26.04 -11.29
CA LEU J 35 15.41 26.41 -11.32
C LEU J 35 16.32 25.21 -11.52
N ARG J 36 17.38 25.41 -12.30
CA ARG J 36 18.36 24.37 -12.54
C ARG J 36 19.73 25.00 -12.72
N HIS J 37 20.77 24.18 -12.51
CA HIS J 37 22.14 24.63 -12.68
C HIS J 37 22.43 24.99 -14.13
N ARG J 38 21.77 24.33 -15.08
CA ARG J 38 21.83 24.67 -16.50
C ARG J 38 20.47 25.16 -16.93
N ALA J 39 20.43 25.92 -18.02
CA ALA J 39 19.16 26.43 -18.53
C ALA J 39 19.32 26.81 -19.99
N SER J 40 18.19 26.99 -20.66
CA SER J 40 18.14 27.41 -22.05
C SER J 40 17.23 28.62 -22.19
N LEU J 41 17.46 29.40 -23.25
CA LEU J 41 16.66 30.60 -23.48
C LEU J 41 15.21 30.30 -23.79
N VAL J 42 14.89 29.05 -24.16
CA VAL J 42 13.49 28.64 -24.14
C VAL J 42 13.01 28.68 -22.70
N ASP J 43 11.83 29.28 -22.49
CA ASP J 43 11.41 29.76 -21.17
C ASP J 43 12.31 30.91 -20.76
N ILE J 44 11.80 31.78 -19.89
CA ILE J 44 12.36 33.00 -19.29
C ILE J 44 12.15 34.10 -20.31
N ALA J 45 11.60 33.72 -21.46
CA ALA J 45 11.12 34.62 -22.48
C ALA J 45 9.60 34.63 -22.45
N LEU J 46 9.00 35.37 -23.38
CA LEU J 46 7.54 35.35 -23.47
C LEU J 46 7.04 33.95 -23.79
N SER J 47 7.82 33.17 -24.53
CA SER J 47 7.55 31.75 -24.62
C SER J 47 7.67 31.12 -23.24
N SER J 48 6.69 30.29 -22.91
CA SER J 48 6.43 29.67 -21.61
C SER J 48 5.85 30.67 -20.62
N TYR J 49 5.77 31.96 -20.96
CA TYR J 49 4.89 32.85 -20.22
C TYR J 49 3.46 32.78 -20.72
N TYR J 50 3.27 32.30 -21.95
CA TYR J 50 1.95 32.30 -22.57
C TYR J 50 0.95 31.48 -21.77
N ILE J 51 -0.28 31.97 -21.73
CA ILE J 51 -1.41 31.15 -21.28
C ILE J 51 -1.72 30.20 -22.42
N ASN J 52 -2.60 29.23 -22.18
CA ASN J 52 -2.94 28.24 -23.19
C ASN J 52 -3.30 28.92 -24.51
N GLY J 53 -2.48 28.68 -25.54
CA GLY J 53 -2.71 29.27 -26.83
C GLY J 53 -2.43 30.76 -26.88
N ALA J 54 -3.25 31.54 -26.17
CA ALA J 54 -3.18 32.99 -26.25
C ALA J 54 -1.92 33.51 -25.55
N PRO J 55 -1.45 34.69 -25.95
CA PRO J 55 -0.44 35.38 -25.14
C PRO J 55 -1.06 35.87 -23.85
N PRO J 56 -0.27 36.04 -22.80
CA PRO J 56 -0.84 36.31 -21.47
C PRO J 56 -1.42 37.71 -21.37
N ASP J 57 -2.44 37.84 -20.52
CA ASP J 57 -2.99 39.15 -20.15
C ASP J 57 -2.29 39.68 -18.91
N THR J 58 -2.65 40.91 -18.55
CA THR J 58 -2.03 41.55 -17.39
C THR J 58 -2.25 40.72 -16.12
N LEU J 59 -3.49 40.27 -15.89
CA LEU J 59 -3.76 39.48 -14.69
C LEU J 59 -3.11 38.11 -14.76
N SER J 60 -3.09 37.51 -15.95
CA SER J 60 -2.36 36.26 -16.13
C SER J 60 -0.87 36.45 -15.89
N LEU J 61 -0.31 37.57 -16.36
CA LEU J 61 1.08 37.88 -16.04
C LEU J 61 1.27 38.00 -14.53
N LEU J 62 0.33 38.64 -13.84
CA LEU J 62 0.45 38.76 -12.39
C LEU J 62 0.46 37.39 -11.73
N GLU J 63 -0.44 36.50 -12.14
CA GLU J 63 -0.45 35.16 -11.56
C GLU J 63 0.84 34.44 -11.89
N ALA J 64 1.40 34.69 -13.07
CA ALA J 64 2.70 34.12 -13.41
C ALA J 64 3.78 34.61 -12.45
N TYR J 65 3.74 35.90 -12.12
CA TYR J 65 4.65 36.42 -11.09
C TYR J 65 4.39 35.78 -9.74
N ARG J 66 3.15 35.39 -9.47
CA ARG J 66 2.87 34.70 -8.21
C ARG J 66 3.68 33.43 -8.11
N MET J 67 3.77 32.68 -9.21
CA MET J 67 4.61 31.50 -9.27
C MET J 67 5.97 31.85 -9.87
N ARG J 68 6.76 30.82 -10.13
CA ARG J 68 8.12 30.94 -10.68
C ARG J 68 9.06 31.66 -9.73
N PHE J 69 10.35 31.62 -10.04
CA PHE J 69 11.38 32.10 -9.13
C PHE J 69 12.14 33.27 -9.75
N ALA J 70 12.34 34.31 -8.95
CA ALA J 70 12.94 35.55 -9.42
C ALA J 70 14.45 35.58 -9.15
N ALA J 71 15.20 36.06 -10.14
CA ALA J 71 16.65 36.04 -10.12
C ALA J 71 17.18 37.33 -10.72
N VAL J 72 18.45 37.62 -10.43
CA VAL J 72 19.10 38.83 -10.94
C VAL J 72 20.35 38.44 -11.72
N ILE J 73 20.49 39.00 -12.91
CA ILE J 73 21.64 38.74 -13.78
C ILE J 73 22.69 39.81 -13.55
N THR J 74 23.96 39.40 -13.50
CA THR J 74 25.05 40.33 -13.23
C THR J 74 26.04 40.42 -14.39
N ARG J 75 26.64 39.31 -14.80
CA ARG J 75 27.78 39.35 -15.70
C ARG J 75 27.50 38.53 -16.95
N VAL J 76 28.11 38.95 -18.05
CA VAL J 76 27.93 38.30 -19.36
C VAL J 76 29.30 38.17 -20.03
N ILE J 77 29.79 36.95 -20.12
CA ILE J 77 30.95 36.63 -20.96
C ILE J 77 30.28 36.44 -22.32
N PRO J 78 30.94 36.70 -23.48
CA PRO J 78 30.14 37.11 -24.65
C PRO J 78 29.03 36.15 -25.00
N GLY J 79 29.25 34.85 -24.84
CA GLY J 79 28.10 33.97 -24.75
C GLY J 79 28.08 33.19 -23.47
N LYS J 80 27.23 33.63 -22.54
CA LYS J 80 26.78 33.00 -21.31
C LYS J 80 25.92 34.02 -20.58
N LEU J 81 25.18 33.54 -19.59
CA LEU J 81 24.49 34.41 -18.64
C LEU J 81 24.76 33.94 -17.23
N LEU J 82 24.97 34.88 -16.31
CA LEU J 82 25.22 34.59 -14.90
C LEU J 82 24.19 35.32 -14.07
N ALA J 83 23.47 34.58 -13.22
CA ALA J 83 22.40 35.14 -12.41
C ALA J 83 22.51 34.57 -11.00
N HIS J 84 21.64 35.04 -10.12
CA HIS J 84 21.61 34.60 -8.74
C HIS J 84 20.16 34.55 -8.29
N ALA J 85 19.92 33.70 -7.28
CA ALA J 85 18.69 32.90 -7.18
C ALA J 85 17.43 33.68 -7.56
N ILE J 86 17.12 34.81 -6.91
CA ILE J 86 17.76 35.35 -5.72
C ILE J 86 16.84 35.09 -4.52
N GLY J 87 15.55 34.89 -4.80
CA GLY J 87 14.59 34.69 -3.73
C GLY J 87 14.82 33.42 -2.94
N VAL J 88 15.30 32.37 -3.61
CA VAL J 88 15.63 31.14 -2.90
C VAL J 88 16.74 31.41 -1.90
N GLY J 89 16.59 30.83 -0.71
CA GLY J 89 17.53 31.07 0.38
C GLY J 89 18.97 30.76 0.05
N THR J 90 19.77 31.80 -0.11
CA THR J 90 21.21 31.71 -0.32
C THR J 90 21.83 33.09 -0.10
N PRO J 91 22.92 33.17 0.65
CA PRO J 91 23.56 34.47 0.89
C PRO J 91 24.51 34.84 -0.24
N THR J 92 24.17 35.94 -0.94
CA THR J 92 24.89 36.34 -2.13
C THR J 92 25.19 37.83 -2.08
N PRO J 93 26.46 38.22 -2.16
CA PRO J 93 26.81 39.64 -2.30
C PRO J 93 26.74 40.09 -3.76
N GLY J 94 26.66 41.40 -3.94
CA GLY J 94 26.42 42.36 -2.88
C GLY J 94 25.59 43.63 -3.07
N LEU J 95 24.63 43.72 -3.99
CA LEU J 95 24.24 42.65 -4.90
C LEU J 95 24.09 43.17 -6.33
N PHE J 96 24.03 44.50 -6.47
CA PHE J 96 23.94 45.19 -7.75
C PHE J 96 22.54 45.04 -8.34
N ILE J 97 21.95 46.14 -8.81
CA ILE J 97 20.62 46.12 -9.39
C ILE J 97 20.42 47.37 -10.23
N GLN J 98 19.47 47.31 -11.18
CA GLN J 98 19.15 48.42 -12.05
C GLN J 98 17.70 48.81 -11.85
N ASN J 99 17.33 49.97 -12.37
CA ASN J 99 16.01 50.53 -12.17
C ASN J 99 15.17 50.37 -13.42
N THR J 100 13.99 49.78 -13.27
CA THR J 100 12.97 49.73 -14.33
C THR J 100 11.69 50.29 -13.73
N SER J 101 11.55 51.60 -13.77
CA SER J 101 10.36 52.24 -13.23
C SER J 101 10.28 53.68 -13.71
N PRO J 102 9.12 54.12 -14.22
CA PRO J 102 8.99 55.54 -14.57
C PRO J 102 9.13 56.46 -13.37
N VAL J 103 8.88 55.97 -12.17
CA VAL J 103 8.97 56.75 -10.95
C VAL J 103 10.26 56.41 -10.24
N ASP J 104 10.80 57.38 -9.49
CA ASP J 104 12.04 57.20 -8.78
C ASP J 104 11.92 56.09 -7.74
N LEU J 105 13.06 55.73 -7.15
CA LEU J 105 13.14 54.55 -6.30
C LEU J 105 13.19 54.86 -4.81
N CYS J 106 13.85 55.96 -4.42
CA CYS J 106 14.10 56.26 -3.01
C CYS J 106 14.93 55.16 -2.37
N ASN J 107 14.96 55.10 -1.03
CA ASN J 107 15.78 54.12 -0.33
C ASN J 107 15.03 53.57 0.86
N GLY J 108 15.43 52.36 1.27
CA GLY J 108 14.91 51.72 2.45
C GLY J 108 13.62 50.96 2.24
N ASP J 109 12.95 51.16 1.11
CA ASP J 109 11.66 50.53 0.85
C ASP J 109 11.84 49.19 0.15
N TYR J 110 10.78 48.39 0.18
CA TYR J 110 10.80 47.07 -0.42
C TYR J 110 10.20 47.14 -1.83
N ILE J 111 10.83 46.43 -2.76
CA ILE J 111 10.53 46.55 -4.18
C ILE J 111 9.83 45.28 -4.64
N CYS J 112 8.59 45.41 -5.09
CA CYS J 112 7.87 44.31 -5.70
C CYS J 112 8.06 44.34 -7.21
N LEU J 113 7.37 43.44 -7.91
CA LEU J 113 7.49 43.33 -9.35
C LEU J 113 6.13 43.54 -10.00
N LEU J 114 6.15 44.05 -11.22
CA LEU J 114 4.96 44.35 -11.98
C LEU J 114 5.17 43.87 -13.41
N PRO J 115 4.11 43.58 -14.15
CA PRO J 115 4.26 43.46 -15.60
C PRO J 115 4.20 44.83 -16.26
N PRO J 116 4.80 45.00 -17.43
CA PRO J 116 4.76 46.30 -18.11
C PRO J 116 3.35 46.65 -18.54
N VAL J 117 2.78 47.67 -17.91
CA VAL J 117 1.43 48.13 -18.20
C VAL J 117 1.41 49.56 -18.70
N PHE J 118 2.21 50.45 -18.10
CA PHE J 118 2.26 51.84 -18.55
C PHE J 118 2.78 51.93 -19.97
N GLY J 119 3.82 51.18 -20.29
CA GLY J 119 4.40 51.19 -21.62
C GLY J 119 4.96 49.84 -22.01
N SER J 120 6.09 49.83 -22.70
CA SER J 120 6.72 48.58 -23.15
C SER J 120 8.23 48.79 -23.20
N ALA J 121 8.96 47.86 -22.59
CA ALA J 121 10.42 47.89 -22.60
C ALA J 121 10.95 46.48 -22.71
N ASP J 122 11.98 46.29 -23.55
CA ASP J 122 12.54 44.97 -23.77
C ASP J 122 13.85 45.10 -24.54
N GLU J 123 14.56 43.98 -24.64
CA GLU J 123 15.77 43.91 -25.47
C GLU J 123 15.45 43.53 -26.90
N ILE J 124 16.48 43.10 -27.63
CA ILE J 124 16.38 42.91 -29.08
C ILE J 124 15.39 41.80 -29.42
N ARG J 125 14.82 41.89 -30.61
CA ARG J 125 14.03 40.81 -31.19
C ARG J 125 14.98 39.67 -31.54
N LEU J 126 15.01 38.62 -30.69
CA LEU J 126 15.94 37.52 -30.92
C LEU J 126 15.39 36.66 -32.06
N ASP J 127 15.44 37.24 -33.27
CA ASP J 127 14.90 36.56 -34.43
C ASP J 127 15.87 35.52 -34.98
N SER J 128 17.12 35.52 -34.52
CA SER J 128 18.01 34.42 -34.87
C SER J 128 17.46 33.09 -34.36
N VAL J 129 16.70 33.14 -33.27
CA VAL J 129 15.92 32.01 -32.79
C VAL J 129 14.44 32.35 -32.69
N GLY J 130 14.04 33.53 -33.18
CA GLY J 130 12.64 33.92 -33.17
C GLY J 130 12.08 34.04 -31.77
N LEU J 131 12.80 34.72 -30.88
CA LEU J 131 12.42 34.80 -29.49
C LEU J 131 12.49 36.25 -29.03
N GLU J 132 11.88 36.53 -27.88
CA GLU J 132 11.80 37.89 -27.34
C GLU J 132 11.71 37.84 -25.82
N ILE J 133 12.32 38.83 -25.17
CA ILE J 133 12.38 38.88 -23.71
C ILE J 133 11.83 40.22 -23.25
N VAL J 134 10.81 40.17 -22.40
CA VAL J 134 10.25 41.35 -21.77
C VAL J 134 10.61 41.32 -20.29
N PHE J 135 10.86 42.50 -19.73
CA PHE J 135 11.41 42.61 -18.39
C PHE J 135 10.37 43.13 -17.42
N PRO J 136 10.24 42.53 -16.24
CA PRO J 136 9.25 43.03 -15.28
C PRO J 136 9.61 44.40 -14.77
N LEU J 137 8.61 45.26 -14.63
CA LEU J 137 8.76 46.57 -14.02
C LEU J 137 9.16 46.39 -12.56
N THR J 138 10.31 46.95 -12.19
CA THR J 138 10.78 46.93 -10.82
C THR J 138 10.19 48.15 -10.12
N ILE J 139 9.11 47.95 -9.39
CA ILE J 139 8.40 49.03 -8.72
C ILE J 139 8.44 48.84 -7.21
N PRO J 140 8.69 49.91 -6.45
CA PRO J 140 8.55 49.81 -4.99
C PRO J 140 7.10 49.64 -4.59
N GLN J 141 6.91 49.19 -3.36
CA GLN J 141 5.58 49.21 -2.77
C GLN J 141 5.18 50.65 -2.46
N THR J 142 4.07 50.78 -1.72
CA THR J 142 3.40 52.04 -1.42
C THR J 142 2.79 52.61 -2.68
N LEU J 143 3.15 52.05 -3.83
CA LEU J 143 2.56 52.34 -5.12
C LEU J 143 1.94 51.11 -5.76
N MET J 144 2.67 50.00 -5.81
CA MET J 144 1.96 48.75 -6.03
C MET J 144 1.34 48.33 -4.72
N ARG J 145 0.35 47.45 -4.80
CA ARG J 145 -0.73 47.29 -3.83
C ARG J 145 -1.70 48.46 -3.94
N GLU J 146 -1.37 49.48 -4.72
CA GLU J 146 -2.28 50.54 -5.13
C GLU J 146 -2.51 50.53 -6.63
N ILE J 147 -1.47 50.34 -7.42
CA ILE J 147 -1.65 50.14 -8.86
C ILE J 147 -2.52 48.92 -9.10
N ILE J 148 -2.34 47.88 -8.29
CA ILE J 148 -3.21 46.73 -8.39
C ILE J 148 -4.51 47.03 -7.63
N ALA J 149 -5.50 46.17 -7.85
CA ALA J 149 -6.79 46.24 -7.19
C ALA J 149 -7.59 47.45 -7.65
N LYS J 150 -6.98 48.28 -8.52
CA LYS J 150 -7.79 49.11 -9.40
C LYS J 150 -7.91 48.49 -10.78
N VAL J 151 -6.86 47.80 -11.23
CA VAL J 151 -7.00 46.92 -12.38
C VAL J 151 -7.99 45.82 -12.06
N VAL J 152 -7.97 45.33 -10.82
CA VAL J 152 -9.01 44.41 -10.35
C VAL J 152 -10.36 45.12 -10.34
N ALA J 153 -10.36 46.42 -10.02
CA ALA J 153 -11.61 47.18 -10.14
C ALA J 153 -12.10 47.20 -11.58
N ARG J 154 -11.17 47.29 -12.54
CA ARG J 154 -11.57 47.18 -13.94
C ARG J 154 -12.13 45.79 -14.24
N ALA J 155 -11.52 44.75 -13.67
CA ALA J 155 -12.01 43.40 -13.90
C ALA J 155 -13.42 43.20 -13.34
N VAL J 156 -13.67 43.68 -12.13
CA VAL J 156 -14.99 43.55 -11.53
C VAL J 156 -16.00 44.45 -12.23
N GLU J 157 -15.53 45.47 -12.94
CA GLU J 157 -16.38 46.21 -13.85
C GLU J 157 -16.73 45.41 -15.10
N ARG J 158 -16.08 44.26 -15.30
CA ARG J 158 -16.35 43.41 -16.45
C ARG J 158 -17.05 42.13 -16.02
N THR J 159 -18.10 41.78 -16.76
CA THR J 159 -18.92 40.57 -16.56
C THR J 159 -19.27 40.29 -15.10
N ALA J 160 -20.06 41.16 -14.45
CA ALA J 160 -20.50 42.53 -14.79
C ALA J 160 -20.83 42.87 -16.25
N ALA J 161 -21.84 42.21 -16.81
CA ALA J 161 -22.24 42.52 -18.18
C ALA J 161 -22.65 43.99 -18.28
N GLY J 162 -21.82 44.80 -18.93
CA GLY J 162 -22.06 46.22 -19.02
C GLY J 162 -20.79 47.03 -18.85
N ARG J 163 -25.69 48.48 -18.81
CA ARG J 163 -26.95 49.24 -18.79
C ARG J 163 -26.72 50.62 -18.19
N THR J 164 -25.45 51.02 -18.04
CA THR J 164 -25.13 52.29 -17.42
C THR J 164 -24.10 53.06 -18.25
N PRO J 165 -24.11 54.39 -18.18
CA PRO J 165 -22.99 55.18 -18.68
C PRO J 165 -21.70 54.79 -17.98
N GLY J 166 -20.56 55.16 -18.56
CA GLY J 166 -20.46 56.01 -19.74
C GLY J 166 -19.68 55.42 -20.90
N GLU J 167 -18.57 56.08 -21.22
CA GLU J 167 -17.77 55.73 -22.40
C GLU J 167 -17.34 54.26 -22.42
N LEU J 168 -16.71 53.73 -21.35
CA LEU J 168 -16.42 54.34 -20.05
C LEU J 168 -15.03 53.93 -19.56
N PRO J 169 -14.43 54.70 -18.65
CA PRO J 169 -14.85 56.08 -18.33
C PRO J 169 -14.27 57.20 -19.22
N GLY J 170 -13.01 57.21 -19.67
CA GLY J 170 -11.95 56.27 -19.33
C GLY J 170 -10.61 56.96 -19.18
N ALA J 171 -9.59 56.23 -18.71
CA ALA J 171 -9.74 54.85 -18.24
C ALA J 171 -9.35 54.71 -16.77
N ASP J 172 -8.13 55.15 -16.44
CA ASP J 172 -7.61 55.08 -15.07
C ASP J 172 -6.34 55.92 -14.99
N VAL J 173 -6.21 56.64 -13.87
CA VAL J 173 -5.09 57.56 -13.67
C VAL J 173 -4.48 57.30 -12.29
N ILE J 174 -3.15 57.29 -12.22
CA ILE J 174 -2.47 57.00 -10.96
C ILE J 174 -2.23 58.28 -10.17
N CYS J 175 -1.46 59.22 -10.74
CA CYS J 175 -1.13 60.49 -10.09
C CYS J 175 -0.39 60.25 -8.76
N TYR J 176 0.79 59.68 -8.88
CA TYR J 176 1.67 59.39 -7.75
C TYR J 176 2.83 60.38 -7.73
N ASN J 177 2.88 61.21 -6.69
CA ASN J 177 3.91 62.23 -6.54
C ASN J 177 3.94 63.07 -7.81
N GLY J 178 5.14 63.43 -8.26
CA GLY J 178 5.25 64.22 -9.48
C GLY J 178 4.64 63.51 -10.66
N ARG J 179 3.96 64.30 -11.50
CA ARG J 179 3.41 63.85 -12.77
C ARG J 179 2.27 62.85 -12.61
N ARG J 180 1.53 62.64 -13.70
CA ARG J 180 0.40 61.72 -13.74
C ARG J 180 0.80 60.44 -14.45
N TYR J 181 -0.02 59.42 -14.33
CA TYR J 181 0.19 58.16 -15.00
C TYR J 181 -1.15 57.55 -15.37
N GLU J 182 -1.16 56.76 -16.45
CA GLU J 182 -2.38 56.18 -16.97
C GLU J 182 -2.19 54.68 -17.19
N LEU J 183 -3.31 53.97 -17.30
CA LEU J 183 -3.29 52.53 -17.46
C LEU J 183 -3.98 52.11 -18.75
N GLU J 184 -3.36 51.16 -19.44
CA GLU J 184 -3.95 50.51 -20.62
C GLU J 184 -3.89 49.01 -20.35
N THR J 185 -4.90 48.49 -19.66
CA THR J 185 -4.90 47.11 -19.19
C THR J 185 -5.67 46.25 -20.16
N ASN J 186 -5.04 45.16 -20.61
CA ASN J 186 -5.69 44.21 -21.50
C ASN J 186 -6.48 43.22 -20.67
N LEU J 187 -7.60 42.74 -21.20
CA LEU J 187 -8.47 41.81 -20.51
C LEU J 187 -8.84 40.68 -21.46
N GLN J 188 -8.43 39.46 -21.12
CA GLN J 188 -8.78 38.29 -21.91
C GLN J 188 -9.13 37.14 -20.98
N HIS J 189 -9.95 36.22 -21.49
CA HIS J 189 -10.36 35.00 -20.81
C HIS J 189 -11.21 35.33 -19.59
N ARG J 190 -11.91 34.33 -19.05
CA ARG J 190 -12.83 34.52 -17.95
C ARG J 190 -12.33 33.94 -16.64
N ASP J 191 -11.88 32.68 -16.64
CA ASP J 191 -11.40 32.05 -15.41
C ASP J 191 -10.19 32.77 -14.85
N GLY J 192 -9.34 33.31 -15.72
CA GLY J 192 -8.27 34.17 -15.23
C GLY J 192 -8.81 35.43 -14.59
N SER J 193 -9.80 36.05 -15.23
CA SER J 193 -10.53 37.14 -14.59
C SER J 193 -11.31 36.62 -13.39
N ASP J 194 -11.91 35.45 -13.50
CA ASP J 194 -12.61 34.86 -12.38
C ASP J 194 -11.63 34.42 -11.30
N ALA J 195 -12.19 34.06 -10.15
CA ALA J 195 -11.48 33.40 -9.06
C ALA J 195 -10.50 34.35 -8.38
N ALA J 196 -10.27 35.51 -8.98
CA ALA J 196 -9.67 36.61 -8.24
C ALA J 196 -10.70 37.26 -7.35
N ILE J 197 -11.93 37.39 -7.86
CA ILE J 197 -13.06 37.78 -7.03
C ILE J 197 -13.30 36.75 -5.94
N ARG J 198 -13.06 35.47 -6.24
CA ARG J 198 -13.15 34.45 -5.21
C ARG J 198 -12.12 34.70 -4.11
N THR J 199 -10.89 35.07 -4.48
CA THR J 199 -9.90 35.42 -3.48
C THR J 199 -10.33 36.64 -2.68
N LEU J 200 -10.92 37.63 -3.36
CA LEU J 200 -11.36 38.83 -2.66
C LEU J 200 -12.40 38.51 -1.61
N VAL J 201 -13.45 37.77 -2.00
CA VAL J 201 -14.51 37.43 -1.05
C VAL J 201 -14.06 36.41 -0.02
N LEU J 202 -13.02 35.62 -0.31
CA LEU J 202 -12.46 34.72 0.69
C LEU J 202 -11.69 35.48 1.74
N ASN J 203 -10.83 36.42 1.32
CA ASN J 203 -10.16 37.28 2.29
C ASN J 203 -11.15 38.19 2.99
N LEU J 204 -12.15 38.69 2.25
CA LEU J 204 -13.30 39.28 2.91
C LEU J 204 -14.10 38.16 3.58
N MET J 205 -15.11 38.55 4.37
CA MET J 205 -15.99 37.62 5.06
C MET J 205 -15.24 36.92 6.19
N PHE J 206 -13.92 37.05 6.20
CA PHE J 206 -13.16 36.74 7.40
C PHE J 206 -13.03 37.97 8.28
N SER J 207 -12.94 39.15 7.66
CA SER J 207 -13.17 40.39 8.38
C SER J 207 -14.59 40.47 8.90
N ILE J 208 -15.56 40.08 8.08
CA ILE J 208 -16.95 40.05 8.52
C ILE J 208 -17.13 38.89 9.49
N ASN J 209 -17.29 39.21 10.77
CA ASN J 209 -17.33 38.20 11.82
C ASN J 209 -18.29 38.68 12.89
N GLU J 210 -18.34 37.95 14.01
CA GLU J 210 -19.05 38.44 15.18
C GLU J 210 -18.42 39.73 15.68
N GLY J 211 -17.12 39.88 15.46
CA GLY J 211 -16.46 41.14 15.76
C GLY J 211 -16.98 42.29 14.91
N THR J 212 -17.28 42.00 13.64
CA THR J 212 -17.67 43.05 12.70
C THR J 212 -18.95 43.77 13.11
N THR J 213 -19.63 43.29 14.14
CA THR J 213 -20.87 43.90 14.60
C THR J 213 -20.82 44.30 16.07
N LEU J 214 -19.74 44.94 16.55
CA LEU J 214 -19.57 45.05 17.99
C LEU J 214 -19.44 46.47 18.57
N ILE J 215 -18.93 47.54 17.91
CA ILE J 215 -18.40 47.88 16.56
C ILE J 215 -19.17 47.43 15.32
N LEU J 216 -20.47 47.68 15.35
CA LEU J 216 -21.19 48.07 14.15
C LEU J 216 -22.11 49.24 14.44
N THR J 217 -22.42 49.46 15.71
CA THR J 217 -23.19 50.63 16.15
C THR J 217 -22.25 51.72 16.65
N LEU J 218 -19.87 51.93 14.74
CA LEU J 218 -19.73 53.30 15.23
C LEU J 218 -19.68 54.28 14.07
N ILE J 219 -20.74 54.28 13.26
CA ILE J 219 -20.80 55.07 12.04
C ILE J 219 -20.92 56.55 12.38
N THR J 220 -21.91 56.88 13.21
CA THR J 220 -22.16 58.29 13.52
C THR J 220 -21.09 58.88 14.43
N ARG J 221 -20.53 58.07 15.32
CA ARG J 221 -19.49 58.58 16.23
C ARG J 221 -18.26 59.00 15.46
N LEU J 222 -17.86 58.22 14.45
CA LEU J 222 -16.73 58.61 13.62
C LEU J 222 -17.04 59.88 12.83
N LEU J 223 -18.28 60.04 12.38
CA LEU J 223 -18.66 61.29 11.73
C LEU J 223 -18.55 62.48 12.68
N VAL J 224 -18.98 62.31 13.93
CA VAL J 224 -18.86 63.39 14.92
C VAL J 224 -17.39 63.72 15.13
N GLN J 225 -16.54 62.70 15.24
CA GLN J 225 -15.11 62.95 15.38
C GLN J 225 -14.54 63.66 14.17
N GLY J 226 -15.01 63.31 12.98
CA GLY J 226 -14.47 63.90 11.77
C GLY J 226 -15.10 65.23 11.38
N ALA J 227 -16.05 65.70 12.20
CA ALA J 227 -16.67 67.01 11.92
C ALA J 227 -15.64 68.14 11.92
N HIS J 228 -15.13 68.50 13.11
CA HIS J 228 -14.01 69.45 13.24
C HIS J 228 -12.84 68.70 13.86
N ASP J 229 -11.83 68.44 13.03
CA ASP J 229 -10.58 67.84 13.49
C ASP J 229 -9.50 68.12 12.45
N GLY J 230 -8.31 68.49 12.92
CA GLY J 230 -7.20 68.66 12.01
C GLY J 230 -6.78 67.36 11.34
N TYR J 231 -6.87 66.26 12.07
CA TYR J 231 -6.58 64.92 11.55
C TYR J 231 -7.87 64.31 10.98
N VAL J 232 -7.83 62.99 10.75
CA VAL J 232 -8.91 62.14 10.22
C VAL J 232 -8.93 62.31 8.70
N ASN J 233 -7.91 63.01 8.17
CA ASN J 233 -7.83 63.28 6.74
C ASN J 233 -6.36 63.47 6.38
N LEU J 234 -5.76 62.50 5.71
CA LEU J 234 -6.45 61.29 5.27
C LEU J 234 -5.58 60.06 5.55
N LEU J 235 -6.16 58.87 5.76
CA LEU J 235 -7.58 58.55 5.94
C LEU J 235 -8.57 58.97 4.84
N ILE J 236 -9.59 59.74 5.22
CA ILE J 236 -10.74 59.95 4.35
C ILE J 236 -10.33 60.67 3.06
N GLN J 237 -10.79 60.14 1.93
CA GLN J 237 -10.46 60.71 0.62
C GLN J 237 -11.73 61.17 -0.09
N THR J 238 -11.61 61.54 -1.35
CA THR J 238 -12.73 62.13 -2.07
C THR J 238 -13.79 61.08 -2.46
N ALA J 239 -13.41 59.81 -2.57
CA ALA J 239 -14.32 58.75 -3.01
C ALA J 239 -14.39 57.63 -1.98
N ASN J 240 -15.51 57.53 -1.26
CA ASN J 240 -15.74 56.49 -0.26
C ASN J 240 -17.23 56.26 -0.04
N CYS J 241 -17.57 55.06 0.43
CA CYS J 241 -18.88 54.81 1.02
C CYS J 241 -18.93 55.14 2.50
N VAL J 242 -17.87 55.76 3.04
CA VAL J 242 -17.81 56.04 4.47
C VAL J 242 -18.95 56.96 4.87
N ARG J 243 -19.19 58.01 4.10
CA ARG J 243 -20.30 58.92 4.39
C ARG J 243 -21.64 58.25 4.16
N GLU J 244 -21.65 57.14 3.41
CA GLU J 244 -22.88 56.41 3.15
C GLU J 244 -23.25 55.54 4.35
N THR J 245 -24.45 54.96 4.28
CA THR J 245 -25.09 53.98 5.15
C THR J 245 -25.23 54.47 6.59
N GLY J 246 -24.86 55.71 6.91
CA GLY J 246 -25.10 56.27 8.22
C GLY J 246 -26.11 57.38 8.28
N GLN J 247 -26.53 57.89 7.13
CA GLN J 247 -27.50 58.98 7.08
C GLN J 247 -28.75 58.55 6.30
N PRO J 248 -28.85 49.09 19.20
CA PRO J 248 -28.62 47.65 19.14
C PRO J 248 -27.23 47.24 19.64
N MET J 249 -27.17 46.64 20.83
CA MET J 249 -25.89 46.19 21.37
C MET J 249 -25.16 45.20 20.47
N PRO J 250 -25.82 44.20 19.87
CA PRO J 250 -27.20 43.72 19.99
C PRO J 250 -27.39 42.65 21.07
N ARG J 251 -26.34 42.39 21.85
CA ARG J 251 -26.34 41.34 22.88
C ARG J 251 -26.63 39.98 22.25
N ILE J 252 -25.71 39.53 21.40
CA ILE J 252 -25.78 38.22 20.79
C ILE J 252 -24.61 37.32 21.18
N GLN J 253 -23.46 37.89 21.54
CA GLN J 253 -22.33 37.07 21.96
C GLN J 253 -22.69 36.20 23.15
N ASP J 254 -22.41 34.91 23.05
CA ASP J 254 -22.82 33.92 24.03
C ASP J 254 -21.75 33.77 25.11
N GLY J 255 -22.19 33.61 26.35
CA GLY J 255 -21.30 33.40 27.47
C GLY J 255 -20.72 34.65 28.07
N HIS J 256 -21.01 35.83 27.50
CA HIS J 256 -20.49 37.11 27.95
C HIS J 256 -18.96 37.13 28.02
N ARG J 257 -18.30 36.20 27.33
CA ARG J 257 -16.85 36.10 27.38
C ARG J 257 -16.40 35.33 26.13
N ARG J 258 -15.75 36.02 25.21
CA ARG J 258 -15.28 35.38 23.97
C ARG J 258 -13.75 35.28 23.87
N PHE J 259 -12.97 36.33 24.12
CA PHE J 259 -13.38 37.71 24.43
C PHE J 259 -13.76 38.48 23.17
N PRO J 260 -14.67 39.44 23.31
CA PRO J 260 -15.00 40.30 22.17
C PRO J 260 -13.84 41.22 21.82
N ILE J 261 -13.87 41.74 20.59
CA ILE J 261 -12.92 42.72 20.08
C ILE J 261 -11.57 42.07 19.80
N TYR J 262 -11.18 41.10 20.61
CA TYR J 262 -10.03 40.27 20.26
C TYR J 262 -10.30 39.51 18.97
N GLU J 263 -11.50 38.93 18.86
CA GLU J 263 -11.80 38.09 17.69
C GLU J 263 -11.71 38.90 16.40
N ALA J 264 -12.28 40.11 16.39
CA ALA J 264 -12.15 40.95 15.22
C ALA J 264 -10.71 41.41 15.04
N ILE J 265 -10.10 41.95 16.09
CA ILE J 265 -8.76 42.51 16.00
C ILE J 265 -7.80 41.41 16.44
N SER J 266 -7.36 40.62 15.46
CA SER J 266 -6.48 39.47 15.60
C SER J 266 -6.57 38.67 14.31
N SER J 267 -7.78 38.21 13.99
CA SER J 267 -8.02 37.60 12.69
C SER J 267 -7.99 38.61 11.56
N TRP J 268 -8.42 39.86 11.83
CA TRP J 268 -8.39 40.87 10.78
C TRP J 268 -6.97 41.18 10.36
N ILE J 269 -6.02 41.04 11.28
CA ILE J 269 -4.63 41.13 10.85
C ILE J 269 -4.22 39.72 10.44
N SER J 270 -4.73 39.32 9.28
CA SER J 270 -4.46 38.10 8.53
C SER J 270 -5.46 38.14 7.39
N THR J 271 -5.28 37.26 6.40
CA THR J 271 -6.27 37.10 5.34
C THR J 271 -6.64 38.43 4.72
N SER J 272 -7.40 39.24 5.44
CA SER J 272 -7.60 40.64 5.06
C SER J 272 -6.26 41.36 5.00
N SER J 273 -5.41 41.14 5.99
CA SER J 273 -4.04 41.62 5.90
C SER J 273 -3.29 40.82 4.85
N ARG J 274 -2.07 41.27 4.55
CA ARG J 274 -1.26 40.77 3.43
C ARG J 274 -2.13 40.47 2.21
N LEU J 275 -3.14 41.33 2.01
CA LEU J 275 -4.03 41.18 0.86
C LEU J 275 -3.26 41.36 -0.44
N GLY J 276 -2.29 42.27 -0.46
CA GLY J 276 -1.43 42.39 -1.62
C GLY J 276 -0.64 41.12 -1.88
N ASP J 277 -0.20 40.44 -0.83
CA ASP J 277 0.49 39.18 -1.02
C ASP J 277 -0.41 38.15 -1.69
N THR J 278 -1.68 38.14 -1.33
CA THR J 278 -2.64 37.30 -2.06
C THR J 278 -2.76 37.75 -3.51
N LEU J 279 -2.89 39.06 -3.73
CA LEU J 279 -3.13 39.57 -5.07
C LEU J 279 -1.82 39.70 -5.85
N GLY J 280 -0.91 40.53 -5.35
CA GLY J 280 0.38 40.71 -5.96
C GLY J 280 1.44 39.83 -5.31
N THR J 281 2.69 40.21 -5.53
CA THR J 281 3.82 39.46 -5.00
C THR J 281 4.38 40.15 -3.76
N ARG J 282 4.87 39.36 -2.82
CA ARG J 282 5.56 39.87 -1.63
C ARG J 282 6.95 40.39 -1.99
N ALA J 283 7.31 40.32 -3.27
CA ALA J 283 8.64 40.59 -3.79
C ALA J 283 9.34 41.79 -3.17
N ILE J 284 10.63 41.73 -2.80
CA ILE J 284 11.58 40.59 -2.84
C ILE J 284 12.96 41.16 -2.47
N LEU J 285 13.15 42.45 -2.75
CA LEU J 285 14.43 43.10 -2.54
C LEU J 285 14.19 44.44 -1.85
N ARG J 286 15.20 44.87 -1.09
CA ARG J 286 15.17 46.16 -0.40
C ARG J 286 16.36 46.97 -0.89
N VAL J 287 16.10 48.13 -1.46
CA VAL J 287 17.16 48.99 -1.93
C VAL J 287 17.94 49.53 -0.73
N CYS J 288 19.26 49.44 -0.80
CA CYS J 288 20.13 49.91 0.27
C CYS J 288 21.50 50.23 -0.32
N VAL J 289 21.84 51.51 -0.33
CA VAL J 289 23.18 51.95 -0.67
C VAL J 289 23.85 52.43 0.60
N PHE J 290 25.03 51.87 0.89
CA PHE J 290 25.72 52.25 2.11
C PHE J 290 26.20 53.69 2.03
N ASP J 291 26.82 54.05 0.91
CA ASP J 291 27.19 55.43 0.61
C ASP J 291 26.94 55.66 -0.87
N GLY J 292 26.06 56.60 -1.18
CA GLY J 292 25.72 56.88 -2.55
C GLY J 292 24.56 57.84 -2.66
N PRO J 293 23.96 57.91 -3.85
CA PRO J 293 22.87 58.85 -4.07
C PRO J 293 21.53 58.33 -3.58
N SER J 294 20.97 58.98 -2.57
CA SER J 294 19.60 58.69 -2.18
C SER J 294 18.68 59.02 -3.35
N THR J 295 17.62 58.22 -3.51
CA THR J 295 16.70 58.28 -4.65
C THR J 295 17.41 57.79 -5.91
N VAL J 296 16.70 57.11 -6.78
CA VAL J 296 17.31 56.46 -7.94
C VAL J 296 16.47 56.76 -9.18
N HIS J 297 17.07 57.43 -10.16
CA HIS J 297 16.39 57.71 -11.40
C HIS J 297 16.16 56.41 -12.17
N PRO J 298 15.18 56.42 -13.08
CA PRO J 298 14.97 55.23 -13.92
C PRO J 298 16.23 54.85 -14.68
N GLY J 299 16.49 53.55 -14.74
CA GLY J 299 17.64 53.06 -15.47
C GLY J 299 18.98 53.32 -14.82
N ASP J 300 19.04 53.51 -13.51
CA ASP J 300 20.30 53.71 -12.81
C ASP J 300 20.78 52.38 -12.22
N ARG J 301 21.99 52.43 -11.65
CA ARG J 301 22.62 51.25 -11.07
C ARG J 301 22.81 51.45 -9.57
N THR J 302 22.31 50.52 -8.78
CA THR J 302 22.42 50.58 -7.32
C THR J 302 22.67 49.20 -6.74
N ALA J 303 22.97 49.18 -5.45
CA ALA J 303 23.05 47.95 -4.67
C ALA J 303 21.71 47.68 -4.01
N VAL J 304 21.54 46.45 -3.52
CA VAL J 304 20.26 46.00 -2.99
C VAL J 304 20.50 44.77 -2.12
N ILE J 305 19.58 44.53 -1.19
CA ILE J 305 19.70 43.42 -0.26
C ILE J 305 18.47 42.53 -0.38
N GLN J 306 18.67 41.23 -0.32
CA GLN J 306 17.58 40.28 -0.50
C GLN J 306 16.61 40.34 0.68
N VAL J 307 15.33 40.36 0.37
CA VAL J 307 14.30 40.26 1.41
C VAL J 307 13.19 39.35 0.92
N UNK K 1 -26.32 12.03 82.75
CA UNK K 1 -26.14 11.53 81.39
C UNK K 1 -26.81 12.46 80.39
N UNK K 2 -27.44 11.85 79.37
CA UNK K 2 -28.11 12.60 78.30
C UNK K 2 -27.15 13.56 77.62
N UNK K 3 -27.67 14.46 76.80
CA UNK K 3 -26.80 15.46 76.18
C UNK K 3 -26.48 16.56 77.18
N UNK K 4 -27.49 17.35 77.55
CA UNK K 4 -27.33 18.34 78.61
C UNK K 4 -28.51 18.42 79.56
N UNK K 5 -29.72 18.01 79.16
CA UNK K 5 -30.90 18.22 80.00
C UNK K 5 -30.86 17.36 81.25
N UNK K 6 -30.57 16.07 81.11
CA UNK K 6 -30.53 15.16 82.24
C UNK K 6 -29.10 14.94 82.75
N UNK K 7 -28.21 15.90 82.49
CA UNK K 7 -26.81 15.75 82.84
C UNK K 7 -26.58 15.62 84.34
N UNK K 8 -26.82 16.71 85.08
CA UNK K 8 -26.53 16.74 86.50
C UNK K 8 -27.77 16.94 87.37
N UNK K 9 -28.50 18.05 87.17
CA UNK K 9 -29.66 18.34 88.01
C UNK K 9 -30.64 19.18 87.20
N UNK K 10 -31.68 18.56 86.61
CA UNK K 10 -31.89 17.10 86.42
C UNK K 10 -31.84 16.22 87.67
N UNK K 11 -31.32 15.00 87.47
CA UNK K 11 -31.08 14.06 88.55
C UNK K 11 -30.24 12.89 88.05
N UNK K 12 -30.90 11.76 87.78
CA UNK K 12 -30.24 10.59 87.24
C UNK K 12 -30.91 10.00 85.98
N UNK K 13 -32.25 9.93 85.89
CA UNK K 13 -33.23 10.33 86.90
C UNK K 13 -33.46 9.23 87.95
N UNK K 14 -33.70 8.01 87.50
CA UNK K 14 -33.95 6.91 88.40
C UNK K 14 -32.98 5.76 88.14
N UNK K 15 -32.57 5.63 86.90
CA UNK K 15 -31.58 4.64 86.49
C UNK K 15 -30.45 5.34 85.76
N UNK K 16 -29.22 4.88 85.97
CA UNK K 16 -28.07 5.54 85.36
C UNK K 16 -28.17 5.55 83.83
N UNK K 17 -28.44 4.42 83.19
CA UNK K 17 -28.49 3.05 83.74
C UNK K 17 -27.28 2.31 83.22
N UNK K 18 -27.17 2.28 81.90
CA UNK K 18 -25.94 1.84 81.24
C UNK K 18 -25.41 2.86 80.24
N UNK K 19 -26.20 3.85 79.84
CA UNK K 19 -25.74 4.85 78.88
C UNK K 19 -24.56 5.64 79.44
N UNK K 20 -24.51 5.82 80.76
CA UNK K 20 -23.35 6.46 81.37
C UNK K 20 -22.08 5.66 81.10
N UNK K 21 -22.14 4.34 81.29
CA UNK K 21 -21.01 3.49 80.94
C UNK K 21 -20.93 3.20 79.45
N UNK K 22 -22.08 3.18 78.76
CA UNK K 22 -22.07 2.92 77.32
C UNK K 22 -21.37 4.03 76.56
N UNK K 23 -21.46 5.27 77.04
CA UNK K 23 -20.74 6.36 76.39
C UNK K 23 -19.23 6.16 76.49
N UNK K 24 -18.75 5.77 77.68
CA UNK K 24 -17.33 5.49 77.84
C UNK K 24 -16.90 4.32 76.98
N UNK K 25 -17.73 3.28 76.91
CA UNK K 25 -17.42 2.14 76.05
C UNK K 25 -17.35 2.55 74.59
N UNK K 26 -18.29 3.40 74.15
CA UNK K 26 -18.30 3.87 72.78
C UNK K 26 -17.06 4.70 72.48
N UNK K 27 -16.67 5.57 73.41
CA UNK K 27 -15.46 6.37 73.21
C UNK K 27 -14.22 5.49 73.13
N UNK K 28 -14.14 4.48 74.00
CA UNK K 28 -12.99 3.58 73.98
C UNK K 28 -12.92 2.80 72.68
N UNK K 29 -14.08 2.29 72.21
CA UNK K 29 -14.10 1.57 70.95
C UNK K 29 -13.74 2.48 69.78
N UNK K 30 -14.23 3.72 69.81
CA UNK K 30 -13.89 4.67 68.76
C UNK K 30 -12.40 4.94 68.70
N UNK K 31 -11.78 5.14 69.87
CA UNK K 31 -10.33 5.34 69.91
C UNK K 31 -9.59 4.11 69.43
N UNK K 32 -10.02 2.92 69.87
CA UNK K 32 -9.31 1.69 69.51
C UNK K 32 -9.38 1.44 68.01
N UNK K 33 -10.59 1.49 67.45
CA UNK K 33 -10.73 1.30 66.01
C UNK K 33 -10.12 2.47 65.24
N UNK K 34 -9.98 3.62 65.88
CA UNK K 34 -9.40 4.79 65.22
C UNK K 34 -7.95 4.56 64.83
N UNK K 35 -7.25 3.67 65.52
CA UNK K 35 -5.90 3.27 65.19
C UNK K 35 -4.91 4.42 65.43
N UNK K 36 -3.59 4.22 65.56
CA UNK K 36 -2.74 3.02 65.34
C UNK K 36 -2.61 2.70 63.86
N UNK K 37 -3.01 3.65 63.02
CA UNK K 37 -2.77 3.62 61.58
C UNK K 37 -2.09 4.88 61.08
N UNK K 38 -2.49 6.04 61.59
CA UNK K 38 -1.74 7.26 61.31
C UNK K 38 -0.30 7.13 61.77
N UNK K 39 -0.10 6.55 62.95
CA UNK K 39 1.23 6.17 63.38
C UNK K 39 1.81 5.11 62.45
N UNK K 40 1.00 4.12 62.06
CA UNK K 40 1.47 3.06 61.17
C UNK K 40 1.78 3.61 59.79
N UNK K 41 0.89 4.44 59.24
CA UNK K 41 1.15 5.05 57.94
C UNK K 41 2.37 5.96 58.00
N UNK K 42 2.54 6.67 59.12
CA UNK K 42 3.73 7.49 59.30
C UNK K 42 4.98 6.62 59.31
N UNK K 43 4.92 5.46 59.96
CA UNK K 43 6.07 4.56 60.00
C UNK K 43 6.40 4.06 58.60
N UNK K 44 5.36 3.69 57.84
CA UNK K 44 5.59 3.22 56.47
C UNK K 44 6.18 4.32 55.61
N UNK K 45 5.67 5.55 55.74
CA UNK K 45 6.21 6.67 54.97
C UNK K 45 7.64 6.96 55.36
N UNK K 46 7.95 6.87 56.66
CA UNK K 46 9.31 7.09 57.12
C UNK K 46 10.26 6.04 56.57
N UNK K 47 9.82 4.78 56.56
CA UNK K 47 10.66 3.72 55.98
C UNK K 47 10.88 3.95 54.50
N UNK K 48 9.83 4.33 53.77
CA UNK K 48 9.97 4.62 52.35
C UNK K 48 10.91 5.80 52.13
N UNK K 49 10.79 6.84 52.95
CA UNK K 49 11.67 7.99 52.83
C UNK K 49 13.11 7.61 53.12
N UNK K 50 13.34 6.76 54.10
CA UNK K 50 14.69 6.32 54.41
C UNK K 50 15.27 5.51 53.26
N UNK K 51 14.48 4.61 52.67
CA UNK K 51 14.97 3.83 51.54
C UNK K 51 15.28 4.73 50.35
N UNK K 52 14.40 5.69 50.07
CA UNK K 52 14.65 6.62 48.96
C UNK K 52 15.88 7.47 49.24
N UNK K 53 16.06 7.90 50.49
CA UNK K 53 17.22 8.70 50.84
C UNK K 53 18.50 7.89 50.71
N UNK K 54 18.47 6.62 51.10
CA UNK K 54 19.63 5.76 50.92
C UNK K 54 19.96 5.58 49.45
N UNK K 55 18.93 5.37 48.62
CA UNK K 55 19.17 5.25 47.19
C UNK K 55 19.74 6.55 46.62
N UNK K 56 19.21 7.69 47.05
CA UNK K 56 19.71 8.97 46.57
C UNK K 56 21.15 9.20 47.02
N UNK K 57 21.47 8.84 48.26
CA UNK K 57 22.83 8.99 48.75
C UNK K 57 23.80 8.10 47.98
N UNK K 58 23.38 6.86 47.70
CA UNK K 58 24.22 5.98 46.89
C UNK K 58 24.41 6.55 45.48
N UNK K 59 23.35 7.11 44.91
CA UNK K 59 23.46 7.71 43.58
C UNK K 59 24.41 8.91 43.61
N UNK K 60 24.32 9.74 44.65
CA UNK K 60 25.20 10.89 44.76
C UNK K 60 26.65 10.45 44.96
N UNK K 61 26.86 9.40 45.74
CA UNK K 61 28.22 8.87 45.91
C UNK K 61 28.75 8.33 44.59
N UNK K 62 27.91 7.64 43.82
CA UNK K 62 28.32 7.14 42.51
C UNK K 62 28.66 8.30 41.57
N UNK K 63 27.86 9.36 41.62
CA UNK K 63 28.14 10.53 40.79
C UNK K 63 29.45 11.19 41.20
N UNK K 64 29.71 11.29 42.51
CA UNK K 64 30.96 11.86 42.98
C UNK K 64 32.15 11.01 42.55
N UNK K 65 32.01 9.69 42.63
CA UNK K 65 33.07 8.80 42.18
C UNK K 65 33.31 8.93 40.68
N UNK K 66 32.24 9.06 39.90
CA UNK K 66 32.37 9.24 38.46
C UNK K 66 33.05 10.56 38.12
N UNK K 67 32.68 11.63 38.83
CA UNK K 67 33.31 12.93 38.62
C UNK K 67 34.79 12.88 38.99
N UNK K 68 35.13 12.21 40.10
CA UNK K 68 36.53 12.05 40.48
C UNK K 68 37.30 11.25 39.45
N UNK K 69 36.70 10.18 38.93
CA UNK K 69 37.36 9.40 37.89
C UNK K 69 37.58 10.23 36.63
N UNK K 70 36.58 11.02 36.24
CA UNK K 70 36.72 11.87 35.06
C UNK K 70 37.82 12.91 35.26
N UNK K 71 37.88 13.51 36.45
CA UNK K 71 38.93 14.48 36.73
C UNK K 71 40.31 13.83 36.72
N UNK K 72 40.41 12.60 37.24
CA UNK K 72 41.67 11.88 37.21
C UNK K 72 42.10 11.57 35.79
N UNK K 73 41.15 11.17 34.94
CA UNK K 73 41.47 10.91 33.54
C UNK K 73 41.89 12.18 32.82
N UNK K 74 41.21 13.30 33.08
CA UNK K 74 41.58 14.56 32.45
C UNK K 74 42.95 15.03 32.90
N UNK K 75 43.24 14.93 34.20
CA UNK K 75 44.56 15.34 34.69
C UNK K 75 45.66 14.46 34.12
N UNK K 76 45.43 13.15 34.06
CA UNK K 76 46.39 12.18 33.53
C UNK K 76 47.74 12.27 34.23
N UNK L 1 -20.67 30.39 103.58
CA UNK L 1 -20.50 31.35 102.51
C UNK L 1 -20.63 32.78 103.03
N UNK L 2 -21.31 33.63 102.26
CA UNK L 2 -21.47 35.05 102.57
C UNK L 2 -20.11 35.72 102.76
N UNK L 3 -20.11 36.98 103.18
CA UNK L 3 -18.84 37.65 103.43
C UNK L 3 -18.09 36.99 104.58
N UNK L 4 -18.62 37.13 105.79
CA UNK L 4 -18.07 36.42 106.94
C UNK L 4 -19.12 35.86 107.89
N UNK L 5 -20.34 36.42 107.92
CA UNK L 5 -21.30 36.04 108.95
C UNK L 5 -21.81 34.62 108.76
N UNK L 6 -22.17 34.25 107.53
CA UNK L 6 -22.66 32.91 107.24
C UNK L 6 -21.56 32.00 106.75
N UNK L 7 -20.31 32.29 107.09
CA UNK L 7 -19.18 31.53 106.59
C UNK L 7 -19.19 30.08 107.05
N UNK L 8 -18.99 29.85 108.35
CA UNK L 8 -18.85 28.49 108.86
C UNK L 8 -19.93 28.14 109.87
N UNK L 9 -20.04 28.90 110.97
CA UNK L 9 -21.01 28.57 112.02
C UNK L 9 -21.40 29.86 112.74
N UNK L 10 -22.54 30.47 112.36
CA UNK L 10 -23.38 30.20 111.17
C UNK L 10 -23.86 28.76 110.94
N UNK L 11 -23.97 28.40 109.66
CA UNK L 11 -24.32 27.05 109.25
C UNK L 11 -24.10 26.88 107.76
N UNK L 12 -25.18 26.93 106.99
CA UNK L 12 -25.13 26.86 105.54
C UNK L 12 -25.87 27.98 104.81
N UNK L 13 -27.06 28.41 105.25
CA UNK L 13 -27.82 27.88 106.39
C UNK L 13 -28.65 26.65 106.02
N UNK L 14 -29.41 26.75 104.93
CA UNK L 14 -30.25 25.63 104.51
C UNK L 14 -29.93 25.25 103.08
N UNK L 15 -29.51 26.22 102.28
CA UNK L 15 -29.09 25.99 100.90
C UNK L 15 -27.68 26.56 100.73
N UNK L 16 -26.86 25.85 99.96
CA UNK L 16 -25.47 26.26 99.79
C UNK L 16 -25.37 27.67 99.20
N UNK L 17 -26.08 27.97 98.10
CA UNK L 17 -26.83 27.06 97.24
C UNK L 17 -26.09 26.95 95.92
N UNK L 18 -25.87 28.11 95.31
CA UNK L 18 -24.96 28.25 94.19
C UNK L 18 -23.94 29.34 94.39
N UNK L 19 -24.13 30.24 95.36
CA UNK L 19 -23.17 31.31 95.60
C UNK L 19 -21.81 30.76 95.99
N UNK L 20 -21.78 29.62 96.68
CA UNK L 20 -20.51 28.98 96.98
C UNK L 20 -19.76 28.61 95.71
N UNK L 21 -20.45 28.02 94.74
CA UNK L 21 -19.85 27.73 93.45
C UNK L 21 -19.78 28.97 92.56
N UNK L 22 -20.73 29.90 92.71
CA UNK L 22 -20.72 31.11 91.89
C UNK L 22 -19.50 31.97 92.19
N UNK L 23 -19.05 31.99 93.45
CA UNK L 23 -17.83 32.74 93.78
C UNK L 23 -16.62 32.16 93.05
N UNK L 24 -16.51 30.83 93.04
CA UNK L 24 -15.40 30.19 92.33
C UNK L 24 -15.50 30.47 90.83
N UNK L 25 -16.71 30.40 90.28
CA UNK L 25 -16.88 30.72 88.87
C UNK L 25 -16.50 32.16 88.56
N UNK L 26 -16.89 33.08 89.44
CA UNK L 26 -16.53 34.48 89.25
C UNK L 26 -15.03 34.69 89.31
N UNK L 27 -14.36 34.03 90.27
CA UNK L 27 -12.91 34.15 90.35
C UNK L 27 -12.24 33.59 89.11
N UNK L 28 -12.71 32.44 88.63
CA UNK L 28 -12.13 31.85 87.43
C UNK L 28 -12.32 32.75 86.22
N UNK L 29 -13.52 33.31 86.06
CA UNK L 29 -13.78 34.22 84.95
C UNK L 29 -12.93 35.48 85.05
N UNK L 30 -12.76 36.00 86.27
CA UNK L 30 -11.94 37.18 86.46
C UNK L 30 -10.49 36.91 86.08
N UNK L 31 -9.96 35.75 86.49
CA UNK L 31 -8.59 35.41 86.12
C UNK L 31 -8.48 35.21 84.60
N UNK L 32 -9.45 34.52 84.00
CA UNK L 32 -9.37 34.23 82.57
C UNK L 32 -9.43 35.51 81.74
N UNK L 33 -10.42 36.37 82.01
CA UNK L 33 -10.51 37.62 81.29
C UNK L 33 -9.37 38.56 81.67
N UNK L 34 -8.76 38.35 82.84
CA UNK L 34 -7.65 39.18 83.27
C UNK L 34 -6.44 39.06 82.34
N UNK L 35 -6.32 37.94 81.63
CA UNK L 35 -5.29 37.72 80.63
C UNK L 35 -3.90 37.64 81.29
N UNK L 36 -2.86 37.08 80.66
CA UNK L 36 -2.65 36.64 79.26
C UNK L 36 -2.54 37.81 78.31
N UNK L 37 -2.37 39.00 78.88
CA UNK L 37 -2.05 40.21 78.15
C UNK L 37 -0.82 40.92 78.69
N UNK L 38 -0.67 40.95 80.01
CA UNK L 38 0.58 41.44 80.60
C UNK L 38 1.74 40.58 80.13
N UNK L 39 1.54 39.26 80.09
CA UNK L 39 2.51 38.39 79.43
C UNK L 39 2.61 38.70 77.94
N UNK L 40 1.46 38.92 77.29
CA UNK L 40 1.46 39.24 75.86
C UNK L 40 2.11 40.60 75.59
N UNK L 41 1.77 41.60 76.40
CA UNK L 41 2.40 42.91 76.24
C UNK L 41 3.89 42.83 76.52
N UNK L 42 4.28 42.03 77.51
CA UNK L 42 5.69 41.83 77.79
C UNK L 42 6.38 41.17 76.60
N UNK L 43 5.74 40.20 75.96
CA UNK L 43 6.32 39.57 74.78
C UNK L 43 6.48 40.56 73.65
N UNK L 44 5.47 41.39 73.43
CA UNK L 44 5.56 42.41 72.37
C UNK L 44 6.68 43.39 72.66
N UNK L 45 6.80 43.84 73.92
CA UNK L 45 7.85 44.77 74.28
C UNK L 45 9.23 44.11 74.14
N UNK L 46 9.33 42.84 74.49
CA UNK L 46 10.59 42.13 74.32
C UNK L 46 10.98 42.02 72.85
N UNK L 47 10.00 41.72 71.99
CA UNK L 47 10.29 41.65 70.56
C UNK L 47 10.72 43.01 70.02
N UNK L 48 10.04 44.08 70.45
CA UNK L 48 10.42 45.41 70.01
C UNK L 48 11.81 45.77 70.50
N UNK L 49 12.13 45.42 71.75
CA UNK L 49 13.46 45.69 72.29
C UNK L 49 14.52 44.91 71.54
N UNK L 50 14.23 43.66 71.19
CA UNK L 50 15.18 42.86 70.44
C UNK L 50 15.42 43.44 69.04
N UNK L 51 14.35 43.87 68.38
CA UNK L 51 14.51 44.49 67.06
C UNK L 51 15.33 45.78 67.16
N UNK L 52 15.03 46.61 68.16
CA UNK L 52 15.79 47.84 68.35
C UNK L 52 17.24 47.54 68.68
N UNK L 53 17.49 46.51 69.49
CA UNK L 53 18.86 46.13 69.84
C UNK L 53 19.61 45.62 68.62
N UNK L 54 18.94 44.86 67.77
CA UNK L 54 19.57 44.40 66.54
C UNK L 54 19.92 45.57 65.63
N UNK L 55 18.99 46.54 65.50
CA UNK L 55 19.28 47.72 64.71
C UNK L 55 20.45 48.51 65.28
N UNK L 56 20.48 48.65 66.61
CA UNK L 56 21.57 49.38 67.26
C UNK L 56 22.90 48.67 67.08
N UNK L 57 22.89 47.33 67.19
CA UNK L 57 24.12 46.57 66.99
C UNK L 57 24.61 46.69 65.56
N UNK L 58 23.70 46.64 64.60
CA UNK L 58 24.09 46.84 63.20
C UNK L 58 24.66 48.24 62.98
N UNK L 59 24.04 49.24 63.60
CA UNK L 59 24.55 50.60 63.49
C UNK L 59 25.94 50.73 64.10
N UNK L 60 26.15 50.11 65.27
CA UNK L 60 27.45 50.14 65.91
C UNK L 60 28.50 49.42 65.08
N UNK L 61 28.13 48.29 64.48
CA UNK L 61 29.05 47.58 63.59
C UNK L 61 29.40 48.43 62.37
N UNK L 62 28.40 49.12 61.80
CA UNK L 62 28.66 50.01 60.68
C UNK L 62 29.59 51.15 61.08
N UNK L 63 29.38 51.70 62.28
CA UNK L 63 30.25 52.76 62.78
C UNK L 63 31.67 52.25 62.98
N UNK L 64 31.81 51.04 63.53
CA UNK L 64 33.14 50.46 63.70
C UNK L 64 33.83 50.23 62.37
N UNK L 65 33.09 49.73 61.38
CA UNK L 65 33.65 49.54 60.04
C UNK L 65 34.06 50.87 59.42
N UNK L 66 33.24 51.91 59.59
CA UNK L 66 33.58 53.22 59.06
C UNK L 66 34.82 53.79 59.73
N UNK L 67 34.93 53.63 61.06
CA UNK L 67 36.11 54.10 61.77
C UNK L 67 37.35 53.35 61.33
N UNK L 68 37.24 52.03 61.13
CA UNK L 68 38.36 51.24 60.65
C UNK L 68 38.78 51.67 59.25
N UNK L 69 37.80 51.93 58.38
CA UNK L 69 38.10 52.40 57.03
C UNK L 69 38.78 53.76 57.07
N UNK L 70 38.31 54.66 57.94
CA UNK L 70 38.93 55.97 58.06
C UNK L 70 40.36 55.86 58.56
N UNK L 71 40.60 54.98 59.55
CA UNK L 71 41.96 54.78 60.05
C UNK L 71 42.86 54.18 58.96
N UNK L 72 42.32 53.27 58.15
CA UNK L 72 43.10 52.69 57.06
C UNK L 72 43.46 53.75 56.02
N UNK L 73 42.51 54.64 55.71
CA UNK L 73 42.78 55.72 54.77
C UNK L 73 43.82 56.69 55.33
N UNK L 74 43.72 57.01 56.62
CA UNK L 74 44.69 57.91 57.24
C UNK L 74 46.08 57.30 57.25
N UNK L 75 46.18 56.01 57.61
CA UNK L 75 47.47 55.34 57.62
C UNK L 75 48.07 55.26 56.22
N UNK L 76 47.24 54.93 55.23
CA UNK L 76 47.67 54.83 53.83
C UNK L 76 48.84 53.87 53.66
N UNK M 1 -8.85 15.88 124.76
CA UNK M 1 -8.21 17.16 125.04
C UNK M 1 -7.69 17.21 126.48
N UNK M 2 -7.80 18.39 127.10
CA UNK M 2 -7.27 18.64 128.44
C UNK M 2 -5.78 18.30 128.51
N UNK M 3 -5.21 18.33 129.71
CA UNK M 3 -3.80 17.98 129.83
C UNK M 3 -3.57 16.53 129.46
N UNK M 4 -4.06 15.61 130.31
CA UNK M 4 -4.02 14.19 129.99
C UNK M 4 -5.28 13.43 130.37
N UNK M 5 -6.08 13.92 131.32
CA UNK M 5 -7.19 13.12 131.84
C UNK M 5 -8.30 12.96 130.81
N UNK M 6 -8.67 14.04 130.13
CA UNK M 6 -9.72 14.00 129.11
C UNK M 6 -9.13 13.85 127.71
N UNK M 7 -7.93 13.28 127.60
CA UNK M 7 -7.25 13.20 126.32
C UNK M 7 -7.99 12.33 125.32
N UNK M 8 -8.05 11.03 125.59
CA UNK M 8 -8.63 10.08 124.64
C UNK M 8 -9.85 9.35 125.19
N UNK M 9 -9.71 8.63 126.31
CA UNK M 9 -10.82 7.84 126.84
C UNK M 9 -10.64 7.71 128.36
N UNK M 10 -11.32 8.56 129.14
CA UNK M 10 -12.06 9.78 128.76
C UNK M 10 -13.14 9.64 127.68
N UNK M 11 -13.28 10.71 126.90
CA UNK M 11 -14.17 10.73 125.75
C UNK M 11 -13.92 11.98 124.90
N UNK M 12 -14.78 12.98 125.06
CA UNK M 12 -14.63 14.25 124.37
C UNK M 12 -14.65 15.48 125.29
N UNK M 13 -15.52 15.55 126.31
CA UNK M 13 -16.54 14.57 126.68
C UNK M 13 -17.82 14.73 125.87
N UNK M 14 -18.33 15.96 125.78
CA UNK M 14 -19.56 16.22 125.06
C UNK M 14 -19.35 17.28 124.00
N UNK M 15 -18.44 18.21 124.26
CA UNK M 15 -18.06 19.24 123.32
C UNK M 15 -16.55 19.23 123.16
N UNK M 16 -16.08 19.49 121.94
CA UNK M 16 -14.64 19.43 121.70
C UNK M 16 -13.86 20.41 122.58
N UNK M 17 -14.27 21.69 122.66
CA UNK M 17 -15.27 22.36 121.83
C UNK M 17 -14.54 23.31 120.91
N UNK M 18 -13.75 24.18 121.51
CA UNK M 18 -12.77 24.97 120.79
C UNK M 18 -11.36 24.84 121.35
N UNK M 19 -11.20 24.30 122.56
CA UNK M 19 -9.87 24.16 123.15
C UNK M 19 -9.00 23.23 122.31
N UNK M 20 -9.60 22.25 121.64
CA UNK M 20 -8.85 21.41 120.73
C UNK M 20 -8.25 22.23 119.59
N UNK M 21 -9.04 23.13 119.00
CA UNK M 21 -8.52 24.04 118.00
C UNK M 21 -7.76 25.21 118.62
N UNK M 22 -8.15 25.63 119.83
CA UNK M 22 -7.46 26.73 120.47
C UNK M 22 -6.01 26.38 120.81
N UNK M 23 -5.74 25.11 121.11
CA UNK M 23 -4.36 24.69 121.35
C UNK M 23 -3.52 24.84 120.09
N UNK M 24 -4.07 24.42 118.95
CA UNK M 24 -3.35 24.59 117.68
C UNK M 24 -3.15 26.05 117.36
N UNK M 25 -4.17 26.88 117.60
CA UNK M 25 -4.04 28.31 117.37
C UNK M 25 -2.96 28.91 118.26
N UNK M 26 -2.92 28.49 119.53
CA UNK M 26 -1.91 28.99 120.45
C UNK M 26 -0.51 28.58 120.02
N UNK M 27 -0.36 27.33 119.57
CA UNK M 27 0.94 26.88 119.08
C UNK M 27 1.37 27.66 117.85
N UNK M 28 0.44 27.89 116.93
CA UNK M 28 0.76 28.66 115.72
C UNK M 28 1.17 30.09 116.07
N UNK M 29 0.44 30.72 116.99
CA UNK M 29 0.79 32.08 117.41
C UNK M 29 2.14 32.10 118.12
N UNK M 30 2.42 31.08 118.94
CA UNK M 30 3.71 31.01 119.61
C UNK M 30 4.85 30.90 118.61
N UNK M 31 4.69 30.04 117.59
CA UNK M 31 5.72 29.93 116.57
C UNK M 31 5.87 31.23 115.78
N UNK M 32 4.75 31.86 115.42
CA UNK M 32 4.82 33.06 114.60
C UNK M 32 5.47 34.21 115.34
N UNK M 33 5.02 34.47 116.57
CA UNK M 33 5.63 35.53 117.36
C UNK M 33 7.04 35.15 117.79
N UNK M 34 7.36 33.86 117.81
CA UNK M 34 8.69 33.41 118.20
C UNK M 34 9.76 33.91 117.25
N UNK M 35 9.40 34.20 115.99
CA UNK M 35 10.29 34.79 115.00
C UNK M 35 11.39 33.80 114.62
N UNK M 36 12.08 33.93 113.47
CA UNK M 36 12.16 35.03 112.46
C UNK M 36 12.91 36.24 113.01
N UNK M 37 13.58 36.04 114.14
CA UNK M 37 14.52 37.00 114.69
C UNK M 37 15.88 36.40 114.98
N UNK M 38 15.91 35.17 115.49
CA UNK M 38 17.17 34.45 115.60
C UNK M 38 17.80 34.28 114.23
N UNK M 39 17.00 33.98 113.22
CA UNK M 39 17.47 34.04 111.84
C UNK M 39 17.85 35.48 111.47
N UNK M 40 17.02 36.45 111.87
CA UNK M 40 17.32 37.84 111.55
C UNK M 40 18.56 38.33 112.28
N UNK M 41 18.68 38.00 113.57
CA UNK M 41 19.87 38.38 114.31
C UNK M 41 21.10 37.69 113.75
N UNK M 42 20.95 36.43 113.32
CA UNK M 42 22.05 35.73 112.68
C UNK M 42 22.46 36.43 111.38
N UNK M 43 21.47 36.88 110.60
CA UNK M 43 21.78 37.61 109.38
C UNK M 43 22.52 38.90 109.67
N UNK M 44 22.07 39.63 110.69
CA UNK M 44 22.76 40.87 111.06
C UNK M 44 24.19 40.61 111.52
N UNK M 45 24.37 39.57 112.33
CA UNK M 45 25.71 39.23 112.81
C UNK M 45 26.59 38.79 111.65
N UNK M 46 26.03 38.03 110.70
CA UNK M 46 26.80 37.61 109.54
C UNK M 46 27.22 38.81 108.69
N UNK M 47 26.31 39.77 108.50
CA UNK M 47 26.66 40.97 107.75
C UNK M 47 27.74 41.77 108.46
N UNK M 48 27.63 41.90 109.78
CA UNK M 48 28.67 42.60 110.54
C UNK M 48 30.00 41.88 110.45
N UNK M 49 29.98 40.55 110.53
CA UNK M 49 31.21 39.77 110.42
C UNK M 49 31.83 39.92 109.05
N UNK M 50 31.00 39.94 108.00
CA UNK M 50 31.52 40.13 106.65
C UNK M 50 32.14 41.51 106.48
N UNK M 51 31.48 42.55 107.01
CA UNK M 51 32.05 43.89 106.91
C UNK M 51 33.36 43.98 107.67
N UNK M 52 33.42 43.41 108.88
CA UNK M 52 34.65 43.42 109.66
C UNK M 52 35.74 42.63 108.96
N UNK M 53 35.39 41.50 108.34
CA UNK M 53 36.37 40.70 107.63
C UNK M 53 36.89 41.44 106.41
N UNK M 54 36.02 42.16 105.70
CA UNK M 54 36.47 42.97 104.58
C UNK M 54 37.42 44.06 105.04
N UNK M 55 37.09 44.73 106.14
CA UNK M 55 37.98 45.75 106.67
C UNK M 55 39.33 45.15 107.07
N UNK M 56 39.29 43.98 107.72
CA UNK M 56 40.53 43.32 108.13
C UNK M 56 41.36 42.90 106.93
N UNK M 57 40.70 42.38 105.89
CA UNK M 57 41.43 41.99 104.68
C UNK M 57 42.05 43.19 104.01
N UNK M 58 41.32 44.31 103.94
CA UNK M 58 41.89 45.53 103.38
C UNK M 58 43.08 46.01 104.20
N UNK M 59 42.97 45.94 105.53
CA UNK M 59 44.08 46.33 106.39
C UNK M 59 45.29 45.44 106.18
N UNK M 60 45.05 44.13 106.06
CA UNK M 60 46.16 43.19 105.83
C UNK M 60 46.81 43.43 104.47
N UNK M 61 46.00 43.72 103.45
CA UNK M 61 46.55 44.04 102.14
C UNK M 61 47.37 45.33 102.20
N UNK M 62 46.89 46.34 102.92
CA UNK M 62 47.64 47.57 103.08
C UNK M 62 48.96 47.32 103.81
N UNK M 63 48.93 46.47 104.84
CA UNK M 63 50.15 46.12 105.57
C UNK M 63 51.13 45.38 104.66
N UNK M 64 50.63 44.46 103.84
CA UNK M 64 51.50 43.74 102.91
C UNK M 64 52.11 44.69 101.89
N UNK M 65 51.31 45.63 101.37
CA UNK M 65 51.83 46.62 100.44
C UNK M 65 52.89 47.50 101.10
N UNK M 66 52.65 47.89 102.35
CA UNK M 66 53.63 48.71 103.08
C UNK M 66 54.93 47.94 103.31
N UNK M 67 54.81 46.66 103.69
CA UNK M 67 56.01 45.85 103.89
C UNK M 67 56.78 45.66 102.59
N UNK M 68 56.06 45.43 101.48
CA UNK M 68 56.72 45.30 100.19
C UNK M 68 57.41 46.60 99.78
N UNK M 69 56.74 47.74 100.01
CA UNK M 69 57.36 49.02 99.70
C UNK M 69 58.61 49.26 100.55
N UNK M 70 58.55 48.91 101.84
CA UNK M 70 59.71 49.07 102.71
C UNK M 70 60.86 48.17 102.25
N UNK M 71 60.56 46.94 101.86
CA UNK M 71 61.60 46.04 101.36
C UNK M 71 62.20 46.57 100.06
N UNK M 72 61.37 47.14 99.19
CA UNK M 72 61.87 47.73 97.95
C UNK M 72 62.78 48.92 98.24
N UNK M 73 62.40 49.75 99.20
CA UNK M 73 63.25 50.89 99.58
C UNK M 73 64.57 50.43 100.19
N UNK M 74 64.51 49.40 101.04
CA UNK M 74 65.74 48.89 101.64
C UNK M 74 66.66 48.27 100.60
N UNK M 75 66.09 47.51 99.66
CA UNK M 75 66.91 46.90 98.62
C UNK M 75 67.54 47.96 97.71
N UNK M 76 66.78 48.99 97.36
CA UNK M 76 67.25 50.09 96.51
C UNK M 76 67.82 49.58 95.19
N UNK N 1 1.46 -14.15 115.80
CA UNK N 1 0.71 -13.53 114.71
C UNK N 1 0.77 -12.02 114.81
N UNK N 2 0.43 -11.49 115.98
CA UNK N 2 0.52 -10.07 116.25
C UNK N 2 1.84 -9.67 116.88
N UNK N 3 2.34 -10.46 117.84
CA UNK N 3 3.69 -10.31 118.36
C UNK N 3 4.59 -11.46 117.95
N UNK N 4 4.02 -12.67 117.87
CA UNK N 4 4.82 -13.85 117.49
C UNK N 4 5.34 -13.72 116.07
N UNK N 5 4.50 -13.27 115.14
CA UNK N 5 4.97 -13.05 113.77
C UNK N 5 5.99 -11.94 113.71
N UNK N 6 5.77 -10.85 114.46
CA UNK N 6 6.74 -9.77 114.51
C UNK N 6 8.07 -10.25 115.09
N UNK N 7 8.01 -11.06 116.14
CA UNK N 7 9.22 -11.62 116.71
C UNK N 7 9.92 -12.53 115.71
N UNK N 8 9.16 -13.32 114.96
CA UNK N 8 9.76 -14.20 113.97
C UNK N 8 10.46 -13.40 112.89
N UNK N 9 9.83 -12.32 112.42
CA UNK N 9 10.47 -11.49 111.41
C UNK N 9 11.72 -10.82 111.96
N UNK N 10 11.66 -10.32 113.19
CA UNK N 10 12.82 -9.65 113.79
C UNK N 10 13.95 -10.62 114.06
N UNK N 11 13.64 -11.89 114.36
CA UNK N 11 14.68 -12.88 114.59
C UNK N 11 15.38 -13.28 113.30
N UNK N 12 14.62 -13.39 112.21
CA UNK N 12 15.17 -13.71 110.90
C UNK N 12 15.50 -12.44 110.11
N UNK N 13 15.43 -11.28 110.78
CA UNK N 13 15.77 -10.02 110.12
C UNK N 13 17.24 -9.99 109.73
N UNK N 14 18.13 -10.48 110.59
CA UNK N 14 19.57 -10.56 110.32
C UNK N 14 20.01 -12.00 110.54
N UNK N 15 19.91 -12.82 109.49
CA UNK N 15 19.42 -12.39 108.19
C UNK N 15 18.34 -13.34 107.65
N UNK N 16 17.80 -13.03 106.47
CA UNK N 16 16.78 -13.86 105.83
C UNK N 16 17.29 -14.48 104.54
N UNK N 17 17.73 -13.67 103.58
CA UNK N 17 18.37 -14.12 102.36
C UNK N 17 17.44 -14.93 101.46
N UNK N 18 17.13 -16.16 101.85
CA UNK N 18 16.36 -17.05 100.99
C UNK N 18 14.93 -16.55 100.85
N UNK N 19 14.26 -17.00 99.77
CA UNK N 19 12.88 -16.62 99.53
C UNK N 19 11.93 -17.28 100.51
N UNK N 20 12.40 -18.25 101.30
CA UNK N 20 11.53 -18.93 102.25
C UNK N 20 11.03 -17.97 103.32
N UNK N 21 11.72 -16.85 103.54
CA UNK N 21 11.30 -15.89 104.55
C UNK N 21 9.92 -15.34 104.22
N UNK N 22 9.70 -14.97 102.95
CA UNK N 22 8.42 -14.38 102.56
C UNK N 22 7.27 -15.38 102.73
N UNK N 23 7.46 -16.60 102.23
CA UNK N 23 6.40 -17.61 102.33
C UNK N 23 6.13 -17.97 103.78
N UNK N 24 7.18 -18.10 104.59
CA UNK N 24 7.00 -18.42 106.00
C UNK N 24 6.25 -17.30 106.72
N UNK N 25 6.60 -16.04 106.42
CA UNK N 25 5.90 -14.91 107.01
C UNK N 25 4.43 -14.91 106.59
N UNK N 26 4.15 -15.21 105.32
CA UNK N 26 2.76 -15.26 104.86
C UNK N 26 1.98 -16.34 105.57
N UNK N 27 2.56 -17.54 105.69
CA UNK N 27 1.88 -18.64 106.37
C UNK N 27 1.63 -18.32 107.83
N UNK N 28 2.62 -17.73 108.50
CA UNK N 28 2.45 -17.35 109.90
C UNK N 28 1.38 -16.26 110.05
N UNK N 29 1.40 -15.26 109.17
CA UNK N 29 0.41 -14.19 109.22
C UNK N 29 -0.99 -14.68 108.92
N UNK N 30 -1.11 -15.79 108.19
CA UNK N 30 -2.42 -16.44 108.08
C UNK N 30 -2.96 -16.77 109.46
N UNK N 31 -2.26 -17.64 110.20
CA UNK N 31 -2.64 -18.04 111.56
C UNK N 31 -4.10 -18.50 111.58
N UNK N 32 -4.37 -19.51 110.76
CA UNK N 32 -5.69 -20.06 110.46
C UNK N 32 -6.55 -19.09 109.66
N UNK N 33 -6.10 -17.85 109.47
CA UNK N 33 -6.73 -16.86 108.59
C UNK N 33 -8.25 -16.79 108.72
N UNK N 34 -8.90 -16.56 107.57
CA UNK N 34 -10.32 -16.33 107.36
C UNK N 34 -10.55 -15.53 106.07
N UNK N 35 -9.88 -14.39 105.87
CA UNK N 35 -9.00 -13.70 106.80
C UNK N 35 -9.54 -12.30 107.03
N UNK N 36 -10.53 -12.20 107.91
CA UNK N 36 -11.39 -11.03 108.02
C UNK N 36 -12.31 -11.30 109.21
N UNK N 37 -12.89 -10.25 109.85
CA UNK N 37 -13.07 -8.81 109.53
C UNK N 37 -14.08 -8.58 108.39
N UNK N 38 -14.58 -9.68 107.83
CA UNK N 38 -15.61 -9.72 106.79
C UNK N 38 -15.16 -9.06 105.49
N UNK N 39 -14.00 -8.40 105.50
CA UNK N 39 -13.46 -7.77 104.31
C UNK N 39 -11.99 -8.08 104.10
N UNK N 40 -11.23 -8.16 105.19
CA UNK N 40 -9.77 -8.14 105.16
C UNK N 40 -9.16 -9.32 104.42
N UNK N 41 -9.93 -10.38 104.15
CA UNK N 41 -9.40 -11.47 103.33
C UNK N 41 -9.01 -10.97 101.95
N UNK N 42 -9.81 -10.04 101.40
CA UNK N 42 -9.45 -9.42 100.13
C UNK N 42 -8.14 -8.66 100.23
N UNK N 43 -7.86 -8.06 101.40
CA UNK N 43 -6.62 -7.30 101.56
C UNK N 43 -5.40 -8.21 101.49
N UNK N 44 -5.41 -9.31 102.25
CA UNK N 44 -4.29 -10.24 102.21
C UNK N 44 -4.17 -10.91 100.85
N UNK N 45 -5.31 -11.28 100.26
CA UNK N 45 -5.28 -11.88 98.92
C UNK N 45 -4.70 -10.93 97.89
N UNK N 46 -5.08 -9.64 97.96
CA UNK N 46 -4.57 -8.66 97.01
C UNK N 46 -3.10 -8.37 97.26
N UNK N 47 -2.66 -8.39 98.53
CA UNK N 47 -1.25 -8.24 98.81
C UNK N 47 -0.44 -9.38 98.21
N UNK N 48 -0.93 -10.61 98.38
CA UNK N 48 -0.25 -11.76 97.77
C UNK N 48 -0.25 -11.65 96.25
N UNK N 49 -1.37 -11.24 95.67
CA UNK N 49 -1.45 -11.10 94.21
C UNK N 49 -0.52 -10.02 93.70
N UNK N 50 -0.41 -8.90 94.41
CA UNK N 50 0.50 -7.84 93.99
C UNK N 50 1.96 -8.28 94.12
N UNK N 51 2.30 -8.99 95.19
CA UNK N 51 3.65 -9.53 95.31
C UNK N 51 3.94 -10.50 94.17
N UNK N 52 2.98 -11.36 93.84
CA UNK N 52 3.18 -12.31 92.74
C UNK N 52 3.33 -11.59 91.41
N UNK N 53 2.55 -10.52 91.19
CA UNK N 53 2.66 -9.78 89.94
C UNK N 53 3.99 -9.05 89.82
N UNK N 54 4.45 -8.46 90.92
CA UNK N 54 5.76 -7.82 90.92
C UNK N 54 6.86 -8.85 90.64
N UNK N 55 6.75 -10.01 91.28
CA UNK N 55 7.73 -11.08 91.04
C UNK N 55 7.69 -11.55 89.59
N UNK N 56 6.49 -11.67 89.03
CA UNK N 56 6.35 -12.12 87.64
C UNK N 56 6.95 -11.11 86.68
N UNK N 57 6.70 -9.82 86.91
CA UNK N 57 7.32 -8.80 86.08
C UNK N 57 8.84 -8.82 86.21
N UNK N 58 9.34 -8.91 87.44
CA UNK N 58 10.78 -8.92 87.66
C UNK N 58 11.43 -10.12 86.97
N UNK N 59 10.82 -11.30 87.10
CA UNK N 59 11.33 -12.48 86.42
C UNK N 59 11.28 -12.30 84.91
N UNK N 60 10.07 -12.18 84.36
CA UNK N 60 9.87 -12.14 82.92
C UNK N 60 10.57 -10.95 82.27
N UNK N 61 11.17 -10.06 83.07
CA UNK N 61 12.01 -9.03 82.51
C UNK N 61 13.49 -9.32 82.71
N UNK N 62 13.96 -9.42 83.96
CA UNK N 62 15.37 -9.56 84.21
C UNK N 62 15.88 -10.94 83.79
N UNK N 63 15.18 -12.01 84.18
CA UNK N 63 15.61 -13.34 83.79
C UNK N 63 15.51 -13.52 82.28
N UNK N 64 14.47 -12.97 81.66
CA UNK N 64 14.34 -13.07 80.21
C UNK N 64 15.52 -12.41 79.51
N UNK N 65 15.86 -11.18 79.94
CA UNK N 65 16.99 -10.50 79.33
C UNK N 65 18.30 -11.24 79.60
N UNK N 66 18.46 -11.76 80.82
CA UNK N 66 19.68 -12.47 81.16
C UNK N 66 19.84 -13.71 80.30
N UNK N 67 18.76 -14.48 80.13
CA UNK N 67 18.81 -15.66 79.29
C UNK N 67 19.12 -15.30 77.85
N UNK N 68 18.48 -14.25 77.33
CA UNK N 68 18.72 -13.84 75.96
C UNK N 68 20.16 -13.43 75.74
N UNK N 69 20.70 -12.59 76.64
CA UNK N 69 22.08 -12.14 76.49
C UNK N 69 23.06 -13.29 76.65
N UNK N 70 22.83 -14.16 77.64
CA UNK N 70 23.71 -15.30 77.83
C UNK N 70 23.70 -16.22 76.62
N UNK N 71 22.52 -16.47 76.04
CA UNK N 71 22.43 -17.31 74.86
C UNK N 71 23.14 -16.66 73.67
N UNK N 72 22.95 -15.36 73.47
CA UNK N 72 23.61 -14.70 72.35
C UNK N 72 25.13 -14.76 72.49
N UNK N 73 25.63 -14.44 73.69
CA UNK N 73 27.07 -14.49 73.92
C UNK N 73 27.59 -15.92 73.78
N UNK N 74 26.83 -16.90 74.26
CA UNK N 74 27.26 -18.29 74.17
C UNK N 74 27.33 -18.75 72.72
N UNK N 75 26.34 -18.38 71.91
CA UNK N 75 26.37 -18.74 70.50
C UNK N 75 27.55 -18.08 69.80
N UNK N 76 27.80 -16.80 70.10
CA UNK N 76 28.94 -16.12 69.49
C UNK N 76 30.25 -16.78 69.90
N UNK N 77 30.38 -17.11 71.18
CA UNK N 77 31.60 -17.75 71.66
C UNK N 77 31.79 -19.12 71.04
N UNK N 78 30.70 -19.89 70.92
CA UNK N 78 30.80 -21.21 70.31
C UNK N 78 31.21 -21.11 68.85
N UNK N 79 30.64 -20.15 68.11
CA UNK N 79 31.03 -19.96 66.72
C UNK N 79 32.49 -19.57 66.61
N UNK N 80 32.94 -18.64 67.44
CA UNK N 80 34.35 -18.23 67.40
C UNK N 80 35.27 -19.38 67.76
N UNK N 81 34.89 -20.18 68.77
CA UNK N 81 35.72 -21.30 69.20
C UNK N 81 35.81 -22.36 68.11
N UNK N 82 34.69 -22.67 67.46
CA UNK N 82 34.73 -23.64 66.37
C UNK N 82 35.58 -23.13 65.22
N UNK N 83 35.46 -21.84 64.89
CA UNK N 83 36.30 -21.26 63.84
C UNK N 83 37.77 -21.37 64.21
N UNK N 84 38.10 -21.10 65.47
CA UNK N 84 39.50 -21.17 65.91
C UNK N 84 40.02 -22.59 65.87
N UNK N 85 39.23 -23.55 66.34
CA UNK N 85 39.70 -24.93 66.40
C UNK N 85 39.84 -25.55 65.02
N UNK N 86 38.87 -25.31 64.14
CA UNK N 86 38.94 -25.87 62.79
C UNK N 86 40.12 -25.29 62.02
N UNK N 87 40.33 -23.98 62.11
CA UNK N 87 41.42 -23.32 61.40
C UNK N 87 42.74 -23.51 62.15
N THR O 1 26.22 26.71 7.51
CA THR O 1 27.16 27.76 7.92
C THR O 1 27.56 27.86 9.42
N THR O 2 26.81 27.35 10.40
CA THR O 2 25.47 26.76 10.26
C THR O 2 24.36 27.34 11.18
N GLN O 3 24.62 27.64 12.46
CA GLN O 3 25.87 27.34 13.16
C GLN O 3 25.65 26.32 14.28
N LEU O 4 24.76 26.64 15.22
CA LEU O 4 24.47 25.73 16.33
C LEU O 4 23.33 26.27 17.20
N ILE O 5 22.52 25.36 17.72
CA ILE O 5 21.53 25.66 18.74
C ILE O 5 21.72 24.64 19.86
N GLN O 6 21.43 25.04 21.09
CA GLN O 6 21.55 24.11 22.20
C GLN O 6 20.56 24.48 23.29
N GLN O 7 19.99 23.45 23.93
CA GLN O 7 19.02 23.66 24.99
C GLN O 7 19.09 22.51 25.99
N VAL O 8 18.80 22.81 27.24
CA VAL O 8 18.66 21.80 28.27
C VAL O 8 17.20 21.71 28.65
N SER O 9 16.69 20.48 28.71
CA SER O 9 15.28 20.25 28.96
C SER O 9 15.09 18.98 29.79
N LEU O 10 13.82 18.62 29.99
CA LEU O 10 13.48 17.38 30.65
C LEU O 10 13.45 16.24 29.64
N THR O 11 13.37 15.03 30.17
CA THR O 11 13.41 13.82 29.34
C THR O 11 12.10 13.06 29.31
N ASP O 12 11.06 13.53 30.02
CA ASP O 12 9.79 12.82 30.02
C ASP O 12 9.20 12.75 28.62
N PHE O 13 9.26 13.84 27.87
CA PHE O 13 9.02 13.83 26.44
C PHE O 13 10.37 13.64 25.74
N PHE O 14 10.48 12.57 24.95
CA PHE O 14 11.59 12.40 24.03
C PHE O 14 12.91 12.07 24.71
N ARG O 15 13.65 11.14 24.13
CA ARG O 15 14.99 10.78 24.59
C ARG O 15 15.93 10.77 23.39
N PRO O 16 16.92 11.66 23.34
CA PRO O 16 17.80 11.73 22.16
C PRO O 16 18.53 10.43 21.85
N ASP O 17 18.76 9.60 22.87
CA ASP O 17 19.57 8.40 22.66
C ASP O 17 18.94 7.45 21.66
N ILE O 18 17.62 7.28 21.71
CA ILE O 18 16.97 6.25 20.89
C ILE O 18 17.03 6.61 19.41
N GLU O 19 16.90 7.90 19.09
CA GLU O 19 16.95 8.29 17.69
C GLU O 19 18.38 8.26 17.16
N HIS O 20 18.52 8.54 15.88
CA HIS O 20 19.80 8.45 15.21
C HIS O 20 20.65 9.67 15.50
N ALA O 21 21.74 9.83 14.75
CA ALA O 21 22.60 10.99 14.91
C ALA O 21 21.85 12.27 14.58
N GLY O 22 21.09 12.27 13.48
CA GLY O 22 20.26 13.40 13.12
C GLY O 22 18.78 13.04 13.22
N SER O 23 17.95 14.09 13.18
CA SER O 23 16.50 13.96 13.17
C SER O 23 15.91 15.36 12.98
N THR O 24 14.59 15.46 13.08
CA THR O 24 13.89 16.74 13.11
C THR O 24 13.25 16.87 14.48
N VAL O 25 13.68 17.86 15.25
CA VAL O 25 13.28 18.00 16.65
C VAL O 25 12.44 19.26 16.78
N LEU O 26 11.26 19.12 17.37
CA LEU O 26 10.30 20.19 17.56
C LEU O 26 10.19 20.46 19.06
N ILE O 27 10.26 21.72 19.44
CA ILE O 27 10.10 22.09 20.84
C ILE O 27 8.72 22.71 21.06
N LEU O 28 7.97 22.14 21.99
CA LEU O 28 6.69 22.69 22.40
C LEU O 28 6.94 23.80 23.41
N ARG O 29 6.15 24.86 23.31
CA ARG O 29 6.31 26.02 24.17
C ARG O 29 5.10 26.21 25.07
N HIS O 30 5.34 26.92 26.17
CA HIS O 30 4.37 27.33 27.16
C HIS O 30 3.69 26.13 27.83
N PRO O 31 4.44 25.19 28.42
CA PRO O 31 3.77 24.17 29.23
C PRO O 31 3.18 24.75 30.50
N THR O 32 3.80 25.80 31.05
CA THR O 32 3.25 26.48 32.21
C THR O 32 1.95 27.20 31.87
N ASP O 33 1.72 27.53 30.60
CA ASP O 33 0.46 28.13 30.17
C ASP O 33 -0.58 27.01 30.06
N LEU O 34 -1.12 26.64 31.23
CA LEU O 34 -2.09 25.55 31.30
C LEU O 34 -3.45 26.03 30.86
N PRO O 35 -3.86 25.76 29.61
CA PRO O 35 -5.12 26.26 29.05
C PRO O 35 -5.97 27.26 29.81
N HIS O 36 -5.36 28.12 30.63
CA HIS O 36 -6.11 29.22 31.24
C HIS O 36 -6.33 30.34 30.23
N LEU O 37 -5.32 30.63 29.41
CA LEU O 37 -5.52 31.48 28.25
C LEU O 37 -6.45 30.83 27.24
N ALA O 38 -6.53 29.50 27.24
CA ALA O 38 -7.51 28.81 26.41
C ALA O 38 -8.93 29.12 26.85
N ARG O 39 -9.12 29.48 28.12
CA ARG O 39 -10.41 29.97 28.57
C ARG O 39 -10.80 31.24 27.84
N HIS O 40 -9.83 32.00 27.36
CA HIS O 40 -10.04 33.11 26.44
C HIS O 40 -9.92 32.61 25.01
N ARG O 41 -10.51 33.38 24.09
CA ARG O 41 -10.54 33.05 22.66
C ARG O 41 -11.24 31.73 22.37
N ALA O 42 -12.03 31.23 23.31
CA ALA O 42 -12.70 29.95 23.13
C ALA O 42 -14.11 30.15 22.62
N PRO O 43 -14.55 29.39 21.61
CA PRO O 43 -15.93 29.52 21.16
C PRO O 43 -16.89 29.18 22.28
N PRO O 44 -18.02 29.89 22.38
CA PRO O 44 -19.01 29.55 23.40
C PRO O 44 -19.63 28.18 23.13
N GLY O 45 -20.12 27.58 24.21
CA GLY O 45 -20.60 26.21 24.13
C GLY O 45 -19.52 25.16 24.23
N ARG O 46 -18.31 25.55 24.60
CA ARG O 46 -17.19 24.64 24.73
C ARG O 46 -16.54 24.80 26.10
N GLN O 47 -16.05 23.70 26.67
CA GLN O 47 -15.50 23.68 28.02
C GLN O 47 -13.99 23.74 27.95
N THR O 48 -13.43 24.87 28.40
CA THR O 48 -11.97 25.03 28.38
C THR O 48 -11.30 24.30 29.54
N GLU O 49 -12.01 24.14 30.66
CA GLU O 49 -11.42 23.55 31.86
C GLU O 49 -10.91 22.14 31.62
N ARG O 50 -11.66 21.31 30.88
CA ARG O 50 -11.17 20.00 30.48
C ARG O 50 -9.76 20.10 29.92
N LEU O 51 -9.54 21.06 29.01
CA LEU O 51 -8.19 21.38 28.53
C LEU O 51 -7.17 21.38 29.66
N ALA O 52 -7.30 22.31 30.62
CA ALA O 52 -6.36 22.35 31.72
C ALA O 52 -6.24 21.00 32.40
N GLU O 53 -7.39 20.37 32.68
CA GLU O 53 -7.38 19.05 33.30
C GLU O 53 -6.51 18.09 32.49
N ALA O 54 -6.74 18.02 31.17
CA ALA O 54 -5.92 17.17 30.33
C ALA O 54 -4.45 17.50 30.53
N TRP O 55 -4.09 18.78 30.40
CA TRP O 55 -2.70 19.16 30.64
C TRP O 55 -2.28 18.81 32.05
N GLY O 56 -3.14 19.10 33.03
CA GLY O 56 -2.84 18.68 34.39
C GLY O 56 -2.61 17.19 34.48
N GLN O 57 -3.49 16.41 33.83
CA GLN O 57 -3.25 14.97 33.77
C GLN O 57 -1.94 14.66 33.09
N LEU O 58 -1.64 15.35 31.99
CA LEU O 58 -0.34 15.20 31.35
C LEU O 58 0.77 15.57 32.32
N LEU O 59 0.55 16.61 33.12
CA LEU O 59 1.52 16.95 34.16
C LEU O 59 1.69 15.81 35.14
N GLU O 60 0.59 15.17 35.52
CA GLU O 60 0.69 13.98 36.36
C GLU O 60 1.11 12.76 35.54
N ALA O 61 0.92 12.82 34.22
CA ALA O 61 1.30 11.69 33.38
C ALA O 61 2.82 11.58 33.26
N SER O 62 3.49 12.70 33.03
CA SER O 62 4.93 12.69 32.84
C SER O 62 5.65 12.55 34.17
N GLU O 63 8.20 18.24 37.79
CA GLU O 63 8.14 19.44 38.61
C GLU O 63 8.74 20.64 37.87
N SER O 64 8.82 21.77 38.57
CA SER O 64 9.43 22.96 38.00
C SER O 64 10.93 22.75 37.82
N GLY O 65 11.46 23.25 36.71
CA GLY O 65 12.83 22.95 36.34
C GLY O 65 13.17 23.51 34.97
N CYS O 66 13.72 22.66 34.09
CA CYS O 66 14.02 23.07 32.73
C CYS O 66 12.79 23.61 32.01
N ALA O 67 11.61 23.09 32.34
CA ALA O 67 10.37 23.64 31.80
C ALA O 67 10.13 25.03 32.39
N ARG O 68 9.74 25.98 31.55
CA ARG O 68 9.52 25.76 30.12
C ARG O 68 10.84 25.68 29.35
N ALA O 69 10.95 24.72 28.44
CA ALA O 69 9.85 23.84 28.09
C ALA O 69 10.31 22.41 27.78
N TYR O 70 9.36 21.59 27.34
CA TYR O 70 9.67 20.26 26.85
C TYR O 70 10.02 20.29 25.37
N VAL O 71 10.74 19.26 24.93
CA VAL O 71 11.18 19.13 23.55
C VAL O 71 10.99 17.68 23.11
N THR O 72 10.61 17.49 21.85
CA THR O 72 10.29 16.16 21.32
C THR O 72 10.88 16.01 19.94
N SER O 73 11.50 14.86 19.66
CA SER O 73 11.81 14.53 18.28
C SER O 73 10.53 14.13 17.55
N LEU O 74 10.48 14.44 16.26
CA LEU O 74 9.35 13.99 15.45
C LEU O 74 9.38 12.48 15.40
N SER O 75 8.46 11.85 16.13
CA SER O 75 8.44 10.42 16.39
C SER O 75 7.40 10.15 17.46
N PHE O 76 7.56 10.82 18.61
CA PHE O 76 6.53 10.74 19.65
C PHE O 76 5.19 11.26 19.14
N ILE O 77 5.20 12.41 18.47
CA ILE O 77 3.97 12.92 17.89
C ILE O 77 3.46 11.98 16.81
N ALA O 78 4.36 11.48 15.96
CA ALA O 78 3.94 10.52 14.94
C ALA O 78 3.37 9.26 15.57
N ALA O 79 3.88 8.86 16.74
CA ALA O 79 3.31 7.70 17.42
C ALA O 79 1.94 8.01 18.00
N CYS O 80 1.74 9.24 18.47
CA CYS O 80 0.47 9.62 19.09
C CYS O 80 -0.69 9.63 18.11
N ARG O 81 -0.43 9.81 16.82
CA ARG O 81 -1.50 9.89 15.82
C ARG O 81 -1.38 8.79 14.78
N ALA O 82 -0.53 7.79 14.99
CA ALA O 82 -0.41 6.69 14.05
C ALA O 82 -1.71 5.90 13.90
N GLU O 83 -2.59 5.97 14.88
CA GLU O 83 -3.87 5.26 14.79
C GLU O 83 -4.71 5.81 13.64
N GLU O 84 -4.51 7.08 13.28
CA GLU O 84 -5.33 7.72 12.27
C GLU O 84 -4.60 7.90 10.94
N TYR O 85 -3.28 7.77 10.93
CA TYR O 85 -2.49 7.96 9.72
C TYR O 85 -2.91 6.98 8.63
N THR O 86 -2.96 7.48 7.40
CA THR O 86 -3.44 6.66 6.28
C THR O 86 -2.59 5.42 6.09
N ASP O 87 -1.27 5.58 6.11
CA ASP O 87 -0.39 4.43 6.05
C ASP O 87 -0.50 3.62 7.33
N LYS O 88 -0.47 2.30 7.18
CA LYS O 88 -0.64 1.39 8.30
C LYS O 88 0.67 0.72 8.72
N GLN O 89 1.41 0.15 7.77
CA GLN O 89 2.64 -0.57 8.13
C GLN O 89 3.66 0.38 8.75
N ALA O 90 3.80 1.58 8.20
CA ALA O 90 4.63 2.59 8.84
C ALA O 90 4.07 2.95 10.21
N ALA O 91 2.75 3.10 10.29
CA ALA O 91 2.12 3.39 11.57
C ALA O 91 2.15 2.19 12.51
N GLU O 92 2.04 0.97 11.97
CA GLU O 92 2.17 -0.21 12.82
C GLU O 92 3.56 -0.31 13.41
N ALA O 93 4.59 -0.11 12.59
CA ALA O 93 5.95 -0.02 13.11
C ALA O 93 6.08 1.16 14.06
N ASN O 94 5.42 2.27 13.73
CA ASN O 94 5.31 3.40 14.63
C ASN O 94 4.55 3.01 15.88
N ARG O 95 4.74 3.79 16.95
CA ARG O 95 3.96 3.65 18.17
C ARG O 95 4.28 2.33 18.87
N THR O 96 5.12 1.51 18.24
CA THR O 96 5.52 0.23 18.78
C THR O 96 7.00 0.15 19.09
N ALA O 97 7.85 0.38 18.07
CA ALA O 97 9.28 0.44 18.32
C ALA O 97 9.64 1.66 19.15
N ILE O 98 8.90 2.75 18.98
CA ILE O 98 9.17 3.98 19.73
C ILE O 98 8.89 3.77 21.21
N VAL O 99 7.72 3.20 21.53
CA VAL O 99 7.42 2.89 22.91
C VAL O 99 8.32 1.77 23.42
N SER O 100 8.75 0.88 22.53
CA SER O 100 9.70 -0.16 22.93
C SER O 100 11.01 0.45 23.40
N ALA O 101 11.52 1.43 22.66
CA ALA O 101 12.76 2.10 23.04
C ALA O 101 12.58 2.95 24.30
N TYR O 102 11.51 3.73 24.35
CA TYR O 102 11.22 4.48 25.58
C TYR O 102 10.94 3.54 26.74
N GLY O 103 10.16 2.48 26.48
CA GLY O 103 9.73 1.59 27.54
C GLY O 103 8.22 1.53 27.60
N CYS O 104 7.66 0.33 27.78
CA CYS O 104 6.21 0.20 27.81
C CYS O 104 5.60 0.94 28.99
N SER O 105 6.34 1.08 30.08
CA SER O 105 5.85 1.75 31.28
C SER O 105 6.52 3.11 31.44
N ARG O 106 5.72 4.16 31.47
CA ARG O 106 4.29 4.00 31.25
C ARG O 106 3.85 4.81 30.01
N MET O 107 3.36 4.09 29.01
CA MET O 107 2.80 4.69 27.81
C MET O 107 1.35 5.10 28.01
N GLY O 108 0.79 4.79 29.18
CA GLY O 108 -0.65 4.66 29.35
C GLY O 108 -1.56 5.76 28.82
N ALA O 109 -1.63 6.99 29.36
CA ALA O 109 -0.86 7.67 30.43
C ALA O 109 0.45 8.29 29.94
N ARG O 110 0.84 8.02 28.70
CA ARG O 110 1.68 8.97 27.97
C ARG O 110 1.06 9.38 26.65
N LEU O 111 0.79 8.42 25.77
CA LEU O 111 0.31 8.70 24.43
C LEU O 111 -1.17 9.05 24.46
N ILE O 112 -1.95 8.34 25.28
CA ILE O 112 -3.34 8.71 25.47
C ILE O 112 -3.46 10.08 26.10
N ARG O 113 -2.59 10.40 27.06
CA ARG O 113 -2.62 11.72 27.66
C ARG O 113 -2.31 12.80 26.65
N PHE O 114 -1.27 12.61 25.84
CA PHE O 114 -0.97 13.60 24.80
C PHE O 114 -2.10 13.71 23.79
N SER O 115 -2.67 12.57 23.39
CA SER O 115 -3.78 12.59 22.44
C SER O 115 -4.96 13.36 22.99
N GLU O 116 -5.32 13.09 24.24
CA GLU O 116 -6.44 13.79 24.86
C GLU O 116 -6.16 15.28 24.97
N CYS O 117 -4.94 15.65 25.37
CA CYS O 117 -4.59 17.05 25.43
C CYS O 117 -4.74 17.72 24.07
N LEU O 118 -4.14 17.13 23.04
CA LEU O 118 -4.16 17.75 21.73
C LEU O 118 -5.58 17.84 21.16
N ARG O 119 -6.35 16.75 21.28
CA ARG O 119 -7.70 16.75 20.79
C ARG O 119 -8.60 17.67 21.61
N ALA O 120 -8.17 18.04 22.82
CA ALA O 120 -8.86 19.05 23.59
C ALA O 120 -8.47 20.46 23.20
N MET O 121 -7.18 20.70 22.90
CA MET O 121 -6.81 22.02 22.41
C MET O 121 -7.51 22.30 21.08
N VAL O 122 -7.55 21.31 20.19
CA VAL O 122 -8.07 21.58 18.85
C VAL O 122 -9.55 21.88 18.89
N GLN O 123 -10.30 21.21 19.77
CA GLN O 123 -11.74 21.46 19.86
C GLN O 123 -12.04 22.87 20.30
N CYS O 124 -11.31 23.38 21.29
CA CYS O 124 -11.54 24.73 21.80
C CYS O 124 -11.01 25.80 20.86
N HIS O 125 -10.63 25.44 19.63
CA HIS O 125 -9.88 26.30 18.72
C HIS O 125 -8.55 26.74 19.31
N VAL O 126 -8.02 25.99 20.27
CA VAL O 126 -6.64 26.19 20.74
C VAL O 126 -5.78 25.36 19.81
N PHE O 127 -5.43 25.96 18.68
CA PHE O 127 -4.78 25.18 17.63
C PHE O 127 -3.40 24.74 18.10
N PRO O 128 -2.96 23.54 17.72
CA PRO O 128 -1.62 23.10 18.13
C PRO O 128 -0.51 23.97 17.58
N HIS O 129 -0.75 24.70 16.49
CA HIS O 129 0.21 25.69 16.07
C HIS O 129 0.20 26.87 17.04
N ARG O 130 1.17 27.77 16.87
CA ARG O 130 1.61 28.74 17.87
C ARG O 130 2.37 27.99 18.96
N PHE O 131 2.37 26.67 18.87
CA PHE O 131 3.19 25.76 19.65
C PHE O 131 3.97 24.89 18.67
N ILE O 132 4.65 23.88 19.20
CA ILE O 132 5.35 22.90 18.38
C ILE O 132 6.37 23.64 17.54
N SER O 133 7.05 24.60 18.15
CA SER O 133 8.05 25.38 17.44
C SER O 133 9.27 24.51 17.13
N PHE O 134 9.89 24.78 15.99
CA PHE O 134 11.07 24.01 15.58
C PHE O 134 12.24 24.31 16.50
N PHE O 135 13.03 23.27 16.79
CA PHE O 135 14.23 23.45 17.60
C PHE O 135 15.51 23.16 16.82
N GLY O 136 15.66 21.97 16.26
CA GLY O 136 16.94 21.65 15.66
C GLY O 136 16.94 20.32 14.96
N SER O 137 18.14 19.88 14.61
CA SER O 137 18.35 18.70 13.77
C SER O 137 18.94 17.52 14.52
N LEU O 138 19.10 17.63 15.85
CA LEU O 138 19.60 16.55 16.70
C LEU O 138 21.09 16.31 16.50
N LEU O 139 21.86 16.30 17.59
CA LEU O 139 23.30 16.17 17.48
C LEU O 139 23.79 15.49 18.76
N GLU O 140 25.09 15.57 19.05
CA GLU O 140 25.76 14.57 19.89
C GLU O 140 25.14 14.42 21.28
N TYR O 141 24.58 15.51 21.82
CA TYR O 141 24.01 15.62 23.17
C TYR O 141 24.93 15.12 24.27
N THR O 142 24.49 15.25 25.52
CA THR O 142 25.19 14.69 26.66
C THR O 142 24.36 13.67 27.43
N ILE O 143 23.14 14.04 27.84
CA ILE O 143 22.26 13.22 28.67
C ILE O 143 22.94 12.84 29.97
N GLN O 144 22.61 13.54 31.04
CA GLN O 144 23.09 13.22 32.38
C GLN O 144 21.89 13.02 33.28
N ASP O 145 21.78 11.82 33.86
CA ASP O 145 20.71 11.49 34.81
C ASP O 145 19.37 11.68 34.10
N ASN O 146 18.40 12.34 34.73
CA ASN O 146 17.06 12.47 34.19
C ASN O 146 16.86 13.73 33.36
N LEU O 147 17.93 14.48 33.10
CA LEU O 147 17.83 15.70 32.31
C LEU O 147 18.40 15.46 30.92
N CYS O 148 18.25 16.46 30.05
CA CYS O 148 18.72 16.39 28.68
C CYS O 148 19.47 17.66 28.34
N ASN O 149 20.66 17.50 27.77
CA ASN O 149 21.42 18.62 27.24
C ASN O 149 21.66 18.33 25.76
N ILE O 150 20.95 19.04 24.90
CA ILE O 150 20.90 18.73 23.47
C ILE O 150 21.54 19.86 22.69
N THR O 151 22.31 19.49 21.68
CA THR O 151 22.79 20.39 20.65
C THR O 151 22.17 19.95 19.32
N ALA O 152 22.01 20.91 18.41
CA ALA O 152 21.31 20.64 17.16
C ALA O 152 21.56 21.77 16.18
N VAL O 153 21.00 21.61 14.99
CA VAL O 153 21.12 22.56 13.89
C VAL O 153 19.72 23.03 13.52
N ALA O 154 19.51 24.34 13.47
CA ALA O 154 18.20 24.89 13.20
C ALA O 154 18.02 25.38 11.78
N LYS O 155 19.10 25.68 11.07
CA LYS O 155 19.00 26.28 9.75
C LYS O 155 20.22 25.90 8.93
N GLY O 156 20.19 26.30 7.66
CA GLY O 156 21.39 26.28 6.84
C GLY O 156 21.81 24.90 6.40
N PRO O 157 22.91 24.85 5.64
CA PRO O 157 23.43 23.56 5.20
C PRO O 157 23.88 22.68 6.35
N GLN O 158 23.48 21.41 6.29
CA GLN O 158 24.16 20.40 7.08
C GLN O 158 25.44 19.99 6.35
N GLU O 159 26.08 18.92 6.83
CA GLU O 159 27.39 18.47 6.35
C GLU O 159 28.51 19.43 6.72
N ALA O 160 28.20 20.54 7.39
CA ALA O 160 29.19 21.55 7.72
C ALA O 160 29.78 21.38 9.11
N ALA O 161 29.39 20.34 9.84
CA ALA O 161 29.82 20.16 11.21
C ALA O 161 30.42 18.77 11.39
N ARG O 162 31.29 18.64 12.39
CA ARG O 162 31.84 17.35 12.76
C ARG O 162 31.03 16.74 13.88
N THR O 163 30.32 15.65 13.56
CA THR O 163 29.48 14.94 14.51
C THR O 163 30.28 13.77 15.08
N ASP O 164 30.58 13.83 16.38
CA ASP O 164 31.40 12.83 17.03
C ASP O 164 30.49 11.93 17.87
N LYS O 165 30.32 10.70 17.45
CA LYS O 165 30.93 10.20 16.21
C LYS O 165 29.92 9.40 15.39
N THR O 166 29.85 9.71 14.09
CA THR O 166 28.94 9.01 13.18
C THR O 166 29.59 7.81 12.50
N SER O 167 30.86 7.52 12.80
CA SER O 167 31.61 6.41 12.23
C SER O 167 31.83 6.56 10.73
N THR O 168 31.39 7.69 10.18
CA THR O 168 31.56 8.01 8.76
C THR O 168 32.42 9.25 8.58
N ARG O 169 33.52 9.32 9.35
CA ARG O 169 34.45 10.44 9.38
C ARG O 169 33.80 11.71 9.91
N ARG O 170 32.77 11.56 10.75
CA ARG O 170 32.15 12.61 11.55
C ARG O 170 31.43 13.67 10.74
N VAL O 171 31.43 13.59 9.40
CA VAL O 171 30.92 14.70 8.61
C VAL O 171 29.47 14.44 8.21
N THR O 172 29.18 13.26 7.66
CA THR O 172 27.86 12.95 7.13
C THR O 172 26.86 12.82 8.27
N ALA O 173 25.68 13.41 8.10
CA ALA O 173 24.62 13.38 9.10
C ALA O 173 23.28 13.45 8.37
N ASN O 174 22.65 12.30 8.18
CA ASN O 174 21.34 12.26 7.55
C ASN O 174 20.24 12.45 8.59
N ILE O 175 19.02 12.58 8.10
CA ILE O 175 17.87 12.93 8.93
C ILE O 175 16.78 11.90 8.74
N PRO O 176 16.65 10.94 9.66
CA PRO O 176 15.51 10.00 9.63
C PRO O 176 14.26 10.67 10.17
N ALA O 177 13.29 10.89 9.30
CA ALA O 177 12.07 11.62 9.64
C ALA O 177 10.85 10.70 9.73
N CYS O 178 11.02 9.46 10.19
CA CYS O 178 9.92 8.54 10.46
C CYS O 178 9.08 8.30 9.20
N VAL O 179 9.74 7.68 8.22
CA VAL O 179 9.03 7.17 7.05
C VAL O 179 7.98 6.18 7.53
N PHE O 180 6.79 6.21 6.95
CA PHE O 180 6.43 7.18 5.92
C PHE O 180 5.20 7.96 6.32
N TRP O 181 4.87 7.94 7.62
CA TRP O 181 3.77 8.76 8.12
C TRP O 181 4.07 10.24 7.90
N ASP O 182 5.34 10.60 7.90
CA ASP O 182 5.80 11.93 7.57
C ASP O 182 6.10 11.97 6.07
N VAL O 183 6.85 12.99 5.62
CA VAL O 183 7.46 13.08 4.29
C VAL O 183 6.45 12.86 3.17
N ASP O 184 5.28 13.48 3.29
CA ASP O 184 4.33 13.46 2.20
C ASP O 184 4.94 14.08 0.95
N LYS O 185 4.65 13.48 -0.21
CA LYS O 185 5.18 13.93 -1.48
C LYS O 185 4.05 14.41 -2.36
N ASP O 186 4.20 15.61 -2.92
CA ASP O 186 3.21 16.23 -3.78
C ASP O 186 3.92 16.82 -4.99
N LEU O 187 3.45 16.54 -6.23
CA LEU O 187 2.25 15.82 -6.70
C LEU O 187 0.97 16.64 -6.48
N HIS O 188 0.06 16.65 -7.45
CA HIS O 188 0.17 15.90 -8.70
C HIS O 188 1.12 16.52 -9.71
N LEU O 189 1.47 17.79 -9.51
CA LEU O 189 2.39 18.45 -10.41
C LEU O 189 3.81 17.94 -10.18
N SER O 190 4.55 17.75 -11.27
CA SER O 190 5.87 17.15 -11.23
C SER O 190 6.62 17.54 -12.49
N ALA O 191 7.95 17.71 -12.39
CA ALA O 191 8.73 17.55 -11.17
C ALA O 191 9.94 18.49 -11.17
N ASP O 192 10.92 18.16 -10.32
CA ASP O 192 12.26 18.76 -10.36
C ASP O 192 12.21 20.18 -9.83
N GLY O 193 13.35 20.87 -9.82
CA GLY O 193 13.41 22.24 -9.34
C GLY O 193 14.07 22.33 -7.98
N LEU O 194 13.55 23.22 -7.13
CA LEU O 194 14.05 23.42 -5.77
C LEU O 194 13.02 22.93 -4.78
N LYS O 195 13.50 22.22 -3.77
CA LYS O 195 12.65 21.33 -2.98
C LYS O 195 12.38 21.97 -1.63
N HIS O 196 11.20 22.59 -1.51
CA HIS O 196 10.86 23.30 -0.28
C HIS O 196 10.21 22.36 0.71
N VAL O 197 10.71 22.37 1.93
CA VAL O 197 10.28 21.47 2.99
C VAL O 197 9.39 22.28 3.92
N PHE O 198 8.17 21.81 4.12
CA PHE O 198 7.14 22.53 4.87
C PHE O 198 6.61 21.68 6.02
N LEU O 199 6.39 22.33 7.15
CA LEU O 199 5.72 21.72 8.29
C LEU O 199 4.25 22.10 8.21
N VAL O 200 3.38 21.10 8.03
CA VAL O 200 1.98 21.33 7.70
C VAL O 200 1.09 20.57 8.68
N PHE O 201 0.03 21.23 9.14
CA PHE O 201 -1.08 20.60 9.83
C PHE O 201 -2.33 20.71 8.95
N VAL O 202 -3.19 19.69 8.97
CA VAL O 202 -4.37 19.69 8.11
C VAL O 202 -5.67 20.01 8.85
N TYR O 203 -5.75 19.71 10.14
CA TYR O 203 -6.92 20.00 10.98
C TYR O 203 -8.20 19.36 10.43
N THR O 204 -9.35 19.74 10.98
CA THR O 204 -10.63 19.22 10.53
C THR O 204 -11.70 20.29 10.71
N GLN O 205 -12.63 20.36 9.75
CA GLN O 205 -13.71 21.34 9.83
C GLN O 205 -14.59 21.11 11.05
N ARG O 206 -14.91 19.86 11.36
CA ARG O 206 -15.83 19.53 12.43
C ARG O 206 -15.28 18.38 13.27
N ARG O 207 -15.43 18.51 14.59
CA ARG O 207 -15.13 17.40 15.49
C ARG O 207 -16.00 16.19 15.12
N GLN O 208 -15.42 15.00 15.18
CA GLN O 208 -14.05 14.72 15.62
C GLN O 208 -13.11 14.57 14.42
N ARG O 209 -11.92 14.02 14.67
CA ARG O 209 -10.91 13.67 13.69
C ARG O 209 -10.07 14.90 13.32
N GLU O 210 -8.84 14.69 12.84
CA GLU O 210 -8.19 13.38 12.82
C GLU O 210 -7.74 12.88 14.20
N GLY O 211 -7.01 13.67 14.99
CA GLY O 211 -6.48 14.97 14.66
C GLY O 211 -5.35 15.30 15.60
N VAL O 212 -4.37 16.08 15.15
CA VAL O 212 -4.36 16.66 13.81
C VAL O 212 -3.10 16.19 13.10
N ARG O 213 -3.21 15.86 11.81
CA ARG O 213 -2.08 15.29 11.08
C ARG O 213 -0.94 16.31 11.00
N LEU O 214 0.24 15.88 11.40
CA LEU O 214 1.47 16.65 11.26
C LEU O 214 2.33 15.98 10.21
N HIS O 215 2.42 16.58 9.03
CA HIS O 215 3.16 16.00 7.93
C HIS O 215 4.16 17.01 7.38
N LEU O 216 5.40 16.57 7.22
CA LEU O 216 6.48 17.41 6.72
C LEU O 216 6.46 17.32 5.19
N ALA O 217 5.43 17.91 4.61
CA ALA O 217 5.15 17.78 3.18
C ALA O 217 6.19 18.54 2.36
N LEU O 218 6.88 17.80 1.49
CA LEU O 218 7.85 18.39 0.57
C LEU O 218 7.10 18.94 -0.64
N SER O 219 6.94 20.26 -0.68
CA SER O 219 6.21 20.92 -1.76
C SER O 219 7.17 21.72 -2.62
N GLN O 220 6.96 21.66 -3.94
CA GLN O 220 7.77 22.43 -4.86
C GLN O 220 7.39 23.91 -4.84
N LEU O 221 6.15 24.22 -4.53
CA LEU O 221 5.67 25.59 -4.58
C LEU O 221 6.14 26.37 -3.34
N ASN O 222 5.92 27.67 -3.38
CA ASN O 222 6.39 28.57 -2.35
C ASN O 222 5.49 28.51 -1.13
N GLU O 223 5.81 29.33 -0.13
CA GLU O 223 4.94 29.49 1.02
C GLU O 223 3.71 30.33 0.66
N GLN O 224 3.92 31.42 -0.08
CA GLN O 224 2.80 32.15 -0.66
C GLN O 224 2.07 31.28 -1.68
N CYS O 225 2.81 30.54 -2.49
CA CYS O 225 2.23 29.50 -3.32
C CYS O 225 1.86 28.34 -2.41
N PHE O 226 1.35 27.26 -3.01
CA PHE O 226 1.08 26.01 -2.29
C PHE O 226 -0.08 26.19 -1.33
N GLY O 227 -0.52 27.43 -1.12
CA GLY O 227 -1.76 27.65 -0.40
C GLY O 227 -2.95 27.13 -1.20
N ARG O 228 -2.97 27.43 -2.50
CA ARG O 228 -3.88 26.72 -3.39
C ARG O 228 -3.46 25.27 -3.52
N GLY O 229 -2.17 24.98 -3.32
CA GLY O 229 -1.69 23.61 -3.36
C GLY O 229 -2.07 22.80 -2.15
N ILE O 230 -2.42 23.43 -1.05
CA ILE O 230 -2.88 22.72 0.14
C ILE O 230 -4.39 22.77 0.27
N GLY O 231 -5.03 23.86 -0.16
CA GLY O 231 -6.48 23.90 -0.18
C GLY O 231 -7.07 22.88 -1.13
N PHE O 232 -6.42 22.67 -2.26
CA PHE O 232 -6.84 21.63 -3.19
C PHE O 232 -6.19 20.30 -2.81
N LEU O 233 -6.65 19.24 -3.47
CA LEU O 233 -6.12 17.89 -3.32
C LEU O 233 -6.39 17.36 -1.92
N LEU O 234 -5.65 17.84 -0.93
CA LEU O 234 -5.92 17.42 0.44
C LEU O 234 -7.27 17.95 0.91
N GLY O 235 -7.50 19.25 0.75
CA GLY O 235 -8.76 19.85 1.16
C GLY O 235 -9.88 19.73 0.17
N ALA O 236 -9.59 19.23 -1.04
CA ALA O 236 -10.64 19.07 -2.03
C ALA O 236 -11.54 17.88 -1.70
N ARG O 237 -10.96 16.77 -1.29
CA ARG O 237 -11.73 15.55 -1.03
C ARG O 237 -12.06 15.40 0.46
N ILE O 238 -12.56 16.48 1.05
CA ILE O 238 -12.98 16.45 2.45
C ILE O 238 -14.25 17.27 2.66
N CYS O 239 -12.16 27.91 9.74
CA CYS O 239 -13.02 26.77 9.50
C CYS O 239 -12.64 25.52 10.35
N MET O 240 -11.36 25.18 10.53
CA MET O 240 -10.22 25.73 9.83
C MET O 240 -9.47 24.56 9.21
N TYR O 241 -8.70 24.82 8.14
CA TYR O 241 -8.02 23.74 7.45
C TYR O 241 -6.50 23.82 7.53
N ALA O 242 -5.91 24.90 7.03
CA ALA O 242 -4.50 24.88 6.66
C ALA O 242 -3.67 25.85 7.50
N ALA O 243 -2.50 25.37 7.92
CA ALA O 243 -1.49 26.18 8.57
C ALA O 243 -0.14 25.51 8.32
N TYR O 244 0.71 26.14 7.51
CA TYR O 244 1.94 25.50 7.05
C TYR O 244 3.09 26.51 7.05
N THR O 245 4.28 26.04 7.39
CA THR O 245 5.47 26.88 7.43
C THR O 245 6.48 26.44 6.39
N LEU O 246 7.50 27.28 6.21
CA LEU O 246 8.67 26.91 5.41
C LEU O 246 9.78 26.51 6.39
N ILE O 247 9.87 25.21 6.64
CA ILE O 247 10.90 24.73 7.57
C ILE O 247 12.25 24.65 6.87
N GLY O 248 12.25 24.54 5.54
CA GLY O 248 13.54 24.48 4.87
C GLY O 248 13.39 24.50 3.36
N THR O 249 14.53 24.43 2.69
CA THR O 249 14.59 24.30 1.25
C THR O 249 15.90 23.63 0.89
N ILE O 250 15.86 22.71 -0.07
CA ILE O 250 17.04 21.94 -0.42
C ILE O 250 17.22 21.87 -1.94
N PRO O 251 18.45 22.11 -2.41
CA PRO O 251 18.85 21.69 -3.76
C PRO O 251 19.74 20.45 -3.73
N SER O 252 19.80 19.64 -4.79
CA SER O 252 19.03 19.79 -6.02
C SER O 252 18.98 18.46 -6.77
N GLU O 253 18.09 18.39 -7.75
CA GLU O 253 18.14 17.41 -8.84
C GLU O 253 18.25 15.96 -8.32
N SER O 254 17.19 15.48 -7.66
CA SER O 254 15.97 16.22 -7.36
C SER O 254 15.55 15.93 -5.92
N VAL O 255 16.00 14.79 -5.39
CA VAL O 255 15.73 14.42 -4.01
C VAL O 255 16.86 13.50 -3.55
N ARG O 256 16.90 13.19 -2.26
CA ARG O 256 18.03 12.44 -1.70
C ARG O 256 18.10 11.02 -2.27
N TYR O 257 16.99 10.25 -2.28
CA TYR O 257 15.72 10.42 -1.55
C TYR O 257 15.74 10.09 -0.03
N THR O 258 16.36 8.99 0.42
CA THR O 258 17.09 8.03 -0.39
C THR O 258 16.73 6.56 -0.12
N ARG O 259 15.96 6.29 0.95
CA ARG O 259 15.43 4.97 1.23
C ARG O 259 16.55 4.04 1.66
N ARG O 260 16.25 2.88 2.27
CA ARG O 260 14.92 2.49 2.70
C ARG O 260 14.82 2.18 4.19
N MET O 261 15.74 1.35 4.69
CA MET O 261 15.59 0.70 5.98
C MET O 261 16.62 1.20 6.99
N GLU O 262 16.16 1.48 8.20
CA GLU O 262 17.01 1.76 9.34
C GLU O 262 16.26 1.40 10.60
N ARG O 263 17.00 1.04 11.65
CA ARG O 263 16.40 0.57 12.90
C ARG O 263 16.96 1.39 14.06
N PHE O 264 16.27 2.47 14.41
CA PHE O 264 16.61 3.20 15.62
C PHE O 264 16.38 2.33 16.86
N GLY O 265 15.30 1.54 16.83
CA GLY O 265 14.98 0.67 17.93
C GLY O 265 15.03 -0.81 17.54
N GLY O 266 14.56 -1.65 18.46
CA GLY O 266 14.54 -3.08 18.21
C GLY O 266 13.63 -3.45 17.06
N TYR O 267 12.43 -2.87 17.02
CA TYR O 267 11.50 -3.17 15.95
C TYR O 267 11.84 -2.38 14.70
N ASN O 268 11.62 -3.01 13.55
CA ASN O 268 11.90 -2.36 12.28
C ASN O 268 10.87 -1.29 12.00
N VAL O 269 11.34 -0.10 11.62
CA VAL O 269 10.48 1.01 11.25
C VAL O 269 11.02 1.61 9.97
N PRO O 270 10.19 1.85 8.95
CA PRO O 270 10.69 2.55 7.76
C PRO O 270 11.21 3.93 8.12
N THR O 271 12.29 4.33 7.47
CA THR O 271 12.98 5.59 7.80
C THR O 271 13.30 6.36 6.53
N ILE O 272 13.15 7.68 6.61
CA ILE O 272 13.68 8.59 5.61
C ILE O 272 14.24 9.78 6.37
N TRP O 273 15.56 9.87 6.57
CA TRP O 273 16.72 9.32 5.84
C TRP O 273 16.84 10.01 4.49
N LEU O 274 16.84 11.34 4.56
CA LEU O 274 17.18 12.19 3.42
C LEU O 274 18.61 12.68 3.60
N GLU O 275 19.45 12.45 2.60
CA GLU O 275 20.82 12.93 2.61
C GLU O 275 20.94 14.22 1.82
N GLY O 276 21.85 15.10 2.26
CA GLY O 276 22.04 16.37 1.58
C GLY O 276 20.87 17.29 1.77
N VAL O 277 20.71 17.84 2.98
CA VAL O 277 19.55 18.65 3.34
C VAL O 277 20.02 20.03 3.79
N VAL O 278 19.17 21.03 3.56
CA VAL O 278 19.37 22.38 4.04
C VAL O 278 18.09 22.87 4.69
N TRP O 279 18.21 23.40 5.91
CA TRP O 279 17.09 24.03 6.59
C TRP O 279 17.14 25.54 6.41
N GLY O 280 15.99 26.12 6.09
CA GLY O 280 15.89 27.55 6.06
C GLY O 280 15.65 28.13 7.45
N GLY O 281 15.64 29.45 7.51
CA GLY O 281 15.37 30.17 8.73
C GLY O 281 13.88 30.34 8.97
N THR O 282 13.56 31.34 9.78
CA THR O 282 12.19 31.75 10.10
C THR O 282 11.50 30.70 10.95
N ASN O 283 10.60 31.14 11.84
CA ASN O 283 9.86 30.23 12.70
C ASN O 283 8.35 30.47 12.64
N THR O 284 7.88 31.21 11.64
CA THR O 284 6.48 31.57 11.49
C THR O 284 5.85 30.74 10.37
N TRP O 285 4.54 30.89 10.21
CA TRP O 285 3.82 30.24 9.12
C TRP O 285 2.54 30.99 8.80
N ASN O 286 2.30 31.22 7.50
CA ASN O 286 1.08 31.86 7.05
C ASN O 286 -0.07 30.85 7.16
N GLU O 287 -1.26 31.37 7.44
CA GLU O 287 -2.43 30.57 7.79
C GLU O 287 -3.52 30.74 6.74
N CYS O 288 -3.80 29.67 5.99
CA CYS O 288 -4.89 29.69 5.03
C CYS O 288 -6.22 29.60 5.77
N TYR O 289 -7.25 30.26 5.23
CA TYR O 289 -8.51 30.41 5.94
C TYR O 289 -8.29 30.88 7.37
N MET P 1 -25.18 12.85 -8.65
CA MET P 1 -24.53 13.11 -7.38
C MET P 1 -23.81 14.45 -7.41
N ASN P 2 -22.75 14.53 -8.21
CA ASN P 2 -21.97 15.76 -8.34
C ASN P 2 -22.85 16.91 -8.81
N ALA P 3 -23.71 16.65 -9.79
CA ALA P 3 -24.59 17.68 -10.29
C ALA P 3 -25.55 18.16 -9.22
N HIS P 4 -26.05 17.25 -8.38
CA HIS P 4 -27.00 17.64 -7.35
C HIS P 4 -26.34 18.56 -6.33
N LEU P 5 -25.15 18.20 -5.86
CA LEU P 5 -24.43 19.06 -4.93
C LEU P 5 -24.08 20.40 -5.58
N ALA P 6 -23.60 20.37 -6.82
CA ALA P 6 -23.19 21.58 -7.52
C ALA P 6 -24.37 22.48 -7.89
N ASN P 7 -25.58 21.93 -7.94
CA ASN P 7 -26.79 22.71 -8.19
C ASN P 7 -27.39 23.27 -6.91
N GLU P 8 -27.35 22.49 -5.81
CA GLU P 8 -27.64 23.09 -4.52
C GLU P 8 -26.65 24.21 -4.21
N VAL P 9 -25.42 24.07 -4.68
CA VAL P 9 -24.44 25.16 -4.61
C VAL P 9 -24.99 26.42 -5.26
N GLN P 10 -25.56 26.27 -6.47
CA GLN P 10 -26.18 27.41 -7.12
C GLN P 10 -27.41 27.89 -6.37
N TYR P 11 -28.05 27.00 -5.61
CA TYR P 11 -29.26 27.35 -4.89
C TYR P 11 -29.00 27.85 -3.47
N ASP P 12 -27.76 27.75 -2.97
CA ASP P 12 -27.49 28.03 -1.56
C ASP P 12 -27.95 29.43 -1.16
N LEU P 13 -27.62 30.43 -1.96
CA LEU P 13 -28.05 31.80 -1.68
C LEU P 13 -29.25 32.16 -2.54
N GLY P 14 -29.99 31.14 -2.98
CA GLY P 14 -31.20 31.34 -3.73
C GLY P 14 -31.01 32.13 -5.00
N HIS P 15 -29.95 31.83 -5.74
CA HIS P 15 -29.69 32.53 -7.00
C HIS P 15 -30.66 32.07 -8.09
N PRO P 16 -38.18 34.15 -3.42
CA PRO P 16 -37.61 32.85 -3.06
C PRO P 16 -37.86 31.80 -4.14
N SER P 17 -37.16 30.67 -4.04
CA SER P 17 -37.33 29.59 -5.00
C SER P 17 -37.04 28.27 -4.31
N SER P 18 -37.52 27.19 -4.90
CA SER P 18 -37.22 25.84 -4.47
C SER P 18 -36.48 25.12 -5.58
N LEU P 19 -35.99 23.92 -5.28
CA LEU P 19 -35.25 23.15 -6.27
C LEU P 19 -35.72 21.71 -6.24
N VAL P 20 -35.71 21.06 -7.40
CA VAL P 20 -36.07 19.65 -7.53
C VAL P 20 -34.97 18.95 -8.31
N HIS P 21 -34.27 18.03 -7.64
CA HIS P 21 -33.24 17.22 -8.29
C HIS P 21 -33.90 16.05 -9.00
N VAL P 22 -33.57 15.85 -10.28
CA VAL P 22 -34.22 14.85 -11.09
C VAL P 22 -33.17 13.95 -11.72
N ILE P 23 -33.47 12.66 -11.81
CA ILE P 23 -32.59 11.69 -12.45
C ILE P 23 -33.10 11.42 -13.86
N ILE P 24 -32.32 11.81 -14.84
CA ILE P 24 -32.70 11.70 -16.24
C ILE P 24 -32.41 10.29 -16.71
N SER P 25 -33.27 9.78 -17.61
CA SER P 25 -33.06 8.49 -18.23
C SER P 25 -32.83 8.65 -19.72
N SER P 26 -32.08 7.71 -20.29
CA SER P 26 -31.60 7.83 -21.65
C SER P 26 -32.74 7.79 -22.68
N GLU P 27 -33.72 6.93 -22.47
CA GLU P 27 -34.76 6.75 -23.50
C GLU P 27 -35.60 8.00 -23.68
N CYS P 28 -35.87 8.72 -22.59
CA CYS P 28 -36.69 9.92 -22.71
C CYS P 28 -35.97 11.01 -23.48
N LEU P 29 -34.70 11.25 -23.15
CA LEU P 29 -33.94 12.26 -23.89
C LEU P 29 -33.72 11.85 -25.34
N ALA P 30 -33.57 10.54 -25.60
CA ALA P 30 -33.52 10.07 -26.97
C ALA P 30 -34.82 10.38 -27.71
N ALA P 31 -35.96 10.19 -27.04
CA ALA P 31 -37.23 10.58 -27.63
C ALA P 31 -37.33 12.09 -27.82
N ALA P 32 -36.64 12.85 -26.97
CA ALA P 32 -36.65 14.31 -27.08
C ALA P 32 -35.97 14.79 -28.34
N GLY P 33 -35.19 13.95 -29.00
CA GLY P 33 -34.53 14.31 -30.24
C GLY P 33 -33.05 14.66 -30.15
N ILE P 34 -32.38 14.31 -29.06
CA ILE P 34 -30.96 14.63 -28.90
C ILE P 34 -30.14 13.36 -29.08
N PRO P 35 -28.91 13.44 -29.59
CA PRO P 35 -28.11 12.23 -29.80
C PRO P 35 -27.44 11.78 -28.51
N LEU P 36 -27.43 10.46 -28.30
CA LEU P 36 -26.81 9.90 -27.10
C LEU P 36 -25.31 10.16 -27.06
N ALA P 37 -24.63 10.02 -28.20
CA ALA P 37 -23.18 10.18 -28.24
C ALA P 37 -22.75 11.62 -27.99
N ALA P 38 -23.66 12.58 -28.12
CA ALA P 38 -23.32 13.98 -27.85
C ALA P 38 -22.97 14.21 -26.38
N LEU P 39 -23.41 13.31 -25.50
CA LEU P 39 -23.27 13.54 -24.07
C LEU P 39 -22.01 12.95 -23.47
N MET P 40 -21.25 12.14 -24.24
CA MET P 40 -20.03 11.56 -23.69
C MET P 40 -18.88 12.57 -23.69
N ARG P 41 -18.84 13.45 -24.68
CA ARG P 41 -17.74 14.40 -24.84
C ARG P 41 -17.86 15.54 -23.83
N ALA P 42 -17.39 15.06 -14.39
CA ALA P 42 -18.35 14.97 -15.48
C ALA P 42 -19.30 16.16 -15.47
N ASN P 43 -18.80 17.30 -14.99
CA ASN P 43 -19.62 18.50 -14.93
C ASN P 43 -20.00 18.95 -16.34
N PHE P 44 -21.29 19.26 -16.52
CA PHE P 44 -21.80 19.62 -17.83
C PHE P 44 -22.81 20.74 -17.68
N GLN P 45 -22.63 21.82 -18.44
CA GLN P 45 -23.44 23.02 -18.25
C GLN P 45 -24.82 22.85 -18.87
N VAL P 46 -25.85 23.12 -18.08
CA VAL P 46 -27.24 23.06 -18.53
C VAL P 46 -27.84 24.45 -18.32
N GLU P 47 -28.51 24.96 -19.36
CA GLU P 47 -29.02 26.33 -19.32
C GLU P 47 -30.48 26.29 -18.92
N ILE P 48 -30.83 27.02 -17.85
CA ILE P 48 -32.08 26.82 -17.13
C ILE P 48 -32.82 28.15 -17.02
N GLN P 49 -34.12 28.13 -17.34
CA GLN P 49 -35.02 29.23 -17.02
C GLN P 49 -36.39 28.68 -16.67
N THR P 50 -37.25 29.55 -16.15
CA THR P 50 -38.65 29.22 -15.90
C THR P 50 -39.53 30.32 -16.49
N ARG P 51 -40.58 29.92 -17.21
CA ARG P 51 -41.47 30.86 -17.86
C ARG P 51 -42.76 31.01 -17.05
N ALA P 52 -43.35 32.19 -17.13
CA ALA P 52 -44.54 32.48 -16.35
C ALA P 52 -45.76 31.76 -16.91
N HIS P 53 -46.86 31.85 -16.17
CA HIS P 53 -48.10 31.14 -16.50
C HIS P 53 -49.01 32.09 -17.27
N ALA P 54 -48.95 32.01 -18.60
CA ALA P 54 -49.79 32.81 -19.49
C ALA P 54 -49.65 34.30 -19.22
N THR P 55 -48.41 34.73 -19.03
CA THR P 55 -48.10 36.13 -18.73
C THR P 55 -47.31 36.80 -19.83
N GLY P 56 -46.22 36.20 -20.28
CA GLY P 56 -45.41 36.78 -21.33
C GLY P 56 -43.96 36.96 -20.95
N ASP P 57 -43.70 37.34 -19.69
CA ASP P 57 -42.34 37.49 -19.22
C ASP P 57 -41.79 36.14 -18.74
N CYS P 58 -40.47 36.01 -18.82
CA CYS P 58 -39.80 34.79 -18.39
C CYS P 58 -38.62 35.16 -17.50
N THR P 59 -38.30 34.25 -16.59
CA THR P 59 -37.15 34.45 -15.72
C THR P 59 -35.87 34.36 -16.54
N PRO P 60 -34.84 35.12 -16.17
CA PRO P 60 -33.63 35.16 -17.00
C PRO P 60 -32.94 33.80 -17.07
N TRP P 61 -32.34 33.55 -18.22
CA TRP P 61 -31.56 32.33 -18.41
C TRP P 61 -30.37 32.29 -17.47
N CYS P 62 -30.16 31.14 -16.84
CA CYS P 62 -29.10 30.94 -15.85
C CYS P 62 -28.31 29.69 -16.21
N THR P 63 -27.09 29.59 -15.70
CA THR P 63 -26.23 28.44 -15.97
C THR P 63 -26.22 27.50 -14.77
N ALA P 64 -26.15 26.19 -15.04
CA ALA P 64 -25.98 25.23 -13.98
C ALA P 64 -25.12 24.05 -14.43
N PHE P 65 -24.89 23.09 -13.54
CA PHE P 65 -24.00 21.97 -13.79
C PHE P 65 -24.82 20.69 -13.94
N ALA P 66 -24.25 19.71 -14.64
CA ALA P 66 -24.93 18.45 -14.88
C ALA P 66 -23.91 17.34 -15.05
N ALA P 67 -24.41 16.10 -15.08
CA ALA P 67 -23.55 14.92 -15.22
C ALA P 67 -24.35 13.82 -15.88
N TYR P 68 -23.76 13.14 -16.85
CA TYR P 68 -24.39 12.03 -17.56
C TYR P 68 -23.55 10.77 -17.41
N VAL P 69 -24.21 9.63 -17.16
CA VAL P 69 -23.55 8.35 -17.04
C VAL P 69 -24.46 7.22 -17.51
N PRO P 70 -24.10 6.48 -18.57
CA PRO P 70 -24.85 5.26 -18.91
C PRO P 70 -24.47 4.07 -18.03
N ALA P 71 -25.34 3.71 -17.10
CA ALA P 71 -25.19 2.54 -16.23
C ALA P 71 -26.51 2.39 -15.48
N ASP P 72 -26.55 1.52 -14.49
CA ASP P 72 -27.73 1.51 -13.62
C ASP P 72 -27.78 2.82 -12.85
N ALA P 73 -28.68 3.72 -13.25
CA ALA P 73 -28.69 5.08 -12.71
C ALA P 73 -28.98 5.06 -11.21
N VAL P 74 -29.89 4.21 -10.77
CA VAL P 74 -30.19 4.09 -9.35
C VAL P 74 -29.00 3.51 -8.61
N GLY P 75 -28.17 2.71 -9.29
CA GLY P 75 -27.10 2.01 -8.61
C GLY P 75 -26.07 2.93 -7.99
N GLU P 76 -25.60 3.93 -8.73
CA GLU P 76 -24.53 4.79 -8.21
C GLU P 76 -24.97 5.53 -6.96
N LEU P 77 -26.20 6.03 -6.95
CA LEU P 77 -26.68 6.78 -5.80
C LEU P 77 -27.04 5.86 -4.64
N LEU P 78 -27.49 4.63 -4.93
CA LEU P 78 -27.85 3.71 -3.86
C LEU P 78 -26.71 2.77 -3.50
N ALA P 79 -25.98 2.26 -4.49
CA ALA P 79 -24.87 1.33 -4.26
C ALA P 79 -23.62 1.96 -4.85
N PRO P 80 -22.94 2.80 -4.09
CA PRO P 80 -21.79 3.54 -4.64
C PRO P 80 -20.63 2.62 -4.97
N VAL P 81 -19.76 3.09 -5.85
CA VAL P 81 -18.62 2.34 -6.31
C VAL P 81 -17.37 2.97 -5.71
N VAL P 82 -16.72 2.25 -4.81
CA VAL P 82 -15.40 2.66 -4.32
C VAL P 82 -14.37 2.39 -5.41
N PRO P 83 -13.53 3.36 -5.76
CA PRO P 83 -12.53 3.10 -6.82
C PRO P 83 -11.64 1.91 -6.51
N ALA P 84 -11.33 1.69 -5.23
CA ALA P 84 -10.58 0.49 -4.86
C ALA P 84 -11.47 -0.74 -4.87
N HIS P 85 -12.74 -0.60 -4.47
CA HIS P 85 -13.63 -1.74 -4.26
C HIS P 85 -14.94 -1.53 -5.03
N PRO P 86 -14.94 -1.73 -6.35
CA PRO P 86 -16.20 -1.67 -7.09
C PRO P 86 -17.07 -2.90 -6.91
N GLY P 87 -16.50 -4.03 -6.53
CA GLY P 87 -17.28 -5.23 -6.27
C GLY P 87 -17.68 -5.33 -4.81
N LEU P 88 -17.44 -4.24 -4.07
CA LEU P 88 -17.87 -4.18 -2.68
C LEU P 88 -19.39 -4.27 -2.57
N LEU P 89 -20.10 -3.63 -3.51
CA LEU P 89 -21.56 -3.67 -3.56
C LEU P 89 -21.97 -4.10 -4.96
N PRO P 90 -21.92 -5.41 -5.25
CA PRO P 90 -22.38 -5.89 -6.56
C PRO P 90 -23.88 -5.66 -6.73
N ARG P 91 -24.28 -5.43 -7.97
CA ARG P 91 -25.67 -5.06 -8.26
C ARG P 91 -26.01 -5.43 -9.70
N ALA P 92 -27.25 -5.10 -10.08
CA ALA P 92 -27.78 -5.38 -11.41
C ALA P 92 -27.55 -4.17 -12.32
N SER P 93 -28.23 -4.19 -13.47
CA SER P 93 -28.07 -3.15 -14.48
C SER P 93 -29.38 -2.40 -14.72
N SER P 94 -29.24 -1.17 -15.22
CA SER P 94 -30.38 -0.33 -15.56
C SER P 94 -29.92 0.72 -16.57
N ALA P 95 -30.87 1.51 -17.06
CA ALA P 95 -30.58 2.57 -18.00
C ALA P 95 -29.89 3.74 -17.29
N GLY P 96 -28.98 4.38 -18.02
CA GLY P 96 -28.18 5.47 -17.47
C GLY P 96 -28.49 6.78 -18.15
N GLY P 97 -28.51 7.86 -17.36
CA GLY P 97 -28.87 9.15 -17.89
C GLY P 97 -28.18 10.34 -17.23
N LEU P 98 -28.77 11.51 -17.39
CA LEU P 98 -28.18 12.77 -16.97
C LEU P 98 -28.58 13.08 -15.53
N PHE P 99 -27.88 14.05 -14.93
CA PHE P 99 -28.17 14.51 -13.57
C PHE P 99 -28.32 16.04 -13.61
N VAL P 100 -29.53 16.53 -13.35
CA VAL P 100 -29.75 17.97 -13.23
C VAL P 100 -30.73 18.23 -12.10
N SER P 101 -30.84 19.50 -11.73
CA SER P 101 -31.88 20.00 -10.85
C SER P 101 -32.56 21.20 -11.50
N LEU P 102 -33.87 21.31 -11.28
CA LEU P 102 -34.65 22.38 -11.88
C LEU P 102 -35.36 23.16 -10.78
N PRO P 103 -35.34 24.49 -10.85
CA PRO P 103 -35.97 25.30 -9.79
C PRO P 103 -37.47 25.44 -10.00
N VAL P 104 -38.13 25.81 -8.90
CA VAL P 104 -39.56 26.04 -8.85
C VAL P 104 -39.79 27.43 -8.25
N VAL P 105 -40.63 28.22 -8.90
CA VAL P 105 -40.91 29.58 -8.42
C VAL P 105 -41.57 29.50 -7.05
N CYS P 106 -41.17 30.41 -6.16
CA CYS P 106 -41.70 30.42 -4.80
C CYS P 106 -42.00 31.85 -4.37
N ASP P 107 -42.92 31.96 -3.42
CA ASP P 107 -43.30 33.23 -2.83
C ASP P 107 -43.60 33.04 -1.35
N ALA P 108 -44.23 34.02 -0.71
CA ALA P 108 -44.71 33.85 0.64
C ALA P 108 -45.75 32.73 0.66
N GLN P 109 -45.77 31.96 1.76
CA GLN P 109 -46.52 30.71 1.87
C GLN P 109 -46.47 29.93 0.56
N GLY P 110 -45.24 29.61 0.16
CA GLY P 110 -44.92 29.09 -1.16
C GLY P 110 -45.81 28.00 -1.71
N VAL P 111 -46.55 28.31 -2.76
CA VAL P 111 -47.40 27.36 -3.47
C VAL P 111 -47.00 27.39 -4.94
N TYR P 112 -46.64 26.22 -5.48
CA TYR P 112 -46.15 26.14 -6.84
C TYR P 112 -47.28 26.37 -7.86
N ASP P 113 -46.91 26.97 -8.99
CA ASP P 113 -47.86 27.40 -9.99
C ASP P 113 -48.14 26.27 -10.97
N PRO P 114 -49.38 25.79 -11.08
CA PRO P 114 -49.67 24.75 -12.05
C PRO P 114 -49.77 25.33 -13.45
N TYR P 115 -49.69 24.44 -14.44
CA TYR P 115 -49.90 24.74 -15.85
C TYR P 115 -48.86 25.69 -16.43
N ALA P 116 -47.78 25.96 -15.70
CA ALA P 116 -46.65 26.70 -16.21
C ALA P 116 -45.47 25.75 -16.41
N VAL P 117 -44.44 26.25 -17.08
CA VAL P 117 -43.36 25.40 -17.58
C VAL P 117 -42.02 26.05 -17.26
N ALA P 118 -41.07 25.23 -16.82
CA ALA P 118 -39.67 25.60 -16.77
C ALA P 118 -38.98 25.08 -18.02
N ALA P 119 -38.21 25.95 -18.67
CA ALA P 119 -37.53 25.61 -19.91
C ALA P 119 -36.07 25.29 -19.61
N LEU P 120 -35.58 24.18 -20.17
CA LEU P 120 -34.20 23.77 -20.04
C LEU P 120 -33.49 23.92 -21.38
N ARG P 121 -32.15 23.83 -21.33
CA ARG P 121 -31.35 23.83 -22.55
C ARG P 121 -30.06 23.06 -22.27
N LEU P 122 -29.84 21.99 -23.00
CA LEU P 122 -28.63 21.19 -22.88
C LEU P 122 -27.62 21.62 -23.93
N ALA P 123 -26.45 22.04 -23.49
CA ALA P 123 -25.41 22.59 -24.36
C ALA P 123 -24.25 21.60 -24.43
N TRP P 124 -24.28 20.76 -25.45
CA TRP P 124 -23.19 19.83 -25.74
C TRP P 124 -22.30 20.31 -26.87
N GLY P 125 -22.42 21.56 -27.27
CA GLY P 125 -21.60 22.09 -28.35
C GLY P 125 -21.97 23.53 -28.63
N SER P 126 -21.37 24.06 -29.70
CA SER P 126 -21.63 25.43 -30.11
C SER P 126 -22.72 25.48 -31.18
N GLY P 127 -23.69 26.34 -30.97
CA GLY P 127 -24.76 26.53 -31.93
C GLY P 127 -26.09 26.01 -31.43
N ALA P 128 -27.17 26.57 -31.97
CA ALA P 128 -28.51 26.12 -31.62
C ALA P 128 -28.85 24.76 -32.21
N SER P 129 -28.27 24.41 -33.37
CA SER P 129 -28.55 23.13 -33.98
C SER P 129 -28.11 21.96 -33.11
N CYS P 130 -27.23 22.20 -32.15
CA CYS P 130 -26.83 21.20 -31.16
C CYS P 130 -27.40 21.55 -29.79
N ALA P 131 -28.65 22.03 -29.77
CA ALA P 131 -29.34 22.33 -28.54
C ALA P 131 -30.84 22.18 -28.76
N ARG P 132 -31.52 21.57 -27.80
CA ARG P 132 -32.96 21.39 -27.84
C ARG P 132 -33.57 21.82 -26.51
N VAL P 133 -34.80 22.31 -26.57
CA VAL P 133 -35.51 22.81 -25.40
C VAL P 133 -36.60 21.81 -25.01
N ILE P 134 -36.68 21.50 -23.73
CA ILE P 134 -37.65 20.54 -23.21
C ILE P 134 -38.53 21.25 -22.18
N LEU P 135 -39.84 21.10 -22.33
CA LEU P 135 -40.81 21.72 -21.44
C LEU P 135 -41.09 20.82 -20.25
N PHE P 136 -41.21 21.45 -19.07
CA PHE P 136 -41.44 20.73 -17.83
C PHE P 136 -42.51 21.48 -17.05
N SER P 137 -43.70 20.89 -16.91
CA SER P 137 -44.74 21.51 -16.09
C SER P 137 -44.47 21.26 -14.61
N TYR P 138 -44.71 22.29 -13.80
CA TYR P 138 -44.44 22.18 -12.36
C TYR P 138 -45.39 21.26 -11.62
N ASP P 139 -46.55 20.91 -12.19
CA ASP P 139 -47.34 19.86 -11.57
C ASP P 139 -46.63 18.51 -11.69
N GLU P 140 -46.04 18.26 -12.86
CA GLU P 140 -45.15 17.11 -13.04
C GLU P 140 -43.98 17.18 -12.07
N LEU P 141 -43.39 18.36 -11.92
CA LEU P 141 -42.14 18.49 -11.19
C LEU P 141 -42.31 18.13 -9.72
N VAL P 142 -43.46 18.46 -9.13
CA VAL P 142 -43.72 18.22 -7.72
C VAL P 142 -44.42 16.88 -7.58
N PRO P 143 -43.80 15.87 -6.98
CA PRO P 143 -44.53 14.65 -6.66
C PRO P 143 -45.33 14.82 -5.37
N PRO P 144 -46.19 13.86 -5.03
CA PRO P 144 -46.94 13.97 -3.76
C PRO P 144 -46.04 14.11 -2.54
N ASN P 145 -45.16 13.13 -2.31
CA ASN P 145 -44.32 13.16 -1.12
C ASN P 145 -43.11 12.26 -1.34
N THR P 146 -42.15 12.38 -0.43
CA THR P 146 -40.87 11.68 -0.52
C THR P 146 -41.01 10.22 -0.12
N ARG P 147 -39.93 9.47 -0.32
CA ARG P 147 -39.87 8.03 -0.04
C ARG P 147 -38.62 7.71 0.77
N TYR P 148 -38.42 8.46 1.86
CA TYR P 148 -37.33 8.15 2.78
C TYR P 148 -37.49 6.77 3.40
N ALA P 149 -38.74 6.31 3.57
CA ALA P 149 -39.01 5.07 4.27
C ALA P 149 -38.57 3.83 3.49
N ALA P 150 -38.18 3.99 2.23
CA ALA P 150 -37.75 2.84 1.44
C ALA P 150 -36.25 2.58 1.54
N ASP P 151 -35.49 3.46 2.18
CA ASP P 151 -34.05 3.27 2.30
C ASP P 151 -33.64 2.52 3.56
N SER P 152 -34.60 2.21 4.45
CA SER P 152 -34.27 1.61 5.73
C SER P 152 -33.58 0.25 5.59
N THR P 153 -33.94 -0.53 4.58
CA THR P 153 -33.35 -1.84 4.38
C THR P 153 -32.01 -1.78 3.65
N ARG P 154 -31.55 -0.59 3.28
CA ARG P 154 -30.30 -0.42 2.56
C ARG P 154 -29.10 -0.23 3.49
N ILE P 155 -29.27 0.47 4.61
CA ILE P 155 -28.17 0.65 5.55
C ILE P 155 -27.79 -0.69 6.17
N MET P 156 -28.78 -1.49 6.56
CA MET P 156 -28.50 -2.83 7.06
C MET P 156 -27.83 -3.69 5.99
N ARG P 157 -28.27 -3.56 4.73
CA ARG P 157 -27.67 -4.31 3.65
C ARG P 157 -26.20 -3.94 3.46
N VAL P 158 -25.90 -2.64 3.53
CA VAL P 158 -24.52 -2.17 3.40
C VAL P 158 -23.69 -2.65 4.59
N CYS P 159 -24.25 -2.61 5.79
CA CYS P 159 -23.53 -3.14 6.95
C CYS P 159 -23.16 -4.60 6.76
N ARG P 160 -24.14 -5.42 6.35
CA ARG P 160 -23.88 -6.84 6.14
C ARG P 160 -22.85 -7.06 5.05
N HIS P 161 -22.95 -6.32 3.94
CA HIS P 161 -22.02 -6.51 2.83
C HIS P 161 -20.61 -6.06 3.20
N LEU P 162 -20.48 -4.98 3.97
CA LEU P 162 -19.16 -4.59 4.45
C LEU P 162 -18.58 -5.65 5.37
N CYS P 163 -19.41 -6.20 6.26
CA CYS P 163 -18.92 -7.27 7.13
C CYS P 163 -18.44 -8.46 6.32
N ARG P 164 -19.22 -8.88 5.32
CA ARG P 164 -18.81 -10.00 4.48
C ARG P 164 -17.52 -9.70 3.73
N TYR P 165 -17.40 -8.48 3.20
CA TYR P 165 -16.22 -8.15 2.40
C TYR P 165 -14.97 -8.08 3.27
N VAL P 166 -15.10 -7.54 4.49
CA VAL P 166 -13.97 -7.53 5.40
C VAL P 166 -13.60 -8.96 5.81
N ALA P 167 -14.60 -9.81 6.04
CA ALA P 167 -14.31 -11.21 6.35
C ALA P 167 -13.59 -11.88 5.21
N LEU P 168 -13.97 -11.57 3.97
CA LEU P 168 -13.27 -12.10 2.80
C LEU P 168 -11.82 -11.64 2.77
N LEU P 169 -11.60 -10.33 2.92
CA LEU P 169 -10.24 -9.80 2.82
C LEU P 169 -9.38 -10.33 3.97
N GLY P 170 -10.00 -10.66 5.10
CA GLY P 170 -9.34 -11.35 6.19
C GLY P 170 -8.16 -10.60 6.78
N ALA P 171 -7.02 -11.27 6.88
CA ALA P 171 -5.81 -10.64 7.37
C ALA P 171 -5.29 -9.54 6.45
N ALA P 172 -5.62 -9.60 5.15
CA ALA P 172 -5.26 -8.53 4.24
C ALA P 172 -6.10 -7.28 4.46
N ALA P 173 -7.25 -7.40 5.12
CA ALA P 173 -8.05 -6.23 5.43
C ALA P 173 -7.33 -5.35 6.44
N PRO P 174 -7.40 -4.04 6.30
CA PRO P 174 -6.81 -3.16 7.29
C PRO P 174 -7.45 -3.38 8.65
N PRO P 175 -6.68 -3.24 9.73
CA PRO P 175 -7.25 -3.48 11.06
C PRO P 175 -8.42 -2.57 11.39
N ALA P 176 -8.44 -1.33 10.86
CA ALA P 176 -9.59 -0.46 11.09
C ALA P 176 -10.85 -1.05 10.46
N ALA P 177 -10.75 -1.56 9.24
CA ALA P 177 -11.90 -2.21 8.62
C ALA P 177 -12.29 -3.48 9.39
N LYS P 178 -11.30 -4.19 9.92
CA LYS P 178 -11.59 -5.33 10.78
C LYS P 178 -12.40 -4.90 12.00
N GLU P 179 -12.01 -3.80 12.64
CA GLU P 179 -12.74 -3.30 13.79
C GLU P 179 -14.16 -2.91 13.41
N ALA P 180 -14.31 -2.22 12.28
CA ALA P 180 -15.64 -1.80 11.84
C ALA P 180 -16.54 -3.00 11.58
N ALA P 181 -16.02 -4.02 10.88
CA ALA P 181 -16.83 -5.20 10.59
C ALA P 181 -17.16 -5.97 11.86
N ALA P 182 -16.20 -6.11 12.77
CA ALA P 182 -16.44 -6.84 14.00
C ALA P 182 -17.50 -6.15 14.85
N HIS P 183 -17.44 -4.82 14.96
CA HIS P 183 -18.38 -4.11 15.80
C HIS P 183 -19.70 -3.83 15.11
N LEU P 184 -19.78 -3.99 13.79
CA LEU P 184 -21.06 -3.93 13.10
C LEU P 184 -21.75 -5.28 13.04
N SER P 185 -21.00 -6.38 13.03
CA SER P 185 -21.61 -7.70 12.97
C SER P 185 -22.46 -7.97 14.19
N MET P 186 -22.02 -7.53 15.37
CA MET P 186 -22.85 -7.64 16.57
C MET P 186 -24.12 -6.82 16.46
N GLY P 187 -24.17 -5.85 15.55
CA GLY P 187 -25.35 -5.07 15.26
C GLY P 187 -26.22 -5.62 14.16
N LEU P 188 -25.91 -6.82 13.65
CA LEU P 188 -26.73 -7.44 12.61
C LEU P 188 -27.24 -8.79 13.07
N PRO P 189 -27.06 -11.52 -1.44
CA PRO P 189 -27.63 -11.16 -2.74
C PRO P 189 -27.21 -9.76 -3.19
N PRO P 190 -27.12 -9.55 -4.50
CA PRO P 190 -26.80 -8.21 -5.01
C PRO P 190 -27.93 -7.22 -4.74
N ILE P 191 -27.54 -5.95 -4.66
CA ILE P 191 -28.50 -4.88 -4.40
C ILE P 191 -29.30 -4.63 -5.68
N SER P 192 -30.62 -4.78 -5.60
CA SER P 192 -31.49 -4.53 -6.74
C SER P 192 -31.93 -3.07 -6.72
N PRO P 193 -31.52 -2.26 -7.70
CA PRO P 193 -31.89 -0.84 -7.67
C PRO P 193 -33.32 -0.60 -8.12
N GLU P 194 -33.87 -1.56 -8.85
CA GLU P 194 -35.18 -1.41 -9.47
C GLU P 194 -36.34 -1.83 -8.57
N GLU P 195 -36.06 -2.41 -7.40
CA GLU P 195 -37.12 -2.75 -6.46
C GLU P 195 -37.65 -1.53 -5.74
N GLN P 196 -36.82 -0.52 -5.49
CA GLN P 196 -37.27 0.65 -4.75
C GLN P 196 -38.29 1.48 -5.52
N LEU P 197 -38.23 1.47 -6.85
CA LEU P 197 -39.14 2.30 -7.63
C LEU P 197 -40.56 1.73 -7.64
N THR P 198 -40.69 0.42 -7.49
CA THR P 198 -41.98 -0.24 -7.45
C THR P 198 -42.48 -0.45 -6.03
N ALA P 199 -41.81 0.11 -5.03
CA ALA P 199 -42.20 -0.08 -3.65
C ALA P 199 -43.47 0.71 -3.33
N PRO P 200 -44.56 0.07 -2.90
CA PRO P 200 -45.78 0.81 -2.51
C PRO P 200 -45.78 1.23 -1.05
N GLY P 201 -44.95 2.22 -0.74
CA GLY P 201 -44.90 2.78 0.59
C GLY P 201 -44.14 4.10 0.63
N GLY P 202 -44.78 5.14 1.14
CA GLY P 202 -44.19 6.46 1.14
C GLY P 202 -44.11 7.07 2.53
N ASP P 203 -44.01 8.41 2.57
CA ASP P 203 -43.88 9.09 3.86
C ASP P 203 -45.21 9.11 4.64
N THR P 204 -46.31 9.40 3.94
CA THR P 204 -47.61 9.48 4.62
C THR P 204 -48.05 8.11 5.13
N THR P 205 -47.83 7.06 4.34
CA THR P 205 -48.18 5.72 4.77
C THR P 205 -47.40 5.32 6.01
N ALA P 206 -46.10 5.61 6.03
CA ALA P 206 -45.30 5.31 7.21
C ALA P 206 -45.76 6.12 8.42
N ALA P 207 -46.14 7.38 8.22
CA ALA P 207 -46.65 8.18 9.33
C ALA P 207 -47.94 7.61 9.89
N GLN P 208 -48.83 7.12 9.02
CA GLN P 208 -50.10 6.56 9.47
C GLN P 208 -49.94 5.17 10.08
N ASP P 209 -48.89 4.44 9.70
CA ASP P 209 -48.69 3.09 10.21
C ASP P 209 -48.49 3.06 11.72
N VAL P 210 -47.71 3.98 12.28
CA VAL P 210 -47.49 4.00 13.73
C VAL P 210 -48.79 4.29 14.47
N SER P 211 -49.61 5.22 13.96
CA SER P 211 -50.89 5.50 14.60
C SER P 211 -51.81 4.29 14.54
N ILE P 212 -51.84 3.58 13.41
CA ILE P 212 -52.74 2.45 13.30
C ILE P 212 -52.20 1.24 14.04
N ALA P 213 -50.90 1.24 14.38
CA ALA P 213 -50.28 0.08 15.02
C ALA P 213 -50.26 0.19 16.54
N GLN P 214 -49.93 1.37 17.09
CA GLN P 214 -49.83 1.52 18.53
C GLN P 214 -51.17 1.22 19.21
N GLU P 215 -52.26 1.70 18.62
CA GLU P 215 -53.58 1.49 19.22
C GLU P 215 -53.92 0.01 19.30
N ASN P 216 -53.73 -0.73 18.20
CA ASN P 216 -54.02 -2.16 18.22
C ASN P 216 -53.09 -2.88 19.17
N GLU P 217 -51.81 -2.46 19.24
CA GLU P 217 -50.88 -3.09 20.16
C GLU P 217 -51.32 -2.94 21.61
N GLU P 218 -51.72 -1.73 22.01
CA GLU P 218 -52.06 -1.52 23.41
C GLU P 218 -53.42 -2.13 23.76
N ILE P 219 -54.35 -2.17 22.80
CA ILE P 219 -55.60 -2.88 23.06
C ILE P 219 -55.35 -4.38 23.19
N LEU P 220 -54.48 -4.94 22.35
CA LEU P 220 -54.10 -6.34 22.49
C LEU P 220 -53.45 -6.61 23.84
N ALA P 221 -52.61 -5.68 24.30
CA ALA P 221 -52.01 -5.82 25.63
C ALA P 221 -53.07 -5.79 26.72
N LEU P 222 -54.07 -4.92 26.59
CA LEU P 222 -55.15 -4.88 27.57
C LEU P 222 -56.04 -6.12 27.50
N VAL P 223 -56.02 -6.82 26.37
CA VAL P 223 -56.84 -8.03 26.22
C VAL P 223 -56.46 -9.07 27.28
N GLN P 224 -55.16 -9.35 27.42
CA GLN P 224 -54.72 -10.30 28.43
C GLN P 224 -54.94 -9.75 29.83
N ARG P 225 -54.64 -8.48 30.04
CA ARG P 225 -54.80 -7.84 31.34
C ARG P 225 -55.82 -6.71 31.28
N ARG P 226 -22.65 4.85 20.22
CA ARG P 226 -22.34 5.10 18.81
C ARG P 226 -23.26 4.28 17.91
N SER P 227 -23.62 4.85 16.76
CA SER P 227 -24.65 4.28 15.91
C SER P 227 -24.01 3.52 14.75
N LEU P 228 -24.86 2.97 13.87
CA LEU P 228 -24.36 2.15 12.77
C LEU P 228 -23.71 3.00 11.68
N VAL P 229 -24.19 4.24 11.51
CA VAL P 229 -23.71 5.06 10.39
C VAL P 229 -22.26 5.47 10.60
N GLU P 230 -21.86 5.85 11.81
CA GLU P 230 -20.46 6.20 12.04
C GLU P 230 -19.58 4.95 11.98
N TRP P 231 -20.11 3.81 12.41
CA TRP P 231 -19.39 2.56 12.28
C TRP P 231 -19.12 2.22 10.82
N LEU P 232 -20.10 2.49 9.96
CA LEU P 232 -19.90 2.36 8.52
C LEU P 232 -18.92 3.40 7.99
N ASP P 233 -18.99 4.63 8.50
CA ASP P 233 -18.15 5.71 8.01
C ASP P 233 -16.68 5.43 8.27
N ARG P 234 -16.37 4.86 9.44
CA ARG P 234 -14.97 4.52 9.72
C ARG P 234 -14.48 3.36 8.86
N GLY P 235 -15.38 2.67 8.16
CA GLY P 235 -14.98 1.69 7.16
C GLY P 235 -14.82 2.33 5.79
N TRP P 236 -15.75 3.23 5.45
CA TRP P 236 -15.65 3.95 4.19
C TRP P 236 -14.38 4.79 4.14
N GLU P 237 -13.96 5.35 5.27
CA GLU P 237 -12.74 6.15 5.31
C GLU P 237 -11.52 5.34 4.88
N ALA P 238 -11.38 4.12 5.39
CA ALA P 238 -10.25 3.27 5.06
C ALA P 238 -10.38 2.67 3.68
N LEU P 239 -11.59 2.24 3.30
CA LEU P 239 -11.75 1.53 2.04
C LEU P 239 -11.78 2.46 0.84
N ALA P 240 -12.15 3.73 1.02
CA ALA P 240 -12.21 4.68 -0.08
C ALA P 240 -10.94 5.50 -0.22
N GLY P 241 -10.56 6.23 0.82
CA GLY P 241 -9.35 7.03 0.77
C GLY P 241 -9.54 8.49 1.11
N GLY P 242 -10.71 8.85 1.60
CA GLY P 242 -10.97 10.22 2.02
C GLY P 242 -12.37 10.34 2.56
N ASP P 243 -12.64 11.50 3.17
CA ASP P 243 -14.00 11.78 3.66
C ASP P 243 -14.97 11.91 2.49
N ARG P 244 -14.63 12.75 1.50
CA ARG P 244 -15.33 12.86 0.23
C ARG P 244 -16.84 12.96 0.40
N PRO P 245 -17.37 14.13 0.75
CA PRO P 245 -18.81 14.25 1.02
C PRO P 245 -19.72 13.74 -0.12
N ASP P 246 -19.15 13.30 -1.25
CA ASP P 246 -19.94 12.64 -2.27
C ASP P 246 -20.62 11.40 -1.71
N TRP P 247 -19.86 10.51 -1.05
CA TRP P 247 -20.47 9.38 -0.38
C TRP P 247 -21.18 9.77 0.91
N LEU P 248 -20.95 10.98 1.43
CA LEU P 248 -21.55 11.34 2.72
C LEU P 248 -23.06 11.24 2.65
N TRP P 249 -23.65 11.73 1.57
CA TRP P 249 -25.10 11.65 1.43
C TRP P 249 -25.55 10.22 1.15
N SER P 250 -24.67 9.39 0.56
CA SER P 250 -25.02 8.01 0.27
C SER P 250 -24.99 7.13 1.52
N ARG P 251 -24.13 7.44 2.49
CA ARG P 251 -24.12 6.70 3.75
C ARG P 251 -25.37 6.93 4.58
N ARG P 252 -26.21 7.88 4.20
CA ARG P 252 -27.42 8.20 4.92
C ARG P 252 -28.63 7.77 4.10
N SER P 253 -29.82 7.93 4.68
CA SER P 253 -31.05 7.56 4.00
C SER P 253 -31.28 8.48 2.81
N ILE P 254 -31.94 7.96 1.78
CA ILE P 254 -32.22 8.72 0.58
C ILE P 254 -33.69 8.58 0.23
N SER P 255 -34.25 9.65 -0.35
CA SER P 255 -35.62 9.64 -0.83
C SER P 255 -35.60 9.68 -2.36
N VAL P 256 -36.19 8.65 -2.98
CA VAL P 256 -36.28 8.54 -4.42
C VAL P 256 -37.75 8.39 -4.80
N VAL P 257 -38.17 9.11 -5.84
CA VAL P 257 -39.56 9.15 -6.27
C VAL P 257 -39.62 8.79 -7.74
N LEU P 258 -40.52 7.89 -8.10
CA LEU P 258 -40.81 7.54 -9.48
C LEU P 258 -41.96 8.41 -9.99
N ARG P 259 -41.73 9.14 -11.08
CA ARG P 259 -42.77 9.95 -11.69
C ARG P 259 -42.71 9.76 -13.20
N HIS P 260 -43.68 10.35 -13.90
CA HIS P 260 -43.76 10.24 -15.35
C HIS P 260 -43.76 11.62 -15.98
N HIS P 261 -43.19 11.70 -17.18
CA HIS P 261 -43.09 12.96 -17.91
C HIS P 261 -44.20 13.05 -18.95
N TYR P 262 -44.91 14.18 -18.94
CA TYR P 262 -46.02 14.35 -19.87
C TYR P 262 -45.54 14.53 -21.31
N GLY P 263 -44.40 15.19 -21.50
CA GLY P 263 -43.97 15.53 -22.85
C GLY P 263 -43.63 14.33 -23.69
N THR P 264 -42.91 13.35 -23.13
CA THR P 264 -42.39 12.22 -23.89
C THR P 264 -42.80 10.88 -23.31
N LYS P 265 -43.58 10.88 -22.23
CA LYS P 265 -44.27 9.72 -21.67
C LYS P 265 -43.36 8.75 -20.90
N GLN P 266 -42.07 9.02 -20.77
CA GLN P 266 -41.22 8.12 -20.01
C GLN P 266 -41.21 8.50 -18.53
N ARG P 267 -40.46 7.72 -17.76
CA ARG P 267 -40.41 7.86 -16.31
C ARG P 267 -39.09 8.50 -15.87
N PHE P 268 -39.21 9.38 -14.89
CA PHE P 268 -38.05 9.99 -14.25
C PHE P 268 -38.03 9.61 -12.78
N VAL P 269 -36.86 9.83 -12.17
CA VAL P 269 -36.63 9.61 -10.75
C VAL P 269 -36.18 10.92 -10.13
N VAL P 270 -36.82 11.31 -9.04
CA VAL P 270 -36.46 12.51 -8.29
C VAL P 270 -35.76 12.10 -7.01
N VAL P 271 -34.61 12.71 -6.74
CA VAL P 271 -33.78 12.34 -5.60
C VAL P 271 -33.72 13.52 -4.62
N SER P 272 -33.90 13.22 -3.34
CA SER P 272 -33.75 14.21 -2.28
C SER P 272 -33.11 13.56 -1.07
N TYR P 273 -32.09 14.22 -0.53
CA TYR P 273 -31.31 13.75 0.60
C TYR P 273 -31.88 14.33 1.90
N GLU P 274 -31.28 13.94 3.03
CA GLU P 274 -31.63 14.59 4.29
C GLU P 274 -31.09 16.02 4.32
N ASN P 275 -29.82 16.19 3.96
CA ASN P 275 -29.10 17.44 4.11
C ASN P 275 -29.18 18.27 2.83
N SER P 276 -30.26 18.10 2.08
CA SER P 276 -30.51 18.85 0.87
C SER P 276 -31.41 20.03 1.17
N VAL P 277 -30.92 21.24 0.89
CA VAL P 277 -31.70 22.45 1.15
C VAL P 277 -32.95 22.48 0.28
N ALA P 278 -32.92 21.82 -0.87
CA ALA P 278 -34.02 21.85 -1.81
C ALA P 278 -35.25 21.15 -1.22
N TRP P 279 -36.33 21.13 -1.99
CA TRP P 279 -37.58 20.55 -1.51
C TRP P 279 -37.41 19.08 -1.19
N GLY P 280 -38.13 18.64 -0.15
CA GLY P 280 -38.15 17.24 0.23
C GLY P 280 -37.10 16.85 1.26
N GLY P 281 -36.07 17.67 1.44
CA GLY P 281 -35.04 17.35 2.39
C GLY P 281 -35.48 17.53 3.83
N ARG P 282 -34.75 16.87 4.72
CA ARG P 282 -34.99 17.02 6.15
C ARG P 282 -34.42 18.31 6.71
N ARG P 283 -33.57 18.99 5.94
CA ARG P 283 -33.06 20.33 6.25
C ARG P 283 -33.46 21.23 5.09
N ALA P 284 -34.65 21.80 5.18
CA ALA P 284 -35.21 22.64 4.12
C ALA P 284 -35.52 24.03 4.66
N ARG P 285 -35.30 25.03 3.82
CA ARG P 285 -35.54 26.42 4.20
C ARG P 285 -37.02 26.74 4.06
N PRO P 286 -37.70 27.16 5.12
CA PRO P 286 -39.12 27.53 5.01
C PRO P 286 -39.27 28.84 4.27
N PRO P 287 -40.45 29.11 3.68
CA PRO P 287 -41.63 28.23 3.67
C PRO P 287 -41.50 27.08 2.68
N LEU P 288 -42.18 25.98 2.97
CA LEU P 288 -42.13 24.82 2.09
C LEU P 288 -43.06 25.00 0.90
N LEU P 289 -42.82 24.21 -0.14
CA LEU P 289 -43.74 24.15 -1.26
C LEU P 289 -45.06 23.56 -0.79
N SER P 290 -46.15 24.27 -1.04
CA SER P 290 -47.48 23.85 -0.60
C SER P 290 -48.25 23.30 -1.79
N SER P 291 -48.79 22.10 -1.63
CA SER P 291 -49.58 21.45 -2.68
C SER P 291 -51.02 21.99 -2.68
N ALA P 292 -51.15 23.31 -2.80
CA ALA P 292 -52.45 23.97 -2.67
C ALA P 292 -53.07 24.31 -4.02
N LEU P 293 -52.31 24.97 -4.91
CA LEU P 293 -52.86 25.39 -6.18
C LEU P 293 -53.31 24.22 -7.03
N ALA P 294 -52.49 23.17 -7.10
CA ALA P 294 -52.83 22.02 -7.94
C ALA P 294 -54.11 21.34 -7.45
N THR P 295 -54.24 21.16 -6.14
CA THR P 295 -55.45 20.53 -5.60
C THR P 295 -56.66 21.42 -5.79
N ALA P 296 -56.51 22.73 -5.54
CA ALA P 296 -57.64 23.63 -5.56
C ALA P 296 -58.20 23.79 -6.98
N LEU P 297 -57.32 24.01 -7.97
CA LEU P 297 -57.79 24.17 -9.34
C LEU P 297 -58.44 22.89 -9.86
N THR P 298 -57.91 21.73 -9.48
CA THR P 298 -58.49 20.47 -9.93
C THR P 298 -59.83 20.21 -9.27
N GLU P 299 -59.96 20.45 -7.96
CA GLU P 299 -61.22 20.22 -7.28
C GLU P 299 -62.24 21.31 -7.54
N ALA P 300 -61.83 22.44 -8.12
CA ALA P 300 -62.80 23.41 -8.62
C ALA P 300 -63.60 22.84 -9.78
N CYS P 301 -62.95 22.04 -10.63
CA CYS P 301 -63.64 21.37 -11.74
C CYS P 301 -64.16 19.99 -11.37
N ALA P 302 -63.62 19.36 -10.34
CA ALA P 302 -64.08 18.04 -9.93
C ALA P 302 -65.52 18.08 -9.43
N ALA P 303 -65.86 19.10 -8.65
CA ALA P 303 -67.21 19.23 -8.12
C ALA P 303 -68.23 19.64 -9.17
N GLU P 304 -67.78 20.06 -10.35
CA GLU P 304 -68.69 20.43 -11.43
C GLU P 304 -68.69 19.45 -12.59
N ARG P 305 -67.77 18.47 -12.59
CA ARG P 305 -67.62 17.49 -13.66
C ARG P 305 -67.22 18.11 -14.99
N VAL P 306 -66.94 19.41 -15.01
CA VAL P 306 -66.59 20.14 -16.21
C VAL P 306 -65.09 19.96 -16.45
N VAL P 307 -64.72 19.75 -17.72
CA VAL P 307 -63.33 19.48 -18.05
C VAL P 307 -62.43 20.64 -17.64
N ARG P 308 -62.71 21.84 -18.17
CA ARG P 308 -61.86 23.02 -18.19
C ARG P 308 -62.37 24.08 -17.23
N PRO P 309 -61.46 24.83 -16.59
CA PRO P 309 -61.88 25.88 -15.66
C PRO P 309 -62.36 27.16 -16.31
N HIS P 310 -62.14 27.34 -17.61
CA HIS P 310 -62.61 28.54 -18.30
C HIS P 310 -64.13 28.65 -18.30
N GLN P 311 -64.84 27.52 -18.18
CA GLN P 311 -66.30 27.51 -18.12
C GLN P 311 -66.82 27.23 -16.73
N LEU P 312 -65.99 27.40 -15.70
CA LEU P 312 -66.43 27.16 -14.33
C LEU P 312 -67.49 28.18 -13.93
N SER P 313 -68.32 27.79 -12.97
CA SER P 313 -69.42 28.64 -12.53
C SER P 313 -68.87 29.95 -11.99
N PRO P 314 -69.59 31.07 -12.19
CA PRO P 314 -69.06 32.36 -11.73
C PRO P 314 -68.79 32.42 -10.24
N ALA P 315 -69.65 31.79 -9.43
CA ALA P 315 -69.40 31.73 -8.00
C ALA P 315 -68.15 30.94 -7.68
N GLY P 316 -67.94 29.82 -8.38
CA GLY P 316 -66.73 29.05 -8.18
C GLY P 316 -65.48 29.80 -8.55
N GLN P 317 -65.50 30.51 -9.69
CA GLN P 317 -64.36 31.32 -10.08
C GLN P 317 -64.10 32.45 -9.11
N ALA P 318 -65.17 33.10 -8.61
CA ALA P 318 -64.99 34.13 -7.60
C ALA P 318 -64.39 33.58 -6.33
N GLU P 319 -64.85 32.40 -5.90
CA GLU P 319 -64.31 31.77 -4.69
C GLU P 319 -62.84 31.41 -4.87
N LEU P 320 -62.48 30.91 -6.06
CA LEU P 320 -61.07 30.62 -6.36
C LEU P 320 -60.23 31.89 -6.31
N LEU P 321 -60.71 32.97 -6.94
CA LEU P 321 -59.97 34.23 -6.94
C LEU P 321 -59.81 34.78 -5.54
N LEU P 322 -60.83 34.62 -4.69
CA LEU P 322 -60.69 35.01 -3.29
C LEU P 322 -59.65 34.15 -2.58
N ARG P 323 -59.68 32.84 -2.81
CA ARG P 323 -58.72 31.94 -2.18
C ARG P 323 -57.32 32.14 -2.74
N PHE P 324 -57.20 32.20 -4.07
CA PHE P 324 -55.91 32.36 -4.74
C PHE P 324 -55.95 33.61 -5.60
N PRO P 325 -55.49 34.76 -5.08
CA PRO P 325 -55.46 35.97 -5.92
C PRO P 325 -54.48 35.88 -7.08
N ALA P 326 -53.54 34.92 -7.04
CA ALA P 326 -52.60 34.75 -8.15
C ALA P 326 -53.24 34.12 -9.38
N LEU P 327 -54.47 33.62 -9.27
CA LEU P 327 -55.17 33.00 -10.39
C LEU P 327 -56.02 34.01 -11.17
N GLU P 328 -55.64 35.29 -11.14
CA GLU P 328 -56.43 36.31 -11.82
C GLU P 328 -55.97 36.53 -13.26
N VAL P 329 -54.65 36.71 -13.46
CA VAL P 329 -54.14 36.94 -14.81
C VAL P 329 -54.41 35.76 -15.75
N PRO P 330 -54.05 34.52 -15.42
CA PRO P 330 -54.36 33.42 -16.35
C PRO P 330 -55.85 33.20 -16.57
N LEU P 331 -56.69 33.48 -15.57
CA LEU P 331 -58.12 33.28 -15.72
C LEU P 331 -58.86 34.50 -16.27
N ARG P 332 -58.26 35.68 -16.20
CA ARG P 332 -58.94 36.91 -16.60
C ARG P 332 -58.04 37.77 -17.48
N HIS P 333 -57.44 37.16 -18.50
CA HIS P 333 -56.70 37.90 -19.51
C HIS P 333 -57.39 37.72 -20.86
N PRO P 334 -57.72 38.79 -21.55
CA PRO P 334 -58.37 38.63 -22.87
C PRO P 334 -57.45 38.05 -23.91
N ARG P 335 -56.25 38.63 -24.07
CA ARG P 335 -55.33 38.26 -25.15
C ARG P 335 -53.95 37.98 -24.58
N PRO P 336 -53.77 36.85 -23.88
CA PRO P 336 -52.42 36.46 -23.47
C PRO P 336 -51.63 35.93 -24.65
N VAL P 337 -50.30 36.05 -24.54
CA VAL P 337 -49.42 35.52 -25.59
C VAL P 337 -49.54 34.01 -25.67
N LEU P 338 -49.93 33.36 -24.57
CA LEU P 338 -50.08 31.93 -24.47
C LEU P 338 -51.49 31.57 -24.04
N PRO P 339 -52.05 30.49 -24.57
CA PRO P 339 -53.37 30.03 -24.11
C PRO P 339 -53.29 29.55 -22.67
N PRO P 340 -54.00 30.21 -21.76
CA PRO P 340 -53.89 29.86 -20.34
C PRO P 340 -54.43 28.47 -20.06
N PHE P 341 -53.82 27.82 -19.07
CA PHE P 341 -54.30 26.55 -18.54
C PHE P 341 -54.33 25.44 -19.59
N ASP P 342 -53.16 25.07 -20.12
CA ASP P 342 -53.05 23.95 -21.04
C ASP P 342 -51.67 23.32 -20.86
N ILE P 343 -51.28 22.50 -21.83
CA ILE P 343 -50.00 21.79 -21.79
C ILE P 343 -49.04 22.32 -22.84
N ALA P 344 -49.54 22.56 -24.06
CA ALA P 344 -48.70 22.95 -25.19
C ALA P 344 -48.72 24.45 -25.45
N ALA P 345 -48.75 25.25 -24.38
CA ALA P 345 -48.81 26.70 -24.55
C ALA P 345 -47.60 27.23 -25.32
N GLU P 346 -46.40 26.82 -24.91
CA GLU P 346 -45.19 27.27 -25.62
C GLU P 346 -45.09 26.62 -26.98
N VAL P 347 -45.53 25.36 -27.10
CA VAL P 347 -45.52 24.71 -28.40
C VAL P 347 -46.53 25.39 -29.34
N ALA P 348 -47.70 25.77 -28.82
CA ALA P 348 -48.64 26.54 -29.62
C ALA P 348 -48.07 27.90 -30.01
N PHE P 349 -47.30 28.52 -29.12
CA PHE P 349 -46.63 29.78 -29.43
C PHE P 349 -45.65 29.60 -30.58
N THR P 350 -44.85 28.54 -30.53
CA THR P 350 -43.93 28.26 -31.62
C THR P 350 -44.68 27.97 -32.91
N ALA P 351 -45.78 27.23 -32.83
CA ALA P 351 -46.58 26.94 -34.01
C ALA P 351 -47.15 28.20 -34.62
N ARG P 352 -47.60 29.14 -33.77
CA ARG P 352 -48.22 30.35 -34.29
C ARG P 352 -47.18 31.30 -34.87
N ILE P 353 -45.97 31.35 -34.27
CA ILE P 353 -44.94 32.18 -34.89
C ILE P 353 -44.49 31.56 -36.21
N HIS P 354 -44.42 30.23 -36.28
CA HIS P 354 -44.14 29.56 -37.55
C HIS P 354 -45.23 29.88 -38.57
N LEU P 355 -46.49 29.86 -38.14
CA LEU P 355 -47.60 30.18 -39.02
C LEU P 355 -47.48 31.60 -39.56
N ALA P 356 -47.23 32.56 -38.69
CA ALA P 356 -47.09 33.95 -39.13
C ALA P 356 -45.94 34.09 -40.10
N CYS P 357 -44.81 33.43 -39.81
CA CYS P 357 -43.66 33.48 -40.70
C CYS P 357 -44.00 32.91 -42.07
N LEU P 358 -44.65 31.74 -42.10
CA LEU P 358 -44.97 31.09 -43.36
C LEU P 358 -45.91 31.93 -44.19
N ARG P 359 -46.95 32.49 -43.57
CA ARG P 359 -47.83 33.38 -44.31
C ARG P 359 -47.04 34.57 -44.84
N ALA P 360 -46.37 35.31 -43.95
CA ALA P 360 -45.66 36.51 -44.37
C ALA P 360 -44.78 36.24 -45.59
N LEU P 361 -44.01 35.14 -45.56
CA LEU P 361 -43.20 34.81 -46.73
C LEU P 361 -44.08 34.44 -47.93
N GLY P 362 -45.23 33.81 -47.69
CA GLY P 362 -46.09 33.45 -48.80
C GLY P 362 -46.59 34.66 -49.59
N GLN P 363 -47.26 35.58 -48.91
CA GLN P 363 -47.70 36.79 -49.63
C GLN P 363 -46.51 37.63 -50.05
N ALA P 364 -45.36 37.51 -49.38
CA ALA P 364 -44.21 38.28 -49.80
C ALA P 364 -43.69 37.81 -51.16
N ILE P 365 -43.52 36.50 -51.34
CA ILE P 365 -43.09 35.99 -52.63
C ILE P 365 -44.17 36.22 -53.67
N ARG P 366 -45.45 36.14 -53.27
CA ARG P 366 -46.52 36.46 -54.20
C ARG P 366 -46.39 37.88 -54.72
N ALA P 367 -46.21 38.84 -53.82
CA ALA P 367 -46.06 40.24 -54.23
C ALA P 367 -44.80 40.46 -55.03
N ALA P 368 -43.70 39.80 -54.66
CA ALA P 368 -42.45 39.96 -55.38
C ALA P 368 -42.55 39.44 -56.80
N LEU P 369 -43.25 38.34 -57.04
CA LEU P 369 -43.43 37.84 -58.40
C LEU P 369 -44.87 38.06 -58.86
N GLN P 370 -45.56 39.03 -58.26
CA GLN P 370 -46.92 39.36 -58.69
C GLN P 370 -46.93 39.80 -60.15
N GLY P 371 -46.30 40.93 -60.45
CA GLY P 371 -46.16 41.34 -61.82
C GLY P 371 -45.19 40.45 -62.57
N GLY P 372 -45.32 40.45 -63.89
CA GLY P 372 -44.49 39.64 -64.74
C GLY P 372 -43.03 40.05 -64.64
N PRO P 373 -42.23 39.21 -63.99
CA PRO P 373 -40.85 39.62 -63.70
C PRO P 373 -39.86 39.20 -64.76
N ARG P 374 -38.83 40.03 -64.97
CA ARG P 374 -37.66 39.67 -65.76
C ARG P 374 -36.54 39.40 -64.77
N ILE P 375 -36.25 38.13 -64.51
CA ILE P 375 -35.33 37.78 -63.44
C ILE P 375 -33.90 37.95 -63.92
N SER P 376 -33.35 39.14 -63.70
CA SER P 376 -31.96 39.40 -64.00
C SER P 376 -31.09 38.94 -62.84
N GLN P 377 -29.94 38.36 -63.18
CA GLN P 377 -29.06 37.80 -62.17
C GLN P 377 -28.32 38.91 -61.40
N ARG P 378 -28.34 38.80 -60.07
CA ARG P 378 -27.72 39.78 -59.17
C ARG P 378 -26.34 39.39 -58.69
N LEU P 379 -25.69 38.45 -59.35
CA LEU P 379 -24.37 37.99 -58.94
C LEU P 379 -23.42 38.13 -60.14
N ARG P 380 -22.25 37.50 -60.07
CA ARG P 380 -21.35 37.45 -61.22
C ARG P 380 -20.92 36.00 -61.41
N TYR P 381 -21.25 35.44 -62.57
CA TYR P 381 -20.91 34.08 -62.96
C TYR P 381 -20.92 33.96 -64.46
N ASP P 382 -19.89 33.32 -65.03
CA ASP P 382 -19.81 33.15 -66.46
C ASP P 382 -20.49 31.84 -66.88
N PHE P 383 -20.85 31.77 -68.16
CA PHE P 383 -21.55 30.63 -68.74
C PHE P 383 -20.63 29.90 -69.70
N GLY P 384 -21.19 28.89 -70.38
CA GLY P 384 -20.52 28.18 -71.42
C GLY P 384 -21.44 27.95 -72.60
N PRO P 385 -20.87 27.57 -73.75
CA PRO P 385 -21.70 27.36 -74.95
C PRO P 385 -22.68 26.21 -74.79
N ASP P 386 -22.16 25.03 -74.44
CA ASP P 386 -23.01 23.89 -74.17
C ASP P 386 -23.64 23.93 -72.79
N GLN P 387 -23.08 24.70 -71.86
CA GLN P 387 -23.61 24.81 -70.51
C GLN P 387 -24.96 25.51 -70.47
N ARG P 388 -25.36 26.17 -71.56
CA ARG P 388 -26.63 26.87 -71.57
C ARG P 388 -27.80 25.91 -71.38
N ALA P 389 -27.74 24.73 -71.99
CA ALA P 389 -28.86 23.79 -71.96
C ALA P 389 -29.31 23.51 -70.53
N TRP P 390 -28.35 23.30 -69.63
CA TRP P 390 -28.68 23.10 -68.23
C TRP P 390 -29.52 24.26 -67.71
N LEU P 391 -29.04 25.49 -67.89
CA LEU P 391 -29.81 26.65 -67.48
C LEU P 391 -31.21 26.61 -68.08
N GLY P 392 -31.32 26.16 -69.34
CA GLY P 392 -32.61 26.13 -69.99
C GLY P 392 -33.63 25.27 -69.27
N GLU P 393 -33.21 24.13 -68.72
CA GLU P 393 -34.20 23.30 -68.05
C GLU P 393 -34.65 23.95 -66.75
N VAL P 394 -33.79 24.78 -66.15
CA VAL P 394 -34.13 25.40 -64.88
C VAL P 394 -35.41 26.22 -65.00
N THR P 395 -35.54 27.02 -66.06
CA THR P 395 -36.76 27.78 -66.28
C THR P 395 -37.98 26.85 -66.28
N ARG P 396 -37.84 25.70 -66.93
CA ARG P 396 -38.93 24.74 -66.96
C ARG P 396 -39.21 24.18 -65.56
N ARG P 397 -38.15 23.94 -64.80
CA ARG P 397 -38.30 23.46 -63.42
C ARG P 397 -38.57 24.61 -62.45
N PHE P 398 -38.47 25.84 -62.92
CA PHE P 398 -38.60 27.00 -62.05
C PHE P 398 -39.93 27.07 -61.28
N PRO P 399 -41.12 26.93 -61.91
CA PRO P 399 -42.36 27.18 -61.16
C PRO P 399 -42.59 26.16 -60.05
N ILE P 400 -42.46 24.88 -60.38
CA ILE P 400 -42.70 23.83 -59.39
C ILE P 400 -41.77 24.00 -58.19
N LEU P 401 -40.50 24.33 -58.43
CA LEU P 401 -39.59 24.64 -57.34
C LEU P 401 -40.19 25.68 -56.41
N LEU P 402 -40.69 26.78 -56.98
CA LEU P 402 -41.38 27.78 -56.18
C LEU P 402 -42.51 27.14 -55.39
N GLU P 403 -43.37 26.39 -56.09
CA GLU P 403 -44.44 25.66 -55.42
C GLU P 403 -43.89 24.80 -54.30
N ASN P 404 -42.74 24.16 -54.55
CA ASN P 404 -42.11 23.33 -53.55
C ASN P 404 -41.69 24.13 -52.33
N LEU P 405 -41.13 25.33 -52.55
CA LEU P 405 -40.38 26.05 -51.53
C LEU P 405 -41.19 26.22 -50.25
N MET P 406 -42.25 27.02 -50.34
CA MET P 406 -43.10 27.25 -49.18
C MET P 406 -43.69 25.94 -48.65
N ARG P 407 -43.95 24.97 -49.54
CA ARG P 407 -44.37 23.65 -49.08
C ARG P 407 -43.38 23.10 -48.07
N ALA P 408 -42.10 23.09 -48.41
CA ALA P 408 -41.09 22.59 -47.48
C ALA P 408 -41.07 23.40 -46.20
N VAL P 409 -41.39 24.70 -46.29
CA VAL P 409 -41.43 25.51 -45.08
C VAL P 409 -42.59 25.09 -44.19
N GLU P 410 -43.71 24.70 -44.80
CA GLU P 410 -44.88 24.31 -44.02
C GLU P 410 -44.62 23.06 -43.20
N GLY P 411 -43.91 22.10 -43.77
CA GLY P 411 -43.69 20.83 -43.08
C GLY P 411 -42.67 20.90 -41.97
N THR P 412 -41.99 22.04 -41.84
CA THR P 412 -40.94 22.19 -40.84
C THR P 412 -41.49 22.01 -39.43
N ALA P 413 -40.78 21.22 -38.64
CA ALA P 413 -41.14 21.05 -37.24
C ALA P 413 -40.94 22.37 -36.50
N PRO P 414 -41.84 22.75 -35.60
CA PRO P 414 -41.72 24.06 -34.95
C PRO P 414 -40.41 24.26 -34.20
N ASP P 415 -39.94 23.23 -33.49
CA ASP P 415 -38.65 23.36 -32.81
C ASP P 415 -37.51 23.36 -33.82
N ALA P 416 -37.58 22.50 -34.83
CA ALA P 416 -36.58 22.48 -35.88
C ALA P 416 -36.62 23.72 -36.76
N PHE P 417 -37.73 24.45 -36.75
CA PHE P 417 -37.82 25.67 -37.56
C PHE P 417 -36.92 26.77 -37.01
N PHE P 418 -36.57 26.69 -35.73
CA PHE P 418 -35.76 27.73 -35.08
C PHE P 418 -34.28 27.57 -35.33
N HIS P 419 -33.83 26.42 -35.82
CA HIS P 419 -32.45 26.24 -36.25
C HIS P 419 -32.19 26.88 -37.60
N THR P 420 -33.23 27.32 -38.28
CA THR P 420 -33.13 27.91 -39.61
C THR P 420 -32.62 29.33 -39.53
N ALA P 421 -31.79 29.70 -40.53
CA ALA P 421 -31.24 31.04 -40.58
C ALA P 421 -32.31 32.10 -40.78
N TYR P 422 -33.43 31.75 -41.41
CA TYR P 422 -34.46 32.74 -41.68
C TYR P 422 -35.24 33.08 -40.41
N ALA P 423 -35.60 32.06 -39.63
CA ALA P 423 -36.22 32.32 -38.34
C ALA P 423 -35.29 33.08 -37.42
N LEU P 424 -34.01 32.73 -37.43
CA LEU P 424 -33.04 33.42 -36.59
C LEU P 424 -32.83 34.86 -37.06
N ALA P 425 -32.91 35.11 -38.36
CA ALA P 425 -32.86 36.47 -38.87
C ALA P 425 -34.08 37.26 -38.43
N VAL P 426 -35.25 36.64 -38.43
CA VAL P 426 -36.45 37.28 -37.91
C VAL P 426 -36.26 37.62 -36.43
N LEU P 427 -35.71 36.68 -35.66
CA LEU P 427 -35.45 36.93 -34.25
C LEU P 427 -34.44 38.05 -34.06
N ALA P 428 -33.42 38.11 -34.92
CA ALA P 428 -32.45 39.19 -34.86
C ALA P 428 -33.09 40.54 -35.14
N HIS P 429 -33.97 40.59 -36.14
CA HIS P 429 -34.70 41.82 -36.42
C HIS P 429 -35.54 42.22 -35.21
N LEU P 430 -36.19 41.25 -34.57
CA LEU P 430 -36.94 41.53 -33.36
C LEU P 430 -36.06 41.84 -32.17
N GLY P 431 -34.75 41.57 -32.26
CA GLY P 431 -33.87 41.81 -31.13
C GLY P 431 -33.82 43.28 -30.73
N GLY P 432 -33.71 44.17 -31.70
CA GLY P 432 -33.72 45.59 -31.45
C GLY P 432 -35.08 46.23 -31.43
N ARG P 433 -36.14 45.50 -31.77
CA ARG P 433 -37.47 46.06 -31.82
C ARG P 433 -38.19 45.85 -30.48
N VAL P 434 -30.61 42.26 -28.85
CA VAL P 434 -30.20 41.05 -28.15
C VAL P 434 -29.77 39.98 -29.15
N VAL P 435 -28.78 39.18 -28.78
CA VAL P 435 -28.26 38.11 -29.62
C VAL P 435 -29.10 36.86 -29.36
N PRO P 436 -29.72 36.27 -30.39
CA PRO P 436 -30.52 35.06 -30.17
C PRO P 436 -29.65 33.89 -29.72
N LEU P 437 -30.30 32.94 -29.05
CA LEU P 437 -29.60 31.75 -28.59
C LEU P 437 -29.05 30.94 -29.76
N GLY P 438 -27.87 30.35 -29.54
CA GLY P 438 -27.15 29.63 -30.55
C GLY P 438 -25.99 30.39 -31.16
N ASP P 439 -26.01 31.72 -31.06
CA ASP P 439 -24.92 32.57 -31.54
C ASP P 439 -24.60 32.31 -33.01
N ASP P 440 -25.61 31.97 -33.80
CA ASP P 440 -25.39 31.70 -35.22
C ASP P 440 -25.19 32.99 -36.01
N LEU P 441 -25.61 34.12 -35.46
CA LEU P 441 -25.34 35.40 -36.10
C LEU P 441 -23.86 35.72 -36.06
N PRO P 442 -23.32 36.32 -37.12
CA PRO P 442 -21.97 36.88 -37.02
C PRO P 442 -21.96 38.09 -36.09
N ALA P 443 -20.80 38.32 -35.47
CA ALA P 443 -20.65 39.49 -34.62
C ALA P 443 -20.78 40.79 -35.40
N ARG P 444 -20.58 40.74 -36.72
CA ARG P 444 -20.68 41.90 -37.58
C ARG P 444 -21.99 41.95 -38.36
N PHE P 445 -22.98 41.13 -37.97
CA PHE P 445 -24.24 41.09 -38.69
C PHE P 445 -24.97 42.43 -38.67
N ALA P 446 -25.01 43.11 -37.53
CA ALA P 446 -25.67 44.39 -37.39
C ALA P 446 -24.81 45.56 -37.86
N ASP P 447 -23.53 45.30 -38.17
CA ASP P 447 -22.63 46.39 -38.52
C ASP P 447 -23.05 47.08 -39.82
N SER P 448 -23.51 46.31 -40.81
CA SER P 448 -23.95 46.86 -42.07
C SER P 448 -24.94 45.90 -42.73
N ASP P 449 -25.46 46.32 -43.88
CA ASP P 449 -26.39 45.50 -44.63
C ASP P 449 -25.71 44.46 -45.53
N GLY P 450 -24.38 44.48 -45.63
CA GLY P 450 -23.72 43.48 -46.45
C GLY P 450 -23.72 42.09 -45.87
N HIS P 451 -23.94 41.97 -44.56
CA HIS P 451 -23.86 40.70 -43.85
C HIS P 451 -25.18 39.96 -44.03
N TYR P 452 -25.25 39.15 -45.07
CA TYR P 452 -26.45 38.37 -45.35
C TYR P 452 -26.29 36.97 -44.77
N VAL P 453 -27.42 36.37 -44.39
CA VAL P 453 -27.44 35.01 -43.83
C VAL P 453 -28.24 34.13 -44.77
N PHE P 454 -27.67 32.99 -45.12
CA PHE P 454 -28.15 32.18 -46.23
C PHE P 454 -28.73 30.86 -45.76
N ASP P 455 -29.47 30.23 -46.67
CA ASP P 455 -30.03 28.91 -46.44
C ASP P 455 -29.99 28.11 -47.74
N TYR P 456 -29.74 26.81 -47.59
CA TYR P 456 -29.55 25.93 -48.74
C TYR P 456 -30.70 24.94 -48.80
N TYR P 457 -31.36 24.88 -49.96
CA TYR P 457 -32.41 23.91 -50.22
C TYR P 457 -32.05 23.09 -51.45
N SER P 458 -32.50 21.84 -51.43
CA SER P 458 -32.28 20.95 -52.55
C SER P 458 -33.13 21.38 -53.73
N THR P 459 -32.66 21.05 -54.93
CA THR P 459 -33.41 21.29 -56.16
C THR P 459 -34.24 20.08 -56.57
N SER P 460 -33.60 18.96 -56.84
CA SER P 460 -34.27 17.76 -57.33
C SER P 460 -34.67 16.88 -56.16
N GLY P 461 -35.25 15.72 -56.50
CA GLY P 461 -35.71 14.82 -55.47
C GLY P 461 -36.76 15.47 -54.60
N ASP P 462 -36.73 15.08 -53.33
CA ASP P 462 -37.60 15.73 -52.35
C ASP P 462 -36.97 17.02 -51.87
N THR P 463 -37.79 17.84 -51.21
CA THR P 463 -37.38 19.17 -50.80
C THR P 463 -37.06 19.19 -49.32
N LEU P 464 -35.90 19.75 -48.98
CA LEU P 464 -35.46 19.79 -47.59
C LEU P 464 -34.39 20.86 -47.44
N ARG P 465 -34.24 21.34 -46.20
CA ARG P 465 -33.14 22.22 -45.85
C ARG P 465 -31.81 21.49 -46.01
N LEU P 466 -30.84 22.17 -46.61
CA LEU P 466 -29.50 21.62 -46.80
C LEU P 466 -28.51 22.30 -45.87
N ASN P 467 -28.94 22.64 -44.65
CA ASN P 467 -28.09 23.33 -43.72
C ASN P 467 -28.38 22.87 -42.30
N ASN P 468 -27.41 23.11 -41.41
CA ASN P 468 -27.57 22.96 -39.98
C ASN P 468 -27.33 24.27 -39.24
N ARG P 469 -26.34 25.05 -39.69
CA ARG P 469 -26.03 26.35 -39.11
C ARG P 469 -26.22 27.45 -40.13
N PRO P 470 -26.76 28.60 -39.72
CA PRO P 470 -26.80 29.77 -40.61
C PRO P 470 -25.41 30.20 -41.08
N ILE P 471 -25.35 30.66 -42.32
CA ILE P 471 -24.10 31.06 -42.96
C ILE P 471 -24.12 32.56 -43.19
N ALA P 472 -23.03 33.23 -42.84
CA ALA P 472 -22.87 34.66 -43.04
C ALA P 472 -21.96 34.91 -44.23
N VAL P 473 -22.44 35.71 -45.19
CA VAL P 473 -21.68 36.05 -46.39
C VAL P 473 -21.85 37.55 -46.63
N ALA P 474 -20.77 38.22 -47.02
CA ALA P 474 -20.86 39.63 -47.33
C ALA P 474 -20.87 39.85 -48.83
N MET P 475 -21.55 40.91 -49.25
CA MET P 475 -21.54 41.35 -50.63
C MET P 475 -21.35 42.86 -50.65
N ASP P 476 -20.94 43.36 -51.81
CA ASP P 476 -20.85 44.80 -51.99
C ASP P 476 -22.16 45.32 -52.60
N GLU P 477 -27.00 47.15 -59.28
CA GLU P 477 -26.25 46.37 -60.26
C GLU P 477 -25.78 45.04 -59.67
N GLN P 478 -24.71 44.49 -60.23
CA GLN P 478 -24.21 43.20 -59.77
C GLN P 478 -23.64 43.31 -58.36
N SER P 479 -23.50 42.16 -57.72
CA SER P 479 -22.93 42.08 -56.38
C SER P 479 -22.25 40.73 -56.22
N LYS P 480 -20.96 40.76 -55.89
CA LYS P 480 -20.19 39.56 -55.67
C LYS P 480 -20.23 39.16 -54.20
N CYS P 481 -20.10 37.85 -53.95
CA CYS P 481 -20.29 37.27 -52.64
C CYS P 481 -18.95 36.85 -52.07
N ARG P 482 -18.90 36.78 -50.73
CA ARG P 482 -17.70 36.29 -50.07
C ARG P 482 -18.05 35.70 -48.72
N PHE P 483 -17.63 34.46 -48.50
CA PHE P 483 -17.73 33.84 -47.18
C PHE P 483 -16.83 34.55 -46.19
N MET P 484 -17.18 34.46 -44.92
CA MET P 484 -16.30 34.88 -43.83
C MET P 484 -15.86 33.68 -43.03
N GLU P 485 -15.21 33.95 -41.89
CA GLU P 485 -14.68 32.91 -41.04
C GLU P 485 -15.80 32.00 -40.54
N ALA P 486 -15.40 30.86 -39.99
CA ALA P 486 -16.35 29.90 -39.44
C ALA P 486 -16.83 30.32 -38.06
N PRO P 487 -19.52 19.70 -37.73
CA PRO P 487 -18.20 20.33 -37.83
C PRO P 487 -17.88 20.82 -39.24
N ARG P 488 -18.34 20.10 -40.26
CA ARG P 488 -18.08 20.50 -41.64
C ARG P 488 -19.17 19.94 -42.55
N ARG P 489 -19.76 20.80 -43.37
CA ARG P 489 -20.74 20.41 -44.38
C ARG P 489 -20.21 20.79 -45.76
N VAL P 490 -20.24 19.85 -46.69
CA VAL P 490 -19.68 20.08 -48.02
C VAL P 490 -20.43 21.17 -48.76
N CYS P 491 -21.74 21.30 -48.52
CA CYS P 491 -22.51 22.36 -49.18
C CYS P 491 -21.91 23.74 -48.94
N GLU P 492 -21.33 23.96 -47.76
CA GLU P 492 -20.74 25.25 -47.45
C GLU P 492 -19.52 25.56 -48.31
N GLN P 493 -18.80 24.54 -48.79
CA GLN P 493 -17.61 24.83 -49.60
C GLN P 493 -18.00 25.47 -50.92
N TYR P 494 -19.28 25.41 -51.26
CA TYR P 494 -19.79 25.98 -52.49
C TYR P 494 -20.48 27.29 -52.16
N LEU P 495 -20.14 28.35 -52.89
CA LEU P 495 -20.81 29.62 -52.70
C LEU P 495 -22.25 29.50 -53.17
N PRO P 496 -23.21 30.06 -52.43
CA PRO P 496 -24.61 29.95 -52.82
C PRO P 496 -24.85 30.46 -54.24
N GLY P 497 -25.57 29.66 -55.01
CA GLY P 497 -25.90 30.03 -56.38
C GLY P 497 -24.76 29.88 -57.38
N GLU P 498 -23.72 29.13 -57.04
CA GLU P 498 -22.58 28.99 -57.92
C GLU P 498 -22.56 27.67 -58.70
N SER P 499 -23.38 26.70 -58.30
CA SER P 499 -23.32 25.37 -58.90
C SER P 499 -24.72 24.75 -58.83
N TYR P 500 -24.78 23.43 -59.00
CA TYR P 500 -26.06 22.74 -59.09
C TYR P 500 -26.58 22.37 -57.71
N ALA P 501 -27.90 22.09 -57.67
CA ALA P 501 -28.56 21.54 -56.49
C ALA P 501 -28.54 22.52 -55.32
N TYR P 502 -28.97 23.76 -55.57
CA TYR P 502 -29.00 24.76 -54.51
C TYR P 502 -30.26 25.61 -54.70
N LEU P 503 -31.01 25.82 -53.61
CA LEU P 503 -31.90 26.96 -53.49
C LEU P 503 -31.39 27.83 -52.35
N CYS P 504 -31.19 29.11 -52.63
CA CYS P 504 -30.48 30.00 -51.72
C CYS P 504 -31.43 31.07 -51.22
N LEU P 505 -31.47 31.26 -49.90
CA LEU P 505 -32.37 32.22 -49.26
C LEU P 505 -31.52 33.22 -48.48
N GLY P 506 -31.38 34.43 -49.02
CA GLY P 506 -30.60 35.46 -48.39
C GLY P 506 -31.48 36.48 -47.67
N PHE P 507 -31.11 36.78 -46.43
CA PHE P 507 -31.89 37.68 -45.58
C PHE P 507 -30.95 38.36 -44.60
N ASN P 508 -31.40 39.49 -44.06
CA ASN P 508 -30.53 40.36 -43.28
C ASN P 508 -31.30 41.01 -42.14
N ARG P 509 -30.62 41.96 -41.47
CA ARG P 509 -31.21 42.64 -40.32
C ARG P 509 -32.41 43.47 -40.73
N ARG P 510 -32.31 44.23 -41.83
CA ARG P 510 -33.48 44.94 -42.32
C ARG P 510 -34.50 43.98 -42.93
N LEU P 511 -34.08 42.77 -43.27
CA LEU P 511 -34.97 41.64 -43.52
C LEU P 511 -35.77 41.77 -44.82
N CYS P 512 -35.38 42.69 -45.71
CA CYS P 512 -35.87 42.72 -47.09
C CYS P 512 -34.89 41.94 -47.95
N GLY P 513 -35.03 40.61 -47.95
CA GLY P 513 -34.00 39.73 -48.44
C GLY P 513 -34.05 39.53 -49.95
N ILE P 514 -33.19 38.63 -50.41
CA ILE P 514 -33.14 38.27 -51.83
C ILE P 514 -32.90 36.77 -51.91
N VAL P 515 -33.55 36.12 -52.89
CA VAL P 515 -33.53 34.67 -53.03
C VAL P 515 -32.62 34.35 -54.21
N VAL P 516 -31.43 33.84 -53.92
CA VAL P 516 -30.40 33.61 -54.92
C VAL P 516 -30.61 32.24 -55.55
N PHE P 517 -30.33 32.15 -56.85
CA PHE P 517 -30.49 30.93 -57.64
C PHE P 517 -29.17 30.56 -58.29
N PRO P 518 -28.99 29.29 -58.63
CA PRO P 518 -27.80 28.90 -59.42
C PRO P 518 -27.77 29.62 -60.76
N GLY P 519 -26.78 30.49 -60.95
CA GLY P 519 -26.73 31.32 -62.13
C GLY P 519 -26.83 32.79 -61.79
N GLY P 520 -26.80 33.09 -60.49
CA GLY P 520 -26.88 34.44 -60.00
C GLY P 520 -28.26 35.06 -60.05
N PHE P 521 -29.25 34.35 -60.57
CA PHE P 521 -30.59 34.91 -60.77
C PHE P 521 -31.29 35.06 -59.44
N ALA P 522 -31.89 36.23 -59.23
CA ALA P 522 -32.48 36.53 -57.93
C ALA P 522 -33.48 37.66 -58.11
N PHE P 523 -34.22 37.93 -57.03
CA PHE P 523 -35.10 39.08 -56.96
C PHE P 523 -35.34 39.40 -55.48
N THR P 524 -35.49 40.69 -55.19
CA THR P 524 -35.63 41.12 -53.80
C THR P 524 -37.07 40.98 -53.33
N ILE P 525 -37.22 40.44 -52.12
CA ILE P 525 -38.52 40.19 -51.51
C ILE P 525 -38.50 40.80 -50.12
N ASN P 526 -39.49 41.64 -49.82
CA ASN P 526 -39.58 42.32 -48.54
C ASN P 526 -40.56 41.55 -47.66
N ILE P 527 -40.12 41.22 -46.44
CA ILE P 527 -40.96 40.44 -45.54
C ILE P 527 -41.64 41.32 -44.49
N ALA P 528 -40.93 42.32 -43.95
CA ALA P 528 -41.41 43.04 -42.77
C ALA P 528 -42.70 43.79 -43.04
N ALA P 529 -42.96 44.17 -44.29
CA ALA P 529 -44.17 44.87 -44.66
C ALA P 529 -45.41 43.97 -44.62
N TYR P 530 -45.22 42.66 -44.47
CA TYR P 530 -46.32 41.72 -44.37
C TYR P 530 -46.26 40.85 -43.12
N LEU P 531 -45.17 40.93 -42.35
CA LEU P 531 -45.05 40.20 -41.09
C LEU P 531 -45.72 41.03 -40.00
N SER P 532 -46.91 40.60 -39.59
CA SER P 532 -47.75 41.36 -38.66
C SER P 532 -47.83 40.61 -37.34
N LEU P 533 -47.05 41.06 -36.35
CA LEU P 533 -47.04 40.46 -35.02
C LEU P 533 -47.22 41.55 -33.99
N SER P 534 -47.88 41.21 -32.89
CA SER P 534 -48.08 42.16 -31.79
C SER P 534 -46.80 42.31 -30.97
N ASP P 535 -46.65 43.49 -30.38
CA ASP P 535 -45.44 43.78 -29.59
C ASP P 535 -45.24 42.85 -28.41
N PRO P 536 -46.25 42.57 -27.56
CA PRO P 536 -46.00 41.62 -26.47
C PRO P 536 -45.62 40.23 -26.94
N VAL P 537 -46.20 39.79 -28.06
CA VAL P 537 -45.83 38.48 -28.60
C VAL P 537 -44.36 38.47 -29.01
N ALA P 538 -43.93 39.51 -29.72
CA ALA P 538 -42.54 39.59 -30.16
C ALA P 538 -41.60 39.67 -28.97
N ARG P 539 -41.95 40.48 -27.97
CA ARG P 539 -41.10 40.62 -26.80
C ARG P 539 -41.03 39.31 -26.01
N ALA P 540 -42.15 38.60 -25.86
CA ALA P 540 -42.13 37.32 -25.17
C ALA P 540 -41.28 36.30 -25.91
N ALA P 541 -41.44 36.21 -27.23
CA ALA P 541 -40.64 35.29 -28.02
C ALA P 541 -39.15 35.63 -27.93
N VAL P 542 -38.82 36.92 -27.98
CA VAL P 542 -37.42 37.32 -27.86
C VAL P 542 -36.88 36.94 -26.49
N LEU P 543 -37.58 37.31 -25.42
CA LEU P 543 -37.12 37.04 -24.07
C LEU P 543 -36.90 35.56 -23.85
N ARG P 544 -37.79 34.72 -24.37
CA ARG P 544 -37.59 33.29 -24.26
C ARG P 544 -36.42 32.82 -25.12
N PHE P 545 -36.20 33.49 -26.25
CA PHE P 545 -35.36 32.95 -27.31
C PHE P 545 -34.10 33.78 -27.57
N CYS P 546 -33.64 34.56 -26.60
CA CYS P 546 -32.42 35.34 -26.81
C CYS P 546 -31.50 35.14 -25.61
N ARG P 547 -30.42 35.92 -25.59
CA ARG P 547 -29.50 35.98 -24.48
C ARG P 547 -29.15 37.43 -24.23
N LYS P 548 -28.92 37.79 -22.97
CA LYS P 548 -28.52 39.16 -22.66
C LYS P 548 -27.10 39.41 -23.18
N VAL P 549 -26.91 40.56 -23.81
CA VAL P 549 -25.63 40.89 -24.40
C VAL P 549 -24.74 41.54 -23.35
N SER P 550 -23.53 41.02 -23.21
CA SER P 550 -22.57 41.58 -22.26
C SER P 550 -21.91 42.83 -22.82
N MET Q 1 -36.52 30.11 -73.63
CA MET Q 1 -36.16 29.48 -72.36
C MET Q 1 -34.75 29.87 -71.92
N ASP Q 2 -33.90 30.21 -72.89
CA ASP Q 2 -32.52 30.56 -72.57
C ASP Q 2 -32.46 31.94 -71.92
N PRO Q 3 -31.82 32.05 -70.76
CA PRO Q 3 -31.58 33.37 -70.16
C PRO Q 3 -30.87 34.29 -71.14
N TYR Q 4 -31.28 35.56 -71.13
CA TYR Q 4 -30.81 36.51 -72.11
C TYR Q 4 -29.35 36.88 -71.84
N CYS Q 5 -28.61 37.15 -72.90
CA CYS Q 5 -27.22 37.55 -72.77
C CYS Q 5 -26.77 38.37 -73.98
N PRO Q 6 -26.29 39.60 -73.77
CA PRO Q 6 -25.83 40.40 -74.91
C PRO Q 6 -24.64 39.81 -75.65
N PHE Q 7 -23.75 39.12 -74.95
CA PHE Q 7 -22.56 38.53 -75.57
C PHE Q 7 -22.77 37.04 -75.78
N ASP Q 8 -22.58 36.60 -77.02
CA ASP Q 8 -22.79 35.20 -77.35
C ASP Q 8 -21.70 34.33 -76.76
N ALA Q 9 -20.46 34.52 -77.23
CA ALA Q 9 -19.30 33.77 -76.78
C ALA Q 9 -18.08 34.39 -77.43
N LEU Q 10 -16.91 34.16 -76.83
CA LEU Q 10 -15.65 34.68 -77.36
C LEU Q 10 -14.57 33.62 -77.12
N ASP Q 11 -13.37 33.92 -77.59
CA ASP Q 11 -12.23 33.01 -77.50
C ASP Q 11 -11.30 33.51 -76.41
N VAL Q 12 -11.16 32.73 -75.33
CA VAL Q 12 -10.31 33.07 -74.21
C VAL Q 12 -9.33 31.94 -73.96
N TRP Q 13 -8.07 32.30 -73.70
CA TRP Q 13 -6.98 31.34 -73.52
C TRP Q 13 -6.29 31.64 -72.19
N GLU Q 14 -6.74 31.01 -71.12
CA GLU Q 14 -6.28 31.38 -69.78
C GLU Q 14 -4.89 30.82 -69.50
N HIS Q 15 -4.23 31.41 -68.51
CA HIS Q 15 -2.94 30.94 -68.00
C HIS Q 15 -3.13 30.46 -66.56
N ARG Q 16 -2.02 30.04 -65.95
CA ARG Q 16 -2.09 29.50 -64.60
C ARG Q 16 -1.69 30.55 -63.56
N ARG Q 17 -0.48 31.10 -63.70
CA ARG Q 17 0.06 31.96 -62.64
C ARG Q 17 -0.60 33.34 -62.63
N PHE Q 18 -0.86 33.91 -63.80
CA PHE Q 18 -1.26 35.31 -63.91
C PHE Q 18 -2.75 35.49 -64.14
N ILE Q 19 -3.59 34.69 -63.49
CA ILE Q 19 -5.03 35.00 -63.49
C ILE Q 19 -5.26 36.20 -62.60
N VAL Q 20 -5.42 37.37 -63.22
CA VAL Q 20 -5.62 38.63 -62.52
C VAL Q 20 -7.12 38.87 -62.42
N ALA Q 21 -7.54 39.50 -61.31
CA ALA Q 21 -8.96 39.65 -60.98
C ALA Q 21 -9.63 38.29 -60.96
N ASP Q 22 -9.19 37.46 -60.01
CA ASP Q 22 -9.54 36.05 -60.00
C ASP Q 22 -11.04 35.87 -59.84
N SER Q 23 -11.69 35.44 -60.91
CA SER Q 23 -13.13 35.31 -60.94
C SER Q 23 -13.56 33.98 -60.32
N ARG Q 24 -14.86 33.70 -60.35
CA ARG Q 24 -15.40 32.42 -59.92
C ARG Q 24 -16.25 31.87 -61.05
N ASN Q 25 -15.68 30.94 -61.81
CA ASN Q 25 -16.40 30.28 -62.87
C ASN Q 25 -17.57 29.49 -62.30
N PHE Q 26 -18.65 29.43 -63.06
CA PHE Q 26 -19.80 28.62 -62.67
C PHE Q 26 -19.49 27.19 -63.09
N ILE Q 27 -19.21 26.35 -62.12
CA ILE Q 27 -18.84 24.96 -62.36
C ILE Q 27 -20.08 24.19 -62.78
N THR Q 28 -19.87 23.19 -63.62
CA THR Q 28 -20.94 22.31 -64.06
C THR Q 28 -20.55 20.87 -63.81
N PRO Q 29 -21.52 20.02 -63.45
CA PRO Q 29 -21.21 18.60 -63.24
C PRO Q 29 -21.08 17.86 -64.56
N GLU Q 30 -20.65 16.61 -64.52
CA GLU Q 30 -20.46 15.81 -65.72
C GLU Q 30 -21.57 14.81 -65.98
N PHE Q 31 -22.42 14.54 -64.98
CA PHE Q 31 -23.45 13.58 -65.32
C PHE Q 31 -24.54 14.26 -66.14
N PRO Q 32 -25.13 13.53 -67.09
CA PRO Q 32 -26.13 14.14 -67.97
C PRO Q 32 -27.36 14.60 -67.20
N ARG Q 33 -28.00 15.65 -67.74
CA ARG Q 33 -29.21 16.18 -67.13
C ARG Q 33 -30.37 15.18 -67.21
N ASP Q 34 -30.24 14.14 -68.04
CA ASP Q 34 -31.25 13.10 -68.08
C ASP Q 34 -31.27 12.27 -66.80
N PHE Q 35 -30.15 12.15 -66.09
CA PHE Q 35 -30.11 11.45 -64.81
C PHE Q 35 -30.56 12.32 -63.64
N TRP Q 36 -30.69 13.62 -63.85
CA TRP Q 36 -31.03 14.54 -62.77
C TRP Q 36 -32.54 14.72 -62.80
N MET Q 37 -33.24 13.88 -62.04
CA MET Q 37 -34.69 13.80 -62.11
C MET Q 37 -35.33 15.09 -61.59
N SER Q 38 -36.50 15.39 -62.13
CA SER Q 38 -37.22 16.61 -61.76
C SER Q 38 -37.80 16.47 -60.36
N PRO Q 39 -37.90 17.56 -59.60
CA PRO Q 39 -38.35 17.44 -58.21
C PRO Q 39 -39.85 17.25 -58.09
N VAL Q 40 -40.24 16.41 -57.13
CA VAL Q 40 -41.63 16.14 -56.82
C VAL Q 40 -41.79 16.20 -55.31
N PHE Q 41 -42.76 17.00 -54.84
CA PHE Q 41 -43.10 17.05 -53.42
C PHE Q 41 -44.03 15.89 -53.12
N ASN Q 42 -43.51 14.85 -52.49
CA ASN Q 42 -44.32 13.69 -52.14
C ASN Q 42 -45.37 14.10 -51.11
N LEU Q 43 -46.62 14.20 -51.55
CA LEU Q 43 -47.69 14.59 -50.66
C LEU Q 43 -47.93 13.51 -49.60
N PRO Q 44 -48.15 13.88 -48.35
CA PRO Q 44 -48.43 12.87 -47.32
C PRO Q 44 -49.74 12.16 -47.58
N ARG Q 45 -49.83 10.92 -47.09
CA ARG Q 45 -51.04 10.13 -47.30
C ARG Q 45 -52.25 10.80 -46.69
N GLU Q 46 -52.11 11.36 -45.50
CA GLU Q 46 -53.19 12.03 -44.80
C GLU Q 46 -52.95 13.54 -44.78
N THR Q 47 -54.03 14.27 -44.49
CA THR Q 47 -54.00 15.72 -44.39
C THR Q 47 -54.22 16.09 -42.92
N ALA Q 48 -53.78 17.30 -42.56
CA ALA Q 48 -53.91 17.75 -41.17
C ALA Q 48 -55.35 17.76 -40.71
N ALA Q 49 -56.30 18.00 -41.62
CA ALA Q 49 -57.72 17.93 -41.25
C ALA Q 49 -58.12 16.51 -40.86
N GLU Q 50 -57.69 15.52 -41.66
CA GLU Q 50 -57.94 14.13 -41.30
C GLU Q 50 -57.23 13.75 -40.01
N GLN Q 51 -56.04 14.30 -39.79
CA GLN Q 51 -55.35 14.09 -38.52
C GLN Q 51 -56.16 14.63 -37.35
N VAL Q 52 -56.73 15.82 -37.51
CA VAL Q 52 -57.58 16.39 -36.45
C VAL Q 52 -58.78 15.49 -36.20
N VAL Q 53 -59.42 15.03 -37.27
CA VAL Q 53 -60.61 14.19 -37.11
C VAL Q 53 -60.27 12.90 -36.37
N VAL Q 54 -59.18 12.22 -36.79
CA VAL Q 54 -58.81 10.96 -36.18
C VAL Q 54 -58.40 11.15 -34.73
N LEU Q 55 -57.59 12.17 -34.45
CA LEU Q 55 -57.15 12.41 -33.09
C LEU Q 55 -58.32 12.81 -32.20
N GLN Q 56 -59.29 13.56 -32.73
CA GLN Q 56 -60.46 13.90 -31.95
C GLN Q 56 -61.33 12.68 -31.67
N ALA Q 57 -61.44 11.77 -32.64
CA ALA Q 57 -62.15 10.52 -32.39
C ALA Q 57 -61.47 9.71 -31.29
N GLN Q 58 -60.14 9.65 -31.33
CA GLN Q 58 -59.41 8.95 -30.28
C GLN Q 58 -59.58 9.63 -28.92
N ARG Q 59 -59.61 10.97 -28.91
CA ARG Q 59 -59.88 11.68 -27.66
C ARG Q 59 -61.28 11.38 -27.14
N THR Q 60 -62.25 11.28 -28.03
CA THR Q 60 -63.60 10.92 -27.59
C THR Q 60 -63.62 9.51 -26.98
N ALA Q 61 -62.92 8.57 -27.60
CA ALA Q 61 -62.84 7.21 -27.04
C ALA Q 61 -62.16 7.22 -25.67
N ALA Q 62 -61.04 7.95 -25.54
CA ALA Q 62 -60.34 8.02 -24.27
C ALA Q 62 -61.19 8.70 -23.21
N ALA Q 63 -61.93 9.74 -23.59
CA ALA Q 63 -62.80 10.42 -22.63
C ALA Q 63 -63.95 9.53 -22.20
N ALA Q 64 -64.49 8.71 -23.11
CA ALA Q 64 -65.51 7.75 -22.72
C ALA Q 64 -64.97 6.73 -21.73
N ALA Q 65 -63.74 6.24 -21.98
CA ALA Q 65 -63.11 5.33 -21.03
C ALA Q 65 -62.86 6.02 -19.68
N LEU Q 66 -62.43 7.27 -19.70
CA LEU Q 66 -62.20 8.02 -18.46
C LEU Q 66 -63.50 8.24 -17.70
N GLU Q 67 -64.59 8.50 -18.42
CA GLU Q 67 -65.89 8.63 -17.79
C GLU Q 67 -66.33 7.32 -17.15
N ASN Q 68 -66.08 6.20 -17.82
CA ASN Q 68 -66.37 4.89 -17.24
C ASN Q 68 -65.57 4.68 -15.96
N ALA Q 69 -64.27 5.03 -15.99
CA ALA Q 69 -63.45 4.95 -14.80
C ALA Q 69 -64.00 5.86 -13.70
N ALA Q 70 -64.51 7.03 -14.08
CA ALA Q 70 -65.06 7.95 -13.10
C ALA Q 70 -66.30 7.38 -12.42
N MET Q 71 -67.22 6.80 -13.21
CA MET Q 71 -68.44 6.28 -12.59
C MET Q 71 -68.16 5.03 -11.77
N GLN Q 72 -67.17 4.23 -12.16
CA GLN Q 72 -66.85 3.05 -11.36
C GLN Q 72 -66.09 3.42 -10.10
N ALA Q 73 -65.27 4.47 -10.15
CA ALA Q 73 -64.43 4.87 -9.03
C ALA Q 73 -65.06 5.95 -8.15
N ALA Q 74 -66.20 6.51 -8.54
CA ALA Q 74 -66.88 7.49 -7.70
C ALA Q 74 -67.75 6.85 -6.62
N GLU Q 75 -68.03 5.56 -6.74
CA GLU Q 75 -68.87 4.85 -5.77
C GLU Q 75 -68.06 4.27 -4.62
N LEU Q 76 -66.73 4.30 -4.69
CA LEU Q 76 -65.92 3.75 -3.61
C LEU Q 76 -66.21 4.39 -2.25
N PRO Q 77 -66.35 5.72 -2.12
CA PRO Q 77 -66.79 6.27 -0.82
C PRO Q 77 -68.17 5.75 -0.41
N VAL Q 78 -69.07 5.55 -1.38
CA VAL Q 78 -70.36 4.96 -1.06
C VAL Q 78 -70.19 3.55 -0.52
N ASP Q 79 -69.29 2.76 -1.10
CA ASP Q 79 -69.01 1.44 -0.54
C ASP Q 79 -68.46 1.56 0.87
N ILE Q 80 -67.57 2.52 1.11
CA ILE Q 80 -66.99 2.71 2.43
C ILE Q 80 -68.10 2.95 3.46
N GLU Q 81 -68.97 3.92 3.16
CA GLU Q 81 -70.03 4.31 4.08
C GLU Q 81 -71.15 3.28 4.14
N ARG Q 82 -71.25 2.39 3.16
CA ARG Q 82 -72.23 1.32 3.22
C ARG Q 82 -71.73 0.12 3.99
N ARG Q 83 -70.41 -0.11 4.01
CA ARG Q 83 -69.86 -1.27 4.69
C ARG Q 83 -69.53 -1.00 6.14
N LEU Q 84 -69.02 0.18 6.50
CA LEU Q 84 -68.53 0.32 7.87
C LEU Q 84 -69.63 0.74 8.84
N ARG Q 85 -70.62 1.50 8.38
CA ARG Q 85 -71.66 1.98 9.29
C ARG Q 85 -72.43 0.87 9.98
N PRO Q 86 -72.91 -0.19 9.30
CA PRO Q 86 -73.51 -1.30 10.03
C PRO Q 86 -72.55 -1.93 11.04
N ILE Q 87 -71.28 -2.07 10.67
CA ILE Q 87 -70.30 -2.65 11.59
C ILE Q 87 -70.04 -1.72 12.77
N GLU Q 88 -69.99 -0.40 12.52
CA GLU Q 88 -69.83 0.55 13.61
C GLU Q 88 -71.02 0.49 14.56
N ARG Q 89 -72.24 0.38 14.02
CA ARG Q 89 -73.41 0.21 14.86
C ARG Q 89 -73.34 -1.09 15.66
N ASN Q 90 -72.88 -2.17 15.03
CA ASN Q 90 -72.76 -3.44 15.74
C ASN Q 90 -71.76 -3.33 16.88
N VAL Q 91 -70.64 -2.63 16.66
CA VAL Q 91 -69.67 -2.43 17.73
C VAL Q 91 -70.27 -1.56 18.84
N HIS Q 92 -71.08 -0.58 18.47
CA HIS Q 92 -71.78 0.23 19.47
C HIS Q 92 -72.78 -0.61 20.26
N GLU Q 93 -73.30 -1.68 19.66
CA GLU Q 93 -74.28 -2.52 20.34
C GLU Q 93 -73.70 -3.15 21.59
N ILE Q 94 -72.39 -3.37 21.62
CA ILE Q 94 -71.73 -3.93 22.78
C ILE Q 94 -71.80 -2.94 23.94
N TRP R 13 -1.40 25.75 -70.45
CA TRP R 13 -2.33 26.12 -71.51
C TRP R 13 -3.72 25.56 -71.28
N GLU R 14 -4.63 26.42 -70.84
CA GLU R 14 -6.02 26.05 -70.66
C GLU R 14 -6.89 26.96 -71.51
N HIS R 15 -7.78 26.35 -72.29
CA HIS R 15 -8.65 27.08 -73.21
C HIS R 15 -10.08 26.62 -73.04
N ARG R 16 -11.00 27.56 -73.24
CA ARG R 16 -12.43 27.29 -73.22
C ARG R 16 -13.13 28.47 -73.87
N ARG R 17 -14.43 28.31 -74.10
CA ARG R 17 -15.24 29.44 -74.54
C ARG R 17 -15.73 30.22 -73.32
N PHE R 18 -15.98 31.52 -73.53
CA PHE R 18 -16.37 32.41 -72.46
C PHE R 18 -17.67 33.11 -72.82
N ILE R 19 -18.51 33.34 -71.82
CA ILE R 19 -19.72 34.14 -71.95
C ILE R 19 -19.69 35.20 -70.85
N VAL R 20 -19.99 36.44 -71.21
CA VAL R 20 -19.83 37.56 -70.29
C VAL R 20 -20.86 37.47 -69.16
N ALA R 21 -20.38 37.66 -67.94
CA ALA R 21 -21.23 37.67 -66.74
C ALA R 21 -21.81 39.08 -66.57
N ASP R 22 -22.88 39.35 -67.29
CA ASP R 22 -23.45 40.68 -67.35
C ASP R 22 -24.62 40.83 -66.38
N SER R 23 -24.73 42.01 -65.77
CA SER R 23 -25.91 42.33 -64.98
C SER R 23 -27.17 42.35 -65.84
N ARG R 24 -27.02 42.64 -67.14
CA ARG R 24 -28.14 42.62 -68.07
C ARG R 24 -28.64 41.21 -68.33
N ASN R 25 -27.92 40.19 -67.87
CA ASN R 25 -28.34 38.80 -68.07
C ASN R 25 -29.59 38.54 -67.26
N PHE R 26 -30.70 38.21 -67.92
CA PHE R 26 -31.92 37.84 -67.22
C PHE R 26 -32.46 36.52 -67.75
N ILE R 27 -33.22 35.85 -66.89
CA ILE R 27 -33.79 34.55 -67.17
C ILE R 27 -35.30 34.71 -67.28
N THR R 28 -35.92 33.98 -68.20
CA THR R 28 -37.32 34.16 -68.56
C THR R 28 -38.08 32.86 -68.42
N PRO R 29 -38.52 32.52 -67.21
CA PRO R 29 -39.40 31.37 -67.02
C PRO R 29 -40.83 31.70 -67.43
N GLU R 30 -41.64 30.66 -67.54
CA GLU R 30 -43.04 30.79 -67.93
C GLU R 30 -43.92 30.20 -66.85
N PHE R 31 -45.05 30.86 -66.60
CA PHE R 31 -45.94 30.45 -65.54
C PHE R 31 -47.28 30.03 -66.11
N PRO R 32 -47.86 28.94 -65.62
CA PRO R 32 -49.18 28.53 -66.10
C PRO R 32 -50.30 29.31 -65.44
N ARG R 33 -51.49 29.21 -66.06
CA ARG R 33 -52.63 29.99 -65.61
C ARG R 33 -53.04 29.63 -64.20
N ASP R 34 -52.74 28.40 -63.77
CA ASP R 34 -53.17 27.88 -62.48
C ASP R 34 -52.04 27.85 -61.47
N PHE R 35 -51.14 28.83 -61.49
CA PHE R 35 -49.96 28.78 -60.65
C PHE R 35 -50.21 29.38 -59.28
N TRP R 36 -50.51 30.69 -59.24
CA TRP R 36 -50.48 31.42 -57.98
C TRP R 36 -51.55 30.96 -57.00
N MET R 37 -52.75 30.66 -57.49
CA MET R 37 -53.87 30.33 -56.61
C MET R 37 -53.79 28.86 -56.19
N SER R 38 -52.58 28.47 -55.78
CA SER R 38 -52.62 27.16 -55.14
C SER R 38 -53.19 27.31 -53.73
N PRO R 39 -53.89 26.29 -53.23
CA PRO R 39 -54.64 26.47 -51.98
C PRO R 39 -53.78 26.81 -50.78
N VAL R 40 -52.50 26.51 -50.82
CA VAL R 40 -51.64 26.65 -49.64
C VAL R 40 -50.95 28.01 -49.58
N PHE R 41 -50.85 28.73 -50.70
CA PHE R 41 -50.32 30.09 -50.63
C PHE R 41 -51.20 30.98 -49.76
N ASN R 42 -52.51 30.87 -49.89
CA ASN R 42 -53.47 31.65 -49.12
C ASN R 42 -53.97 30.78 -47.96
N LEU R 43 -53.59 31.14 -46.75
CA LEU R 43 -53.99 30.34 -45.61
C LEU R 43 -54.58 31.21 -44.51
N PRO R 44 -55.52 30.67 -43.73
CA PRO R 44 -56.12 31.46 -42.64
C PRO R 44 -55.20 31.55 -41.44
N ARG R 45 -55.67 32.29 -40.43
CA ARG R 45 -54.92 32.42 -39.18
C ARG R 45 -54.90 31.11 -38.40
N GLU R 46 -55.90 30.25 -38.60
CA GLU R 46 -56.03 29.00 -37.85
C GLU R 46 -56.20 27.86 -38.84
N THR R 47 -55.22 26.95 -38.89
CA THR R 47 -55.32 25.73 -39.67
C THR R 47 -55.23 24.51 -38.77
N ALA R 48 -55.33 23.34 -39.39
CA ALA R 48 -55.42 22.09 -38.63
C ALA R 48 -54.08 21.66 -38.05
N ALA R 49 -52.95 22.17 -38.56
CA ALA R 49 -51.65 21.70 -38.09
C ALA R 49 -51.41 22.07 -36.62
N GLU R 50 -51.71 23.31 -36.25
CA GLU R 50 -51.47 23.74 -34.88
C GLU R 50 -52.34 22.95 -33.90
N GLN R 51 -53.61 22.74 -34.26
CA GLN R 51 -54.48 21.92 -33.43
C GLN R 51 -53.98 20.49 -33.34
N VAL R 52 -53.45 19.95 -34.45
CA VAL R 52 -52.89 18.60 -34.42
C VAL R 52 -51.75 18.52 -33.42
N VAL R 53 -50.83 19.49 -33.49
CA VAL R 53 -49.65 19.44 -32.61
C VAL R 53 -50.08 19.58 -31.14
N VAL R 54 -50.94 20.56 -30.85
CA VAL R 54 -51.38 20.77 -29.47
C VAL R 54 -52.15 19.56 -28.96
N LEU R 55 -53.02 18.98 -29.79
CA LEU R 55 -53.82 17.84 -29.39
C LEU R 55 -52.97 16.60 -29.16
N GLN R 56 -51.94 16.39 -29.99
CA GLN R 56 -51.03 15.27 -29.76
C GLN R 56 -50.24 15.46 -28.46
N ALA R 57 -49.79 16.69 -28.19
CA ALA R 57 -49.09 16.95 -26.95
C ALA R 57 -50.01 16.69 -25.75
N GLN R 58 -51.26 17.12 -25.84
CA GLN R 58 -52.22 16.87 -24.77
C GLN R 58 -52.49 15.38 -24.61
N ARG R 59 -52.57 14.65 -25.71
CA ARG R 59 -52.78 13.21 -25.64
C ARG R 59 -51.62 12.51 -24.94
N THR R 60 -50.38 12.91 -25.26
CA THR R 60 -49.23 12.35 -24.57
C THR R 60 -49.23 12.70 -23.09
N ALA R 61 -49.62 13.94 -22.76
CA ALA R 61 -49.70 14.35 -21.36
C ALA R 61 -50.71 13.51 -20.60
N ALA R 62 -51.88 13.28 -21.20
CA ALA R 62 -52.89 12.45 -20.56
C ALA R 62 -52.44 11.00 -20.46
N ALA R 63 -51.70 10.51 -21.45
CA ALA R 63 -51.16 9.16 -21.38
C ALA R 63 -50.20 9.00 -20.20
N ALA R 64 -49.35 10.01 -19.99
CA ALA R 64 -48.49 9.99 -18.81
C ALA R 64 -49.28 10.11 -17.51
N ALA R 65 -50.31 10.95 -17.50
CA ALA R 65 -51.04 11.21 -16.27
C ALA R 65 -51.87 9.99 -15.85
N LEU R 66 -52.41 9.24 -16.81
CA LEU R 66 -53.17 8.05 -16.46
C LEU R 66 -52.27 7.00 -15.82
N GLU R 67 -51.05 6.85 -16.33
CA GLU R 67 -50.09 5.94 -15.72
C GLU R 67 -49.70 6.41 -14.32
N ASN R 68 -49.49 7.72 -14.16
CA ASN R 68 -49.20 8.26 -12.83
C ASN R 68 -50.34 7.99 -11.87
N ALA R 69 -51.58 8.18 -12.32
CA ALA R 69 -52.74 7.87 -11.47
C ALA R 69 -52.82 6.39 -11.15
N ALA R 70 -52.47 5.54 -12.11
CA ALA R 70 -52.49 4.10 -11.88
C ALA R 70 -51.49 3.71 -10.80
N MET R 71 -50.29 4.29 -10.85
CA MET R 71 -49.29 3.97 -9.83
C MET R 71 -49.59 4.66 -8.50
N GLN R 72 -50.34 5.76 -8.54
CA GLN R 72 -50.68 6.47 -7.31
C GLN R 72 -51.86 5.83 -6.59
N ALA R 73 -52.72 5.13 -7.33
CA ALA R 73 -53.93 4.54 -6.77
C ALA R 73 -53.84 3.02 -6.60
N ALA R 74 -52.67 2.43 -6.83
CA ALA R 74 -52.54 0.98 -6.73
C ALA R 74 -52.40 0.48 -5.30
N GLU R 75 -52.69 1.28 -4.28
CA GLU R 75 -52.52 0.85 -2.89
C GLU R 75 -53.82 0.42 -2.21
N LEU R 76 -54.94 0.41 -2.93
CA LEU R 76 -56.22 0.09 -2.30
C LEU R 76 -56.22 -1.27 -1.61
N PRO R 77 -55.77 -2.38 -2.24
CA PRO R 77 -55.69 -3.64 -1.50
C PRO R 77 -54.81 -3.57 -0.28
N VAL R 78 -53.74 -2.76 -0.32
CA VAL R 78 -52.91 -2.56 0.86
C VAL R 78 -53.53 -1.56 1.82
N ASP R 79 -54.19 -0.52 1.31
CA ASP R 79 -54.81 0.48 2.16
C ASP R 79 -56.03 -0.05 2.91
N ILE R 80 -56.58 -1.19 2.49
CA ILE R 80 -57.72 -1.78 3.16
C ILE R 80 -57.35 -2.98 4.04
N GLU R 81 -56.42 -3.82 3.61
CA GLU R 81 -56.01 -4.96 4.42
C GLU R 81 -55.39 -4.51 5.74
N ARG R 82 -54.52 -3.50 5.69
CA ARG R 82 -53.89 -3.01 6.91
C ARG R 82 -54.85 -2.23 7.80
N ARG R 83 -56.04 -1.92 7.32
CA ARG R 83 -57.07 -1.30 8.14
C ARG R 83 -58.06 -2.32 8.70
N LEU R 84 -58.24 -3.47 8.03
CA LEU R 84 -59.21 -4.46 8.46
C LEU R 84 -58.60 -5.61 9.25
N ARG R 85 -57.50 -6.19 8.77
CA ARG R 85 -56.92 -7.36 9.44
C ARG R 85 -56.50 -7.11 10.89
N PRO R 86 -55.82 -6.00 11.24
CA PRO R 86 -55.50 -5.78 12.67
C PRO R 86 -56.72 -5.72 13.56
N ILE R 87 -57.84 -5.15 13.10
CA ILE R 87 -59.06 -5.18 13.89
C ILE R 87 -59.59 -6.60 14.03
N GLU R 88 -59.44 -7.41 12.97
CA GLU R 88 -59.80 -8.82 13.07
C GLU R 88 -59.00 -9.51 14.16
N ARG R 89 -57.68 -9.29 14.19
CA ARG R 89 -56.84 -9.92 15.20
C ARG R 89 -57.19 -9.42 16.60
N ASN R 90 -57.45 -8.12 16.73
CA ASN R 90 -57.81 -7.55 18.03
C ASN R 90 -59.09 -8.18 18.56
N VAL R 91 -60.11 -8.31 17.71
CA VAL R 91 -61.34 -8.94 18.15
C VAL R 91 -61.12 -10.42 18.42
N HIS R 92 -60.38 -11.10 17.53
CA HIS R 92 -60.13 -12.53 17.65
C HIS R 92 -59.14 -12.82 18.80
N GLN S 1 -79.75 -22.73 36.63
CA GLN S 1 -78.55 -22.45 35.83
C GLN S 1 -78.93 -21.79 34.51
N ARG S 2 -79.54 -20.61 34.61
CA ARG S 2 -80.00 -19.88 33.43
C ARG S 2 -79.51 -18.45 33.36
N THR S 3 -78.68 -18.00 34.30
CA THR S 3 -78.28 -16.59 34.35
C THR S 3 -77.00 -16.32 33.58
N GLY S 4 -75.89 -16.94 33.99
CA GLY S 4 -74.62 -16.68 33.34
C GLY S 4 -74.56 -17.22 31.92
N ARG S 5 -75.11 -18.42 31.69
CA ARG S 5 -75.01 -19.05 30.38
C ARG S 5 -75.77 -18.25 29.32
N SER S 6 -76.95 -17.73 29.67
CA SER S 6 -77.70 -16.90 28.74
C SER S 6 -76.96 -15.61 28.42
N ALA S 7 -76.34 -15.00 29.43
CA ALA S 7 -75.60 -13.76 29.22
C ALA S 7 -74.33 -13.97 28.39
N LEU S 8 -73.67 -15.12 28.53
CA LEU S 8 -72.48 -15.38 27.72
C LEU S 8 -72.83 -15.57 26.25
N ALA S 9 -74.07 -15.98 25.96
CA ALA S 9 -74.49 -16.19 24.57
C ALA S 9 -74.44 -14.89 23.78
N VAL S 10 -74.82 -13.77 24.41
CA VAL S 10 -74.82 -12.48 23.71
C VAL S 10 -73.41 -12.12 23.27
N LEU S 11 -72.43 -12.22 24.18
CA LEU S 11 -71.06 -11.91 23.83
C LEU S 11 -70.51 -12.90 22.81
N ILE S 12 -70.85 -14.18 22.95
CA ILE S 12 -70.41 -15.19 21.99
C ILE S 12 -70.89 -14.83 20.59
N ARG S 13 -72.18 -14.55 20.46
CA ARG S 13 -72.76 -14.23 19.15
C ARG S 13 -72.17 -12.94 18.58
N ALA S 14 -72.04 -11.90 19.42
CA ALA S 14 -71.50 -10.63 18.95
C ALA S 14 -70.07 -10.79 18.44
N CYS S 15 -69.23 -11.51 19.19
CA CYS S 15 -67.84 -11.66 18.77
C CYS S 15 -67.74 -12.55 17.55
N TYR S 16 -68.53 -13.63 17.49
CA TYR S 16 -68.46 -14.52 16.33
C TYR S 16 -69.04 -13.89 15.06
N ARG S 17 -69.88 -12.86 15.19
CA ARG S 17 -70.33 -12.14 14.01
C ARG S 17 -69.43 -10.96 13.64
N LEU S 18 -68.79 -10.34 14.63
CA LEU S 18 -67.79 -9.32 14.32
C LEU S 18 -66.57 -9.93 13.64
N GLN S 19 -66.20 -11.16 14.02
CA GLN S 19 -65.09 -11.84 13.37
C GLN S 19 -65.40 -12.19 11.92
N GLN S 20 -66.67 -12.11 11.50
CA GLN S 20 -67.05 -12.43 10.13
C GLN S 20 -67.40 -11.20 9.30
N GLN S 21 -67.88 -10.13 9.92
CA GLN S 21 -68.20 -8.92 9.16
C GLN S 21 -66.96 -8.35 8.48
N LEU S 22 -65.84 -8.27 9.22
CA LEU S 22 -64.62 -7.75 8.64
C LEU S 22 -64.08 -8.67 7.55
N GLN S 23 -64.25 -9.98 7.71
CA GLN S 23 -63.86 -10.90 6.65
C GLN S 23 -64.70 -10.70 5.40
N ARG S 24 -66.01 -10.46 5.57
CA ARG S 24 -66.85 -10.16 4.41
C ARG S 24 -66.40 -8.89 3.72
N THR S 25 -66.07 -7.85 4.48
CA THR S 25 -65.59 -6.61 3.88
C THR S 25 -64.27 -6.83 3.15
N ARG S 26 -63.37 -7.63 3.74
CA ARG S 26 -62.12 -7.95 3.06
C ARG S 26 -62.38 -8.68 1.75
N ARG S 27 -63.32 -9.62 1.75
CA ARG S 27 -63.68 -10.33 0.53
C ARG S 27 -64.23 -9.38 -0.53
N ALA S 28 -65.07 -8.42 -0.11
CA ALA S 28 -65.75 -7.55 -1.05
C ALA S 28 -64.81 -6.51 -1.64
N LEU S 29 -63.92 -5.95 -0.82
CA LEU S 29 -63.12 -4.80 -1.23
C LEU S 29 -61.96 -5.14 -2.16
N LEU S 30 -61.38 -6.33 -2.04
CA LEU S 30 -60.28 -6.69 -2.94
C LEU S 30 -60.73 -6.70 -4.39
N HIS S 31 -61.86 -7.34 -4.68
CA HIS S 31 -62.40 -7.36 -6.03
C HIS S 31 -62.96 -6.02 -6.46
N HIS S 32 -63.40 -5.17 -5.52
CA HIS S 32 -63.83 -3.81 -5.84
C HIS S 32 -62.67 -2.94 -6.28
N SER S 33 -61.51 -3.06 -5.61
CA SER S 33 -60.32 -2.35 -6.06
C SER S 33 -59.76 -2.97 -7.34
N ASP S 34 -59.95 -4.27 -7.52
CA ASP S 34 -59.54 -4.90 -8.77
C ASP S 34 -60.33 -4.36 -9.96
N ALA S 35 -61.57 -3.93 -9.73
CA ALA S 35 -62.33 -3.28 -10.79
C ALA S 35 -61.70 -1.96 -11.21
N VAL S 36 -61.24 -1.18 -10.22
CA VAL S 36 -60.52 0.06 -10.52
C VAL S 36 -59.24 -0.25 -11.29
N LEU S 37 -58.53 -1.29 -10.87
CA LEU S 37 -57.31 -1.68 -11.57
C LEU S 37 -57.60 -2.08 -13.02
N THR S 38 -58.69 -2.83 -13.24
CA THR S 38 -59.07 -3.22 -14.59
C THR S 38 -59.46 -2.01 -15.44
N SER S 39 -60.16 -1.05 -14.85
CA SER S 39 -60.52 0.16 -15.60
C SER S 39 -59.28 0.97 -15.97
N LEU S 40 -58.31 1.02 -15.05
CA LEU S 40 -57.04 1.66 -15.36
C LEU S 40 -56.32 0.95 -16.50
N HIS S 41 -56.34 -0.39 -16.47
CA HIS S 41 -55.75 -1.15 -17.57
C HIS S 41 -56.48 -0.85 -18.89
N HIS S 42 -57.80 -0.69 -18.81
CA HIS S 42 -58.58 -0.34 -19.99
C HIS S 42 -58.16 1.01 -20.57
N VAL S 43 -58.11 2.04 -19.72
CA VAL S 43 -57.75 3.36 -20.22
C VAL S 43 -56.31 3.39 -20.67
N ARG S 44 -55.48 2.49 -20.14
CA ARG S 44 -54.11 2.38 -20.60
C ARG S 44 -54.03 1.78 -22.00
N MET S 45 -54.77 0.69 -22.24
CA MET S 45 -54.66 0.01 -23.52
C MET S 45 -55.37 0.78 -24.63
N LEU S 46 -56.39 1.58 -24.29
CA LEU S 46 -56.99 2.44 -25.30
C LEU S 46 -56.17 3.70 -25.57
N LEU S 47 -55.22 4.02 -24.69
CA LEU S 47 -54.28 5.10 -24.95
C LEU S 47 -52.84 4.58 -24.90
N GLN T 1 -64.32 -7.25 46.21
CA GLN T 1 -65.20 -6.45 45.36
C GLN T 1 -64.53 -6.10 44.04
N ARG T 2 -63.23 -5.79 44.11
CA ARG T 2 -62.49 -5.29 42.95
C ARG T 2 -62.02 -6.38 42.01
N THR T 3 -62.59 -7.59 42.10
CA THR T 3 -62.27 -8.62 41.12
C THR T 3 -63.08 -8.45 39.85
N GLY T 4 -64.40 -8.59 39.96
CA GLY T 4 -65.26 -8.38 38.79
C GLY T 4 -65.30 -6.94 38.34
N ARG T 5 -65.27 -6.01 39.29
CA ARG T 5 -65.34 -4.58 38.96
C ARG T 5 -64.17 -4.16 38.07
N SER T 6 -62.96 -4.63 38.38
CA SER T 6 -61.82 -4.41 37.52
C SER T 6 -61.81 -5.33 36.30
N ALA T 7 -62.43 -6.51 36.40
CA ALA T 7 -62.51 -7.41 35.24
C ALA T 7 -63.31 -6.78 34.11
N LEU T 8 -64.38 -6.04 34.44
CA LEU T 8 -65.16 -5.36 33.43
C LEU T 8 -64.35 -4.30 32.70
N ALA T 9 -63.30 -3.77 33.33
CA ALA T 9 -62.50 -2.72 32.71
C ALA T 9 -61.80 -3.23 31.45
N VAL T 10 -61.43 -4.51 31.42
CA VAL T 10 -60.78 -5.07 30.24
C VAL T 10 -61.71 -5.02 29.04
N LEU T 11 -62.93 -5.51 29.20
CA LEU T 11 -63.88 -5.50 28.09
C LEU T 11 -64.25 -4.07 27.71
N ILE T 12 -64.36 -3.18 28.69
CA ILE T 12 -64.65 -1.78 28.37
C ILE T 12 -63.54 -1.20 27.52
N ARG T 13 -62.29 -1.36 27.95
CA ARG T 13 -61.16 -0.78 27.23
C ARG T 13 -61.03 -1.36 25.83
N ALA T 14 -61.31 -2.65 25.68
CA ALA T 14 -61.25 -3.25 24.35
C ALA T 14 -62.35 -2.69 23.45
N CYS T 15 -63.61 -2.88 23.85
CA CYS T 15 -64.73 -2.62 22.94
C CYS T 15 -64.94 -1.13 22.70
N TYR T 16 -64.93 -0.32 23.78
CA TYR T 16 -65.21 1.10 23.61
C TYR T 16 -64.17 1.82 22.76
N ARG T 17 -62.98 1.24 22.59
CA ARG T 17 -61.94 1.83 21.77
C ARG T 17 -61.89 1.23 20.38
N LEU T 18 -62.22 -0.07 20.25
CA LEU T 18 -62.53 -0.60 18.94
C LEU T 18 -63.68 0.17 18.29
N GLN T 19 -64.53 0.78 19.12
CA GLN T 19 -65.62 1.61 18.61
C GLN T 19 -65.11 2.73 17.72
N GLN T 20 -64.16 3.53 18.23
CA GLN T 20 -63.65 4.64 17.44
C GLN T 20 -62.49 4.25 16.53
N GLN T 21 -61.98 3.02 16.65
CA GLN T 21 -61.09 2.52 15.61
C GLN T 21 -61.76 2.62 14.24
N LEU T 22 -63.01 2.17 14.15
CA LEU T 22 -63.76 2.25 12.90
C LEU T 22 -64.00 3.69 12.50
N GLN T 23 -64.21 4.58 13.49
CA GLN T 23 -64.41 6.00 13.17
C GLN T 23 -63.16 6.61 12.52
N ARG T 24 -61.99 6.34 13.08
CA ARG T 24 -60.76 6.87 12.48
C ARG T 24 -60.49 6.25 11.12
N THR T 25 -60.76 4.95 10.97
CA THR T 25 -60.61 4.34 9.65
C THR T 25 -61.54 4.99 8.63
N ARG T 26 -62.78 5.29 9.03
CA ARG T 26 -63.70 6.01 8.15
C ARG T 26 -63.17 7.39 7.81
N ARG T 27 -62.64 8.11 8.79
CA ARG T 27 -62.14 9.46 8.55
C ARG T 27 -60.93 9.46 7.63
N ALA T 28 -60.14 8.37 7.66
CA ALA T 28 -58.92 8.37 6.86
C ALA T 28 -59.13 7.77 5.47
N LEU T 29 -59.80 6.63 5.36
CA LEU T 29 -59.94 5.93 4.08
C LEU T 29 -60.87 6.65 3.11
N LEU T 30 -61.80 7.47 3.60
CA LEU T 30 -62.63 8.27 2.70
C LEU T 30 -61.81 9.35 2.03
N HIS T 31 -60.75 9.82 2.67
CA HIS T 31 -59.87 10.83 2.09
C HIS T 31 -58.89 10.26 1.08
N HIS T 32 -59.12 9.05 0.59
CA HIS T 32 -58.24 8.44 -0.39
C HIS T 32 -58.84 8.39 -1.79
N SER T 33 -60.13 8.06 -1.90
CA SER T 33 -60.77 7.98 -3.21
C SER T 33 -60.99 9.36 -3.81
N ASP T 34 -61.08 10.40 -2.99
CA ASP T 34 -61.19 11.75 -3.51
C ASP T 34 -59.97 12.13 -4.33
N ALA T 35 -58.77 11.75 -3.85
CA ALA T 35 -57.56 11.99 -4.62
C ALA T 35 -57.56 11.23 -5.94
N VAL T 36 -58.07 10.00 -5.94
CA VAL T 36 -58.14 9.22 -7.18
C VAL T 36 -59.08 9.89 -8.17
N LEU T 37 -60.23 10.35 -7.69
CA LEU T 37 -61.17 11.04 -8.56
C LEU T 37 -60.57 12.33 -9.12
N THR T 38 -59.85 13.08 -8.26
CA THR T 38 -59.17 14.28 -8.73
C THR T 38 -58.14 13.96 -9.80
N SER T 39 -57.37 12.88 -9.59
CA SER T 39 -56.35 12.50 -10.56
C SER T 39 -56.96 12.11 -11.90
N LEU T 40 -58.03 11.30 -11.87
CA LEU T 40 -58.65 10.91 -13.13
C LEU T 40 -59.31 12.09 -13.81
N HIS T 41 -59.84 13.04 -13.05
CA HIS T 41 -60.42 14.23 -13.65
C HIS T 41 -59.35 15.11 -14.29
N HIS T 42 -58.17 15.20 -13.66
CA HIS T 42 -57.06 15.90 -14.30
C HIS T 42 -56.63 15.17 -15.57
N VAL T 43 -56.64 13.84 -15.55
CA VAL T 43 -56.33 13.09 -16.77
C VAL T 43 -57.31 13.44 -17.87
N ARG T 44 -58.59 13.56 -17.52
CA ARG T 44 -59.61 13.96 -18.49
C ARG T 44 -59.36 15.39 -18.97
N MET T 45 -58.84 16.25 -18.09
CA MET T 45 -58.39 17.58 -18.51
C MET T 45 -57.28 17.51 -19.54
N LEU T 46 -56.29 16.63 -19.35
CA LEU T 46 -55.18 16.57 -20.30
C LEU T 46 -55.59 16.01 -21.66
N LEU T 47 -56.78 15.42 -21.75
CA LEU T 47 -57.42 15.19 -23.05
C LEU T 47 -58.82 15.78 -23.04
#